data_6QT9
#
_entry.id   6QT9
#
_cell.length_a   1.000
_cell.length_b   1.000
_cell.length_c   1.000
_cell.angle_alpha   90.00
_cell.angle_beta   90.00
_cell.angle_gamma   90.00
#
_symmetry.space_group_name_H-M   'P 1'
#
loop_
_entity.id
_entity.type
_entity.pdbx_description
1 polymer 'ORF 25'
2 polymer 'ORF 25'
3 polymer 'ORF 24'
4 polymer 'ORF 24'
5 polymer 'ORF 24'
6 polymer 'ORF 31'
7 polymer VP12
8 polymer VP13
#
loop_
_entity_poly.entity_id
_entity_poly.type
_entity_poly.pdbx_seq_one_letter_code
_entity_poly.pdbx_strand_id
1 'polypeptide(L)'
;EYTISHTGGTLGSSKVTTAANQTSPQRETAIIGFECPRKFAEIEYVGQRDSTRFIPRTTESITGTAGDDTVVSLTANIQP
VAGETAIEDQDYPVAVAYNVTQGVQVDIDAVDYAADEVTLADNPADGDTVKVWPIMGDGDVQFRLVNQFGQEEGRVYPWA
TPLYRWHDFPQLKRGREINLHGSVTWEENETVEVLLDAPQAITWEDSDYPEGQYVSTFEQDVEITL
;
A,D
2 'polypeptide(L)'
;YTISHTGGTLGSSKVTTAANQTSPQRETAIIGFECPRKFAEIEYVGQRDSTRFIPRTTESITGTAGDDTVVSLTANIQPV
AGETAIEDQDYPVAVAYNVTQGVQVDIDAVDYAADEVTLADNPADGDTVKVWPIMGDGDVQFRLVNQFGQEEGRVYPWAT
PLYRWHDFPQLKRGREINLHGSVTWEENETVEVLLDAPQAITWEDSDYPEGQYVSTFEQDVEITL
;
C,E,F,G,H,I,J,K,L,M
3 'polypeptide(L)'
;GNIGNLSAEKQISVYDGQPFVDEQDVPADDPNTPALTIEGPDGYVIAVDAGTPIAPEFRDSNGNKLDPSTRVIVQKCDRQ
GNPLGDGIVFNDTLGRFDYEQMRTDPDFMRKTAKSLMIDEREIVKVFVDIPAGANGYDADKSRLTLGDDTSDFGKAVEIV
DHDELSDAETRAV
;
a,b,c,d,e,f,i,j,k,m,o
4 'polypeptide(L)'
;SAEKQISVYDGQPFVDEQDVPADDPNTPALTIEGPDGYVIAVDAGTPIAPEFRDSNGNKLDPSTRVIVQKCDRQGNPLGD
GIVFNDTLGRFDYEQMRTDPDFMRKTAKSLMIDEREIVKVFVDIPAGANGYDADKSRLTLGDDTSDFGKAVEIVDHDELS
DAETRAV
;
g,l,n
5 'polypeptide(L)'
;GNIGNLSAEKQISVYDGQPFVDEQDVPADDPNTPALTIEGPDGYVIAVDAGTPIAPEFRDSNGNKLDPSTRVIVQKCDRQ
GNPLGDGIVFNDTLGRFDYEQMRTDPDFMRKTAKSLMIDEREIVKVFVDIPAGANGYDADKSRLTLGDDTSDFGKAVEIV
DHDELSDAETRAVKA
;
h
6 'polypeptide(L)'
;ERLGRLVDVLETKEFGDTTVERSVTQNIDRTRTDSPNNENQPIYFSTGPEAIAVENTEEWERLDFGIVAETVNIRTTDDI
DIAFADPNKNGPVIRVREGESPFTIGGDAGIESAFIWLRQAETASNTPGIQIIAF
;
Y
7 'polypeptide(L)'
;(UNK)(UNK)(UNK)(UNK)(UNK)(UNK)(UNK)(UNK)(UNK)(UNK)(UNK)(UNK)(UNK)(UNK)(UNK)(UNK)
(UNK)(UNK)(UNK)(UNK)(UNK)(UNK)(UNK)(UNK)
;
X
8 'polypeptide(L)'
;(UNK)(UNK)(UNK)(UNK)(UNK)(UNK)(UNK)(UNK)(UNK)(UNK)(UNK)(UNK)(UNK)(UNK)(UNK)(UNK)
(UNK)(UNK)(UNK)(UNK)(UNK)(UNK)(UNK)(UNK)(UNK)(UNK)(UNK)(UNK)(UNK)(UNK)(UNK)(UNK)
(UNK)(UNK)(UNK)(UNK)(UNK)(UNK)(UNK)(UNK)(UNK)(UNK)(UNK)(UNK)(UNK)(UNK)(UNK)(UNK)
(UNK)(UNK)(UNK)(UNK)(UNK)(UNK)(UNK)(UNK)(UNK)(UNK)(UNK)(UNK)(UNK)(UNK)(UNK)(UNK)
(UNK)(UNK)(UNK)(UNK)(UNK)(UNK)(UNK)(UNK)(UNK)(UNK)(UNK)(UNK)(UNK)(UNK)(UNK)(UNK)
;
W
#
# COMPACT_ATOMS: atom_id res chain seq x y z
N GLU A 1 -51.31 49.16 -51.32
CA GLU A 1 -50.79 47.97 -52.00
C GLU A 1 -50.88 46.76 -51.08
N TYR A 2 -50.96 45.59 -51.71
CA TYR A 2 -51.04 44.32 -51.01
C TYR A 2 -49.94 43.41 -51.52
N THR A 3 -49.50 42.50 -50.66
CA THR A 3 -48.56 41.46 -51.03
C THR A 3 -49.03 40.13 -50.44
N ILE A 4 -48.72 39.05 -51.14
CA ILE A 4 -49.12 37.72 -50.75
C ILE A 4 -48.06 36.73 -51.20
N SER A 5 -48.19 35.50 -50.73
CA SER A 5 -47.38 34.38 -51.19
C SER A 5 -48.10 33.71 -52.35
N HIS A 6 -47.33 33.31 -53.35
CA HIS A 6 -47.84 32.54 -54.48
C HIS A 6 -46.88 31.39 -54.70
N THR A 7 -47.25 30.51 -55.63
CA THR A 7 -46.39 29.40 -56.02
C THR A 7 -46.26 29.37 -57.53
N GLY A 8 -45.02 29.34 -57.99
CA GLY A 8 -44.72 29.04 -59.36
C GLY A 8 -44.29 27.60 -59.46
N GLY A 9 -44.13 27.13 -60.69
CA GLY A 9 -43.60 25.80 -60.86
C GLY A 9 -43.72 25.36 -62.30
N THR A 10 -43.99 24.06 -62.44
CA THR A 10 -44.09 23.40 -63.72
C THR A 10 -45.10 24.09 -64.62
N LEU A 11 -46.29 24.34 -64.10
CA LEU A 11 -47.35 25.05 -64.81
C LEU A 11 -47.57 26.43 -64.23
N GLY A 12 -47.88 26.49 -62.95
CA GLY A 12 -47.93 27.74 -62.22
C GLY A 12 -49.02 28.68 -62.67
N SER A 13 -48.82 29.93 -62.27
CA SER A 13 -49.76 31.01 -62.50
C SER A 13 -50.10 31.18 -63.97
N SER A 14 -49.10 31.23 -64.83
CA SER A 14 -49.26 31.63 -66.22
C SER A 14 -48.70 30.56 -67.14
N LYS A 15 -49.35 30.40 -68.29
CA LYS A 15 -48.90 29.46 -69.32
C LYS A 15 -48.08 30.20 -70.37
N VAL A 16 -46.97 30.75 -69.88
CA VAL A 16 -45.91 31.26 -70.73
C VAL A 16 -44.54 30.78 -70.32
N THR A 17 -44.40 30.16 -69.15
CA THR A 17 -43.13 29.58 -68.77
C THR A 17 -42.74 28.48 -69.74
N THR A 18 -41.48 28.09 -69.66
CA THR A 18 -40.93 27.18 -70.67
C THR A 18 -39.93 26.22 -70.04
N ALA A 19 -40.13 24.94 -70.32
CA ALA A 19 -39.26 23.88 -69.87
C ALA A 19 -38.56 23.29 -71.08
N ALA A 20 -37.25 23.12 -70.95
CA ALA A 20 -36.44 22.56 -72.02
C ALA A 20 -35.24 21.86 -71.41
N ASN A 21 -34.67 20.93 -72.16
CA ASN A 21 -33.62 20.08 -71.62
C ASN A 21 -32.24 20.64 -71.93
N GLN A 22 -31.27 20.20 -71.15
CA GLN A 22 -29.87 20.58 -71.33
C GLN A 22 -29.23 19.74 -72.43
N THR A 23 -27.91 19.80 -72.50
CA THR A 23 -27.10 19.00 -73.40
C THR A 23 -26.69 17.69 -72.74
N SER A 24 -26.57 16.63 -73.55
CA SER A 24 -26.05 15.37 -73.02
C SER A 24 -24.57 15.50 -72.71
N PRO A 25 -23.74 16.03 -73.59
CA PRO A 25 -22.49 16.64 -73.12
C PRO A 25 -22.81 17.67 -72.06
N GLN A 26 -22.04 17.64 -70.97
CA GLN A 26 -22.35 18.44 -69.80
C GLN A 26 -22.33 19.93 -70.11
N ARG A 27 -23.45 20.62 -69.89
CA ARG A 27 -23.43 22.08 -69.98
C ARG A 27 -24.50 22.69 -69.10
N GLU A 28 -24.13 23.74 -68.39
CA GLU A 28 -25.09 24.57 -67.67
C GLU A 28 -25.80 25.45 -68.68
N THR A 29 -27.09 25.21 -68.88
CA THR A 29 -27.86 25.85 -69.93
C THR A 29 -29.24 26.16 -69.39
N ALA A 30 -29.99 26.97 -70.13
CA ALA A 30 -31.33 27.35 -69.71
C ALA A 30 -32.22 26.13 -69.69
N ILE A 31 -33.07 26.04 -68.68
CA ILE A 31 -33.97 24.91 -68.53
C ILE A 31 -35.39 25.39 -68.34
N ILE A 32 -35.65 25.99 -67.18
CA ILE A 32 -37.02 26.24 -66.73
C ILE A 32 -37.15 27.74 -66.53
N GLY A 33 -37.77 28.41 -67.50
CA GLY A 33 -37.88 29.85 -67.50
C GLY A 33 -39.23 30.30 -67.00
N PHE A 34 -39.22 31.06 -65.91
CA PHE A 34 -40.36 31.77 -65.35
C PHE A 34 -40.34 33.18 -65.88
N GLU A 35 -41.26 33.51 -66.77
CA GLU A 35 -41.39 34.87 -67.28
C GLU A 35 -42.56 35.55 -66.59
N CYS A 36 -42.43 36.83 -66.37
CA CYS A 36 -43.47 37.54 -65.65
C CYS A 36 -44.64 37.83 -66.58
N PRO A 37 -45.89 37.64 -66.14
CA PRO A 37 -47.04 38.10 -66.91
C PRO A 37 -47.59 39.41 -66.38
N ARG A 38 -48.42 40.04 -67.20
CA ARG A 38 -49.07 41.30 -66.83
C ARG A 38 -50.28 41.11 -65.94
N LYS A 39 -50.64 39.86 -65.62
CA LYS A 39 -51.63 39.64 -64.57
C LYS A 39 -51.19 40.30 -63.29
N PHE A 40 -49.91 40.21 -62.98
CA PHE A 40 -49.32 40.76 -61.78
C PHE A 40 -48.64 42.08 -62.16
N ALA A 41 -47.96 42.66 -61.18
CA ALA A 41 -47.11 43.82 -61.38
C ALA A 41 -45.63 43.48 -61.21
N GLU A 42 -45.30 42.77 -60.14
CA GLU A 42 -43.92 42.45 -59.86
C GLU A 42 -43.87 41.24 -58.94
N ILE A 43 -42.74 40.55 -58.99
CA ILE A 43 -42.52 39.31 -58.27
C ILE A 43 -41.33 39.53 -57.36
N GLU A 44 -41.35 38.84 -56.22
CA GLU A 44 -40.25 38.87 -55.27
C GLU A 44 -39.92 37.46 -54.84
N TYR A 45 -38.62 37.19 -54.69
CA TYR A 45 -38.12 35.95 -54.13
C TYR A 45 -37.57 36.24 -52.75
N VAL A 46 -37.87 35.37 -51.80
CA VAL A 46 -37.28 35.40 -50.47
C VAL A 46 -36.99 33.95 -50.10
N GLY A 47 -35.77 33.50 -50.41
CA GLY A 47 -35.38 32.15 -50.07
C GLY A 47 -35.34 31.91 -48.57
N GLN A 48 -35.21 30.63 -48.24
CA GLN A 48 -35.18 30.07 -46.90
C GLN A 48 -36.57 29.97 -46.27
N ARG A 49 -37.57 30.62 -46.87
CA ARG A 49 -38.97 30.38 -46.61
C ARG A 49 -39.64 29.99 -47.93
N ASP A 50 -39.07 30.42 -49.05
CA ASP A 50 -39.60 30.03 -50.35
C ASP A 50 -39.27 28.57 -50.61
N SER A 51 -40.20 27.69 -50.25
CA SER A 51 -39.97 26.26 -50.33
C SER A 51 -40.05 25.80 -51.78
N THR A 52 -39.60 24.58 -52.01
CA THR A 52 -39.46 24.07 -53.36
C THR A 52 -39.45 22.55 -53.30
N ARG A 53 -40.09 21.94 -54.29
CA ARG A 53 -40.05 20.50 -54.51
C ARG A 53 -39.54 20.21 -55.90
N PHE A 54 -38.74 19.16 -56.01
CA PHE A 54 -38.33 18.62 -57.30
C PHE A 54 -38.28 17.11 -57.23
N ILE A 55 -38.98 16.48 -58.14
CA ILE A 55 -38.82 15.06 -58.44
C ILE A 55 -38.14 15.00 -59.80
N PRO A 56 -37.01 14.34 -59.93
CA PRO A 56 -36.52 13.96 -61.26
C PRO A 56 -36.89 12.55 -61.64
N ARG A 57 -36.71 12.22 -62.91
CA ARG A 57 -36.72 10.84 -63.38
C ARG A 57 -36.02 10.81 -64.73
N THR A 58 -35.78 9.60 -65.23
CA THR A 58 -35.17 9.41 -66.54
C THR A 58 -35.82 8.25 -67.28
N THR A 59 -35.18 7.78 -68.35
CA THR A 59 -35.68 6.69 -69.15
C THR A 59 -34.57 5.70 -69.45
N GLU A 60 -34.87 4.42 -69.32
CA GLU A 60 -34.10 3.33 -69.89
C GLU A 60 -35.05 2.38 -70.61
N SER A 61 -34.50 1.70 -71.60
CA SER A 61 -35.31 0.90 -72.50
C SER A 61 -34.51 -0.33 -72.87
N ILE A 62 -35.05 -1.51 -72.58
CA ILE A 62 -34.36 -2.77 -72.86
C ILE A 62 -35.35 -3.75 -73.46
N THR A 63 -34.84 -4.95 -73.73
CA THR A 63 -35.50 -5.91 -74.59
C THR A 63 -35.61 -7.24 -73.88
N GLY A 64 -36.54 -8.07 -74.37
CA GLY A 64 -36.78 -9.35 -73.76
C GLY A 64 -35.80 -10.40 -74.24
N THR A 65 -35.41 -11.27 -73.31
CA THR A 65 -34.52 -12.38 -73.60
C THR A 65 -34.46 -13.27 -72.38
N ALA A 66 -34.28 -14.58 -72.61
CA ALA A 66 -34.40 -15.56 -71.55
C ALA A 66 -33.31 -15.38 -70.50
N GLY A 67 -33.71 -15.54 -69.23
CA GLY A 67 -32.78 -15.46 -68.12
C GLY A 67 -32.57 -14.08 -67.55
N ASP A 68 -33.43 -13.12 -67.89
CA ASP A 68 -33.29 -11.73 -67.45
C ASP A 68 -34.28 -11.48 -66.31
N ASP A 69 -33.74 -11.41 -65.10
CA ASP A 69 -34.43 -10.83 -63.96
C ASP A 69 -33.79 -9.52 -63.51
N THR A 70 -32.54 -9.29 -63.90
CA THR A 70 -31.71 -8.22 -63.37
C THR A 70 -31.50 -7.19 -64.45
N VAL A 71 -31.57 -5.92 -64.06
CA VAL A 71 -31.32 -4.81 -64.95
C VAL A 71 -30.15 -4.00 -64.40
N VAL A 72 -29.35 -3.50 -65.33
CA VAL A 72 -27.96 -3.11 -65.15
C VAL A 72 -27.78 -1.76 -64.49
N SER A 73 -26.53 -1.44 -64.19
CA SER A 73 -26.11 -0.07 -63.92
C SER A 73 -26.53 0.83 -65.07
N LEU A 74 -27.46 1.74 -64.80
CA LEU A 74 -28.11 2.54 -65.82
C LEU A 74 -27.38 3.85 -66.08
N THR A 75 -26.07 3.88 -65.88
CA THR A 75 -25.27 5.08 -66.00
C THR A 75 -25.77 6.16 -65.06
N ALA A 76 -26.29 5.75 -63.91
CA ALA A 76 -26.99 6.64 -62.98
C ALA A 76 -26.69 6.18 -61.57
N ASN A 77 -25.99 7.02 -60.81
CA ASN A 77 -25.67 6.66 -59.44
C ASN A 77 -26.92 6.80 -58.59
N ILE A 78 -27.66 5.72 -58.46
CA ILE A 78 -28.92 5.78 -57.76
C ILE A 78 -28.66 5.85 -56.27
N GLN A 79 -29.61 6.46 -55.57
CA GLN A 79 -29.60 6.58 -54.13
C GLN A 79 -30.95 6.13 -53.60
N PRO A 80 -31.04 5.82 -52.31
CA PRO A 80 -32.34 5.50 -51.74
C PRO A 80 -33.11 6.77 -51.43
N VAL A 81 -34.42 6.62 -51.30
CA VAL A 81 -35.31 7.75 -51.13
C VAL A 81 -35.22 8.21 -49.68
N ALA A 82 -34.33 9.17 -49.44
CA ALA A 82 -34.19 9.79 -48.12
C ALA A 82 -33.80 8.79 -47.05
N GLY A 83 -33.02 7.79 -47.44
CA GLY A 83 -32.50 6.79 -46.53
C GLY A 83 -33.22 5.47 -46.59
N GLU A 84 -34.48 5.45 -46.98
CA GLU A 84 -35.24 4.22 -47.08
C GLU A 84 -34.90 3.52 -48.37
N THR A 85 -34.78 2.20 -48.30
CA THR A 85 -34.26 1.38 -49.38
C THR A 85 -35.36 0.72 -50.19
N ALA A 86 -36.17 -0.12 -49.57
CA ALA A 86 -37.20 -0.85 -50.29
C ALA A 86 -38.39 0.05 -50.55
N ILE A 87 -38.98 -0.12 -51.73
CA ILE A 87 -39.89 0.87 -52.28
C ILE A 87 -41.16 1.00 -51.43
N GLU A 88 -41.59 -0.10 -50.83
CA GLU A 88 -42.85 -0.13 -50.13
C GLU A 88 -42.88 0.83 -48.96
N ASP A 89 -41.72 1.14 -48.39
CA ASP A 89 -41.59 2.14 -47.33
C ASP A 89 -41.21 3.52 -47.86
N GLN A 90 -41.00 3.65 -49.16
CA GLN A 90 -40.51 4.91 -49.71
C GLN A 90 -41.65 5.88 -49.94
N ASP A 91 -41.30 7.17 -49.91
CA ASP A 91 -42.27 8.22 -50.22
C ASP A 91 -42.76 8.09 -51.65
N TYR A 92 -41.83 7.84 -52.57
CA TYR A 92 -42.12 7.63 -53.97
C TYR A 92 -41.22 6.54 -54.51
N PRO A 93 -41.56 5.95 -55.65
CA PRO A 93 -40.72 4.86 -56.17
C PRO A 93 -39.37 5.40 -56.63
N VAL A 94 -38.32 4.69 -56.23
CA VAL A 94 -37.02 4.87 -56.84
C VAL A 94 -37.08 4.57 -58.32
N ALA A 95 -37.96 3.68 -58.75
CA ALA A 95 -38.10 3.39 -60.15
C ALA A 95 -39.41 2.68 -60.40
N VAL A 96 -39.82 2.67 -61.66
CA VAL A 96 -41.06 2.05 -62.08
C VAL A 96 -40.84 1.44 -63.47
N ALA A 97 -41.53 0.35 -63.72
CA ALA A 97 -41.27 -0.50 -64.87
C ALA A 97 -42.55 -0.85 -65.59
N TYR A 98 -42.42 -1.03 -66.91
CA TYR A 98 -43.56 -1.26 -67.78
C TYR A 98 -43.15 -2.22 -68.87
N ASN A 99 -44.01 -3.22 -69.10
CA ASN A 99 -43.87 -4.11 -70.26
C ASN A 99 -44.70 -3.49 -71.36
N VAL A 100 -44.03 -2.98 -72.40
CA VAL A 100 -44.78 -2.31 -73.45
C VAL A 100 -45.45 -3.34 -74.35
N THR A 101 -44.88 -4.54 -74.44
CA THR A 101 -45.52 -5.59 -75.23
C THR A 101 -46.85 -5.97 -74.61
N GLN A 102 -46.82 -6.37 -73.35
CA GLN A 102 -48.06 -6.63 -72.64
C GLN A 102 -48.86 -5.37 -72.39
N GLY A 103 -48.22 -4.20 -72.44
CA GLY A 103 -48.92 -2.96 -72.27
C GLY A 103 -49.38 -2.75 -70.83
N VAL A 104 -48.53 -3.14 -69.87
CA VAL A 104 -48.91 -3.08 -68.45
C VAL A 104 -47.74 -2.68 -67.56
N GLN A 105 -48.05 -2.57 -66.27
CA GLN A 105 -47.13 -2.22 -65.20
C GLN A 105 -46.42 -3.47 -64.71
N VAL A 106 -45.28 -3.26 -64.06
CA VAL A 106 -44.47 -4.34 -63.52
C VAL A 106 -44.23 -4.07 -62.05
N ASP A 107 -44.06 -5.16 -61.32
CA ASP A 107 -43.67 -5.11 -59.92
C ASP A 107 -42.15 -5.23 -59.83
N ILE A 108 -41.55 -4.37 -59.03
CA ILE A 108 -40.12 -4.39 -58.75
C ILE A 108 -39.90 -5.20 -57.50
N ASP A 109 -38.82 -5.98 -57.48
CA ASP A 109 -38.48 -6.81 -56.34
C ASP A 109 -37.42 -6.16 -55.45
N ALA A 110 -36.25 -5.84 -56.00
CA ALA A 110 -35.14 -5.47 -55.14
C ALA A 110 -34.10 -4.66 -55.90
N VAL A 111 -33.13 -4.15 -55.15
CA VAL A 111 -32.19 -3.14 -55.60
C VAL A 111 -30.80 -3.50 -55.08
N ASP A 112 -29.78 -3.08 -55.82
CA ASP A 112 -28.41 -3.01 -55.34
C ASP A 112 -27.90 -1.64 -55.75
N TYR A 113 -27.83 -0.73 -54.78
CA TYR A 113 -27.52 0.66 -55.06
C TYR A 113 -26.06 0.85 -55.47
N ALA A 114 -25.18 -0.05 -55.06
CA ALA A 114 -23.77 0.11 -55.35
C ALA A 114 -23.50 -0.01 -56.84
N ALA A 115 -23.86 -1.15 -57.42
CA ALA A 115 -23.76 -1.36 -58.85
C ALA A 115 -24.95 -0.77 -59.60
N ASP A 116 -25.87 -0.09 -58.91
CA ASP A 116 -26.92 0.68 -59.56
C ASP A 116 -27.86 -0.23 -60.35
N GLU A 117 -28.10 -1.42 -59.82
CA GLU A 117 -28.87 -2.45 -60.49
C GLU A 117 -30.16 -2.73 -59.73
N VAL A 118 -31.08 -3.38 -60.42
CA VAL A 118 -32.35 -3.79 -59.82
C VAL A 118 -32.73 -5.17 -60.31
N THR A 119 -33.79 -5.71 -59.70
CA THR A 119 -34.26 -7.05 -59.98
C THR A 119 -35.77 -7.07 -59.87
N LEU A 120 -36.39 -7.78 -60.81
CA LEU A 120 -37.84 -7.85 -60.96
C LEU A 120 -38.35 -9.23 -60.60
N ALA A 121 -39.68 -9.37 -60.70
CA ALA A 121 -40.37 -10.62 -60.44
C ALA A 121 -40.76 -11.33 -61.74
N ASP A 122 -41.54 -10.66 -62.57
CA ASP A 122 -42.04 -11.25 -63.81
C ASP A 122 -40.90 -11.26 -64.82
N ASN A 123 -40.28 -12.41 -64.97
CA ASN A 123 -39.24 -12.54 -65.98
C ASN A 123 -39.86 -12.34 -67.36
N PRO A 124 -39.31 -11.47 -68.20
CA PRO A 124 -39.99 -11.13 -69.44
C PRO A 124 -39.78 -12.23 -70.49
N ALA A 125 -40.32 -11.98 -71.66
CA ALA A 125 -40.23 -12.92 -72.77
C ALA A 125 -38.93 -12.70 -73.54
N ASP A 126 -38.86 -13.33 -74.71
CA ASP A 126 -37.75 -13.13 -75.63
C ASP A 126 -38.21 -12.24 -76.77
N GLY A 127 -37.36 -11.29 -77.14
CA GLY A 127 -37.71 -10.28 -78.13
C GLY A 127 -38.71 -9.25 -77.66
N ASP A 128 -39.06 -9.25 -76.38
CA ASP A 128 -40.01 -8.30 -75.81
C ASP A 128 -39.35 -6.93 -75.69
N THR A 129 -40.14 -5.95 -75.21
CA THR A 129 -39.68 -4.60 -74.99
C THR A 129 -40.23 -4.05 -73.68
N VAL A 130 -39.33 -3.44 -72.91
CA VAL A 130 -39.62 -3.00 -71.55
C VAL A 130 -39.04 -1.60 -71.38
N LYS A 131 -39.79 -0.75 -70.71
CA LYS A 131 -39.38 0.59 -70.34
C LYS A 131 -39.24 0.66 -68.84
N VAL A 132 -38.27 1.45 -68.39
CA VAL A 132 -38.09 1.73 -66.97
C VAL A 132 -37.85 3.22 -66.83
N TRP A 133 -38.41 3.77 -65.76
CA TRP A 133 -38.19 5.17 -65.38
C TRP A 133 -37.68 5.14 -63.96
N PRO A 134 -36.37 5.23 -63.78
CA PRO A 134 -35.81 5.44 -62.44
C PRO A 134 -35.56 6.91 -62.17
N ILE A 135 -35.43 7.21 -60.88
CA ILE A 135 -35.07 8.55 -60.49
C ILE A 135 -33.67 8.88 -60.98
N MET A 136 -33.43 10.16 -61.15
CA MET A 136 -32.13 10.66 -61.53
C MET A 136 -31.24 10.82 -60.32
N GLY A 137 -29.94 10.68 -60.55
CA GLY A 137 -28.94 10.72 -59.52
C GLY A 137 -28.09 11.96 -59.62
N ASP A 138 -26.95 11.83 -60.29
CA ASP A 138 -26.05 12.95 -60.47
C ASP A 138 -26.73 14.03 -61.29
N GLY A 139 -26.17 15.24 -61.21
CA GLY A 139 -26.74 16.42 -61.82
C GLY A 139 -26.79 17.56 -60.84
N ASP A 140 -26.81 18.79 -61.35
CA ASP A 140 -26.82 19.95 -60.48
C ASP A 140 -27.42 21.15 -61.19
N VAL A 141 -28.17 21.94 -60.41
CA VAL A 141 -29.00 23.01 -60.94
C VAL A 141 -28.71 24.32 -60.21
N GLN A 142 -29.28 25.38 -60.74
CA GLN A 142 -29.08 26.73 -60.22
C GLN A 142 -30.11 27.63 -60.88
N PHE A 143 -30.20 28.88 -60.43
CA PHE A 143 -31.11 29.89 -60.96
C PHE A 143 -30.32 31.03 -61.62
N ARG A 144 -31.01 31.87 -62.38
CA ARG A 144 -30.40 32.97 -63.13
C ARG A 144 -31.51 33.92 -63.57
N LEU A 145 -31.14 35.17 -63.86
CA LEU A 145 -32.04 36.16 -64.45
C LEU A 145 -31.64 36.51 -65.87
N VAL A 146 -32.62 36.92 -66.67
CA VAL A 146 -32.41 37.48 -67.99
C VAL A 146 -33.49 38.53 -68.24
N ASN A 147 -33.11 39.57 -68.97
CA ASN A 147 -33.95 40.72 -69.25
C ASN A 147 -34.85 40.41 -70.44
N GLN A 148 -35.44 41.45 -71.03
CA GLN A 148 -36.32 41.33 -72.16
C GLN A 148 -35.59 41.50 -73.48
N PHE A 149 -34.29 41.17 -73.50
CA PHE A 149 -33.49 41.11 -74.71
C PHE A 149 -32.81 39.77 -74.91
N GLY A 150 -32.85 38.89 -73.90
CA GLY A 150 -31.95 37.77 -73.84
C GLY A 150 -30.63 38.06 -73.16
N GLN A 151 -30.41 39.30 -72.73
CA GLN A 151 -29.17 39.68 -72.06
C GLN A 151 -29.27 39.34 -70.58
N GLU A 152 -28.22 38.74 -70.06
CA GLU A 152 -28.16 38.47 -68.64
C GLU A 152 -28.13 39.76 -67.85
N GLU A 153 -28.49 39.67 -66.58
CA GLU A 153 -28.51 40.81 -65.67
C GLU A 153 -27.90 40.53 -64.30
N GLY A 154 -27.55 39.31 -64.00
CA GLY A 154 -27.08 38.92 -62.69
C GLY A 154 -27.66 37.56 -62.40
N ARG A 155 -26.94 36.80 -61.59
CA ARG A 155 -27.32 35.44 -61.27
C ARG A 155 -28.07 35.41 -59.94
N VAL A 156 -28.50 34.22 -59.57
CA VAL A 156 -29.37 33.97 -58.44
C VAL A 156 -28.68 32.94 -57.58
N TYR A 157 -27.92 33.40 -56.61
CA TYR A 157 -27.09 32.53 -55.82
C TYR A 157 -26.15 31.76 -56.74
N PRO A 158 -25.15 32.43 -57.30
CA PRO A 158 -24.39 31.83 -58.41
C PRO A 158 -23.61 30.64 -57.95
N TRP A 159 -24.35 29.56 -57.77
CA TRP A 159 -23.82 28.35 -57.18
C TRP A 159 -24.70 27.20 -57.59
N ALA A 160 -24.07 26.14 -58.05
CA ALA A 160 -24.81 24.93 -58.35
C ALA A 160 -25.42 24.37 -57.09
N THR A 161 -26.38 23.48 -57.27
CA THR A 161 -27.02 22.77 -56.19
C THR A 161 -27.19 21.32 -56.60
N PRO A 162 -26.76 20.34 -55.79
CA PRO A 162 -26.82 18.95 -56.28
C PRO A 162 -28.24 18.48 -56.44
N LEU A 163 -28.37 17.43 -57.22
CA LEU A 163 -29.68 16.85 -57.49
C LEU A 163 -30.08 15.89 -56.38
N TYR A 164 -29.11 15.16 -55.82
CA TYR A 164 -29.49 14.05 -54.97
C TYR A 164 -29.99 14.49 -53.60
N ARG A 165 -29.87 15.76 -53.24
CA ARG A 165 -30.44 16.22 -51.97
C ARG A 165 -31.95 16.19 -52.01
N TRP A 166 -32.52 16.46 -53.18
CA TRP A 166 -33.95 16.37 -53.37
C TRP A 166 -34.48 14.97 -53.09
N HIS A 167 -33.63 13.96 -53.25
CA HIS A 167 -33.93 12.62 -52.80
C HIS A 167 -33.57 12.37 -51.34
N ASP A 168 -32.44 12.89 -50.90
CA ASP A 168 -31.96 12.60 -49.56
C ASP A 168 -32.87 13.15 -48.48
N PHE A 169 -33.61 14.22 -48.78
CA PHE A 169 -34.53 14.77 -47.81
C PHE A 169 -35.96 14.32 -48.08
N PRO A 170 -36.75 13.98 -47.06
CA PRO A 170 -38.16 13.67 -47.31
C PRO A 170 -38.91 14.94 -47.59
N GLN A 171 -38.97 15.26 -48.89
CA GLN A 171 -39.29 16.60 -49.41
C GLN A 171 -40.50 17.26 -48.75
N LEU A 172 -41.47 16.48 -48.31
CA LEU A 172 -42.76 17.00 -47.90
C LEU A 172 -42.83 17.38 -46.44
N LYS A 173 -41.79 17.11 -45.67
CA LYS A 173 -41.82 17.31 -44.23
C LYS A 173 -41.40 18.73 -43.90
N ARG A 174 -42.25 19.46 -43.18
CA ARG A 174 -41.91 20.83 -42.83
C ARG A 174 -40.71 20.83 -41.90
N GLY A 175 -39.87 21.84 -42.08
CA GLY A 175 -38.61 21.91 -41.38
C GLY A 175 -37.50 21.26 -42.16
N ARG A 176 -37.85 20.21 -42.92
CA ARG A 176 -36.91 19.43 -43.70
C ARG A 176 -37.00 19.71 -45.18
N GLU A 177 -38.14 20.23 -45.66
CA GLU A 177 -38.32 20.59 -47.05
C GLU A 177 -37.27 21.56 -47.53
N ILE A 178 -37.18 21.70 -48.85
CA ILE A 178 -36.07 22.39 -49.48
C ILE A 178 -36.41 23.84 -49.68
N ASN A 179 -35.54 24.70 -49.19
CA ASN A 179 -35.57 26.13 -49.47
C ASN A 179 -34.23 26.50 -50.08
N LEU A 180 -34.25 26.89 -51.34
CA LEU A 180 -33.06 27.39 -52.01
C LEU A 180 -32.76 28.79 -51.48
N HIS A 181 -31.72 29.41 -52.03
CA HIS A 181 -31.25 30.70 -51.58
C HIS A 181 -31.40 31.72 -52.69
N GLY A 182 -31.63 32.96 -52.29
CA GLY A 182 -31.81 34.06 -53.21
C GLY A 182 -32.87 35.02 -52.74
N SER A 183 -32.87 36.18 -53.36
CA SER A 183 -33.95 37.14 -53.19
C SER A 183 -33.83 38.17 -54.30
N VAL A 184 -34.83 38.20 -55.18
CA VAL A 184 -34.71 38.80 -56.50
C VAL A 184 -36.06 39.39 -56.87
N THR A 185 -36.02 40.46 -57.67
CA THR A 185 -37.20 41.16 -58.14
C THR A 185 -37.32 41.05 -59.65
N TRP A 186 -38.56 41.02 -60.12
CA TRP A 186 -38.89 40.99 -61.54
C TRP A 186 -39.52 42.31 -61.96
N GLU A 187 -39.77 42.43 -63.26
CA GLU A 187 -40.71 43.40 -63.80
C GLU A 187 -41.60 42.67 -64.79
N GLU A 188 -42.37 43.41 -65.60
CA GLU A 188 -43.51 42.84 -66.31
C GLU A 188 -43.12 41.76 -67.30
N ASN A 189 -41.99 41.93 -67.99
CA ASN A 189 -41.58 41.05 -69.08
C ASN A 189 -40.14 40.62 -68.95
N GLU A 190 -39.74 40.31 -67.72
CA GLU A 190 -38.43 39.75 -67.42
C GLU A 190 -38.58 38.26 -67.14
N THR A 191 -37.51 37.50 -67.41
CA THR A 191 -37.54 36.07 -67.22
C THR A 191 -36.44 35.67 -66.27
N VAL A 192 -36.71 34.64 -65.49
CA VAL A 192 -35.78 34.07 -64.54
C VAL A 192 -35.79 32.56 -64.74
N GLU A 193 -34.62 32.00 -64.99
CA GLU A 193 -34.48 30.65 -65.45
C GLU A 193 -33.71 29.79 -64.47
N VAL A 194 -34.21 28.59 -64.23
CA VAL A 194 -33.38 27.54 -63.67
C VAL A 194 -32.55 26.97 -64.81
N LEU A 195 -31.29 26.67 -64.51
CA LEU A 195 -30.39 25.93 -65.36
C LEU A 195 -30.05 24.61 -64.69
N LEU A 196 -29.67 23.64 -65.52
CA LEU A 196 -29.22 22.31 -65.10
C LEU A 196 -27.97 21.92 -65.88
N ASP A 197 -27.18 21.05 -65.27
CA ASP A 197 -26.14 20.29 -65.96
C ASP A 197 -26.22 18.87 -65.42
N ALA A 198 -26.43 17.90 -66.31
CA ALA A 198 -26.43 16.49 -65.95
C ALA A 198 -26.26 15.68 -67.22
N PRO A 199 -25.79 14.43 -67.12
CA PRO A 199 -25.55 13.65 -68.35
C PRO A 199 -26.81 13.15 -69.02
N GLN A 200 -27.72 12.61 -68.24
CA GLN A 200 -28.85 11.89 -68.81
C GLN A 200 -30.00 12.84 -69.10
N ALA A 201 -31.07 12.27 -69.65
CA ALA A 201 -32.18 13.05 -70.15
C ALA A 201 -33.11 13.49 -69.03
N ILE A 202 -33.35 14.79 -68.92
CA ILE A 202 -34.32 15.30 -67.97
C ILE A 202 -35.69 15.04 -68.56
N THR A 203 -36.28 13.94 -68.17
CA THR A 203 -37.49 13.45 -68.81
C THR A 203 -38.69 14.22 -68.30
N TRP A 204 -39.32 14.95 -69.19
CA TRP A 204 -40.70 15.34 -69.05
C TRP A 204 -41.55 14.69 -70.12
N GLU A 205 -42.85 14.80 -69.93
CA GLU A 205 -43.85 14.46 -70.93
C GLU A 205 -43.75 13.00 -71.35
N ASP A 206 -43.38 12.14 -70.42
CA ASP A 206 -43.45 10.69 -70.65
C ASP A 206 -44.91 10.30 -70.62
N SER A 207 -45.54 10.30 -71.79
CA SER A 207 -46.93 9.88 -71.90
C SER A 207 -47.11 8.42 -71.51
N ASP A 208 -46.06 7.62 -71.54
CA ASP A 208 -46.16 6.22 -71.16
C ASP A 208 -46.25 6.01 -69.66
N TYR A 209 -46.10 7.07 -68.86
CA TYR A 209 -46.08 6.91 -67.42
C TYR A 209 -47.46 6.51 -66.89
N PRO A 210 -47.61 5.37 -66.23
CA PRO A 210 -48.96 4.96 -65.77
C PRO A 210 -49.46 5.65 -64.51
N GLU A 211 -48.61 6.39 -63.81
CA GLU A 211 -48.94 6.89 -62.49
C GLU A 211 -49.40 8.34 -62.47
N GLY A 212 -48.80 9.20 -63.27
CA GLY A 212 -49.19 10.61 -63.29
C GLY A 212 -49.17 11.14 -64.69
N GLN A 213 -48.70 12.40 -64.79
CA GLN A 213 -48.50 13.06 -66.07
C GLN A 213 -47.15 13.73 -66.18
N TYR A 214 -46.46 13.96 -65.07
CA TYR A 214 -45.11 14.50 -65.08
C TYR A 214 -44.26 13.55 -64.25
N VAL A 215 -43.43 12.74 -64.93
CA VAL A 215 -42.50 11.84 -64.25
C VAL A 215 -41.60 12.63 -63.36
N SER A 216 -41.17 13.79 -63.84
CA SER A 216 -40.35 14.72 -63.09
C SER A 216 -41.14 16.00 -62.91
N THR A 217 -41.20 16.45 -61.67
CA THR A 217 -42.07 17.52 -61.22
C THR A 217 -41.26 18.63 -60.55
N PHE A 218 -41.77 19.85 -60.64
CA PHE A 218 -41.11 21.03 -60.10
C PHE A 218 -42.13 22.03 -59.55
N GLU A 219 -41.89 22.48 -58.32
CA GLU A 219 -42.71 23.51 -57.72
C GLU A 219 -41.84 24.40 -56.84
N GLN A 220 -42.15 25.70 -56.77
CA GLN A 220 -41.53 26.62 -55.81
C GLN A 220 -42.56 27.61 -55.32
N ASP A 221 -42.25 28.23 -54.19
CA ASP A 221 -43.02 29.31 -53.60
C ASP A 221 -42.25 30.62 -53.72
N VAL A 222 -42.99 31.73 -53.83
CA VAL A 222 -42.40 33.07 -53.92
C VAL A 222 -43.36 34.08 -53.32
N GLU A 223 -42.90 35.32 -53.27
CA GLU A 223 -43.70 36.47 -52.86
C GLU A 223 -44.13 37.27 -54.07
N ILE A 224 -45.25 37.98 -53.91
CA ILE A 224 -45.92 38.67 -54.99
C ILE A 224 -46.52 39.96 -54.45
N THR A 225 -46.53 40.98 -55.32
CA THR A 225 -47.40 42.13 -55.17
C THR A 225 -48.60 41.92 -56.07
N LEU A 226 -49.77 41.79 -55.46
CA LEU A 226 -51.03 41.50 -56.16
C LEU A 226 -50.99 40.15 -56.86
N TYR B 1 -60.96 16.00 -1.97
CA TYR B 1 -59.96 14.97 -2.22
C TYR B 1 -60.34 14.11 -3.41
N THR B 2 -60.16 14.66 -4.59
CA THR B 2 -60.49 13.97 -5.84
C THR B 2 -59.26 13.23 -6.33
N ILE B 3 -59.44 12.45 -7.40
CA ILE B 3 -58.35 11.73 -8.02
C ILE B 3 -58.65 11.59 -9.51
N SER B 4 -57.59 11.39 -10.29
CA SER B 4 -57.69 11.10 -11.70
C SER B 4 -57.79 9.59 -11.86
N HIS B 5 -58.69 9.16 -12.74
CA HIS B 5 -58.95 7.75 -12.95
C HIS B 5 -59.44 7.55 -14.38
N THR B 6 -60.03 6.40 -14.68
CA THR B 6 -60.45 6.07 -16.03
C THR B 6 -61.75 5.31 -16.01
N GLY B 7 -62.67 5.70 -16.91
CA GLY B 7 -63.81 4.88 -17.25
C GLY B 7 -63.54 4.25 -18.61
N GLY B 8 -64.34 3.26 -18.94
CA GLY B 8 -64.13 2.66 -20.24
C GLY B 8 -65.08 1.51 -20.51
N THR B 9 -64.55 0.53 -21.25
CA THR B 9 -65.28 -0.67 -21.62
C THR B 9 -65.94 -1.31 -20.43
N LEU B 10 -65.16 -1.51 -19.38
CA LEU B 10 -65.67 -1.96 -18.09
C LEU B 10 -65.51 -0.92 -17.00
N GLY B 11 -64.58 0.03 -17.17
CA GLY B 11 -64.36 1.09 -16.21
C GLY B 11 -64.13 0.61 -14.79
N SER B 12 -65.12 0.85 -13.93
CA SER B 12 -65.08 0.47 -12.54
C SER B 12 -66.38 -0.14 -12.07
N SER B 13 -67.18 -0.69 -12.98
CA SER B 13 -68.47 -1.24 -12.61
C SER B 13 -69.05 -2.04 -13.76
N LYS B 14 -69.79 -3.09 -13.42
CA LYS B 14 -70.49 -3.92 -14.41
C LYS B 14 -71.95 -3.49 -14.56
N VAL B 15 -72.10 -2.18 -14.75
CA VAL B 15 -73.38 -1.57 -15.06
C VAL B 15 -73.41 -1.04 -16.48
N THR B 16 -72.26 -0.70 -17.05
CA THR B 16 -72.20 -0.08 -18.36
C THR B 16 -72.78 -1.00 -19.42
N THR B 17 -73.53 -0.39 -20.33
CA THR B 17 -74.21 -1.10 -21.39
C THR B 17 -73.66 -0.65 -22.73
N ALA B 18 -73.21 -1.61 -23.53
CA ALA B 18 -72.69 -1.36 -24.86
C ALA B 18 -73.60 -2.07 -25.85
N ALA B 19 -74.03 -1.36 -26.89
CA ALA B 19 -75.09 -1.83 -27.76
C ALA B 19 -74.81 -1.45 -29.20
N ASN B 20 -74.96 -2.43 -30.07
CA ASN B 20 -74.86 -2.22 -31.51
C ASN B 20 -75.91 -1.24 -32.00
N GLN B 21 -75.67 -0.72 -33.19
CA GLN B 21 -76.54 0.25 -33.85
C GLN B 21 -77.44 -0.45 -34.87
N THR B 22 -78.05 0.34 -35.72
CA THR B 22 -78.79 -0.13 -36.88
C THR B 22 -78.05 0.23 -38.16
N SER B 23 -78.50 -0.37 -39.25
CA SER B 23 -77.96 -0.07 -40.57
C SER B 23 -78.54 1.21 -41.16
N PRO B 24 -79.84 1.46 -41.03
CA PRO B 24 -80.36 2.80 -41.33
C PRO B 24 -79.66 3.85 -40.49
N GLN B 25 -79.13 4.86 -41.16
CA GLN B 25 -78.21 5.81 -40.54
C GLN B 25 -78.99 6.73 -39.62
N ARG B 26 -79.28 6.21 -38.43
CA ARG B 26 -79.85 6.96 -37.34
C ARG B 26 -78.74 7.28 -36.36
N GLU B 27 -78.83 8.42 -35.70
CA GLU B 27 -77.84 8.79 -34.69
C GLU B 27 -78.07 7.90 -33.48
N THR B 28 -77.54 6.68 -33.54
CA THR B 28 -77.81 5.64 -32.56
C THR B 28 -76.98 5.86 -31.32
N ALA B 29 -77.41 5.23 -30.23
CA ALA B 29 -76.74 5.31 -28.95
C ALA B 29 -76.18 3.96 -28.59
N ILE B 30 -74.90 3.93 -28.22
CA ILE B 30 -74.11 2.72 -28.13
C ILE B 30 -73.75 2.41 -26.69
N ILE B 31 -72.97 3.29 -26.05
CA ILE B 31 -72.20 2.89 -24.86
C ILE B 31 -72.59 3.79 -23.69
N GLY B 32 -73.34 3.22 -22.74
CA GLY B 32 -73.91 3.99 -21.64
C GLY B 32 -73.17 3.79 -20.33
N PHE B 33 -72.43 4.81 -19.93
CA PHE B 33 -71.73 4.84 -18.65
C PHE B 33 -72.72 5.31 -17.58
N GLU B 34 -73.17 4.38 -16.75
CA GLU B 34 -74.05 4.71 -15.63
C GLU B 34 -73.20 5.07 -14.42
N CYS B 35 -73.47 6.23 -13.83
CA CYS B 35 -72.79 6.58 -12.60
C CYS B 35 -73.23 5.64 -11.49
N PRO B 36 -72.33 5.21 -10.60
CA PRO B 36 -72.74 4.34 -9.50
C PRO B 36 -73.10 5.16 -8.25
N ARG B 37 -73.48 4.42 -7.22
CA ARG B 37 -73.60 5.01 -5.89
C ARG B 37 -72.25 5.19 -5.23
N LYS B 38 -71.20 4.52 -5.75
CA LYS B 38 -69.91 4.50 -5.09
C LYS B 38 -69.34 5.89 -4.92
N PHE B 39 -69.56 6.75 -5.90
CA PHE B 39 -68.91 8.04 -5.99
C PHE B 39 -69.93 9.14 -5.76
N ALA B 40 -69.43 10.32 -5.45
CA ALA B 40 -70.29 11.48 -5.38
C ALA B 40 -70.74 11.88 -6.77
N GLU B 41 -69.80 11.88 -7.71
CA GLU B 41 -70.04 12.36 -9.06
C GLU B 41 -68.78 12.14 -9.85
N ILE B 42 -68.89 12.29 -11.16
CA ILE B 42 -67.81 12.10 -12.11
C ILE B 42 -67.62 13.42 -12.83
N GLU B 43 -66.38 13.71 -13.20
CA GLU B 43 -66.02 14.91 -13.93
C GLU B 43 -65.33 14.53 -15.22
N TYR B 44 -65.66 15.26 -16.28
CA TYR B 44 -64.96 15.21 -17.55
C TYR B 44 -64.45 16.59 -17.88
N VAL B 45 -63.21 16.66 -18.36
CA VAL B 45 -62.58 17.92 -18.74
C VAL B 45 -61.94 17.76 -20.11
N GLY B 46 -62.69 18.13 -21.14
CA GLY B 46 -62.11 18.22 -22.47
C GLY B 46 -60.98 19.21 -22.50
N GLN B 47 -60.05 18.97 -23.43
CA GLN B 47 -58.76 19.66 -23.54
C GLN B 47 -57.78 19.24 -22.44
N ARG B 48 -58.20 18.40 -21.49
CA ARG B 48 -57.36 17.93 -20.39
C ARG B 48 -57.29 16.43 -20.34
N ASP B 49 -58.43 15.76 -20.30
CA ASP B 49 -58.48 14.33 -20.03
C ASP B 49 -58.39 13.57 -21.34
N SER B 50 -57.34 12.77 -21.48
CA SER B 50 -57.16 11.97 -22.68
C SER B 50 -58.29 10.97 -22.81
N THR B 51 -58.43 10.45 -24.03
CA THR B 51 -59.50 9.52 -24.33
C THR B 51 -59.03 8.58 -25.42
N ARG B 52 -59.44 7.32 -25.33
CA ARG B 52 -58.97 6.24 -26.18
C ARG B 52 -60.17 5.50 -26.75
N PHE B 53 -60.05 5.08 -28.01
CA PHE B 53 -61.16 4.38 -28.67
C PHE B 53 -60.61 3.52 -29.80
N ILE B 54 -60.95 2.24 -29.78
CA ILE B 54 -60.60 1.30 -30.83
C ILE B 54 -61.88 0.64 -31.28
N PRO B 55 -62.53 1.13 -32.31
CA PRO B 55 -63.69 0.42 -32.86
C PRO B 55 -63.28 -0.72 -33.78
N ARG B 56 -64.21 -1.67 -33.99
CA ARG B 56 -63.91 -2.83 -34.81
C ARG B 56 -65.21 -3.53 -35.16
N THR B 57 -65.27 -4.03 -36.39
CA THR B 57 -66.51 -4.48 -37.01
C THR B 57 -66.41 -5.94 -37.41
N THR B 58 -67.35 -6.43 -38.22
CA THR B 58 -67.42 -7.85 -38.56
C THR B 58 -67.90 -8.03 -40.00
N GLU B 59 -67.18 -8.86 -40.75
CA GLU B 59 -67.58 -9.27 -42.09
C GLU B 59 -67.29 -10.76 -42.23
N SER B 60 -67.70 -11.34 -43.36
CA SER B 60 -67.60 -12.78 -43.54
C SER B 60 -67.55 -13.10 -45.03
N ILE B 61 -67.05 -14.31 -45.32
CA ILE B 61 -66.91 -14.79 -46.69
C ILE B 61 -66.99 -16.30 -46.69
N THR B 62 -67.40 -16.86 -47.83
CA THR B 62 -67.27 -18.27 -48.12
C THR B 62 -66.20 -18.41 -49.20
N GLY B 63 -65.19 -19.21 -48.92
CA GLY B 63 -64.04 -19.28 -49.79
C GLY B 63 -64.19 -20.32 -50.88
N THR B 64 -63.27 -20.26 -51.85
CA THR B 64 -63.13 -21.28 -52.88
C THR B 64 -61.73 -21.20 -53.44
N ALA B 65 -61.51 -21.90 -54.55
CA ALA B 65 -60.20 -21.93 -55.18
C ALA B 65 -59.78 -20.54 -55.64
N GLY B 66 -58.50 -20.25 -55.48
CA GLY B 66 -57.97 -18.94 -55.83
C GLY B 66 -58.45 -17.79 -54.97
N ASP B 67 -59.12 -18.08 -53.84
CA ASP B 67 -59.69 -17.04 -53.00
C ASP B 67 -58.72 -16.63 -51.88
N ASP B 68 -57.51 -16.31 -52.29
CA ASP B 68 -56.53 -15.70 -51.40
C ASP B 68 -56.88 -14.27 -51.02
N THR B 69 -57.68 -13.61 -51.85
CA THR B 69 -57.94 -12.18 -51.78
C THR B 69 -59.34 -11.95 -51.25
N VAL B 70 -59.49 -10.90 -50.45
CA VAL B 70 -60.78 -10.44 -49.98
C VAL B 70 -61.03 -9.05 -50.53
N VAL B 71 -62.22 -8.88 -51.09
CA VAL B 71 -62.69 -7.65 -51.72
C VAL B 71 -62.95 -6.59 -50.67
N SER B 72 -63.27 -5.39 -51.12
CA SER B 72 -63.77 -4.30 -50.29
C SER B 72 -64.79 -4.79 -49.28
N LEU B 73 -64.60 -4.38 -48.04
CA LEU B 73 -65.44 -4.78 -46.92
C LEU B 73 -66.56 -3.82 -46.66
N THR B 74 -66.97 -3.04 -47.67
CA THR B 74 -67.90 -1.94 -47.49
C THR B 74 -67.40 -0.98 -46.43
N ALA B 75 -66.09 -0.71 -46.46
CA ALA B 75 -65.41 -0.05 -45.37
C ALA B 75 -64.23 0.74 -45.92
N ASN B 76 -64.25 2.05 -45.69
CA ASN B 76 -63.14 2.89 -46.10
C ASN B 76 -61.97 2.67 -45.13
N ILE B 77 -61.10 1.73 -45.49
CA ILE B 77 -60.01 1.38 -44.59
C ILE B 77 -58.96 2.48 -44.63
N GLN B 78 -58.23 2.59 -43.53
CA GLN B 78 -57.26 3.63 -43.29
C GLN B 78 -56.02 3.00 -42.68
N PRO B 79 -54.84 3.58 -42.89
CA PRO B 79 -53.67 3.11 -42.14
C PRO B 79 -53.77 3.49 -40.69
N VAL B 80 -52.86 2.93 -39.90
CA VAL B 80 -52.79 3.17 -38.47
C VAL B 80 -51.51 3.92 -38.16
N ALA B 81 -51.65 5.10 -37.57
CA ALA B 81 -50.52 5.85 -37.03
C ALA B 81 -49.51 6.20 -38.12
N GLY B 82 -49.98 6.36 -39.35
CA GLY B 82 -49.08 6.61 -40.45
C GLY B 82 -48.32 5.40 -40.93
N GLU B 83 -48.73 4.20 -40.53
CA GLU B 83 -48.11 2.95 -40.92
C GLU B 83 -49.14 2.00 -41.52
N THR B 84 -48.67 1.15 -42.45
CA THR B 84 -49.47 0.11 -43.05
C THR B 84 -49.00 -1.29 -42.71
N ALA B 85 -47.70 -1.49 -42.52
CA ALA B 85 -47.20 -2.81 -42.16
C ALA B 85 -47.69 -3.19 -40.78
N ILE B 86 -48.28 -4.39 -40.69
CA ILE B 86 -49.06 -4.81 -39.53
C ILE B 86 -48.22 -4.77 -38.25
N GLU B 87 -47.08 -5.46 -38.29
CA GLU B 87 -46.30 -5.70 -37.08
C GLU B 87 -45.83 -4.42 -36.42
N ASP B 88 -45.67 -3.34 -37.18
CA ASP B 88 -45.21 -2.07 -36.66
C ASP B 88 -46.36 -1.22 -36.13
N GLN B 89 -47.59 -1.52 -36.51
CA GLN B 89 -48.71 -0.69 -36.08
C GLN B 89 -48.91 -0.83 -34.58
N ASP B 90 -49.48 0.23 -33.97
CA ASP B 90 -49.82 0.15 -32.55
C ASP B 90 -50.88 -0.90 -32.30
N TYR B 91 -51.70 -1.20 -33.29
CA TYR B 91 -52.66 -2.28 -33.20
C TYR B 91 -52.93 -2.81 -34.59
N PRO B 92 -53.48 -4.02 -34.72
CA PRO B 92 -53.80 -4.51 -36.06
C PRO B 92 -54.90 -3.71 -36.70
N VAL B 93 -54.75 -3.48 -38.00
CA VAL B 93 -55.83 -2.94 -38.79
C VAL B 93 -56.99 -3.90 -38.83
N ALA B 94 -56.70 -5.20 -38.82
CA ALA B 94 -57.74 -6.20 -39.01
C ALA B 94 -57.16 -7.57 -38.73
N VAL B 95 -58.04 -8.50 -38.43
CA VAL B 95 -57.68 -9.90 -38.24
C VAL B 95 -58.82 -10.73 -38.82
N ALA B 96 -58.55 -12.00 -39.11
CA ALA B 96 -59.57 -12.89 -39.62
C ALA B 96 -59.30 -14.30 -39.14
N TYR B 97 -60.32 -15.13 -39.32
CA TYR B 97 -60.43 -16.41 -38.65
C TYR B 97 -61.17 -17.39 -39.53
N ASN B 98 -60.53 -18.53 -39.78
CA ASN B 98 -61.16 -19.66 -40.45
C ASN B 98 -62.02 -20.37 -39.43
N VAL B 99 -63.33 -20.42 -39.69
CA VAL B 99 -64.23 -21.05 -38.73
C VAL B 99 -64.23 -22.55 -38.93
N THR B 100 -64.11 -23.00 -40.17
CA THR B 100 -64.12 -24.43 -40.44
C THR B 100 -62.85 -25.08 -39.90
N GLN B 101 -61.70 -24.48 -40.17
CA GLN B 101 -60.48 -24.92 -39.53
C GLN B 101 -60.39 -24.46 -38.09
N GLY B 102 -61.09 -23.38 -37.75
CA GLY B 102 -61.18 -22.96 -36.39
C GLY B 102 -59.86 -22.40 -35.88
N VAL B 103 -59.32 -21.42 -36.61
CA VAL B 103 -57.99 -20.90 -36.34
C VAL B 103 -57.90 -19.47 -36.83
N GLN B 104 -56.84 -18.79 -36.39
CA GLN B 104 -56.46 -17.47 -36.85
C GLN B 104 -55.90 -17.56 -38.26
N VAL B 105 -55.88 -16.42 -38.95
CA VAL B 105 -55.14 -16.28 -40.19
C VAL B 105 -54.19 -15.10 -40.04
N ASP B 106 -52.96 -15.30 -40.50
CA ASP B 106 -52.03 -14.21 -40.69
C ASP B 106 -52.20 -13.67 -42.11
N ILE B 107 -51.94 -12.37 -42.25
CA ILE B 107 -52.28 -11.63 -43.46
C ILE B 107 -51.05 -11.49 -44.32
N ASP B 108 -51.25 -11.50 -45.63
CA ASP B 108 -50.19 -11.09 -46.53
C ASP B 108 -50.08 -9.58 -46.59
N ALA B 109 -51.12 -8.91 -47.08
CA ALA B 109 -50.96 -7.48 -47.38
C ALA B 109 -52.33 -6.87 -47.70
N VAL B 110 -52.29 -5.59 -48.07
CA VAL B 110 -53.45 -4.71 -48.15
C VAL B 110 -53.46 -4.01 -49.50
N ASP B 111 -54.66 -3.66 -49.94
CA ASP B 111 -54.89 -2.66 -50.99
C ASP B 111 -55.84 -1.66 -50.35
N TYR B 112 -55.27 -0.59 -49.81
CA TYR B 112 -56.05 0.44 -49.15
C TYR B 112 -57.03 1.12 -50.07
N ALA B 113 -56.73 1.20 -51.36
CA ALA B 113 -57.56 1.93 -52.30
C ALA B 113 -58.90 1.24 -52.50
N ALA B 114 -58.87 0.01 -53.00
CA ALA B 114 -60.08 -0.78 -53.16
C ALA B 114 -60.50 -1.45 -51.86
N ASP B 115 -59.84 -1.13 -50.73
CA ASP B 115 -60.25 -1.62 -49.43
C ASP B 115 -60.16 -3.14 -49.32
N GLU B 116 -59.24 -3.72 -50.09
CA GLU B 116 -59.08 -5.16 -50.18
C GLU B 116 -57.88 -5.58 -49.35
N VAL B 117 -57.78 -6.88 -49.12
CA VAL B 117 -56.57 -7.46 -48.55
C VAL B 117 -56.34 -8.82 -49.19
N THR B 118 -55.22 -9.43 -48.82
CA THR B 118 -54.91 -10.78 -49.26
C THR B 118 -54.20 -11.48 -48.12
N LEU B 119 -54.46 -12.77 -48.00
CA LEU B 119 -54.02 -13.59 -46.88
C LEU B 119 -52.81 -14.42 -47.27
N ALA B 120 -52.38 -15.24 -46.31
CA ALA B 120 -51.26 -16.15 -46.51
C ALA B 120 -51.72 -17.47 -47.09
N ASP B 121 -52.80 -18.03 -46.57
CA ASP B 121 -53.33 -19.32 -46.97
C ASP B 121 -54.63 -19.12 -47.74
N ASN B 122 -54.92 -20.08 -48.60
CA ASN B 122 -56.15 -20.12 -49.36
C ASN B 122 -57.21 -20.90 -48.61
N PRO B 123 -58.46 -20.47 -48.53
CA PRO B 123 -59.49 -21.32 -47.95
C PRO B 123 -59.96 -22.39 -48.93
N ALA B 124 -60.86 -23.23 -48.44
CA ALA B 124 -61.41 -24.32 -49.23
C ALA B 124 -62.79 -23.98 -49.75
N ASP B 125 -63.12 -24.55 -50.91
CA ASP B 125 -64.48 -24.46 -51.42
C ASP B 125 -65.42 -25.20 -50.49
N GLY B 126 -66.23 -24.44 -49.77
CA GLY B 126 -66.99 -24.92 -48.63
C GLY B 126 -66.53 -24.35 -47.32
N ASP B 127 -65.34 -23.75 -47.27
CA ASP B 127 -64.84 -23.13 -46.06
C ASP B 127 -65.48 -21.76 -45.86
N THR B 128 -65.54 -21.35 -44.59
CA THR B 128 -66.08 -20.06 -44.19
C THR B 128 -65.08 -19.34 -43.29
N VAL B 129 -64.96 -18.04 -43.54
CA VAL B 129 -64.01 -17.19 -42.84
C VAL B 129 -64.73 -15.94 -42.40
N LYS B 130 -64.33 -15.42 -41.24
CA LYS B 130 -64.84 -14.17 -40.71
C LYS B 130 -63.68 -13.22 -40.51
N VAL B 131 -63.98 -11.93 -40.61
CA VAL B 131 -62.98 -10.87 -40.55
C VAL B 131 -63.48 -9.78 -39.62
N TRP B 132 -62.53 -9.13 -38.95
CA TRP B 132 -62.80 -8.07 -38.01
C TRP B 132 -61.77 -7.00 -38.29
N PRO B 133 -62.11 -6.00 -39.09
CA PRO B 133 -61.27 -4.81 -39.23
C PRO B 133 -61.72 -3.66 -38.38
N ILE B 134 -60.87 -2.65 -38.26
CA ILE B 134 -61.28 -1.45 -37.57
C ILE B 134 -62.30 -0.72 -38.40
N MET B 135 -63.20 -0.01 -37.75
CA MET B 135 -64.25 0.69 -38.46
C MET B 135 -63.67 1.91 -39.18
N GLY B 136 -64.40 2.33 -40.19
CA GLY B 136 -63.97 3.36 -41.11
C GLY B 136 -64.62 4.70 -40.87
N ASP B 137 -65.69 4.96 -41.63
CA ASP B 137 -66.33 6.27 -41.64
C ASP B 137 -67.48 6.31 -40.64
N GLY B 138 -67.89 7.53 -40.31
CA GLY B 138 -68.95 7.79 -39.36
C GLY B 138 -68.53 8.81 -38.32
N ASP B 139 -69.50 9.27 -37.54
CA ASP B 139 -69.31 10.34 -36.58
C ASP B 139 -69.97 10.00 -35.26
N VAL B 140 -69.42 10.58 -34.18
CA VAL B 140 -69.78 10.19 -32.82
C VAL B 140 -69.78 11.40 -31.90
N GLN B 141 -70.48 11.25 -30.79
CA GLN B 141 -70.48 12.28 -29.75
C GLN B 141 -71.05 11.67 -28.47
N PHE B 142 -71.27 12.51 -27.46
CA PHE B 142 -71.72 12.09 -26.15
C PHE B 142 -73.02 12.79 -25.74
N ARG B 143 -73.82 12.06 -24.97
CA ARG B 143 -75.15 12.47 -24.55
C ARG B 143 -75.27 12.23 -23.05
N LEU B 144 -76.15 12.99 -22.41
CA LEU B 144 -76.30 13.04 -20.98
C LEU B 144 -77.75 12.79 -20.62
N VAL B 145 -77.96 11.92 -19.63
CA VAL B 145 -79.29 11.45 -19.22
C VAL B 145 -79.27 11.29 -17.70
N ASN B 146 -80.39 11.58 -17.06
CA ASN B 146 -80.53 11.36 -15.62
C ASN B 146 -81.13 9.98 -15.32
N GLN B 147 -81.41 9.74 -14.03
CA GLN B 147 -82.09 8.54 -13.60
C GLN B 147 -83.59 8.52 -13.91
N PHE B 148 -84.10 9.52 -14.63
CA PHE B 148 -85.50 9.60 -15.03
C PHE B 148 -85.69 9.37 -16.53
N GLY B 149 -84.65 8.96 -17.24
CA GLY B 149 -84.80 8.50 -18.61
C GLY B 149 -85.01 9.55 -19.65
N GLN B 150 -84.88 10.82 -19.30
CA GLN B 150 -85.00 11.93 -20.22
C GLN B 150 -83.61 12.46 -20.53
N GLU B 151 -83.39 12.86 -21.77
CA GLU B 151 -82.10 13.39 -22.18
C GLU B 151 -81.73 14.64 -21.41
N GLU B 152 -80.65 14.57 -20.65
CA GLU B 152 -80.15 15.70 -19.87
C GLU B 152 -79.13 16.54 -20.64
N GLY B 153 -78.89 16.23 -21.90
CA GLY B 153 -78.19 17.13 -22.80
C GLY B 153 -77.24 16.38 -23.74
N ARG B 154 -76.43 17.17 -24.42
CA ARG B 154 -75.36 16.68 -25.28
C ARG B 154 -74.10 17.46 -25.03
N VAL B 155 -72.99 16.86 -25.40
CA VAL B 155 -71.67 17.39 -25.08
C VAL B 155 -71.11 18.05 -26.32
N TYR B 156 -71.09 19.38 -26.31
CA TYR B 156 -70.47 20.18 -27.36
C TYR B 156 -71.06 19.81 -28.71
N PRO B 157 -72.25 20.28 -29.04
CA PRO B 157 -73.11 19.55 -29.98
C PRO B 157 -72.60 19.51 -31.41
N TRP B 158 -71.46 18.85 -31.59
CA TRP B 158 -70.80 18.67 -32.88
C TRP B 158 -70.00 17.40 -32.76
N ALA B 159 -70.29 16.45 -33.64
CA ALA B 159 -69.65 15.15 -33.57
C ALA B 159 -68.26 15.22 -34.17
N THR B 160 -67.44 14.26 -33.77
CA THR B 160 -66.09 14.12 -34.26
C THR B 160 -66.07 13.00 -35.30
N PRO B 161 -65.19 13.04 -36.30
CA PRO B 161 -65.15 11.93 -37.24
C PRO B 161 -64.57 10.69 -36.59
N LEU B 162 -65.00 9.54 -37.10
CA LEU B 162 -64.48 8.26 -36.62
C LEU B 162 -63.01 8.12 -36.90
N TYR B 163 -62.54 8.62 -38.05
CA TYR B 163 -61.25 8.17 -38.56
C TYR B 163 -60.09 8.77 -37.77
N ARG B 164 -60.28 9.97 -37.22
CA ARG B 164 -59.19 10.60 -36.49
C ARG B 164 -58.83 9.81 -35.25
N TRP B 165 -59.79 9.09 -34.68
CA TRP B 165 -59.47 8.19 -33.58
C TRP B 165 -58.46 7.15 -34.00
N HIS B 166 -58.55 6.67 -35.24
CA HIS B 166 -57.56 5.72 -35.72
C HIS B 166 -56.25 6.41 -36.02
N ASP B 167 -56.33 7.56 -36.68
CA ASP B 167 -55.17 8.11 -37.38
C ASP B 167 -54.04 8.51 -36.47
N PHE B 168 -54.31 8.74 -35.19
CA PHE B 168 -53.30 9.23 -34.26
C PHE B 168 -52.74 8.10 -33.41
N PRO B 169 -51.53 8.26 -32.86
CA PRO B 169 -51.04 7.34 -31.84
C PRO B 169 -51.64 7.65 -30.48
N GLN B 170 -52.79 7.04 -30.21
CA GLN B 170 -53.71 7.37 -29.12
C GLN B 170 -53.08 7.77 -27.79
N LEU B 171 -51.97 7.14 -27.45
CA LEU B 171 -51.39 7.27 -26.12
C LEU B 171 -50.45 8.45 -26.00
N LYS B 172 -49.87 8.90 -27.10
CA LYS B 172 -48.85 9.93 -27.06
C LYS B 172 -49.48 11.27 -26.68
N ARG B 173 -48.93 11.93 -25.68
CA ARG B 173 -49.38 13.26 -25.35
C ARG B 173 -48.99 14.20 -26.48
N GLY B 174 -49.85 15.18 -26.75
CA GLY B 174 -49.76 15.99 -27.92
C GLY B 174 -50.54 15.42 -29.09
N ARG B 175 -50.43 14.11 -29.31
CA ARG B 175 -51.19 13.42 -30.32
C ARG B 175 -52.46 12.77 -29.79
N GLU B 176 -52.59 12.62 -28.47
CA GLU B 176 -53.76 12.02 -27.89
C GLU B 176 -55.00 12.85 -28.22
N ILE B 177 -56.15 12.23 -27.99
CA ILE B 177 -57.44 12.86 -28.22
C ILE B 177 -57.84 13.66 -27.00
N ASN B 178 -58.43 14.82 -27.25
CA ASN B 178 -59.08 15.62 -26.22
C ASN B 178 -60.24 16.34 -26.87
N LEU B 179 -61.46 15.90 -26.60
CA LEU B 179 -62.63 16.56 -27.13
C LEU B 179 -62.84 17.87 -26.39
N HIS B 180 -63.93 18.55 -26.71
CA HIS B 180 -64.25 19.85 -26.15
C HIS B 180 -65.54 19.76 -25.34
N GLY B 181 -65.58 20.51 -24.25
CA GLY B 181 -66.73 20.59 -23.37
C GLY B 181 -66.41 20.05 -21.99
N SER B 182 -67.45 20.07 -21.15
CA SER B 182 -67.38 19.56 -19.80
C SER B 182 -68.73 18.95 -19.46
N VAL B 183 -68.74 18.16 -18.39
CA VAL B 183 -69.97 17.58 -17.90
C VAL B 183 -69.71 16.98 -16.53
N THR B 184 -70.75 16.97 -15.69
CA THR B 184 -70.69 16.36 -14.38
C THR B 184 -71.86 15.40 -14.22
N TRP B 185 -71.56 14.19 -13.81
CA TRP B 185 -72.55 13.17 -13.55
C TRP B 185 -73.20 13.42 -12.19
N GLU B 186 -74.30 12.73 -11.96
CA GLU B 186 -74.84 12.56 -10.62
C GLU B 186 -75.23 11.09 -10.49
N GLU B 187 -75.89 10.74 -9.39
CA GLU B 187 -75.78 9.39 -8.81
C GLU B 187 -76.24 8.27 -9.74
N ASN B 188 -77.53 8.24 -10.06
CA ASN B 188 -78.05 7.25 -11.00
C ASN B 188 -78.15 7.82 -12.42
N GLU B 189 -77.50 8.95 -12.68
CA GLU B 189 -77.44 9.47 -14.03
C GLU B 189 -76.55 8.60 -14.90
N THR B 190 -76.44 9.00 -16.16
CA THR B 190 -75.83 8.16 -17.18
C THR B 190 -75.40 9.06 -18.34
N VAL B 191 -74.36 8.61 -19.04
CA VAL B 191 -73.88 9.29 -20.25
C VAL B 191 -73.64 8.25 -21.32
N GLU B 192 -74.21 8.50 -22.50
CA GLU B 192 -74.22 7.55 -23.59
C GLU B 192 -73.38 8.08 -24.75
N VAL B 193 -72.52 7.21 -25.27
CA VAL B 193 -71.76 7.48 -26.47
C VAL B 193 -72.63 7.10 -27.65
N LEU B 194 -72.85 8.07 -28.54
CA LEU B 194 -73.65 7.93 -29.74
C LEU B 194 -72.76 7.90 -30.97
N LEU B 195 -73.27 7.26 -32.01
CA LEU B 195 -72.58 7.04 -33.28
C LEU B 195 -73.59 7.01 -34.41
N ASP B 196 -73.13 7.41 -35.59
CA ASP B 196 -73.78 7.06 -36.85
C ASP B 196 -72.69 6.61 -37.81
N ALA B 197 -73.01 5.59 -38.60
CA ALA B 197 -72.03 4.91 -39.44
C ALA B 197 -72.78 3.90 -40.29
N PRO B 198 -72.18 3.44 -41.37
CA PRO B 198 -72.90 2.52 -42.25
C PRO B 198 -72.98 1.11 -41.68
N GLN B 199 -71.92 0.71 -40.99
CA GLN B 199 -71.62 -0.69 -40.74
C GLN B 199 -71.71 -1.01 -39.25
N ALA B 200 -71.91 -2.29 -38.96
CA ALA B 200 -72.19 -2.77 -37.61
C ALA B 200 -70.90 -3.00 -36.86
N ILE B 201 -70.46 -2.01 -36.10
CA ILE B 201 -69.49 -2.24 -35.04
C ILE B 201 -70.08 -3.23 -34.07
N THR B 202 -69.25 -4.12 -33.56
CA THR B 202 -69.70 -5.24 -32.76
C THR B 202 -68.66 -5.55 -31.69
N TRP B 203 -69.00 -6.53 -30.84
CA TRP B 203 -68.16 -6.89 -29.72
C TRP B 203 -68.33 -8.38 -29.43
N GLU B 204 -67.30 -8.94 -28.79
CA GLU B 204 -67.39 -10.22 -28.09
C GLU B 204 -67.80 -11.35 -29.01
N ASP B 205 -67.29 -11.34 -30.24
CA ASP B 205 -67.35 -12.53 -31.07
C ASP B 205 -66.57 -13.64 -30.39
N SER B 206 -67.22 -14.77 -30.21
CA SER B 206 -66.61 -15.86 -29.46
C SER B 206 -65.38 -16.40 -30.14
N ASP B 207 -65.38 -16.42 -31.48
CA ASP B 207 -64.29 -17.00 -32.24
C ASP B 207 -63.12 -16.04 -32.44
N TYR B 208 -63.19 -14.85 -31.88
CA TYR B 208 -62.13 -13.88 -32.06
C TYR B 208 -60.94 -14.23 -31.16
N PRO B 209 -59.71 -14.16 -31.65
CA PRO B 209 -58.60 -14.73 -30.88
C PRO B 209 -58.02 -13.85 -29.78
N GLU B 210 -57.93 -12.54 -30.02
CA GLU B 210 -57.01 -11.73 -29.23
C GLU B 210 -57.50 -11.41 -27.84
N GLY B 211 -58.68 -11.87 -27.46
CA GLY B 211 -59.22 -11.61 -26.15
C GLY B 211 -60.71 -11.80 -26.17
N GLN B 212 -61.35 -11.24 -25.15
CA GLN B 212 -62.80 -11.25 -25.09
C GLN B 212 -63.42 -10.11 -25.86
N TYR B 213 -62.65 -9.07 -26.21
CA TYR B 213 -63.18 -7.83 -26.73
C TYR B 213 -62.47 -7.44 -28.01
N VAL B 214 -63.25 -7.19 -29.06
CA VAL B 214 -62.69 -6.74 -30.33
C VAL B 214 -62.44 -5.26 -30.33
N SER B 215 -63.23 -4.50 -29.59
CA SER B 215 -63.21 -3.06 -29.61
C SER B 215 -63.32 -2.54 -28.18
N THR B 216 -62.73 -1.38 -27.96
CA THR B 216 -62.53 -0.88 -26.60
C THR B 216 -62.67 0.63 -26.54
N PHE B 217 -62.95 1.11 -25.34
CA PHE B 217 -63.11 2.53 -25.04
C PHE B 217 -62.44 2.79 -23.70
N GLU B 218 -61.74 3.92 -23.62
CA GLU B 218 -61.24 4.44 -22.36
C GLU B 218 -61.42 5.95 -22.37
N GLN B 219 -61.52 6.51 -21.17
CA GLN B 219 -61.60 7.95 -21.01
C GLN B 219 -61.07 8.32 -19.66
N ASP B 220 -60.06 9.19 -19.64
CA ASP B 220 -59.56 9.76 -18.41
C ASP B 220 -60.65 10.61 -17.78
N VAL B 221 -60.68 10.61 -16.45
CA VAL B 221 -61.79 11.20 -15.71
C VAL B 221 -61.27 11.67 -14.37
N GLU B 222 -62.05 12.49 -13.71
CA GLU B 222 -61.81 12.88 -12.33
C GLU B 222 -63.04 12.52 -11.51
N ILE B 223 -62.78 12.11 -10.27
CA ILE B 223 -63.80 11.58 -9.38
C ILE B 223 -63.76 12.38 -8.10
N THR B 224 -64.86 13.04 -7.77
CA THR B 224 -64.96 13.83 -6.55
C THR B 224 -65.41 12.89 -5.43
N LEU B 225 -64.52 11.95 -5.11
CA LEU B 225 -64.79 10.91 -4.12
C LEU B 225 -66.05 10.11 -4.44
N GLU C 1 -29.01 1.65 48.18
CA GLU C 1 -29.19 0.22 48.03
C GLU C 1 -30.36 -0.06 47.09
N TYR C 2 -30.24 -1.15 46.35
CA TYR C 2 -31.28 -1.61 45.43
C TYR C 2 -31.73 -2.98 45.88
N THR C 3 -33.04 -3.13 46.09
CA THR C 3 -33.63 -4.36 46.57
C THR C 3 -34.74 -4.78 45.61
N ILE C 4 -34.93 -6.08 45.50
CA ILE C 4 -35.89 -6.69 44.58
C ILE C 4 -36.57 -7.85 45.28
N SER C 5 -37.47 -8.48 44.55
CA SER C 5 -38.13 -9.70 44.99
C SER C 5 -37.36 -10.90 44.48
N HIS C 6 -37.64 -12.04 45.09
CA HIS C 6 -36.99 -13.29 44.76
C HIS C 6 -37.83 -14.39 45.36
N THR C 7 -37.48 -15.64 45.04
CA THR C 7 -38.26 -16.81 45.44
C THR C 7 -37.31 -17.84 46.04
N GLY C 8 -37.24 -17.85 47.36
CA GLY C 8 -36.56 -18.94 48.01
C GLY C 8 -37.32 -20.22 47.75
N GLY C 9 -36.59 -21.27 47.40
CA GLY C 9 -37.20 -22.50 46.97
C GLY C 9 -36.43 -23.73 47.40
N THR C 10 -36.84 -24.87 46.88
CA THR C 10 -36.18 -26.13 47.20
C THR C 10 -34.72 -26.11 46.82
N LEU C 11 -34.39 -25.43 45.72
CA LEU C 11 -33.03 -25.34 45.21
C LEU C 11 -32.49 -23.92 45.31
N GLY C 12 -33.22 -22.96 44.74
CA GLY C 12 -32.96 -21.56 44.98
C GLY C 12 -31.61 -21.08 44.54
N SER C 13 -31.30 -19.87 44.94
CA SER C 13 -30.12 -19.15 44.50
C SER C 13 -28.82 -19.78 44.96
N SER C 14 -28.84 -20.75 45.86
CA SER C 14 -27.65 -21.45 46.29
C SER C 14 -27.95 -22.93 46.47
N LYS C 15 -27.05 -23.78 45.98
CA LYS C 15 -27.17 -25.23 46.12
C LYS C 15 -26.44 -25.74 47.36
N VAL C 16 -26.82 -25.13 48.48
CA VAL C 16 -26.37 -25.56 49.80
C VAL C 16 -27.51 -25.69 50.78
N THR C 17 -28.71 -25.21 50.43
CA THR C 17 -29.93 -25.52 51.15
C THR C 17 -30.03 -27.01 51.42
N THR C 18 -30.51 -27.34 52.61
CA THR C 18 -30.70 -28.71 53.05
C THR C 18 -32.18 -29.03 53.10
N ALA C 19 -32.53 -30.20 52.60
CA ALA C 19 -33.85 -30.79 52.77
C ALA C 19 -33.67 -32.16 53.38
N ALA C 20 -34.26 -32.36 54.57
CA ALA C 20 -34.20 -33.65 55.21
C ALA C 20 -35.52 -33.91 55.92
N ASN C 21 -35.70 -35.14 56.33
CA ASN C 21 -36.99 -35.60 56.82
C ASN C 21 -37.10 -35.43 58.32
N GLN C 22 -38.32 -35.57 58.81
CA GLN C 22 -38.64 -35.52 60.22
C GLN C 22 -38.58 -36.92 60.79
N THR C 23 -39.13 -37.09 61.99
CA THR C 23 -39.13 -38.36 62.71
C THR C 23 -40.55 -38.78 63.02
N SER C 24 -40.67 -40.05 63.39
CA SER C 24 -41.98 -40.66 63.56
C SER C 24 -42.64 -40.31 64.88
N PRO C 25 -41.92 -40.33 66.01
CA PRO C 25 -42.49 -39.76 67.23
C PRO C 25 -42.86 -38.30 67.04
N GLN C 26 -43.89 -37.87 67.76
CA GLN C 26 -44.41 -36.51 67.62
C GLN C 26 -43.38 -35.56 68.20
N ARG C 27 -42.43 -35.20 67.35
CA ARG C 27 -41.34 -34.31 67.69
C ARG C 27 -41.20 -33.26 66.62
N GLU C 28 -41.03 -32.01 67.03
CA GLU C 28 -40.77 -30.96 66.07
C GLU C 28 -39.33 -31.01 65.65
N THR C 29 -39.10 -31.06 64.33
CA THR C 29 -37.78 -31.30 63.76
C THR C 29 -37.57 -30.34 62.60
N ALA C 30 -36.42 -30.50 61.96
CA ALA C 30 -36.00 -29.63 60.87
C ALA C 30 -36.33 -30.29 59.54
N ILE C 31 -37.21 -29.67 58.78
CA ILE C 31 -37.60 -30.16 57.47
C ILE C 31 -36.65 -29.57 56.46
N ILE C 32 -36.55 -28.25 56.44
CA ILE C 32 -35.77 -27.55 55.43
C ILE C 32 -34.92 -26.51 56.13
N GLY C 33 -33.71 -26.30 55.60
CA GLY C 33 -32.83 -25.23 56.03
C GLY C 33 -32.29 -24.43 54.86
N PHE C 34 -32.67 -23.15 54.83
CA PHE C 34 -32.14 -22.16 53.92
C PHE C 34 -30.92 -21.52 54.58
N GLU C 35 -29.73 -21.87 54.10
CA GLU C 35 -28.50 -21.24 54.55
C GLU C 35 -28.19 -20.09 53.61
N CYS C 36 -27.99 -18.90 54.16
CA CYS C 36 -27.78 -17.75 53.32
C CYS C 36 -26.41 -17.82 52.67
N PRO C 37 -26.24 -17.34 51.43
CA PRO C 37 -24.92 -17.36 50.80
C PRO C 37 -24.13 -16.10 51.08
N ARG C 38 -22.94 -16.00 50.49
CA ARG C 38 -22.19 -14.76 50.49
C ARG C 38 -22.47 -13.88 49.28
N LYS C 39 -23.20 -14.39 48.29
CA LYS C 39 -23.54 -13.60 47.12
C LYS C 39 -24.27 -12.33 47.50
N PHE C 40 -25.15 -12.43 48.48
CA PHE C 40 -26.09 -11.39 48.86
C PHE C 40 -25.59 -10.67 50.09
N ALA C 41 -26.24 -9.54 50.36
CA ALA C 41 -25.93 -8.77 51.57
C ALA C 41 -26.83 -9.18 52.73
N GLU C 42 -28.13 -9.19 52.50
CA GLU C 42 -29.08 -9.65 53.50
C GLU C 42 -30.38 -9.95 52.81
N ILE C 43 -31.25 -10.65 53.54
CA ILE C 43 -32.51 -11.16 53.02
C ILE C 43 -33.57 -10.85 54.05
N GLU C 44 -34.79 -10.62 53.56
CA GLU C 44 -35.90 -10.22 54.39
C GLU C 44 -37.14 -10.97 53.96
N TYR C 45 -37.88 -11.51 54.93
CA TYR C 45 -39.23 -12.00 54.73
C TYR C 45 -40.15 -11.31 55.71
N VAL C 46 -41.29 -10.89 55.20
CA VAL C 46 -42.25 -10.06 55.92
C VAL C 46 -43.60 -10.76 55.81
N GLY C 47 -44.03 -11.36 56.92
CA GLY C 47 -45.38 -11.87 56.98
C GLY C 47 -46.41 -10.77 56.79
N GLN C 48 -47.60 -11.19 56.35
CA GLN C 48 -48.73 -10.32 56.02
C GLN C 48 -48.53 -9.49 54.75
N ARG C 49 -47.37 -9.58 54.12
CA ARG C 49 -47.06 -8.87 52.89
C ARG C 49 -46.61 -9.81 51.79
N ASP C 50 -45.71 -10.73 52.12
CA ASP C 50 -45.09 -11.63 51.16
C ASP C 50 -45.61 -13.05 51.37
N SER C 51 -45.66 -13.81 50.28
CA SER C 51 -46.42 -15.04 50.24
C SER C 51 -45.53 -16.27 50.38
N THR C 52 -46.19 -17.39 50.60
CA THR C 52 -45.52 -18.66 50.82
C THR C 52 -46.39 -19.78 50.28
N ARG C 53 -45.74 -20.82 49.78
CA ARG C 53 -46.38 -21.91 49.07
C ARG C 53 -45.76 -23.20 49.56
N PHE C 54 -46.58 -24.24 49.68
CA PHE C 54 -46.12 -25.48 50.28
C PHE C 54 -46.99 -26.63 49.82
N ILE C 55 -46.36 -27.67 49.30
CA ILE C 55 -47.02 -28.92 48.94
C ILE C 55 -46.21 -30.04 49.55
N PRO C 56 -46.65 -30.58 50.69
CA PRO C 56 -45.98 -31.73 51.30
C PRO C 56 -46.62 -33.06 50.96
N ARG C 57 -45.77 -34.03 50.68
CA ARG C 57 -46.22 -35.34 50.22
C ARG C 57 -45.33 -36.42 50.80
N THR C 58 -45.96 -37.45 51.35
CA THR C 58 -45.31 -38.54 52.05
C THR C 58 -45.26 -39.76 51.14
N THR C 59 -44.89 -40.90 51.73
CA THR C 59 -44.69 -42.14 51.00
C THR C 59 -45.31 -43.31 51.74
N GLU C 60 -45.90 -44.24 50.98
CA GLU C 60 -46.37 -45.50 51.50
C GLU C 60 -46.18 -46.57 50.44
N SER C 61 -46.31 -47.82 50.85
CA SER C 61 -46.08 -48.98 49.99
C SER C 61 -47.13 -50.03 50.27
N ILE C 62 -47.39 -50.87 49.27
CA ILE C 62 -48.37 -51.93 49.39
C ILE C 62 -47.99 -53.11 48.52
N THR C 63 -48.52 -54.27 48.88
CA THR C 63 -48.28 -55.54 48.24
C THR C 63 -49.58 -56.04 47.61
N GLY C 64 -49.46 -56.73 46.47
CA GLY C 64 -50.60 -57.12 45.68
C GLY C 64 -51.12 -58.52 45.94
N THR C 65 -52.40 -58.71 45.61
CA THR C 65 -53.05 -60.00 45.58
C THR C 65 -54.45 -59.80 45.01
N ALA C 66 -55.20 -60.90 44.94
CA ALA C 66 -56.54 -60.87 44.38
C ALA C 66 -57.46 -60.01 45.24
N GLY C 67 -58.22 -59.13 44.60
CA GLY C 67 -59.11 -58.23 45.30
C GLY C 67 -58.48 -56.93 45.75
N ASP C 68 -57.30 -56.59 45.25
CA ASP C 68 -56.56 -55.41 45.70
C ASP C 68 -56.90 -54.18 44.86
N ASP C 69 -58.19 -53.93 44.71
CA ASP C 69 -58.65 -52.71 44.06
C ASP C 69 -58.67 -51.54 45.01
N THR C 70 -59.00 -51.79 46.27
CA THR C 70 -59.15 -50.77 47.29
C THR C 70 -57.83 -50.60 48.02
N VAL C 71 -57.20 -49.46 47.80
CA VAL C 71 -56.02 -49.10 48.55
C VAL C 71 -56.45 -48.63 49.94
N VAL C 72 -55.84 -49.23 50.94
CA VAL C 72 -56.27 -49.19 52.33
C VAL C 72 -56.03 -47.83 52.94
N SER C 73 -56.48 -47.68 54.18
CA SER C 73 -56.17 -46.53 55.02
C SER C 73 -54.70 -46.16 54.95
N LEU C 74 -54.44 -44.90 54.63
CA LEU C 74 -53.09 -44.37 54.46
C LEU C 74 -52.57 -43.66 55.69
N THR C 75 -53.32 -43.68 56.79
CA THR C 75 -52.86 -43.09 58.04
C THR C 75 -52.60 -41.60 57.89
N ALA C 76 -53.58 -40.90 57.30
CA ALA C 76 -53.52 -39.46 57.20
C ALA C 76 -54.91 -38.93 56.95
N ASN C 77 -55.32 -37.96 57.74
CA ASN C 77 -56.65 -37.41 57.61
C ASN C 77 -56.68 -36.57 56.35
N ILE C 78 -57.04 -37.21 55.24
CA ILE C 78 -57.04 -36.55 53.95
C ILE C 78 -58.15 -35.51 53.94
N GLN C 79 -57.92 -34.45 53.17
CA GLN C 79 -58.80 -33.31 53.06
C GLN C 79 -59.12 -33.09 51.59
N PRO C 80 -60.20 -32.36 51.28
CA PRO C 80 -60.38 -31.91 49.89
C PRO C 80 -59.38 -30.83 49.58
N VAL C 81 -58.96 -30.80 48.32
CA VAL C 81 -58.07 -29.76 47.83
C VAL C 81 -58.93 -28.63 47.29
N ALA C 82 -58.78 -27.45 47.86
CA ALA C 82 -59.60 -26.31 47.54
C ALA C 82 -61.08 -26.59 47.78
N GLY C 83 -61.38 -27.43 48.76
CA GLY C 83 -62.74 -27.86 49.01
C GLY C 83 -63.28 -28.87 48.03
N GLU C 84 -62.45 -29.37 47.11
CA GLU C 84 -62.87 -30.25 46.03
C GLU C 84 -62.32 -31.65 46.24
N THR C 85 -63.11 -32.65 45.82
CA THR C 85 -62.80 -34.05 46.02
C THR C 85 -62.70 -34.84 44.73
N ALA C 86 -63.14 -34.28 43.60
CA ALA C 86 -63.00 -34.92 42.30
C ALA C 86 -61.67 -34.50 41.69
N ILE C 87 -60.83 -35.49 41.34
CA ILE C 87 -59.40 -35.27 41.12
C ILE C 87 -59.17 -34.28 39.99
N GLU C 88 -59.77 -34.55 38.84
CA GLU C 88 -59.47 -33.83 37.61
C GLU C 88 -59.74 -32.34 37.72
N ASP C 89 -60.60 -31.92 38.63
CA ASP C 89 -60.84 -30.50 38.88
C ASP C 89 -59.85 -29.91 39.88
N GLN C 90 -59.05 -30.74 40.54
CA GLN C 90 -58.21 -30.25 41.61
C GLN C 90 -56.99 -29.53 41.08
N ASP C 91 -56.52 -28.55 41.84
CA ASP C 91 -55.34 -27.81 41.46
C ASP C 91 -54.09 -28.67 41.49
N TYR C 92 -54.10 -29.76 42.24
CA TYR C 92 -52.98 -30.69 42.26
C TYR C 92 -53.45 -31.99 42.87
N PRO C 93 -52.78 -33.10 42.56
CA PRO C 93 -53.33 -34.40 42.94
C PRO C 93 -53.19 -34.64 44.43
N VAL C 94 -54.29 -35.06 45.04
CA VAL C 94 -54.28 -35.47 46.44
C VAL C 94 -53.31 -36.61 46.65
N ALA C 95 -53.15 -37.48 45.66
CA ALA C 95 -52.32 -38.64 45.84
C ALA C 95 -52.10 -39.30 44.49
N VAL C 96 -50.95 -39.96 44.38
CA VAL C 96 -50.52 -40.59 43.15
C VAL C 96 -49.94 -41.95 43.51
N ALA C 97 -49.92 -42.85 42.54
CA ALA C 97 -49.40 -44.18 42.80
C ALA C 97 -48.77 -44.77 41.54
N TYR C 98 -47.91 -45.75 41.79
CA TYR C 98 -46.97 -46.23 40.79
C TYR C 98 -46.65 -47.68 41.07
N ASN C 99 -46.85 -48.53 40.08
CA ASN C 99 -46.45 -49.93 40.19
C ASN C 99 -44.97 -50.00 39.89
N VAL C 100 -44.23 -50.68 40.78
CA VAL C 100 -42.78 -50.73 40.64
C VAL C 100 -42.38 -51.87 39.72
N THR C 101 -43.03 -53.02 39.88
CA THR C 101 -42.68 -54.18 39.07
C THR C 101 -42.95 -53.90 37.59
N GLN C 102 -44.05 -53.22 37.31
CA GLN C 102 -44.29 -52.74 35.96
C GLN C 102 -43.51 -51.46 35.69
N GLY C 103 -43.24 -50.68 36.72
CA GLY C 103 -42.51 -49.43 36.53
C GLY C 103 -43.36 -48.42 35.80
N VAL C 104 -44.61 -48.24 36.23
CA VAL C 104 -45.58 -47.42 35.51
C VAL C 104 -46.42 -46.62 36.49
N GLN C 105 -47.08 -45.61 35.94
CA GLN C 105 -48.04 -44.78 36.65
C GLN C 105 -49.36 -45.51 36.77
N VAL C 106 -50.17 -45.14 37.76
CA VAL C 106 -51.53 -45.61 37.86
C VAL C 106 -52.42 -44.47 38.31
N ASP C 107 -53.62 -44.42 37.74
CA ASP C 107 -54.60 -43.40 38.08
C ASP C 107 -55.46 -43.87 39.23
N ILE C 108 -56.41 -43.03 39.63
CA ILE C 108 -57.23 -43.24 40.81
C ILE C 108 -58.66 -42.89 40.45
N ASP C 109 -59.59 -43.69 40.97
CA ASP C 109 -61.01 -43.58 40.65
C ASP C 109 -61.83 -43.15 41.85
N ALA C 110 -61.79 -43.89 42.96
CA ALA C 110 -62.69 -43.67 44.09
C ALA C 110 -61.89 -43.28 45.32
N VAL C 111 -62.53 -42.51 46.21
CA VAL C 111 -61.86 -41.84 47.31
C VAL C 111 -62.73 -41.93 48.56
N ASP C 112 -62.11 -41.81 49.72
CA ASP C 112 -62.81 -41.68 51.00
C ASP C 112 -61.86 -41.03 51.99
N TYR C 113 -62.25 -39.87 52.52
CA TYR C 113 -61.35 -39.04 53.31
C TYR C 113 -61.39 -39.36 54.79
N ALA C 114 -62.50 -39.86 55.31
CA ALA C 114 -62.55 -40.30 56.69
C ALA C 114 -61.91 -41.66 56.85
N ALA C 115 -62.21 -42.58 55.94
CA ALA C 115 -61.54 -43.86 55.92
C ALA C 115 -60.08 -43.73 55.50
N ASP C 116 -59.71 -42.62 54.86
CA ASP C 116 -58.37 -42.42 54.34
C ASP C 116 -58.05 -43.46 53.26
N GLU C 117 -59.07 -43.87 52.53
CA GLU C 117 -58.98 -44.97 51.57
C GLU C 117 -59.17 -44.44 50.16
N VAL C 118 -58.68 -45.20 49.19
CA VAL C 118 -58.96 -44.93 47.79
C VAL C 118 -59.11 -46.25 47.06
N THR C 119 -59.41 -46.17 45.76
CA THR C 119 -59.66 -47.36 44.97
C THR C 119 -59.30 -47.04 43.52
N LEU C 120 -58.65 -48.01 42.89
CA LEU C 120 -58.01 -47.86 41.59
C LEU C 120 -58.71 -48.72 40.56
N ALA C 121 -58.18 -48.66 39.33
CA ALA C 121 -58.63 -49.47 38.22
C ALA C 121 -57.68 -50.60 37.86
N ASP C 122 -56.42 -50.52 38.28
CA ASP C 122 -55.42 -51.52 37.95
C ASP C 122 -55.37 -52.49 39.13
N ASN C 123 -56.06 -53.60 39.00
CA ASN C 123 -55.97 -54.64 40.00
C ASN C 123 -54.55 -55.19 39.98
N PRO C 124 -53.70 -54.93 40.98
CA PRO C 124 -52.32 -55.39 40.89
C PRO C 124 -52.25 -56.91 41.00
N ALA C 125 -51.05 -57.43 40.77
CA ALA C 125 -50.84 -58.86 40.70
C ALA C 125 -50.37 -59.39 42.04
N ASP C 126 -50.76 -60.62 42.35
CA ASP C 126 -50.29 -61.29 43.55
C ASP C 126 -48.79 -61.53 43.43
N GLY C 127 -48.03 -60.85 44.29
CA GLY C 127 -46.60 -60.79 44.21
C GLY C 127 -46.07 -59.48 43.67
N ASP C 128 -46.93 -58.49 43.44
CA ASP C 128 -46.53 -57.19 42.91
C ASP C 128 -46.42 -56.17 44.04
N THR C 129 -45.76 -55.06 43.73
CA THR C 129 -45.54 -53.98 44.68
C THR C 129 -45.89 -52.63 44.05
N VAL C 130 -46.58 -51.81 44.83
CA VAL C 130 -46.97 -50.47 44.41
C VAL C 130 -46.55 -49.50 45.50
N LYS C 131 -46.07 -48.33 45.08
CA LYS C 131 -45.82 -47.22 45.98
C LYS C 131 -46.87 -46.15 45.73
N VAL C 132 -47.15 -45.39 46.78
CA VAL C 132 -48.11 -44.32 46.75
C VAL C 132 -47.48 -43.11 47.41
N TRP C 133 -47.76 -41.94 46.85
CA TRP C 133 -47.32 -40.66 47.39
C TRP C 133 -48.59 -39.84 47.57
N PRO C 134 -49.18 -39.88 48.75
CA PRO C 134 -50.26 -38.94 49.09
C PRO C 134 -49.74 -37.74 49.84
N ILE C 135 -50.57 -36.69 49.80
CA ILE C 135 -50.26 -35.48 50.53
C ILE C 135 -50.20 -35.75 52.01
N MET C 136 -49.59 -34.82 52.72
CA MET C 136 -49.52 -34.86 54.17
C MET C 136 -50.73 -34.17 54.77
N GLY C 137 -51.21 -34.73 55.87
CA GLY C 137 -52.44 -34.27 56.49
C GLY C 137 -52.20 -33.44 57.72
N ASP C 138 -52.37 -34.05 58.88
CA ASP C 138 -52.17 -33.34 60.13
C ASP C 138 -50.70 -33.00 60.29
N GLY C 139 -50.45 -31.93 61.01
CA GLY C 139 -49.11 -31.43 61.24
C GLY C 139 -49.14 -29.94 61.50
N ASP C 140 -48.22 -29.48 62.34
CA ASP C 140 -48.08 -28.07 62.66
C ASP C 140 -46.65 -27.62 62.40
N VAL C 141 -46.52 -26.46 61.75
CA VAL C 141 -45.24 -25.98 61.26
C VAL C 141 -44.97 -24.58 61.79
N GLN C 142 -43.71 -24.18 61.63
CA GLN C 142 -43.30 -22.81 61.91
C GLN C 142 -41.90 -22.61 61.33
N PHE C 143 -41.37 -21.41 61.57
CA PHE C 143 -40.04 -21.02 61.13
C PHE C 143 -39.13 -20.85 62.34
N ARG C 144 -37.85 -21.08 62.10
CA ARG C 144 -36.81 -20.97 63.10
C ARG C 144 -35.62 -20.25 62.50
N LEU C 145 -34.94 -19.49 63.34
CA LEU C 145 -33.65 -18.91 63.02
C LEU C 145 -32.57 -19.74 63.70
N VAL C 146 -31.41 -19.82 63.06
CA VAL C 146 -30.24 -20.46 63.64
C VAL C 146 -29.03 -19.66 63.22
N ASN C 147 -28.17 -19.39 64.18
CA ASN C 147 -26.94 -18.66 63.90
C ASN C 147 -25.94 -19.64 63.30
N GLN C 148 -24.72 -19.20 63.20
CA GLN C 148 -23.65 -19.93 62.54
C GLN C 148 -23.02 -21.00 63.41
N PHE C 149 -23.65 -21.35 64.52
CA PHE C 149 -23.18 -22.40 65.42
C PHE C 149 -24.10 -23.60 65.47
N GLY C 150 -25.38 -23.42 65.15
CA GLY C 150 -26.42 -24.36 65.52
C GLY C 150 -27.26 -23.91 66.68
N GLN C 151 -26.84 -22.85 67.38
CA GLN C 151 -27.66 -22.31 68.44
C GLN C 151 -28.89 -21.64 67.85
N GLU C 152 -30.04 -21.96 68.42
CA GLU C 152 -31.26 -21.26 68.07
C GLU C 152 -31.18 -19.83 68.57
N GLU C 153 -31.58 -18.89 67.73
CA GLU C 153 -31.55 -17.47 68.02
C GLU C 153 -32.92 -16.83 67.92
N GLY C 154 -33.92 -17.54 67.44
CA GLY C 154 -35.26 -17.02 67.47
C GLY C 154 -36.22 -17.71 66.52
N ARG C 155 -37.40 -18.02 67.03
CA ARG C 155 -38.51 -18.41 66.20
C ARG C 155 -39.20 -17.18 65.69
N VAL C 156 -40.22 -17.39 64.88
CA VAL C 156 -41.03 -16.32 64.33
C VAL C 156 -42.48 -16.59 64.73
N TYR C 157 -43.03 -15.71 65.55
CA TYR C 157 -44.44 -15.74 65.87
C TYR C 157 -44.80 -17.05 66.55
N PRO C 158 -44.41 -17.23 67.81
CA PRO C 158 -44.21 -18.58 68.35
C PRO C 158 -45.49 -19.37 68.48
N TRP C 159 -46.07 -19.70 67.33
CA TRP C 159 -47.33 -20.38 67.26
C TRP C 159 -47.33 -21.26 66.03
N ALA C 160 -47.33 -22.56 66.27
CA ALA C 160 -47.15 -23.54 65.21
C ALA C 160 -48.41 -23.51 64.36
N THR C 161 -48.31 -22.90 63.20
CA THR C 161 -49.46 -22.79 62.34
C THR C 161 -49.82 -24.17 61.80
N PRO C 162 -51.11 -24.51 61.67
CA PRO C 162 -51.44 -25.86 61.22
C PRO C 162 -51.11 -26.03 59.75
N LEU C 163 -51.18 -27.27 59.30
CA LEU C 163 -50.75 -27.61 57.96
C LEU C 163 -51.91 -27.63 56.99
N TYR C 164 -53.07 -28.14 57.42
CA TYR C 164 -54.11 -28.48 56.46
C TYR C 164 -54.77 -27.25 55.85
N ARG C 165 -54.45 -26.05 56.34
CA ARG C 165 -54.90 -24.85 55.66
C ARG C 165 -54.23 -24.70 54.30
N TRP C 166 -52.95 -25.09 54.23
CA TRP C 166 -52.23 -25.08 52.97
C TRP C 166 -52.91 -25.93 51.92
N HIS C 167 -53.54 -27.02 52.35
CA HIS C 167 -54.33 -27.84 51.45
C HIS C 167 -55.71 -27.28 51.20
N ASP C 168 -56.35 -26.74 52.23
CA ASP C 168 -57.71 -26.23 52.11
C ASP C 168 -57.82 -25.05 51.16
N PHE C 169 -56.85 -24.21 51.15
CA PHE C 169 -56.96 -22.97 50.40
C PHE C 169 -56.35 -23.14 49.01
N PRO C 170 -56.92 -22.54 47.96
CA PRO C 170 -56.26 -22.59 46.66
C PRO C 170 -55.08 -21.65 46.62
N GLN C 171 -53.91 -22.17 46.98
CA GLN C 171 -52.70 -21.41 47.30
C GLN C 171 -52.35 -20.30 46.31
N LEU C 172 -52.78 -20.42 45.07
CA LEU C 172 -52.32 -19.58 43.98
C LEU C 172 -53.13 -18.30 43.82
N LYS C 173 -54.33 -18.23 44.39
CA LYS C 173 -55.22 -17.11 44.18
C LYS C 173 -54.81 -15.93 45.07
N ARG C 174 -54.90 -14.73 44.52
CA ARG C 174 -54.59 -13.54 45.30
C ARG C 174 -55.65 -13.31 46.36
N GLY C 175 -55.21 -12.92 47.54
CA GLY C 175 -56.10 -12.72 48.66
C GLY C 175 -56.44 -13.97 49.44
N ARG C 176 -56.12 -15.13 48.87
CA ARG C 176 -56.31 -16.41 49.49
C ARG C 176 -55.01 -17.16 49.67
N GLU C 177 -53.96 -16.77 48.96
CA GLU C 177 -52.63 -17.28 49.22
C GLU C 177 -52.24 -16.98 50.66
N ILE C 178 -51.27 -17.72 51.14
CA ILE C 178 -50.94 -17.74 52.55
C ILE C 178 -49.96 -16.61 52.85
N ASN C 179 -50.22 -15.92 53.94
CA ASN C 179 -49.25 -15.06 54.58
C ASN C 179 -49.24 -15.39 56.06
N LEU C 180 -48.05 -15.60 56.58
CA LEU C 180 -47.88 -15.83 58.00
C LEU C 180 -47.73 -14.50 58.70
N HIS C 181 -47.52 -14.57 60.00
CA HIS C 181 -47.30 -13.41 60.84
C HIS C 181 -45.85 -13.39 61.30
N GLY C 182 -45.27 -12.21 61.28
CA GLY C 182 -43.92 -11.98 61.77
C GLY C 182 -43.04 -11.37 60.70
N SER C 183 -41.75 -11.35 61.01
CA SER C 183 -40.75 -10.81 60.11
C SER C 183 -39.42 -11.45 60.45
N VAL C 184 -38.42 -11.15 59.64
CA VAL C 184 -37.13 -11.79 59.79
C VAL C 184 -36.09 -11.10 58.93
N THR C 185 -34.84 -11.11 59.39
CA THR C 185 -33.70 -10.63 58.62
C THR C 185 -32.58 -11.65 58.72
N TRP C 186 -32.21 -12.20 57.58
CA TRP C 186 -31.07 -13.11 57.47
C TRP C 186 -29.76 -12.36 57.68
N GLU C 187 -28.66 -13.10 57.62
CA GLU C 187 -27.34 -12.53 57.49
C GLU C 187 -26.52 -13.55 56.70
N GLU C 188 -25.25 -13.22 56.45
CA GLU C 188 -24.39 -13.91 55.48
C GLU C 188 -24.45 -15.44 55.52
N ASN C 189 -24.06 -16.01 56.66
CA ASN C 189 -23.93 -17.45 56.80
C ASN C 189 -25.01 -18.07 57.68
N GLU C 190 -25.89 -17.26 58.25
CA GLU C 190 -26.90 -17.80 59.13
C GLU C 190 -27.91 -18.63 58.35
N THR C 191 -28.69 -19.41 59.08
CA THR C 191 -29.67 -20.31 58.51
C THR C 191 -31.04 -19.95 59.05
N VAL C 192 -32.04 -20.09 58.17
CA VAL C 192 -33.43 -20.11 58.56
C VAL C 192 -33.93 -21.50 58.23
N GLU C 193 -34.92 -21.97 58.98
CA GLU C 193 -35.39 -23.33 58.85
C GLU C 193 -36.89 -23.41 58.95
N VAL C 194 -37.45 -24.29 58.14
CA VAL C 194 -38.84 -24.67 58.24
C VAL C 194 -38.89 -25.93 59.08
N LEU C 195 -39.61 -25.84 60.20
CA LEU C 195 -39.74 -26.88 61.19
C LEU C 195 -41.18 -27.35 61.25
N LEU C 196 -41.36 -28.59 61.66
CA LEU C 196 -42.65 -29.24 61.61
C LEU C 196 -42.72 -30.37 62.62
N ASP C 197 -43.90 -30.58 63.18
CA ASP C 197 -44.21 -31.78 63.95
C ASP C 197 -45.45 -32.43 63.37
N ALA C 198 -45.38 -33.75 63.19
CA ALA C 198 -46.40 -34.52 62.53
C ALA C 198 -46.03 -35.98 62.64
N PRO C 199 -46.98 -36.88 62.43
CA PRO C 199 -46.67 -38.30 62.61
C PRO C 199 -45.83 -38.89 61.50
N GLN C 200 -46.18 -38.56 60.27
CA GLN C 200 -45.72 -39.30 59.12
C GLN C 200 -44.47 -38.67 58.51
N ALA C 201 -43.65 -39.53 57.92
CA ALA C 201 -42.39 -39.09 57.34
C ALA C 201 -42.63 -38.61 55.92
N ILE C 202 -42.18 -37.40 55.63
CA ILE C 202 -42.31 -36.80 54.32
C ILE C 202 -41.15 -37.30 53.49
N THR C 203 -41.18 -37.02 52.19
CA THR C 203 -40.10 -37.44 51.31
C THR C 203 -39.88 -36.42 50.22
N TRP C 204 -38.67 -36.49 49.67
CA TRP C 204 -38.36 -35.94 48.37
C TRP C 204 -37.45 -36.93 47.65
N GLU C 205 -37.29 -36.71 46.35
CA GLU C 205 -36.24 -37.35 45.58
C GLU C 205 -36.39 -38.87 45.54
N ASP C 206 -37.62 -39.35 45.58
CA ASP C 206 -37.90 -40.75 45.26
C ASP C 206 -37.91 -40.85 43.74
N SER C 207 -36.96 -41.63 43.22
CA SER C 207 -36.74 -41.65 41.78
C SER C 207 -37.92 -42.20 41.00
N ASP C 208 -38.84 -42.91 41.65
CA ASP C 208 -39.93 -43.58 40.96
C ASP C 208 -41.13 -42.69 40.73
N TYR C 209 -40.98 -41.37 40.86
CA TYR C 209 -42.11 -40.46 40.78
C TYR C 209 -42.37 -40.03 39.34
N PRO C 210 -43.64 -39.98 38.89
CA PRO C 210 -43.88 -39.66 37.48
C PRO C 210 -43.75 -38.19 37.11
N GLU C 211 -44.35 -37.28 37.88
CA GLU C 211 -44.48 -35.90 37.45
C GLU C 211 -43.27 -35.04 37.76
N GLY C 212 -42.20 -35.62 38.28
CA GLY C 212 -41.03 -34.83 38.56
C GLY C 212 -40.06 -35.53 39.48
N GLN C 213 -38.97 -34.84 39.79
CA GLN C 213 -37.95 -35.40 40.64
C GLN C 213 -38.24 -35.13 42.11
N TYR C 214 -38.84 -33.99 42.40
CA TYR C 214 -39.20 -33.60 43.75
C TYR C 214 -40.70 -33.77 43.91
N VAL C 215 -41.09 -34.57 44.90
CA VAL C 215 -42.50 -34.88 45.12
C VAL C 215 -43.20 -33.76 45.85
N SER C 216 -42.47 -33.07 46.72
CA SER C 216 -42.98 -31.98 47.52
C SER C 216 -42.15 -30.73 47.26
N THR C 217 -42.70 -29.60 47.67
CA THR C 217 -42.08 -28.32 47.41
C THR C 217 -42.41 -27.31 48.50
N PHE C 218 -41.45 -26.43 48.75
CA PHE C 218 -41.63 -25.28 49.63
C PHE C 218 -41.07 -24.09 48.88
N GLU C 219 -41.86 -23.03 48.80
CA GLU C 219 -41.49 -21.81 48.11
C GLU C 219 -41.90 -20.63 48.96
N GLN C 220 -41.14 -19.55 48.82
CA GLN C 220 -41.41 -18.36 49.61
C GLN C 220 -40.99 -17.13 48.83
N ASP C 221 -41.96 -16.29 48.50
CA ASP C 221 -41.65 -15.02 47.89
C ASP C 221 -41.08 -14.12 48.98
N VAL C 222 -39.88 -13.60 48.75
CA VAL C 222 -39.18 -12.81 49.73
C VAL C 222 -38.48 -11.66 48.99
N GLU C 223 -37.73 -10.88 49.75
CA GLU C 223 -36.98 -9.74 49.22
C GLU C 223 -35.50 -9.94 49.50
N ILE C 224 -34.69 -9.43 48.58
CA ILE C 224 -33.26 -9.62 48.59
C ILE C 224 -32.58 -8.27 48.45
N THR C 225 -31.49 -8.12 49.16
CA THR C 225 -30.64 -6.94 49.06
C THR C 225 -29.57 -7.21 48.00
N LEU C 226 -29.86 -6.79 46.77
CA LEU C 226 -28.97 -6.96 45.62
C LEU C 226 -28.71 -8.42 45.27
N TYR D 1 -76.31 10.13 17.81
CA TYR D 1 -77.19 9.25 18.57
C TYR D 1 -76.69 7.80 18.53
N THR D 2 -76.44 7.24 19.71
CA THR D 2 -75.58 6.07 19.87
C THR D 2 -76.21 5.00 20.74
N ILE D 3 -75.89 3.75 20.43
CA ILE D 3 -76.15 2.60 21.29
C ILE D 3 -75.00 1.63 21.16
N SER D 4 -75.12 0.47 21.81
CA SER D 4 -74.17 -0.62 21.70
C SER D 4 -74.78 -1.68 20.80
N HIS D 5 -74.56 -1.53 19.50
CA HIS D 5 -75.10 -2.38 18.47
C HIS D 5 -73.96 -3.07 17.76
N THR D 6 -74.23 -4.25 17.22
CA THR D 6 -73.21 -5.17 16.76
C THR D 6 -73.40 -5.54 15.30
N GLY D 7 -72.38 -5.25 14.48
CA GLY D 7 -72.29 -5.81 13.15
C GLY D 7 -71.68 -7.19 13.20
N GLY D 8 -71.69 -7.86 12.06
CA GLY D 8 -71.19 -9.22 12.04
C GLY D 8 -71.24 -9.84 10.67
N THR D 9 -71.04 -11.16 10.68
CA THR D 9 -71.14 -12.01 9.49
C THR D 9 -72.37 -11.67 8.69
N LEU D 10 -73.50 -11.72 9.35
CA LEU D 10 -74.75 -11.23 8.80
C LEU D 10 -74.83 -9.73 8.88
N GLY D 11 -74.38 -9.18 10.00
CA GLY D 11 -74.40 -7.75 10.29
C GLY D 11 -75.73 -7.09 10.02
N SER D 12 -75.68 -6.00 9.26
CA SER D 12 -76.82 -5.17 9.01
C SER D 12 -77.37 -5.30 7.60
N SER D 13 -76.56 -5.76 6.66
CA SER D 13 -76.95 -5.78 5.25
C SER D 13 -76.24 -6.93 4.53
N LYS D 14 -76.79 -7.31 3.39
CA LYS D 14 -76.17 -8.30 2.50
C LYS D 14 -75.34 -7.62 1.42
N VAL D 15 -74.49 -6.71 1.87
CA VAL D 15 -73.42 -6.14 1.04
C VAL D 15 -72.06 -6.49 1.59
N THR D 16 -71.97 -6.91 2.84
CA THR D 16 -70.74 -7.47 3.37
C THR D 16 -70.36 -8.72 2.57
N THR D 17 -69.11 -9.11 2.71
CA THR D 17 -68.52 -10.21 1.97
C THR D 17 -67.76 -11.11 2.92
N ALA D 18 -67.72 -12.39 2.59
CA ALA D 18 -66.80 -13.34 3.18
C ALA D 18 -66.13 -14.11 2.07
N ALA D 19 -64.80 -14.09 2.05
CA ALA D 19 -64.02 -14.73 1.02
C ALA D 19 -62.74 -15.28 1.63
N ASN D 20 -62.39 -16.50 1.25
CA ASN D 20 -61.29 -17.21 1.88
C ASN D 20 -59.94 -16.74 1.34
N GLN D 21 -58.89 -17.15 2.03
CA GLN D 21 -57.52 -16.77 1.75
C GLN D 21 -56.79 -17.91 1.05
N THR D 22 -55.47 -17.76 0.92
CA THR D 22 -54.63 -18.61 0.10
C THR D 22 -53.63 -19.38 0.95
N SER D 23 -52.97 -20.35 0.29
CA SER D 23 -51.98 -21.17 0.97
C SER D 23 -50.63 -20.46 1.09
N PRO D 24 -50.11 -19.85 0.03
CA PRO D 24 -48.95 -18.95 0.20
C PRO D 24 -49.25 -17.88 1.23
N GLN D 25 -48.33 -17.69 2.16
CA GLN D 25 -48.61 -16.86 3.32
C GLN D 25 -48.66 -15.41 2.90
N ARG D 26 -49.86 -14.99 2.52
CA ARG D 26 -50.13 -13.65 2.02
C ARG D 26 -51.30 -13.12 2.83
N GLU D 27 -51.18 -11.89 3.31
CA GLU D 27 -52.25 -11.31 4.10
C GLU D 27 -53.33 -10.77 3.17
N THR D 28 -54.51 -11.39 3.22
CA THR D 28 -55.58 -11.15 2.27
C THR D 28 -56.86 -10.81 2.99
N ALA D 29 -57.76 -10.18 2.23
CA ALA D 29 -59.04 -9.73 2.78
C ALA D 29 -59.94 -10.92 3.01
N ILE D 30 -60.27 -11.16 4.28
CA ILE D 30 -61.22 -12.20 4.62
C ILE D 30 -62.61 -11.61 4.47
N ILE D 31 -62.94 -10.62 5.29
CA ILE D 31 -64.33 -10.17 5.39
C ILE D 31 -64.37 -8.66 5.41
N GLY D 32 -65.23 -8.10 4.57
CA GLY D 32 -65.36 -6.66 4.42
C GLY D 32 -66.77 -6.21 4.78
N PHE D 33 -66.84 -5.21 5.65
CA PHE D 33 -68.08 -4.58 6.06
C PHE D 33 -68.22 -3.34 5.19
N GLU D 34 -68.96 -3.48 4.11
CA GLU D 34 -69.30 -2.32 3.28
C GLU D 34 -70.41 -1.57 3.98
N CYS D 35 -70.24 -0.26 4.13
CA CYS D 35 -71.19 0.54 4.87
C CYS D 35 -72.56 0.53 4.19
N PRO D 36 -73.59 -0.14 4.72
CA PRO D 36 -74.92 0.12 4.19
C PRO D 36 -75.34 1.49 4.69
N ARG D 37 -76.29 2.09 4.01
CA ARG D 37 -76.72 3.42 4.40
C ARG D 37 -77.71 3.42 5.56
N LYS D 38 -77.90 2.29 6.25
CA LYS D 38 -78.81 2.23 7.39
C LYS D 38 -78.39 3.20 8.46
N PHE D 39 -77.10 3.29 8.69
CA PHE D 39 -76.50 4.30 9.55
C PHE D 39 -75.74 5.26 8.64
N ALA D 40 -75.92 6.55 8.86
CA ALA D 40 -75.26 7.55 8.02
C ALA D 40 -73.76 7.49 8.17
N GLU D 41 -73.29 7.11 9.35
CA GLU D 41 -71.90 6.76 9.54
C GLU D 41 -71.80 5.79 10.70
N ILE D 42 -70.61 5.22 10.85
CA ILE D 42 -70.33 4.25 11.90
C ILE D 42 -69.01 4.64 12.54
N GLU D 43 -68.92 4.39 13.84
CA GLU D 43 -67.70 4.57 14.61
C GLU D 43 -67.35 3.27 15.29
N TYR D 44 -66.07 2.92 15.20
CA TYR D 44 -65.47 1.84 15.96
C TYR D 44 -64.56 2.45 17.00
N VAL D 45 -64.46 1.80 18.16
CA VAL D 45 -63.47 2.17 19.15
C VAL D 45 -62.82 0.91 19.69
N GLY D 46 -61.50 0.82 19.55
CA GLY D 46 -60.74 -0.17 20.28
C GLY D 46 -60.65 0.21 21.74
N GLN D 47 -60.49 -0.83 22.57
CA GLN D 47 -60.39 -0.74 24.03
C GLN D 47 -61.72 -0.46 24.70
N ARG D 48 -62.79 -0.25 23.93
CA ARG D 48 -64.12 0.00 24.44
C ARG D 48 -65.14 -0.95 23.86
N ASP D 49 -65.20 -1.04 22.53
CA ASP D 49 -66.19 -1.83 21.83
C ASP D 49 -65.59 -3.17 21.49
N SER D 50 -66.34 -4.23 21.76
CA SER D 50 -65.79 -5.57 21.78
C SER D 50 -65.83 -6.18 20.39
N THR D 51 -65.23 -7.36 20.27
CA THR D 51 -65.18 -8.09 19.02
C THR D 51 -65.14 -9.58 19.33
N ARG D 52 -65.82 -10.35 18.48
CA ARG D 52 -65.96 -11.79 18.63
C ARG D 52 -65.54 -12.44 17.32
N PHE D 53 -64.89 -13.60 17.43
CA PHE D 53 -64.38 -14.27 16.24
C PHE D 53 -64.22 -15.75 16.55
N ILE D 54 -65.03 -16.57 15.87
CA ILE D 54 -64.88 -18.02 15.91
C ILE D 54 -64.39 -18.41 14.52
N PRO D 55 -63.09 -18.42 14.29
CA PRO D 55 -62.56 -18.92 13.03
C PRO D 55 -62.45 -20.44 13.04
N ARG D 56 -62.37 -20.99 11.84
CA ARG D 56 -62.59 -22.41 11.63
C ARG D 56 -62.25 -22.71 10.17
N THR D 57 -61.74 -23.91 9.92
CA THR D 57 -61.30 -24.32 8.59
C THR D 57 -61.86 -25.70 8.26
N THR D 58 -61.33 -26.37 7.24
CA THR D 58 -61.79 -27.69 6.84
C THR D 58 -60.60 -28.58 6.51
N GLU D 59 -60.70 -29.84 6.94
CA GLU D 59 -59.90 -30.94 6.42
C GLU D 59 -60.85 -32.10 6.20
N SER D 60 -60.33 -33.18 5.61
CA SER D 60 -61.18 -34.29 5.24
C SER D 60 -60.32 -35.53 5.10
N ILE D 61 -60.94 -36.69 5.28
CA ILE D 61 -60.26 -37.97 5.19
C ILE D 61 -61.21 -39.05 4.72
N THR D 62 -60.62 -40.20 4.37
CA THR D 62 -61.30 -41.39 3.93
C THR D 62 -61.13 -42.48 4.99
N GLY D 63 -62.17 -43.29 5.15
CA GLY D 63 -62.15 -44.33 6.15
C GLY D 63 -61.39 -45.56 5.70
N THR D 64 -60.99 -46.35 6.69
CA THR D 64 -60.32 -47.63 6.45
C THR D 64 -60.24 -48.36 7.78
N ALA D 65 -59.69 -49.57 7.72
CA ALA D 65 -59.57 -50.41 8.90
C ALA D 65 -58.65 -49.76 9.93
N GLY D 66 -59.18 -49.53 11.12
CA GLY D 66 -58.41 -48.89 12.18
C GLY D 66 -58.35 -47.39 12.11
N ASP D 67 -59.33 -46.75 11.48
CA ASP D 67 -59.31 -45.31 11.22
C ASP D 67 -60.14 -44.58 12.27
N ASP D 68 -59.70 -44.69 13.52
CA ASP D 68 -60.28 -43.99 14.66
C ASP D 68 -59.44 -42.82 15.12
N THR D 69 -58.13 -42.91 14.94
CA THR D 69 -57.18 -41.91 15.36
C THR D 69 -56.87 -41.01 14.18
N VAL D 70 -57.33 -39.78 14.25
CA VAL D 70 -57.08 -38.80 13.21
C VAL D 70 -55.78 -38.07 13.53
N VAL D 71 -54.97 -37.95 12.49
CA VAL D 71 -53.60 -37.47 12.53
C VAL D 71 -53.57 -35.96 12.69
N SER D 72 -52.36 -35.42 12.84
CA SER D 72 -52.12 -33.98 12.79
C SER D 72 -52.78 -33.36 11.57
N LEU D 73 -53.51 -32.27 11.81
CA LEU D 73 -54.34 -31.64 10.80
C LEU D 73 -53.71 -30.40 10.22
N THR D 74 -52.38 -30.32 10.22
CA THR D 74 -51.66 -29.14 9.73
C THR D 74 -52.08 -27.89 10.48
N ALA D 75 -52.36 -28.05 11.77
CA ALA D 75 -52.95 -26.99 12.57
C ALA D 75 -52.54 -27.18 14.01
N ASN D 76 -51.89 -26.17 14.58
CA ASN D 76 -51.45 -26.23 15.95
C ASN D 76 -52.65 -25.94 16.84
N ILE D 77 -53.25 -26.98 17.37
CA ILE D 77 -54.48 -26.84 18.12
C ILE D 77 -54.14 -26.32 19.51
N GLN D 78 -55.09 -25.61 20.11
CA GLN D 78 -55.00 -25.17 21.48
C GLN D 78 -56.31 -25.48 22.17
N PRO D 79 -56.34 -25.51 23.50
CA PRO D 79 -57.63 -25.63 24.18
C PRO D 79 -58.44 -24.36 24.03
N VAL D 80 -59.66 -24.40 24.54
CA VAL D 80 -60.58 -23.29 24.50
C VAL D 80 -60.79 -22.81 25.93
N ALA D 81 -60.40 -21.57 26.20
CA ALA D 81 -60.35 -21.05 27.56
C ALA D 81 -59.43 -21.91 28.42
N GLY D 82 -58.41 -22.48 27.81
CA GLY D 82 -57.54 -23.41 28.49
C GLY D 82 -58.21 -24.68 28.95
N GLU D 83 -59.41 -24.99 28.44
CA GLU D 83 -60.14 -26.18 28.80
C GLU D 83 -60.06 -27.21 27.67
N THR D 84 -59.82 -28.46 28.04
CA THR D 84 -59.60 -29.55 27.11
C THR D 84 -60.85 -30.39 26.88
N ALA D 85 -61.54 -30.76 27.96
CA ALA D 85 -62.73 -31.58 27.86
C ALA D 85 -63.80 -30.87 27.06
N ILE D 86 -64.20 -31.50 25.95
CA ILE D 86 -64.97 -30.84 24.91
C ILE D 86 -66.31 -30.37 25.44
N GLU D 87 -66.99 -31.26 26.16
CA GLU D 87 -68.36 -31.00 26.61
C GLU D 87 -68.47 -29.76 27.49
N ASP D 88 -67.37 -29.35 28.15
CA ASP D 88 -67.37 -28.23 29.06
C ASP D 88 -66.58 -27.05 28.52
N GLN D 89 -66.43 -26.95 27.20
CA GLN D 89 -65.84 -25.79 26.57
C GLN D 89 -66.94 -24.80 26.21
N ASP D 90 -66.54 -23.55 26.02
CA ASP D 90 -67.46 -22.53 25.54
C ASP D 90 -67.94 -22.85 24.13
N TYR D 91 -67.13 -23.57 23.35
CA TYR D 91 -67.56 -24.02 22.03
C TYR D 91 -66.64 -25.15 21.61
N PRO D 92 -67.06 -25.99 20.67
CA PRO D 92 -66.22 -27.13 20.30
C PRO D 92 -65.04 -26.69 19.48
N VAL D 93 -63.87 -27.18 19.86
CA VAL D 93 -62.66 -26.97 19.08
C VAL D 93 -62.80 -27.53 17.67
N ALA D 94 -63.60 -28.57 17.49
CA ALA D 94 -63.67 -29.19 16.19
C ALA D 94 -64.87 -30.11 16.13
N VAL D 95 -65.37 -30.31 14.92
CA VAL D 95 -66.52 -31.16 14.66
C VAL D 95 -66.18 -32.02 13.46
N ALA D 96 -66.85 -33.17 13.39
CA ALA D 96 -66.67 -34.12 12.29
C ALA D 96 -68.02 -34.60 11.81
N TYR D 97 -68.05 -34.97 10.53
CA TYR D 97 -69.28 -35.35 9.86
C TYR D 97 -68.98 -36.44 8.85
N ASN D 98 -69.61 -37.58 9.03
CA ASN D 98 -69.63 -38.61 8.01
C ASN D 98 -70.64 -38.16 6.97
N VAL D 99 -70.20 -38.03 5.72
CA VAL D 99 -71.10 -37.56 4.67
C VAL D 99 -71.85 -38.73 4.07
N THR D 100 -71.22 -39.90 4.00
CA THR D 100 -71.89 -41.08 3.48
C THR D 100 -73.04 -41.47 4.41
N GLN D 101 -72.73 -41.69 5.68
CA GLN D 101 -73.77 -41.89 6.68
C GLN D 101 -74.51 -40.60 6.98
N GLY D 102 -73.91 -39.46 6.69
CA GLY D 102 -74.62 -38.20 6.84
C GLY D 102 -74.93 -37.82 8.26
N VAL D 103 -74.04 -38.14 9.19
CA VAL D 103 -74.24 -37.86 10.61
C VAL D 103 -73.03 -37.13 11.19
N GLN D 104 -73.32 -36.12 12.00
CA GLN D 104 -72.33 -35.57 12.92
C GLN D 104 -71.77 -36.68 13.79
N VAL D 105 -70.54 -36.46 14.24
CA VAL D 105 -69.79 -37.43 15.01
C VAL D 105 -69.26 -36.76 16.25
N ASP D 106 -69.51 -37.36 17.40
CA ASP D 106 -68.91 -36.90 18.63
C ASP D 106 -67.48 -37.40 18.74
N ILE D 107 -66.74 -36.82 19.68
CA ILE D 107 -65.32 -37.04 19.83
C ILE D 107 -65.06 -37.56 21.23
N ASP D 108 -64.05 -38.41 21.35
CA ASP D 108 -63.70 -39.05 22.61
C ASP D 108 -62.39 -38.59 23.20
N ALA D 109 -61.38 -38.22 22.41
CA ALA D 109 -60.16 -37.75 23.05
C ALA D 109 -59.32 -36.92 22.08
N VAL D 110 -58.37 -36.19 22.65
CA VAL D 110 -57.55 -35.22 21.93
C VAL D 110 -56.15 -35.22 22.52
N ASP D 111 -55.17 -35.02 21.66
CA ASP D 111 -53.83 -34.58 22.05
C ASP D 111 -53.57 -33.29 21.28
N TYR D 112 -53.76 -32.16 21.96
CA TYR D 112 -53.51 -30.85 21.38
C TYR D 112 -52.06 -30.66 20.97
N ALA D 113 -51.13 -31.36 21.62
CA ALA D 113 -49.71 -31.17 21.35
C ALA D 113 -49.34 -31.76 20.00
N ALA D 114 -49.59 -33.06 19.84
CA ALA D 114 -49.41 -33.71 18.55
C ALA D 114 -50.52 -33.38 17.56
N ASP D 115 -51.52 -32.59 17.97
CA ASP D 115 -52.60 -32.16 17.08
C ASP D 115 -53.45 -33.32 16.60
N GLU D 116 -53.48 -34.40 17.37
CA GLU D 116 -54.20 -35.62 17.02
C GLU D 116 -55.50 -35.68 17.79
N VAL D 117 -56.44 -36.46 17.28
CA VAL D 117 -57.70 -36.70 17.97
C VAL D 117 -58.12 -38.15 17.75
N THR D 118 -59.11 -38.57 18.52
CA THR D 118 -59.61 -39.94 18.48
C THR D 118 -61.13 -39.90 18.60
N LEU D 119 -61.79 -40.51 17.63
CA LEU D 119 -63.23 -40.44 17.44
C LEU D 119 -63.92 -41.62 18.09
N ALA D 120 -65.22 -41.75 17.84
CA ALA D 120 -66.05 -42.83 18.34
C ALA D 120 -66.21 -43.97 17.34
N ASP D 121 -66.76 -43.67 16.17
CA ASP D 121 -67.20 -44.67 15.22
C ASP D 121 -66.11 -44.89 14.17
N ASN D 122 -65.60 -46.10 14.10
CA ASN D 122 -64.68 -46.43 13.03
C ASN D 122 -65.44 -46.37 11.71
N PRO D 123 -65.18 -45.40 10.83
CA PRO D 123 -65.98 -45.31 9.62
C PRO D 123 -65.64 -46.44 8.66
N ALA D 124 -66.52 -46.66 7.69
CA ALA D 124 -66.33 -47.75 6.75
C ALA D 124 -65.16 -47.48 5.83
N ASP D 125 -64.44 -48.54 5.47
CA ASP D 125 -63.39 -48.45 4.48
C ASP D 125 -64.01 -48.05 3.15
N GLY D 126 -63.73 -46.81 2.74
CA GLY D 126 -64.37 -46.20 1.59
C GLY D 126 -65.29 -45.05 1.95
N ASP D 127 -65.57 -44.83 3.23
CA ASP D 127 -66.44 -43.75 3.65
C ASP D 127 -65.67 -42.43 3.63
N THR D 128 -66.44 -41.34 3.60
CA THR D 128 -65.92 -39.98 3.53
C THR D 128 -66.31 -39.23 4.80
N VAL D 129 -65.33 -38.62 5.45
CA VAL D 129 -65.55 -37.80 6.62
C VAL D 129 -64.88 -36.45 6.39
N LYS D 130 -65.56 -35.39 6.82
CA LYS D 130 -64.99 -34.07 6.89
C LYS D 130 -64.84 -33.68 8.35
N VAL D 131 -63.86 -32.83 8.61
CA VAL D 131 -63.63 -32.24 9.91
C VAL D 131 -63.51 -30.75 9.73
N TRP D 132 -64.23 -30.00 10.57
CA TRP D 132 -64.10 -28.56 10.67
C TRP D 132 -63.48 -28.28 12.03
N PRO D 133 -62.15 -28.06 12.10
CA PRO D 133 -61.54 -27.61 13.35
C PRO D 133 -61.36 -26.11 13.38
N ILE D 134 -60.94 -25.57 14.52
CA ILE D 134 -60.65 -24.15 14.55
C ILE D 134 -59.47 -23.84 13.65
N MET D 135 -59.31 -22.55 13.37
CA MET D 135 -58.06 -22.06 12.84
C MET D 135 -57.04 -21.93 13.96
N GLY D 136 -55.79 -22.29 13.65
CA GLY D 136 -54.72 -22.26 14.61
C GLY D 136 -53.91 -20.98 14.55
N ASP D 137 -52.70 -21.08 14.02
CA ASP D 137 -51.88 -19.91 13.82
C ASP D 137 -52.54 -18.93 12.86
N GLY D 138 -52.12 -17.68 12.93
CA GLY D 138 -52.64 -16.67 12.03
C GLY D 138 -52.44 -15.28 12.60
N ASP D 139 -52.31 -14.32 11.68
CA ASP D 139 -52.15 -12.90 11.99
C ASP D 139 -53.30 -12.13 11.35
N VAL D 140 -53.98 -11.32 12.15
CA VAL D 140 -55.21 -10.63 11.76
C VAL D 140 -55.01 -9.14 11.90
N GLN D 141 -55.75 -8.38 11.10
CA GLN D 141 -55.76 -6.93 11.31
C GLN D 141 -56.92 -6.30 10.56
N PHE D 142 -57.09 -5.00 10.78
CA PHE D 142 -58.16 -4.18 10.25
C PHE D 142 -57.64 -3.19 9.23
N ARG D 143 -58.47 -2.90 8.24
CA ARG D 143 -58.10 -2.11 7.08
C ARG D 143 -59.30 -1.28 6.67
N LEU D 144 -59.03 -0.18 6.00
CA LEU D 144 -60.05 0.64 5.37
C LEU D 144 -59.83 0.61 3.87
N VAL D 145 -60.84 0.15 3.13
CA VAL D 145 -60.87 0.21 1.67
C VAL D 145 -61.95 1.19 1.29
N ASN D 146 -61.60 2.17 0.49
CA ASN D 146 -62.56 3.20 0.11
C ASN D 146 -63.42 2.67 -1.04
N GLN D 147 -64.30 3.51 -1.52
CA GLN D 147 -65.25 3.18 -2.56
C GLN D 147 -64.57 2.82 -3.90
N PHE D 148 -63.29 3.13 -4.08
CA PHE D 148 -62.58 2.84 -5.30
C PHE D 148 -61.96 1.46 -5.33
N GLY D 149 -61.78 0.83 -4.17
CA GLY D 149 -60.91 -0.30 -4.03
C GLY D 149 -59.55 0.05 -3.46
N GLN D 150 -59.21 1.33 -3.40
CA GLN D 150 -57.95 1.73 -2.80
C GLN D 150 -58.00 1.54 -1.30
N GLU D 151 -56.84 1.32 -0.73
CA GLU D 151 -56.68 1.36 0.71
C GLU D 151 -56.47 2.80 1.15
N GLU D 152 -56.97 3.11 2.35
CA GLU D 152 -56.71 4.37 3.02
C GLU D 152 -56.04 4.21 4.37
N GLY D 153 -55.85 2.99 4.84
CA GLY D 153 -55.05 2.74 6.04
C GLY D 153 -55.42 1.48 6.79
N ARG D 154 -54.41 0.81 7.31
CA ARG D 154 -54.62 -0.18 8.33
C ARG D 154 -54.85 0.52 9.66
N VAL D 155 -55.56 -0.17 10.55
CA VAL D 155 -55.88 0.36 11.87
C VAL D 155 -54.88 -0.19 12.87
N TYR D 156 -54.19 0.71 13.55
CA TYR D 156 -53.32 0.34 14.64
C TYR D 156 -52.23 -0.60 14.15
N PRO D 157 -51.24 -0.10 13.41
CA PRO D 157 -50.51 -0.95 12.47
C PRO D 157 -49.68 -2.04 13.10
N TRP D 158 -50.40 -3.00 13.67
CA TRP D 158 -49.87 -4.24 14.18
C TRP D 158 -50.98 -5.26 14.03
N ALA D 159 -50.59 -6.51 13.94
CA ALA D 159 -51.52 -7.61 13.70
C ALA D 159 -51.59 -8.48 14.93
N THR D 160 -52.78 -8.73 15.36
CA THR D 160 -52.94 -9.49 16.59
C THR D 160 -52.74 -10.98 16.31
N PRO D 161 -52.22 -11.76 17.25
CA PRO D 161 -52.23 -13.21 17.08
C PRO D 161 -53.64 -13.76 17.07
N LEU D 162 -53.84 -14.77 16.24
CA LEU D 162 -55.15 -15.37 16.13
C LEU D 162 -55.52 -16.13 17.38
N TYR D 163 -54.56 -16.80 17.99
CA TYR D 163 -54.90 -17.81 18.97
C TYR D 163 -55.48 -17.22 20.25
N ARG D 164 -55.26 -15.92 20.50
CA ARG D 164 -55.80 -15.32 21.72
C ARG D 164 -57.32 -15.35 21.72
N TRP D 165 -57.92 -15.20 20.53
CA TRP D 165 -59.36 -15.29 20.36
C TRP D 165 -59.91 -16.61 20.86
N HIS D 166 -59.12 -17.67 20.78
CA HIS D 166 -59.44 -18.94 21.40
C HIS D 166 -59.04 -19.00 22.85
N ASP D 167 -57.89 -18.42 23.19
CA ASP D 167 -57.33 -18.62 24.51
C ASP D 167 -58.17 -17.97 25.58
N PHE D 168 -58.64 -16.78 25.35
CA PHE D 168 -59.55 -16.17 26.29
C PHE D 168 -60.95 -16.67 26.03
N PRO D 169 -61.85 -16.60 26.99
CA PRO D 169 -63.27 -16.61 26.65
C PRO D 169 -63.64 -15.27 26.07
N GLN D 170 -64.41 -15.29 25.01
CA GLN D 170 -64.70 -14.08 24.26
C GLN D 170 -65.91 -13.34 24.82
N LEU D 171 -66.38 -13.77 26.00
CA LEU D 171 -67.71 -13.48 26.47
C LEU D 171 -67.71 -12.82 27.83
N LYS D 172 -66.93 -13.34 28.77
CA LYS D 172 -66.90 -12.83 30.13
C LYS D 172 -66.27 -11.45 30.18
N ARG D 173 -66.92 -10.53 30.89
CA ARG D 173 -66.58 -9.12 30.84
C ARG D 173 -65.16 -8.89 31.34
N GLY D 174 -64.46 -7.98 30.66
CA GLY D 174 -63.05 -7.78 30.86
C GLY D 174 -62.16 -8.78 30.15
N ARG D 175 -62.66 -9.97 29.86
CA ARG D 175 -61.94 -10.98 29.11
C ARG D 175 -62.23 -10.89 27.62
N GLU D 176 -63.39 -10.36 27.26
CA GLU D 176 -63.74 -10.11 25.86
C GLU D 176 -62.70 -9.23 25.21
N ILE D 177 -62.55 -9.34 23.91
CA ILE D 177 -61.47 -8.68 23.20
C ILE D 177 -61.91 -7.28 22.84
N ASN D 178 -61.07 -6.31 23.20
CA ASN D 178 -61.13 -4.95 22.69
C ASN D 178 -59.77 -4.62 22.12
N LEU D 179 -59.70 -4.43 20.81
CA LEU D 179 -58.46 -4.12 20.15
C LEU D 179 -58.14 -2.65 20.39
N HIS D 180 -57.21 -2.11 19.63
CA HIS D 180 -56.74 -0.74 19.80
C HIS D 180 -57.05 0.08 18.56
N GLY D 181 -56.95 1.39 18.74
CA GLY D 181 -57.30 2.31 17.69
C GLY D 181 -58.78 2.43 17.48
N SER D 182 -59.16 3.39 16.67
CA SER D 182 -60.54 3.64 16.26
C SER D 182 -60.59 3.61 14.75
N VAL D 183 -61.79 3.78 14.19
CA VAL D 183 -61.93 4.12 12.78
C VAL D 183 -63.35 4.58 12.49
N THR D 184 -63.51 5.42 11.48
CA THR D 184 -64.78 5.95 11.05
C THR D 184 -65.11 5.49 9.63
N TRP D 185 -66.36 5.10 9.43
CA TRP D 185 -66.90 4.73 8.14
C TRP D 185 -67.52 5.96 7.47
N GLU D 186 -67.88 5.81 6.20
CA GLU D 186 -68.78 6.74 5.51
C GLU D 186 -69.65 5.90 4.57
N GLU D 187 -70.45 6.58 3.75
CA GLU D 187 -71.65 6.00 3.13
C GLU D 187 -71.38 4.71 2.37
N ASN D 188 -70.44 4.75 1.41
CA ASN D 188 -70.13 3.60 0.57
C ASN D 188 -68.72 3.07 0.80
N GLU D 189 -68.07 3.50 1.87
CA GLU D 189 -66.77 2.94 2.18
C GLU D 189 -66.91 1.50 2.62
N THR D 190 -65.76 0.89 2.92
CA THR D 190 -65.73 -0.47 3.41
C THR D 190 -64.57 -0.61 4.37
N VAL D 191 -64.81 -1.39 5.42
CA VAL D 191 -63.79 -1.73 6.40
C VAL D 191 -63.55 -3.21 6.38
N GLU D 192 -62.33 -3.59 6.11
CA GLU D 192 -61.95 -4.96 5.86
C GLU D 192 -61.21 -5.54 7.05
N VAL D 193 -61.36 -6.84 7.22
CA VAL D 193 -60.57 -7.62 8.15
C VAL D 193 -59.79 -8.61 7.32
N LEU D 194 -58.47 -8.57 7.52
CA LEU D 194 -57.49 -9.28 6.73
C LEU D 194 -56.79 -10.30 7.61
N LEU D 195 -56.40 -11.39 6.97
CA LEU D 195 -55.74 -12.52 7.63
C LEU D 195 -54.58 -13.00 6.79
N ASP D 196 -53.50 -13.37 7.46
CA ASP D 196 -52.47 -14.23 6.92
C ASP D 196 -52.43 -15.47 7.78
N ALA D 197 -52.27 -16.63 7.15
CA ALA D 197 -52.45 -17.89 7.87
C ALA D 197 -51.94 -19.02 7.02
N PRO D 198 -51.73 -20.19 7.60
CA PRO D 198 -51.38 -21.37 6.80
C PRO D 198 -52.56 -21.98 6.08
N GLN D 199 -53.69 -22.07 6.75
CA GLN D 199 -54.83 -22.84 6.31
C GLN D 199 -55.96 -21.93 5.86
N ALA D 200 -57.04 -22.57 5.40
CA ALA D 200 -58.09 -21.89 4.66
C ALA D 200 -59.36 -21.82 5.50
N ILE D 201 -59.79 -20.60 5.79
CA ILE D 201 -61.07 -20.37 6.45
C ILE D 201 -62.19 -20.93 5.60
N THR D 202 -63.30 -21.24 6.25
CA THR D 202 -64.45 -21.82 5.59
C THR D 202 -65.73 -21.20 6.11
N TRP D 203 -66.71 -21.11 5.21
CA TRP D 203 -68.07 -20.75 5.57
C TRP D 203 -69.01 -21.54 4.68
N GLU D 204 -70.28 -21.57 5.10
CA GLU D 204 -71.39 -21.90 4.22
C GLU D 204 -71.32 -23.34 3.72
N ASP D 205 -70.65 -24.22 4.46
CA ASP D 205 -70.70 -25.64 4.19
C ASP D 205 -72.01 -26.16 4.77
N SER D 206 -72.90 -26.62 3.90
CA SER D 206 -74.19 -27.11 4.34
C SER D 206 -74.08 -28.34 5.22
N ASP D 207 -72.98 -29.09 5.11
CA ASP D 207 -72.84 -30.33 5.85
C ASP D 207 -72.59 -30.11 7.34
N TYR D 208 -72.27 -28.90 7.76
CA TYR D 208 -72.03 -28.64 9.17
C TYR D 208 -73.32 -28.86 9.95
N PRO D 209 -73.28 -29.55 11.10
CA PRO D 209 -74.54 -29.97 11.71
C PRO D 209 -75.23 -28.92 12.57
N GLU D 210 -74.47 -28.13 13.34
CA GLU D 210 -75.03 -27.25 14.36
C GLU D 210 -75.15 -25.81 13.87
N GLY D 211 -75.46 -25.61 12.61
CA GLY D 211 -75.57 -24.27 12.07
C GLY D 211 -75.40 -24.31 10.57
N GLN D 212 -75.02 -23.15 10.04
CA GLN D 212 -74.69 -22.98 8.62
C GLN D 212 -73.41 -22.21 8.42
N TYR D 213 -73.12 -21.24 9.27
CA TYR D 213 -71.88 -20.49 9.26
C TYR D 213 -70.97 -21.17 10.24
N VAL D 214 -70.06 -21.99 9.73
CA VAL D 214 -69.17 -22.80 10.54
C VAL D 214 -68.26 -21.89 11.34
N SER D 215 -67.91 -20.76 10.76
CA SER D 215 -67.13 -19.73 11.41
C SER D 215 -67.95 -18.47 11.44
N THR D 216 -67.64 -17.60 12.39
CA THR D 216 -68.42 -16.39 12.61
C THR D 216 -67.52 -15.27 13.10
N PHE D 217 -68.05 -14.06 12.98
CA PHE D 217 -67.29 -12.84 13.25
C PHE D 217 -68.26 -11.73 13.54
N GLU D 218 -68.21 -11.19 14.75
CA GLU D 218 -69.08 -10.10 15.18
C GLU D 218 -68.24 -9.00 15.78
N GLN D 219 -68.82 -7.80 15.84
CA GLN D 219 -68.10 -6.65 16.33
C GLN D 219 -69.07 -5.60 16.81
N ASP D 220 -68.88 -5.14 18.03
CA ASP D 220 -69.61 -3.99 18.51
C ASP D 220 -69.16 -2.74 17.78
N VAL D 221 -70.05 -1.75 17.76
CA VAL D 221 -69.73 -0.47 17.14
C VAL D 221 -70.42 0.62 17.95
N GLU D 222 -70.23 1.86 17.53
CA GLU D 222 -71.02 2.99 18.00
C GLU D 222 -71.67 3.63 16.79
N ILE D 223 -72.93 3.95 16.95
CA ILE D 223 -73.82 4.24 15.83
C ILE D 223 -74.04 5.74 15.73
N THR D 224 -74.23 6.18 14.50
CA THR D 224 -74.78 7.49 14.19
C THR D 224 -76.18 7.24 13.65
N LEU D 225 -77.17 7.35 14.54
CA LEU D 225 -78.59 7.06 14.26
C LEU D 225 -78.80 5.59 13.87
N TYR E 1 -86.12 -9.13 75.31
CA TYR E 1 -84.90 -9.85 74.95
C TYR E 1 -85.13 -10.65 73.68
N THR E 2 -84.19 -10.54 72.76
CA THR E 2 -84.31 -11.12 71.43
C THR E 2 -83.07 -11.93 71.09
N ILE E 3 -83.28 -12.91 70.23
CA ILE E 3 -82.19 -13.71 69.69
C ILE E 3 -82.59 -14.14 68.29
N SER E 4 -81.59 -14.30 67.44
CA SER E 4 -81.80 -14.82 66.10
C SER E 4 -81.89 -16.33 66.19
N HIS E 5 -82.74 -16.92 65.37
CA HIS E 5 -83.03 -18.33 65.43
C HIS E 5 -83.52 -18.74 64.05
N THR E 6 -83.84 -20.02 63.89
CA THR E 6 -84.19 -20.59 62.59
C THR E 6 -85.47 -21.39 62.69
N GLY E 7 -86.53 -20.87 62.12
CA GLY E 7 -87.70 -21.67 61.89
C GLY E 7 -87.40 -22.67 60.82
N GLY E 8 -88.11 -23.79 60.84
CA GLY E 8 -87.78 -24.85 59.91
C GLY E 8 -88.78 -25.98 59.91
N THR E 9 -88.32 -27.10 59.36
CA THR E 9 -89.17 -28.27 59.19
C THR E 9 -89.68 -28.77 60.52
N LEU E 10 -88.79 -28.84 61.52
CA LEU E 10 -89.11 -29.32 62.85
C LEU E 10 -88.88 -28.27 63.93
N GLY E 11 -87.65 -27.80 64.07
CA GLY E 11 -87.21 -26.69 64.87
C GLY E 11 -87.77 -26.62 66.27
N SER E 12 -88.54 -25.56 66.49
CA SER E 12 -88.91 -25.17 67.83
C SER E 12 -90.11 -25.92 68.37
N SER E 13 -90.99 -26.42 67.50
CA SER E 13 -92.28 -26.91 67.96
C SER E 13 -92.89 -27.86 66.94
N LYS E 14 -93.57 -28.90 67.44
CA LYS E 14 -94.35 -29.81 66.60
C LYS E 14 -95.82 -29.41 66.59
N VAL E 15 -96.03 -28.15 66.24
CA VAL E 15 -97.31 -27.68 65.74
C VAL E 15 -97.24 -27.34 64.25
N THR E 16 -96.06 -27.37 63.65
CA THR E 16 -95.89 -27.07 62.24
C THR E 16 -96.70 -28.03 61.39
N THR E 17 -97.32 -27.47 60.36
CA THR E 17 -98.12 -28.23 59.41
C THR E 17 -97.29 -28.48 58.16
N ALA E 18 -97.47 -29.65 57.58
CA ALA E 18 -96.79 -30.05 56.36
C ALA E 18 -97.76 -30.82 55.51
N ALA E 19 -97.99 -30.33 54.30
CA ALA E 19 -98.99 -30.89 53.41
C ALA E 19 -98.50 -30.83 51.98
N ASN E 20 -99.25 -31.51 51.13
CA ASN E 20 -98.96 -31.60 49.70
C ASN E 20 -100.03 -30.86 48.92
N GLN E 21 -99.62 -30.25 47.82
CA GLN E 21 -100.44 -29.36 47.04
C GLN E 21 -101.25 -30.12 46.01
N THR E 22 -101.91 -29.39 45.13
CA THR E 22 -102.78 -29.94 44.11
C THR E 22 -102.06 -30.05 42.77
N SER E 23 -102.58 -30.93 41.93
CA SER E 23 -102.08 -31.10 40.58
C SER E 23 -102.64 -30.01 39.65
N PRO E 24 -103.92 -29.65 39.74
CA PRO E 24 -104.38 -28.44 39.06
C PRO E 24 -103.59 -27.22 39.52
N GLN E 25 -103.32 -26.33 38.58
CA GLN E 25 -102.47 -25.17 38.84
C GLN E 25 -103.27 -24.18 39.67
N ARG E 26 -103.37 -24.49 40.96
CA ARG E 26 -104.03 -23.65 41.94
C ARG E 26 -103.05 -23.41 43.07
N GLU E 27 -102.76 -22.13 43.35
CA GLU E 27 -101.84 -21.80 44.40
C GLU E 27 -102.41 -22.23 45.74
N THR E 28 -101.66 -23.05 46.46
CA THR E 28 -102.16 -23.71 47.66
C THR E 28 -101.05 -23.82 48.69
N ALA E 29 -101.45 -24.18 49.90
CA ALA E 29 -100.59 -24.08 51.07
C ALA E 29 -99.78 -25.35 51.22
N ILE E 30 -98.48 -25.17 51.40
CA ILE E 30 -97.53 -26.27 51.58
C ILE E 30 -97.27 -26.42 53.05
N ILE E 31 -96.79 -25.34 53.68
CA ILE E 31 -96.27 -25.41 55.03
C ILE E 31 -96.95 -24.36 55.87
N GLY E 32 -97.18 -24.68 57.15
CA GLY E 32 -97.75 -23.76 58.10
C GLY E 32 -96.95 -23.67 59.39
N PHE E 33 -96.43 -22.49 59.67
CA PHE E 33 -95.75 -22.17 60.92
C PHE E 33 -96.77 -21.52 61.84
N GLU E 34 -97.28 -22.27 62.80
CA GLU E 34 -98.19 -21.75 63.81
C GLU E 34 -97.38 -21.34 65.01
N CYS E 35 -97.58 -20.11 65.48
CA CYS E 35 -96.77 -19.61 66.57
C CYS E 35 -97.18 -20.32 67.86
N PRO E 36 -96.23 -20.67 68.74
CA PRO E 36 -96.58 -21.44 69.94
C PRO E 36 -96.82 -20.59 71.17
N ARG E 37 -97.28 -21.27 72.22
CA ARG E 37 -97.49 -20.61 73.50
C ARG E 37 -96.19 -20.14 74.11
N LYS E 38 -95.08 -20.81 73.79
CA LYS E 38 -93.81 -20.55 74.45
C LYS E 38 -93.35 -19.12 74.24
N PHE E 39 -93.60 -18.60 73.06
CA PHE E 39 -92.97 -17.37 72.62
C PHE E 39 -93.96 -16.23 72.80
N ALA E 40 -93.45 -15.01 72.62
CA ALA E 40 -94.27 -13.82 72.62
C ALA E 40 -94.64 -13.40 71.22
N GLU E 41 -93.65 -13.30 70.35
CA GLU E 41 -93.88 -12.89 68.97
C GLU E 41 -92.63 -13.21 68.17
N ILE E 42 -92.80 -13.16 66.86
CA ILE E 42 -91.76 -13.51 65.91
C ILE E 42 -91.72 -12.39 64.88
N GLU E 43 -90.53 -12.15 64.32
CA GLU E 43 -90.34 -11.16 63.27
C GLU E 43 -89.53 -11.79 62.16
N TYR E 44 -90.01 -11.63 60.93
CA TYR E 44 -89.27 -12.00 59.74
C TYR E 44 -89.10 -10.77 58.88
N VAL E 45 -87.89 -10.59 58.36
CA VAL E 45 -87.53 -9.43 57.56
C VAL E 45 -86.75 -9.91 56.36
N GLY E 46 -87.40 -9.94 55.20
CA GLY E 46 -86.69 -10.10 53.97
C GLY E 46 -85.67 -8.98 53.77
N GLN E 47 -84.67 -9.30 52.94
CA GLN E 47 -83.52 -8.44 52.62
C GLN E 47 -82.51 -8.37 53.75
N ARG E 48 -82.80 -8.97 54.91
CA ARG E 48 -81.84 -9.18 55.98
C ARG E 48 -81.74 -10.65 56.35
N ASP E 49 -82.87 -11.27 56.66
CA ASP E 49 -82.91 -12.63 57.16
C ASP E 49 -83.13 -13.58 56.00
N SER E 50 -82.30 -14.60 55.91
CA SER E 50 -82.27 -15.45 54.73
C SER E 50 -83.23 -16.60 54.89
N THR E 51 -83.27 -17.43 53.85
CA THR E 51 -84.18 -18.55 53.78
C THR E 51 -83.53 -19.65 52.96
N ARG E 52 -83.63 -20.88 53.45
CA ARG E 52 -83.07 -22.06 52.80
C ARG E 52 -84.23 -22.96 52.39
N PHE E 53 -84.10 -23.58 51.23
CA PHE E 53 -85.22 -24.33 50.66
C PHE E 53 -84.69 -25.35 49.67
N ILE E 54 -85.04 -26.62 49.88
CA ILE E 54 -84.73 -27.69 48.96
C ILE E 54 -86.02 -28.46 48.74
N PRO E 55 -86.75 -28.20 47.68
CA PRO E 55 -87.89 -29.05 47.34
C PRO E 55 -87.51 -30.25 46.52
N ARG E 56 -88.42 -31.21 46.45
CA ARG E 56 -88.16 -32.49 45.80
C ARG E 56 -89.49 -33.19 45.61
N THR E 57 -89.55 -34.03 44.57
CA THR E 57 -90.79 -34.73 44.22
C THR E 57 -90.57 -36.23 44.22
N THR E 58 -91.53 -36.98 43.68
CA THR E 58 -91.51 -38.43 43.71
C THR E 58 -91.96 -38.99 42.36
N GLU E 59 -91.20 -39.93 41.83
CA GLU E 59 -91.55 -40.65 40.62
C GLU E 59 -91.22 -42.12 40.81
N SER E 60 -91.75 -42.94 39.90
CA SER E 60 -91.68 -44.38 40.06
C SER E 60 -91.72 -45.06 38.71
N ILE E 61 -91.09 -46.23 38.65
CA ILE E 61 -91.00 -47.00 37.41
C ILE E 61 -90.90 -48.49 37.73
N THR E 62 -91.26 -49.29 36.73
CA THR E 62 -90.98 -50.72 36.70
C THR E 62 -89.92 -50.96 35.64
N GLY E 63 -89.11 -51.99 35.87
CA GLY E 63 -87.96 -52.26 35.05
C GLY E 63 -88.22 -53.30 33.97
N THR E 64 -87.24 -53.40 33.07
CA THR E 64 -87.27 -54.37 31.99
C THR E 64 -85.88 -54.47 31.38
N ALA E 65 -85.77 -55.34 30.39
CA ALA E 65 -84.48 -55.66 29.81
C ALA E 65 -83.89 -54.47 29.07
N GLY E 66 -82.59 -54.24 29.28
CA GLY E 66 -81.84 -53.24 28.55
C GLY E 66 -82.19 -51.80 28.86
N ASP E 67 -82.75 -51.52 30.03
CA ASP E 67 -83.21 -50.18 30.40
C ASP E 67 -82.35 -49.65 31.54
N ASP E 68 -81.22 -49.06 31.19
CA ASP E 68 -80.35 -48.37 32.13
C ASP E 68 -80.66 -46.87 32.23
N THR E 69 -81.40 -46.32 31.27
CA THR E 69 -81.74 -44.91 31.22
C THR E 69 -83.12 -44.73 31.85
N VAL E 70 -83.30 -43.60 32.52
CA VAL E 70 -84.58 -43.18 33.03
C VAL E 70 -84.94 -41.89 32.32
N VAL E 71 -86.22 -41.78 31.96
CA VAL E 71 -86.74 -40.86 30.97
C VAL E 71 -86.62 -39.41 31.40
N SER E 72 -86.96 -38.50 30.50
CA SER E 72 -87.42 -37.18 30.88
C SER E 72 -88.41 -37.32 32.02
N LEU E 73 -88.07 -36.75 33.17
CA LEU E 73 -88.78 -37.00 34.42
C LEU E 73 -89.91 -36.02 34.65
N THR E 74 -90.51 -35.54 33.57
CA THR E 74 -91.61 -34.59 33.64
C THR E 74 -91.19 -33.29 34.30
N ALA E 75 -89.91 -32.93 34.24
CA ALA E 75 -89.37 -31.91 35.12
C ALA E 75 -88.22 -31.19 34.42
N ASN E 76 -88.35 -29.88 34.30
CA ASN E 76 -87.26 -29.06 33.82
C ASN E 76 -86.20 -29.00 34.90
N ILE E 77 -85.13 -29.73 34.70
CA ILE E 77 -84.06 -29.79 35.68
C ILE E 77 -83.14 -28.61 35.47
N GLN E 78 -82.54 -28.16 36.57
CA GLN E 78 -81.48 -27.17 36.60
C GLN E 78 -80.24 -27.79 37.21
N PRO E 79 -79.05 -27.41 36.77
CA PRO E 79 -77.86 -27.77 37.54
C PRO E 79 -77.78 -26.99 38.82
N VAL E 80 -77.17 -27.60 39.81
CA VAL E 80 -77.01 -26.99 41.11
C VAL E 80 -75.73 -26.17 41.10
N ALA E 81 -75.85 -24.91 41.49
CA ALA E 81 -74.70 -24.04 41.71
C ALA E 81 -73.88 -23.85 40.44
N GLY E 82 -74.53 -23.97 39.30
CA GLY E 82 -73.80 -23.98 38.05
C GLY E 82 -73.11 -25.28 37.73
N GLU E 83 -73.20 -26.28 38.60
CA GLU E 83 -72.47 -27.53 38.46
C GLU E 83 -73.42 -28.68 38.20
N THR E 84 -72.90 -29.69 37.51
CA THR E 84 -73.67 -30.79 36.97
C THR E 84 -73.40 -32.11 37.68
N ALA E 85 -72.16 -32.57 37.68
CA ALA E 85 -71.84 -33.86 38.27
C ALA E 85 -72.13 -33.84 39.77
N ILE E 86 -72.63 -34.98 40.24
CA ILE E 86 -73.43 -35.01 41.47
C ILE E 86 -72.56 -34.68 42.67
N GLU E 87 -71.45 -35.40 42.81
CA GLU E 87 -70.60 -35.27 43.97
C GLU E 87 -70.03 -33.87 44.14
N ASP E 88 -69.95 -33.11 43.05
CA ASP E 88 -69.50 -31.73 43.08
C ASP E 88 -70.60 -30.77 43.51
N GLN E 89 -71.79 -31.25 43.81
CA GLN E 89 -72.92 -30.40 44.16
C GLN E 89 -73.03 -30.21 45.66
N ASP E 90 -73.73 -29.14 46.04
CA ASP E 90 -74.11 -28.94 47.42
C ASP E 90 -75.15 -29.94 47.87
N TYR E 91 -75.84 -30.57 46.95
CA TYR E 91 -76.82 -31.58 47.28
C TYR E 91 -77.17 -32.33 46.00
N PRO E 92 -77.70 -33.54 46.10
CA PRO E 92 -77.99 -34.29 44.87
C PRO E 92 -79.23 -33.73 44.18
N VAL E 93 -79.11 -33.55 42.87
CA VAL E 93 -80.26 -33.25 42.03
C VAL E 93 -81.30 -34.35 42.11
N ALA E 94 -80.86 -35.59 42.32
CA ALA E 94 -81.73 -36.72 42.12
C ALA E 94 -81.16 -37.91 42.85
N VAL E 95 -82.05 -38.70 43.44
CA VAL E 95 -81.68 -39.91 44.14
C VAL E 95 -82.67 -40.98 43.76
N ALA E 96 -82.25 -42.23 43.84
CA ALA E 96 -83.06 -43.35 43.38
C ALA E 96 -82.82 -44.57 44.24
N TYR E 97 -83.89 -45.34 44.42
CA TYR E 97 -83.94 -46.47 45.32
C TYR E 97 -84.64 -47.62 44.64
N ASN E 98 -83.98 -48.77 44.63
CA ASN E 98 -84.61 -50.01 44.19
C ASN E 98 -85.38 -50.57 45.37
N VAL E 99 -86.68 -50.71 45.21
CA VAL E 99 -87.53 -51.04 46.35
C VAL E 99 -87.51 -52.54 46.60
N THR E 100 -87.45 -53.34 45.55
CA THR E 100 -87.48 -54.78 45.71
C THR E 100 -86.27 -55.27 46.48
N GLN E 101 -85.08 -55.00 45.95
CA GLN E 101 -83.87 -55.31 46.68
C GLN E 101 -83.74 -54.50 47.96
N GLY E 102 -84.40 -53.36 48.03
CA GLY E 102 -84.32 -52.53 49.22
C GLY E 102 -82.97 -51.87 49.35
N VAL E 103 -82.59 -51.06 48.36
CA VAL E 103 -81.24 -50.50 48.30
C VAL E 103 -81.28 -49.16 47.58
N GLN E 104 -80.17 -48.43 47.69
CA GLN E 104 -79.93 -47.19 46.97
C GLN E 104 -79.19 -47.50 45.68
N VAL E 105 -79.38 -46.64 44.69
CA VAL E 105 -78.66 -46.74 43.43
C VAL E 105 -77.91 -45.45 43.19
N ASP E 106 -76.67 -45.59 42.74
CA ASP E 106 -75.86 -44.46 42.31
C ASP E 106 -76.10 -44.20 40.83
N ILE E 107 -75.69 -43.01 40.41
CA ILE E 107 -76.01 -42.49 39.10
C ILE E 107 -74.72 -42.31 38.32
N ASP E 108 -74.79 -42.65 37.04
CA ASP E 108 -73.65 -42.51 36.14
C ASP E 108 -73.69 -41.28 35.28
N ALA E 109 -74.87 -40.83 34.83
CA ALA E 109 -74.86 -39.65 33.96
C ALA E 109 -76.24 -39.00 33.89
N VAL E 110 -76.23 -37.78 33.32
CA VAL E 110 -77.38 -36.88 33.30
C VAL E 110 -77.44 -36.22 31.93
N ASP E 111 -78.65 -35.86 31.51
CA ASP E 111 -78.88 -34.94 30.41
C ASP E 111 -79.99 -34.00 30.84
N TYR E 112 -79.62 -32.76 31.11
CA TYR E 112 -80.57 -31.77 31.58
C TYR E 112 -81.53 -31.33 30.50
N ALA E 113 -81.08 -31.32 29.25
CA ALA E 113 -81.95 -30.91 28.15
C ALA E 113 -83.11 -31.88 28.01
N ALA E 114 -82.81 -33.16 27.82
CA ALA E 114 -83.83 -34.19 27.77
C ALA E 114 -84.31 -34.59 29.16
N ASP E 115 -83.81 -33.97 30.22
CA ASP E 115 -84.39 -34.11 31.55
C ASP E 115 -84.27 -35.53 32.09
N GLU E 116 -83.28 -36.27 31.60
CA GLU E 116 -83.17 -37.71 31.83
C GLU E 116 -81.86 -38.04 32.52
N VAL E 117 -81.76 -39.28 33.00
CA VAL E 117 -80.59 -39.76 33.72
C VAL E 117 -80.30 -41.18 33.26
N THR E 118 -79.12 -41.67 33.63
CA THR E 118 -78.70 -43.03 33.31
C THR E 118 -77.94 -43.58 34.50
N LEU E 119 -78.36 -44.76 34.96
CA LEU E 119 -77.85 -45.36 36.18
C LEU E 119 -76.77 -46.37 35.86
N ALA E 120 -76.38 -47.16 36.87
CA ALA E 120 -75.41 -48.23 36.73
C ALA E 120 -76.05 -49.60 36.66
N ASP E 121 -77.09 -49.85 37.45
CA ASP E 121 -77.70 -51.16 37.54
C ASP E 121 -78.83 -51.27 36.54
N ASN E 122 -78.79 -52.31 35.73
CA ASN E 122 -79.92 -52.66 34.90
C ASN E 122 -80.96 -53.35 35.78
N PRO E 123 -82.09 -52.73 36.11
CA PRO E 123 -83.05 -53.42 36.99
C PRO E 123 -83.68 -54.60 36.30
N ALA E 124 -84.29 -55.47 37.11
CA ALA E 124 -84.85 -56.70 36.59
C ALA E 124 -86.26 -56.48 36.08
N ASP E 125 -86.61 -57.22 35.03
CA ASP E 125 -87.94 -57.12 34.45
C ASP E 125 -88.96 -57.64 35.46
N GLY E 126 -89.69 -56.70 36.06
CA GLY E 126 -90.57 -56.97 37.19
C GLY E 126 -90.15 -56.29 38.47
N ASP E 127 -88.99 -55.63 38.48
CA ASP E 127 -88.53 -54.91 39.65
C ASP E 127 -89.05 -53.48 39.63
N THR E 128 -89.10 -52.87 40.81
CA THR E 128 -89.65 -51.53 41.01
C THR E 128 -88.59 -50.60 41.56
N VAL E 129 -88.54 -49.40 41.00
CA VAL E 129 -87.60 -48.37 41.41
C VAL E 129 -88.36 -47.07 41.60
N LYS E 130 -87.93 -46.30 42.59
CA LYS E 130 -88.46 -44.97 42.85
C LYS E 130 -87.34 -43.97 42.75
N VAL E 131 -87.72 -42.73 42.44
CA VAL E 131 -86.79 -41.64 42.24
C VAL E 131 -87.34 -40.42 42.94
N TRP E 132 -86.42 -39.60 43.45
CA TRP E 132 -86.73 -38.32 44.08
C TRP E 132 -85.83 -37.31 43.41
N PRO E 133 -86.29 -36.64 42.35
CA PRO E 133 -85.56 -35.51 41.78
C PRO E 133 -86.08 -34.21 42.32
N ILE E 134 -85.29 -33.15 42.18
CA ILE E 134 -85.70 -31.86 42.72
C ILE E 134 -86.92 -31.35 41.96
N MET E 135 -87.74 -30.58 42.65
CA MET E 135 -88.81 -29.85 41.99
C MET E 135 -88.23 -28.79 41.08
N GLY E 136 -88.97 -28.46 40.02
CA GLY E 136 -88.50 -27.55 39.00
C GLY E 136 -89.27 -26.25 38.94
N ASP E 137 -90.14 -26.13 37.93
CA ASP E 137 -90.87 -24.90 37.73
C ASP E 137 -91.87 -24.67 38.86
N GLY E 138 -92.41 -23.46 38.89
CA GLY E 138 -93.37 -23.04 39.89
C GLY E 138 -92.88 -21.83 40.65
N ASP E 139 -93.77 -21.32 41.51
CA ASP E 139 -93.49 -20.13 42.28
C ASP E 139 -94.24 -20.14 43.60
N VAL E 140 -93.72 -19.39 44.57
CA VAL E 140 -94.17 -19.47 45.96
C VAL E 140 -94.29 -18.07 46.55
N GLN E 141 -94.95 -18.01 47.69
CA GLN E 141 -94.98 -16.79 48.47
C GLN E 141 -95.43 -17.11 49.89
N PHE E 142 -95.54 -16.06 50.69
CA PHE E 142 -95.91 -16.14 52.09
C PHE E 142 -97.28 -15.53 52.32
N ARG E 143 -98.03 -16.18 53.21
CA ARG E 143 -99.37 -15.76 53.60
C ARG E 143 -99.40 -15.65 55.12
N LEU E 144 -100.18 -14.70 55.61
CA LEU E 144 -100.47 -14.56 57.02
C LEU E 144 -101.91 -14.97 57.29
N VAL E 145 -102.13 -15.60 58.43
CA VAL E 145 -103.46 -16.03 58.85
C VAL E 145 -103.60 -15.70 60.33
N ASN E 146 -104.74 -15.10 60.65
CA ASN E 146 -105.05 -14.69 62.01
C ASN E 146 -105.35 -15.91 62.86
N GLN E 147 -105.73 -15.68 64.11
CA GLN E 147 -106.20 -16.74 64.97
C GLN E 147 -107.47 -17.41 64.45
N PHE E 148 -108.28 -16.69 63.69
CA PHE E 148 -109.58 -17.17 63.24
C PHE E 148 -109.51 -17.89 61.90
N GLY E 149 -108.33 -18.35 61.50
CA GLY E 149 -108.21 -19.06 60.24
C GLY E 149 -108.44 -18.23 59.00
N GLN E 150 -108.49 -16.91 59.14
CA GLN E 150 -108.76 -16.00 58.04
C GLN E 150 -107.50 -15.29 57.63
N GLU E 151 -107.40 -14.99 56.34
CA GLU E 151 -106.20 -14.37 55.83
C GLU E 151 -106.06 -12.94 56.32
N GLU E 152 -104.82 -12.54 56.52
CA GLU E 152 -104.45 -11.19 56.90
C GLU E 152 -103.58 -10.49 55.88
N GLY E 153 -103.01 -11.22 54.95
CA GLY E 153 -102.28 -10.64 53.85
C GLY E 153 -101.21 -11.56 53.33
N ARG E 154 -101.09 -11.58 52.01
CA ARG E 154 -99.91 -12.11 51.37
C ARG E 154 -98.80 -11.09 51.47
N VAL E 155 -97.60 -11.58 51.69
CA VAL E 155 -96.44 -10.71 51.90
C VAL E 155 -95.86 -10.35 50.55
N TYR E 156 -95.91 -9.07 50.21
CA TYR E 156 -95.22 -8.55 49.05
C TYR E 156 -95.72 -9.25 47.78
N PRO E 157 -96.94 -8.95 47.37
CA PRO E 157 -97.71 -9.91 46.57
C PRO E 157 -97.19 -10.11 45.16
N TRP E 158 -95.97 -10.62 45.04
CA TRP E 158 -95.37 -10.95 43.77
C TRP E 158 -94.44 -12.12 44.01
N ALA E 159 -94.89 -13.30 43.64
CA ALA E 159 -94.20 -14.52 44.01
C ALA E 159 -92.87 -14.64 43.29
N THR E 160 -91.99 -15.45 43.87
CA THR E 160 -90.69 -15.72 43.32
C THR E 160 -90.74 -17.07 42.61
N PRO E 161 -90.09 -17.25 41.47
CA PRO E 161 -90.01 -18.60 40.90
C PRO E 161 -89.22 -19.54 41.78
N LEU E 162 -89.54 -20.82 41.66
CA LEU E 162 -88.97 -21.85 42.50
C LEU E 162 -87.49 -22.08 42.21
N TYR E 163 -87.07 -21.84 40.98
CA TYR E 163 -85.82 -22.44 40.51
C TYR E 163 -84.60 -21.66 40.95
N ARG E 164 -84.76 -20.41 41.37
CA ARG E 164 -83.61 -19.67 41.86
C ARG E 164 -83.05 -20.28 43.13
N TRP E 165 -83.92 -20.84 43.96
CA TRP E 165 -83.47 -21.52 45.16
C TRP E 165 -82.56 -22.68 44.81
N HIS E 166 -82.82 -23.35 43.69
CA HIS E 166 -81.91 -24.39 43.23
C HIS E 166 -80.65 -23.81 42.65
N ASP E 167 -80.77 -22.73 41.89
CA ASP E 167 -79.63 -22.15 41.21
C ASP E 167 -78.56 -21.64 42.16
N PHE E 168 -78.92 -20.76 43.07
CA PHE E 168 -77.88 -20.08 43.82
C PHE E 168 -77.33 -20.98 44.93
N PRO E 169 -76.07 -20.81 45.32
CA PRO E 169 -75.55 -21.56 46.46
C PRO E 169 -76.07 -20.99 47.76
N GLN E 170 -77.22 -21.51 48.18
CA GLN E 170 -78.09 -20.96 49.23
C GLN E 170 -77.39 -20.38 50.45
N LEU E 171 -76.24 -20.93 50.80
CA LEU E 171 -75.53 -20.56 52.02
C LEU E 171 -74.56 -19.42 51.83
N LYS E 172 -74.03 -19.25 50.62
CA LYS E 172 -73.02 -18.25 50.36
C LYS E 172 -73.59 -16.86 50.58
N ARG E 173 -72.87 -16.06 51.35
CA ARG E 173 -73.28 -14.69 51.60
C ARG E 173 -73.25 -13.91 50.30
N GLY E 174 -74.16 -12.95 50.18
CA GLY E 174 -74.34 -12.20 48.96
C GLY E 174 -75.36 -12.85 48.06
N ARG E 175 -75.24 -14.16 47.89
CA ARG E 175 -76.16 -14.94 47.08
C ARG E 175 -77.37 -15.44 47.84
N GLU E 176 -77.33 -15.40 49.17
CA GLU E 176 -78.38 -15.99 49.99
C GLU E 176 -79.73 -15.40 49.67
N ILE E 177 -80.74 -16.25 49.62
CA ILE E 177 -82.05 -15.85 49.12
C ILE E 177 -82.70 -14.97 50.17
N ASN E 178 -83.09 -13.78 49.75
CA ASN E 178 -83.68 -12.78 50.63
C ASN E 178 -84.89 -12.21 49.92
N LEU E 179 -86.06 -12.59 50.38
CA LEU E 179 -87.30 -12.10 49.80
C LEU E 179 -87.50 -10.65 50.17
N HIS E 180 -88.62 -10.10 49.75
CA HIS E 180 -88.97 -8.71 49.97
C HIS E 180 -90.19 -8.64 50.88
N GLY E 181 -90.14 -7.70 51.81
CA GLY E 181 -91.19 -7.52 52.78
C GLY E 181 -90.79 -8.05 54.14
N SER E 182 -91.77 -8.00 55.04
CA SER E 182 -91.58 -8.39 56.43
C SER E 182 -92.89 -8.91 56.97
N VAL E 183 -92.86 -9.37 58.22
CA VAL E 183 -94.07 -9.83 58.89
C VAL E 183 -93.79 -10.01 60.38
N THR E 184 -94.83 -9.83 61.19
CA THR E 184 -94.77 -9.99 62.62
C THR E 184 -95.89 -10.91 63.06
N TRP E 185 -95.53 -12.06 63.62
CA TRP E 185 -96.49 -13.01 64.15
C TRP E 185 -97.11 -12.49 65.44
N GLU E 186 -98.12 -13.20 65.92
CA GLU E 186 -98.58 -13.13 67.30
C GLU E 186 -98.84 -14.57 67.76
N GLU E 187 -99.48 -14.72 68.91
CA GLU E 187 -99.54 -15.98 69.64
C GLU E 187 -100.09 -17.16 68.86
N ASN E 188 -101.38 -17.12 68.53
CA ASN E 188 -102.05 -18.24 67.88
C ASN E 188 -102.04 -18.14 66.36
N GLU E 189 -101.40 -17.12 65.81
CA GLU E 189 -101.49 -16.92 64.37
C GLU E 189 -100.68 -17.98 63.65
N THR E 190 -100.79 -17.92 62.32
CA THR E 190 -100.06 -18.82 61.45
C THR E 190 -99.50 -18.03 60.29
N VAL E 191 -98.36 -18.49 59.79
CA VAL E 191 -97.80 -18.01 58.54
C VAL E 191 -97.60 -19.22 57.65
N GLU E 192 -98.09 -19.13 56.43
CA GLU E 192 -98.18 -20.26 55.53
C GLU E 192 -97.36 -19.99 54.29
N VAL E 193 -96.50 -20.93 53.96
CA VAL E 193 -95.79 -20.90 52.69
C VAL E 193 -96.66 -21.62 51.68
N LEU E 194 -96.98 -20.89 50.60
CA LEU E 194 -97.86 -21.33 49.53
C LEU E 194 -97.05 -21.44 48.25
N LEU E 195 -97.56 -22.27 47.33
CA LEU E 195 -96.85 -22.63 46.13
C LEU E 195 -97.86 -22.89 45.01
N ASP E 196 -97.37 -22.72 43.79
CA ASP E 196 -98.07 -23.11 42.58
C ASP E 196 -97.08 -23.86 41.73
N ALA E 197 -97.47 -25.04 41.28
CA ALA E 197 -96.64 -25.90 40.46
C ALA E 197 -97.45 -27.12 40.04
N PRO E 198 -97.04 -27.83 38.99
CA PRO E 198 -97.86 -28.94 38.50
C PRO E 198 -97.58 -30.25 39.22
N GLN E 199 -96.36 -30.44 39.69
CA GLN E 199 -95.91 -31.73 40.18
C GLN E 199 -96.08 -31.86 41.68
N ALA E 200 -96.06 -33.10 42.15
CA ALA E 200 -96.35 -33.42 43.55
C ALA E 200 -95.08 -33.41 44.39
N ILE E 201 -94.81 -32.27 45.02
CA ILE E 201 -93.85 -32.23 46.12
C ILE E 201 -94.28 -33.17 47.22
N THR E 202 -93.29 -33.73 47.91
CA THR E 202 -93.52 -34.78 48.89
C THR E 202 -92.54 -34.67 50.03
N TRP E 203 -92.90 -35.34 51.12
CA TRP E 203 -92.01 -35.62 52.22
C TRP E 203 -92.31 -37.02 52.75
N GLU E 204 -91.41 -37.49 53.61
CA GLU E 204 -91.68 -38.63 54.48
C GLU E 204 -91.96 -39.91 53.71
N ASP E 205 -91.24 -40.08 52.61
CA ASP E 205 -91.13 -41.38 51.96
C ASP E 205 -90.11 -42.19 52.73
N SER E 206 -90.58 -43.25 53.39
CA SER E 206 -89.70 -44.08 54.19
C SER E 206 -88.62 -44.75 53.35
N ASP E 207 -88.86 -44.96 52.07
CA ASP E 207 -87.87 -45.58 51.21
C ASP E 207 -86.67 -44.69 50.95
N TYR E 208 -86.76 -43.40 51.22
CA TYR E 208 -85.66 -42.49 50.96
C TYR E 208 -84.50 -42.79 51.90
N PRO E 209 -83.26 -42.92 51.41
CA PRO E 209 -82.19 -43.39 52.28
C PRO E 209 -81.50 -42.32 53.10
N GLU E 210 -81.38 -41.11 52.57
CA GLU E 210 -80.46 -40.11 53.11
C GLU E 210 -81.12 -39.22 54.16
N GLY E 211 -82.23 -39.64 54.72
CA GLY E 211 -82.82 -38.92 55.83
C GLY E 211 -84.29 -39.27 55.98
N GLN E 212 -84.86 -38.79 57.07
CA GLN E 212 -86.29 -38.91 57.27
C GLN E 212 -87.09 -37.99 56.38
N TYR E 213 -86.45 -36.98 55.78
CA TYR E 213 -87.13 -35.96 55.02
C TYR E 213 -86.42 -35.75 53.70
N VAL E 214 -87.20 -35.72 52.62
CA VAL E 214 -86.65 -35.60 51.28
C VAL E 214 -86.39 -34.15 50.92
N SER E 215 -87.22 -33.26 51.42
CA SER E 215 -87.15 -31.84 51.13
C SER E 215 -87.16 -31.08 52.44
N THR E 216 -86.53 -29.91 52.43
CA THR E 216 -86.23 -29.17 53.63
C THR E 216 -86.54 -27.69 53.46
N PHE E 217 -86.86 -27.07 54.59
CA PHE E 217 -87.16 -25.66 54.65
C PHE E 217 -86.58 -25.11 55.93
N GLU E 218 -85.87 -24.00 55.82
CA GLU E 218 -85.36 -23.26 56.96
C GLU E 218 -85.51 -21.79 56.68
N GLN E 219 -85.55 -21.00 57.74
CA GLN E 219 -85.70 -19.57 57.60
C GLN E 219 -85.14 -18.87 58.82
N ASP E 220 -84.19 -17.97 58.57
CA ASP E 220 -83.64 -17.16 59.64
C ASP E 220 -84.70 -16.16 60.08
N VAL E 221 -84.80 -15.98 61.40
CA VAL E 221 -85.80 -15.08 61.98
C VAL E 221 -85.25 -14.44 63.23
N GLU E 222 -85.86 -13.33 63.60
CA GLU E 222 -85.58 -12.62 64.83
C GLU E 222 -86.73 -12.90 65.77
N ILE E 223 -86.43 -13.55 66.88
CA ILE E 223 -87.43 -13.92 67.87
C ILE E 223 -87.32 -12.94 69.02
N THR E 224 -88.45 -12.68 69.67
CA THR E 224 -88.52 -11.85 70.86
C THR E 224 -89.32 -12.61 71.90
N LEU E 225 -88.62 -13.30 72.79
CA LEU E 225 -89.22 -13.92 73.95
C LEU E 225 -90.22 -15.01 73.58
N TYR F 1 7.93 35.23 -43.81
CA TYR F 1 8.56 34.02 -43.31
C TYR F 1 9.30 33.33 -44.43
N THR F 2 10.48 32.78 -44.14
CA THR F 2 11.30 32.14 -45.16
C THR F 2 11.95 30.92 -44.57
N ILE F 3 12.35 30.00 -45.45
CA ILE F 3 13.15 28.83 -45.14
C ILE F 3 14.13 28.58 -46.28
N SER F 4 14.91 27.51 -46.16
CA SER F 4 15.85 27.04 -47.18
C SER F 4 15.43 25.64 -47.57
N HIS F 5 15.37 25.38 -48.88
CA HIS F 5 15.09 24.06 -49.40
C HIS F 5 16.09 23.74 -50.52
N THR F 6 15.93 22.57 -51.11
CA THR F 6 16.68 22.16 -52.28
C THR F 6 15.70 21.78 -53.38
N GLY F 7 15.93 22.36 -54.54
CA GLY F 7 15.33 21.87 -55.77
C GLY F 7 16.23 20.79 -56.28
N GLY F 8 15.62 19.76 -56.86
CA GLY F 8 16.36 18.58 -57.22
C GLY F 8 15.83 17.92 -58.46
N THR F 9 16.41 16.76 -58.76
CA THR F 9 16.00 15.96 -59.89
C THR F 9 14.53 15.60 -59.82
N LEU F 10 14.01 15.41 -58.61
CA LEU F 10 12.63 15.04 -58.36
C LEU F 10 11.86 16.08 -57.59
N GLY F 11 12.52 16.87 -56.75
CA GLY F 11 11.93 18.02 -56.13
C GLY F 11 10.71 17.74 -55.27
N SER F 12 10.00 18.79 -54.91
CA SER F 12 8.87 18.69 -54.01
C SER F 12 7.67 18.01 -54.63
N SER F 13 7.68 17.72 -55.93
CA SER F 13 6.54 17.06 -56.57
C SER F 13 6.92 16.69 -57.98
N LYS F 14 6.13 15.79 -58.56
CA LYS F 14 6.38 15.27 -59.90
C LYS F 14 5.59 16.04 -60.96
N VAL F 15 5.71 17.36 -60.88
CA VAL F 15 5.45 18.26 -62.00
C VAL F 15 6.73 18.64 -62.73
N THR F 16 7.88 18.40 -62.12
CA THR F 16 9.18 18.54 -62.75
C THR F 16 9.25 17.71 -64.03
N THR F 17 10.13 18.14 -64.94
CA THR F 17 10.31 17.53 -66.24
C THR F 17 11.79 17.50 -66.58
N ALA F 18 12.18 16.53 -67.40
CA ALA F 18 13.54 16.41 -67.87
C ALA F 18 13.53 15.77 -69.26
N ALA F 19 14.36 16.28 -70.15
CA ALA F 19 14.46 15.71 -71.49
C ALA F 19 15.81 16.05 -72.10
N ASN F 20 16.08 15.48 -73.26
CA ASN F 20 17.41 15.46 -73.84
C ASN F 20 17.54 16.50 -74.97
N GLN F 21 18.72 16.54 -75.58
CA GLN F 21 19.08 17.47 -76.64
C GLN F 21 19.24 16.75 -77.98
N THR F 22 19.77 17.48 -78.96
CA THR F 22 20.00 17.00 -80.30
C THR F 22 21.48 16.68 -80.52
N SER F 23 21.74 16.09 -81.68
CA SER F 23 23.08 15.66 -82.07
C SER F 23 23.85 16.80 -82.74
N PRO F 24 23.24 17.54 -83.66
CA PRO F 24 23.73 18.89 -83.94
C PRO F 24 23.64 19.76 -82.71
N GLN F 25 24.36 20.86 -82.74
CA GLN F 25 24.60 21.67 -81.56
C GLN F 25 23.52 22.73 -81.49
N ARG F 26 22.73 22.71 -80.43
CA ARG F 26 21.77 23.76 -80.21
C ARG F 26 21.34 23.81 -78.75
N GLU F 27 21.03 25.01 -78.29
CA GLU F 27 20.44 25.15 -76.98
C GLU F 27 19.10 24.45 -76.97
N THR F 28 19.05 23.33 -76.26
CA THR F 28 17.81 22.63 -76.00
C THR F 28 17.47 22.75 -74.52
N ALA F 29 16.18 22.63 -74.25
CA ALA F 29 15.63 22.77 -72.90
C ALA F 29 15.66 21.41 -72.23
N ILE F 30 16.61 21.24 -71.34
CA ILE F 30 16.92 19.95 -70.75
C ILE F 30 15.96 19.69 -69.61
N ILE F 31 15.97 20.54 -68.58
CA ILE F 31 15.26 20.24 -67.32
C ILE F 31 14.46 21.44 -66.87
N GLY F 32 13.21 21.19 -66.50
CA GLY F 32 12.29 22.22 -66.07
C GLY F 32 11.75 22.04 -64.67
N PHE F 33 11.90 23.08 -63.87
CA PHE F 33 11.39 23.14 -62.50
C PHE F 33 10.16 24.01 -62.52
N GLU F 34 9.01 23.42 -62.24
CA GLU F 34 7.73 24.14 -62.19
C GLU F 34 7.24 24.19 -60.75
N CYS F 35 6.60 25.30 -60.41
CA CYS F 35 6.25 25.57 -59.02
C CYS F 35 4.85 25.04 -58.69
N PRO F 36 4.60 24.54 -57.45
CA PRO F 36 3.30 23.95 -57.13
C PRO F 36 2.30 24.91 -56.52
N ARG F 37 1.13 24.38 -56.17
CA ARG F 37 0.17 25.12 -55.36
C ARG F 37 0.54 25.12 -53.88
N LYS F 38 1.41 24.21 -53.45
CA LYS F 38 1.73 24.11 -52.03
C LYS F 38 2.38 25.36 -51.51
N PHE F 39 3.33 25.89 -52.25
CA PHE F 39 4.10 27.06 -51.85
C PHE F 39 3.37 28.32 -52.28
N ALA F 40 4.03 29.44 -52.06
CA ALA F 40 3.57 30.74 -52.52
C ALA F 40 4.54 31.38 -53.49
N GLU F 41 5.84 31.20 -53.27
CA GLU F 41 6.86 31.77 -54.15
C GLU F 41 8.17 31.07 -53.86
N ILE F 42 9.13 31.26 -54.78
CA ILE F 42 10.44 30.66 -54.69
C ILE F 42 11.45 31.74 -55.09
N GLU F 43 12.67 31.59 -54.58
CA GLU F 43 13.78 32.44 -54.98
C GLU F 43 15.03 31.59 -55.14
N TYR F 44 15.89 32.01 -56.05
CA TYR F 44 17.24 31.48 -56.15
C TYR F 44 18.20 32.61 -56.42
N VAL F 45 19.30 32.61 -55.68
CA VAL F 45 20.27 33.68 -55.69
C VAL F 45 21.62 33.10 -56.00
N GLY F 46 22.19 33.52 -57.11
CA GLY F 46 23.57 33.24 -57.36
C GLY F 46 24.47 33.94 -56.36
N GLN F 47 25.65 33.36 -56.16
CA GLN F 47 26.69 33.83 -55.23
C GLN F 47 26.33 33.60 -53.76
N ARG F 48 25.13 33.11 -53.46
CA ARG F 48 24.72 32.79 -52.11
C ARG F 48 24.40 31.31 -51.99
N ASP F 49 23.52 30.80 -52.85
CA ASP F 49 23.02 29.44 -52.78
C ASP F 49 23.61 28.66 -53.94
N SER F 50 24.19 27.51 -53.63
CA SER F 50 25.01 26.83 -54.61
C SER F 50 24.18 25.88 -55.45
N THR F 51 24.88 25.21 -56.36
CA THR F 51 24.26 24.37 -57.35
C THR F 51 25.24 23.29 -57.72
N ARG F 52 24.73 22.08 -57.87
CA ARG F 52 25.49 20.92 -58.27
C ARG F 52 24.85 20.33 -59.51
N PHE F 53 25.69 19.79 -60.38
CA PHE F 53 25.21 19.31 -61.67
C PHE F 53 26.19 18.28 -62.19
N ILE F 54 25.75 17.02 -62.16
CA ILE F 54 26.52 15.89 -62.62
C ILE F 54 25.91 15.45 -63.94
N PRO F 55 26.47 15.84 -65.07
CA PRO F 55 26.07 15.24 -66.35
C PRO F 55 26.90 14.02 -66.73
N ARG F 56 26.25 13.16 -67.51
CA ARG F 56 26.87 11.98 -68.07
C ARG F 56 26.05 11.61 -69.29
N THR F 57 26.66 10.83 -70.19
CA THR F 57 26.06 10.50 -71.47
C THR F 57 26.03 8.99 -71.67
N THR F 58 25.76 8.55 -72.89
CA THR F 58 25.78 7.14 -73.24
C THR F 58 26.45 6.94 -74.58
N GLU F 59 27.32 5.94 -74.62
CA GLU F 59 27.80 5.35 -75.86
C GLU F 59 27.74 3.84 -75.68
N SER F 60 28.13 3.10 -76.70
CA SER F 60 28.03 1.66 -76.65
C SER F 60 28.91 1.08 -77.73
N ILE F 61 29.20 -0.22 -77.59
CA ILE F 61 30.07 -0.92 -78.50
C ILE F 61 29.66 -2.38 -78.59
N THR F 62 30.09 -3.01 -79.68
CA THR F 62 30.02 -4.44 -79.86
C THR F 62 31.44 -4.99 -79.83
N GLY F 63 31.57 -6.20 -79.33
CA GLY F 63 32.86 -6.75 -79.03
C GLY F 63 33.47 -7.54 -80.16
N THR F 64 34.76 -7.82 -79.99
CA THR F 64 35.55 -8.59 -80.93
C THR F 64 36.90 -8.87 -80.28
N ALA F 65 37.67 -9.73 -80.93
CA ALA F 65 39.00 -10.06 -80.41
C ALA F 65 39.90 -8.84 -80.46
N GLY F 66 40.53 -8.53 -79.32
CA GLY F 66 41.47 -7.44 -79.23
C GLY F 66 40.89 -6.11 -78.81
N ASP F 67 39.61 -6.06 -78.44
CA ASP F 67 38.94 -4.80 -78.13
C ASP F 67 38.99 -4.51 -76.62
N ASP F 68 40.22 -4.43 -76.12
CA ASP F 68 40.45 -3.99 -74.75
C ASP F 68 40.35 -2.48 -74.64
N THR F 69 40.80 -1.77 -75.67
CA THR F 69 40.80 -0.33 -75.73
C THR F 69 39.50 0.15 -76.33
N VAL F 70 39.01 1.26 -75.79
CA VAL F 70 37.89 1.98 -76.36
C VAL F 70 38.39 3.34 -76.83
N VAL F 71 37.93 3.71 -78.02
CA VAL F 71 38.39 4.84 -78.81
C VAL F 71 37.96 6.15 -78.19
N SER F 72 38.42 7.25 -78.78
CA SER F 72 37.91 8.58 -78.51
C SER F 72 36.39 8.59 -78.51
N LEU F 73 35.83 8.99 -77.38
CA LEU F 73 34.41 8.90 -77.12
C LEU F 73 33.65 10.12 -77.52
N THR F 74 34.14 10.87 -78.51
CA THR F 74 33.45 12.05 -79.01
C THR F 74 33.34 13.13 -77.94
N ALA F 75 34.30 13.19 -77.03
CA ALA F 75 34.32 14.24 -76.03
C ALA F 75 35.70 14.32 -75.40
N ASN F 76 35.99 15.46 -74.78
CA ASN F 76 37.24 15.64 -74.08
C ASN F 76 37.10 15.14 -72.66
N ILE F 77 37.89 14.15 -72.31
CA ILE F 77 37.71 13.43 -71.04
C ILE F 77 38.51 14.17 -69.97
N GLN F 78 37.86 15.00 -69.28
CA GLN F 78 38.54 15.85 -68.34
C GLN F 78 38.92 15.08 -67.08
N PRO F 79 39.74 15.66 -66.22
CA PRO F 79 39.88 15.14 -64.86
C PRO F 79 38.68 15.53 -64.00
N VAL F 80 38.79 15.20 -62.72
CA VAL F 80 37.71 15.29 -61.77
C VAL F 80 38.26 15.97 -60.54
N ALA F 81 37.96 17.27 -60.41
CA ALA F 81 38.63 18.13 -59.44
C ALA F 81 40.14 18.06 -59.62
N GLY F 82 40.57 17.92 -60.87
CA GLY F 82 41.97 17.81 -61.21
C GLY F 82 42.61 16.47 -60.91
N GLU F 83 41.82 15.43 -60.67
CA GLU F 83 42.32 14.12 -60.28
C GLU F 83 42.16 13.12 -61.41
N THR F 84 42.96 12.06 -61.34
CA THR F 84 43.19 11.15 -62.46
C THR F 84 42.73 9.73 -62.20
N ALA F 85 42.95 9.19 -61.01
CA ALA F 85 42.61 7.81 -60.70
C ALA F 85 41.18 7.73 -60.19
N ILE F 86 40.42 6.82 -60.80
CA ILE F 86 38.95 6.78 -60.63
C ILE F 86 38.58 6.58 -59.17
N GLU F 87 39.29 5.68 -58.52
CA GLU F 87 39.12 5.40 -57.10
C GLU F 87 39.26 6.64 -56.24
N ASP F 88 40.09 7.59 -56.68
CA ASP F 88 40.45 8.74 -55.87
C ASP F 88 39.47 9.91 -55.99
N GLN F 89 38.46 9.79 -56.84
CA GLN F 89 37.67 10.93 -57.26
C GLN F 89 36.34 10.99 -56.51
N ASP F 90 35.74 12.17 -56.53
CA ASP F 90 34.42 12.34 -55.95
C ASP F 90 33.37 11.55 -56.70
N TYR F 91 33.59 11.28 -57.97
CA TYR F 91 32.74 10.38 -58.74
C TYR F 91 33.54 9.91 -59.95
N PRO F 92 33.10 8.83 -60.60
CA PRO F 92 33.83 8.37 -61.77
C PRO F 92 33.71 9.33 -62.93
N VAL F 93 34.74 9.32 -63.77
CA VAL F 93 34.65 9.90 -65.09
C VAL F 93 33.87 8.99 -66.03
N ALA F 94 33.85 7.69 -65.74
CA ALA F 94 33.47 6.68 -66.71
C ALA F 94 32.94 5.45 -66.00
N VAL F 95 31.88 4.87 -66.55
CA VAL F 95 31.30 3.64 -66.06
C VAL F 95 30.95 2.78 -67.26
N ALA F 96 30.96 1.47 -67.05
CA ALA F 96 30.75 0.51 -68.13
C ALA F 96 29.91 -0.66 -67.66
N TYR F 97 29.21 -1.28 -68.62
CA TYR F 97 28.29 -2.36 -68.33
C TYR F 97 28.29 -3.33 -69.51
N ASN F 98 28.46 -4.61 -69.20
CA ASN F 98 28.33 -5.67 -70.19
C ASN F 98 26.89 -6.17 -70.11
N VAL F 99 26.11 -5.87 -71.15
CA VAL F 99 24.69 -6.18 -71.08
C VAL F 99 24.45 -7.62 -71.46
N THR F 100 25.30 -8.17 -72.34
CA THR F 100 25.22 -9.60 -72.64
C THR F 100 25.47 -10.41 -71.39
N GLN F 101 26.42 -10.00 -70.57
CA GLN F 101 26.65 -10.59 -69.27
C GLN F 101 25.73 -10.01 -68.21
N GLY F 102 25.24 -8.80 -68.42
CA GLY F 102 24.29 -8.21 -67.50
C GLY F 102 24.96 -7.83 -66.20
N VAL F 103 26.14 -7.23 -66.31
CA VAL F 103 26.99 -6.94 -65.16
C VAL F 103 27.64 -5.57 -65.31
N GLN F 104 28.07 -5.03 -64.17
CA GLN F 104 28.90 -3.85 -64.12
C GLN F 104 30.34 -4.20 -64.46
N VAL F 105 31.09 -3.20 -64.93
CA VAL F 105 32.49 -3.36 -65.29
C VAL F 105 33.28 -2.25 -64.61
N ASP F 106 34.56 -2.51 -64.44
CA ASP F 106 35.51 -1.56 -63.89
C ASP F 106 36.62 -1.33 -64.91
N ILE F 107 37.41 -0.30 -64.66
CA ILE F 107 38.34 0.26 -65.62
C ILE F 107 39.75 -0.12 -65.22
N ASP F 108 40.59 -0.40 -66.22
CA ASP F 108 42.01 -0.61 -66.02
C ASP F 108 42.82 0.67 -66.20
N ALA F 109 42.74 1.29 -67.39
CA ALA F 109 43.64 2.37 -67.74
C ALA F 109 42.90 3.39 -68.58
N VAL F 110 43.49 4.59 -68.65
CA VAL F 110 42.87 5.77 -69.23
C VAL F 110 43.95 6.52 -69.99
N ASP F 111 43.50 7.35 -70.95
CA ASP F 111 44.41 8.19 -71.71
C ASP F 111 43.64 9.47 -72.07
N TYR F 112 43.81 10.50 -71.24
CA TYR F 112 43.15 11.77 -71.49
C TYR F 112 43.66 12.46 -72.74
N ALA F 113 44.88 12.15 -73.16
CA ALA F 113 45.45 12.77 -74.35
C ALA F 113 44.62 12.42 -75.57
N ALA F 114 44.58 11.15 -75.91
CA ALA F 114 43.76 10.67 -77.01
C ALA F 114 42.29 10.45 -76.62
N ASP F 115 41.89 10.80 -75.39
CA ASP F 115 40.49 10.73 -74.96
C ASP F 115 39.95 9.30 -74.99
N GLU F 116 40.83 8.34 -74.71
CA GLU F 116 40.52 6.92 -74.84
C GLU F 116 40.61 6.24 -73.48
N VAL F 117 40.11 5.00 -73.43
CA VAL F 117 40.14 4.21 -72.20
C VAL F 117 40.47 2.77 -72.54
N THR F 118 40.68 1.96 -71.50
CA THR F 118 41.03 0.57 -71.67
C THR F 118 40.55 -0.20 -70.45
N LEU F 119 39.95 -1.35 -70.70
CA LEU F 119 39.11 -2.02 -69.71
C LEU F 119 39.72 -3.34 -69.24
N ALA F 120 39.05 -3.92 -68.27
CA ALA F 120 39.48 -5.18 -67.67
C ALA F 120 39.22 -6.36 -68.59
N ASP F 121 37.96 -6.64 -68.87
CA ASP F 121 37.55 -7.87 -69.52
C ASP F 121 37.32 -7.59 -70.99
N ASN F 122 38.15 -8.18 -71.85
CA ASN F 122 37.92 -8.13 -73.28
C ASN F 122 36.59 -8.82 -73.56
N PRO F 123 35.53 -8.10 -73.94
CA PRO F 123 34.25 -8.77 -74.14
C PRO F 123 34.25 -9.55 -75.45
N ALA F 124 33.29 -10.46 -75.56
CA ALA F 124 33.33 -11.46 -76.60
C ALA F 124 32.95 -10.88 -77.96
N ASP F 125 33.25 -11.65 -79.01
CA ASP F 125 32.85 -11.28 -80.35
C ASP F 125 31.34 -11.35 -80.46
N GLY F 126 30.71 -10.20 -80.70
CA GLY F 126 29.28 -10.09 -80.66
C GLY F 126 28.72 -9.67 -79.31
N ASP F 127 29.55 -9.65 -78.28
CA ASP F 127 29.16 -9.14 -76.98
C ASP F 127 28.71 -7.68 -77.10
N THR F 128 27.88 -7.26 -76.16
CA THR F 128 27.27 -5.94 -76.15
C THR F 128 27.64 -5.21 -74.88
N VAL F 129 28.14 -3.98 -75.04
CA VAL F 129 28.54 -3.15 -73.90
C VAL F 129 27.96 -1.77 -74.08
N LYS F 130 27.54 -1.19 -72.96
CA LYS F 130 27.18 0.22 -72.89
C LYS F 130 28.13 0.91 -71.92
N VAL F 131 28.31 2.21 -72.16
CA VAL F 131 29.29 3.01 -71.43
C VAL F 131 28.68 4.37 -71.17
N TRP F 132 29.04 4.93 -70.02
CA TRP F 132 28.51 6.19 -69.53
C TRP F 132 29.72 7.00 -69.09
N PRO F 133 30.31 7.78 -69.98
CA PRO F 133 31.30 8.78 -69.58
C PRO F 133 30.65 10.12 -69.36
N ILE F 134 31.42 10.99 -68.71
CA ILE F 134 30.92 12.33 -68.45
C ILE F 134 30.63 13.04 -69.76
N MET F 135 29.76 14.04 -69.68
CA MET F 135 29.55 14.91 -70.82
C MET F 135 30.79 15.76 -71.06
N GLY F 136 31.06 16.04 -72.33
CA GLY F 136 32.32 16.62 -72.73
C GLY F 136 32.32 18.12 -72.61
N ASP F 137 32.41 18.80 -73.74
CA ASP F 137 32.32 20.25 -73.78
C ASP F 137 30.90 20.68 -74.14
N GLY F 138 30.61 21.93 -73.84
CA GLY F 138 29.28 22.47 -74.05
C GLY F 138 29.06 23.66 -73.15
N ASP F 139 27.93 24.32 -73.37
CA ASP F 139 27.54 25.49 -72.58
C ASP F 139 26.13 25.33 -72.06
N VAL F 140 25.86 25.97 -70.93
CA VAL F 140 24.66 25.73 -70.15
C VAL F 140 24.21 27.02 -69.51
N GLN F 141 22.91 27.16 -69.32
CA GLN F 141 22.40 28.34 -68.63
C GLN F 141 20.93 28.11 -68.26
N PHE F 142 20.31 29.15 -67.72
CA PHE F 142 18.96 29.15 -67.20
C PHE F 142 18.01 29.90 -68.13
N ARG F 143 16.72 29.81 -67.82
CA ARG F 143 15.68 30.52 -68.52
C ARG F 143 14.45 30.56 -67.65
N LEU F 144 13.71 31.67 -67.71
CA LEU F 144 12.39 31.74 -67.11
C LEU F 144 11.34 31.47 -68.18
N VAL F 145 10.25 30.82 -67.79
CA VAL F 145 9.13 30.56 -68.67
C VAL F 145 7.86 30.74 -67.86
N ASN F 146 6.97 31.57 -68.38
CA ASN F 146 5.75 31.96 -67.68
C ASN F 146 4.70 30.86 -67.83
N GLN F 147 3.52 31.11 -67.29
CA GLN F 147 2.40 30.18 -67.44
C GLN F 147 1.97 30.05 -68.89
N PHE F 148 2.21 31.05 -69.72
CA PHE F 148 1.79 31.03 -71.10
C PHE F 148 2.71 30.23 -72.01
N GLY F 149 3.68 29.49 -71.45
CA GLY F 149 4.64 28.81 -72.26
C GLY F 149 5.65 29.72 -72.92
N GLN F 150 5.74 30.96 -72.47
CA GLN F 150 6.54 31.99 -73.13
C GLN F 150 7.75 32.31 -72.29
N GLU F 151 8.85 32.62 -72.96
CA GLU F 151 10.03 33.10 -72.27
C GLU F 151 9.72 34.40 -71.54
N GLU F 152 10.57 34.70 -70.56
CA GLU F 152 10.56 35.97 -69.87
C GLU F 152 11.94 36.56 -69.66
N GLY F 153 13.00 35.77 -69.71
CA GLY F 153 14.34 36.27 -69.57
C GLY F 153 15.31 35.22 -69.03
N ARG F 154 16.58 35.44 -69.30
CA ARG F 154 17.67 34.65 -68.78
C ARG F 154 18.26 35.35 -67.57
N VAL F 155 19.26 34.73 -66.94
CA VAL F 155 19.70 35.11 -65.59
C VAL F 155 21.23 35.13 -65.56
N TYR F 156 21.79 36.30 -65.25
CA TYR F 156 23.20 36.65 -65.41
C TYR F 156 23.77 35.95 -66.64
N PRO F 157 23.26 36.24 -67.81
CA PRO F 157 23.54 35.38 -68.95
C PRO F 157 24.97 35.50 -69.43
N TRP F 158 25.82 34.79 -68.72
CA TRP F 158 27.09 34.29 -69.24
C TRP F 158 27.01 32.78 -69.18
N ALA F 159 26.75 32.16 -70.33
CA ALA F 159 26.60 30.72 -70.39
C ALA F 159 27.88 30.05 -69.93
N THR F 160 27.74 29.21 -68.98
CA THR F 160 28.88 28.65 -68.28
C THR F 160 29.44 27.46 -69.07
N PRO F 161 30.75 27.30 -69.20
CA PRO F 161 31.27 26.09 -69.84
C PRO F 161 30.97 24.86 -69.02
N LEU F 162 30.90 23.73 -69.72
CA LEU F 162 30.56 22.48 -69.06
C LEU F 162 31.69 22.01 -68.17
N TYR F 163 32.93 22.11 -68.65
CA TYR F 163 34.06 21.47 -68.01
C TYR F 163 34.30 22.00 -66.61
N ARG F 164 33.87 23.23 -66.33
CA ARG F 164 34.18 23.85 -65.05
C ARG F 164 33.50 23.10 -63.92
N TRP F 165 32.30 22.59 -64.16
CA TRP F 165 31.63 21.79 -63.16
C TRP F 165 32.40 20.52 -62.86
N HIS F 166 33.00 19.91 -63.87
CA HIS F 166 33.80 18.71 -63.67
C HIS F 166 35.17 19.02 -63.09
N ASP F 167 35.64 20.25 -63.24
CA ASP F 167 37.00 20.61 -62.85
C ASP F 167 37.16 20.92 -61.38
N PHE F 168 36.07 21.09 -60.63
CA PHE F 168 36.10 21.44 -59.22
C PHE F 168 35.62 20.27 -58.37
N PRO F 169 35.99 20.23 -57.08
CA PRO F 169 35.31 19.34 -56.14
C PRO F 169 34.04 19.96 -55.62
N GLN F 170 32.94 19.70 -56.32
CA GLN F 170 31.69 20.47 -56.19
C GLN F 170 31.14 20.49 -54.77
N LEU F 171 31.48 19.51 -53.95
CA LEU F 171 30.99 19.46 -52.58
C LEU F 171 31.77 20.37 -51.65
N LYS F 172 33.08 20.45 -51.88
CA LYS F 172 33.97 21.19 -51.00
C LYS F 172 33.58 22.66 -50.96
N ARG F 173 33.40 23.19 -49.77
CA ARG F 173 33.06 24.59 -49.61
C ARG F 173 34.19 25.46 -50.14
N GLY F 174 33.81 26.59 -50.72
CA GLY F 174 34.74 27.43 -51.44
C GLY F 174 34.80 27.01 -52.89
N ARG F 175 35.06 25.74 -53.11
CA ARG F 175 35.05 25.15 -54.45
C ARG F 175 33.65 24.83 -54.93
N GLU F 176 32.63 24.98 -54.09
CA GLU F 176 31.27 24.73 -54.55
C GLU F 176 30.89 25.79 -55.56
N ILE F 177 30.22 25.36 -56.62
CA ILE F 177 29.79 26.29 -57.66
C ILE F 177 28.75 27.21 -57.09
N ASN F 178 28.93 28.50 -57.33
CA ASN F 178 27.88 29.50 -57.22
C ASN F 178 27.79 30.17 -58.56
N LEU F 179 26.66 30.00 -59.23
CA LEU F 179 26.35 30.79 -60.40
C LEU F 179 25.89 32.16 -59.91
N HIS F 180 25.35 32.97 -60.81
CA HIS F 180 25.12 34.37 -60.57
C HIS F 180 23.64 34.68 -60.84
N GLY F 181 23.32 35.96 -60.80
CA GLY F 181 21.96 36.41 -61.07
C GLY F 181 20.98 35.97 -60.00
N SER F 182 19.72 36.32 -60.26
CA SER F 182 18.63 36.10 -59.34
C SER F 182 17.39 35.73 -60.13
N VAL F 183 16.32 35.38 -59.41
CA VAL F 183 15.10 34.90 -60.03
C VAL F 183 14.01 34.84 -58.98
N THR F 184 12.76 34.88 -59.42
CA THR F 184 11.63 34.67 -58.52
C THR F 184 10.51 34.02 -59.32
N TRP F 185 10.25 32.74 -59.03
CA TRP F 185 9.12 32.03 -59.60
C TRP F 185 7.80 32.67 -59.16
N GLU F 186 6.73 32.20 -59.77
CA GLU F 186 5.37 32.40 -59.28
C GLU F 186 4.71 31.02 -59.26
N GLU F 187 3.39 30.99 -59.07
CA GLU F 187 2.70 29.74 -58.74
C GLU F 187 2.81 28.70 -59.85
N ASN F 188 2.19 28.96 -60.99
CA ASN F 188 2.04 27.95 -62.04
C ASN F 188 3.19 27.99 -63.04
N GLU F 189 4.29 28.65 -62.70
CA GLU F 189 5.31 29.02 -63.65
C GLU F 189 6.52 28.11 -63.54
N THR F 190 7.40 28.24 -64.52
CA THR F 190 8.48 27.30 -64.71
C THR F 190 9.78 28.04 -64.96
N VAL F 191 10.86 27.39 -64.55
CA VAL F 191 12.21 27.75 -64.92
C VAL F 191 12.79 26.54 -65.62
N GLU F 192 13.72 26.81 -66.52
CA GLU F 192 14.31 25.79 -67.36
C GLU F 192 15.82 25.94 -67.32
N VAL F 193 16.47 24.79 -67.45
CA VAL F 193 17.90 24.69 -67.63
C VAL F 193 18.14 24.11 -68.99
N LEU F 194 19.05 24.74 -69.73
CA LEU F 194 19.27 24.48 -71.14
C LEU F 194 20.74 24.31 -71.41
N LEU F 195 21.02 23.69 -72.55
CA LEU F 195 22.34 23.14 -72.81
C LEU F 195 22.58 23.00 -74.30
N ASP F 196 23.85 23.15 -74.68
CA ASP F 196 24.32 22.84 -76.02
C ASP F 196 25.61 22.02 -75.91
N ALA F 197 25.69 20.93 -76.66
CA ALA F 197 26.81 20.02 -76.60
C ALA F 197 26.82 19.11 -77.82
N PRO F 198 27.94 18.41 -78.11
CA PRO F 198 27.96 17.44 -79.21
C PRO F 198 27.54 16.03 -78.82
N GLN F 199 26.86 15.88 -77.70
CA GLN F 199 26.54 14.55 -77.19
C GLN F 199 25.19 14.58 -76.50
N ALA F 200 24.65 13.39 -76.29
CA ALA F 200 23.28 13.20 -75.84
C ALA F 200 23.24 12.84 -74.37
N ILE F 201 22.59 13.67 -73.57
CA ILE F 201 22.43 13.39 -72.16
C ILE F 201 21.51 12.19 -71.98
N THR F 202 21.64 11.54 -70.84
CA THR F 202 20.87 10.35 -70.53
C THR F 202 20.48 10.38 -69.06
N TRP F 203 19.28 9.92 -68.79
CA TRP F 203 18.88 9.56 -67.45
C TRP F 203 18.09 8.27 -67.50
N GLU F 204 18.00 7.63 -66.33
CA GLU F 204 17.07 6.53 -66.10
C GLU F 204 17.34 5.33 -67.00
N ASP F 205 18.56 5.18 -67.49
CA ASP F 205 18.93 3.96 -68.19
C ASP F 205 18.84 2.81 -67.22
N SER F 206 17.99 1.84 -67.55
CA SER F 206 17.70 0.76 -66.62
C SER F 206 18.91 -0.10 -66.34
N ASP F 207 19.84 -0.18 -67.29
CA ASP F 207 20.98 -1.06 -67.16
C ASP F 207 22.10 -0.47 -66.33
N TYR F 208 21.89 0.67 -65.69
CA TYR F 208 22.97 1.33 -64.96
C TYR F 208 23.06 0.77 -63.54
N PRO F 209 24.26 0.49 -63.01
CA PRO F 209 24.32 -0.25 -61.75
C PRO F 209 24.28 0.64 -60.51
N GLU F 210 24.77 1.87 -60.60
CA GLU F 210 25.01 2.66 -59.41
C GLU F 210 23.75 3.26 -58.84
N GLY F 211 22.73 3.46 -59.65
CA GLY F 211 21.51 4.08 -59.21
C GLY F 211 20.60 4.28 -60.39
N GLN F 212 19.44 4.85 -60.11
CA GLN F 212 18.43 5.08 -61.12
C GLN F 212 18.62 6.39 -61.86
N TYR F 213 19.64 7.17 -61.49
CA TYR F 213 19.84 8.51 -62.04
C TYR F 213 21.33 8.69 -62.26
N VAL F 214 21.78 8.41 -63.49
CA VAL F 214 23.18 8.62 -63.86
C VAL F 214 23.59 10.06 -63.63
N SER F 215 22.69 10.99 -63.87
CA SER F 215 23.00 12.41 -63.89
C SER F 215 21.96 13.15 -63.08
N THR F 216 22.41 14.26 -62.49
CA THR F 216 21.60 14.99 -61.53
C THR F 216 21.85 16.48 -61.67
N PHE F 217 20.92 17.25 -61.13
CA PHE F 217 20.99 18.69 -61.09
C PHE F 217 20.22 19.14 -59.86
N GLU F 218 20.92 19.73 -58.92
CA GLU F 218 20.38 20.03 -57.61
C GLU F 218 20.84 21.43 -57.25
N GLN F 219 20.05 22.09 -56.40
CA GLN F 219 20.31 23.50 -56.14
C GLN F 219 19.71 23.94 -54.83
N ASP F 220 20.53 24.62 -54.03
CA ASP F 220 20.06 25.20 -52.79
C ASP F 220 19.28 26.47 -53.11
N VAL F 221 18.10 26.61 -52.49
CA VAL F 221 17.19 27.70 -52.79
C VAL F 221 16.48 28.13 -51.52
N GLU F 222 15.66 29.16 -51.65
CA GLU F 222 14.97 29.80 -50.54
C GLU F 222 13.48 29.89 -50.87
N ILE F 223 12.66 29.53 -49.89
CA ILE F 223 11.22 29.38 -50.06
C ILE F 223 10.52 30.23 -49.01
N THR F 224 9.31 30.65 -49.36
CA THR F 224 8.35 31.19 -48.40
C THR F 224 7.47 30.04 -47.95
N LEU F 225 7.59 29.66 -46.68
CA LEU F 225 6.71 28.68 -46.05
C LEU F 225 6.80 27.30 -46.69
N TYR G 1 59.26 51.41 -59.18
CA TYR G 1 59.00 51.14 -60.59
C TYR G 1 59.70 49.87 -61.02
N THR G 2 59.61 48.85 -60.19
CA THR G 2 60.30 47.60 -60.38
C THR G 2 59.30 46.47 -60.57
N ILE G 3 59.82 45.33 -60.98
CA ILE G 3 59.04 44.15 -61.28
C ILE G 3 59.83 42.93 -60.83
N SER G 4 59.16 41.78 -60.89
CA SER G 4 59.71 40.53 -60.39
C SER G 4 59.99 39.64 -61.59
N HIS G 5 61.24 39.25 -61.72
CA HIS G 5 61.73 38.43 -62.80
C HIS G 5 62.34 37.18 -62.20
N THR G 6 62.78 36.30 -63.08
CA THR G 6 63.56 35.14 -62.71
C THR G 6 64.88 35.16 -63.45
N GLY G 7 65.94 34.90 -62.71
CA GLY G 7 67.25 34.64 -63.26
C GLY G 7 67.51 33.15 -63.09
N GLY G 8 67.79 32.50 -64.20
CA GLY G 8 67.81 31.07 -64.24
C GLY G 8 69.04 30.51 -64.91
N THR G 9 68.88 29.30 -65.40
CA THR G 9 69.96 28.61 -66.10
C THR G 9 70.36 29.39 -67.33
N LEU G 10 69.39 29.89 -68.08
CA LEU G 10 69.58 30.57 -69.35
C LEU G 10 69.06 31.99 -69.33
N GLY G 11 67.78 32.16 -69.00
CA GLY G 11 67.20 33.40 -68.60
C GLY G 11 67.35 34.50 -69.63
N SER G 12 67.53 35.68 -69.11
CA SER G 12 67.57 36.91 -69.84
C SER G 12 68.69 37.01 -70.84
N SER G 13 69.57 36.04 -71.10
CA SER G 13 70.68 36.28 -72.02
C SER G 13 71.40 34.96 -72.29
N LYS G 14 72.58 35.07 -72.90
CA LYS G 14 73.54 33.99 -72.96
C LYS G 14 74.97 34.46 -72.71
N VAL G 15 75.12 35.68 -72.18
CA VAL G 15 76.35 36.01 -71.46
C VAL G 15 76.51 35.14 -70.22
N THR G 16 75.40 34.66 -69.67
CA THR G 16 75.42 33.78 -68.52
C THR G 16 76.26 32.54 -68.79
N THR G 17 76.92 32.08 -67.75
CA THR G 17 77.87 31.00 -67.83
C THR G 17 77.58 29.95 -66.79
N ALA G 18 77.63 28.70 -67.23
CA ALA G 18 77.55 27.53 -66.37
C ALA G 18 78.84 26.75 -66.52
N ALA G 19 79.35 26.29 -65.39
CA ALA G 19 80.52 25.43 -65.42
C ALA G 19 80.61 24.69 -64.10
N ASN G 20 81.56 23.78 -64.06
CA ASN G 20 81.67 22.81 -62.99
C ASN G 20 82.64 23.26 -61.92
N GLN G 21 82.92 22.36 -61.00
CA GLN G 21 83.94 22.49 -59.99
C GLN G 21 84.90 21.31 -60.09
N THR G 22 85.78 21.22 -59.09
CA THR G 22 86.83 20.24 -59.04
C THR G 22 86.50 19.15 -58.04
N SER G 23 87.23 18.03 -58.15
CA SER G 23 87.09 16.94 -57.19
C SER G 23 87.88 17.18 -55.91
N PRO G 24 89.07 17.78 -55.94
CA PRO G 24 89.62 18.33 -54.70
C PRO G 24 88.65 19.32 -54.12
N GLN G 25 88.14 19.01 -52.94
CA GLN G 25 87.11 19.85 -52.36
C GLN G 25 87.74 21.17 -51.98
N ARG G 26 87.32 22.18 -52.73
CA ARG G 26 88.01 23.46 -52.93
C ARG G 26 86.88 24.35 -53.44
N GLU G 27 86.52 25.37 -52.67
CA GLU G 27 85.30 26.09 -53.00
C GLU G 27 85.45 26.95 -54.24
N THR G 28 84.85 26.51 -55.34
CA THR G 28 85.05 27.14 -56.63
C THR G 28 83.77 27.79 -57.09
N ALA G 29 83.80 28.32 -58.30
CA ALA G 29 82.62 28.84 -58.93
C ALA G 29 81.81 27.72 -59.56
N ILE G 30 80.57 28.06 -59.83
CA ILE G 30 79.64 27.19 -60.53
C ILE G 30 78.98 27.94 -61.66
N ILE G 31 78.30 29.05 -61.33
CA ILE G 31 77.47 29.75 -62.29
C ILE G 31 77.78 31.23 -62.24
N GLY G 32 77.84 31.86 -63.40
CA GLY G 32 77.98 33.29 -63.54
C GLY G 32 76.76 34.01 -64.11
N PHE G 33 76.09 34.79 -63.28
CA PHE G 33 75.02 35.70 -63.68
C PHE G 33 75.61 37.06 -63.98
N GLU G 34 75.97 37.29 -65.24
CA GLU G 34 76.43 38.60 -65.68
C GLU G 34 75.24 39.38 -66.22
N CYS G 35 75.13 40.61 -65.80
CA CYS G 35 74.01 41.44 -66.22
C CYS G 35 74.28 42.08 -67.58
N PRO G 36 73.24 42.28 -68.44
CA PRO G 36 73.45 42.91 -69.74
C PRO G 36 73.07 44.38 -69.81
N ARG G 37 73.30 45.01 -70.96
CA ARG G 37 72.96 46.42 -71.13
C ARG G 37 71.48 46.66 -71.32
N LYS G 38 70.67 45.63 -71.51
CA LYS G 38 69.23 45.82 -71.59
C LYS G 38 68.72 46.50 -70.35
N PHE G 39 69.23 46.08 -69.22
CA PHE G 39 68.69 46.44 -67.94
C PHE G 39 69.55 47.56 -67.39
N ALA G 40 69.23 47.99 -66.18
CA ALA G 40 69.97 49.02 -65.47
C ALA G 40 70.62 48.46 -64.23
N GLU G 41 69.82 47.84 -63.37
CA GLU G 41 70.34 47.21 -62.18
C GLU G 41 69.44 46.04 -61.85
N ILE G 42 69.93 45.20 -60.96
CA ILE G 42 69.21 44.06 -60.44
C ILE G 42 69.33 44.12 -58.94
N GLU G 43 68.26 43.72 -58.27
CA GLU G 43 68.17 43.75 -56.82
C GLU G 43 67.77 42.38 -56.34
N TYR G 44 68.63 41.74 -55.56
CA TYR G 44 68.31 40.52 -54.86
C TYR G 44 68.35 40.79 -53.38
N VAL G 45 67.31 40.33 -52.70
CA VAL G 45 67.18 40.43 -51.27
C VAL G 45 66.70 39.08 -50.76
N GLY G 46 67.59 38.35 -50.10
CA GLY G 46 67.16 37.21 -49.34
C GLY G 46 66.20 37.61 -48.25
N GLN G 47 65.47 36.60 -47.76
CA GLN G 47 64.37 36.73 -46.81
C GLN G 47 63.10 37.30 -47.44
N ARG G 48 63.16 37.67 -48.71
CA ARG G 48 62.08 38.27 -49.45
C ARG G 48 61.87 37.62 -50.80
N ASP G 49 62.95 37.25 -51.48
CA ASP G 49 62.94 36.82 -52.87
C ASP G 49 63.43 35.40 -52.96
N SER G 50 62.59 34.52 -53.49
CA SER G 50 62.82 33.09 -53.35
C SER G 50 63.90 32.62 -54.31
N THR G 51 64.31 31.38 -54.09
CA THR G 51 65.39 30.76 -54.85
C THR G 51 65.14 29.26 -54.86
N ARG G 52 65.79 28.58 -55.80
CA ARG G 52 65.62 27.16 -56.02
C ARG G 52 66.88 26.60 -56.63
N PHE G 53 67.18 25.34 -56.31
CA PHE G 53 68.41 24.71 -56.79
C PHE G 53 68.21 23.20 -56.82
N ILE G 54 68.23 22.64 -58.01
CA ILE G 54 68.25 21.20 -58.21
C ILE G 54 69.66 20.88 -58.67
N PRO G 55 70.55 20.50 -57.77
CA PRO G 55 71.87 20.01 -58.16
C PRO G 55 71.85 18.51 -58.36
N ARG G 56 72.69 18.05 -59.27
CA ARG G 56 72.64 16.66 -59.70
C ARG G 56 73.96 16.27 -60.31
N THR G 57 74.52 15.15 -59.86
CA THR G 57 75.87 14.75 -60.23
C THR G 57 75.84 13.67 -61.29
N THR G 58 77.00 13.06 -61.51
CA THR G 58 77.17 11.93 -62.41
C THR G 58 77.95 10.81 -61.73
N GLU G 59 77.52 9.58 -62.01
CA GLU G 59 78.36 8.41 -61.79
C GLU G 59 78.19 7.45 -62.95
N SER G 60 79.14 6.52 -63.04
CA SER G 60 79.24 5.58 -64.14
C SER G 60 79.55 4.20 -63.59
N ILE G 61 78.91 3.18 -64.18
CA ILE G 61 79.10 1.80 -63.77
C ILE G 61 79.02 0.89 -64.97
N THR G 62 79.48 -0.34 -64.76
CA THR G 62 79.31 -1.44 -65.68
C THR G 62 78.21 -2.36 -65.18
N GLY G 63 77.44 -2.88 -66.12
CA GLY G 63 76.39 -3.83 -65.79
C GLY G 63 76.87 -5.25 -65.84
N THR G 64 76.15 -6.11 -65.17
CA THR G 64 76.40 -7.55 -65.19
C THR G 64 75.24 -8.24 -64.49
N ALA G 65 75.41 -9.53 -64.24
CA ALA G 65 74.41 -10.29 -63.52
C ALA G 65 74.27 -9.77 -62.10
N GLY G 66 73.03 -9.58 -61.65
CA GLY G 66 72.75 -9.15 -60.31
C GLY G 66 72.81 -7.66 -60.07
N ASP G 67 73.12 -6.86 -61.09
CA ASP G 67 73.26 -5.42 -60.95
C ASP G 67 71.90 -4.72 -61.06
N ASP G 68 71.01 -5.09 -60.14
CA ASP G 68 69.69 -4.48 -60.04
C ASP G 68 69.71 -3.29 -59.11
N THR G 69 70.56 -3.34 -58.10
CA THR G 69 70.76 -2.26 -57.16
C THR G 69 71.88 -1.38 -57.67
N VAL G 70 71.64 -0.08 -57.63
CA VAL G 70 72.72 0.89 -57.76
C VAL G 70 73.25 1.16 -56.36
N VAL G 71 74.57 1.00 -56.24
CA VAL G 71 75.37 0.98 -55.02
C VAL G 71 75.38 2.37 -54.40
N SER G 72 76.06 2.48 -53.25
CA SER G 72 76.22 3.73 -52.50
C SER G 72 76.57 4.88 -53.44
N LEU G 73 75.65 5.81 -53.55
CA LEU G 73 75.60 6.78 -54.62
C LEU G 73 76.46 7.99 -54.38
N THR G 74 77.21 8.01 -53.27
CA THR G 74 78.09 9.12 -52.90
C THR G 74 77.36 10.45 -52.92
N ALA G 75 76.12 10.43 -52.44
CA ALA G 75 75.28 11.61 -52.42
C ALA G 75 74.17 11.43 -51.40
N ASN G 76 73.92 12.46 -50.61
CA ASN G 76 72.94 12.39 -49.54
C ASN G 76 71.55 12.53 -50.14
N ILE G 77 70.87 11.43 -50.29
CA ILE G 77 69.50 11.42 -50.78
C ILE G 77 68.58 11.78 -49.63
N GLN G 78 67.48 12.44 -49.97
CA GLN G 78 66.44 12.79 -49.02
C GLN G 78 65.09 12.33 -49.54
N PRO G 79 64.06 12.36 -48.71
CA PRO G 79 62.69 12.28 -49.23
C PRO G 79 62.28 13.61 -49.84
N VAL G 80 61.90 13.56 -51.12
CA VAL G 80 61.52 14.78 -51.82
C VAL G 80 60.24 15.30 -51.20
N ALA G 81 60.33 16.48 -50.59
CA ALA G 81 59.24 17.06 -49.83
C ALA G 81 58.75 16.18 -48.71
N GLY G 82 59.63 15.34 -48.17
CA GLY G 82 59.30 14.47 -47.06
C GLY G 82 58.77 13.11 -47.46
N GLU G 83 58.04 13.03 -48.58
CA GLU G 83 57.53 11.77 -49.07
C GLU G 83 58.61 11.06 -49.89
N THR G 84 58.64 9.74 -49.77
CA THR G 84 59.64 8.91 -50.40
C THR G 84 59.17 8.24 -51.70
N ALA G 85 57.87 8.21 -51.95
CA ALA G 85 57.36 7.54 -53.14
C ALA G 85 57.80 8.29 -54.40
N ILE G 86 58.32 7.53 -55.37
CA ILE G 86 58.79 8.13 -56.62
C ILE G 86 57.66 8.87 -57.31
N GLU G 87 56.46 8.32 -57.27
CA GLU G 87 55.35 8.87 -58.04
C GLU G 87 54.78 10.12 -57.42
N ASP G 88 54.77 10.21 -56.10
CA ASP G 88 54.15 11.30 -55.39
C ASP G 88 55.09 12.46 -55.11
N GLN G 89 56.33 12.39 -55.59
CA GLN G 89 57.22 13.54 -55.46
C GLN G 89 56.70 14.67 -56.35
N ASP G 90 57.00 15.90 -55.95
CA ASP G 90 56.84 17.00 -56.87
C ASP G 90 57.85 16.94 -58.00
N TYR G 91 58.92 16.16 -57.86
CA TYR G 91 59.82 15.91 -58.95
C TYR G 91 60.71 14.73 -58.60
N PRO G 92 61.24 13.98 -59.59
CA PRO G 92 62.11 12.85 -59.26
C PRO G 92 63.38 13.19 -58.52
N VAL G 93 64.16 12.14 -58.28
CA VAL G 93 65.25 12.17 -57.32
C VAL G 93 66.55 11.58 -57.87
N ALA G 94 66.48 10.67 -58.83
CA ALA G 94 67.66 10.14 -59.49
C ALA G 94 67.16 9.34 -60.67
N VAL G 95 67.89 9.42 -61.79
CA VAL G 95 67.53 8.66 -62.96
C VAL G 95 68.81 8.17 -63.63
N ALA G 96 68.74 7.00 -64.24
CA ALA G 96 69.87 6.35 -64.87
C ALA G 96 69.47 5.78 -66.22
N TYR G 97 70.51 5.46 -66.98
CA TYR G 97 70.37 5.24 -68.41
C TYR G 97 71.43 4.25 -68.82
N ASN G 98 71.00 3.25 -69.57
CA ASN G 98 71.88 2.25 -70.14
C ASN G 98 72.17 2.71 -71.56
N VAL G 99 73.44 2.98 -71.83
CA VAL G 99 73.77 3.71 -73.04
C VAL G 99 73.87 2.78 -74.22
N THR G 100 74.45 1.60 -74.01
CA THR G 100 74.63 0.66 -75.09
C THR G 100 73.29 0.24 -75.66
N GLN G 101 72.31 0.05 -74.78
CA GLN G 101 70.95 -0.14 -75.20
C GLN G 101 70.25 1.17 -75.51
N GLY G 102 70.71 2.27 -74.92
CA GLY G 102 70.11 3.56 -75.19
C GLY G 102 68.72 3.65 -74.62
N VAL G 103 68.57 3.38 -73.33
CA VAL G 103 67.26 3.18 -72.71
C VAL G 103 67.28 3.73 -71.30
N GLN G 104 66.21 4.43 -70.95
CA GLN G 104 65.97 4.86 -69.59
C GLN G 104 65.79 3.64 -68.70
N VAL G 105 66.06 3.82 -67.41
CA VAL G 105 65.61 2.88 -66.41
C VAL G 105 64.85 3.63 -65.33
N ASP G 106 63.53 3.59 -65.39
CA ASP G 106 62.71 4.06 -64.28
C ASP G 106 62.83 3.09 -63.12
N ILE G 107 62.58 3.60 -61.92
CA ILE G 107 63.06 2.99 -60.69
C ILE G 107 61.91 2.34 -59.94
N ASP G 108 62.22 1.23 -59.30
CA ASP G 108 61.33 0.61 -58.35
C ASP G 108 61.41 1.25 -56.97
N ALA G 109 62.58 1.19 -56.31
CA ALA G 109 62.64 1.50 -54.89
C ALA G 109 63.98 2.14 -54.52
N VAL G 110 64.01 2.67 -53.31
CA VAL G 110 65.07 3.57 -52.84
C VAL G 110 65.47 3.19 -51.43
N ASP G 111 66.73 3.48 -51.09
CA ASP G 111 67.28 3.35 -49.75
C ASP G 111 67.84 4.71 -49.35
N TYR G 112 67.29 5.28 -48.28
CA TYR G 112 67.53 6.67 -47.91
C TYR G 112 68.65 6.84 -46.91
N ALA G 113 68.91 5.84 -46.09
CA ALA G 113 70.05 5.87 -45.18
C ALA G 113 71.34 5.55 -45.90
N ALA G 114 71.42 4.37 -46.52
CA ALA G 114 72.59 4.00 -47.29
C ALA G 114 72.72 4.80 -48.59
N ASP G 115 71.69 5.52 -49.00
CA ASP G 115 71.70 6.30 -50.24
C ASP G 115 72.01 5.39 -51.43
N GLU G 116 71.06 4.49 -51.69
CA GLU G 116 71.16 3.50 -52.75
C GLU G 116 69.82 3.42 -53.44
N VAL G 117 69.74 2.71 -54.56
CA VAL G 117 68.45 2.50 -55.22
C VAL G 117 68.44 1.12 -55.86
N THR G 118 67.25 0.70 -56.30
CA THR G 118 67.09 -0.57 -56.99
C THR G 118 66.01 -0.42 -58.04
N LEU G 119 66.26 -1.00 -59.20
CA LEU G 119 65.56 -0.68 -60.43
C LEU G 119 64.79 -1.88 -60.95
N ALA G 120 64.14 -1.66 -62.09
CA ALA G 120 63.40 -2.71 -62.77
C ALA G 120 64.28 -3.58 -63.66
N ASP G 121 65.40 -3.05 -64.14
CA ASP G 121 66.15 -3.64 -65.25
C ASP G 121 67.53 -4.09 -64.81
N ASN G 122 67.94 -5.25 -65.31
CA ASN G 122 69.27 -5.81 -65.10
C ASN G 122 70.08 -5.67 -66.38
N PRO G 123 70.81 -4.57 -66.59
CA PRO G 123 71.67 -4.47 -67.78
C PRO G 123 72.78 -5.52 -67.85
N ALA G 124 73.55 -5.50 -68.94
CA ALA G 124 74.35 -6.64 -69.37
C ALA G 124 75.84 -6.39 -69.17
N ASP G 125 76.63 -7.38 -69.56
CA ASP G 125 78.06 -7.37 -69.33
C ASP G 125 78.78 -6.58 -70.40
N GLY G 126 79.85 -5.90 -69.99
CA GLY G 126 80.55 -4.98 -70.86
C GLY G 126 79.72 -3.77 -71.22
N ASP G 127 78.65 -3.53 -70.48
CA ASP G 127 77.65 -2.53 -70.83
C ASP G 127 77.73 -1.36 -69.86
N THR G 128 77.54 -0.17 -70.41
CA THR G 128 77.77 1.06 -69.70
C THR G 128 76.44 1.66 -69.24
N VAL G 129 76.37 1.98 -67.96
CA VAL G 129 75.22 2.67 -67.38
C VAL G 129 75.74 3.89 -66.65
N LYS G 130 74.96 4.95 -66.71
CA LYS G 130 75.28 6.17 -66.01
C LYS G 130 74.07 6.59 -65.20
N VAL G 131 74.35 7.19 -64.05
CA VAL G 131 73.32 7.65 -63.13
C VAL G 131 73.56 9.11 -62.85
N TRP G 132 72.44 9.81 -62.65
CA TRP G 132 72.43 11.20 -62.26
C TRP G 132 71.49 11.27 -61.07
N PRO G 133 72.03 11.27 -59.85
CA PRO G 133 71.22 11.53 -58.66
C PRO G 133 71.29 12.98 -58.20
N ILE G 134 70.27 13.42 -57.46
CA ILE G 134 70.35 14.75 -56.86
C ILE G 134 71.53 14.78 -55.89
N MET G 135 72.37 15.80 -56.02
CA MET G 135 73.42 16.02 -55.05
C MET G 135 72.81 16.31 -53.69
N GLY G 136 73.50 15.86 -52.65
CA GLY G 136 72.98 15.88 -51.29
C GLY G 136 73.49 17.03 -50.45
N ASP G 137 74.50 16.76 -49.63
CA ASP G 137 75.12 17.78 -48.79
C ASP G 137 76.05 18.67 -49.60
N GLY G 138 76.33 19.84 -49.05
CA GLY G 138 77.25 20.77 -49.65
C GLY G 138 77.11 22.14 -49.04
N ASP G 139 78.04 23.03 -49.41
CA ASP G 139 78.03 24.39 -48.91
C ASP G 139 78.38 25.34 -50.04
N VAL G 140 77.56 26.39 -50.17
CA VAL G 140 77.58 27.29 -51.29
C VAL G 140 77.55 28.71 -50.76
N GLN G 141 77.81 29.64 -51.66
CA GLN G 141 77.51 31.03 -51.36
C GLN G 141 77.65 31.89 -52.60
N PHE G 142 77.10 33.09 -52.49
CA PHE G 142 77.09 34.06 -53.56
C PHE G 142 78.33 34.94 -53.47
N ARG G 143 78.94 35.19 -54.62
CA ARG G 143 80.06 36.08 -54.77
C ARG G 143 79.68 37.13 -55.78
N LEU G 144 80.34 38.28 -55.67
CA LEU G 144 80.16 39.39 -56.59
C LEU G 144 81.50 39.72 -57.21
N VAL G 145 81.56 39.62 -58.53
CA VAL G 145 82.70 40.01 -59.33
C VAL G 145 82.30 41.21 -60.16
N ASN G 146 83.17 42.21 -60.21
CA ASN G 146 82.95 43.40 -61.01
C ASN G 146 83.11 43.05 -62.50
N GLN G 147 83.06 44.05 -63.37
CA GLN G 147 83.40 43.82 -64.77
C GLN G 147 84.87 43.52 -64.97
N PHE G 148 85.71 43.79 -63.97
CA PHE G 148 87.14 43.65 -64.05
C PHE G 148 87.62 42.26 -63.68
N GLY G 149 86.73 41.27 -63.66
CA GLY G 149 87.11 39.93 -63.29
C GLY G 149 87.58 39.76 -61.86
N GLN G 150 87.32 40.72 -60.99
CA GLN G 150 87.86 40.74 -59.64
C GLN G 150 86.76 40.98 -58.62
N GLU G 151 86.87 40.30 -57.50
CA GLU G 151 85.83 40.30 -56.50
C GLU G 151 85.71 41.65 -55.81
N GLU G 152 84.46 42.00 -55.49
CA GLU G 152 84.16 42.93 -54.43
C GLU G 152 83.91 42.22 -53.11
N GLY G 153 82.95 41.33 -53.05
CA GLY G 153 82.63 40.64 -51.81
C GLY G 153 81.52 39.65 -52.01
N ARG G 154 81.11 39.05 -50.90
CA ARG G 154 80.06 38.05 -50.87
C ARG G 154 78.79 38.64 -50.28
N VAL G 155 77.77 37.80 -50.14
CA VAL G 155 76.44 38.23 -49.74
C VAL G 155 75.97 37.32 -48.64
N TYR G 156 76.11 37.78 -47.43
CA TYR G 156 75.87 36.98 -46.25
C TYR G 156 76.60 35.66 -46.37
N PRO G 157 77.93 35.63 -46.33
CA PRO G 157 78.63 34.33 -46.49
C PRO G 157 78.43 33.32 -45.34
N TRP G 158 77.18 33.06 -44.93
CA TRP G 158 76.83 31.86 -44.21
C TRP G 158 76.48 30.80 -45.24
N ALA G 159 77.18 29.67 -45.18
CA ALA G 159 76.81 28.53 -45.99
C ALA G 159 75.39 28.11 -45.69
N THR G 160 74.74 27.55 -46.70
CA THR G 160 73.43 26.95 -46.55
C THR G 160 73.56 25.46 -46.83
N PRO G 161 72.85 24.59 -46.09
CA PRO G 161 72.78 23.19 -46.52
C PRO G 161 72.22 23.05 -47.93
N LEU G 162 73.07 22.48 -48.77
CA LEU G 162 72.73 22.09 -50.13
C LEU G 162 71.46 21.26 -50.22
N TYR G 163 71.16 20.49 -49.17
CA TYR G 163 69.98 19.63 -49.21
C TYR G 163 68.68 20.40 -48.96
N ARG G 164 68.75 21.61 -48.40
CA ARG G 164 67.53 22.36 -48.11
C ARG G 164 66.73 22.68 -49.35
N TRP G 165 67.39 22.72 -50.51
CA TRP G 165 66.69 23.11 -51.72
C TRP G 165 65.75 22.02 -52.22
N HIS G 166 65.71 20.86 -51.55
CA HIS G 166 64.76 19.79 -51.76
C HIS G 166 63.70 19.70 -50.66
N ASP G 167 63.85 20.44 -49.57
CA ASP G 167 63.22 20.02 -48.32
C ASP G 167 61.72 20.28 -48.28
N PHE G 168 61.30 21.42 -48.81
CA PHE G 168 59.93 21.90 -48.70
C PHE G 168 59.17 21.71 -50.00
N PRO G 169 57.86 21.96 -50.02
CA PRO G 169 57.17 22.08 -51.30
C PRO G 169 57.52 23.38 -51.97
N GLN G 170 58.59 23.33 -52.77
CA GLN G 170 59.28 24.48 -53.34
C GLN G 170 58.38 25.56 -53.93
N LEU G 171 57.23 25.16 -54.44
CA LEU G 171 56.31 26.06 -55.11
C LEU G 171 55.26 26.66 -54.19
N LYS G 172 54.84 25.92 -53.18
CA LYS G 172 53.74 26.33 -52.33
C LYS G 172 54.06 27.63 -51.62
N ARG G 173 53.03 28.45 -51.43
CA ARG G 173 53.22 29.75 -50.81
C ARG G 173 53.56 29.59 -49.35
N GLY G 174 54.54 30.37 -48.90
CA GLY G 174 55.04 30.30 -47.56
C GLY G 174 56.16 29.30 -47.37
N ARG G 175 56.26 28.31 -48.24
CA ARG G 175 57.21 27.22 -48.13
C ARG G 175 58.40 27.40 -49.06
N GLU G 176 58.48 28.54 -49.76
CA GLU G 176 59.57 28.78 -50.69
C GLU G 176 60.91 28.94 -49.99
N ILE G 177 61.93 28.33 -50.59
CA ILE G 177 63.31 28.53 -50.15
C ILE G 177 63.69 29.99 -50.32
N ASN G 178 64.49 30.50 -49.40
CA ASN G 178 65.14 31.80 -49.51
C ASN G 178 66.55 31.70 -48.96
N LEU G 179 67.20 32.84 -48.85
CA LEU G 179 68.46 32.98 -48.14
C LEU G 179 68.48 34.32 -47.44
N HIS G 180 69.64 34.74 -46.98
CA HIS G 180 69.85 35.98 -46.28
C HIS G 180 70.58 36.98 -47.15
N GLY G 181 70.89 38.12 -46.56
CA GLY G 181 71.61 39.15 -47.25
C GLY G 181 70.84 39.77 -48.38
N SER G 182 71.52 40.71 -49.02
CA SER G 182 70.97 41.44 -50.15
C SER G 182 72.12 41.88 -51.01
N VAL G 183 71.82 42.31 -52.23
CA VAL G 183 72.86 42.63 -53.19
C VAL G 183 72.27 43.41 -54.33
N THR G 184 73.11 44.19 -54.99
CA THR G 184 72.71 45.07 -56.08
C THR G 184 73.78 45.00 -57.17
N TRP G 185 73.42 44.41 -58.29
CA TRP G 185 74.29 44.33 -59.47
C TRP G 185 74.56 45.73 -60.03
N GLU G 186 75.40 45.78 -61.05
CA GLU G 186 75.48 46.91 -61.96
C GLU G 186 75.38 46.34 -63.38
N GLU G 187 75.67 47.16 -64.39
CA GLU G 187 75.39 46.80 -65.78
C GLU G 187 76.15 45.58 -66.28
N ASN G 188 77.47 45.67 -66.43
CA ASN G 188 78.24 44.57 -66.97
C ASN G 188 78.76 43.62 -65.91
N GLU G 189 78.57 43.93 -64.64
CA GLU G 189 79.18 43.13 -63.60
C GLU G 189 78.43 41.82 -63.44
N THR G 190 78.94 41.00 -62.54
CA THR G 190 78.56 39.61 -62.45
C THR G 190 78.43 39.19 -61.00
N VAL G 191 77.46 38.34 -60.77
CA VAL G 191 77.41 37.52 -59.58
C VAL G 191 77.79 36.12 -59.97
N GLU G 192 78.42 35.43 -59.03
CA GLU G 192 78.95 34.10 -59.24
C GLU G 192 78.57 33.23 -58.06
N VAL G 193 77.84 32.18 -58.35
CA VAL G 193 77.46 31.20 -57.35
C VAL G 193 78.59 30.20 -57.23
N LEU G 194 79.00 29.97 -55.97
CA LEU G 194 80.14 29.17 -55.59
C LEU G 194 79.70 27.98 -54.76
N LEU G 195 80.53 26.95 -54.78
CA LEU G 195 80.20 25.64 -54.24
C LEU G 195 81.43 24.90 -53.78
N ASP G 196 81.23 24.09 -52.75
CA ASP G 196 82.10 22.96 -52.43
C ASP G 196 81.22 21.86 -51.86
N ALA G 197 81.38 20.63 -52.35
CA ALA G 197 80.79 19.46 -51.73
C ALA G 197 81.40 18.22 -52.38
N PRO G 198 81.27 17.03 -51.75
CA PRO G 198 82.26 15.96 -51.97
C PRO G 198 82.40 15.39 -53.37
N GLN G 199 81.72 15.93 -54.38
CA GLN G 199 81.75 15.33 -55.70
C GLN G 199 81.43 16.39 -56.75
N ALA G 200 81.72 16.03 -57.99
CA ALA G 200 81.46 16.91 -59.11
C ALA G 200 79.97 17.07 -59.34
N ILE G 201 79.64 18.03 -60.19
CA ILE G 201 78.29 18.25 -60.65
C ILE G 201 78.36 18.41 -62.16
N THR G 202 77.22 18.24 -62.81
CA THR G 202 77.19 18.06 -64.24
C THR G 202 76.00 18.78 -64.83
N TRP G 203 76.15 19.12 -66.10
CA TRP G 203 75.07 19.63 -66.92
C TRP G 203 75.26 19.12 -68.34
N GLU G 204 74.16 19.15 -69.08
CA GLU G 204 74.20 19.03 -70.54
C GLU G 204 74.69 17.67 -71.01
N ASP G 205 74.75 16.69 -70.11
CA ASP G 205 75.13 15.35 -70.52
C ASP G 205 74.03 14.79 -71.41
N SER G 206 74.42 14.43 -72.63
CA SER G 206 73.45 14.21 -73.69
C SER G 206 72.56 13.01 -73.39
N ASP G 207 73.14 11.99 -72.79
CA ASP G 207 72.40 10.74 -72.60
C ASP G 207 71.37 10.82 -71.50
N TYR G 208 71.22 11.94 -70.84
CA TYR G 208 70.18 12.10 -69.85
C TYR G 208 68.83 12.19 -70.55
N PRO G 209 67.82 11.43 -70.13
CA PRO G 209 66.57 11.45 -70.88
C PRO G 209 65.67 12.63 -70.57
N GLU G 210 65.60 13.01 -69.30
CA GLU G 210 64.61 14.00 -68.85
C GLU G 210 65.15 15.41 -68.98
N GLY G 211 64.97 15.95 -70.16
CA GLY G 211 65.35 17.32 -70.45
C GLY G 211 66.78 17.40 -70.95
N GLN G 212 67.03 18.47 -71.67
CA GLN G 212 68.39 18.77 -72.10
C GLN G 212 69.27 19.24 -70.95
N TYR G 213 68.69 19.56 -69.80
CA TYR G 213 69.40 20.13 -68.67
C TYR G 213 69.12 19.28 -67.46
N VAL G 214 70.17 18.72 -66.88
CA VAL G 214 70.01 17.78 -65.78
C VAL G 214 69.65 18.48 -64.50
N SER G 215 70.01 19.74 -64.35
CA SER G 215 70.02 20.37 -63.07
C SER G 215 70.09 21.87 -63.25
N THR G 216 69.51 22.59 -62.30
CA THR G 216 69.23 24.00 -62.52
C THR G 216 69.36 24.79 -61.24
N PHE G 217 69.51 26.09 -61.45
CA PHE G 217 69.57 27.08 -60.39
C PHE G 217 68.67 28.22 -60.83
N GLU G 218 67.68 28.52 -60.02
CA GLU G 218 66.70 29.54 -60.33
C GLU G 218 66.61 30.50 -59.16
N GLN G 219 66.26 31.74 -59.47
CA GLN G 219 66.17 32.74 -58.41
C GLN G 219 65.20 33.82 -58.83
N ASP G 220 64.13 33.97 -58.05
CA ASP G 220 63.19 35.05 -58.26
C ASP G 220 63.80 36.31 -57.68
N VAL G 221 63.87 37.36 -58.50
CA VAL G 221 64.54 38.59 -58.12
C VAL G 221 63.71 39.79 -58.54
N GLU G 222 64.25 40.97 -58.30
CA GLU G 222 63.62 42.22 -58.60
C GLU G 222 64.52 43.02 -59.53
N ILE G 223 63.89 43.79 -60.42
CA ILE G 223 64.59 44.43 -61.53
C ILE G 223 64.14 45.87 -61.64
N THR G 224 65.08 46.70 -62.03
CA THR G 224 64.82 48.04 -62.53
C THR G 224 64.69 47.94 -64.04
N LEU G 225 63.47 47.78 -64.52
CA LEU G 225 63.12 47.82 -65.94
C LEU G 225 63.65 46.62 -66.71
N TYR H 1 54.45 27.13 -8.32
CA TYR H 1 55.02 26.85 -9.61
C TYR H 1 54.45 25.56 -10.18
N THR H 2 54.24 25.52 -11.49
CA THR H 2 53.66 24.37 -12.17
C THR H 2 54.36 24.21 -13.51
N ILE H 3 53.99 23.16 -14.22
CA ILE H 3 54.37 22.96 -15.61
C ILE H 3 53.22 22.28 -16.33
N SER H 4 53.29 22.31 -17.66
CA SER H 4 52.39 21.56 -18.52
C SER H 4 53.13 20.30 -18.94
N HIS H 5 52.50 19.16 -18.73
CA HIS H 5 53.15 17.87 -18.92
C HIS H 5 52.07 16.83 -19.13
N THR H 6 52.44 15.72 -19.76
CA THR H 6 51.48 14.73 -20.19
C THR H 6 51.57 13.47 -19.34
N GLY H 7 50.40 12.90 -19.06
CA GLY H 7 50.30 11.54 -18.57
C GLY H 7 49.92 10.65 -19.73
N GLY H 8 50.20 9.37 -19.59
CA GLY H 8 50.07 8.48 -20.71
C GLY H 8 50.04 7.04 -20.30
N THR H 9 50.24 6.18 -21.30
CA THR H 9 50.23 4.74 -21.14
C THR H 9 51.19 4.31 -20.05
N LEU H 10 52.40 4.87 -20.08
CA LEU H 10 53.43 4.65 -19.07
C LEU H 10 53.77 5.92 -18.32
N GLY H 11 54.15 6.97 -19.05
CA GLY H 11 54.37 8.30 -18.57
C GLY H 11 55.34 8.36 -17.42
N SER H 12 54.89 9.04 -16.37
CA SER H 12 55.71 9.26 -15.19
C SER H 12 55.78 8.04 -14.28
N SER H 13 54.81 7.14 -14.36
CA SER H 13 54.55 6.21 -13.27
C SER H 13 54.09 4.86 -13.81
N LYS H 14 54.76 3.79 -13.36
CA LYS H 14 54.41 2.43 -13.75
C LYS H 14 53.49 1.79 -12.72
N VAL H 15 52.42 2.51 -12.41
CA VAL H 15 51.33 2.00 -11.58
C VAL H 15 49.96 2.23 -12.17
N THR H 16 49.84 3.02 -13.23
CA THR H 16 48.56 3.24 -13.86
C THR H 16 47.99 1.92 -14.38
N THR H 17 46.68 1.77 -14.20
CA THR H 17 46.00 0.53 -14.54
C THR H 17 45.48 0.59 -15.96
N ALA H 18 45.59 -0.55 -16.64
CA ALA H 18 45.04 -0.72 -17.98
C ALA H 18 44.39 -2.08 -18.02
N ALA H 19 43.06 -2.09 -18.09
CA ALA H 19 42.29 -3.32 -18.12
C ALA H 19 41.31 -3.27 -19.28
N ASN H 20 40.68 -4.42 -19.51
CA ASN H 20 39.79 -4.63 -20.64
C ASN H 20 38.33 -4.56 -20.19
N GLN H 21 37.47 -4.28 -21.15
CA GLN H 21 36.06 -4.03 -20.88
C GLN H 21 35.27 -5.33 -20.95
N THR H 22 33.95 -5.21 -21.00
CA THR H 22 33.03 -6.31 -21.07
C THR H 22 32.29 -6.32 -22.40
N SER H 23 31.77 -7.48 -22.76
CA SER H 23 30.92 -7.64 -23.92
C SER H 23 29.47 -7.23 -23.62
N PRO H 24 28.90 -7.61 -22.47
CA PRO H 24 27.64 -6.98 -22.06
C PRO H 24 27.82 -5.48 -21.94
N GLN H 25 26.86 -4.74 -22.47
CA GLN H 25 26.99 -3.29 -22.51
C GLN H 25 26.80 -2.73 -21.11
N ARG H 26 27.86 -2.86 -20.30
CA ARG H 26 27.94 -2.27 -18.98
C ARG H 26 29.21 -1.43 -18.95
N GLU H 27 29.05 -0.14 -18.70
CA GLU H 27 30.17 0.78 -18.76
C GLU H 27 31.21 0.41 -17.73
N THR H 28 32.44 0.19 -18.20
CA THR H 28 33.52 -0.36 -17.39
C THR H 28 34.73 0.53 -17.52
N ALA H 29 35.74 0.22 -16.70
CA ALA H 29 36.93 1.05 -16.57
C ALA H 29 38.00 0.57 -17.53
N ILE H 30 38.26 1.38 -18.55
CA ILE H 30 39.32 1.08 -19.50
C ILE H 30 40.64 1.28 -18.80
N ILE H 31 40.87 2.50 -18.31
CA ILE H 31 42.17 2.87 -17.77
C ILE H 31 41.97 3.56 -16.43
N GLY H 32 42.93 3.36 -15.53
CA GLY H 32 43.01 4.08 -14.27
C GLY H 32 44.31 4.84 -14.11
N PHE H 33 44.23 6.17 -14.12
CA PHE H 33 45.35 7.05 -13.84
C PHE H 33 45.34 7.34 -12.35
N GLU H 34 46.20 6.63 -11.62
CA GLU H 34 46.36 6.82 -10.19
C GLU H 34 47.45 7.85 -9.94
N CYS H 35 47.25 8.69 -8.93
CA CYS H 35 48.23 9.72 -8.63
C CYS H 35 49.25 9.21 -7.62
N PRO H 36 50.54 9.62 -7.68
CA PRO H 36 51.53 9.13 -6.72
C PRO H 36 51.76 10.06 -5.53
N ARG H 37 52.64 9.62 -4.62
CA ARG H 37 53.13 10.50 -3.57
C ARG H 37 54.13 11.51 -4.07
N LYS H 38 54.67 11.34 -5.28
CA LYS H 38 55.71 12.23 -5.76
C LYS H 38 55.19 13.65 -5.87
N PHE H 39 53.98 13.79 -6.36
CA PHE H 39 53.41 15.07 -6.71
C PHE H 39 52.44 15.49 -5.62
N ALA H 40 51.85 16.66 -5.80
CA ALA H 40 50.88 17.22 -4.88
C ALA H 40 49.47 17.16 -5.44
N GLU H 41 49.29 17.68 -6.65
CA GLU H 41 47.98 17.66 -7.27
C GLU H 41 48.15 17.74 -8.78
N ILE H 42 47.08 17.36 -9.46
CA ILE H 42 47.00 17.38 -10.92
C ILE H 42 45.72 18.10 -11.27
N GLU H 43 45.65 18.63 -12.48
CA GLU H 43 44.46 19.33 -12.94
C GLU H 43 44.29 19.12 -14.43
N TYR H 44 43.10 18.66 -14.82
CA TYR H 44 42.71 18.47 -16.20
C TYR H 44 41.54 19.40 -16.49
N VAL H 45 41.55 19.98 -17.69
CA VAL H 45 40.64 21.06 -18.06
C VAL H 45 40.18 20.80 -19.49
N GLY H 46 38.94 20.35 -19.64
CA GLY H 46 38.31 20.40 -20.94
C GLY H 46 38.25 21.81 -21.46
N GLN H 47 38.22 21.93 -22.80
CA GLN H 47 38.25 23.21 -23.52
C GLN H 47 39.61 23.91 -23.45
N ARG H 48 40.59 23.30 -22.79
CA ARG H 48 41.97 23.78 -22.77
C ARG H 48 42.98 22.67 -23.02
N ASP H 49 42.74 21.48 -22.49
CA ASP H 49 43.76 20.46 -22.36
C ASP H 49 43.62 19.43 -23.47
N SER H 50 44.72 19.20 -24.18
CA SER H 50 44.69 18.29 -25.31
C SER H 50 44.75 16.85 -24.84
N THR H 51 44.29 15.98 -25.73
CA THR H 51 44.17 14.56 -25.46
C THR H 51 44.44 13.82 -26.76
N ARG H 52 44.80 12.55 -26.63
CA ARG H 52 45.19 11.73 -27.76
C ARG H 52 44.85 10.29 -27.43
N PHE H 53 44.34 9.56 -28.41
CA PHE H 53 43.75 8.26 -28.14
C PHE H 53 43.72 7.45 -29.42
N ILE H 54 44.46 6.34 -29.43
CA ILE H 54 44.43 5.37 -30.51
C ILE H 54 43.97 4.06 -29.88
N PRO H 55 42.69 3.76 -29.90
CA PRO H 55 42.21 2.44 -29.48
C PRO H 55 42.19 1.45 -30.63
N ARG H 56 42.31 0.18 -30.25
CA ARG H 56 42.49 -0.89 -31.21
C ARG H 56 42.14 -2.21 -30.53
N THR H 57 41.57 -3.11 -31.32
CA THR H 57 41.09 -4.41 -30.85
C THR H 57 41.90 -5.51 -31.53
N THR H 58 41.45 -6.75 -31.38
CA THR H 58 42.19 -7.90 -31.89
C THR H 58 41.23 -9.01 -32.25
N GLU H 59 41.28 -9.43 -33.52
CA GLU H 59 40.49 -10.53 -34.05
C GLU H 59 41.44 -11.53 -34.72
N SER H 60 40.86 -12.63 -35.21
CA SER H 60 41.66 -13.75 -35.68
C SER H 60 40.91 -14.48 -36.79
N ILE H 61 41.69 -15.21 -37.60
CA ILE H 61 41.13 -16.00 -38.70
C ILE H 61 42.01 -17.20 -38.95
N THR H 62 41.43 -18.19 -39.63
CA THR H 62 42.09 -19.40 -40.07
C THR H 62 42.14 -19.43 -41.59
N GLY H 63 43.13 -20.15 -42.11
CA GLY H 63 43.44 -20.09 -43.52
C GLY H 63 42.82 -21.21 -44.33
N THR H 64 42.36 -20.86 -45.52
CA THR H 64 41.95 -21.83 -46.51
C THR H 64 42.24 -21.25 -47.89
N ALA H 65 42.15 -22.10 -48.90
CA ALA H 65 42.57 -21.70 -50.25
C ALA H 65 41.66 -20.62 -50.81
N GLY H 66 42.28 -19.68 -51.53
CA GLY H 66 41.56 -18.55 -52.09
C GLY H 66 41.15 -17.48 -51.10
N ASP H 67 41.44 -17.67 -49.80
CA ASP H 67 40.98 -16.76 -48.77
C ASP H 67 41.97 -15.60 -48.58
N ASP H 68 42.08 -14.80 -49.64
CA ASP H 68 42.87 -13.58 -49.61
C ASP H 68 42.07 -12.37 -49.11
N THR H 69 40.89 -12.59 -48.54
CA THR H 69 39.95 -11.54 -48.21
C THR H 69 39.34 -11.85 -46.86
N VAL H 70 39.21 -10.82 -46.02
CA VAL H 70 38.63 -10.95 -44.69
C VAL H 70 37.28 -10.26 -44.69
N VAL H 71 36.32 -10.93 -44.04
CA VAL H 71 34.93 -10.57 -43.93
C VAL H 71 34.75 -9.37 -43.02
N SER H 72 33.51 -8.88 -42.95
CA SER H 72 33.11 -7.92 -41.93
C SER H 72 33.62 -8.32 -40.56
N LEU H 73 34.08 -7.33 -39.80
CA LEU H 73 34.87 -7.56 -38.60
C LEU H 73 34.12 -7.19 -37.34
N THR H 74 32.79 -7.14 -37.38
CA THR H 74 31.98 -6.74 -36.23
C THR H 74 32.34 -5.33 -35.76
N ALA H 75 32.74 -4.49 -36.70
CA ALA H 75 33.25 -3.16 -36.36
C ALA H 75 33.00 -2.23 -37.53
N ASN H 76 32.37 -1.10 -37.26
CA ASN H 76 32.08 -0.14 -38.32
C ASN H 76 33.35 0.68 -38.56
N ILE H 77 34.01 0.40 -39.68
CA ILE H 77 35.32 0.97 -39.93
C ILE H 77 35.15 2.36 -40.51
N GLN H 78 36.10 3.24 -40.21
CA GLN H 78 36.20 4.59 -40.72
C GLN H 78 37.52 4.74 -41.46
N PRO H 79 37.62 5.69 -42.39
CA PRO H 79 38.94 6.11 -42.85
C PRO H 79 39.64 6.90 -41.77
N VAL H 80 40.95 7.07 -41.96
CA VAL H 80 41.77 7.71 -40.95
C VAL H 80 41.70 9.20 -41.18
N ALA H 81 40.62 9.81 -40.68
CA ALA H 81 40.41 11.26 -40.62
C ALA H 81 40.72 11.98 -41.93
N GLY H 82 40.40 11.35 -43.06
CA GLY H 82 40.46 12.01 -44.34
C GLY H 82 40.94 11.15 -45.49
N GLU H 83 41.63 10.06 -45.17
CA GLU H 83 42.33 9.25 -46.16
C GLU H 83 41.89 7.81 -46.05
N THR H 84 41.90 7.12 -47.19
CA THR H 84 41.44 5.74 -47.31
C THR H 84 42.57 4.73 -47.47
N ALA H 85 43.63 5.06 -48.19
CA ALA H 85 44.72 4.11 -48.44
C ALA H 85 45.76 4.26 -47.34
N ILE H 86 46.14 3.12 -46.75
CA ILE H 86 46.78 3.13 -45.44
C ILE H 86 48.15 3.81 -45.50
N GLU H 87 48.88 3.57 -46.59
CA GLU H 87 50.28 4.00 -46.68
C GLU H 87 50.47 5.51 -46.52
N ASP H 88 49.44 6.30 -46.80
CA ASP H 88 49.49 7.74 -46.68
C ASP H 88 48.85 8.25 -45.39
N GLN H 89 48.49 7.37 -44.48
CA GLN H 89 47.71 7.75 -43.32
C GLN H 89 48.60 8.10 -42.13
N ASP H 90 47.97 8.73 -41.14
CA ASP H 90 48.65 8.98 -39.87
C ASP H 90 49.03 7.67 -39.22
N TYR H 91 48.16 6.67 -39.34
CA TYR H 91 48.45 5.33 -38.83
C TYR H 91 47.57 4.36 -39.58
N PRO H 92 47.89 3.07 -39.53
CA PRO H 92 47.02 2.10 -40.20
C PRO H 92 45.69 1.96 -39.50
N VAL H 93 44.64 1.79 -40.30
CA VAL H 93 43.33 1.41 -39.79
C VAL H 93 43.39 0.01 -39.19
N ALA H 94 44.27 -0.83 -39.71
CA ALA H 94 44.40 -2.18 -39.19
C ALA H 94 45.70 -2.76 -39.69
N VAL H 95 46.15 -3.80 -38.99
CA VAL H 95 47.36 -4.52 -39.38
C VAL H 95 47.11 -6.01 -39.18
N ALA H 96 47.86 -6.82 -39.94
CA ALA H 96 47.72 -8.25 -39.97
C ALA H 96 49.06 -8.93 -39.75
N TYR H 97 49.02 -10.03 -39.02
CA TYR H 97 50.21 -10.80 -38.68
C TYR H 97 49.88 -12.28 -38.74
N ASN H 98 50.57 -13.00 -39.61
CA ASN H 98 50.44 -14.45 -39.64
C ASN H 98 51.31 -15.03 -38.54
N VAL H 99 50.76 -16.02 -37.85
CA VAL H 99 51.42 -16.55 -36.66
C VAL H 99 52.34 -17.69 -37.01
N THR H 100 51.97 -18.51 -37.98
CA THR H 100 52.78 -19.69 -38.32
C THR H 100 54.09 -19.25 -38.95
N GLN H 101 54.00 -18.48 -40.03
CA GLN H 101 55.19 -17.83 -40.55
C GLN H 101 55.72 -16.79 -39.58
N GLY H 102 54.84 -16.23 -38.73
CA GLY H 102 55.27 -15.32 -37.70
C GLY H 102 55.82 -14.03 -38.25
N VAL H 103 55.00 -13.33 -39.05
CA VAL H 103 55.44 -12.10 -39.69
C VAL H 103 54.26 -11.16 -39.91
N GLN H 104 54.57 -9.87 -39.98
CA GLN H 104 53.65 -8.85 -40.45
C GLN H 104 53.34 -9.07 -41.92
N VAL H 105 52.16 -8.64 -42.35
CA VAL H 105 51.71 -8.80 -43.71
C VAL H 105 51.15 -7.48 -44.23
N ASP H 106 51.38 -7.22 -45.51
CA ASP H 106 50.94 -6.01 -46.16
C ASP H 106 49.48 -6.11 -46.56
N ILE H 107 48.76 -5.02 -46.35
CA ILE H 107 47.35 -4.91 -46.70
C ILE H 107 47.26 -4.29 -48.09
N ASP H 108 46.32 -4.80 -48.89
CA ASP H 108 46.09 -4.31 -50.25
C ASP H 108 44.89 -3.36 -50.33
N ALA H 109 43.72 -3.83 -49.91
CA ALA H 109 42.48 -3.13 -50.27
C ALA H 109 41.44 -3.23 -49.16
N VAL H 110 40.49 -2.31 -49.23
CA VAL H 110 39.49 -2.11 -48.19
C VAL H 110 38.12 -1.90 -48.82
N ASP H 111 37.09 -2.34 -48.09
CA ASP H 111 35.73 -1.81 -48.19
C ASP H 111 35.35 -1.39 -46.80
N TYR H 112 35.45 -0.09 -46.53
CA TYR H 112 35.19 0.44 -45.21
C TYR H 112 33.75 0.23 -44.81
N ALA H 113 32.83 0.43 -45.74
CA ALA H 113 31.41 0.28 -45.44
C ALA H 113 31.08 -1.16 -45.12
N ALA H 114 31.46 -2.08 -46.01
CA ALA H 114 31.25 -3.50 -45.76
C ALA H 114 32.22 -4.05 -44.73
N ASP H 115 33.24 -3.27 -44.33
CA ASP H 115 34.12 -3.62 -43.22
C ASP H 115 34.99 -4.82 -43.55
N GLU H 116 35.31 -4.96 -44.84
CA GLU H 116 36.06 -6.10 -45.35
C GLU H 116 37.36 -5.60 -45.94
N VAL H 117 38.33 -6.50 -46.09
CA VAL H 117 39.63 -6.13 -46.67
C VAL H 117 40.18 -7.29 -47.48
N THR H 118 41.29 -7.00 -48.17
CA THR H 118 42.00 -7.96 -48.99
C THR H 118 43.49 -7.73 -48.80
N LEU H 119 44.23 -8.84 -48.73
CA LEU H 119 45.61 -8.85 -48.29
C LEU H 119 46.56 -8.95 -49.48
N ALA H 120 47.86 -9.02 -49.15
CA ALA H 120 48.91 -9.05 -50.15
C ALA H 120 49.14 -10.45 -50.71
N ASP H 121 48.83 -11.48 -49.94
CA ASP H 121 49.16 -12.84 -50.32
C ASP H 121 48.21 -13.81 -49.65
N ASN H 122 48.12 -14.99 -50.21
CA ASN H 122 47.19 -15.99 -49.72
C ASN H 122 47.81 -16.75 -48.54
N PRO H 123 47.16 -16.85 -47.39
CA PRO H 123 47.73 -17.66 -46.32
C PRO H 123 47.65 -19.14 -46.65
N ALA H 124 48.40 -19.93 -45.90
CA ALA H 124 48.35 -21.38 -46.07
C ALA H 124 47.05 -21.93 -45.54
N ASP H 125 46.56 -22.98 -46.19
CA ASP H 125 45.37 -23.68 -45.74
C ASP H 125 45.62 -24.28 -44.38
N GLY H 126 44.89 -23.81 -43.37
CA GLY H 126 45.04 -24.25 -42.00
C GLY H 126 45.83 -23.32 -41.11
N ASP H 127 46.47 -22.31 -41.68
CA ASP H 127 47.24 -21.36 -40.89
C ASP H 127 46.32 -20.54 -39.99
N THR H 128 46.93 -19.74 -39.13
CA THR H 128 46.23 -18.75 -38.32
C THR H 128 46.89 -17.39 -38.49
N VAL H 129 46.05 -16.37 -38.67
CA VAL H 129 46.51 -14.99 -38.81
C VAL H 129 45.61 -14.12 -37.96
N LYS H 130 46.23 -13.22 -37.20
CA LYS H 130 45.50 -12.29 -36.36
C LYS H 130 45.55 -10.90 -36.98
N VAL H 131 44.57 -10.09 -36.57
CA VAL H 131 44.38 -8.76 -37.10
C VAL H 131 44.11 -7.83 -35.93
N TRP H 132 44.65 -6.63 -36.04
CA TRP H 132 44.52 -5.60 -35.02
C TRP H 132 43.96 -4.39 -35.74
N PRO H 133 42.63 -4.25 -35.79
CA PRO H 133 42.02 -3.05 -36.35
C PRO H 133 41.60 -2.06 -35.29
N ILE H 134 41.31 -0.84 -35.72
CA ILE H 134 40.86 0.18 -34.79
C ILE H 134 39.47 -0.16 -34.27
N MET H 135 39.03 0.57 -33.26
CA MET H 135 37.71 0.40 -32.70
C MET H 135 36.70 1.25 -33.44
N GLY H 136 35.46 0.77 -33.46
CA GLY H 136 34.35 1.45 -34.09
C GLY H 136 33.51 2.22 -33.09
N ASP H 137 32.34 1.69 -32.79
CA ASP H 137 31.41 2.40 -31.93
C ASP H 137 31.79 2.23 -30.47
N GLY H 138 31.22 3.09 -29.65
CA GLY H 138 31.45 3.09 -28.21
C GLY H 138 31.39 4.52 -27.71
N ASP H 139 31.02 4.67 -26.43
CA ASP H 139 30.94 5.96 -25.76
C ASP H 139 31.80 5.97 -24.51
N VAL H 140 32.46 7.10 -24.29
CA VAL H 140 33.61 7.22 -23.41
C VAL H 140 33.41 8.39 -22.47
N GLN H 141 33.95 8.27 -21.26
CA GLN H 141 33.89 9.40 -20.34
C GLN H 141 34.93 9.23 -19.23
N PHE H 142 34.89 10.18 -18.29
CA PHE H 142 35.85 10.31 -17.21
C PHE H 142 35.16 10.27 -15.86
N ARG H 143 35.87 9.71 -14.87
CA ARG H 143 35.34 9.49 -13.53
C ARG H 143 36.47 9.62 -12.54
N LEU H 144 36.12 9.95 -11.29
CA LEU H 144 37.08 10.13 -10.22
C LEU H 144 36.73 9.21 -9.08
N VAL H 145 37.78 8.74 -8.39
CA VAL H 145 37.63 7.92 -7.20
C VAL H 145 38.62 8.42 -6.17
N ASN H 146 38.15 8.54 -4.94
CA ASN H 146 38.97 8.88 -3.79
C ASN H 146 40.01 7.81 -3.55
N GLN H 147 40.86 8.06 -2.56
CA GLN H 147 41.74 7.05 -2.04
C GLN H 147 40.97 5.86 -1.46
N PHE H 148 39.72 6.08 -1.02
CA PHE H 148 38.95 5.02 -0.40
C PHE H 148 38.32 4.06 -1.39
N GLY H 149 38.54 4.25 -2.67
CA GLY H 149 38.01 3.35 -3.66
C GLY H 149 36.53 3.51 -3.92
N GLN H 150 35.91 4.56 -3.40
CA GLN H 150 34.52 4.86 -3.65
C GLN H 150 34.40 6.09 -4.53
N GLU H 151 33.29 6.13 -5.24
CA GLU H 151 33.08 7.11 -6.28
C GLU H 151 33.04 8.52 -5.71
N GLU H 152 33.53 9.47 -6.49
CA GLU H 152 33.58 10.87 -6.12
C GLU H 152 33.13 11.83 -7.20
N GLY H 153 32.92 11.36 -8.43
CA GLY H 153 32.27 12.17 -9.43
C GLY H 153 32.58 11.82 -10.87
N ARG H 154 31.54 11.75 -11.68
CA ARG H 154 31.70 11.69 -13.12
C ARG H 154 31.95 13.10 -13.63
N VAL H 155 32.85 13.19 -14.59
CA VAL H 155 33.25 14.48 -15.15
C VAL H 155 32.38 14.79 -16.35
N TYR H 156 31.52 15.79 -16.20
CA TYR H 156 30.72 16.28 -17.30
C TYR H 156 29.82 15.17 -17.84
N PRO H 157 28.76 14.80 -17.11
CA PRO H 157 28.18 13.47 -17.26
C PRO H 157 27.47 13.23 -18.59
N TRP H 158 28.25 13.30 -19.67
CA TRP H 158 27.73 13.12 -21.03
C TRP H 158 28.88 12.57 -21.84
N ALA H 159 28.88 11.26 -22.06
CA ALA H 159 29.97 10.64 -22.79
C ALA H 159 29.98 11.12 -24.24
N THR H 160 31.09 10.84 -24.91
CA THR H 160 31.31 11.21 -26.29
C THR H 160 31.44 9.96 -27.15
N PRO H 161 30.91 9.97 -28.38
CA PRO H 161 31.21 8.85 -29.28
C PRO H 161 32.68 8.69 -29.59
N LEU H 162 33.08 7.43 -29.54
CA LEU H 162 34.47 7.07 -29.67
C LEU H 162 35.05 7.43 -31.03
N TYR H 163 34.21 7.50 -32.05
CA TYR H 163 34.72 7.46 -33.43
C TYR H 163 35.53 8.70 -33.78
N ARG H 164 35.30 9.81 -33.09
CA ARG H 164 35.93 11.06 -33.49
C ARG H 164 37.43 11.02 -33.25
N TRP H 165 37.85 10.28 -32.23
CA TRP H 165 39.27 10.09 -31.96
C TRP H 165 39.99 9.40 -33.10
N HIS H 166 39.26 8.65 -33.95
CA HIS H 166 39.79 8.23 -35.23
C HIS H 166 39.59 9.28 -36.30
N ASP H 167 38.42 9.91 -36.32
CA ASP H 167 37.99 10.63 -37.51
C ASP H 167 38.56 12.03 -37.62
N PHE H 168 39.30 12.51 -36.60
CA PHE H 168 40.14 13.68 -36.74
C PHE H 168 41.61 13.29 -36.61
N PRO H 169 42.54 13.99 -37.28
CA PRO H 169 43.95 13.76 -36.98
C PRO H 169 44.33 14.48 -35.70
N GLN H 170 44.76 13.71 -34.70
CA GLN H 170 44.85 14.25 -33.35
C GLN H 170 46.03 15.19 -33.17
N LEU H 171 46.95 15.23 -34.13
CA LEU H 171 48.21 15.96 -33.99
C LEU H 171 48.17 17.32 -34.63
N LYS H 172 47.00 17.96 -34.67
CA LYS H 172 46.80 19.20 -35.41
C LYS H 172 45.85 20.08 -34.60
N ARG H 173 46.30 21.29 -34.28
CA ARG H 173 45.51 22.20 -33.49
C ARG H 173 44.19 22.52 -34.20
N GLY H 174 43.13 22.61 -33.42
CA GLY H 174 41.78 22.66 -33.95
C GLY H 174 41.22 21.27 -34.12
N ARG H 175 41.96 20.40 -34.78
CA ARG H 175 41.55 19.01 -34.94
C ARG H 175 41.71 18.21 -33.66
N GLU H 176 42.57 18.64 -32.76
CA GLU H 176 42.75 17.92 -31.52
C GLU H 176 41.48 18.00 -30.69
N ILE H 177 41.42 17.15 -29.67
CA ILE H 177 40.24 16.99 -28.86
C ILE H 177 40.41 17.83 -27.61
N ASN H 178 39.43 18.69 -27.38
CA ASN H 178 39.25 19.37 -26.11
C ASN H 178 37.86 19.03 -25.61
N LEU H 179 37.79 18.19 -24.59
CA LEU H 179 36.53 17.77 -24.02
C LEU H 179 35.98 18.88 -23.15
N HIS H 180 34.96 18.56 -22.36
CA HIS H 180 34.37 19.46 -21.39
C HIS H 180 34.59 18.90 -19.99
N GLY H 181 34.47 19.79 -19.02
CA GLY H 181 34.65 19.44 -17.64
C GLY H 181 36.05 19.70 -17.14
N SER H 182 36.18 19.71 -15.82
CA SER H 182 37.44 19.92 -15.15
C SER H 182 37.50 18.96 -13.97
N VAL H 183 38.70 18.77 -13.44
CA VAL H 183 38.88 17.81 -12.37
C VAL H 183 40.25 18.01 -11.74
N THR H 184 40.33 17.74 -10.43
CA THR H 184 41.54 17.88 -9.64
C THR H 184 41.79 16.61 -8.84
N TRP H 185 43.06 16.23 -8.76
CA TRP H 185 43.49 15.00 -8.11
C TRP H 185 44.01 15.30 -6.70
N GLU H 186 44.32 14.22 -5.98
CA GLU H 186 45.05 14.28 -4.73
C GLU H 186 46.02 13.10 -4.73
N GLU H 187 46.61 12.79 -3.58
CA GLU H 187 47.75 11.88 -3.52
C GLU H 187 47.36 10.49 -3.99
N ASN H 188 46.54 9.81 -3.22
CA ASN H 188 46.23 8.41 -3.44
C ASN H 188 44.97 8.21 -4.25
N GLU H 189 44.43 9.28 -4.82
CA GLU H 189 43.22 9.17 -5.59
C GLU H 189 43.53 8.68 -6.99
N THR H 190 42.48 8.42 -7.74
CA THR H 190 42.64 7.82 -9.06
C THR H 190 41.48 8.23 -9.94
N VAL H 191 41.81 8.74 -11.10
CA VAL H 191 40.83 9.01 -12.14
C VAL H 191 40.79 7.79 -13.03
N GLU H 192 39.64 7.57 -13.63
CA GLU H 192 39.38 6.39 -14.45
C GLU H 192 38.67 6.83 -15.72
N VAL H 193 39.22 6.41 -16.84
CA VAL H 193 38.59 6.58 -18.13
C VAL H 193 37.78 5.33 -18.39
N LEU H 194 36.51 5.55 -18.72
CA LEU H 194 35.49 4.53 -18.82
C LEU H 194 34.94 4.48 -20.23
N LEU H 195 34.41 3.31 -20.56
CA LEU H 195 33.86 3.07 -21.89
C LEU H 195 32.71 2.10 -21.79
N ASP H 196 31.76 2.25 -22.70
CA ASP H 196 30.83 1.19 -23.04
C ASP H 196 30.89 0.98 -24.54
N ALA H 197 30.96 -0.28 -24.94
CA ALA H 197 31.28 -0.64 -26.31
C ALA H 197 30.75 -2.04 -26.56
N PRO H 198 30.56 -2.42 -27.82
CA PRO H 198 30.22 -3.80 -28.12
C PRO H 198 31.42 -4.72 -27.98
N GLN H 199 32.57 -4.23 -28.43
CA GLN H 199 33.72 -5.06 -28.71
C GLN H 199 34.78 -4.95 -27.62
N ALA H 200 35.68 -5.90 -27.66
CA ALA H 200 36.81 -5.94 -26.75
C ALA H 200 37.95 -5.09 -27.29
N ILE H 201 38.79 -4.64 -26.38
CA ILE H 201 40.01 -3.92 -26.72
C ILE H 201 41.17 -4.73 -26.19
N THR H 202 42.38 -4.31 -26.56
CA THR H 202 43.57 -5.06 -26.23
C THR H 202 44.75 -4.13 -26.02
N TRP H 203 45.63 -4.58 -25.14
CA TRP H 203 46.98 -4.07 -25.04
C TRP H 203 47.92 -5.25 -24.85
N GLU H 204 49.17 -5.06 -25.24
CA GLU H 204 50.25 -6.02 -25.05
C GLU H 204 49.93 -7.36 -25.71
N ASP H 205 49.84 -7.32 -27.02
CA ASP H 205 49.89 -8.52 -27.84
C ASP H 205 51.34 -8.80 -28.19
N SER H 206 51.78 -10.03 -27.91
CA SER H 206 53.17 -10.38 -28.15
C SER H 206 53.54 -10.35 -29.62
N ASP H 207 52.58 -10.56 -30.51
CA ASP H 207 52.85 -10.69 -31.94
C ASP H 207 52.68 -9.39 -32.71
N TYR H 208 52.32 -8.30 -32.03
CA TYR H 208 52.21 -7.02 -32.71
C TYR H 208 53.59 -6.56 -33.17
N PRO H 209 53.75 -6.09 -34.41
CA PRO H 209 55.09 -5.82 -34.91
C PRO H 209 55.63 -4.43 -34.62
N GLU H 210 54.75 -3.45 -34.52
CA GLU H 210 55.16 -2.06 -34.51
C GLU H 210 55.50 -1.54 -33.13
N GLY H 211 55.48 -2.38 -32.11
CA GLY H 211 55.75 -1.94 -30.76
C GLY H 211 55.11 -2.87 -29.76
N GLN H 212 55.49 -2.69 -28.51
CA GLN H 212 54.91 -3.48 -27.44
C GLN H 212 53.47 -3.09 -27.13
N TYR H 213 52.98 -1.97 -27.68
CA TYR H 213 51.73 -1.37 -27.25
C TYR H 213 50.88 -1.11 -28.47
N VAL H 214 49.78 -1.85 -28.59
CA VAL H 214 48.93 -1.79 -29.76
C VAL H 214 48.12 -0.51 -29.79
N SER H 215 47.80 0.02 -28.62
CA SER H 215 46.96 1.18 -28.47
C SER H 215 47.57 2.14 -27.46
N THR H 216 47.02 3.34 -27.40
CA THR H 216 47.61 4.39 -26.59
C THR H 216 46.56 5.37 -26.13
N PHE H 217 46.73 5.83 -24.90
CA PHE H 217 45.98 6.93 -24.32
C PHE H 217 47.00 7.92 -23.78
N GLU H 218 46.80 9.19 -24.10
CA GLU H 218 47.67 10.25 -23.64
C GLU H 218 46.81 11.46 -23.35
N GLN H 219 47.22 12.24 -22.36
CA GLN H 219 46.49 13.45 -22.02
C GLN H 219 47.46 14.47 -21.42
N ASP H 220 47.40 15.69 -21.94
CA ASP H 220 48.21 16.77 -21.43
C ASP H 220 47.48 17.46 -20.30
N VAL H 221 48.19 17.72 -19.20
CA VAL H 221 47.62 18.35 -18.02
C VAL H 221 48.61 19.36 -17.45
N GLU H 222 48.22 19.97 -16.33
CA GLU H 222 49.09 20.80 -15.51
C GLU H 222 49.42 20.01 -14.25
N ILE H 223 50.59 20.30 -13.69
CA ILE H 223 51.10 19.57 -12.53
C ILE H 223 51.63 20.57 -11.52
N THR H 224 51.40 20.26 -10.24
CA THR H 224 51.80 21.12 -9.13
C THR H 224 53.05 20.54 -8.50
N LEU H 225 54.19 21.03 -8.96
CA LEU H 225 55.47 20.80 -8.31
C LEU H 225 55.80 19.33 -8.17
N TYR I 1 -6.31 25.28 -21.72
CA TYR I 1 -6.49 25.14 -23.15
C TYR I 1 -6.78 23.70 -23.52
N THR I 2 -8.04 23.43 -23.88
CA THR I 2 -8.55 22.06 -24.01
C THR I 2 -9.43 21.94 -25.23
N ILE I 3 -9.56 20.71 -25.72
CA ILE I 3 -10.53 20.33 -26.73
C ILE I 3 -11.08 18.95 -26.38
N SER I 4 -11.95 18.44 -27.25
CA SER I 4 -12.62 17.16 -27.05
C SER I 4 -11.99 16.09 -27.91
N HIS I 5 -12.20 14.85 -27.50
CA HIS I 5 -11.71 13.69 -28.22
C HIS I 5 -12.59 12.50 -27.86
N THR I 6 -12.30 11.34 -28.44
CA THR I 6 -12.93 10.09 -28.06
C THR I 6 -11.87 9.10 -27.65
N GLY I 7 -12.09 8.49 -26.50
CA GLY I 7 -11.39 7.29 -26.13
C GLY I 7 -12.25 6.11 -26.54
N GLY I 8 -11.60 5.02 -26.92
CA GLY I 8 -12.33 3.94 -27.54
C GLY I 8 -11.59 2.63 -27.50
N THR I 9 -12.08 1.72 -28.33
CA THR I 9 -11.51 0.38 -28.40
C THR I 9 -10.05 0.41 -28.81
N LEU I 10 -9.70 1.34 -29.68
CA LEU I 10 -8.34 1.52 -30.18
C LEU I 10 -7.74 2.84 -29.73
N GLY I 11 -8.40 3.94 -30.03
CA GLY I 11 -8.12 5.22 -29.45
C GLY I 11 -6.73 5.73 -29.75
N SER I 12 -6.40 6.80 -29.06
CA SER I 12 -5.23 7.61 -29.34
C SER I 12 -3.92 6.84 -29.29
N SER I 13 -3.87 5.66 -28.70
CA SER I 13 -2.64 4.88 -28.69
C SER I 13 -2.97 3.41 -28.52
N LYS I 14 -2.03 2.56 -28.95
CA LYS I 14 -2.13 1.11 -28.74
C LYS I 14 -1.40 0.69 -27.47
N VAL I 15 -1.74 1.37 -26.38
CA VAL I 15 -1.34 0.98 -25.04
C VAL I 15 -2.52 0.65 -24.17
N THR I 16 -3.74 0.71 -24.69
CA THR I 16 -4.89 0.28 -23.94
C THR I 16 -4.84 -1.22 -23.67
N THR I 17 -5.80 -1.69 -22.91
CA THR I 17 -5.90 -3.09 -22.53
C THR I 17 -7.29 -3.58 -22.86
N ALA I 18 -7.38 -4.77 -23.42
CA ALA I 18 -8.62 -5.36 -23.89
C ALA I 18 -8.62 -6.82 -23.50
N ALA I 19 -9.34 -7.15 -22.43
CA ALA I 19 -9.37 -8.50 -21.90
C ALA I 19 -10.81 -8.86 -21.57
N ASN I 20 -10.98 -10.09 -21.12
CA ASN I 20 -12.27 -10.68 -20.81
C ASN I 20 -12.31 -11.16 -19.38
N GLN I 21 -13.52 -11.26 -18.86
CA GLN I 21 -13.73 -11.50 -17.45
C GLN I 21 -13.72 -13.00 -17.14
N THR I 22 -14.14 -13.34 -15.93
CA THR I 22 -14.28 -14.71 -15.47
C THR I 22 -15.75 -15.09 -15.33
N SER I 23 -16.00 -16.38 -15.36
CA SER I 23 -17.33 -16.94 -15.17
C SER I 23 -17.76 -16.98 -13.71
N PRO I 24 -16.86 -17.31 -12.76
CA PRO I 24 -17.21 -17.11 -11.35
C PRO I 24 -17.63 -15.67 -11.09
N GLN I 25 -18.73 -15.52 -10.36
CA GLN I 25 -19.39 -14.23 -10.25
C GLN I 25 -18.54 -13.28 -9.42
N ARG I 26 -17.51 -12.76 -10.06
CA ARG I 26 -16.56 -11.86 -9.43
C ARG I 26 -16.09 -10.92 -10.51
N GLU I 27 -16.13 -9.62 -10.21
CA GLU I 27 -15.87 -8.61 -11.21
C GLU I 27 -14.43 -8.70 -11.68
N THR I 28 -14.22 -8.15 -12.87
CA THR I 28 -12.90 -8.03 -13.46
C THR I 28 -12.82 -6.69 -14.16
N ALA I 29 -11.67 -6.45 -14.76
CA ALA I 29 -11.41 -5.26 -15.55
C ALA I 29 -11.47 -5.64 -17.02
N ILE I 30 -12.53 -5.21 -17.68
CA ILE I 30 -12.69 -5.45 -19.10
C ILE I 30 -11.72 -4.64 -19.90
N ILE I 31 -11.62 -3.35 -19.60
CA ILE I 31 -10.85 -2.43 -20.42
C ILE I 31 -9.94 -1.62 -19.53
N GLY I 32 -8.77 -1.27 -20.07
CA GLY I 32 -7.85 -0.35 -19.43
C GLY I 32 -7.40 0.76 -20.37
N PHE I 33 -7.78 1.98 -20.03
CA PHE I 33 -7.37 3.18 -20.73
C PHE I 33 -6.20 3.80 -19.98
N GLU I 34 -5.00 3.65 -20.54
CA GLU I 34 -3.79 4.24 -19.98
C GLU I 34 -3.43 5.49 -20.76
N CYS I 35 -3.00 6.53 -20.05
CA CYS I 35 -2.63 7.76 -20.71
C CYS I 35 -1.27 7.59 -21.39
N PRO I 36 -1.01 8.31 -22.50
CA PRO I 36 0.34 8.32 -23.07
C PRO I 36 1.21 9.45 -22.56
N ARG I 37 2.43 9.53 -23.07
CA ARG I 37 3.25 10.70 -22.87
C ARG I 37 2.80 11.89 -23.71
N LYS I 38 1.96 11.65 -24.72
CA LYS I 38 1.59 12.71 -25.65
C LYS I 38 0.83 13.81 -24.93
N PHE I 39 -0.12 13.43 -24.10
CA PHE I 39 -1.08 14.36 -23.54
C PHE I 39 -0.76 14.59 -22.08
N ALA I 40 -1.04 15.80 -21.62
CA ALA I 40 -0.80 16.15 -20.24
C ALA I 40 -1.81 15.51 -19.32
N GLU I 41 -3.05 15.38 -19.78
CA GLU I 41 -4.11 14.88 -18.92
C GLU I 41 -5.33 14.59 -19.76
N ILE I 42 -6.16 13.71 -19.23
CA ILE I 42 -7.43 13.33 -19.80
C ILE I 42 -8.45 13.59 -18.70
N GLU I 43 -9.66 13.98 -19.09
CA GLU I 43 -10.70 14.30 -18.15
C GLU I 43 -12.04 13.83 -18.68
N TYR I 44 -12.80 13.16 -17.81
CA TYR I 44 -14.17 12.76 -18.10
C TYR I 44 -15.13 13.32 -17.09
N VAL I 45 -16.20 13.90 -17.62
CA VAL I 45 -17.20 14.61 -16.84
C VAL I 45 -18.53 13.91 -17.11
N GLY I 46 -18.98 13.12 -16.15
CA GLY I 46 -20.31 12.56 -16.21
C GLY I 46 -21.35 13.64 -16.29
N GLN I 47 -22.47 13.32 -16.94
CA GLN I 47 -23.58 14.21 -17.27
C GLN I 47 -23.28 15.17 -18.40
N ARG I 48 -22.04 15.24 -18.87
CA ARG I 48 -21.65 16.14 -19.96
C ARG I 48 -21.27 15.35 -21.21
N ASP I 49 -20.30 14.45 -21.09
CA ASP I 49 -19.72 13.77 -22.24
C ASP I 49 -20.25 12.35 -22.30
N SER I 50 -20.75 11.97 -23.47
CA SER I 50 -21.47 10.72 -23.60
C SER I 50 -20.53 9.53 -23.55
N THR I 51 -21.13 8.37 -23.39
CA THR I 51 -20.44 7.11 -23.43
C THR I 51 -21.33 6.11 -24.17
N ARG I 52 -20.71 5.20 -24.89
CA ARG I 52 -21.39 4.20 -25.69
C ARG I 52 -20.75 2.86 -25.42
N PHE I 53 -21.58 1.82 -25.38
CA PHE I 53 -21.10 0.48 -25.09
C PHE I 53 -21.99 -0.52 -25.81
N ILE I 54 -21.40 -1.28 -26.73
CA ILE I 54 -22.08 -2.35 -27.43
C ILE I 54 -21.39 -3.62 -27.00
N PRO I 55 -21.84 -4.23 -25.91
CA PRO I 55 -21.30 -5.52 -25.50
C PRO I 55 -21.94 -6.66 -26.26
N ARG I 56 -21.20 -7.75 -26.32
CA ARG I 56 -21.60 -8.90 -27.09
C ARG I 56 -20.74 -10.08 -26.64
N THR I 57 -21.37 -11.24 -26.59
CA THR I 57 -20.78 -12.45 -26.05
C THR I 57 -20.63 -13.47 -27.16
N THR I 58 -20.33 -14.71 -26.78
CA THR I 58 -20.01 -15.75 -27.73
C THR I 58 -20.62 -17.07 -27.26
N GLU I 59 -21.28 -17.77 -28.18
CA GLU I 59 -21.80 -19.10 -27.93
C GLU I 59 -21.57 -19.95 -29.15
N SER I 60 -21.85 -21.25 -29.01
CA SER I 60 -21.54 -22.22 -30.03
C SER I 60 -22.56 -23.34 -29.99
N ILE I 61 -22.78 -23.95 -31.14
CA ILE I 61 -23.71 -25.07 -31.27
C ILE I 61 -23.23 -26.04 -32.33
N THR I 62 -23.69 -27.28 -32.18
CA THR I 62 -23.39 -28.38 -33.08
C THR I 62 -24.62 -28.71 -33.89
N GLY I 63 -24.40 -29.17 -35.12
CA GLY I 63 -25.47 -29.39 -36.06
C GLY I 63 -26.01 -30.81 -36.03
N THR I 64 -27.27 -30.92 -36.43
CA THR I 64 -28.00 -32.18 -36.43
C THR I 64 -29.37 -31.91 -37.05
N ALA I 65 -30.17 -32.96 -37.12
CA ALA I 65 -31.46 -32.86 -37.77
C ALA I 65 -32.39 -31.93 -36.99
N GLY I 66 -33.17 -31.14 -37.73
CA GLY I 66 -34.13 -30.23 -37.14
C GLY I 66 -33.55 -29.08 -36.37
N ASP I 67 -32.23 -28.84 -36.45
CA ASP I 67 -31.56 -27.88 -35.59
C ASP I 67 -31.65 -26.49 -36.22
N ASP I 68 -32.89 -26.00 -36.31
CA ASP I 68 -33.18 -24.66 -36.79
C ASP I 68 -33.47 -23.70 -35.65
N THR I 69 -33.97 -24.20 -34.54
CA THR I 69 -34.15 -23.43 -33.34
C THR I 69 -32.84 -23.40 -32.57
N VAL I 70 -32.54 -22.24 -31.98
CA VAL I 70 -31.46 -22.11 -31.02
C VAL I 70 -32.06 -21.95 -29.64
N VAL I 71 -31.50 -22.70 -28.71
CA VAL I 71 -31.93 -22.87 -27.33
C VAL I 71 -31.69 -21.60 -26.54
N SER I 72 -32.15 -21.60 -25.29
CA SER I 72 -31.77 -20.59 -24.32
C SER I 72 -30.28 -20.33 -24.35
N LEU I 73 -29.91 -19.08 -24.63
CA LEU I 73 -28.54 -18.67 -24.78
C LEU I 73 -27.90 -18.25 -23.46
N THR I 74 -28.48 -18.64 -22.33
CA THR I 74 -27.97 -18.28 -21.02
C THR I 74 -27.91 -16.78 -20.84
N ALA I 75 -28.88 -16.07 -21.41
CA ALA I 75 -28.78 -14.64 -21.57
C ALA I 75 -30.16 -14.02 -21.53
N ASN I 76 -30.35 -13.08 -20.60
CA ASN I 76 -31.60 -12.33 -20.51
C ASN I 76 -31.58 -11.28 -21.60
N ILE I 77 -32.28 -11.57 -22.68
CA ILE I 77 -32.27 -10.73 -23.86
C ILE I 77 -33.32 -9.64 -23.72
N GLN I 78 -33.08 -8.53 -24.39
CA GLN I 78 -34.04 -7.47 -24.57
C GLN I 78 -33.95 -6.98 -26.00
N PRO I 79 -34.96 -6.28 -26.49
CA PRO I 79 -34.84 -5.67 -27.82
C PRO I 79 -34.04 -4.38 -27.76
N VAL I 80 -33.66 -3.92 -28.94
CA VAL I 80 -32.80 -2.77 -29.10
C VAL I 80 -33.67 -1.56 -29.35
N ALA I 81 -33.50 -0.54 -28.51
CA ALA I 81 -34.38 0.62 -28.49
C ALA I 81 -35.82 0.22 -28.22
N GLY I 82 -36.02 -0.92 -27.54
CA GLY I 82 -37.33 -1.49 -27.35
C GLY I 82 -37.95 -2.07 -28.61
N GLU I 83 -37.23 -2.09 -29.72
CA GLU I 83 -37.74 -2.63 -30.98
C GLU I 83 -37.12 -3.99 -31.25
N THR I 84 -37.92 -4.88 -31.83
CA THR I 84 -37.60 -6.28 -31.92
C THR I 84 -37.05 -6.70 -33.27
N ALA I 85 -37.65 -6.20 -34.35
CA ALA I 85 -37.32 -6.66 -35.69
C ALA I 85 -35.86 -6.37 -36.03
N ILE I 86 -35.13 -7.45 -36.29
CA ILE I 86 -33.68 -7.37 -36.48
C ILE I 86 -33.34 -6.47 -37.64
N GLU I 87 -34.16 -6.47 -38.67
CA GLU I 87 -33.89 -5.68 -39.86
C GLU I 87 -34.11 -4.19 -39.66
N ASP I 88 -34.69 -3.77 -38.52
CA ASP I 88 -35.07 -2.39 -38.28
C ASP I 88 -34.46 -1.82 -37.01
N GLN I 89 -33.37 -2.42 -36.51
CA GLN I 89 -32.72 -1.95 -35.31
C GLN I 89 -31.57 -1.02 -35.66
N ASP I 90 -31.09 -0.31 -34.64
CA ASP I 90 -29.86 0.44 -34.79
C ASP I 90 -28.65 -0.48 -34.88
N TYR I 91 -28.78 -1.69 -34.36
CA TYR I 91 -27.75 -2.70 -34.51
C TYR I 91 -28.37 -4.05 -34.13
N PRO I 92 -27.80 -5.16 -34.57
CA PRO I 92 -28.48 -6.43 -34.36
C PRO I 92 -28.44 -6.87 -32.92
N VAL I 93 -29.53 -7.49 -32.50
CA VAL I 93 -29.53 -8.22 -31.24
C VAL I 93 -28.49 -9.31 -31.25
N ALA I 94 -28.25 -9.92 -32.41
CA ALA I 94 -27.41 -11.11 -32.44
C ALA I 94 -27.16 -11.49 -33.89
N VAL I 95 -26.03 -12.15 -34.11
CA VAL I 95 -25.63 -12.62 -35.42
C VAL I 95 -25.00 -14.00 -35.21
N ALA I 96 -24.88 -14.76 -36.29
CA ALA I 96 -24.27 -16.07 -36.19
C ALA I 96 -23.65 -16.45 -37.54
N TYR I 97 -22.82 -17.49 -37.48
CA TYR I 97 -21.90 -17.83 -38.56
C TYR I 97 -21.68 -19.32 -38.55
N ASN I 98 -21.96 -19.96 -39.68
CA ASN I 98 -21.62 -21.36 -39.90
C ASN I 98 -20.16 -21.43 -40.27
N VAL I 99 -19.41 -22.32 -39.61
CA VAL I 99 -17.99 -22.45 -39.88
C VAL I 99 -17.75 -23.51 -40.95
N THR I 100 -18.56 -24.57 -40.92
CA THR I 100 -18.39 -25.67 -41.86
C THR I 100 -18.57 -25.18 -43.28
N GLN I 101 -19.52 -24.28 -43.50
CA GLN I 101 -19.65 -23.58 -44.76
C GLN I 101 -18.86 -22.28 -44.78
N GLY I 102 -18.58 -21.72 -43.62
CA GLY I 102 -17.77 -20.52 -43.54
C GLY I 102 -18.48 -19.31 -44.08
N VAL I 103 -19.69 -19.06 -43.58
CA VAL I 103 -20.49 -17.90 -43.99
C VAL I 103 -21.32 -17.43 -42.80
N GLN I 104 -21.94 -16.27 -42.98
CA GLN I 104 -22.89 -15.71 -42.04
C GLN I 104 -24.27 -16.31 -42.29
N VAL I 105 -25.09 -16.33 -41.24
CA VAL I 105 -26.46 -16.78 -41.33
C VAL I 105 -27.36 -15.62 -40.96
N ASP I 106 -28.45 -15.49 -41.70
CA ASP I 106 -29.52 -14.57 -41.35
C ASP I 106 -30.45 -15.23 -40.34
N ILE I 107 -31.08 -14.42 -39.51
CA ILE I 107 -31.97 -14.89 -38.47
C ILE I 107 -33.40 -14.64 -38.89
N ASP I 108 -34.28 -15.60 -38.59
CA ASP I 108 -35.67 -15.50 -38.99
C ASP I 108 -36.54 -14.90 -37.88
N ALA I 109 -36.52 -15.49 -36.68
CA ALA I 109 -37.47 -15.11 -35.64
C ALA I 109 -36.86 -15.26 -34.26
N VAL I 110 -37.57 -14.68 -33.29
CA VAL I 110 -37.06 -14.48 -31.93
C VAL I 110 -38.14 -14.85 -30.92
N ASP I 111 -37.68 -15.30 -29.75
CA ASP I 111 -38.48 -15.38 -28.54
C ASP I 111 -37.63 -14.71 -27.46
N TYR I 112 -37.91 -13.42 -27.23
CA TYR I 112 -37.21 -12.68 -26.20
C TYR I 112 -37.45 -13.27 -24.83
N ALA I 113 -38.67 -13.71 -24.58
CA ALA I 113 -39.02 -14.27 -23.29
C ALA I 113 -38.24 -15.54 -23.01
N ALA I 114 -38.39 -16.53 -23.88
CA ALA I 114 -37.68 -17.78 -23.73
C ALA I 114 -36.20 -17.66 -24.07
N ASP I 115 -35.75 -16.52 -24.59
CA ASP I 115 -34.34 -16.29 -24.89
C ASP I 115 -33.86 -17.26 -25.97
N GLU I 116 -34.72 -17.50 -26.95
CA GLU I 116 -34.49 -18.49 -27.99
C GLU I 116 -34.67 -17.82 -29.35
N VAL I 117 -34.19 -18.49 -30.40
CA VAL I 117 -34.35 -17.91 -31.73
C VAL I 117 -34.57 -19.01 -32.76
N THR I 118 -34.86 -18.60 -34.00
CA THR I 118 -35.19 -19.50 -35.08
C THR I 118 -34.51 -19.00 -36.35
N LEU I 119 -33.83 -19.91 -37.04
CA LEU I 119 -33.04 -19.61 -38.23
C LEU I 119 -33.63 -20.26 -39.46
N ALA I 120 -33.09 -19.85 -40.61
CA ALA I 120 -33.46 -20.41 -41.90
C ALA I 120 -32.58 -21.59 -42.29
N ASP I 121 -31.30 -21.53 -41.97
CA ASP I 121 -30.32 -22.53 -42.41
C ASP I 121 -30.37 -23.70 -41.45
N ASN I 122 -31.04 -24.76 -41.86
CA ASN I 122 -30.95 -26.00 -41.13
C ASN I 122 -29.57 -26.61 -41.40
N PRO I 123 -28.70 -26.74 -40.41
CA PRO I 123 -27.35 -27.22 -40.70
C PRO I 123 -27.32 -28.74 -40.88
N ALA I 124 -26.15 -29.24 -41.23
CA ALA I 124 -25.92 -30.66 -41.37
C ALA I 124 -25.54 -31.27 -40.02
N ASP I 125 -25.51 -32.59 -39.98
CA ASP I 125 -25.11 -33.29 -38.77
C ASP I 125 -23.60 -33.24 -38.64
N GLY I 126 -23.13 -32.95 -37.43
CA GLY I 126 -21.72 -32.67 -37.21
C GLY I 126 -21.29 -31.28 -37.58
N ASP I 127 -22.19 -30.45 -38.09
CA ASP I 127 -21.87 -29.08 -38.43
C ASP I 127 -21.48 -28.29 -37.18
N THR I 128 -20.87 -27.13 -37.41
CA THR I 128 -20.47 -26.23 -36.33
C THR I 128 -20.90 -24.81 -36.65
N VAL I 129 -21.56 -24.17 -35.69
CA VAL I 129 -22.02 -22.80 -35.85
C VAL I 129 -21.70 -22.04 -34.58
N LYS I 130 -21.38 -20.76 -34.74
CA LYS I 130 -21.08 -19.87 -33.64
C LYS I 130 -22.06 -18.70 -33.68
N VAL I 131 -22.34 -18.16 -32.50
CA VAL I 131 -23.28 -17.06 -32.33
C VAL I 131 -22.63 -15.98 -31.50
N TRP I 132 -22.96 -14.74 -31.84
CA TRP I 132 -22.53 -13.57 -31.11
C TRP I 132 -23.79 -12.76 -30.84
N PRO I 133 -24.43 -12.97 -29.69
CA PRO I 133 -25.53 -12.11 -29.28
C PRO I 133 -25.08 -11.05 -28.30
N ILE I 134 -25.89 -10.01 -28.15
CA ILE I 134 -25.62 -8.99 -27.17
C ILE I 134 -25.57 -9.59 -25.78
N MET I 135 -24.80 -8.95 -24.91
CA MET I 135 -24.74 -9.37 -23.52
C MET I 135 -25.95 -8.83 -22.78
N GLY I 136 -26.41 -9.62 -21.81
CA GLY I 136 -27.63 -9.33 -21.08
C GLY I 136 -27.36 -8.73 -19.73
N ASP I 137 -27.43 -9.56 -18.69
CA ASP I 137 -27.13 -9.10 -17.35
C ASP I 137 -25.69 -8.64 -17.26
N GLY I 138 -25.43 -7.75 -16.32
CA GLY I 138 -24.10 -7.21 -16.11
C GLY I 138 -24.13 -5.91 -15.35
N ASP I 139 -23.20 -5.78 -14.40
CA ASP I 139 -23.03 -4.59 -13.59
C ASP I 139 -21.66 -4.01 -13.87
N VAL I 140 -21.63 -2.76 -14.35
CA VAL I 140 -20.40 -2.13 -14.82
C VAL I 140 -20.15 -0.87 -14.02
N GLN I 141 -18.88 -0.46 -14.02
CA GLN I 141 -18.50 0.84 -13.47
C GLN I 141 -17.04 1.09 -13.80
N PHE I 142 -16.53 2.22 -13.35
CA PHE I 142 -15.20 2.69 -13.63
C PHE I 142 -14.31 2.53 -12.40
N ARG I 143 -13.00 2.59 -12.64
CA ARG I 143 -12.01 2.50 -11.59
C ARG I 143 -10.78 3.27 -12.02
N LEU I 144 -10.03 3.74 -11.05
CA LEU I 144 -8.76 4.42 -11.28
C LEU I 144 -7.61 3.54 -10.83
N VAL I 145 -6.48 3.68 -11.51
CA VAL I 145 -5.24 3.06 -11.08
C VAL I 145 -4.11 4.03 -11.34
N ASN I 146 -3.20 4.10 -10.38
CA ASN I 146 -2.06 5.00 -10.45
C ASN I 146 -1.01 4.40 -11.39
N GLN I 147 0.18 4.97 -11.38
CA GLN I 147 1.30 4.46 -12.15
C GLN I 147 2.05 3.34 -11.43
N PHE I 148 1.50 2.83 -10.34
CA PHE I 148 2.12 1.80 -9.52
C PHE I 148 1.43 0.47 -9.64
N GLY I 149 0.10 0.48 -9.71
CA GLY I 149 -0.71 -0.72 -9.70
C GLY I 149 -1.72 -0.76 -8.59
N GLN I 150 -2.18 0.40 -8.11
CA GLN I 150 -2.99 0.50 -6.92
C GLN I 150 -4.34 1.09 -7.23
N GLU I 151 -5.36 0.54 -6.58
CA GLU I 151 -6.71 1.07 -6.69
C GLU I 151 -6.83 2.33 -5.87
N GLU I 152 -6.82 3.47 -6.55
CA GLU I 152 -7.17 4.71 -5.86
C GLU I 152 -8.63 4.72 -5.48
N GLY I 153 -9.48 4.16 -6.32
CA GLY I 153 -10.90 4.11 -6.05
C GLY I 153 -11.78 4.03 -7.28
N ARG I 154 -13.06 3.83 -7.03
CA ARG I 154 -14.06 3.78 -8.07
C ARG I 154 -14.54 5.20 -8.35
N VAL I 155 -15.65 5.31 -9.07
CA VAL I 155 -16.30 6.59 -9.34
C VAL I 155 -17.79 6.40 -9.20
N TYR I 156 -18.38 7.11 -8.24
CA TYR I 156 -19.82 7.14 -8.07
C TYR I 156 -20.36 5.74 -7.83
N PRO I 157 -20.08 5.17 -6.67
CA PRO I 157 -20.25 3.72 -6.50
C PRO I 157 -21.70 3.28 -6.56
N TRP I 158 -22.25 3.31 -7.76
CA TRP I 158 -23.56 2.77 -8.04
C TRP I 158 -23.54 2.26 -9.46
N ALA I 159 -23.18 0.99 -9.59
CA ALA I 159 -22.96 0.39 -10.89
C ALA I 159 -24.28 0.31 -11.64
N THR I 160 -24.25 0.76 -12.88
CA THR I 160 -25.44 0.73 -13.69
C THR I 160 -25.62 -0.66 -14.30
N PRO I 161 -26.84 -1.14 -14.54
CA PRO I 161 -26.97 -2.41 -15.24
C PRO I 161 -26.51 -2.30 -16.68
N LEU I 162 -26.10 -3.44 -17.20
CA LEU I 162 -25.66 -3.52 -18.58
C LEU I 162 -26.78 -3.18 -19.55
N TYR I 163 -27.99 -3.68 -19.27
CA TYR I 163 -29.03 -3.71 -20.29
C TYR I 163 -29.53 -2.32 -20.66
N ARG I 164 -29.30 -1.32 -19.82
CA ARG I 164 -29.73 0.03 -20.17
C ARG I 164 -29.01 0.53 -21.41
N TRP I 165 -27.76 0.10 -21.60
CA TRP I 165 -27.02 0.45 -22.78
C TRP I 165 -27.71 -0.07 -24.04
N HIS I 166 -28.33 -1.24 -23.93
CA HIS I 166 -29.12 -1.78 -25.02
C HIS I 166 -30.46 -1.10 -25.15
N ASP I 167 -31.07 -0.72 -24.04
CA ASP I 167 -32.46 -0.32 -24.01
C ASP I 167 -32.74 0.94 -24.82
N PHE I 168 -31.78 1.84 -24.94
CA PHE I 168 -32.03 3.17 -25.46
C PHE I 168 -31.48 3.29 -26.88
N PRO I 169 -31.98 4.23 -27.69
CA PRO I 169 -31.30 4.54 -28.95
C PRO I 169 -30.09 5.41 -28.71
N GLN I 170 -28.95 4.76 -28.48
CA GLN I 170 -27.75 5.44 -28.01
C GLN I 170 -27.27 6.53 -28.94
N LEU I 171 -27.58 6.46 -30.22
CA LEU I 171 -27.09 7.42 -31.19
C LEU I 171 -27.85 8.74 -31.13
N LYS I 172 -29.11 8.70 -30.76
CA LYS I 172 -30.00 9.85 -30.79
C LYS I 172 -29.74 10.73 -29.57
N ARG I 173 -29.62 12.03 -29.80
CA ARG I 173 -29.27 12.93 -28.70
C ARG I 173 -30.38 12.95 -27.67
N GLY I 174 -30.01 13.30 -26.45
CA GLY I 174 -30.92 13.27 -25.34
C GLY I 174 -31.14 11.92 -24.72
N ARG I 175 -31.08 10.84 -25.51
CA ARG I 175 -31.24 9.49 -25.04
C ARG I 175 -29.91 8.80 -24.79
N GLU I 176 -28.82 9.33 -25.34
CA GLU I 176 -27.49 8.79 -25.10
C GLU I 176 -27.18 8.77 -23.61
N ILE I 177 -26.26 7.91 -23.23
CA ILE I 177 -25.95 7.69 -21.84
C ILE I 177 -24.93 8.73 -21.39
N ASN I 178 -25.17 9.27 -20.21
CA ASN I 178 -24.20 10.11 -19.51
C ASN I 178 -24.15 9.62 -18.08
N LEU I 179 -23.14 8.83 -17.76
CA LEU I 179 -22.98 8.32 -16.42
C LEU I 179 -22.58 9.47 -15.50
N HIS I 180 -22.39 9.15 -14.22
CA HIS I 180 -22.17 10.14 -13.18
C HIS I 180 -20.74 10.10 -12.70
N GLY I 181 -20.41 11.11 -11.93
CA GLY I 181 -19.08 11.26 -11.40
C GLY I 181 -18.19 12.05 -12.30
N SER I 182 -16.95 12.17 -11.85
CA SER I 182 -15.91 12.86 -12.58
C SER I 182 -14.62 12.10 -12.34
N VAL I 183 -13.61 12.40 -13.16
CA VAL I 183 -12.36 11.69 -13.04
C VAL I 183 -11.28 12.40 -13.86
N THR I 184 -10.04 12.29 -13.41
CA THR I 184 -8.88 12.89 -14.05
C THR I 184 -7.76 11.87 -14.13
N TRP I 185 -7.01 11.93 -15.23
CA TRP I 185 -5.92 11.03 -15.55
C TRP I 185 -4.57 11.71 -15.32
N GLU I 186 -3.49 10.95 -15.51
CA GLU I 186 -2.18 11.53 -15.74
C GLU I 186 -1.34 10.49 -16.49
N GLU I 187 -0.14 10.92 -16.91
CA GLU I 187 0.66 10.31 -17.95
C GLU I 187 0.76 8.79 -17.91
N ASN I 188 1.16 8.23 -16.77
CA ASN I 188 1.30 6.79 -16.62
C ASN I 188 0.12 6.16 -15.90
N GLU I 189 -0.94 6.92 -15.63
CA GLU I 189 -2.09 6.39 -14.94
C GLU I 189 -3.02 5.67 -15.90
N THR I 190 -3.82 4.77 -15.33
CA THR I 190 -4.67 3.90 -16.10
C THR I 190 -6.03 3.79 -15.42
N VAL I 191 -7.04 4.31 -16.09
CA VAL I 191 -8.41 4.06 -15.69
C VAL I 191 -8.79 2.70 -16.26
N GLU I 192 -9.73 2.04 -15.59
CA GLU I 192 -10.23 0.76 -16.02
C GLU I 192 -11.74 0.81 -16.03
N VAL I 193 -12.31 0.09 -16.96
CA VAL I 193 -13.74 -0.20 -16.98
C VAL I 193 -13.90 -1.63 -16.54
N LEU I 194 -14.67 -1.81 -15.47
CA LEU I 194 -14.84 -3.07 -14.79
C LEU I 194 -16.28 -3.53 -14.90
N LEU I 195 -16.44 -4.85 -14.81
CA LEU I 195 -17.72 -5.49 -15.03
C LEU I 195 -17.81 -6.75 -14.20
N ASP I 196 -19.03 -7.08 -13.79
CA ASP I 196 -19.35 -8.36 -13.19
C ASP I 196 -20.56 -8.93 -13.91
N ALA I 197 -20.51 -10.23 -14.19
CA ALA I 197 -21.53 -10.88 -14.98
C ALA I 197 -21.28 -12.38 -15.06
N PRO I 198 -22.24 -13.16 -15.55
CA PRO I 198 -22.00 -14.59 -15.70
C PRO I 198 -21.23 -14.93 -16.97
N GLN I 199 -21.52 -14.19 -18.03
CA GLN I 199 -21.18 -14.60 -19.37
C GLN I 199 -19.95 -13.88 -19.87
N ALA I 200 -19.29 -14.50 -20.84
CA ALA I 200 -17.96 -14.09 -21.27
C ALA I 200 -18.07 -13.22 -22.52
N ILE I 201 -17.87 -11.93 -22.32
CA ILE I 201 -17.70 -11.02 -23.43
C ILE I 201 -16.47 -11.44 -24.22
N THR I 202 -16.46 -11.04 -25.49
CA THR I 202 -15.40 -11.45 -26.40
C THR I 202 -15.11 -10.31 -27.36
N TRP I 203 -13.96 -10.45 -28.01
CA TRP I 203 -13.51 -9.50 -29.02
C TRP I 203 -12.62 -10.21 -30.01
N GLU I 204 -12.45 -9.58 -31.16
CA GLU I 204 -11.40 -9.92 -32.12
C GLU I 204 -11.48 -11.38 -32.59
N ASP I 205 -12.69 -11.91 -32.62
CA ASP I 205 -12.92 -13.24 -33.18
C ASP I 205 -12.94 -13.11 -34.68
N SER I 206 -12.07 -13.87 -35.35
CA SER I 206 -11.82 -13.66 -36.76
C SER I 206 -13.03 -14.03 -37.60
N ASP I 207 -13.76 -15.06 -37.17
CA ASP I 207 -14.86 -15.56 -37.97
C ASP I 207 -16.06 -14.62 -38.00
N TYR I 208 -16.06 -13.56 -37.21
CA TYR I 208 -17.18 -12.64 -37.22
C TYR I 208 -17.23 -11.92 -38.57
N PRO I 209 -18.41 -11.76 -39.18
CA PRO I 209 -18.45 -11.28 -40.55
C PRO I 209 -18.47 -9.77 -40.75
N GLU I 210 -19.09 -9.04 -39.81
CA GLU I 210 -19.41 -7.63 -40.01
C GLU I 210 -18.41 -6.70 -39.35
N GLY I 211 -17.15 -7.11 -39.26
CA GLY I 211 -16.12 -6.27 -38.71
C GLY I 211 -15.05 -7.06 -37.99
N GLN I 212 -13.92 -6.42 -37.76
CA GLN I 212 -12.85 -7.05 -37.01
C GLN I 212 -13.05 -7.00 -35.52
N TYR I 213 -14.15 -6.41 -35.04
CA TYR I 213 -14.49 -6.40 -33.63
C TYR I 213 -15.97 -6.67 -33.48
N VAL I 214 -16.29 -7.68 -32.66
CA VAL I 214 -17.68 -8.02 -32.38
C VAL I 214 -18.38 -6.92 -31.63
N SER I 215 -17.63 -6.14 -30.85
CA SER I 215 -18.19 -5.41 -29.73
C SER I 215 -17.27 -4.25 -29.40
N THR I 216 -17.86 -3.17 -28.88
CA THR I 216 -17.15 -1.91 -28.80
C THR I 216 -17.48 -1.16 -27.53
N PHE I 217 -16.58 -0.23 -27.21
CA PHE I 217 -16.75 0.69 -26.09
C PHE I 217 -16.13 2.01 -26.52
N GLU I 218 -16.90 3.09 -26.39
CA GLU I 218 -16.46 4.40 -26.80
C GLU I 218 -16.91 5.40 -25.77
N GLN I 219 -16.21 6.53 -25.73
CA GLN I 219 -16.49 7.54 -24.71
C GLN I 219 -15.95 8.89 -25.14
N ASP I 220 -16.84 9.88 -25.19
CA ASP I 220 -16.44 11.25 -25.44
C ASP I 220 -15.79 11.79 -24.20
N VAL I 221 -14.69 12.52 -24.38
CA VAL I 221 -14.00 13.15 -23.25
C VAL I 221 -13.45 14.50 -23.69
N GLU I 222 -12.93 15.22 -22.72
CA GLU I 222 -12.19 16.46 -22.93
C GLU I 222 -10.73 16.20 -22.63
N ILE I 223 -9.87 16.91 -23.36
CA ILE I 223 -8.44 16.67 -23.33
C ILE I 223 -7.72 18.01 -23.25
N THR I 224 -6.66 18.04 -22.45
CA THR I 224 -5.69 19.11 -22.49
C THR I 224 -4.65 18.77 -23.55
N LEU I 225 -4.71 19.46 -24.68
CA LEU I 225 -3.74 19.32 -25.76
C LEU I 225 -3.82 17.96 -26.44
N TYR J 1 -17.16 5.84 24.81
CA TYR J 1 -16.78 4.86 25.83
C TYR J 1 -16.47 3.52 25.20
N THR J 2 -15.20 3.13 25.23
CA THR J 2 -14.68 2.05 24.41
C THR J 2 -13.76 1.16 25.23
N ILE J 3 -13.55 -0.06 24.72
CA ILE J 3 -12.54 -0.98 25.22
C ILE J 3 -11.85 -1.61 24.01
N SER J 4 -10.92 -2.52 24.31
CA SER J 4 -10.11 -3.18 23.29
C SER J 4 -10.50 -4.63 23.20
N HIS J 5 -10.78 -5.07 21.99
CA HIS J 5 -11.05 -6.46 21.66
C HIS J 5 -10.08 -6.87 20.57
N THR J 6 -10.23 -8.09 20.09
CA THR J 6 -9.55 -8.53 18.89
C THR J 6 -10.52 -9.19 17.94
N GLY J 7 -10.36 -8.85 16.67
CA GLY J 7 -10.93 -9.65 15.63
C GLY J 7 -10.04 -10.84 15.35
N GLY J 8 -10.68 -11.96 15.01
CA GLY J 8 -9.98 -13.21 14.88
C GLY J 8 -10.51 -14.04 13.73
N THR J 9 -9.93 -15.22 13.59
CA THR J 9 -10.39 -16.20 12.63
C THR J 9 -11.87 -16.51 12.86
N LEU J 10 -12.29 -16.54 14.12
CA LEU J 10 -13.69 -16.59 14.52
C LEU J 10 -14.20 -15.27 15.03
N GLY J 11 -13.41 -14.61 15.86
CA GLY J 11 -13.77 -13.38 16.48
C GLY J 11 -15.07 -13.46 17.25
N SER J 12 -15.66 -12.29 17.38
CA SER J 12 -16.81 -12.07 18.24
C SER J 12 -18.13 -12.51 17.64
N SER J 13 -18.11 -13.34 16.60
CA SER J 13 -19.32 -13.61 15.85
C SER J 13 -19.07 -14.70 14.82
N LYS J 14 -20.03 -15.60 14.69
CA LYS J 14 -19.96 -16.72 13.74
C LYS J 14 -20.62 -16.37 12.42
N VAL J 15 -20.25 -15.22 11.88
CA VAL J 15 -20.58 -14.83 10.53
C VAL J 15 -19.38 -14.42 9.71
N THR J 16 -18.20 -14.33 10.32
CA THR J 16 -17.00 -13.97 9.59
C THR J 16 -16.70 -15.01 8.53
N THR J 17 -16.45 -14.53 7.32
CA THR J 17 -16.30 -15.38 6.17
C THR J 17 -14.83 -15.66 5.92
N ALA J 18 -14.56 -16.89 5.52
CA ALA J 18 -13.21 -17.32 5.16
C ALA J 18 -13.29 -17.97 3.79
N ALA J 19 -12.70 -17.30 2.80
CA ALA J 19 -12.57 -17.81 1.45
C ALA J 19 -11.13 -17.70 1.02
N ASN J 20 -10.80 -18.42 -0.05
CA ASN J 20 -9.46 -18.50 -0.58
C ASN J 20 -9.39 -17.86 -1.95
N GLN J 21 -8.16 -17.60 -2.39
CA GLN J 21 -7.92 -16.81 -3.59
C GLN J 21 -7.95 -17.69 -4.83
N THR J 22 -7.61 -17.08 -5.96
CA THR J 22 -7.52 -17.76 -7.24
C THR J 22 -6.08 -18.15 -7.52
N SER J 23 -5.92 -19.02 -8.50
CA SER J 23 -4.62 -19.39 -9.03
C SER J 23 -4.17 -18.38 -10.08
N PRO J 24 -5.05 -17.92 -10.98
CA PRO J 24 -4.73 -16.72 -11.76
C PRO J 24 -4.33 -15.57 -10.86
N GLN J 25 -3.10 -15.09 -11.05
CA GLN J 25 -2.48 -14.15 -10.13
C GLN J 25 -3.23 -12.83 -10.24
N ARG J 26 -4.19 -12.67 -9.35
CA ARG J 26 -5.07 -11.51 -9.33
C ARG J 26 -5.68 -11.44 -7.96
N GLU J 27 -5.75 -10.24 -7.40
CA GLU J 27 -6.08 -10.10 -5.99
C GLU J 27 -7.52 -10.50 -5.73
N THR J 28 -7.74 -11.09 -4.56
CA THR J 28 -9.02 -11.62 -4.16
C THR J 28 -9.28 -11.27 -2.71
N ALA J 29 -10.50 -11.56 -2.28
CA ALA J 29 -10.90 -11.41 -0.90
C ALA J 29 -10.53 -12.67 -0.13
N ILE J 30 -9.66 -12.51 0.86
CA ILE J 30 -9.29 -13.59 1.73
C ILE J 30 -10.39 -13.70 2.77
N ILE J 31 -10.55 -12.65 3.55
CA ILE J 31 -11.44 -12.68 4.72
C ILE J 31 -12.37 -11.49 4.65
N GLY J 32 -13.60 -11.71 5.10
CA GLY J 32 -14.53 -10.63 5.34
C GLY J 32 -14.94 -10.53 6.79
N PHE J 33 -14.46 -9.47 7.46
CA PHE J 33 -14.89 -9.13 8.81
C PHE J 33 -16.15 -8.29 8.69
N GLU J 34 -17.29 -8.89 9.02
CA GLU J 34 -18.59 -8.26 8.91
C GLU J 34 -19.05 -7.86 10.30
N CYS J 35 -19.39 -6.59 10.47
CA CYS J 35 -19.74 -6.11 11.80
C CYS J 35 -21.08 -6.69 12.22
N PRO J 36 -21.27 -7.04 13.51
CA PRO J 36 -22.53 -7.66 13.92
C PRO J 36 -23.54 -6.72 14.51
N ARG J 37 -24.72 -7.25 14.80
CA ARG J 37 -25.76 -6.49 15.48
C ARG J 37 -25.35 -6.07 16.88
N LYS J 38 -24.57 -6.93 17.55
CA LYS J 38 -24.29 -6.76 18.97
C LYS J 38 -23.63 -5.44 19.27
N PHE J 39 -22.81 -4.96 18.37
CA PHE J 39 -21.91 -3.87 18.64
C PHE J 39 -22.49 -2.60 18.04
N ALA J 40 -21.86 -1.47 18.37
CA ALA J 40 -22.24 -0.17 17.85
C ALA J 40 -21.39 0.21 16.65
N GLU J 41 -20.09 0.14 16.82
CA GLU J 41 -19.16 0.43 15.75
C GLU J 41 -17.79 -0.10 16.16
N ILE J 42 -16.96 -0.30 15.16
CA ILE J 42 -15.64 -0.89 15.33
C ILE J 42 -14.63 0.11 14.82
N GLU J 43 -13.48 0.15 15.47
CA GLU J 43 -12.39 1.02 15.06
C GLU J 43 -11.11 0.21 14.92
N TYR J 44 -10.39 0.51 13.86
CA TYR J 44 -9.02 0.09 13.66
C TYR J 44 -8.15 1.31 13.76
N VAL J 45 -6.95 1.14 14.28
CA VAL J 45 -5.97 2.20 14.31
C VAL J 45 -4.62 1.59 13.99
N GLY J 46 -4.14 1.81 12.78
CA GLY J 46 -2.75 1.54 12.50
C GLY J 46 -1.85 2.36 13.38
N GLN J 47 -0.67 1.81 13.66
CA GLN J 47 0.35 2.42 14.50
C GLN J 47 -0.01 2.42 15.99
N ARG J 48 -1.15 1.84 16.34
CA ARG J 48 -1.51 1.54 17.72
C ARG J 48 -1.78 0.07 17.91
N ASP J 49 -2.60 -0.51 17.04
CA ASP J 49 -3.22 -1.80 17.27
C ASP J 49 -2.44 -2.87 16.52
N SER J 50 -2.00 -3.88 17.24
CA SER J 50 -1.14 -4.89 16.65
C SER J 50 -1.95 -5.85 15.79
N THR J 51 -1.23 -6.67 15.05
CA THR J 51 -1.85 -7.63 14.15
C THR J 51 -0.91 -8.81 13.99
N ARG J 52 -1.48 -9.97 13.77
CA ARG J 52 -0.75 -11.22 13.64
C ARG J 52 -1.35 -12.00 12.49
N PHE J 53 -0.47 -12.61 11.69
CA PHE J 53 -0.91 -13.35 10.51
C PHE J 53 0.01 -14.54 10.32
N ILE J 54 -0.50 -15.73 10.63
CA ILE J 54 0.19 -16.97 10.32
C ILE J 54 -0.54 -17.57 9.13
N PRO J 55 -0.10 -17.28 7.91
CA PRO J 55 -0.63 -17.98 6.75
C PRO J 55 -0.01 -19.34 6.60
N ARG J 56 -0.69 -20.23 5.90
CA ARG J 56 -0.22 -21.58 5.68
C ARG J 56 -1.01 -22.17 4.53
N THR J 57 -0.34 -22.79 3.61
CA THR J 57 -0.83 -23.26 2.34
C THR J 57 -0.78 -24.78 2.32
N THR J 58 -0.96 -25.37 1.14
CA THR J 58 -1.09 -26.81 0.98
C THR J 58 -0.29 -27.28 -0.23
N GLU J 59 0.36 -28.42 -0.05
CA GLU J 59 0.93 -29.20 -1.15
C GLU J 59 0.71 -30.68 -0.85
N SER J 60 0.92 -31.50 -1.87
CA SER J 60 0.66 -32.92 -1.77
C SER J 60 1.66 -33.67 -2.64
N ILE J 61 1.97 -34.90 -2.23
CA ILE J 61 2.91 -35.72 -2.96
C ILE J 61 2.56 -37.19 -2.80
N THR J 62 3.11 -37.99 -3.70
CA THR J 62 3.00 -39.43 -3.69
C THR J 62 4.37 -40.03 -3.43
N GLY J 63 4.39 -41.17 -2.76
CA GLY J 63 5.63 -41.75 -2.31
C GLY J 63 6.21 -42.78 -3.26
N THR J 64 7.50 -43.00 -3.10
CA THR J 64 8.22 -44.10 -3.73
C THR J 64 9.63 -44.15 -3.14
N ALA J 65 10.47 -45.01 -3.71
CA ALA J 65 11.80 -45.24 -3.16
C ALA J 65 12.66 -43.99 -3.24
N GLY J 66 13.30 -43.66 -2.13
CA GLY J 66 14.23 -42.54 -2.07
C GLY J 66 13.60 -41.20 -1.78
N ASP J 67 12.34 -41.16 -1.38
CA ASP J 67 11.61 -39.91 -1.19
C ASP J 67 11.72 -39.42 0.26
N ASP J 68 12.96 -39.33 0.73
CA ASP J 68 13.25 -38.67 2.00
C ASP J 68 13.34 -37.16 1.85
N THR J 69 13.21 -36.64 0.63
CA THR J 69 13.35 -35.24 0.32
C THR J 69 12.11 -34.78 -0.40
N VAL J 70 11.66 -33.57 -0.09
CA VAL J 70 10.55 -32.93 -0.78
C VAL J 70 11.07 -31.68 -1.47
N VAL J 71 10.48 -31.42 -2.62
CA VAL J 71 11.00 -30.57 -3.69
C VAL J 71 10.99 -29.09 -3.31
N SER J 72 11.57 -28.29 -4.19
CA SER J 72 11.27 -26.87 -4.21
C SER J 72 9.77 -26.68 -4.42
N LEU J 73 9.10 -26.17 -3.39
CA LEU J 73 7.64 -26.21 -3.30
C LEU J 73 6.97 -25.03 -3.97
N THR J 74 7.60 -24.43 -4.97
CA THR J 74 7.04 -23.29 -5.69
C THR J 74 6.75 -22.13 -4.76
N ALA J 75 7.54 -22.00 -3.69
CA ALA J 75 7.32 -21.01 -2.65
C ALA J 75 8.66 -20.56 -2.13
N ASN J 76 8.90 -19.26 -2.15
CA ASN J 76 10.17 -18.74 -1.66
C ASN J 76 10.16 -18.79 -0.15
N ILE J 77 10.64 -19.91 0.40
CA ILE J 77 10.60 -20.09 1.83
C ILE J 77 11.63 -19.17 2.47
N GLN J 78 11.32 -18.74 3.69
CA GLN J 78 12.13 -17.83 4.46
C GLN J 78 12.31 -18.44 5.84
N PRO J 79 13.46 -18.25 6.48
CA PRO J 79 13.56 -18.59 7.90
C PRO J 79 12.60 -17.77 8.73
N VAL J 80 12.40 -18.25 9.95
CA VAL J 80 11.42 -17.68 10.86
C VAL J 80 12.16 -16.83 11.86
N ALA J 81 11.93 -15.53 11.81
CA ALA J 81 12.64 -14.57 12.66
C ALA J 81 14.14 -14.65 12.41
N GLY J 82 14.52 -15.01 11.19
CA GLY J 82 15.88 -15.36 10.87
C GLY J 82 16.27 -16.77 11.24
N GLU J 83 15.53 -17.42 12.13
CA GLU J 83 15.94 -18.70 12.66
C GLU J 83 15.52 -19.83 11.74
N THR J 84 16.32 -20.89 11.73
CA THR J 84 16.22 -21.95 10.74
C THR J 84 15.76 -23.27 11.32
N ALA J 85 16.51 -23.81 12.27
CA ALA J 85 16.22 -25.14 12.79
C ALA J 85 14.89 -25.16 13.51
N ILE J 86 14.10 -26.19 13.22
CA ILE J 86 12.66 -26.17 13.44
C ILE J 86 12.34 -26.01 14.92
N GLU J 87 12.87 -26.91 15.75
CA GLU J 87 12.46 -27.01 17.14
C GLU J 87 12.74 -25.73 17.92
N ASP J 88 13.64 -24.88 17.44
CA ASP J 88 13.96 -23.63 18.10
C ASP J 88 13.13 -22.45 17.59
N GLN J 89 12.34 -22.65 16.55
CA GLN J 89 11.61 -21.54 15.95
C GLN J 89 10.40 -21.18 16.77
N ASP J 90 9.87 -19.98 16.50
CA ASP J 90 8.63 -19.55 17.14
C ASP J 90 7.48 -20.45 16.75
N TYR J 91 7.51 -20.95 15.53
CA TYR J 91 6.46 -21.82 15.03
C TYR J 91 6.99 -22.58 13.84
N PRO J 92 6.37 -23.70 13.48
CA PRO J 92 6.94 -24.52 12.41
C PRO J 92 6.79 -23.83 11.07
N VAL J 93 7.89 -23.79 10.33
CA VAL J 93 7.85 -23.35 8.94
C VAL J 93 6.90 -24.22 8.13
N ALA J 94 6.80 -25.49 8.48
CA ALA J 94 5.98 -26.41 7.73
C ALA J 94 5.80 -27.69 8.52
N VAL J 95 4.70 -28.38 8.23
CA VAL J 95 4.37 -29.64 8.85
C VAL J 95 3.83 -30.55 7.76
N ALA J 96 3.84 -31.85 8.00
CA ALA J 96 3.36 -32.79 7.01
C ALA J 96 2.81 -34.04 7.66
N TYR J 97 1.98 -34.74 6.90
CA TYR J 97 1.10 -35.77 7.40
C TYR J 97 0.99 -36.87 6.37
N ASN J 98 1.35 -38.08 6.77
CA ASN J 98 1.16 -39.26 5.94
C ASN J 98 -0.28 -39.71 6.10
N VAL J 99 -0.98 -39.85 4.98
CA VAL J 99 -2.42 -40.07 5.04
C VAL J 99 -2.72 -41.54 5.26
N THR J 100 -1.97 -42.42 4.60
CA THR J 100 -2.27 -43.84 4.67
C THR J 100 -2.00 -44.36 6.07
N GLN J 101 -0.81 -44.10 6.58
CA GLN J 101 -0.59 -44.32 8.01
C GLN J 101 -1.46 -43.41 8.85
N GLY J 102 -1.79 -42.23 8.34
CA GLY J 102 -2.65 -41.32 9.06
C GLY J 102 -1.96 -40.81 10.30
N VAL J 103 -0.78 -40.22 10.11
CA VAL J 103 0.07 -39.79 11.21
C VAL J 103 0.83 -38.53 10.82
N GLN J 104 1.42 -37.90 11.83
CA GLN J 104 2.27 -36.74 11.67
C GLN J 104 3.68 -37.19 11.29
N VAL J 105 4.42 -36.30 10.67
CA VAL J 105 5.83 -36.48 10.39
C VAL J 105 6.61 -35.42 11.14
N ASP J 106 7.76 -35.84 11.68
CA ASP J 106 8.78 -34.92 12.15
C ASP J 106 9.80 -34.73 11.05
N ILE J 107 10.44 -33.57 11.06
CA ILE J 107 11.31 -33.14 9.97
C ILE J 107 12.75 -33.13 10.45
N ASP J 108 13.65 -33.53 9.57
CA ASP J 108 15.08 -33.42 9.83
C ASP J 108 15.59 -32.01 9.55
N ALA J 109 15.48 -31.54 8.32
CA ALA J 109 16.22 -30.34 7.94
C ALA J 109 15.57 -29.67 6.74
N VAL J 110 16.12 -28.50 6.39
CA VAL J 110 15.56 -27.60 5.41
C VAL J 110 16.70 -27.04 4.57
N ASP J 111 16.39 -26.71 3.32
CA ASP J 111 17.24 -25.87 2.48
C ASP J 111 16.35 -24.79 1.89
N TYR J 112 16.61 -23.54 2.26
CA TYR J 112 15.69 -22.46 1.96
C TYR J 112 15.84 -21.93 0.54
N ALA J 113 17.05 -21.89 0.02
CA ALA J 113 17.27 -21.32 -1.31
C ALA J 113 16.62 -22.18 -2.37
N ALA J 114 16.95 -23.48 -2.35
CA ALA J 114 16.27 -24.42 -3.22
C ALA J 114 14.88 -24.79 -2.71
N ASP J 115 14.49 -24.31 -1.54
CA ASP J 115 13.10 -24.39 -1.08
C ASP J 115 12.67 -25.83 -0.81
N GLU J 116 13.62 -26.68 -0.46
CA GLU J 116 13.40 -28.11 -0.27
C GLU J 116 13.47 -28.44 1.20
N VAL J 117 12.98 -29.64 1.54
CA VAL J 117 13.03 -30.13 2.91
C VAL J 117 13.41 -31.60 2.93
N THR J 118 13.83 -32.06 4.11
CA THR J 118 14.37 -33.39 4.32
C THR J 118 13.71 -33.96 5.56
N LEU J 119 13.04 -35.10 5.40
CA LEU J 119 12.27 -35.73 6.44
C LEU J 119 13.08 -36.83 7.10
N ALA J 120 12.40 -37.62 7.93
CA ALA J 120 12.97 -38.76 8.62
C ALA J 120 12.43 -40.09 8.16
N ASP J 121 11.14 -40.15 7.83
CA ASP J 121 10.46 -41.40 7.49
C ASP J 121 10.26 -41.45 5.98
N ASN J 122 10.97 -42.35 5.33
CA ASN J 122 10.77 -42.56 3.91
C ASN J 122 9.38 -43.12 3.70
N PRO J 123 8.43 -42.39 3.11
CA PRO J 123 7.09 -42.94 2.96
C PRO J 123 7.06 -44.11 2.00
N ALA J 124 5.92 -44.78 1.98
CA ALA J 124 5.77 -45.99 1.19
C ALA J 124 5.39 -45.65 -0.25
N ASP J 125 5.77 -46.54 -1.15
CA ASP J 125 5.44 -46.35 -2.55
C ASP J 125 3.95 -46.53 -2.74
N GLY J 126 3.35 -45.62 -3.50
CA GLY J 126 1.91 -45.54 -3.62
C GLY J 126 1.23 -44.77 -2.50
N ASP J 127 1.95 -44.45 -1.43
CA ASP J 127 1.37 -43.73 -0.31
C ASP J 127 1.20 -42.26 -0.67
N THR J 128 0.39 -41.58 0.13
CA THR J 128 0.10 -40.17 -0.04
C THR J 128 0.53 -39.39 1.18
N VAL J 129 1.10 -38.21 0.94
CA VAL J 129 1.47 -37.28 2.01
C VAL J 129 0.96 -35.91 1.64
N LYS J 130 0.45 -35.22 2.65
CA LYS J 130 0.12 -33.81 2.56
C LYS J 130 1.17 -33.02 3.32
N VAL J 131 1.42 -31.81 2.85
CA VAL J 131 2.29 -30.87 3.51
C VAL J 131 1.55 -29.56 3.62
N TRP J 132 1.79 -28.87 4.72
CA TRP J 132 1.25 -27.55 4.97
C TRP J 132 2.44 -26.69 5.39
N PRO J 133 3.05 -25.96 4.46
CA PRO J 133 4.05 -24.97 4.81
C PRO J 133 3.47 -23.58 4.92
N ILE J 134 4.33 -22.64 5.31
CA ILE J 134 3.92 -21.26 5.25
C ILE J 134 3.78 -20.84 3.81
N MET J 135 3.14 -19.69 3.63
CA MET J 135 3.08 -19.03 2.34
C MET J 135 4.19 -18.00 2.25
N GLY J 136 4.66 -17.79 1.03
CA GLY J 136 5.85 -16.99 0.77
C GLY J 136 5.53 -15.62 0.25
N ASP J 137 5.54 -15.46 -1.07
CA ASP J 137 5.13 -14.22 -1.69
C ASP J 137 3.69 -13.92 -1.34
N GLY J 138 3.33 -12.65 -1.52
CA GLY J 138 1.98 -12.19 -1.25
C GLY J 138 1.90 -10.74 -0.84
N ASP J 139 0.96 -10.02 -1.43
CA ASP J 139 0.72 -8.62 -1.16
C ASP J 139 -0.71 -8.45 -0.66
N VAL J 140 -0.85 -7.93 0.56
CA VAL J 140 -2.13 -7.82 1.23
C VAL J 140 -2.49 -6.36 1.42
N GLN J 141 -3.76 -6.14 1.74
CA GLN J 141 -4.21 -4.84 2.21
C GLN J 141 -5.67 -4.99 2.66
N PHE J 142 -6.22 -3.89 3.14
CA PHE J 142 -7.59 -3.81 3.64
C PHE J 142 -8.47 -3.01 2.71
N ARG J 143 -9.70 -3.50 2.59
CA ARG J 143 -10.72 -2.95 1.71
C ARG J 143 -11.97 -2.73 2.54
N LEU J 144 -12.77 -1.76 2.12
CA LEU J 144 -14.03 -1.45 2.77
C LEU J 144 -15.20 -1.80 1.86
N VAL J 145 -16.24 -2.38 2.44
CA VAL J 145 -17.43 -2.77 1.70
C VAL J 145 -18.64 -2.33 2.52
N ASN J 146 -19.56 -1.64 1.86
CA ASN J 146 -20.78 -1.17 2.48
C ASN J 146 -21.73 -2.35 2.67
N GLN J 147 -22.93 -2.07 3.15
CA GLN J 147 -23.95 -3.10 3.24
C GLN J 147 -24.43 -3.56 1.87
N PHE J 148 -24.26 -2.74 0.84
CA PHE J 148 -24.71 -3.09 -0.49
C PHE J 148 -23.79 -4.07 -1.20
N GLY J 149 -22.50 -4.04 -0.87
CA GLY J 149 -21.50 -4.83 -1.55
C GLY J 149 -20.60 -4.03 -2.45
N GLN J 150 -20.47 -2.73 -2.22
CA GLN J 150 -19.73 -1.84 -3.09
C GLN J 150 -18.43 -1.43 -2.42
N GLU J 151 -17.39 -1.34 -3.23
CA GLU J 151 -16.09 -0.95 -2.71
C GLU J 151 -16.06 0.55 -2.49
N GLU J 152 -15.72 0.94 -1.26
CA GLU J 152 -15.60 2.34 -0.90
C GLU J 152 -14.19 2.85 -1.17
N GLY J 153 -13.20 2.18 -0.59
CA GLY J 153 -11.84 2.61 -0.73
C GLY J 153 -10.89 1.74 0.05
N ARG J 154 -9.69 1.57 -0.49
CA ARG J 154 -8.67 0.78 0.18
C ARG J 154 -8.02 1.60 1.28
N VAL J 155 -7.42 0.90 2.22
CA VAL J 155 -6.74 1.52 3.34
C VAL J 155 -5.28 1.70 3.01
N TYR J 156 -4.81 2.95 3.11
CA TYR J 156 -3.41 3.32 3.00
C TYR J 156 -2.81 2.77 1.73
N PRO J 157 -3.09 3.36 0.57
CA PRO J 157 -2.88 2.66 -0.70
C PRO J 157 -1.41 2.34 -0.96
N TRP J 158 -0.95 1.37 -0.21
CA TRP J 158 0.40 0.84 -0.25
C TRP J 158 0.33 -0.53 0.39
N ALA J 159 0.55 -1.54 -0.43
CA ALA J 159 0.39 -2.90 0.01
C ALA J 159 1.47 -3.24 1.03
N THR J 160 1.27 -4.38 1.67
CA THR J 160 2.22 -4.93 2.60
C THR J 160 2.68 -6.27 2.06
N PRO J 161 3.98 -6.51 1.86
CA PRO J 161 4.39 -7.86 1.48
C PRO J 161 4.17 -8.84 2.61
N LEU J 162 4.00 -10.09 2.24
CA LEU J 162 3.67 -11.13 3.19
C LEU J 162 4.82 -11.40 4.14
N TYR J 163 6.03 -11.45 3.59
CA TYR J 163 7.09 -12.17 4.29
C TYR J 163 7.65 -11.40 5.48
N ARG J 164 7.27 -10.14 5.67
CA ARG J 164 7.68 -9.44 6.89
C ARG J 164 7.07 -10.09 8.11
N TRP J 165 5.82 -10.53 7.98
CA TRP J 165 5.11 -11.21 9.06
C TRP J 165 5.85 -12.45 9.51
N HIS J 166 6.58 -13.09 8.61
CA HIS J 166 7.49 -14.16 8.94
C HIS J 166 8.84 -13.66 9.44
N ASP J 167 9.31 -12.54 8.91
CA ASP J 167 10.65 -12.08 9.24
C ASP J 167 10.77 -11.56 10.65
N PHE J 168 9.68 -11.05 11.24
CA PHE J 168 9.75 -10.47 12.57
C PHE J 168 9.22 -11.44 13.63
N PRO J 169 9.81 -11.49 14.84
CA PRO J 169 9.27 -12.35 15.88
C PRO J 169 8.02 -11.77 16.49
N GLN J 170 6.89 -12.13 15.89
CA GLN J 170 5.62 -11.42 16.02
C GLN J 170 5.17 -11.19 17.46
N LEU J 171 5.66 -11.96 18.41
CA LEU J 171 5.18 -11.89 19.78
C LEU J 171 5.90 -10.86 20.62
N LYS J 172 7.16 -10.58 20.28
CA LYS J 172 7.94 -9.59 21.02
C LYS J 172 7.30 -8.22 20.92
N ARG J 173 7.13 -7.56 22.06
CA ARG J 173 6.50 -6.25 22.05
C ARG J 173 7.39 -5.26 21.32
N GLY J 174 6.76 -4.43 20.51
CA GLY J 174 7.45 -3.43 19.73
C GLY J 174 7.84 -3.95 18.36
N ARG J 175 8.24 -5.21 18.31
CA ARG J 175 8.54 -5.85 17.04
C ARG J 175 7.29 -6.25 16.28
N GLU J 176 6.17 -6.42 16.97
CA GLU J 176 4.93 -6.83 16.34
C GLU J 176 4.50 -5.81 15.31
N ILE J 177 3.68 -6.24 14.38
CA ILE J 177 3.31 -5.39 13.26
C ILE J 177 2.32 -4.35 13.73
N ASN J 178 2.45 -3.16 13.15
CA ASN J 178 1.43 -2.13 13.22
C ASN J 178 1.34 -1.53 11.83
N LEU J 179 0.33 -1.94 11.07
CA LEU J 179 0.12 -1.39 9.74
C LEU J 179 -0.31 0.07 9.86
N HIS J 180 -0.58 0.68 8.72
CA HIS J 180 -0.92 2.08 8.61
C HIS J 180 -2.42 2.25 8.41
N GLY J 181 -2.84 3.49 8.48
CA GLY J 181 -4.19 3.85 8.19
C GLY J 181 -5.12 3.67 9.36
N SER J 182 -6.37 4.05 9.10
CA SER J 182 -7.46 3.84 10.02
C SER J 182 -8.63 3.33 9.21
N VAL J 183 -9.65 2.85 9.91
CA VAL J 183 -10.92 2.53 9.27
C VAL J 183 -11.95 2.34 10.36
N THR J 184 -13.20 2.64 10.01
CA THR J 184 -14.33 2.52 10.93
C THR J 184 -15.48 1.81 10.24
N TRP J 185 -16.09 0.88 10.95
CA TRP J 185 -17.23 0.12 10.48
C TRP J 185 -18.53 0.83 10.83
N GLU J 186 -19.62 0.30 10.30
CA GLU J 186 -20.97 0.50 10.81
C GLU J 186 -21.57 -0.89 11.02
N GLU J 187 -22.87 -0.94 11.29
CA GLU J 187 -23.51 -2.17 11.74
C GLU J 187 -23.43 -3.28 10.71
N ASN J 188 -24.10 -3.12 9.58
CA ASN J 188 -24.16 -4.15 8.55
C ASN J 188 -22.97 -4.09 7.60
N GLU J 189 -22.01 -3.21 7.86
CA GLU J 189 -20.90 -3.05 6.94
C GLU J 189 -19.91 -4.20 7.09
N THR J 190 -18.97 -4.22 6.16
CA THR J 190 -17.93 -5.23 6.13
C THR J 190 -16.61 -4.58 5.73
N VAL J 191 -15.55 -5.15 6.26
CA VAL J 191 -14.19 -4.87 5.83
C VAL J 191 -13.62 -6.18 5.35
N GLU J 192 -12.70 -6.10 4.40
CA GLU J 192 -12.19 -7.28 3.73
C GLU J 192 -10.68 -7.24 3.68
N VAL J 193 -10.07 -8.28 4.21
CA VAL J 193 -8.67 -8.56 3.97
C VAL J 193 -8.59 -9.10 2.56
N LEU J 194 -7.84 -8.39 1.70
CA LEU J 194 -7.54 -8.80 0.35
C LEU J 194 -6.08 -9.18 0.23
N LEU J 195 -5.82 -10.10 -0.68
CA LEU J 195 -4.48 -10.59 -0.95
C LEU J 195 -4.33 -10.87 -2.42
N ASP J 196 -3.10 -10.73 -2.90
CA ASP J 196 -2.69 -11.23 -4.21
C ASP J 196 -1.46 -12.09 -3.99
N ALA J 197 -1.54 -13.35 -4.41
CA ALA J 197 -0.44 -14.28 -4.28
C ALA J 197 -0.68 -15.42 -5.26
N PRO J 198 0.37 -16.12 -5.67
CA PRO J 198 0.21 -17.08 -6.75
C PRO J 198 -0.25 -18.45 -6.28
N GLN J 199 0.09 -18.80 -5.04
CA GLN J 199 -0.23 -20.11 -4.49
C GLN J 199 -1.52 -20.03 -3.70
N ALA J 200 -2.25 -21.15 -3.70
CA ALA J 200 -3.50 -21.22 -2.97
C ALA J 200 -3.24 -21.45 -1.50
N ILE J 201 -4.01 -20.76 -0.65
CA ILE J 201 -3.90 -20.85 0.79
C ILE J 201 -5.16 -21.50 1.30
N THR J 202 -5.09 -22.02 2.52
CA THR J 202 -6.10 -22.90 3.07
C THR J 202 -6.49 -22.48 4.48
N TRP J 203 -7.62 -23.03 4.89
CA TRP J 203 -7.97 -23.15 6.30
C TRP J 203 -8.76 -24.43 6.48
N GLU J 204 -8.72 -24.94 7.70
CA GLU J 204 -9.67 -25.95 8.17
C GLU J 204 -9.58 -27.24 7.36
N ASP J 205 -8.36 -27.74 7.23
CA ASP J 205 -8.16 -29.09 6.74
C ASP J 205 -8.35 -30.05 7.90
N SER J 206 -9.12 -31.10 7.67
CA SER J 206 -9.42 -32.06 8.71
C SER J 206 -8.18 -32.77 9.21
N ASP J 207 -7.19 -32.96 8.36
CA ASP J 207 -6.04 -33.81 8.67
C ASP J 207 -4.89 -33.06 9.31
N TYR J 208 -5.14 -31.87 9.86
CA TYR J 208 -4.07 -31.14 10.50
C TYR J 208 -3.79 -31.72 11.89
N PRO J 209 -2.51 -31.81 12.30
CA PRO J 209 -2.22 -32.51 13.55
C PRO J 209 -2.27 -31.65 14.79
N GLU J 210 -1.96 -30.36 14.67
CA GLU J 210 -1.75 -29.50 15.83
C GLU J 210 -2.98 -28.74 16.26
N GLY J 211 -3.95 -28.56 15.38
CA GLY J 211 -5.10 -27.75 15.70
C GLY J 211 -6.07 -27.75 14.55
N GLN J 212 -7.30 -27.40 14.88
CA GLN J 212 -8.38 -27.44 13.90
C GLN J 212 -8.34 -26.27 12.93
N TYR J 213 -7.40 -25.35 13.08
CA TYR J 213 -7.22 -24.24 12.16
C TYR J 213 -5.74 -24.14 11.84
N VAL J 214 -5.42 -24.14 10.55
CA VAL J 214 -4.03 -24.16 10.12
C VAL J 214 -3.42 -22.78 10.10
N SER J 215 -4.23 -21.76 9.85
CA SER J 215 -3.77 -20.42 9.61
C SER J 215 -4.69 -19.42 10.26
N THR J 216 -4.09 -18.34 10.76
CA THR J 216 -4.77 -17.41 11.64
C THR J 216 -4.49 -15.98 11.20
N PHE J 217 -5.51 -15.15 11.35
CA PHE J 217 -5.42 -13.72 11.10
C PHE J 217 -6.08 -13.04 12.28
N GLU J 218 -5.26 -12.64 13.25
CA GLU J 218 -5.71 -11.98 14.45
C GLU J 218 -5.34 -10.52 14.37
N GLN J 219 -6.18 -9.68 14.96
CA GLN J 219 -5.98 -8.25 14.87
C GLN J 219 -6.56 -7.61 16.11
N ASP J 220 -5.86 -6.61 16.62
CA ASP J 220 -6.33 -5.85 17.77
C ASP J 220 -7.19 -4.70 17.29
N VAL J 221 -8.19 -4.35 18.08
CA VAL J 221 -9.11 -3.30 17.69
C VAL J 221 -9.69 -2.62 18.93
N GLU J 222 -10.19 -1.42 18.70
CA GLU J 222 -10.95 -0.66 19.67
C GLU J 222 -12.42 -0.82 19.33
N ILE J 223 -13.25 -0.94 20.36
CA ILE J 223 -14.67 -1.21 20.19
C ILE J 223 -15.45 -0.27 21.09
N THR J 224 -16.60 0.16 20.61
CA THR J 224 -17.50 1.02 21.34
C THR J 224 -18.59 0.17 21.97
N LEU J 225 -18.45 -0.10 23.26
CA LEU J 225 -19.44 -0.81 24.07
C LEU J 225 -19.59 -2.26 23.65
N TYR K 1 49.78 11.99 35.00
CA TYR K 1 50.06 11.44 33.67
C TYR K 1 50.08 9.93 33.73
N THR K 2 48.95 9.31 33.35
CA THR K 2 48.79 7.88 33.47
C THR K 2 48.11 7.33 32.24
N ILE K 3 48.15 6.01 32.12
CA ILE K 3 47.56 5.28 31.00
C ILE K 3 47.09 3.92 31.50
N SER K 4 46.40 3.20 30.63
CA SER K 4 45.82 1.90 30.93
C SER K 4 46.58 0.82 30.17
N HIS K 5 47.07 -0.18 30.88
CA HIS K 5 47.71 -1.35 30.32
C HIS K 5 47.01 -2.59 30.84
N THR K 6 47.51 -3.75 30.42
CA THR K 6 47.10 -5.02 30.95
C THR K 6 48.31 -5.76 31.49
N GLY K 7 48.16 -6.25 32.71
CA GLY K 7 49.04 -7.26 33.24
C GLY K 7 48.42 -8.60 32.95
N GLY K 8 49.26 -9.59 32.76
CA GLY K 8 48.75 -10.88 32.35
C GLY K 8 49.72 -12.00 32.64
N THR K 9 49.51 -13.10 31.92
CA THR K 9 50.34 -14.27 32.09
C THR K 9 51.80 -13.97 31.79
N LEU K 10 52.03 -13.15 30.77
CA LEU K 10 53.36 -12.78 30.32
C LEU K 10 53.59 -11.29 30.41
N GLY K 11 52.72 -10.50 29.78
CA GLY K 11 52.66 -9.07 29.90
C GLY K 11 53.97 -8.40 29.62
N SER K 12 54.29 -7.42 30.45
CA SER K 12 55.33 -6.47 30.17
C SER K 12 56.71 -6.93 30.62
N SER K 13 56.88 -8.20 30.93
CA SER K 13 58.18 -8.65 31.43
C SER K 13 58.22 -10.16 31.52
N LYS K 14 59.43 -10.69 31.37
CA LYS K 14 59.71 -12.10 31.66
C LYS K 14 60.34 -12.28 33.03
N VAL K 15 59.66 -11.76 34.04
CA VAL K 15 59.93 -12.08 35.43
C VAL K 15 58.70 -12.47 36.21
N THR K 16 57.51 -12.22 35.67
CA THR K 16 56.27 -12.68 36.28
C THR K 16 56.31 -14.18 36.48
N THR K 17 55.83 -14.61 37.63
CA THR K 17 55.90 -15.99 38.07
C THR K 17 54.56 -16.67 37.86
N ALA K 18 54.63 -17.96 37.53
CA ALA K 18 53.46 -18.81 37.49
C ALA K 18 53.86 -20.17 38.02
N ALA K 19 53.21 -20.58 39.12
CA ALA K 19 53.41 -21.92 39.66
C ALA K 19 52.06 -22.46 40.11
N ASN K 20 52.09 -23.72 40.52
CA ASN K 20 50.90 -24.47 40.90
C ASN K 20 50.86 -24.69 42.41
N GLN K 21 49.73 -25.21 42.87
CA GLN K 21 49.46 -25.37 44.28
C GLN K 21 49.78 -26.78 44.74
N THR K 22 49.32 -27.11 45.94
CA THR K 22 49.39 -28.44 46.51
C THR K 22 47.98 -29.01 46.65
N SER K 23 47.93 -30.32 46.83
CA SER K 23 46.67 -31.03 46.99
C SER K 23 46.17 -30.96 48.43
N PRO K 24 47.03 -31.09 49.45
CA PRO K 24 46.62 -30.70 50.80
C PRO K 24 46.11 -29.27 50.83
N GLN K 25 44.89 -29.12 51.32
CA GLN K 25 44.15 -27.87 51.16
C GLN K 25 44.68 -26.84 52.13
N ARG K 26 45.56 -25.99 51.62
CA ARG K 26 46.02 -24.81 52.31
C ARG K 26 46.70 -23.94 51.27
N GLU K 27 46.26 -22.69 51.17
CA GLU K 27 46.42 -21.92 49.95
C GLU K 27 47.87 -21.71 49.61
N THR K 28 48.09 -21.36 48.34
CA THR K 28 49.44 -21.17 47.81
C THR K 28 49.41 -20.07 46.78
N ALA K 29 50.61 -19.67 46.38
CA ALA K 29 50.83 -18.65 45.38
C ALA K 29 50.79 -19.27 44.00
N ILE K 30 49.88 -18.79 43.17
CA ILE K 30 49.73 -19.21 41.81
C ILE K 30 50.50 -18.32 40.89
N ILE K 31 50.33 -17.00 41.04
CA ILE K 31 50.94 -16.04 40.14
C ILE K 31 51.62 -14.97 40.97
N GLY K 32 52.75 -14.48 40.45
CA GLY K 32 53.40 -13.30 40.99
C GLY K 32 53.64 -12.22 39.95
N PHE K 33 52.93 -11.11 40.09
CA PHE K 33 53.15 -9.90 39.29
C PHE K 33 54.18 -9.05 40.02
N GLU K 34 55.43 -9.17 39.61
CA GLU K 34 56.49 -8.30 40.09
C GLU K 34 56.53 -7.03 39.25
N CYS K 35 56.79 -5.93 39.91
CA CYS K 35 56.89 -4.65 39.20
C CYS K 35 58.31 -4.47 38.65
N PRO K 36 58.48 -3.88 37.44
CA PRO K 36 59.82 -3.69 36.91
C PRO K 36 60.38 -2.29 37.16
N ARG K 37 61.64 -2.09 36.81
CA ARG K 37 62.20 -0.76 36.76
C ARG K 37 61.68 0.06 35.60
N LYS K 38 61.06 -0.58 34.62
CA LYS K 38 60.62 0.12 33.42
C LYS K 38 59.61 1.20 33.74
N PHE K 39 58.78 0.96 34.74
CA PHE K 39 57.72 1.88 35.13
C PHE K 39 58.12 2.55 36.42
N ALA K 40 57.22 3.39 36.92
CA ALA K 40 57.35 4.06 38.21
C ALA K 40 56.48 3.42 39.27
N GLU K 41 55.20 3.22 38.96
CA GLU K 41 54.28 2.63 39.92
C GLU K 41 53.05 2.17 39.17
N ILE K 42 52.44 1.11 39.68
CA ILE K 42 51.33 0.42 39.04
C ILE K 42 50.16 0.52 40.01
N GLU K 43 48.95 0.52 39.47
CA GLU K 43 47.74 0.73 40.24
C GLU K 43 46.70 -0.32 39.87
N TYR K 44 45.99 -0.79 40.90
CA TYR K 44 44.80 -1.61 40.74
C TYR K 44 43.59 -0.82 41.24
N VAL K 45 42.45 -1.07 40.60
CA VAL K 45 41.19 -0.51 41.06
C VAL K 45 40.11 -1.56 40.88
N GLY K 46 39.65 -2.11 42.00
CA GLY K 46 38.46 -2.92 41.97
C GLY K 46 37.27 -2.09 41.54
N GLN K 47 36.33 -2.76 40.88
CA GLN K 47 35.08 -2.19 40.38
C GLN K 47 35.27 -1.27 39.18
N ARG K 48 36.50 -1.03 38.71
CA ARG K 48 36.77 -0.27 37.51
C ARG K 48 37.49 -1.09 36.46
N ASP K 49 38.62 -1.69 36.82
CA ASP K 49 39.49 -2.33 35.86
C ASP K 49 39.08 -3.78 35.71
N SER K 50 38.86 -4.21 34.48
CA SER K 50 38.37 -5.55 34.22
C SER K 50 39.42 -6.58 34.59
N THR K 51 38.95 -7.81 34.75
CA THR K 51 39.81 -8.93 35.07
C THR K 51 39.25 -10.17 34.40
N ARG K 52 40.12 -11.12 34.10
CA ARG K 52 39.77 -12.32 33.38
C ARG K 52 40.64 -13.46 33.85
N PHE K 53 40.02 -14.62 34.03
CA PHE K 53 40.72 -15.77 34.57
C PHE K 53 40.10 -17.03 34.00
N ILE K 54 40.84 -17.69 33.12
CA ILE K 54 40.45 -18.97 32.55
C ILE K 54 41.35 -20.00 33.22
N PRO K 55 40.90 -20.66 34.29
CA PRO K 55 41.66 -21.76 34.85
C PRO K 55 41.32 -23.07 34.16
N ARG K 56 42.33 -23.93 34.10
CA ARG K 56 42.20 -25.21 33.41
C ARG K 56 43.26 -26.14 33.99
N THR K 57 42.84 -27.36 34.28
CA THR K 57 43.63 -28.34 35.00
C THR K 57 43.92 -29.52 34.09
N THR K 58 44.43 -30.60 34.68
CA THR K 58 44.93 -31.75 33.95
C THR K 58 44.35 -33.02 34.54
N GLU K 59 43.94 -33.93 33.67
CA GLU K 59 43.58 -35.29 34.05
C GLU K 59 44.18 -36.25 33.04
N SER K 60 44.33 -37.50 33.47
CA SER K 60 44.95 -38.55 32.68
C SER K 60 44.10 -39.81 32.76
N ILE K 61 44.06 -40.55 31.65
CA ILE K 61 43.29 -41.78 31.58
C ILE K 61 43.97 -42.76 30.64
N THR K 62 43.75 -44.04 30.93
CA THR K 62 44.12 -45.14 30.06
C THR K 62 42.85 -45.75 29.48
N GLY K 63 42.94 -46.23 28.24
CA GLY K 63 41.79 -46.71 27.51
C GLY K 63 41.66 -48.22 27.50
N THR K 64 40.52 -48.65 27.00
CA THR K 64 40.21 -50.06 26.78
C THR K 64 38.91 -50.12 26.00
N ALA K 65 38.42 -51.33 25.80
CA ALA K 65 37.20 -51.54 25.02
C ALA K 65 36.00 -50.90 25.71
N GLY K 66 35.25 -50.11 24.96
CA GLY K 66 34.04 -49.49 25.46
C GLY K 66 34.24 -48.26 26.29
N ASP K 67 35.44 -47.67 26.27
CA ASP K 67 35.77 -46.53 27.14
C ASP K 67 35.49 -45.22 26.41
N ASP K 68 34.26 -45.09 25.93
CA ASP K 68 33.81 -43.85 25.32
C ASP K 68 33.49 -42.77 26.33
N THR K 69 33.10 -43.17 27.53
CA THR K 69 32.73 -42.27 28.60
C THR K 69 33.92 -42.07 29.52
N VAL K 70 34.04 -40.88 30.07
CA VAL K 70 34.97 -40.59 31.15
C VAL K 70 34.17 -40.28 32.40
N VAL K 71 34.62 -40.87 33.49
CA VAL K 71 33.96 -40.96 34.78
C VAL K 71 33.94 -39.61 35.48
N SER K 72 33.30 -39.56 36.64
CA SER K 72 33.42 -38.45 37.58
C SER K 72 34.87 -38.00 37.70
N LEU K 73 35.12 -36.76 37.29
CA LEU K 73 36.46 -36.24 37.12
C LEU K 73 36.99 -35.53 38.35
N THR K 74 36.39 -35.76 39.51
CA THR K 74 36.74 -35.06 40.75
C THR K 74 36.59 -33.56 40.60
N ALA K 75 35.65 -33.12 39.78
CA ALA K 75 35.63 -31.76 39.27
C ALA K 75 34.19 -31.32 39.09
N ASN K 76 33.82 -30.26 39.78
CA ASN K 76 32.46 -29.73 39.71
C ASN K 76 32.36 -28.86 38.47
N ILE K 77 31.68 -29.36 37.49
CA ILE K 77 31.57 -28.71 36.19
C ILE K 77 30.29 -27.89 36.16
N GLN K 78 30.35 -26.80 35.40
CA GLN K 78 29.25 -25.87 35.24
C GLN K 78 29.08 -25.65 33.74
N PRO K 79 27.86 -25.52 33.24
CA PRO K 79 27.71 -25.03 31.86
C PRO K 79 28.09 -23.57 31.77
N VAL K 80 29.03 -23.28 30.87
CA VAL K 80 29.51 -21.93 30.71
C VAL K 80 28.41 -21.05 30.16
N ALA K 81 28.24 -19.88 30.78
CA ALA K 81 27.21 -18.92 30.41
C ALA K 81 25.82 -19.50 30.53
N GLY K 82 25.65 -20.54 31.35
CA GLY K 82 24.45 -21.32 31.36
C GLY K 82 24.33 -22.33 30.26
N GLU K 83 25.13 -22.23 29.20
CA GLU K 83 24.95 -23.05 28.01
C GLU K 83 25.70 -24.36 28.16
N THR K 84 25.04 -25.45 27.75
CA THR K 84 25.52 -26.81 27.95
C THR K 84 26.32 -27.33 26.77
N ALA K 85 25.77 -27.25 25.57
CA ALA K 85 26.45 -27.76 24.40
C ALA K 85 27.73 -26.98 24.15
N ILE K 86 28.73 -27.65 23.59
CA ILE K 86 30.08 -27.13 23.58
C ILE K 86 30.18 -25.90 22.70
N GLU K 87 29.97 -26.09 21.40
CA GLU K 87 30.32 -25.06 20.42
C GLU K 87 29.49 -23.80 20.55
N ASP K 88 28.37 -23.84 21.28
CA ASP K 88 27.63 -22.65 21.61
C ASP K 88 28.27 -21.83 22.72
N GLN K 89 29.32 -22.32 23.35
CA GLN K 89 29.93 -21.63 24.47
C GLN K 89 30.90 -20.57 23.99
N ASP K 90 31.29 -19.71 24.93
CA ASP K 90 32.37 -18.77 24.68
C ASP K 90 33.72 -19.48 24.64
N TYR K 91 33.81 -20.66 25.23
CA TYR K 91 35.03 -21.42 25.18
C TYR K 91 34.77 -22.85 25.65
N PRO K 92 35.59 -23.82 25.30
CA PRO K 92 35.28 -25.19 25.66
C PRO K 92 35.50 -25.43 27.14
N VAL K 93 34.50 -26.04 27.75
CA VAL K 93 34.62 -26.53 29.12
C VAL K 93 35.74 -27.54 29.26
N ALA K 94 36.06 -28.28 28.19
CA ALA K 94 36.94 -29.42 28.30
C ALA K 94 37.52 -29.75 26.93
N VAL K 95 38.74 -30.29 26.97
CA VAL K 95 39.47 -30.66 25.76
C VAL K 95 40.15 -32.00 26.01
N ALA K 96 40.42 -32.71 24.93
CA ALA K 96 40.94 -34.07 24.97
C ALA K 96 42.04 -34.27 23.94
N TYR K 97 43.07 -35.01 24.35
CA TYR K 97 44.21 -35.31 23.48
C TYR K 97 44.64 -36.75 23.66
N ASN K 98 44.73 -37.47 22.56
CA ASN K 98 45.32 -38.79 22.55
C ASN K 98 46.81 -38.60 22.35
N VAL K 99 47.62 -39.19 23.24
CA VAL K 99 49.06 -39.04 23.10
C VAL K 99 49.62 -40.12 22.18
N THR K 100 49.00 -41.29 22.16
CA THR K 100 49.49 -42.37 21.31
C THR K 100 49.36 -41.99 19.84
N GLN K 101 48.17 -41.57 19.44
CA GLN K 101 47.99 -40.98 18.13
C GLN K 101 48.54 -39.56 18.07
N GLY K 102 48.68 -38.91 19.21
CA GLY K 102 49.22 -37.57 19.24
C GLY K 102 48.34 -36.60 18.49
N VAL K 103 47.06 -36.53 18.87
CA VAL K 103 46.09 -35.72 18.15
C VAL K 103 44.99 -35.25 19.09
N GLN K 104 44.37 -34.14 18.71
CA GLN K 104 43.19 -33.64 19.38
C GLN K 104 42.04 -34.61 19.22
N VAL K 105 41.07 -34.51 20.12
CA VAL K 105 39.84 -35.28 20.06
C VAL K 105 38.66 -34.34 20.16
N ASP K 106 37.63 -34.63 19.38
CA ASP K 106 36.35 -33.96 19.50
C ASP K 106 35.53 -34.64 20.57
N ILE K 107 34.75 -33.86 21.29
CA ILE K 107 33.88 -34.34 22.35
C ILE K 107 32.47 -34.47 21.80
N ASP K 108 31.78 -35.52 22.24
CA ASP K 108 30.40 -35.76 21.85
C ASP K 108 29.42 -35.03 22.76
N ALA K 109 29.50 -35.24 24.07
CA ALA K 109 28.48 -34.69 24.96
C ALA K 109 28.95 -34.79 26.41
N VAL K 110 28.11 -34.27 27.31
CA VAL K 110 28.45 -34.04 28.71
C VAL K 110 27.28 -34.42 29.60
N ASP K 111 27.59 -34.82 30.82
CA ASP K 111 26.66 -34.81 31.94
C ASP K 111 27.32 -34.01 33.05
N TYR K 112 26.70 -32.89 33.42
CA TYR K 112 27.32 -31.97 34.36
C TYR K 112 27.12 -32.39 35.80
N ALA K 113 25.96 -32.92 36.14
CA ALA K 113 25.68 -33.29 37.51
C ALA K 113 26.48 -34.50 37.93
N ALA K 114 26.57 -35.51 37.06
CA ALA K 114 27.45 -36.64 37.30
C ALA K 114 28.91 -36.29 37.05
N ASP K 115 29.20 -35.14 36.44
CA ASP K 115 30.57 -34.68 36.21
C ASP K 115 31.32 -35.64 35.29
N GLU K 116 30.63 -36.10 34.26
CA GLU K 116 31.15 -37.10 33.34
C GLU K 116 30.99 -36.60 31.92
N VAL K 117 31.73 -37.21 30.99
CA VAL K 117 31.71 -36.77 29.60
C VAL K 117 31.76 -37.97 28.68
N THR K 118 31.45 -37.72 27.41
CA THR K 118 31.34 -38.76 26.39
C THR K 118 32.04 -38.26 25.15
N LEU K 119 33.08 -38.98 24.75
CA LEU K 119 33.86 -38.60 23.58
C LEU K 119 33.24 -39.18 22.31
N ALA K 120 33.87 -38.84 21.20
CA ALA K 120 33.45 -39.27 19.87
C ALA K 120 34.22 -40.49 19.40
N ASP K 121 35.49 -40.56 19.75
CA ASP K 121 36.39 -41.60 19.26
C ASP K 121 36.65 -42.58 20.39
N ASN K 122 36.29 -43.82 20.17
CA ASN K 122 36.62 -44.85 21.14
C ASN K 122 38.13 -45.02 21.17
N PRO K 123 38.77 -44.97 22.33
CA PRO K 123 40.22 -45.11 22.36
C PRO K 123 40.60 -46.58 22.25
N ALA K 124 41.90 -46.85 22.30
CA ALA K 124 42.42 -48.19 22.20
C ALA K 124 42.91 -48.67 23.56
N ASP K 125 42.92 -49.98 23.74
CA ASP K 125 43.42 -50.55 24.99
C ASP K 125 44.93 -50.45 25.01
N GLY K 126 45.46 -49.97 26.13
CA GLY K 126 46.84 -49.55 26.22
C GLY K 126 47.08 -48.12 25.79
N ASP K 127 46.07 -47.45 25.24
CA ASP K 127 46.22 -46.08 24.81
C ASP K 127 46.07 -45.13 25.99
N THR K 128 46.62 -43.93 25.82
CA THR K 128 46.65 -42.91 26.85
C THR K 128 46.09 -41.61 26.32
N VAL K 129 45.19 -41.02 27.10
CA VAL K 129 44.56 -39.74 26.79
C VAL K 129 44.74 -38.84 27.99
N LYS K 130 44.95 -37.56 27.70
CA LYS K 130 44.93 -36.52 28.70
C LYS K 130 43.75 -35.61 28.40
N VAL K 131 43.26 -34.97 29.46
CA VAL K 131 42.08 -34.11 29.39
C VAL K 131 42.43 -32.82 30.09
N TRP K 132 41.97 -31.72 29.50
CA TRP K 132 42.17 -30.37 29.98
C TRP K 132 40.78 -29.81 30.24
N PRO K 133 40.22 -30.04 31.42
CA PRO K 133 38.95 -29.40 31.78
C PRO K 133 39.20 -28.15 32.60
N ILE K 134 38.15 -27.33 32.67
CA ILE K 134 38.20 -26.18 33.54
C ILE K 134 38.39 -26.59 34.99
N MET K 135 38.80 -25.63 35.80
CA MET K 135 38.80 -25.78 37.24
C MET K 135 37.48 -25.29 37.80
N GLY K 136 37.03 -25.95 38.86
CA GLY K 136 35.72 -25.72 39.42
C GLY K 136 35.76 -24.99 40.73
N ASP K 137 35.66 -25.74 41.83
CA ASP K 137 35.65 -25.14 43.14
C ASP K 137 37.03 -24.56 43.45
N GLY K 138 37.05 -23.72 44.47
CA GLY K 138 38.27 -23.11 44.96
C GLY K 138 38.04 -21.66 45.33
N ASP K 139 38.92 -21.14 46.17
CA ASP K 139 38.87 -19.77 46.66
C ASP K 139 40.16 -19.04 46.34
N VAL K 140 40.02 -17.78 45.94
CA VAL K 140 41.09 -16.98 45.37
C VAL K 140 41.18 -15.67 46.13
N GLN K 141 42.34 -15.02 46.01
CA GLN K 141 42.44 -13.60 46.33
C GLN K 141 43.83 -13.11 45.94
N PHE K 142 44.01 -11.80 46.04
CA PHE K 142 45.30 -11.16 45.84
C PHE K 142 46.07 -11.10 47.14
N ARG K 143 47.34 -10.73 47.02
CA ARG K 143 48.24 -10.60 48.15
C ARG K 143 49.36 -9.66 47.76
N LEU K 144 49.97 -9.04 48.76
CA LEU K 144 51.05 -8.08 48.56
C LEU K 144 52.30 -8.58 49.24
N VAL K 145 53.45 -8.33 48.60
CA VAL K 145 54.74 -8.62 49.19
C VAL K 145 55.69 -7.49 48.83
N ASN K 146 56.46 -7.09 49.82
CA ASN K 146 57.45 -6.03 49.69
C ASN K 146 58.60 -6.49 48.81
N GLN K 147 59.62 -5.66 48.69
CA GLN K 147 60.85 -6.05 48.03
C GLN K 147 61.60 -7.12 48.80
N PHE K 148 61.37 -7.22 50.10
CA PHE K 148 62.11 -8.16 50.93
C PHE K 148 61.64 -9.59 50.72
N GLY K 149 60.34 -9.79 50.73
CA GLY K 149 59.74 -11.12 50.70
C GLY K 149 58.83 -11.37 51.88
N GLN K 150 58.24 -10.31 52.41
CA GLN K 150 57.39 -10.36 53.59
C GLN K 150 55.96 -10.02 53.22
N GLU K 151 55.02 -10.69 53.86
CA GLU K 151 53.62 -10.36 53.66
C GLU K 151 53.34 -8.96 54.18
N GLU K 152 52.71 -8.15 53.34
CA GLU K 152 52.10 -6.90 53.77
C GLU K 152 50.63 -7.07 54.07
N GLY K 153 49.96 -7.93 53.31
CA GLY K 153 48.56 -8.22 53.54
C GLY K 153 47.81 -8.54 52.27
N ARG K 154 46.53 -8.80 52.44
CA ARG K 154 45.63 -9.15 51.36
C ARG K 154 44.89 -7.90 50.92
N VAL K 155 43.90 -8.12 50.06
CA VAL K 155 43.02 -7.07 49.60
C VAL K 155 41.60 -7.58 49.67
N TYR K 156 40.81 -7.00 50.54
CA TYR K 156 39.39 -7.29 50.62
C TYR K 156 39.16 -8.75 50.96
N PRO K 157 39.40 -9.16 52.19
CA PRO K 157 39.48 -10.60 52.50
C PRO K 157 38.14 -11.30 52.39
N TRP K 158 37.65 -11.43 51.17
CA TRP K 158 36.43 -12.16 50.88
C TRP K 158 36.65 -12.87 49.56
N ALA K 159 37.16 -14.10 49.66
CA ALA K 159 37.62 -14.81 48.49
C ALA K 159 36.47 -15.12 47.56
N THR K 160 36.62 -14.70 46.31
CA THR K 160 35.58 -14.92 45.34
C THR K 160 35.52 -16.41 45.03
N PRO K 161 34.34 -17.04 45.00
CA PRO K 161 34.28 -18.40 44.50
C PRO K 161 34.67 -18.46 43.04
N LEU K 162 35.50 -19.45 42.74
CA LEU K 162 36.17 -19.55 41.47
C LEU K 162 35.18 -19.71 40.33
N TYR K 163 34.07 -20.39 40.57
CA TYR K 163 33.17 -20.71 39.47
C TYR K 163 32.43 -19.49 38.93
N ARG K 164 32.47 -18.37 39.64
CA ARG K 164 31.87 -17.16 39.12
C ARG K 164 32.56 -16.73 37.84
N TRP K 165 33.87 -16.91 37.78
CA TRP K 165 34.60 -16.56 36.58
C TRP K 165 34.16 -17.40 35.39
N HIS K 166 33.66 -18.60 35.64
CA HIS K 166 33.10 -19.45 34.61
C HIS K 166 31.66 -19.10 34.29
N ASP K 167 30.91 -18.60 35.27
CA ASP K 167 29.51 -18.33 35.07
C ASP K 167 29.24 -17.23 34.06
N PHE K 168 29.77 -16.11 34.25
CA PHE K 168 29.40 -14.97 33.43
C PHE K 168 30.09 -15.01 32.07
N PRO K 169 29.50 -14.40 31.04
CA PRO K 169 30.22 -14.23 29.79
C PRO K 169 31.24 -13.10 29.87
N GLN K 170 32.45 -13.47 30.28
CA GLN K 170 33.50 -12.50 30.61
C GLN K 170 33.78 -11.53 29.48
N LEU K 171 33.55 -11.94 28.24
CA LEU K 171 33.88 -11.13 27.09
C LEU K 171 32.85 -10.06 26.79
N LYS K 172 31.80 -9.95 27.60
CA LYS K 172 30.71 -9.00 27.41
C LYS K 172 30.86 -7.88 28.42
N ARG K 173 30.65 -6.65 27.97
CA ARG K 173 30.76 -5.55 28.90
C ARG K 173 29.60 -5.60 29.87
N GLY K 174 29.83 -5.01 31.04
CA GLY K 174 28.83 -4.98 32.09
C GLY K 174 28.77 -6.21 32.94
N ARG K 175 29.21 -7.35 32.43
CA ARG K 175 29.23 -8.60 33.17
C ARG K 175 30.63 -9.01 33.59
N GLU K 176 31.66 -8.28 33.19
CA GLU K 176 33.03 -8.69 33.42
C GLU K 176 33.33 -8.73 34.91
N ILE K 177 34.29 -9.57 35.27
CA ILE K 177 34.61 -9.80 36.67
C ILE K 177 35.45 -8.65 37.18
N ASN K 178 34.86 -7.85 38.03
CA ASN K 178 35.57 -6.87 38.84
C ASN K 178 35.51 -7.32 40.29
N LEU K 179 36.38 -6.71 41.09
CA LEU K 179 36.51 -7.04 42.51
C LEU K 179 36.49 -5.77 43.32
N HIS K 180 36.81 -5.87 44.60
CA HIS K 180 36.69 -4.78 45.53
C HIS K 180 38.02 -4.53 46.20
N GLY K 181 38.34 -3.26 46.36
CA GLY K 181 39.61 -2.81 46.87
C GLY K 181 40.45 -2.19 45.78
N SER K 182 41.62 -1.75 46.20
CA SER K 182 42.59 -1.14 45.31
C SER K 182 43.96 -1.49 45.86
N VAL K 183 44.99 -1.24 45.05
CA VAL K 183 46.35 -1.37 45.53
C VAL K 183 47.32 -0.73 44.55
N THR K 184 48.38 -0.17 45.09
CA THR K 184 49.46 0.46 44.34
C THR K 184 50.75 -0.31 44.57
N TRP K 185 51.50 -0.52 43.50
CA TRP K 185 52.78 -1.20 43.55
C TRP K 185 53.91 -0.19 43.79
N GLU K 186 55.10 -0.72 44.02
CA GLU K 186 56.35 0.04 43.94
C GLU K 186 57.34 -0.82 43.17
N GLU K 187 58.61 -0.38 43.12
CA GLU K 187 59.57 -0.85 42.13
C GLU K 187 59.81 -2.35 42.20
N ASN K 188 60.44 -2.83 43.26
CA ASN K 188 60.82 -4.24 43.38
C ASN K 188 59.77 -5.05 44.10
N GLU K 189 58.57 -4.52 44.25
CA GLU K 189 57.51 -5.16 45.00
C GLU K 189 56.70 -6.05 44.08
N THR K 190 56.00 -7.00 44.70
CA THR K 190 55.30 -8.03 43.95
C THR K 190 53.95 -8.29 44.57
N VAL K 191 52.93 -8.16 43.76
CA VAL K 191 51.62 -8.66 44.10
C VAL K 191 51.58 -10.11 43.66
N GLU K 192 50.77 -10.91 44.34
CA GLU K 192 50.55 -12.28 43.97
C GLU K 192 49.06 -12.57 43.94
N VAL K 193 48.72 -13.59 43.19
CA VAL K 193 47.40 -14.20 43.23
C VAL K 193 47.59 -15.56 43.87
N LEU K 194 46.74 -15.82 44.87
CA LEU K 194 46.76 -17.03 45.66
C LEU K 194 45.42 -17.75 45.54
N LEU K 195 45.49 -19.06 45.76
CA LEU K 195 44.37 -19.96 45.58
C LEU K 195 44.43 -21.11 46.56
N ASP K 196 43.27 -21.70 46.80
CA ASP K 196 43.21 -23.04 47.36
C ASP K 196 42.01 -23.79 46.81
N ALA K 197 42.22 -25.05 46.44
CA ALA K 197 41.19 -25.93 45.91
C ALA K 197 41.79 -27.31 45.74
N PRO K 198 40.97 -28.36 45.56
CA PRO K 198 41.52 -29.72 45.61
C PRO K 198 42.43 -30.05 44.47
N GLN K 199 42.11 -29.60 43.26
CA GLN K 199 42.76 -30.09 42.06
C GLN K 199 43.88 -29.17 41.64
N ALA K 200 44.82 -29.75 40.88
CA ALA K 200 46.07 -29.09 40.52
C ALA K 200 45.90 -28.42 39.16
N ILE K 201 45.86 -27.09 39.16
CA ILE K 201 45.82 -26.36 37.91
C ILE K 201 47.14 -26.55 37.18
N THR K 202 47.10 -26.34 35.87
CA THR K 202 48.25 -26.58 35.01
C THR K 202 48.36 -25.50 33.96
N TRP K 203 49.60 -25.11 33.68
CA TRP K 203 49.97 -24.43 32.45
C TRP K 203 51.01 -25.26 31.74
N GLU K 204 51.29 -24.87 30.50
CA GLU K 204 52.48 -25.30 29.78
C GLU K 204 52.51 -26.81 29.55
N ASP K 205 51.45 -27.31 28.92
CA ASP K 205 51.44 -28.66 28.39
C ASP K 205 51.80 -28.57 26.92
N SER K 206 52.99 -29.06 26.58
CA SER K 206 53.48 -28.99 25.22
C SER K 206 52.57 -29.75 24.27
N ASP K 207 51.96 -30.83 24.73
CA ASP K 207 51.12 -31.64 23.90
C ASP K 207 49.73 -31.06 23.70
N TYR K 208 49.40 -29.96 24.36
CA TYR K 208 48.09 -29.38 24.21
C TYR K 208 47.97 -28.70 22.85
N PRO K 209 46.87 -28.87 22.12
CA PRO K 209 46.82 -28.36 20.74
C PRO K 209 46.43 -26.90 20.57
N GLU K 210 45.45 -26.43 21.33
CA GLU K 210 44.77 -25.19 21.01
C GLU K 210 45.48 -23.94 21.52
N GLY K 211 46.67 -24.09 22.09
CA GLY K 211 47.42 -22.92 22.47
C GLY K 211 48.61 -23.30 23.32
N GLN K 212 49.60 -22.43 23.30
CA GLN K 212 50.80 -22.63 24.09
C GLN K 212 50.61 -22.28 25.56
N TYR K 213 49.41 -21.89 25.97
CA TYR K 213 49.08 -21.69 27.37
C TYR K 213 47.62 -22.05 27.56
N VAL K 214 47.35 -23.04 28.40
CA VAL K 214 46.00 -23.53 28.55
C VAL K 214 45.16 -22.60 29.41
N SER K 215 45.75 -22.05 30.45
CA SER K 215 45.05 -21.25 31.45
C SER K 215 45.70 -19.88 31.52
N THR K 216 44.87 -18.87 31.71
CA THR K 216 45.29 -17.48 31.58
C THR K 216 44.75 -16.62 32.70
N PHE K 217 45.57 -15.67 33.11
CA PHE K 217 45.19 -14.58 33.99
C PHE K 217 45.45 -13.31 33.21
N GLU K 218 44.47 -12.41 33.23
CA GLU K 218 44.62 -11.09 32.63
C GLU K 218 43.92 -10.10 33.53
N GLN K 219 44.42 -8.87 33.53
CA GLN K 219 43.83 -7.85 34.37
C GLN K 219 44.20 -6.48 33.84
N ASP K 220 43.19 -5.69 33.51
CA ASP K 220 43.41 -4.31 33.15
C ASP K 220 43.89 -3.56 34.38
N VAL K 221 44.83 -2.65 34.19
CA VAL K 221 45.41 -1.87 35.26
C VAL K 221 45.76 -0.49 34.72
N GLU K 222 46.18 0.37 35.63
CA GLU K 222 46.61 1.72 35.33
C GLU K 222 48.08 1.84 35.66
N ILE K 223 48.78 2.68 34.89
CA ILE K 223 50.22 2.84 35.01
C ILE K 223 50.53 4.33 34.89
N THR K 224 51.58 4.73 35.59
CA THR K 224 52.16 6.07 35.46
C THR K 224 53.34 6.00 34.52
N LEU K 225 53.17 6.55 33.32
CA LEU K 225 54.18 6.55 32.26
C LEU K 225 54.52 5.14 31.77
N TYR L 1 38.62 -4.94 83.43
CA TYR L 1 39.53 -5.57 84.38
C TYR L 1 40.26 -6.75 83.72
N THR L 2 41.48 -7.03 84.16
CA THR L 2 42.37 -7.96 83.47
C THR L 2 43.28 -8.67 84.44
N ILE L 3 43.81 -9.81 83.99
CA ILE L 3 44.79 -10.61 84.72
C ILE L 3 45.81 -11.15 83.73
N SER L 4 46.71 -11.99 84.22
CA SER L 4 47.75 -12.64 83.43
C SER L 4 47.64 -14.14 83.55
N HIS L 5 47.58 -14.82 82.40
CA HIS L 5 47.69 -16.27 82.32
C HIS L 5 48.85 -16.61 81.40
N THR L 6 49.00 -17.90 81.09
CA THR L 6 49.96 -18.37 80.11
C THR L 6 49.27 -19.28 79.11
N GLY L 7 49.42 -18.97 77.84
CA GLY L 7 49.08 -19.89 76.79
C GLY L 7 50.22 -20.86 76.63
N GLY L 8 49.87 -22.08 76.25
CA GLY L 8 50.85 -23.14 76.19
C GLY L 8 50.47 -24.18 75.17
N THR L 9 51.19 -25.29 75.23
CA THR L 9 50.90 -26.43 74.39
C THR L 9 49.46 -26.88 74.58
N LEU L 10 49.15 -27.35 75.77
CA LEU L 10 47.77 -27.63 76.15
C LEU L 10 46.97 -26.36 76.33
N GLY L 11 47.51 -25.43 77.09
CA GLY L 11 46.88 -24.15 77.30
C GLY L 11 45.56 -24.22 78.06
N SER L 12 44.78 -23.16 77.87
CA SER L 12 43.52 -23.01 78.55
C SER L 12 42.56 -24.14 78.21
N SER L 13 42.43 -24.46 76.92
CA SER L 13 41.44 -25.41 76.42
C SER L 13 42.10 -26.47 75.55
N LYS L 14 41.37 -27.56 75.35
CA LYS L 14 41.79 -28.64 74.46
C LYS L 14 41.23 -28.45 73.06
N VAL L 15 41.47 -27.27 72.50
CA VAL L 15 41.16 -26.96 71.12
C VAL L 15 42.36 -26.34 70.43
N THR L 16 43.39 -25.99 71.20
CA THR L 16 44.65 -25.60 70.59
C THR L 16 45.18 -26.72 69.74
N THR L 17 45.52 -26.39 68.50
CA THR L 17 45.93 -27.36 67.51
C THR L 17 47.43 -27.36 67.38
N ALA L 18 47.99 -28.54 67.15
CA ALA L 18 49.41 -28.72 66.89
C ALA L 18 49.54 -29.57 65.64
N ALA L 19 50.04 -28.96 64.57
CA ALA L 19 50.28 -29.65 63.31
C ALA L 19 51.65 -29.27 62.80
N ASN L 20 52.27 -30.21 62.10
CA ASN L 20 53.63 -30.03 61.62
C ASN L 20 53.63 -29.21 60.32
N GLN L 21 54.84 -28.97 59.82
CA GLN L 21 55.05 -28.16 58.63
C GLN L 21 55.24 -29.05 57.40
N THR L 22 55.56 -28.41 56.27
CA THR L 22 55.93 -29.07 55.03
C THR L 22 57.44 -28.98 54.84
N SER L 23 57.95 -29.83 53.96
CA SER L 23 59.35 -29.86 53.63
C SER L 23 59.74 -28.76 52.64
N PRO L 24 58.94 -28.48 51.60
CA PRO L 24 59.22 -27.30 50.78
C PRO L 24 59.29 -26.03 51.61
N GLN L 25 60.32 -25.22 51.34
CA GLN L 25 60.56 -24.00 52.06
C GLN L 25 59.37 -23.07 51.82
N ARG L 26 58.52 -22.99 52.82
CA ARG L 26 57.32 -22.19 52.75
C ARG L 26 56.78 -22.01 54.16
N GLU L 27 56.35 -20.80 54.47
CA GLU L 27 55.84 -20.52 55.80
C GLU L 27 54.46 -21.14 55.95
N THR L 28 54.35 -22.06 56.92
CA THR L 28 53.14 -22.82 57.17
C THR L 28 52.72 -22.64 58.62
N ALA L 29 51.47 -23.02 58.87
CA ALA L 29 50.93 -23.02 60.22
C ALA L 29 51.56 -24.16 61.01
N ILE L 30 51.89 -23.89 62.27
CA ILE L 30 52.43 -24.86 63.19
C ILE L 30 51.40 -25.09 64.26
N ILE L 31 51.01 -24.01 64.93
CA ILE L 31 50.10 -24.11 66.08
C ILE L 31 49.02 -23.08 65.91
N GLY L 32 47.81 -23.39 66.41
CA GLY L 32 46.71 -22.44 66.48
C GLY L 32 46.17 -22.23 67.88
N PHE L 33 46.40 -21.04 68.43
CA PHE L 33 45.82 -20.61 69.68
C PHE L 33 44.47 -19.97 69.37
N GLU L 34 43.41 -20.71 69.61
CA GLU L 34 42.04 -20.23 69.45
C GLU L 34 41.50 -19.76 70.79
N CYS L 35 40.68 -18.71 70.74
CA CYS L 35 40.07 -18.24 71.99
C CYS L 35 38.77 -19.00 72.26
N PRO L 36 38.43 -19.30 73.53
CA PRO L 36 37.15 -19.97 73.81
C PRO L 36 36.03 -18.99 74.10
N ARG L 37 34.86 -19.52 74.47
CA ARG L 37 33.78 -18.69 74.98
C ARG L 37 34.04 -18.21 76.40
N LYS L 38 34.91 -18.89 77.14
CA LYS L 38 35.04 -18.64 78.56
C LYS L 38 35.52 -17.23 78.83
N PHE L 39 36.36 -16.72 77.97
CA PHE L 39 36.93 -15.39 78.12
C PHE L 39 36.16 -14.42 77.24
N ALA L 40 36.60 -13.17 77.25
CA ALA L 40 36.07 -12.11 76.43
C ALA L 40 37.06 -11.68 75.36
N GLU L 41 38.30 -11.45 75.76
CA GLU L 41 39.36 -11.15 74.82
C GLU L 41 40.69 -11.44 75.50
N ILE L 42 41.73 -11.55 74.68
CA ILE L 42 43.07 -11.89 75.13
C ILE L 42 44.00 -10.93 74.41
N GLU L 43 45.12 -10.63 75.08
CA GLU L 43 46.07 -9.63 74.63
C GLU L 43 47.44 -10.27 74.50
N TYR L 44 48.26 -9.71 73.62
CA TYR L 44 49.68 -9.97 73.60
C TYR L 44 50.41 -8.66 73.39
N VAL L 45 51.50 -8.48 74.14
CA VAL L 45 52.34 -7.30 74.03
C VAL L 45 53.81 -7.72 74.04
N GLY L 46 54.42 -7.74 72.87
CA GLY L 46 55.85 -7.76 72.80
C GLY L 46 56.46 -6.57 73.49
N GLN L 47 57.73 -6.73 73.89
CA GLN L 47 58.52 -5.79 74.68
C GLN L 47 58.10 -5.73 76.15
N ARG L 48 57.02 -6.41 76.53
CA ARG L 48 56.57 -6.50 77.91
C ARG L 48 56.51 -7.94 78.36
N ASP L 49 55.94 -8.81 77.55
CA ASP L 49 55.61 -10.16 77.95
C ASP L 49 56.69 -11.15 77.50
N SER L 50 56.66 -12.33 78.09
CA SER L 50 57.67 -13.35 77.92
C SER L 50 57.13 -14.51 77.09
N THR L 51 58.06 -15.18 76.41
CA THR L 51 57.70 -16.27 75.53
C THR L 51 58.83 -17.28 75.51
N ARG L 52 58.50 -18.53 75.24
CA ARG L 52 59.43 -19.64 75.30
C ARG L 52 59.13 -20.61 74.18
N PHE L 53 60.19 -21.10 73.53
CA PHE L 53 60.04 -22.00 72.39
C PHE L 53 61.23 -22.95 72.35
N ILE L 54 60.97 -24.22 72.59
CA ILE L 54 61.97 -25.28 72.43
C ILE L 54 61.44 -26.20 71.34
N PRO L 55 61.88 -26.04 70.09
CA PRO L 55 61.53 -26.99 69.04
C PRO L 55 62.54 -28.10 68.89
N ARG L 56 62.00 -29.29 68.67
CA ARG L 56 62.77 -30.52 68.59
C ARG L 56 62.11 -31.42 67.57
N THR L 57 62.93 -32.09 66.77
CA THR L 57 62.50 -32.84 65.60
C THR L 57 62.77 -34.32 65.83
N THR L 58 62.69 -35.10 64.76
CA THR L 58 62.96 -36.52 64.80
C THR L 58 63.83 -36.93 63.64
N GLU L 59 64.80 -37.79 63.93
CA GLU L 59 65.50 -38.58 62.94
C GLU L 59 65.49 -40.02 63.41
N SER L 60 65.79 -40.92 62.48
CA SER L 60 65.71 -42.34 62.73
C SER L 60 66.80 -43.03 61.94
N ILE L 61 67.42 -44.04 62.53
CA ILE L 61 68.55 -44.73 61.94
C ILE L 61 68.53 -46.19 62.35
N THR L 62 69.38 -46.97 61.70
CA THR L 62 69.40 -48.42 61.81
C THR L 62 70.79 -48.90 62.18
N GLY L 63 70.86 -50.15 62.58
CA GLY L 63 72.07 -50.67 63.19
C GLY L 63 73.04 -51.26 62.19
N THR L 64 74.26 -51.43 62.67
CA THR L 64 75.35 -52.02 61.91
C THR L 64 76.50 -52.27 62.86
N ALA L 65 77.45 -53.09 62.43
CA ALA L 65 78.57 -53.46 63.27
C ALA L 65 79.60 -52.34 63.31
N GLY L 66 79.87 -51.84 64.52
CA GLY L 66 80.90 -50.83 64.73
C GLY L 66 80.41 -49.40 64.70
N ASP L 67 79.12 -49.17 64.94
CA ASP L 67 78.53 -47.84 64.88
C ASP L 67 78.57 -47.21 66.27
N ASP L 68 79.27 -46.09 66.37
CA ASP L 68 79.20 -45.19 67.51
C ASP L 68 78.75 -43.79 67.12
N THR L 69 78.96 -43.41 65.87
CA THR L 69 78.75 -42.06 65.40
C THR L 69 77.50 -42.01 64.54
N VAL L 70 76.74 -40.94 64.71
CA VAL L 70 75.68 -40.58 63.77
C VAL L 70 76.11 -39.31 63.05
N VAL L 71 75.80 -39.30 61.76
CA VAL L 71 76.22 -38.31 60.80
C VAL L 71 75.50 -37.00 61.06
N SER L 72 75.87 -35.97 60.29
CA SER L 72 75.12 -34.73 60.20
C SER L 72 73.63 -34.98 60.08
N LEU L 73 72.88 -34.45 61.03
CA LEU L 73 71.44 -34.64 61.11
C LEU L 73 70.67 -33.59 60.35
N THR L 74 71.28 -32.96 59.35
CA THR L 74 70.59 -32.05 58.46
C THR L 74 70.06 -30.82 59.18
N ALA L 75 70.88 -30.27 60.08
CA ALA L 75 70.46 -29.13 60.86
C ALA L 75 71.67 -28.37 61.37
N ASN L 76 71.61 -27.06 61.31
CA ASN L 76 72.68 -26.22 61.83
C ASN L 76 72.49 -26.14 63.34
N ILE L 77 73.27 -26.94 64.05
CA ILE L 77 73.15 -27.04 65.49
C ILE L 77 73.98 -25.94 66.12
N GLN L 78 73.41 -25.30 67.14
CA GLN L 78 74.06 -24.27 67.91
C GLN L 78 74.20 -24.74 69.36
N PRO L 79 75.35 -24.51 70.01
CA PRO L 79 75.41 -24.76 71.44
C PRO L 79 74.50 -23.81 72.19
N VAL L 80 73.89 -24.31 73.23
CA VAL L 80 72.80 -23.64 73.90
C VAL L 80 73.34 -22.73 74.98
N ALA L 81 72.77 -21.53 75.05
CA ALA L 81 73.25 -20.48 75.94
C ALA L 81 74.72 -20.17 75.69
N GLY L 82 75.16 -20.33 74.45
CA GLY L 82 76.55 -20.31 74.13
C GLY L 82 77.37 -21.38 74.81
N GLU L 83 76.75 -22.48 75.21
CA GLU L 83 77.42 -23.58 75.90
C GLU L 83 77.08 -24.90 75.24
N THR L 84 78.03 -25.82 75.29
CA THR L 84 78.02 -27.05 74.52
C THR L 84 77.64 -28.27 75.35
N ALA L 85 78.44 -28.56 76.39
CA ALA L 85 78.44 -29.88 77.00
C ALA L 85 77.11 -30.17 77.67
N ILE L 86 76.66 -31.42 77.54
CA ILE L 86 75.25 -31.74 77.73
C ILE L 86 74.86 -31.60 79.18
N GLU L 87 75.62 -32.23 80.07
CA GLU L 87 75.29 -32.33 81.48
C GLU L 87 75.03 -30.97 82.12
N ASP L 88 75.65 -29.90 81.62
CA ASP L 88 75.44 -28.55 82.10
C ASP L 88 74.49 -27.75 81.20
N GLN L 89 73.72 -28.42 80.36
CA GLN L 89 72.73 -27.71 79.56
C GLN L 89 71.50 -27.40 80.40
N ASP L 90 70.79 -26.36 79.99
CA ASP L 90 69.47 -26.12 80.53
C ASP L 90 68.49 -27.21 80.09
N TYR L 91 68.76 -27.84 78.96
CA TYR L 91 67.90 -28.88 78.42
C TYR L 91 68.64 -29.53 77.28
N PRO L 92 68.32 -30.79 76.96
CA PRO L 92 69.17 -31.55 76.03
C PRO L 92 69.19 -30.94 74.64
N VAL L 93 70.39 -30.82 74.09
CA VAL L 93 70.51 -30.54 72.66
C VAL L 93 69.86 -31.64 71.86
N ALA L 94 69.92 -32.88 72.35
CA ALA L 94 69.43 -34.00 71.58
C ALA L 94 69.40 -35.22 72.47
N VAL L 95 68.49 -36.14 72.16
CA VAL L 95 68.25 -37.32 72.98
C VAL L 95 68.10 -38.52 72.06
N ALA L 96 68.45 -39.69 72.60
CA ALA L 96 68.53 -40.94 71.85
C ALA L 96 67.78 -42.05 72.56
N TYR L 97 67.11 -42.89 71.75
CA TYR L 97 66.36 -44.03 72.26
C TYR L 97 66.56 -45.21 71.33
N ASN L 98 67.01 -46.33 71.89
CA ASN L 98 67.05 -47.59 71.16
C ASN L 98 65.74 -48.33 71.40
N VAL L 99 65.09 -48.74 70.32
CA VAL L 99 63.76 -49.35 70.43
C VAL L 99 63.88 -50.84 70.73
N THR L 100 64.97 -51.47 70.29
CA THR L 100 65.19 -52.88 70.56
C THR L 100 65.21 -53.14 72.05
N GLN L 101 66.21 -52.59 72.71
CA GLN L 101 66.28 -52.62 74.16
C GLN L 101 65.18 -51.79 74.80
N GLY L 102 64.60 -50.84 74.07
CA GLY L 102 63.63 -49.95 74.66
C GLY L 102 64.21 -49.10 75.76
N VAL L 103 65.35 -48.47 75.50
CA VAL L 103 66.11 -47.76 76.53
C VAL L 103 66.56 -46.40 76.01
N GLN L 104 66.39 -45.39 76.84
CA GLN L 104 67.02 -44.10 76.62
C GLN L 104 68.52 -44.24 76.75
N VAL L 105 69.25 -43.38 76.03
CA VAL L 105 70.70 -43.44 75.98
C VAL L 105 71.28 -42.04 76.19
N ASP L 106 72.40 -42.00 76.90
CA ASP L 106 73.17 -40.80 77.08
C ASP L 106 74.10 -40.62 75.89
N ILE L 107 74.79 -39.48 75.86
CA ILE L 107 75.60 -39.06 74.73
C ILE L 107 76.99 -38.69 75.24
N ASP L 108 78.01 -39.09 74.49
CA ASP L 108 79.40 -38.91 74.90
C ASP L 108 80.04 -37.67 74.30
N ALA L 109 79.75 -37.35 73.05
CA ALA L 109 80.44 -36.21 72.43
C ALA L 109 79.68 -35.74 71.20
N VAL L 110 80.03 -34.53 70.76
CA VAL L 110 79.32 -33.84 69.69
C VAL L 110 80.32 -33.00 68.92
N ASP L 111 80.12 -32.89 67.61
CA ASP L 111 80.70 -31.83 66.80
C ASP L 111 79.55 -31.03 66.22
N TYR L 112 79.40 -29.80 66.72
CA TYR L 112 78.30 -28.95 66.30
C TYR L 112 78.45 -28.55 64.84
N ALA L 113 79.64 -28.05 64.48
CA ALA L 113 79.84 -27.51 63.15
C ALA L 113 79.71 -28.60 62.10
N ALA L 114 80.17 -29.80 62.43
CA ALA L 114 79.99 -30.96 61.57
C ALA L 114 78.66 -31.66 61.79
N ASP L 115 77.86 -31.21 62.76
CA ASP L 115 76.48 -31.66 62.94
C ASP L 115 76.40 -33.12 63.39
N GLU L 116 77.51 -33.71 63.85
CA GLU L 116 77.58 -35.13 64.12
C GLU L 116 77.64 -35.38 65.62
N VAL L 117 77.29 -36.60 66.00
CA VAL L 117 77.24 -36.98 67.41
C VAL L 117 77.89 -38.34 67.59
N THR L 118 78.47 -38.55 68.77
CA THR L 118 79.13 -39.79 69.14
C THR L 118 78.53 -40.28 70.44
N LEU L 119 78.03 -41.51 70.42
CA LEU L 119 77.15 -42.03 71.43
C LEU L 119 77.93 -42.90 72.41
N ALA L 120 77.23 -43.45 73.40
CA ALA L 120 77.82 -44.27 74.43
C ALA L 120 77.85 -45.74 74.07
N ASP L 121 76.78 -46.25 73.49
CA ASP L 121 76.54 -47.68 73.37
C ASP L 121 76.35 -48.06 71.91
N ASN L 122 77.00 -49.13 71.51
CA ASN L 122 76.99 -49.62 70.15
C ASN L 122 75.73 -50.44 69.91
N PRO L 123 74.75 -49.97 69.14
CA PRO L 123 73.57 -50.81 68.89
C PRO L 123 73.93 -52.01 68.03
N ALA L 124 73.03 -52.99 68.05
CA ALA L 124 73.29 -54.24 67.35
C ALA L 124 73.17 -54.06 65.84
N ASP L 125 73.96 -54.84 65.11
CA ASP L 125 73.82 -54.89 63.66
C ASP L 125 72.45 -55.47 63.34
N GLY L 126 71.51 -54.60 62.99
CA GLY L 126 70.11 -54.96 62.83
C GLY L 126 69.21 -54.37 63.88
N ASP L 127 69.53 -53.19 64.40
CA ASP L 127 68.76 -52.52 65.44
C ASP L 127 68.07 -51.28 64.87
N THR L 128 67.15 -50.72 65.66
CA THR L 128 66.46 -49.48 65.33
C THR L 128 66.64 -48.46 66.45
N VAL L 129 67.02 -47.24 66.05
CA VAL L 129 67.29 -46.16 66.97
C VAL L 129 66.59 -44.92 66.45
N LYS L 130 66.06 -44.12 67.36
CA LYS L 130 65.45 -42.86 67.05
C LYS L 130 66.11 -41.77 67.89
N VAL L 131 66.17 -40.59 67.32
CA VAL L 131 66.87 -39.46 67.91
C VAL L 131 65.99 -38.23 67.75
N TRP L 132 66.04 -37.38 68.77
CA TRP L 132 65.25 -36.16 68.84
C TRP L 132 66.21 -35.03 69.12
N PRO L 133 66.71 -34.34 68.08
CA PRO L 133 67.54 -33.16 68.30
C PRO L 133 66.75 -31.87 68.19
N ILE L 134 67.30 -30.79 68.75
CA ILE L 134 66.66 -29.51 68.63
C ILE L 134 66.65 -29.07 67.18
N MET L 135 65.87 -28.03 66.91
CA MET L 135 65.76 -27.48 65.57
C MET L 135 66.81 -26.42 65.36
N GLY L 136 67.24 -26.30 64.10
CA GLY L 136 68.31 -25.41 63.72
C GLY L 136 67.81 -24.14 63.05
N ASP L 137 67.87 -24.12 61.71
CA ASP L 137 67.49 -22.94 60.97
C ASP L 137 65.99 -22.88 60.79
N GLY L 138 65.51 -21.70 60.42
CA GLY L 138 64.11 -21.43 60.23
C GLY L 138 63.75 -20.04 60.69
N ASP L 139 62.61 -19.55 60.21
CA ASP L 139 62.10 -18.23 60.54
C ASP L 139 60.63 -18.34 60.87
N VAL L 140 60.20 -17.65 61.93
CA VAL L 140 58.86 -17.80 62.48
C VAL L 140 58.25 -16.46 62.83
N GLN L 141 56.93 -16.47 62.97
CA GLN L 141 56.20 -15.29 63.41
C GLN L 141 54.78 -15.71 63.77
N PHE L 142 53.95 -14.72 64.07
CA PHE L 142 52.56 -14.90 64.42
C PHE L 142 51.66 -14.38 63.31
N ARG L 143 50.54 -15.05 63.13
CA ARG L 143 49.52 -14.68 62.16
C ARG L 143 48.19 -14.60 62.88
N LEU L 144 47.32 -13.72 62.39
CA LEU L 144 45.96 -13.59 62.86
C LEU L 144 45.01 -14.22 61.86
N VAL L 145 43.97 -14.87 62.37
CA VAL L 145 42.83 -15.29 61.57
C VAL L 145 41.57 -15.04 62.36
N ASN L 146 40.56 -14.55 61.66
CA ASN L 146 39.28 -14.24 62.24
C ASN L 146 38.46 -15.53 62.36
N GLN L 147 37.16 -15.39 62.58
CA GLN L 147 36.24 -16.52 62.64
C GLN L 147 35.67 -16.88 61.29
N PHE L 148 36.40 -16.57 60.22
CA PHE L 148 36.00 -16.86 58.85
C PHE L 148 37.07 -17.61 58.07
N GLY L 149 38.17 -17.99 58.72
CA GLY L 149 39.32 -18.50 57.99
C GLY L 149 40.06 -17.46 57.21
N GLN L 150 39.84 -16.18 57.50
CA GLN L 150 40.41 -15.09 56.73
C GLN L 150 41.57 -14.47 57.50
N GLU L 151 42.72 -14.44 56.85
CA GLU L 151 43.82 -13.64 57.35
C GLU L 151 43.41 -12.17 57.36
N GLU L 152 44.00 -11.43 58.27
CA GLU L 152 43.76 -10.01 58.42
C GLU L 152 45.06 -9.21 58.42
N GLY L 153 46.12 -9.76 58.98
CA GLY L 153 47.37 -9.06 59.01
C GLY L 153 48.39 -9.73 59.88
N ARG L 154 49.63 -9.80 59.41
CA ARG L 154 50.71 -10.28 60.24
C ARG L 154 51.03 -9.26 61.31
N VAL L 155 51.98 -9.63 62.16
CA VAL L 155 52.32 -8.89 63.35
C VAL L 155 53.76 -8.47 63.25
N TYR L 156 53.99 -7.20 62.91
CA TYR L 156 55.33 -6.63 62.93
C TYR L 156 56.22 -7.40 61.97
N PRO L 157 56.05 -7.22 60.66
CA PRO L 157 56.43 -8.26 59.70
C PRO L 157 57.92 -8.49 59.63
N TRP L 158 58.49 -9.02 60.71
CA TRP L 158 59.91 -9.28 60.79
C TRP L 158 60.04 -10.57 61.58
N ALA L 159 60.03 -11.70 60.86
CA ALA L 159 60.08 -12.99 61.50
C ALA L 159 61.40 -13.14 62.24
N THR L 160 61.38 -14.00 63.24
CA THR L 160 62.49 -14.13 64.15
C THR L 160 63.33 -15.33 63.75
N PRO L 161 64.65 -15.21 63.69
CA PRO L 161 65.47 -16.42 63.49
C PRO L 161 65.27 -17.41 64.63
N LEU L 162 65.18 -18.68 64.25
CA LEU L 162 64.93 -19.74 65.20
C LEU L 162 66.01 -19.84 66.25
N TYR L 163 67.27 -19.69 65.83
CA TYR L 163 68.39 -20.03 66.68
C TYR L 163 68.53 -19.10 67.88
N ARG L 164 67.85 -17.96 67.90
CA ARG L 164 67.94 -17.06 69.04
C ARG L 164 67.42 -17.74 70.30
N TRP L 165 66.38 -18.55 70.15
CA TRP L 165 65.76 -19.21 71.27
C TRP L 165 66.68 -20.27 71.87
N HIS L 166 67.61 -20.80 71.08
CA HIS L 166 68.70 -21.59 71.61
C HIS L 166 69.84 -20.74 72.12
N ASP L 167 70.01 -19.54 71.58
CA ASP L 167 71.11 -18.69 71.99
C ASP L 167 70.95 -18.14 73.40
N PHE L 168 69.72 -17.79 73.78
CA PHE L 168 69.49 -17.18 75.08
C PHE L 168 68.99 -18.21 76.10
N PRO L 169 69.56 -18.28 77.31
CA PRO L 169 69.00 -19.17 78.33
C PRO L 169 67.68 -18.66 78.87
N GLN L 170 66.63 -19.11 78.18
CA GLN L 170 65.27 -18.58 78.26
C GLN L 170 64.75 -18.33 79.67
N LEU L 171 65.18 -19.11 80.65
CA LEU L 171 64.60 -19.03 81.98
C LEU L 171 65.07 -17.82 82.78
N LYS L 172 66.10 -17.13 82.32
CA LYS L 172 66.64 -15.99 83.05
C LYS L 172 65.79 -14.76 82.76
N ARG L 173 65.33 -14.09 83.82
CA ARG L 173 64.56 -12.87 83.65
C ARG L 173 65.44 -11.79 83.01
N GLY L 174 64.80 -10.95 82.21
CA GLY L 174 65.52 -9.99 81.39
C GLY L 174 66.10 -10.58 80.13
N ARG L 175 66.76 -11.72 80.22
CA ARG L 175 67.23 -12.45 79.08
C ARG L 175 66.12 -13.23 78.39
N GLU L 176 64.93 -13.32 78.99
CA GLU L 176 63.83 -14.00 78.33
C GLU L 176 63.45 -13.28 77.06
N ILE L 177 62.62 -13.95 76.28
CA ILE L 177 62.36 -13.58 74.89
C ILE L 177 61.09 -12.76 74.82
N ASN L 178 61.21 -11.59 74.19
CA ASN L 178 60.08 -10.75 73.85
C ASN L 178 60.15 -10.46 72.37
N LEU L 179 59.01 -10.43 71.71
CA LEU L 179 58.92 -10.08 70.31
C LEU L 179 58.48 -8.62 70.18
N HIS L 180 58.11 -8.24 68.97
CA HIS L 180 57.56 -6.94 68.68
C HIS L 180 56.18 -7.11 68.07
N GLY L 181 55.45 -6.02 68.01
CA GLY L 181 54.08 -6.04 67.58
C GLY L 181 53.12 -6.27 68.73
N SER L 182 51.87 -6.44 68.35
CA SER L 182 50.79 -6.55 69.32
C SER L 182 49.61 -7.23 68.65
N VAL L 183 48.65 -7.65 69.47
CA VAL L 183 47.43 -8.23 68.96
C VAL L 183 46.43 -8.31 70.11
N THR L 184 45.15 -8.28 69.76
CA THR L 184 44.08 -8.60 70.69
C THR L 184 43.12 -9.57 70.02
N TRP L 185 42.97 -10.74 70.63
CA TRP L 185 42.04 -11.77 70.17
C TRP L 185 40.60 -11.29 70.31
N GLU L 186 39.69 -12.10 69.79
CA GLU L 186 38.27 -12.00 70.07
C GLU L 186 37.77 -13.39 70.42
N GLU L 187 36.46 -13.60 70.47
CA GLU L 187 35.88 -14.77 71.10
C GLU L 187 36.24 -16.06 70.37
N ASN L 188 35.80 -16.19 69.12
CA ASN L 188 36.03 -17.40 68.34
C ASN L 188 37.28 -17.32 67.48
N GLU L 189 37.98 -16.20 67.47
CA GLU L 189 39.06 -16.01 66.53
C GLU L 189 40.32 -16.70 67.03
N THR L 190 41.34 -16.68 66.17
CA THR L 190 42.51 -17.51 66.33
C THR L 190 43.75 -16.71 65.96
N VAL L 191 44.84 -17.04 66.64
CA VAL L 191 46.18 -16.65 66.24
C VAL L 191 46.91 -17.94 65.95
N GLU L 192 47.90 -17.88 65.07
CA GLU L 192 48.67 -19.04 64.70
C GLU L 192 50.15 -18.72 64.79
N VAL L 193 50.90 -19.69 65.30
CA VAL L 193 52.35 -19.68 65.20
C VAL L 193 52.71 -20.31 63.87
N LEU L 194 53.46 -19.57 63.05
CA LEU L 194 53.85 -19.97 61.70
C LEU L 194 55.36 -20.00 61.58
N LEU L 195 55.83 -20.83 60.65
CA LEU L 195 57.24 -21.13 60.51
C LEU L 195 57.56 -21.56 59.08
N ASP L 196 58.73 -21.15 58.62
CA ASP L 196 59.35 -21.69 57.40
C ASP L 196 60.69 -22.28 57.80
N ALA L 197 61.01 -23.45 57.26
CA ALA L 197 62.25 -24.13 57.60
C ALA L 197 62.40 -25.34 56.69
N PRO L 198 63.59 -25.95 56.69
CA PRO L 198 63.72 -27.25 56.02
C PRO L 198 62.96 -28.36 56.70
N GLN L 199 63.23 -28.55 57.98
CA GLN L 199 62.95 -29.82 58.62
C GLN L 199 61.56 -29.84 59.23
N ALA L 200 61.03 -31.05 59.34
CA ALA L 200 59.74 -31.27 59.99
C ALA L 200 59.95 -31.44 61.48
N ILE L 201 59.10 -30.80 62.26
CA ILE L 201 59.14 -30.89 63.70
C ILE L 201 58.15 -31.95 64.14
N THR L 202 58.32 -32.42 65.37
CA THR L 202 57.63 -33.58 65.88
C THR L 202 56.99 -33.27 67.22
N TRP L 203 55.91 -34.00 67.49
CA TRP L 203 55.27 -34.01 68.78
C TRP L 203 54.73 -35.41 69.04
N GLU L 204 54.39 -35.67 70.30
CA GLU L 204 53.62 -36.85 70.67
C GLU L 204 54.37 -38.15 70.40
N ASP L 205 55.70 -38.08 70.36
CA ASP L 205 56.46 -39.31 70.19
C ASP L 205 56.28 -40.20 71.42
N SER L 206 55.52 -41.27 71.25
CA SER L 206 55.20 -42.15 72.35
C SER L 206 56.45 -42.79 72.95
N ASP L 207 57.48 -42.98 72.14
CA ASP L 207 58.71 -43.60 72.60
C ASP L 207 59.62 -42.62 73.32
N TYR L 208 59.27 -41.36 73.39
CA TYR L 208 60.16 -40.36 73.96
C TYR L 208 60.23 -40.52 75.47
N PRO L 209 61.40 -40.41 76.09
CA PRO L 209 61.52 -40.78 77.50
C PRO L 209 61.20 -39.69 78.52
N GLU L 210 61.51 -38.43 78.22
CA GLU L 210 61.46 -37.38 79.24
C GLU L 210 60.10 -36.72 79.34
N GLY L 211 59.06 -37.34 78.84
CA GLY L 211 57.73 -36.82 79.02
C GLY L 211 56.84 -37.25 77.87
N GLN L 212 55.75 -36.51 77.76
CA GLN L 212 54.75 -36.75 76.74
C GLN L 212 54.82 -35.78 75.58
N TYR L 213 55.63 -34.73 75.68
CA TYR L 213 55.77 -33.73 74.63
C TYR L 213 57.24 -33.40 74.47
N VAL L 214 57.68 -33.39 73.21
CA VAL L 214 59.10 -33.30 72.90
C VAL L 214 59.52 -31.84 72.72
N SER L 215 58.63 -31.03 72.16
CA SER L 215 58.85 -29.60 71.99
C SER L 215 57.76 -28.85 72.72
N THR L 216 57.97 -27.54 72.86
CA THR L 216 57.09 -26.74 73.69
C THR L 216 57.07 -25.29 73.22
N PHE L 217 55.88 -24.72 73.29
CA PHE L 217 55.63 -23.30 73.04
C PHE L 217 54.84 -22.80 74.23
N GLU L 218 55.34 -21.74 74.84
CA GLU L 218 54.70 -21.13 76.00
C GLU L 218 54.75 -19.62 75.83
N GLN L 219 53.75 -18.95 76.38
CA GLN L 219 53.67 -17.49 76.21
C GLN L 219 52.87 -16.90 77.34
N ASP L 220 53.53 -16.09 78.17
CA ASP L 220 52.83 -15.36 79.20
C ASP L 220 52.06 -14.21 78.55
N VAL L 221 50.79 -14.08 78.90
CA VAL L 221 49.91 -13.12 78.26
C VAL L 221 48.96 -12.52 79.30
N GLU L 222 48.34 -11.42 78.91
CA GLU L 222 47.31 -10.76 79.72
C GLU L 222 45.95 -11.17 79.21
N ILE L 223 45.04 -11.42 80.15
CA ILE L 223 43.69 -11.88 79.86
C ILE L 223 42.71 -10.82 80.30
N THR L 224 41.58 -10.75 79.60
CA THR L 224 40.41 -10.01 80.04
C THR L 224 39.45 -11.02 80.65
N LEU L 225 39.59 -11.22 81.96
CA LEU L 225 38.68 -12.04 82.76
C LEU L 225 38.69 -13.52 82.37
N GLY M 1 39.12 -8.40 65.93
CA GLY M 1 40.50 -8.81 66.13
C GLY M 1 41.47 -7.69 65.84
N ASN M 2 41.82 -6.93 66.87
CA ASN M 2 42.70 -5.80 66.71
C ASN M 2 44.16 -6.24 66.73
N ILE M 3 45.01 -5.40 66.16
CA ILE M 3 46.39 -5.71 65.90
C ILE M 3 47.34 -4.66 66.46
N GLY M 4 46.89 -3.41 66.53
CA GLY M 4 47.69 -2.31 67.02
C GLY M 4 48.42 -1.60 65.90
N ASN M 5 48.01 -0.37 65.64
CA ASN M 5 48.76 0.46 64.72
C ASN M 5 50.10 0.80 65.34
N LEU M 6 51.08 0.99 64.47
CA LEU M 6 52.47 1.10 64.87
C LEU M 6 53.06 2.39 64.34
N SER M 7 54.18 2.77 64.93
CA SER M 7 54.98 3.82 64.33
C SER M 7 55.62 3.30 63.06
N ALA M 8 56.13 4.24 62.28
CA ALA M 8 57.07 3.86 61.23
C ALA M 8 58.34 3.28 61.81
N GLU M 9 58.69 3.65 63.04
CA GLU M 9 59.96 3.29 63.65
C GLU M 9 59.90 1.85 64.16
N LYS M 10 60.28 0.93 63.28
CA LYS M 10 60.39 -0.47 63.64
C LYS M 10 61.73 -0.73 64.28
N GLN M 11 61.70 -1.24 65.50
CA GLN M 11 62.89 -1.58 66.28
C GLN M 11 63.19 -3.05 66.06
N ILE M 12 64.30 -3.35 65.38
CA ILE M 12 64.68 -4.74 65.09
C ILE M 12 66.17 -4.92 65.30
N SER M 13 66.64 -6.11 64.95
CA SER M 13 68.04 -6.48 64.95
C SER M 13 68.49 -6.76 63.53
N VAL M 14 69.80 -6.94 63.37
CA VAL M 14 70.41 -7.10 62.06
C VAL M 14 71.42 -8.24 62.12
N TYR M 15 71.45 -9.05 61.07
CA TYR M 15 72.26 -10.26 61.02
C TYR M 15 72.46 -10.64 59.57
N ASP M 16 73.22 -11.72 59.36
CA ASP M 16 73.71 -12.06 58.02
C ASP M 16 72.58 -12.52 57.12
N GLY M 17 71.64 -13.29 57.65
CA GLY M 17 70.65 -13.96 56.84
C GLY M 17 69.57 -13.08 56.23
N GLN M 18 69.64 -11.76 56.45
CA GLN M 18 68.62 -10.85 55.97
C GLN M 18 68.91 -10.39 54.55
N PRO M 19 67.88 -10.05 53.74
CA PRO M 19 68.10 -9.66 52.34
C PRO M 19 68.39 -8.18 52.16
N PHE M 20 69.29 -7.64 52.97
CA PHE M 20 69.93 -6.37 52.68
C PHE M 20 71.41 -6.41 53.07
N VAL M 21 71.95 -7.61 53.26
CA VAL M 21 73.35 -7.82 53.62
C VAL M 21 73.81 -9.08 52.92
N ASP M 22 75.09 -9.11 52.55
CA ASP M 22 75.69 -10.26 51.89
C ASP M 22 77.02 -10.59 52.55
N GLU M 23 77.23 -11.89 52.72
CA GLU M 23 78.42 -12.44 53.34
C GLU M 23 79.50 -12.67 52.28
N GLN M 24 80.67 -13.09 52.74
CA GLN M 24 81.77 -13.44 51.86
C GLN M 24 82.84 -14.14 52.67
N ASP M 25 83.38 -15.23 52.12
CA ASP M 25 84.49 -15.92 52.74
C ASP M 25 85.77 -15.11 52.58
N VAL M 26 86.76 -15.42 53.42
CA VAL M 26 88.04 -14.70 53.43
C VAL M 26 89.17 -15.68 53.69
N PRO M 27 90.38 -15.41 53.15
CA PRO M 27 91.55 -16.16 53.59
C PRO M 27 92.12 -15.70 54.91
N ALA M 28 93.29 -16.22 55.24
CA ALA M 28 93.93 -16.01 56.51
C ALA M 28 94.66 -14.67 56.65
N ASP M 29 94.92 -13.95 55.55
CA ASP M 29 95.86 -12.82 55.57
C ASP M 29 95.36 -11.65 54.74
N ASP M 30 94.13 -11.23 55.00
CA ASP M 30 93.50 -10.12 54.27
C ASP M 30 92.76 -9.20 55.23
N PRO M 31 93.22 -7.97 55.45
CA PRO M 31 92.37 -6.95 56.09
C PRO M 31 91.50 -6.14 55.15
N ASN M 32 91.40 -6.55 53.88
CA ASN M 32 90.74 -5.76 52.86
C ASN M 32 89.49 -6.40 52.28
N THR M 33 89.22 -7.66 52.59
CA THR M 33 88.07 -8.32 52.02
C THR M 33 86.79 -7.83 52.68
N PRO M 34 85.78 -7.39 51.91
CA PRO M 34 84.47 -7.17 52.56
C PRO M 34 83.77 -8.49 52.83
N ALA M 35 84.06 -9.05 54.00
CA ALA M 35 83.38 -10.25 54.48
C ALA M 35 81.88 -10.02 54.47
N LEU M 36 81.45 -8.87 54.98
CA LEU M 36 80.05 -8.49 55.03
C LEU M 36 79.88 -7.12 54.41
N THR M 37 78.88 -7.02 53.55
CA THR M 37 78.53 -5.79 52.83
C THR M 37 77.03 -5.55 53.03
N ILE M 38 76.68 -4.31 53.40
CA ILE M 38 75.42 -4.01 54.07
C ILE M 38 74.83 -2.80 53.39
N GLU M 39 73.76 -3.00 52.60
CA GLU M 39 73.31 -2.01 51.64
C GLU M 39 71.96 -1.44 52.05
N GLY M 40 71.70 -0.21 51.63
CA GLY M 40 70.41 0.41 51.81
C GLY M 40 69.30 -0.35 51.09
N PRO M 41 68.16 -0.59 51.76
CA PRO M 41 67.14 -1.48 51.19
C PRO M 41 66.17 -0.82 50.23
N ASP M 42 66.48 0.36 49.70
CA ASP M 42 65.75 0.96 48.60
C ASP M 42 64.30 1.31 48.98
N GLY M 43 64.20 2.30 49.86
CA GLY M 43 62.95 2.99 50.10
C GLY M 43 62.73 3.29 51.55
N TYR M 44 63.25 2.44 52.41
CA TYR M 44 63.27 2.68 53.84
C TYR M 44 64.58 3.36 54.21
N VAL M 45 64.61 3.82 55.46
CA VAL M 45 65.75 4.51 56.03
C VAL M 45 66.01 3.88 57.39
N ILE M 46 67.29 3.74 57.73
CA ILE M 46 67.70 3.03 58.95
C ILE M 46 68.50 3.99 59.82
N ALA M 47 68.33 3.83 61.12
CA ALA M 47 68.97 4.66 62.13
C ALA M 47 69.59 3.75 63.18
N VAL M 48 70.88 3.97 63.41
CA VAL M 48 71.68 3.20 64.36
C VAL M 48 72.29 4.22 65.32
N ASP M 49 71.67 4.37 66.48
CA ASP M 49 72.28 5.20 67.51
C ASP M 49 73.53 4.52 68.04
N ALA M 50 74.35 5.30 68.71
CA ALA M 50 75.54 4.74 69.33
C ALA M 50 75.16 3.81 70.48
N GLY M 51 76.09 2.93 70.83
CA GLY M 51 75.86 2.01 71.92
C GLY M 51 74.93 0.89 71.50
N THR M 52 75.29 0.22 70.41
CA THR M 52 74.56 -0.91 69.88
C THR M 52 75.44 -2.14 69.87
N PRO M 53 75.00 -3.29 70.38
CA PRO M 53 75.90 -4.46 70.45
C PRO M 53 76.06 -5.16 69.11
N ILE M 54 77.10 -5.99 69.08
CA ILE M 54 77.43 -6.81 67.94
C ILE M 54 77.96 -8.13 68.48
N ALA M 55 77.67 -9.20 67.75
CA ALA M 55 78.21 -10.54 68.06
C ALA M 55 78.70 -11.14 66.75
N PRO M 56 80.01 -11.00 66.42
CA PRO M 56 80.63 -11.65 65.26
C PRO M 56 81.13 -13.05 65.58
N GLU M 57 80.21 -14.02 65.50
CA GLU M 57 80.57 -15.40 65.78
C GLU M 57 81.38 -15.92 64.60
N PHE M 58 82.69 -15.68 64.67
CA PHE M 58 83.61 -15.91 63.56
C PHE M 58 84.56 -17.06 63.93
N ARG M 59 84.29 -18.23 63.41
CA ARG M 59 85.20 -19.36 63.46
C ARG M 59 85.86 -19.54 62.10
N ASP M 60 86.74 -20.54 62.02
CA ASP M 60 87.33 -20.97 60.77
C ASP M 60 86.41 -21.99 60.11
N SER M 61 86.89 -22.65 59.06
CA SER M 61 86.11 -23.70 58.41
C SER M 61 86.05 -24.99 59.22
N ASN M 62 86.78 -25.08 60.33
CA ASN M 62 86.70 -26.20 61.25
C ASN M 62 85.83 -25.92 62.47
N GLY M 63 85.37 -24.69 62.64
CA GLY M 63 84.52 -24.33 63.75
C GLY M 63 85.23 -23.90 65.01
N ASN M 64 86.49 -23.49 64.90
CA ASN M 64 87.31 -23.14 66.05
C ASN M 64 87.50 -21.64 66.14
N LYS M 65 87.80 -21.17 67.35
CA LYS M 65 88.07 -19.76 67.55
C LYS M 65 89.49 -19.44 67.08
N LEU M 66 89.75 -18.16 66.93
CA LEU M 66 90.81 -17.67 66.07
C LEU M 66 92.02 -17.19 66.86
N ASP M 67 92.95 -16.57 66.16
CA ASP M 67 94.19 -16.13 66.77
C ASP M 67 93.90 -14.94 67.69
N PRO M 68 94.55 -14.85 68.85
CA PRO M 68 94.32 -13.68 69.71
C PRO M 68 94.64 -12.34 69.08
N SER M 69 95.79 -12.19 68.43
CA SER M 69 96.28 -10.87 68.06
C SER M 69 95.51 -10.21 66.91
N THR M 70 94.49 -10.88 66.36
CA THR M 70 93.71 -10.32 65.27
C THR M 70 92.93 -9.10 65.73
N ARG M 71 92.31 -8.44 64.76
CA ARG M 71 91.44 -7.30 65.00
C ARG M 71 90.32 -7.28 63.97
N VAL M 72 89.32 -6.46 64.24
CA VAL M 72 88.13 -6.33 63.41
C VAL M 72 87.83 -4.86 63.26
N ILE M 73 87.26 -4.49 62.11
CA ILE M 73 86.84 -3.11 61.86
C ILE M 73 85.54 -3.16 61.06
N VAL M 74 84.67 -2.17 61.33
CA VAL M 74 83.46 -1.91 60.56
C VAL M 74 83.55 -0.48 60.07
N GLN M 75 82.99 -0.22 58.89
CA GLN M 75 83.17 1.10 58.30
C GLN M 75 82.17 1.40 57.18
N LYS M 76 81.55 2.56 57.27
CA LYS M 76 80.65 3.03 56.22
C LYS M 76 81.41 3.19 54.91
N CYS M 77 80.66 3.25 53.83
CA CYS M 77 81.19 3.43 52.49
C CYS M 77 80.26 4.37 51.75
N ASP M 78 80.64 4.72 50.52
CA ASP M 78 79.84 5.58 49.68
C ASP M 78 78.91 4.71 48.85
N ARG M 79 78.20 5.31 47.92
CA ARG M 79 77.27 4.60 47.08
C ARG M 79 77.94 3.87 45.94
N GLN M 80 79.27 3.77 45.89
CA GLN M 80 79.98 3.16 44.79
C GLN M 80 81.01 2.13 45.25
N GLY M 81 81.00 1.73 46.52
CA GLY M 81 81.79 0.61 46.98
C GLY M 81 83.18 0.96 47.44
N ASN M 82 83.32 1.92 48.35
CA ASN M 82 84.62 2.44 48.76
C ASN M 82 84.45 3.01 50.17
N PRO M 83 85.10 2.46 51.20
CA PRO M 83 84.95 3.01 52.55
C PRO M 83 85.30 4.49 52.67
N LEU M 84 84.78 5.11 53.73
CA LEU M 84 84.88 6.55 53.95
C LEU M 84 85.92 6.96 54.98
N GLY M 85 86.53 6.00 55.68
CA GLY M 85 87.40 6.34 56.77
C GLY M 85 86.61 6.67 58.02
N ASP M 86 85.97 7.82 58.03
CA ASP M 86 85.17 8.20 59.18
C ASP M 86 83.95 7.30 59.25
N GLY M 87 83.23 7.36 60.36
CA GLY M 87 82.12 6.46 60.60
C GLY M 87 82.50 5.08 61.06
N ILE M 88 83.80 4.80 61.23
CA ILE M 88 84.20 3.58 61.89
C ILE M 88 83.62 3.60 63.30
N VAL M 89 83.27 2.43 63.80
CA VAL M 89 82.51 2.27 65.02
C VAL M 89 83.22 1.37 66.02
N PHE M 90 84.30 0.70 65.61
CA PHE M 90 84.86 -0.32 66.48
C PHE M 90 86.22 -0.75 65.97
N ASN M 91 87.18 -0.83 66.89
CA ASN M 91 88.50 -1.37 66.57
C ASN M 91 89.22 -1.73 67.85
N ASP M 92 89.45 -3.01 68.06
CA ASP M 92 90.41 -3.48 69.06
C ASP M 92 90.63 -4.97 68.81
N THR M 93 91.35 -5.61 69.74
CA THR M 93 91.73 -7.00 69.58
C THR M 93 90.52 -7.92 69.70
N LEU M 94 90.76 -9.18 69.39
CA LEU M 94 89.86 -10.26 69.76
C LEU M 94 90.00 -10.66 71.23
N GLY M 95 91.07 -10.24 71.89
CA GLY M 95 91.42 -10.73 73.20
C GLY M 95 90.40 -10.52 74.31
N ARG M 96 89.44 -9.64 74.09
CA ARG M 96 88.40 -9.37 75.08
C ARG M 96 87.21 -10.33 74.94
N PHE M 97 86.86 -10.67 73.70
CA PHE M 97 85.58 -11.30 73.44
C PHE M 97 85.58 -12.73 73.96
N ASP M 98 84.39 -13.23 74.25
CA ASP M 98 84.20 -14.60 74.69
C ASP M 98 82.86 -15.09 74.16
N TYR M 99 82.90 -15.72 72.99
CA TYR M 99 81.75 -16.17 72.24
C TYR M 99 80.75 -16.98 73.05
N GLU M 100 81.21 -17.66 74.09
CA GLU M 100 80.33 -18.51 74.87
C GLU M 100 79.30 -17.69 75.62
N GLN M 101 79.58 -16.42 75.87
CA GLN M 101 78.68 -15.56 76.62
C GLN M 101 78.63 -14.12 76.15
N MET M 102 79.33 -13.77 75.06
CA MET M 102 79.59 -12.37 74.78
C MET M 102 78.34 -11.60 74.35
N ARG M 103 77.32 -12.28 73.82
CA ARG M 103 76.03 -11.64 73.59
C ARG M 103 75.09 -11.80 74.79
N THR M 104 75.56 -12.43 75.87
CA THR M 104 74.75 -12.68 77.04
C THR M 104 75.05 -11.72 78.17
N ASP M 105 76.30 -11.62 78.62
CA ASP M 105 76.63 -10.78 79.76
C ASP M 105 76.75 -9.33 79.32
N PRO M 106 76.08 -8.38 79.98
CA PRO M 106 76.42 -6.97 79.75
C PRO M 106 77.88 -6.64 79.99
N ASP M 107 78.44 -7.06 81.12
CA ASP M 107 79.78 -6.65 81.50
C ASP M 107 80.84 -7.16 80.54
N PHE M 108 80.53 -8.17 79.73
CA PHE M 108 81.37 -8.60 78.63
C PHE M 108 80.88 -8.10 77.28
N MET M 109 79.61 -7.74 77.17
CA MET M 109 79.07 -7.22 75.93
C MET M 109 79.80 -5.95 75.52
N ARG M 110 79.97 -5.77 74.21
CA ARG M 110 80.55 -4.57 73.63
C ARG M 110 79.63 -4.01 72.57
N LYS M 111 79.69 -2.68 72.43
CA LYS M 111 78.70 -1.96 71.65
C LYS M 111 79.40 -0.88 70.82
N THR M 112 78.58 -0.19 70.03
CA THR M 112 79.07 0.90 69.19
C THR M 112 79.62 2.04 70.04
N ALA M 113 80.68 2.65 69.53
CA ALA M 113 81.28 3.81 70.17
C ALA M 113 80.69 5.12 69.68
N LYS M 114 80.03 5.15 68.53
CA LYS M 114 79.52 6.38 67.94
C LYS M 114 78.26 6.06 67.16
N SER M 115 77.63 7.11 66.64
CA SER M 115 76.32 7.02 66.03
C SER M 115 76.41 6.68 64.56
N LEU M 116 75.25 6.61 63.91
CA LEU M 116 75.19 6.26 62.50
C LEU M 116 73.78 6.49 61.98
N MET M 117 73.69 6.98 60.75
CA MET M 117 72.46 7.01 59.98
C MET M 117 72.74 6.39 58.62
N ILE M 118 71.67 5.87 58.00
CA ILE M 118 71.76 5.14 56.74
C ILE M 118 70.60 5.58 55.87
N ASP M 119 70.90 5.98 54.63
CA ASP M 119 69.86 6.38 53.68
C ASP M 119 69.45 5.14 52.88
N GLU M 120 68.80 5.36 51.74
CA GLU M 120 68.30 4.27 50.94
C GLU M 120 69.38 3.61 50.09
N ARG M 121 70.55 4.25 49.97
CA ARG M 121 71.63 3.76 49.13
C ARG M 121 72.97 3.71 49.82
N GLU M 122 73.08 4.11 51.09
CA GLU M 122 74.36 4.03 51.75
C GLU M 122 74.70 2.59 52.11
N ILE M 123 76.00 2.36 52.30
CA ILE M 123 76.55 1.03 52.50
C ILE M 123 77.50 1.05 53.68
N VAL M 124 77.62 -0.11 54.32
CA VAL M 124 78.67 -0.38 55.28
C VAL M 124 79.38 -1.68 54.89
N LYS M 125 80.63 -1.80 55.31
CA LYS M 125 81.44 -3.00 55.09
C LYS M 125 82.12 -3.37 56.39
N VAL M 126 82.58 -4.63 56.43
CA VAL M 126 83.30 -5.16 57.59
C VAL M 126 84.58 -5.86 57.12
N PHE M 127 85.64 -5.76 57.93
CA PHE M 127 86.98 -6.23 57.55
C PHE M 127 87.71 -6.78 58.77
N VAL M 128 88.75 -7.59 58.49
CA VAL M 128 89.30 -8.55 59.44
C VAL M 128 90.82 -8.61 59.31
N ASP M 129 91.55 -8.14 60.32
CA ASP M 129 93.00 -8.08 60.31
C ASP M 129 93.51 -9.32 61.03
N ILE M 130 94.35 -10.09 60.35
CA ILE M 130 94.89 -11.34 60.87
C ILE M 130 96.36 -11.44 60.46
N PRO M 131 97.28 -11.91 61.34
CA PRO M 131 98.64 -12.25 60.91
C PRO M 131 98.78 -13.63 60.27
N ALA M 132 100.03 -14.09 60.08
CA ALA M 132 100.34 -15.27 59.27
C ALA M 132 99.62 -16.53 59.70
N GLY M 133 99.85 -16.99 60.93
CA GLY M 133 99.57 -18.35 61.32
C GLY M 133 98.14 -18.72 61.64
N ALA M 134 97.16 -18.23 60.87
CA ALA M 134 95.75 -18.60 61.05
C ALA M 134 95.28 -19.43 59.86
N ASN M 135 94.26 -20.23 60.11
CA ASN M 135 93.67 -21.11 59.12
C ASN M 135 92.42 -20.49 58.51
N GLY M 136 92.55 -19.30 57.96
CA GLY M 136 91.49 -18.69 57.19
C GLY M 136 90.22 -18.37 57.95
N TYR M 137 89.17 -18.06 57.21
CA TYR M 137 87.87 -17.67 57.74
C TYR M 137 86.82 -18.48 57.00
N ASP M 138 85.63 -18.61 57.62
CA ASP M 138 84.52 -19.33 57.01
C ASP M 138 83.23 -18.60 57.37
N ALA M 139 82.65 -17.91 56.39
CA ALA M 139 81.44 -17.15 56.62
C ALA M 139 80.27 -18.05 56.99
N ASP M 140 80.15 -19.19 56.31
CA ASP M 140 78.94 -19.99 56.43
C ASP M 140 78.84 -20.65 57.79
N LYS M 141 79.96 -21.13 58.30
CA LYS M 141 80.01 -21.60 59.69
C LYS M 141 79.90 -20.46 60.69
N SER M 142 80.09 -19.23 60.25
CA SER M 142 80.13 -18.05 61.10
C SER M 142 78.86 -17.26 60.89
N ARG M 143 78.72 -16.18 61.64
CA ARG M 143 77.59 -15.28 61.46
C ARG M 143 77.85 -13.98 62.21
N LEU M 144 76.94 -13.03 62.00
CA LEU M 144 76.90 -11.79 62.75
C LEU M 144 75.48 -11.55 63.26
N THR M 145 75.41 -10.97 64.45
CA THR M 145 74.20 -10.33 64.94
C THR M 145 74.55 -8.90 65.28
N LEU M 146 73.61 -7.98 65.02
CA LEU M 146 73.78 -6.56 65.31
C LEU M 146 72.58 -6.09 66.11
N GLY M 147 72.85 -5.54 67.29
CA GLY M 147 71.80 -5.05 68.14
C GLY M 147 71.06 -6.19 68.80
N ASP M 148 70.08 -5.84 69.63
CA ASP M 148 69.14 -6.80 70.15
C ASP M 148 67.76 -6.17 70.12
N ASP M 149 66.76 -7.03 69.97
CA ASP M 149 65.38 -6.61 69.85
C ASP M 149 64.42 -7.44 70.69
N THR M 150 64.93 -8.40 71.45
CA THR M 150 64.11 -9.24 72.32
C THR M 150 64.52 -9.15 73.77
N SER M 151 65.78 -8.87 74.04
CA SER M 151 66.18 -8.58 75.40
C SER M 151 65.58 -7.27 75.82
N ASP M 152 65.62 -7.04 77.12
CA ASP M 152 65.44 -5.71 77.68
C ASP M 152 66.77 -4.99 77.81
N PHE M 153 67.81 -5.49 77.14
CA PHE M 153 69.18 -5.08 77.33
C PHE M 153 69.74 -4.60 76.00
N GLY M 154 70.80 -3.82 76.09
CA GLY M 154 71.38 -3.26 74.89
C GLY M 154 70.40 -2.34 74.18
N LYS M 155 70.38 -2.45 72.85
CA LYS M 155 69.51 -1.62 72.04
C LYS M 155 69.16 -2.35 70.76
N ALA M 156 68.14 -1.83 70.10
CA ALA M 156 67.71 -2.27 68.78
C ALA M 156 68.09 -1.19 67.76
N VAL M 157 67.60 -1.36 66.53
CA VAL M 157 67.89 -0.47 65.42
C VAL M 157 66.58 -0.07 64.78
N GLU M 158 66.49 1.21 64.41
CA GLU M 158 65.24 1.78 63.94
C GLU M 158 65.21 1.77 62.42
N ILE M 159 64.06 1.41 61.86
CA ILE M 159 63.84 1.52 60.42
C ILE M 159 62.52 2.25 60.21
N VAL M 160 62.45 3.03 59.14
CA VAL M 160 61.29 3.86 58.86
C VAL M 160 61.05 3.90 57.37
N ASP M 161 59.80 4.15 56.99
CA ASP M 161 59.47 4.62 55.66
C ASP M 161 59.72 6.13 55.62
N HIS M 162 59.24 6.78 54.56
CA HIS M 162 59.51 8.19 54.35
C HIS M 162 58.43 9.04 54.99
N ASP M 163 58.79 9.73 56.07
CA ASP M 163 58.07 10.87 56.57
C ASP M 163 58.72 12.13 56.00
N GLU M 164 57.92 13.17 55.80
CA GLU M 164 58.32 14.28 54.94
C GLU M 164 59.49 15.05 55.53
N LEU M 165 59.26 15.70 56.67
CA LEU M 165 60.30 16.50 57.29
C LEU M 165 61.44 15.62 57.78
N SER M 166 61.12 14.37 58.14
CA SER M 166 62.15 13.43 58.57
C SER M 166 63.15 13.18 57.45
N ASP M 167 62.65 12.96 56.24
CA ASP M 167 63.55 12.76 55.10
C ASP M 167 64.27 14.05 54.75
N ALA M 168 63.56 15.18 54.86
CA ALA M 168 64.16 16.49 54.56
C ALA M 168 65.37 16.76 55.45
N GLU M 169 65.26 16.40 56.72
CA GLU M 169 66.38 16.62 57.64
C GLU M 169 67.40 15.49 57.55
N THR M 170 66.96 14.28 57.22
CA THR M 170 67.86 13.15 57.13
C THR M 170 68.78 13.24 55.93
N ARG M 171 68.41 14.02 54.91
CA ARG M 171 69.29 14.23 53.77
C ARG M 171 70.38 15.29 54.04
N ALA M 172 70.69 15.60 55.29
CA ALA M 172 71.77 16.51 55.66
C ALA M 172 73.16 15.89 55.50
N VAL M 173 73.28 14.64 55.09
CA VAL M 173 74.59 14.00 54.96
C VAL M 173 75.32 14.50 53.71
N GLY N 1 -100.51 -9.57 64.26
CA GLY N 1 -101.27 -9.41 63.03
C GLY N 1 -100.80 -8.20 62.24
N ASN N 2 -99.49 -8.08 62.09
CA ASN N 2 -98.86 -6.99 61.36
C ASN N 2 -97.97 -7.55 60.26
N ILE N 3 -97.77 -6.74 59.23
CA ILE N 3 -96.98 -7.12 58.07
C ILE N 3 -95.85 -6.15 57.75
N GLY N 4 -95.97 -4.88 58.14
CA GLY N 4 -95.02 -3.87 57.72
C GLY N 4 -95.53 -3.15 56.50
N ASN N 5 -95.70 -1.84 56.62
CA ASN N 5 -96.21 -1.04 55.53
C ASN N 5 -95.14 -0.85 54.48
N LEU N 6 -95.56 -0.87 53.22
CA LEU N 6 -94.67 -0.83 52.08
C LEU N 6 -94.79 0.49 51.35
N SER N 7 -93.72 0.84 50.65
CA SER N 7 -93.77 1.88 49.65
C SER N 7 -94.31 1.29 48.35
N ALA N 8 -94.71 2.18 47.46
CA ALA N 8 -95.25 1.74 46.18
C ALA N 8 -94.21 1.03 45.33
N GLU N 9 -92.94 1.32 45.55
CA GLU N 9 -91.87 0.78 44.71
C GLU N 9 -91.64 -0.67 45.11
N LYS N 10 -92.20 -1.58 44.32
CA LYS N 10 -92.00 -3.00 44.51
C LYS N 10 -90.88 -3.49 43.60
N GLN N 11 -89.82 -4.02 44.21
CA GLN N 11 -88.69 -4.61 43.51
C GLN N 11 -89.00 -6.08 43.25
N ILE N 12 -89.16 -6.44 41.98
CA ILE N 12 -89.45 -7.83 41.62
C ILE N 12 -88.61 -8.25 40.42
N SER N 13 -88.91 -9.44 39.89
CA SER N 13 -88.36 -9.94 38.65
C SER N 13 -89.52 -10.33 37.75
N VAL N 14 -89.17 -10.89 36.60
CA VAL N 14 -90.13 -11.22 35.56
C VAL N 14 -89.82 -12.61 35.02
N TYR N 15 -90.89 -13.34 34.70
CA TYR N 15 -90.78 -14.65 34.10
C TYR N 15 -92.02 -14.88 33.24
N ASP N 16 -91.91 -15.88 32.37
CA ASP N 16 -92.91 -16.09 31.33
C ASP N 16 -94.30 -16.36 31.87
N GLY N 17 -94.39 -17.00 33.03
CA GLY N 17 -95.66 -17.43 33.57
C GLY N 17 -96.53 -16.37 34.20
N GLN N 18 -96.12 -15.15 34.16
CA GLN N 18 -96.87 -14.09 34.82
C GLN N 18 -97.99 -13.57 33.93
N PRO N 19 -99.04 -12.99 34.50
CA PRO N 19 -100.21 -12.62 33.68
C PRO N 19 -100.09 -11.23 33.07
N PHE N 20 -98.92 -10.90 32.54
CA PHE N 20 -98.75 -9.74 31.67
C PHE N 20 -97.78 -10.03 30.53
N VAL N 21 -97.52 -11.30 30.27
CA VAL N 21 -96.61 -11.74 29.23
C VAL N 21 -97.19 -12.98 28.59
N ASP N 22 -96.94 -13.13 27.29
CA ASP N 22 -97.35 -14.29 26.53
C ASP N 22 -96.19 -14.80 25.70
N GLU N 23 -96.21 -16.10 25.47
CA GLU N 23 -95.20 -16.81 24.70
C GLU N 23 -95.77 -17.19 23.35
N GLN N 24 -94.89 -17.71 22.49
CA GLN N 24 -95.29 -18.19 21.19
C GLN N 24 -94.17 -19.01 20.59
N ASP N 25 -94.52 -20.08 19.89
CA ASP N 25 -93.53 -20.87 19.18
C ASP N 25 -92.98 -20.07 18.01
N VAL N 26 -91.81 -20.49 17.54
CA VAL N 26 -91.03 -19.74 16.56
C VAL N 26 -90.39 -20.66 15.54
N PRO N 27 -90.51 -20.41 14.23
CA PRO N 27 -89.70 -21.14 13.25
C PRO N 27 -88.33 -20.52 13.06
N ALA N 28 -87.63 -21.03 12.05
CA ALA N 28 -86.22 -20.70 11.87
C ALA N 28 -86.04 -19.26 11.39
N ASP N 29 -86.50 -18.99 10.18
CA ASP N 29 -86.13 -17.78 9.44
C ASP N 29 -87.22 -16.72 9.54
N ASP N 30 -87.86 -16.60 10.69
CA ASP N 30 -88.86 -15.58 10.96
C ASP N 30 -88.30 -14.66 12.04
N PRO N 31 -87.36 -13.77 11.71
CA PRO N 31 -86.76 -12.92 12.72
C PRO N 31 -87.63 -11.76 13.18
N ASN N 32 -88.84 -11.63 12.67
CA ASN N 32 -89.69 -10.47 12.86
C ASN N 32 -90.96 -10.79 13.63
N THR N 33 -91.08 -12.00 14.18
CA THR N 33 -92.21 -12.38 15.01
C THR N 33 -91.85 -12.23 16.47
N PRO N 34 -92.75 -11.73 17.32
CA PRO N 34 -92.44 -11.81 18.75
C PRO N 34 -92.48 -13.24 19.29
N ALA N 35 -91.33 -13.67 19.78
CA ALA N 35 -91.29 -14.86 20.60
C ALA N 35 -92.11 -14.64 21.86
N LEU N 36 -91.75 -13.58 22.57
CA LEU N 36 -92.46 -13.14 23.76
C LEU N 36 -93.13 -11.81 23.50
N THR N 37 -94.16 -11.54 24.27
CA THR N 37 -94.91 -10.30 24.19
C THR N 37 -95.25 -9.91 25.60
N ILE N 38 -94.60 -8.87 26.12
CA ILE N 38 -94.96 -8.28 27.40
C ILE N 38 -95.79 -7.06 27.12
N GLU N 39 -96.86 -6.88 27.90
CA GLU N 39 -97.71 -5.71 27.78
C GLU N 39 -97.80 -5.06 29.15
N GLY N 40 -98.20 -3.79 29.14
CA GLY N 40 -98.46 -3.09 30.37
C GLY N 40 -99.50 -3.81 31.20
N PRO N 41 -99.41 -3.72 32.52
CA PRO N 41 -100.27 -4.54 33.37
C PRO N 41 -101.63 -3.92 33.67
N ASP N 42 -102.03 -2.93 32.88
CA ASP N 42 -103.34 -2.30 33.00
C ASP N 42 -103.47 -1.57 34.34
N GLY N 43 -102.55 -0.64 34.55
CA GLY N 43 -102.65 0.31 35.66
C GLY N 43 -101.35 0.59 36.37
N TYR N 44 -100.49 -0.42 36.51
CA TYR N 44 -99.21 -0.24 37.17
C TYR N 44 -98.15 0.16 36.17
N VAL N 45 -97.13 0.86 36.66
CA VAL N 45 -96.02 1.35 35.85
C VAL N 45 -94.77 0.57 36.23
N ILE N 46 -94.04 0.15 35.20
CA ILE N 46 -92.78 -0.58 35.34
C ILE N 46 -91.63 0.37 35.05
N ALA N 47 -90.54 0.19 35.81
CA ALA N 47 -89.28 0.87 35.55
C ALA N 47 -88.17 -0.16 35.62
N VAL N 48 -87.48 -0.34 34.49
CA VAL N 48 -86.32 -1.21 34.39
C VAL N 48 -85.10 -0.32 34.29
N ASP N 49 -84.36 -0.20 35.39
CA ASP N 49 -83.10 0.51 35.37
C ASP N 49 -82.09 -0.29 34.57
N ALA N 50 -81.15 0.43 33.95
CA ALA N 50 -80.12 -0.23 33.19
C ALA N 50 -79.23 -1.06 34.11
N GLY N 51 -78.38 -1.87 33.49
CA GLY N 51 -77.48 -2.71 34.25
C GLY N 51 -78.16 -3.91 34.85
N THR N 52 -79.15 -4.45 34.15
CA THR N 52 -80.08 -5.43 34.64
C THR N 52 -79.83 -6.79 34.00
N PRO N 53 -79.84 -7.89 34.76
CA PRO N 53 -79.46 -9.17 34.18
C PRO N 53 -80.54 -9.75 33.28
N ILE N 54 -80.15 -10.80 32.56
CA ILE N 54 -81.06 -11.57 31.72
C ILE N 54 -80.62 -13.02 31.78
N ALA N 55 -81.59 -13.91 31.71
CA ALA N 55 -81.34 -15.35 31.57
C ALA N 55 -82.36 -15.88 30.57
N PRO N 56 -82.03 -15.85 29.27
CA PRO N 56 -82.96 -16.36 28.24
C PRO N 56 -82.74 -17.83 27.92
N GLU N 57 -83.19 -18.71 28.82
CA GLU N 57 -82.89 -20.13 28.66
C GLU N 57 -83.79 -20.65 27.54
N PHE N 58 -83.33 -20.46 26.32
CA PHE N 58 -84.07 -20.80 25.12
C PHE N 58 -83.60 -22.15 24.61
N ARG N 59 -84.56 -23.03 24.32
CA ARG N 59 -84.28 -24.40 23.94
C ARG N 59 -85.26 -24.84 22.86
N ASP N 60 -85.04 -26.02 22.32
CA ASP N 60 -85.80 -26.55 21.20
C ASP N 60 -86.87 -27.51 21.70
N SER N 61 -87.54 -28.17 20.74
CA SER N 61 -88.57 -29.14 21.08
C SER N 61 -88.00 -30.30 21.86
N ASN N 62 -86.80 -30.74 21.51
CA ASN N 62 -86.10 -31.78 22.23
C ASN N 62 -85.39 -31.25 23.47
N GLY N 63 -85.57 -29.97 23.80
CA GLY N 63 -84.92 -29.40 24.97
C GLY N 63 -83.45 -29.10 24.79
N ASN N 64 -82.88 -29.41 23.63
CA ASN N 64 -81.48 -29.08 23.38
C ASN N 64 -81.32 -27.57 23.29
N LYS N 65 -80.13 -27.12 23.65
CA LYS N 65 -79.79 -25.73 23.43
C LYS N 65 -79.72 -25.43 21.94
N LEU N 66 -79.75 -24.15 21.63
CA LEU N 66 -79.90 -23.68 20.26
C LEU N 66 -78.56 -23.26 19.68
N ASP N 67 -78.62 -22.71 18.48
CA ASP N 67 -77.42 -22.27 17.82
C ASP N 67 -76.92 -21.00 18.49
N PRO N 68 -75.66 -20.93 18.91
CA PRO N 68 -75.15 -19.67 19.47
C PRO N 68 -75.05 -18.55 18.46
N SER N 69 -75.12 -18.87 17.17
CA SER N 69 -75.07 -17.84 16.13
C SER N 69 -76.34 -17.02 16.02
N THR N 70 -77.35 -17.30 16.85
CA THR N 70 -78.57 -16.50 16.91
C THR N 70 -78.25 -15.04 17.14
N ARG N 71 -79.11 -14.16 16.62
CA ARG N 71 -79.15 -12.76 17.03
C ARG N 71 -80.42 -12.59 17.86
N VAL N 72 -80.24 -12.47 19.17
CA VAL N 72 -81.33 -12.26 20.11
C VAL N 72 -81.41 -10.78 20.43
N ILE N 73 -82.63 -10.24 20.41
CA ILE N 73 -82.85 -8.83 20.67
C ILE N 73 -84.09 -8.69 21.54
N VAL N 74 -84.00 -7.81 22.51
CA VAL N 74 -85.15 -7.29 23.22
C VAL N 74 -85.40 -5.89 22.69
N GLN N 75 -86.65 -5.49 22.65
CA GLN N 75 -86.95 -4.19 22.09
C GLN N 75 -88.30 -3.69 22.57
N LYS N 76 -88.48 -2.38 22.48
CA LYS N 76 -89.71 -1.71 22.81
C LYS N 76 -90.55 -1.52 21.56
N CYS N 77 -91.86 -1.39 21.76
CA CYS N 77 -92.79 -1.03 20.69
C CYS N 77 -93.71 0.06 21.21
N ASP N 78 -94.50 0.61 20.29
CA ASP N 78 -95.58 1.52 20.64
C ASP N 78 -96.79 0.66 21.02
N ARG N 79 -97.92 1.28 21.29
CA ARG N 79 -99.13 0.51 21.60
C ARG N 79 -99.61 -0.32 20.41
N GLN N 80 -99.18 0.00 19.20
CA GLN N 80 -99.54 -0.74 18.00
C GLN N 80 -98.84 -2.08 17.88
N GLY N 81 -97.81 -2.32 18.70
CA GLY N 81 -96.97 -3.48 18.51
C GLY N 81 -95.87 -3.30 17.48
N ASN N 82 -95.85 -2.20 16.77
CA ASN N 82 -94.76 -1.94 15.85
C ASN N 82 -93.54 -1.47 16.64
N PRO N 83 -92.34 -2.05 16.43
CA PRO N 83 -91.19 -1.57 17.18
C PRO N 83 -90.84 -0.13 16.84
N LEU N 84 -90.28 0.55 17.84
CA LEU N 84 -89.88 1.93 17.67
C LEU N 84 -88.56 2.08 16.93
N GLY N 85 -87.86 0.98 16.65
CA GLY N 85 -86.56 1.06 16.04
C GLY N 85 -85.52 1.48 17.04
N ASP N 86 -85.62 2.71 17.50
CA ASP N 86 -84.78 3.21 18.58
C ASP N 86 -85.19 2.57 19.89
N GLY N 87 -84.54 3.00 20.96
CA GLY N 87 -84.90 2.53 22.28
C GLY N 87 -84.64 1.07 22.52
N ILE N 88 -83.70 0.48 21.78
CA ILE N 88 -83.33 -0.90 22.05
C ILE N 88 -82.66 -0.96 23.42
N VAL N 89 -82.87 -2.09 24.10
CA VAL N 89 -82.30 -2.36 25.40
C VAL N 89 -81.19 -3.41 25.33
N PHE N 90 -81.32 -4.35 24.42
CA PHE N 90 -80.47 -5.53 24.40
C PHE N 90 -80.47 -6.13 23.01
N ASN N 91 -79.27 -6.42 22.51
CA ASN N 91 -79.08 -6.88 21.14
C ASN N 91 -77.84 -7.74 21.17
N ASP N 92 -78.02 -9.05 21.14
CA ASP N 92 -76.95 -9.95 21.53
C ASP N 92 -77.19 -11.32 20.92
N THR N 93 -76.25 -12.22 21.16
CA THR N 93 -76.32 -13.60 20.74
C THR N 93 -76.60 -14.48 21.95
N LEU N 94 -76.68 -15.78 21.69
CA LEU N 94 -76.82 -16.76 22.74
C LEU N 94 -75.48 -17.27 23.21
N GLY N 95 -74.49 -17.23 22.33
CA GLY N 95 -73.17 -17.72 22.70
C GLY N 95 -72.54 -16.91 23.80
N ARG N 96 -72.90 -15.64 23.89
CA ARG N 96 -72.40 -14.82 24.97
C ARG N 96 -72.92 -15.24 26.34
N PHE N 97 -73.96 -16.09 26.38
CA PHE N 97 -74.52 -16.65 27.60
C PHE N 97 -73.91 -18.00 27.91
N ASP N 98 -74.15 -18.47 29.13
CA ASP N 98 -73.81 -19.82 29.54
C ASP N 98 -74.99 -20.34 30.36
N TYR N 99 -75.76 -21.22 29.74
CA TYR N 99 -77.00 -21.70 30.34
C TYR N 99 -76.78 -22.42 31.66
N GLU N 100 -75.56 -22.93 31.89
CA GLU N 100 -75.30 -23.65 33.12
C GLU N 100 -75.42 -22.74 34.32
N GLN N 101 -74.86 -21.53 34.22
CA GLN N 101 -74.73 -20.65 35.37
C GLN N 101 -74.91 -19.19 35.00
N MET N 102 -75.60 -18.87 33.90
CA MET N 102 -75.77 -17.48 33.50
C MET N 102 -76.52 -16.67 34.55
N ARG N 103 -77.44 -17.30 35.28
CA ARG N 103 -78.21 -16.63 36.31
C ARG N 103 -77.64 -16.85 37.70
N THR N 104 -76.39 -17.30 37.80
CA THR N 104 -75.77 -17.64 39.07
C THR N 104 -74.65 -16.68 39.44
N ASP N 105 -73.63 -16.61 38.64
CA ASP N 105 -72.44 -15.85 38.97
C ASP N 105 -72.59 -14.42 38.49
N PRO N 106 -72.20 -13.41 39.26
CA PRO N 106 -72.12 -12.07 38.68
C PRO N 106 -71.12 -12.01 37.54
N ASP N 107 -70.04 -12.78 37.64
CA ASP N 107 -69.01 -12.77 36.62
C ASP N 107 -69.51 -13.23 35.27
N PHE N 108 -70.58 -14.04 35.24
CA PHE N 108 -71.10 -14.62 34.02
C PHE N 108 -72.44 -14.02 33.60
N MET N 109 -72.98 -13.08 34.37
CA MET N 109 -74.23 -12.45 34.02
C MET N 109 -74.08 -11.63 32.74
N ARG N 110 -75.21 -11.21 32.22
CA ARG N 110 -75.27 -10.27 31.11
C ARG N 110 -76.27 -9.19 31.43
N LYS N 111 -75.77 -7.97 31.60
CA LYS N 111 -76.57 -6.86 32.04
C LYS N 111 -77.16 -6.12 30.86
N THR N 112 -78.21 -5.36 31.13
CA THR N 112 -78.78 -4.49 30.12
C THR N 112 -77.77 -3.44 29.67
N ALA N 113 -78.10 -2.82 28.55
CA ALA N 113 -77.35 -1.69 28.02
C ALA N 113 -78.03 -0.36 28.29
N LYS N 114 -79.29 -0.35 28.69
CA LYS N 114 -80.03 0.89 28.87
C LYS N 114 -81.18 0.65 29.83
N SER N 115 -81.73 1.74 30.32
CA SER N 115 -82.88 1.71 31.20
C SER N 115 -84.14 1.67 30.34
N LEU N 116 -85.29 1.70 30.99
CA LEU N 116 -86.54 1.58 30.29
C LEU N 116 -87.67 1.91 31.23
N MET N 117 -88.77 2.39 30.66
CA MET N 117 -89.98 2.71 31.39
C MET N 117 -91.18 2.25 30.58
N ILE N 118 -92.21 1.79 31.28
CA ILE N 118 -93.42 1.25 30.67
C ILE N 118 -94.62 1.97 31.24
N ASP N 119 -95.60 2.26 30.39
CA ASP N 119 -96.88 2.82 30.82
C ASP N 119 -97.87 1.66 31.02
N GLU N 120 -99.16 1.97 31.14
CA GLU N 120 -100.16 0.95 31.37
C GLU N 120 -100.44 0.08 30.15
N ARG N 121 -99.90 0.44 28.99
CA ARG N 121 -100.18 -0.26 27.74
C ARG N 121 -98.96 -0.54 26.90
N GLU N 122 -97.78 -0.04 27.26
CA GLU N 122 -96.63 -0.18 26.37
C GLU N 122 -96.20 -1.63 26.29
N ILE N 123 -95.45 -1.93 25.22
CA ILE N 123 -95.23 -3.28 24.76
C ILE N 123 -93.73 -3.51 24.61
N VAL N 124 -93.30 -4.71 25.00
CA VAL N 124 -91.94 -5.17 24.81
C VAL N 124 -91.99 -6.50 24.07
N LYS N 125 -91.06 -6.64 23.14
CA LYS N 125 -90.97 -7.81 22.28
C LYS N 125 -89.56 -8.35 22.32
N VAL N 126 -89.45 -9.59 21.88
CA VAL N 126 -88.20 -10.33 21.86
C VAL N 126 -88.07 -10.95 20.48
N PHE N 127 -87.21 -10.36 19.67
CA PHE N 127 -86.96 -10.84 18.32
C PHE N 127 -85.77 -11.78 18.33
N VAL N 128 -85.87 -12.80 17.47
CA VAL N 128 -84.94 -13.93 17.49
C VAL N 128 -84.62 -14.28 16.05
N ASP N 129 -83.38 -14.01 15.63
CA ASP N 129 -82.92 -14.27 14.27
C ASP N 129 -82.11 -15.56 14.28
N ILE N 130 -82.67 -16.61 13.67
CA ILE N 130 -82.14 -17.96 13.71
C ILE N 130 -81.99 -18.43 12.26
N PRO N 131 -81.01 -19.30 11.94
CA PRO N 131 -80.95 -19.87 10.57
C PRO N 131 -81.76 -21.13 10.39
N ALA N 132 -81.75 -21.65 9.16
CA ALA N 132 -82.58 -22.81 8.80
C ALA N 132 -82.12 -24.06 9.52
N GLY N 133 -80.84 -24.14 9.88
CA GLY N 133 -80.31 -25.37 10.42
C GLY N 133 -80.89 -25.76 11.76
N ALA N 134 -81.48 -24.81 12.47
CA ALA N 134 -81.87 -25.04 13.85
C ALA N 134 -83.16 -25.84 13.94
N ASN N 135 -83.39 -26.40 15.12
CA ASN N 135 -84.63 -27.10 15.43
C ASN N 135 -85.59 -26.15 16.16
N GLY N 136 -85.78 -24.98 15.57
CA GLY N 136 -86.82 -24.07 15.99
C GLY N 136 -86.76 -23.57 17.41
N TYR N 137 -87.84 -23.80 18.16
CA TYR N 137 -88.07 -23.20 19.46
C TYR N 137 -89.24 -23.90 20.10
N ASP N 138 -89.30 -23.88 21.44
CA ASP N 138 -90.40 -24.48 22.19
C ASP N 138 -90.59 -23.73 23.48
N ALA N 139 -91.74 -23.05 23.61
CA ALA N 139 -92.05 -22.31 24.83
C ALA N 139 -92.18 -23.21 26.04
N ASP N 140 -92.45 -24.50 25.85
CA ASP N 140 -92.70 -25.39 26.97
C ASP N 140 -91.46 -25.55 27.82
N LYS N 141 -90.39 -26.08 27.23
CA LYS N 141 -89.16 -26.28 27.97
C LYS N 141 -88.37 -25.00 28.14
N SER N 142 -88.56 -24.03 27.26
CA SER N 142 -87.79 -22.80 27.28
C SER N 142 -88.46 -21.78 28.19
N ARG N 143 -87.67 -20.82 28.64
CA ARG N 143 -88.20 -19.76 29.47
C ARG N 143 -87.20 -18.61 29.51
N LEU N 144 -87.53 -17.61 30.30
CA LEU N 144 -86.76 -16.38 30.34
C LEU N 144 -86.86 -15.81 31.74
N THR N 145 -85.84 -15.06 32.10
CA THR N 145 -85.77 -14.40 33.40
C THR N 145 -85.13 -13.05 33.23
N LEU N 146 -85.68 -12.07 33.94
CA LEU N 146 -85.25 -10.69 33.84
C LEU N 146 -85.21 -10.09 35.23
N GLY N 147 -84.02 -9.73 35.68
CA GLY N 147 -83.83 -9.14 36.99
C GLY N 147 -83.79 -10.15 38.11
N ASP N 148 -83.11 -9.76 39.18
CA ASP N 148 -83.04 -10.53 40.42
C ASP N 148 -83.67 -9.70 41.53
N ASP N 149 -84.57 -10.31 42.28
CA ASP N 149 -85.21 -9.70 43.43
C ASP N 149 -84.87 -10.44 44.71
N THR N 150 -83.70 -11.04 44.74
CA THR N 150 -83.29 -11.99 45.78
C THR N 150 -81.98 -11.62 46.41
N SER N 151 -81.06 -11.06 45.64
CA SER N 151 -79.67 -10.87 46.05
C SER N 151 -79.39 -9.42 46.34
N ASP N 152 -78.29 -9.19 47.04
CA ASP N 152 -77.66 -7.89 47.04
C ASP N 152 -77.05 -7.55 45.70
N PHE N 153 -76.68 -8.56 44.92
CA PHE N 153 -76.14 -8.35 43.59
C PHE N 153 -77.27 -8.29 42.58
N GLY N 154 -76.92 -7.89 41.38
CA GLY N 154 -77.93 -7.70 40.38
C GLY N 154 -78.87 -6.57 40.76
N LYS N 155 -79.98 -6.53 40.05
CA LYS N 155 -81.03 -5.54 40.30
C LYS N 155 -82.37 -6.20 40.08
N ALA N 156 -83.39 -5.51 40.55
CA ALA N 156 -84.79 -5.87 40.32
C ALA N 156 -85.47 -4.73 39.59
N VAL N 157 -86.64 -5.03 39.08
CA VAL N 157 -87.46 -4.10 38.34
C VAL N 157 -88.45 -3.47 39.30
N GLU N 158 -88.66 -2.16 39.16
CA GLU N 158 -89.56 -1.44 40.04
C GLU N 158 -90.95 -1.44 39.42
N ILE N 159 -91.95 -1.67 40.25
CA ILE N 159 -93.34 -1.52 39.87
C ILE N 159 -93.99 -0.57 40.86
N VAL N 160 -94.89 0.26 40.34
CA VAL N 160 -95.58 1.26 41.16
C VAL N 160 -97.02 1.41 40.68
N ASP N 161 -97.84 1.92 41.58
CA ASP N 161 -99.19 2.38 41.26
C ASP N 161 -99.10 3.76 40.62
N HIS N 162 -100.24 4.43 40.48
CA HIS N 162 -100.28 5.77 39.94
C HIS N 162 -100.21 6.78 41.07
N ASP N 163 -99.17 7.63 41.02
CA ASP N 163 -99.00 8.76 41.92
C ASP N 163 -98.84 10.01 41.05
N GLU N 164 -99.55 11.07 41.42
CA GLU N 164 -99.99 12.09 40.47
C GLU N 164 -98.82 12.76 39.74
N LEU N 165 -97.89 13.36 40.49
CA LEU N 165 -96.80 14.12 39.87
C LEU N 165 -95.93 13.24 38.97
N SER N 166 -95.59 12.05 39.46
CA SER N 166 -94.73 11.17 38.67
C SER N 166 -95.44 10.70 37.41
N ASP N 167 -96.73 10.37 37.51
CA ASP N 167 -97.46 9.96 36.31
C ASP N 167 -97.57 11.11 35.32
N ALA N 168 -97.79 12.33 35.82
CA ALA N 168 -97.93 13.47 34.93
C ALA N 168 -96.63 13.77 34.22
N GLU N 169 -95.50 13.67 34.92
CA GLU N 169 -94.22 13.90 34.29
C GLU N 169 -93.82 12.75 33.38
N THR N 170 -94.31 11.53 33.67
CA THR N 170 -93.93 10.37 32.90
C THR N 170 -94.75 10.24 31.62
N ARG N 171 -95.95 10.80 31.59
CA ARG N 171 -96.78 10.70 30.39
C ARG N 171 -96.27 11.53 29.21
N ALA N 172 -95.19 12.30 29.37
CA ALA N 172 -94.61 13.07 28.29
C ALA N 172 -93.49 12.33 27.56
N VAL N 173 -93.65 11.03 27.37
CA VAL N 173 -92.66 10.21 26.68
C VAL N 173 -92.49 10.69 25.24
N GLY O 1 -64.28 9.59 6.65
CA GLY O 1 -63.37 8.48 6.41
C GLY O 1 -62.07 8.65 7.14
N ASN O 2 -62.15 8.81 8.45
CA ASN O 2 -61.01 9.02 9.31
C ASN O 2 -60.76 7.79 10.17
N ILE O 3 -59.52 7.69 10.66
CA ILE O 3 -59.08 6.54 11.45
C ILE O 3 -58.92 6.88 12.92
N GLY O 4 -58.43 8.06 13.27
CA GLY O 4 -58.08 8.40 14.62
C GLY O 4 -56.62 8.76 14.73
N ASN O 5 -56.35 10.01 15.08
CA ASN O 5 -54.98 10.45 15.28
C ASN O 5 -54.44 9.79 16.54
N LEU O 6 -53.48 8.91 16.37
CA LEU O 6 -52.99 8.07 17.44
C LEU O 6 -51.78 8.70 18.11
N SER O 7 -51.65 8.42 19.39
CA SER O 7 -50.39 8.67 20.07
C SER O 7 -49.32 7.74 19.53
N ALA O 8 -48.07 8.15 19.68
CA ALA O 8 -46.98 7.24 19.36
C ALA O 8 -46.95 6.04 20.30
N GLU O 9 -47.49 6.18 21.50
CA GLU O 9 -47.38 5.14 22.52
C GLU O 9 -48.37 4.04 22.18
N LYS O 10 -47.91 3.08 21.38
CA LYS O 10 -48.73 1.94 21.03
C LYS O 10 -48.72 0.91 22.14
N GLN O 11 -49.90 0.51 22.55
CA GLN O 11 -50.11 -0.40 23.67
C GLN O 11 -50.37 -1.78 23.09
N ILE O 12 -49.39 -2.69 23.19
CA ILE O 12 -49.51 -4.04 22.60
C ILE O 12 -49.02 -5.08 23.60
N SER O 13 -48.91 -6.31 23.11
CA SER O 13 -48.30 -7.41 23.83
C SER O 13 -47.40 -8.17 22.86
N VAL O 14 -46.63 -9.10 23.43
CA VAL O 14 -45.57 -9.81 22.72
C VAL O 14 -45.96 -11.26 22.59
N TYR O 15 -45.62 -11.85 21.45
CA TYR O 15 -45.76 -13.28 21.24
C TYR O 15 -44.50 -13.82 20.58
N ASP O 16 -44.28 -15.11 20.77
CA ASP O 16 -43.02 -15.73 20.39
C ASP O 16 -42.79 -15.68 18.89
N GLY O 17 -43.85 -15.71 18.10
CA GLY O 17 -43.72 -15.80 16.66
C GLY O 17 -43.54 -14.47 15.98
N GLN O 18 -42.66 -13.59 16.53
CA GLN O 18 -42.44 -12.25 16.03
C GLN O 18 -41.02 -12.08 15.52
N PRO O 19 -40.79 -11.17 14.56
CA PRO O 19 -39.45 -11.01 14.00
C PRO O 19 -38.58 -10.03 14.78
N PHE O 20 -38.65 -10.10 16.09
CA PHE O 20 -37.63 -9.51 16.96
C PHE O 20 -37.36 -10.40 18.17
N VAL O 21 -37.78 -11.67 18.09
CA VAL O 21 -37.62 -12.63 19.16
C VAL O 21 -37.29 -13.96 18.52
N ASP O 22 -36.43 -14.73 19.20
CA ASP O 22 -36.05 -16.05 18.75
C ASP O 22 -36.25 -17.06 19.86
N GLU O 23 -36.68 -18.25 19.47
CA GLU O 23 -36.81 -19.39 20.36
C GLU O 23 -35.59 -20.29 20.23
N GLN O 24 -35.44 -21.16 21.21
CA GLN O 24 -34.31 -22.07 21.24
C GLN O 24 -34.60 -23.18 22.22
N ASP O 25 -34.69 -24.41 21.74
CA ASP O 25 -34.88 -25.53 22.62
C ASP O 25 -33.68 -25.68 23.54
N VAL O 26 -33.88 -26.41 24.63
CA VAL O 26 -32.97 -26.45 25.76
C VAL O 26 -32.61 -27.88 26.12
N PRO O 27 -31.42 -28.14 26.67
CA PRO O 27 -31.18 -29.45 27.28
C PRO O 27 -31.89 -29.62 28.61
N ALA O 28 -31.52 -30.69 29.30
CA ALA O 28 -32.13 -31.00 30.59
C ALA O 28 -31.91 -29.88 31.60
N ASP O 29 -30.65 -29.64 31.98
CA ASP O 29 -30.32 -28.85 33.17
C ASP O 29 -29.23 -27.83 32.85
N ASP O 30 -29.37 -27.16 31.72
CA ASP O 30 -28.45 -26.11 31.30
C ASP O 30 -29.12 -24.76 31.47
N PRO O 31 -29.12 -24.19 32.67
CA PRO O 31 -29.89 -22.96 32.90
C PRO O 31 -29.37 -21.76 32.14
N ASN O 32 -28.08 -21.63 32.01
CA ASN O 32 -27.51 -20.46 31.37
C ASN O 32 -27.70 -20.44 29.89
N THR O 33 -28.33 -21.45 29.29
CA THR O 33 -28.69 -21.38 27.89
C THR O 33 -30.06 -20.73 27.76
N PRO O 34 -30.26 -19.75 26.89
CA PRO O 34 -31.53 -19.01 26.91
C PRO O 34 -32.64 -19.76 26.21
N ALA O 35 -33.82 -19.75 26.82
CA ALA O 35 -35.00 -20.23 26.14
C ALA O 35 -35.34 -19.32 24.98
N LEU O 36 -35.59 -18.06 25.30
CA LEU O 36 -35.93 -17.04 24.35
C LEU O 36 -34.86 -15.98 24.30
N THR O 37 -34.94 -15.16 23.26
CA THR O 37 -33.99 -14.09 23.05
C THR O 37 -34.76 -12.98 22.36
N ILE O 38 -35.14 -11.95 23.11
CA ILE O 38 -35.77 -10.76 22.55
C ILE O 38 -34.68 -9.75 22.30
N GLU O 39 -34.71 -9.13 21.13
CA GLU O 39 -33.79 -8.06 20.79
C GLU O 39 -34.61 -6.89 20.30
N GLY O 40 -34.02 -5.71 20.40
CA GLY O 40 -34.70 -4.54 19.91
C GLY O 40 -34.90 -4.62 18.41
N PRO O 41 -35.98 -4.02 17.89
CA PRO O 41 -36.30 -4.18 16.46
C PRO O 41 -35.57 -3.21 15.55
N ASP O 42 -34.50 -2.58 16.05
CA ASP O 42 -33.67 -1.71 15.23
C ASP O 42 -34.44 -0.46 14.80
N GLY O 43 -34.85 0.33 15.78
CA GLY O 43 -35.33 1.68 15.54
C GLY O 43 -36.42 2.12 16.48
N TYR O 44 -37.13 1.18 17.10
CA TYR O 44 -38.19 1.47 18.03
C TYR O 44 -37.66 1.38 19.46
N VAL O 45 -38.51 1.75 20.41
CA VAL O 45 -38.23 1.73 21.83
C VAL O 45 -39.45 1.15 22.52
N ILE O 46 -39.20 0.32 23.55
CA ILE O 46 -40.25 -0.39 24.26
C ILE O 46 -40.14 -0.04 25.73
N ALA O 47 -41.29 -0.03 26.40
CA ALA O 47 -41.38 0.12 27.84
C ALA O 47 -42.39 -0.87 28.37
N VAL O 48 -41.94 -1.70 29.30
CA VAL O 48 -42.80 -2.57 30.09
C VAL O 48 -42.86 -1.97 31.48
N ASP O 49 -44.01 -1.43 31.83
CA ASP O 49 -44.21 -0.91 33.17
C ASP O 49 -44.46 -2.06 34.14
N ALA O 50 -44.57 -1.70 35.41
CA ALA O 50 -44.89 -2.69 36.43
C ALA O 50 -46.33 -3.17 36.27
N GLY O 51 -46.71 -4.12 37.12
CA GLY O 51 -48.02 -4.71 37.03
C GLY O 51 -48.26 -5.48 35.76
N THR O 52 -47.21 -5.88 35.08
CA THR O 52 -47.31 -6.46 33.76
C THR O 52 -47.34 -7.98 33.85
N PRO O 53 -48.33 -8.67 33.26
CA PRO O 53 -48.44 -10.12 33.45
C PRO O 53 -47.64 -10.95 32.45
N ILE O 54 -47.71 -12.27 32.63
CA ILE O 54 -47.01 -13.24 31.80
C ILE O 54 -47.94 -14.42 31.58
N ALA O 55 -47.83 -15.03 30.41
CA ALA O 55 -48.47 -16.31 30.11
C ALA O 55 -47.42 -17.17 29.44
N PRO O 56 -46.53 -17.80 30.22
CA PRO O 56 -45.46 -18.60 29.63
C PRO O 56 -45.85 -20.06 29.39
N GLU O 57 -46.50 -20.34 28.27
CA GLU O 57 -47.05 -21.67 28.05
C GLU O 57 -45.91 -22.59 27.63
N PHE O 58 -45.23 -23.13 28.63
CA PHE O 58 -44.12 -24.05 28.44
C PHE O 58 -44.59 -25.49 28.62
N ARG O 59 -44.23 -26.34 27.67
CA ARG O 59 -44.54 -27.76 27.72
C ARG O 59 -43.35 -28.53 27.18
N ASP O 60 -43.40 -29.85 27.34
CA ASP O 60 -42.29 -30.70 26.92
C ASP O 60 -42.40 -31.00 25.43
N SER O 61 -41.58 -31.93 24.96
CA SER O 61 -41.68 -32.40 23.59
C SER O 61 -42.80 -33.40 23.41
N ASN O 62 -43.25 -34.04 24.48
CA ASN O 62 -44.36 -34.98 24.45
C ASN O 62 -45.68 -34.33 24.86
N GLY O 63 -45.74 -33.00 24.95
CA GLY O 63 -46.99 -32.30 25.15
C GLY O 63 -47.34 -32.05 26.60
N ASN O 64 -46.75 -32.79 27.52
CA ASN O 64 -47.04 -32.59 28.93
C ASN O 64 -46.39 -31.30 29.41
N LYS O 65 -46.86 -30.85 30.58
CA LYS O 65 -46.28 -29.70 31.22
C LYS O 65 -44.96 -30.08 31.88
N LEU O 66 -44.17 -29.06 32.18
CA LEU O 66 -42.86 -29.27 32.76
C LEU O 66 -42.99 -29.53 34.25
N ASP O 67 -41.84 -29.66 34.89
CA ASP O 67 -41.81 -29.81 36.33
C ASP O 67 -42.23 -28.50 36.97
N PRO O 68 -43.15 -28.50 37.93
CA PRO O 68 -43.55 -27.24 38.55
C PRO O 68 -42.46 -26.62 39.40
N SER O 69 -41.46 -27.40 39.81
CA SER O 69 -40.35 -26.87 40.59
C SER O 69 -39.38 -26.06 39.75
N THR O 70 -39.50 -26.10 38.44
CA THR O 70 -38.62 -25.36 37.56
C THR O 70 -38.71 -23.87 37.86
N ARG O 71 -37.55 -23.22 37.88
CA ARG O 71 -37.46 -21.79 38.07
C ARG O 71 -37.38 -21.11 36.73
N VAL O 72 -38.10 -20.00 36.60
CA VAL O 72 -38.03 -19.12 35.45
C VAL O 72 -37.49 -17.80 35.92
N ILE O 73 -36.63 -17.20 35.11
CA ILE O 73 -36.16 -15.83 35.32
C ILE O 73 -36.25 -15.12 34.00
N VAL O 74 -36.72 -13.91 34.04
CA VAL O 74 -36.59 -12.96 32.95
C VAL O 74 -35.61 -11.90 33.39
N GLN O 75 -34.77 -11.46 32.47
CA GLN O 75 -33.87 -10.36 32.81
C GLN O 75 -33.37 -9.64 31.58
N LYS O 76 -33.23 -8.35 31.75
CA LYS O 76 -32.52 -7.50 30.81
C LYS O 76 -31.06 -7.93 30.75
N CYS O 77 -30.44 -7.64 29.62
CA CYS O 77 -29.03 -7.86 29.40
C CYS O 77 -28.44 -6.61 28.81
N ASP O 78 -27.15 -6.66 28.51
CA ASP O 78 -26.52 -5.62 27.74
C ASP O 78 -26.81 -5.81 26.26
N ARG O 79 -26.34 -4.87 25.44
CA ARG O 79 -26.33 -5.07 24.01
C ARG O 79 -25.46 -6.25 23.59
N GLN O 80 -24.52 -6.66 24.43
CA GLN O 80 -23.64 -7.78 24.15
C GLN O 80 -24.30 -9.13 24.40
N GLY O 81 -25.48 -9.15 25.01
CA GLY O 81 -26.14 -10.38 25.36
C GLY O 81 -25.78 -10.94 26.72
N ASN O 82 -24.86 -10.30 27.43
CA ASN O 82 -24.47 -10.81 28.73
C ASN O 82 -25.49 -10.39 29.78
N PRO O 83 -25.88 -11.26 30.72
CA PRO O 83 -26.81 -10.84 31.76
C PRO O 83 -26.28 -9.69 32.60
N LEU O 84 -27.13 -8.70 32.81
CA LEU O 84 -26.81 -7.61 33.70
C LEU O 84 -26.78 -8.03 35.16
N GLY O 85 -27.42 -9.14 35.51
CA GLY O 85 -27.54 -9.54 36.90
C GLY O 85 -28.62 -8.76 37.60
N ASP O 86 -28.41 -7.45 37.74
CA ASP O 86 -29.43 -6.54 38.20
C ASP O 86 -30.41 -6.30 37.06
N GLY O 87 -31.56 -5.70 37.40
CA GLY O 87 -32.57 -5.42 36.43
C GLY O 87 -33.54 -6.56 36.18
N ILE O 88 -33.71 -7.44 37.16
CA ILE O 88 -34.72 -8.49 37.04
C ILE O 88 -36.11 -7.90 37.19
N VAL O 89 -37.05 -8.50 36.46
CA VAL O 89 -38.47 -8.21 36.59
C VAL O 89 -39.25 -9.36 37.17
N PHE O 90 -38.79 -10.59 37.01
CA PHE O 90 -39.53 -11.77 37.44
C PHE O 90 -38.56 -12.83 37.92
N ASN O 91 -38.98 -13.54 38.95
CA ASN O 91 -38.33 -14.80 39.29
C ASN O 91 -39.33 -15.61 40.10
N ASP O 92 -39.86 -16.64 39.50
CA ASP O 92 -40.78 -17.54 40.19
C ASP O 92 -40.79 -18.85 39.42
N THR O 93 -41.68 -19.74 39.82
CA THR O 93 -41.76 -21.09 39.28
C THR O 93 -42.97 -21.24 38.40
N LEU O 94 -42.92 -22.29 37.59
CA LEU O 94 -44.03 -22.58 36.70
C LEU O 94 -45.25 -23.01 37.49
N GLY O 95 -45.05 -23.70 38.60
CA GLY O 95 -46.16 -24.26 39.35
C GLY O 95 -47.06 -23.20 39.95
N ARG O 96 -46.60 -21.96 40.02
CA ARG O 96 -47.47 -20.87 40.40
C ARG O 96 -48.69 -20.76 39.50
N PHE O 97 -48.54 -21.06 38.23
CA PHE O 97 -49.54 -20.74 37.23
C PHE O 97 -50.50 -21.91 37.04
N ASP O 98 -51.64 -21.60 36.43
CA ASP O 98 -52.59 -22.60 35.96
C ASP O 98 -52.78 -22.32 34.48
N TYR O 99 -52.20 -23.16 33.64
CA TYR O 99 -52.29 -23.03 32.20
C TYR O 99 -53.72 -23.03 31.70
N GLU O 100 -54.64 -23.61 32.46
CA GLU O 100 -56.05 -23.50 32.12
C GLU O 100 -56.49 -22.05 32.16
N GLN O 101 -56.02 -21.29 33.15
CA GLN O 101 -56.53 -19.95 33.38
C GLN O 101 -55.47 -18.97 33.88
N MET O 102 -54.18 -19.21 33.64
CA MET O 102 -53.18 -18.29 34.12
C MET O 102 -53.28 -16.92 33.46
N ARG O 103 -53.68 -16.88 32.19
CA ARG O 103 -53.90 -15.64 31.46
C ARG O 103 -55.35 -15.19 31.51
N THR O 104 -56.23 -15.98 32.08
CA THR O 104 -57.67 -15.76 31.96
C THR O 104 -58.17 -14.79 33.02
N ASP O 105 -58.05 -15.16 34.26
CA ASP O 105 -58.55 -14.39 35.37
C ASP O 105 -57.44 -13.47 35.88
N PRO O 106 -57.72 -12.22 36.24
CA PRO O 106 -56.72 -11.46 37.00
C PRO O 106 -56.34 -12.10 38.30
N ASP O 107 -57.24 -12.89 38.90
CA ASP O 107 -57.00 -13.46 40.21
C ASP O 107 -55.83 -14.41 40.26
N PHE O 108 -55.37 -14.92 39.12
CA PHE O 108 -54.15 -15.70 39.03
C PHE O 108 -53.05 -15.01 38.23
N MET O 109 -53.26 -13.77 37.80
CA MET O 109 -52.24 -13.07 37.03
C MET O 109 -51.02 -12.78 37.89
N ARG O 110 -49.93 -13.51 37.65
CA ARG O 110 -48.65 -13.16 38.23
C ARG O 110 -47.97 -12.17 37.31
N LYS O 111 -47.41 -11.12 37.91
CA LYS O 111 -46.92 -9.97 37.18
C LYS O 111 -45.52 -9.62 37.63
N THR O 112 -44.96 -8.61 36.98
CA THR O 112 -43.61 -8.17 37.26
C THR O 112 -43.56 -7.35 38.54
N ALA O 113 -42.40 -7.39 39.18
CA ALA O 113 -42.09 -6.53 40.31
C ALA O 113 -41.41 -5.24 39.91
N LYS O 114 -41.31 -4.94 38.61
CA LYS O 114 -40.58 -3.78 38.15
C LYS O 114 -41.14 -3.31 36.82
N SER O 115 -40.80 -2.09 36.47
CA SER O 115 -40.94 -1.57 35.12
C SER O 115 -39.68 -1.93 34.34
N LEU O 116 -39.69 -1.63 33.05
CA LEU O 116 -38.55 -1.95 32.22
C LEU O 116 -38.58 -1.11 30.95
N MET O 117 -37.42 -0.98 30.32
CA MET O 117 -37.21 -0.10 29.19
C MET O 117 -36.21 -0.75 28.23
N ILE O 118 -36.40 -0.54 26.93
CA ILE O 118 -35.64 -1.22 25.90
C ILE O 118 -35.36 -0.26 24.75
N ASP O 119 -34.09 -0.15 24.35
CA ASP O 119 -33.69 0.68 23.22
C ASP O 119 -33.65 -0.16 21.94
N GLU O 120 -33.03 0.39 20.90
CA GLU O 120 -32.98 -0.27 19.59
C GLU O 120 -32.18 -1.55 19.63
N ARG O 121 -31.16 -1.61 20.48
CA ARG O 121 -30.23 -2.73 20.53
C ARG O 121 -30.36 -3.57 21.78
N GLU O 122 -31.09 -3.11 22.79
CA GLU O 122 -31.12 -3.82 24.06
C GLU O 122 -31.81 -5.16 23.92
N ILE O 123 -31.51 -6.03 24.88
CA ILE O 123 -31.80 -7.45 24.79
C ILE O 123 -32.41 -7.91 26.10
N VAL O 124 -33.35 -8.84 25.99
CA VAL O 124 -33.93 -9.53 27.12
C VAL O 124 -33.78 -11.03 26.90
N LYS O 125 -33.49 -11.73 28.00
CA LYS O 125 -33.38 -13.17 27.98
C LYS O 125 -34.28 -13.76 29.04
N VAL O 126 -34.61 -15.03 28.81
CA VAL O 126 -35.59 -15.77 29.59
C VAL O 126 -34.94 -17.11 29.90
N PHE O 127 -34.36 -17.22 31.08
CA PHE O 127 -33.61 -18.39 31.47
C PHE O 127 -34.43 -19.29 32.37
N VAL O 128 -34.11 -20.58 32.30
CA VAL O 128 -34.94 -21.65 32.84
C VAL O 128 -34.06 -22.62 33.61
N ASP O 129 -34.17 -22.59 34.93
CA ASP O 129 -33.39 -23.48 35.80
C ASP O 129 -34.22 -24.72 36.07
N ILE O 130 -33.69 -25.87 35.67
CA ILE O 130 -34.44 -27.12 35.58
C ILE O 130 -33.62 -28.18 36.30
N PRO O 131 -34.21 -29.18 36.91
CA PRO O 131 -33.46 -30.33 37.41
C PRO O 131 -33.13 -31.30 36.28
N ALA O 132 -32.56 -32.45 36.67
CA ALA O 132 -32.02 -33.38 35.71
C ALA O 132 -33.09 -34.08 34.90
N GLY O 133 -34.07 -34.69 35.56
CA GLY O 133 -34.90 -35.68 34.89
C GLY O 133 -36.00 -35.08 34.03
N ALA O 134 -36.01 -33.76 33.86
CA ALA O 134 -37.03 -33.15 33.02
C ALA O 134 -36.83 -33.54 31.56
N ASN O 135 -37.90 -33.39 30.79
CA ASN O 135 -37.89 -33.68 29.36
C ASN O 135 -37.73 -32.37 28.60
N GLY O 136 -36.74 -31.59 29.04
CA GLY O 136 -36.32 -30.40 28.32
C GLY O 136 -37.39 -29.34 28.10
N TYR O 137 -37.37 -28.73 26.93
CA TYR O 137 -38.27 -27.61 26.62
C TYR O 137 -38.41 -27.50 25.11
N ASP O 138 -39.60 -27.82 24.61
CA ASP O 138 -39.87 -27.83 23.18
C ASP O 138 -40.64 -26.56 22.81
N ALA O 139 -39.92 -25.58 22.27
CA ALA O 139 -40.55 -24.33 21.86
C ALA O 139 -41.44 -24.52 20.64
N ASP O 140 -41.24 -25.60 19.89
CA ASP O 140 -42.13 -25.87 18.76
C ASP O 140 -43.54 -26.17 19.23
N LYS O 141 -43.69 -26.65 20.47
CA LYS O 141 -44.99 -26.86 21.09
C LYS O 141 -45.35 -25.80 22.11
N SER O 142 -44.40 -24.96 22.51
CA SER O 142 -44.58 -24.02 23.60
C SER O 142 -44.45 -22.60 23.08
N ARG O 143 -44.89 -21.66 23.90
CA ARG O 143 -44.94 -20.27 23.50
C ARG O 143 -45.02 -19.39 24.73
N LEU O 144 -45.24 -18.11 24.50
CA LEU O 144 -45.29 -17.13 25.55
C LEU O 144 -46.15 -15.97 25.08
N THR O 145 -46.84 -15.35 26.02
CA THR O 145 -47.58 -14.12 25.78
C THR O 145 -47.26 -13.17 26.92
N LEU O 146 -46.48 -12.14 26.63
CA LEU O 146 -46.09 -11.15 27.61
C LEU O 146 -46.99 -9.93 27.49
N GLY O 147 -47.64 -9.58 28.60
CA GLY O 147 -48.55 -8.47 28.61
C GLY O 147 -49.91 -8.85 28.07
N ASP O 148 -50.76 -7.82 27.96
CA ASP O 148 -52.07 -7.97 27.36
C ASP O 148 -52.43 -6.69 26.62
N ASP O 149 -53.19 -6.85 25.54
CA ASP O 149 -53.63 -5.75 24.71
C ASP O 149 -55.13 -5.79 24.44
N THR O 150 -55.85 -6.73 25.04
CA THR O 150 -57.27 -6.91 24.85
C THR O 150 -58.07 -6.69 26.10
N SER O 151 -57.61 -7.26 27.21
CA SER O 151 -58.35 -7.18 28.46
C SER O 151 -58.44 -5.75 28.94
N ASP O 152 -59.59 -5.42 29.50
CA ASP O 152 -59.69 -4.21 30.31
C ASP O 152 -58.94 -4.35 31.63
N PHE O 153 -58.59 -5.59 32.02
CA PHE O 153 -57.68 -5.83 33.12
C PHE O 153 -56.25 -5.71 32.66
N GLY O 154 -55.34 -5.83 33.63
CA GLY O 154 -53.94 -5.88 33.35
C GLY O 154 -53.44 -4.59 32.72
N LYS O 155 -52.37 -4.74 31.95
CA LYS O 155 -51.76 -3.62 31.24
C LYS O 155 -51.21 -4.16 29.93
N ALA O 156 -50.59 -3.27 29.18
CA ALA O 156 -49.95 -3.56 27.92
C ALA O 156 -48.52 -3.07 27.98
N VAL O 157 -47.88 -3.06 26.81
CA VAL O 157 -46.51 -2.63 26.66
C VAL O 157 -46.50 -1.45 25.71
N GLU O 158 -45.82 -0.39 26.10
CA GLU O 158 -45.75 0.82 25.30
C GLU O 158 -44.61 0.66 24.30
N ILE O 159 -44.88 1.05 23.06
CA ILE O 159 -43.86 1.06 22.01
C ILE O 159 -43.95 2.39 21.29
N VAL O 160 -42.79 2.89 20.87
CA VAL O 160 -42.69 4.19 20.21
C VAL O 160 -41.54 4.17 19.23
N ASP O 161 -41.60 5.10 18.29
CA ASP O 161 -40.43 5.50 17.53
C ASP O 161 -39.69 6.55 18.35
N HIS O 162 -38.72 7.21 17.74
CA HIS O 162 -37.92 8.21 18.44
C HIS O 162 -38.69 9.52 18.53
N ASP O 163 -38.99 9.94 19.76
CA ASP O 163 -39.39 11.32 20.06
C ASP O 163 -38.18 11.97 20.72
N GLU O 164 -37.95 13.25 20.39
CA GLU O 164 -36.62 13.86 20.53
C GLU O 164 -36.15 13.93 21.98
N LEU O 165 -36.85 14.70 22.80
CA LEU O 165 -36.37 15.01 24.14
C LEU O 165 -36.53 13.80 25.04
N SER O 166 -37.61 13.05 24.84
CA SER O 166 -37.80 11.80 25.54
C SER O 166 -36.69 10.80 25.23
N ASP O 167 -36.19 10.80 24.00
CA ASP O 167 -35.10 9.88 23.64
C ASP O 167 -33.79 10.31 24.29
N ALA O 168 -33.53 11.62 24.26
CA ALA O 168 -32.36 12.15 24.94
C ALA O 168 -32.39 11.82 26.42
N GLU O 169 -33.59 11.81 27.01
CA GLU O 169 -33.72 11.41 28.41
C GLU O 169 -33.55 9.90 28.57
N THR O 170 -34.15 9.13 27.65
CA THR O 170 -34.12 7.68 27.72
C THR O 170 -32.69 7.14 27.62
N ARG O 171 -31.84 7.86 26.94
CA ARG O 171 -30.45 7.45 26.85
C ARG O 171 -29.65 7.60 28.18
N ALA O 172 -30.26 7.93 29.32
CA ALA O 172 -29.57 8.02 30.61
C ALA O 172 -29.16 6.66 31.17
N VAL O 173 -29.48 5.56 30.51
CA VAL O 173 -29.06 4.23 30.95
C VAL O 173 -27.54 4.14 31.04
N GLY P 1 -28.95 -11.52 62.81
CA GLY P 1 -30.01 -12.44 63.16
C GLY P 1 -31.24 -11.73 63.69
N ASN P 2 -31.54 -10.57 63.12
CA ASN P 2 -32.67 -9.79 63.58
C ASN P 2 -33.97 -10.39 63.09
N ILE P 3 -34.97 -10.35 63.97
CA ILE P 3 -36.27 -10.97 63.71
C ILE P 3 -37.39 -9.96 63.63
N GLY P 4 -37.21 -8.76 64.17
CA GLY P 4 -38.25 -7.75 64.15
C GLY P 4 -39.13 -7.83 65.37
N ASN P 5 -39.37 -6.68 65.98
CA ASN P 5 -40.21 -6.60 67.16
C ASN P 5 -41.63 -7.00 66.84
N LEU P 6 -42.40 -7.22 67.90
CA LEU P 6 -43.83 -7.47 67.81
C LEU P 6 -44.57 -6.59 68.77
N SER P 7 -45.87 -6.49 68.53
CA SER P 7 -46.77 -6.12 69.59
C SER P 7 -46.89 -7.28 70.57
N ALA P 8 -47.50 -7.00 71.71
CA ALA P 8 -47.87 -8.06 72.63
C ALA P 8 -49.14 -8.79 72.21
N GLU P 9 -49.76 -8.40 71.10
CA GLU P 9 -51.02 -8.95 70.65
C GLU P 9 -50.73 -9.94 69.53
N LYS P 10 -51.08 -11.20 69.74
CA LYS P 10 -50.88 -12.25 68.75
C LYS P 10 -52.20 -12.58 68.08
N GLN P 11 -52.17 -12.67 66.76
CA GLN P 11 -53.36 -12.71 65.93
C GLN P 11 -53.54 -14.13 65.41
N ILE P 12 -54.20 -14.99 66.19
CA ILE P 12 -54.22 -16.43 65.87
C ILE P 12 -55.60 -17.06 66.02
N SER P 13 -55.65 -18.36 65.78
CA SER P 13 -56.84 -19.20 65.86
C SER P 13 -56.61 -20.31 66.88
N VAL P 14 -57.56 -21.25 66.94
CA VAL P 14 -57.59 -22.32 67.95
C VAL P 14 -58.02 -23.59 67.24
N TYR P 15 -57.82 -24.73 67.90
CA TYR P 15 -58.34 -26.02 67.48
C TYR P 15 -58.25 -26.94 68.69
N ASP P 16 -58.50 -28.24 68.50
CA ASP P 16 -58.54 -29.16 69.64
C ASP P 16 -57.15 -29.50 70.13
N GLY P 17 -56.18 -29.60 69.22
CA GLY P 17 -54.80 -29.88 69.57
C GLY P 17 -54.17 -28.88 70.51
N GLN P 18 -54.70 -27.66 70.55
CA GLN P 18 -54.15 -26.66 71.44
C GLN P 18 -54.44 -27.06 72.89
N PRO P 19 -53.44 -27.54 73.65
CA PRO P 19 -53.78 -28.30 74.87
C PRO P 19 -54.16 -27.39 76.04
N PHE P 20 -55.31 -26.75 75.93
CA PHE P 20 -56.00 -26.14 77.06
C PHE P 20 -57.48 -26.44 76.98
N VAL P 21 -57.81 -27.59 76.38
CA VAL P 21 -59.16 -27.95 75.99
C VAL P 21 -59.29 -29.46 76.14
N ASP P 22 -60.52 -29.90 76.42
CA ASP P 22 -60.86 -31.31 76.47
C ASP P 22 -62.07 -31.56 75.60
N GLU P 23 -62.03 -32.70 74.91
CA GLU P 23 -63.13 -33.21 74.11
C GLU P 23 -63.95 -34.20 74.91
N GLN P 24 -65.10 -34.56 74.38
CA GLN P 24 -65.95 -35.57 74.99
C GLN P 24 -66.99 -35.99 73.97
N ASP P 25 -67.06 -37.29 73.69
CA ASP P 25 -68.11 -37.78 72.81
C ASP P 25 -69.46 -37.62 73.49
N VAL P 26 -70.50 -37.69 72.68
CA VAL P 26 -71.85 -37.28 73.08
C VAL P 26 -72.87 -38.38 72.80
N PRO P 27 -73.96 -38.47 73.56
CA PRO P 27 -75.08 -39.33 73.14
C PRO P 27 -75.87 -38.73 71.99
N ALA P 28 -77.01 -39.34 71.71
CA ALA P 28 -77.83 -38.95 70.58
C ALA P 28 -78.31 -37.51 70.70
N ASP P 29 -79.18 -37.23 71.69
CA ASP P 29 -80.03 -36.05 71.67
C ASP P 29 -79.95 -35.30 72.99
N ASP P 30 -78.79 -35.28 73.61
CA ASP P 30 -78.59 -34.50 74.83
C ASP P 30 -78.11 -33.10 74.45
N PRO P 31 -78.81 -32.03 74.82
CA PRO P 31 -78.26 -30.69 74.60
C PRO P 31 -77.28 -30.25 75.66
N ASN P 32 -77.37 -30.80 76.86
CA ASN P 32 -76.66 -30.28 78.01
C ASN P 32 -75.26 -30.85 78.15
N THR P 33 -74.82 -31.69 77.24
CA THR P 33 -73.52 -32.28 77.40
C THR P 33 -72.43 -31.25 77.15
N PRO P 34 -71.40 -31.16 77.99
CA PRO P 34 -70.23 -30.35 77.61
C PRO P 34 -69.32 -31.11 76.66
N ALA P 35 -69.63 -30.98 75.38
CA ALA P 35 -68.83 -31.61 74.33
C ALA P 35 -67.37 -31.19 74.41
N LEU P 36 -67.13 -29.89 74.29
CA LEU P 36 -65.81 -29.30 74.38
C LEU P 36 -65.76 -28.35 75.55
N THR P 37 -64.76 -28.54 76.41
CA THR P 37 -64.51 -27.71 77.57
C THR P 37 -63.14 -27.07 77.38
N ILE P 38 -63.14 -25.77 77.12
CA ILE P 38 -61.91 -24.99 77.11
C ILE P 38 -61.76 -24.39 78.48
N GLU P 39 -60.58 -24.53 79.07
CA GLU P 39 -60.24 -23.84 80.30
C GLU P 39 -59.27 -22.72 79.97
N GLY P 40 -59.20 -21.74 80.87
CA GLY P 40 -58.22 -20.70 80.75
C GLY P 40 -56.84 -21.32 80.76
N PRO P 41 -55.89 -20.76 79.99
CA PRO P 41 -54.64 -21.46 79.79
C PRO P 41 -53.62 -21.25 80.89
N ASP P 42 -54.06 -20.73 82.04
CA ASP P 42 -53.26 -20.55 83.26
C ASP P 42 -51.90 -19.90 82.97
N GLY P 43 -51.98 -18.64 82.54
CA GLY P 43 -50.80 -17.82 82.32
C GLY P 43 -50.92 -16.88 81.13
N TYR P 44 -51.84 -17.18 80.21
CA TYR P 44 -52.17 -16.30 79.10
C TYR P 44 -53.63 -15.92 79.20
N VAL P 45 -53.98 -14.88 78.44
CA VAL P 45 -55.30 -14.28 78.51
C VAL P 45 -55.73 -14.02 77.08
N ILE P 46 -57.04 -14.08 76.87
CA ILE P 46 -57.65 -14.17 75.56
C ILE P 46 -58.43 -12.89 75.32
N ALA P 47 -58.58 -12.52 74.05
CA ALA P 47 -59.52 -11.48 73.67
C ALA P 47 -60.11 -11.85 72.32
N VAL P 48 -61.38 -12.24 72.35
CA VAL P 48 -62.15 -12.57 71.16
C VAL P 48 -63.14 -11.45 70.94
N ASP P 49 -62.77 -10.49 70.09
CA ASP P 49 -63.74 -9.56 69.58
C ASP P 49 -64.80 -10.31 68.80
N ALA P 50 -66.01 -9.77 68.80
CA ALA P 50 -67.05 -10.27 67.92
C ALA P 50 -66.59 -10.21 66.47
N GLY P 51 -67.24 -11.01 65.64
CA GLY P 51 -66.81 -11.11 64.26
C GLY P 51 -65.61 -12.00 64.21
N THR P 52 -65.83 -13.25 64.60
CA THR P 52 -64.80 -14.22 64.79
C THR P 52 -65.28 -15.57 64.25
N PRO P 53 -64.53 -16.24 63.39
CA PRO P 53 -65.07 -17.39 62.67
C PRO P 53 -65.06 -18.66 63.49
N ILE P 54 -65.76 -19.66 62.97
CA ILE P 54 -65.79 -20.99 63.52
C ILE P 54 -65.81 -21.96 62.35
N ALA P 55 -65.10 -23.08 62.51
CA ALA P 55 -65.20 -24.23 61.63
C ALA P 55 -65.38 -25.44 62.53
N PRO P 56 -66.59 -25.71 62.97
CA PRO P 56 -66.85 -26.82 63.89
C PRO P 56 -67.03 -28.13 63.13
N GLU P 57 -65.93 -28.70 62.67
CA GLU P 57 -66.02 -29.76 61.68
C GLU P 57 -66.47 -31.02 62.41
N PHE P 58 -67.77 -31.11 62.66
CA PHE P 58 -68.35 -32.19 63.43
C PHE P 58 -68.81 -33.29 62.50
N ARG P 59 -68.44 -34.53 62.85
CA ARG P 59 -68.78 -35.70 62.04
C ARG P 59 -69.14 -36.85 62.97
N ASP P 60 -69.75 -37.86 62.38
CA ASP P 60 -70.21 -39.02 63.14
C ASP P 60 -69.04 -39.96 63.36
N SER P 61 -69.34 -41.16 63.85
CA SER P 61 -68.33 -42.18 64.05
C SER P 61 -67.91 -42.85 62.74
N ASN P 62 -68.78 -42.87 61.74
CA ASN P 62 -68.46 -43.38 60.42
C ASN P 62 -67.87 -42.32 59.49
N GLY P 63 -67.75 -41.07 59.94
CA GLY P 63 -67.18 -40.02 59.14
C GLY P 63 -68.16 -39.23 58.31
N ASN P 64 -69.44 -39.58 58.35
CA ASN P 64 -70.47 -38.82 57.67
C ASN P 64 -70.84 -37.61 58.50
N LYS P 65 -71.31 -36.57 57.83
CA LYS P 65 -71.66 -35.35 58.53
C LYS P 65 -72.93 -35.57 59.34
N LEU P 66 -73.06 -34.78 60.41
CA LEU P 66 -74.22 -34.84 61.27
C LEU P 66 -75.41 -34.18 60.58
N ASP P 67 -76.53 -34.19 61.28
CA ASP P 67 -77.75 -33.64 60.71
C ASP P 67 -77.63 -32.13 60.64
N PRO P 68 -78.08 -31.48 59.55
CA PRO P 68 -78.03 -30.03 59.52
C PRO P 68 -78.92 -29.36 60.54
N SER P 69 -79.98 -30.04 60.97
CA SER P 69 -80.89 -29.50 61.96
C SER P 69 -80.28 -29.33 63.34
N THR P 70 -79.11 -29.93 63.57
CA THR P 70 -78.38 -29.76 64.81
C THR P 70 -78.16 -28.28 65.12
N ARG P 71 -78.28 -27.94 66.40
CA ARG P 71 -77.96 -26.61 66.90
C ARG P 71 -76.69 -26.68 67.71
N VAL P 72 -75.90 -25.62 67.62
CA VAL P 72 -74.59 -25.53 68.25
C VAL P 72 -74.51 -24.20 68.97
N ILE P 73 -73.97 -24.23 70.18
CA ILE P 73 -73.85 -23.07 71.04
C ILE P 73 -72.46 -23.06 71.63
N VAL P 74 -71.90 -21.87 71.78
CA VAL P 74 -70.67 -21.66 72.53
C VAL P 74 -71.01 -20.66 73.62
N GLN P 75 -70.69 -21.02 74.86
CA GLN P 75 -71.14 -20.27 76.01
C GLN P 75 -70.05 -20.18 77.05
N LYS P 76 -70.08 -19.12 77.83
CA LYS P 76 -69.17 -18.93 78.94
C LYS P 76 -69.76 -19.55 80.20
N CYS P 77 -68.87 -19.98 81.07
CA CYS P 77 -69.22 -20.50 82.39
C CYS P 77 -68.34 -19.81 83.41
N ASP P 78 -68.54 -20.16 84.67
CA ASP P 78 -67.71 -19.64 85.74
C ASP P 78 -66.43 -20.47 85.83
N ARG P 79 -65.61 -20.18 86.83
CA ARG P 79 -64.41 -20.96 87.06
C ARG P 79 -64.72 -22.37 87.55
N GLN P 80 -65.90 -22.60 88.09
CA GLN P 80 -66.30 -23.92 88.56
C GLN P 80 -66.89 -24.79 87.45
N GLY P 81 -67.43 -24.18 86.40
CA GLY P 81 -68.04 -24.91 85.31
C GLY P 81 -69.54 -24.79 85.25
N ASN P 82 -70.07 -23.60 85.49
CA ASN P 82 -71.50 -23.34 85.58
C ASN P 82 -71.86 -22.21 84.62
N PRO P 83 -72.70 -22.45 83.62
CA PRO P 83 -73.02 -21.36 82.69
C PRO P 83 -73.71 -20.19 83.36
N LEU P 84 -73.74 -19.08 82.64
CA LEU P 84 -74.24 -17.80 83.13
C LEU P 84 -75.50 -17.34 82.43
N GLY P 85 -75.93 -18.01 81.37
CA GLY P 85 -77.03 -17.53 80.57
C GLY P 85 -76.59 -16.49 79.58
N ASP P 86 -76.08 -15.38 80.09
CA ASP P 86 -75.48 -14.37 79.25
C ASP P 86 -74.11 -14.86 78.80
N GLY P 87 -73.36 -14.01 78.13
CA GLY P 87 -72.07 -14.44 77.63
C GLY P 87 -72.15 -15.46 76.52
N ILE P 88 -73.26 -15.50 75.81
CA ILE P 88 -73.39 -16.34 74.62
C ILE P 88 -72.80 -15.59 73.44
N VAL P 89 -72.19 -16.35 72.52
CA VAL P 89 -71.58 -15.81 71.32
C VAL P 89 -72.02 -16.50 70.05
N PHE P 90 -72.70 -17.64 70.14
CA PHE P 90 -73.14 -18.35 68.95
C PHE P 90 -74.41 -19.12 69.26
N ASN P 91 -75.34 -19.06 68.31
CA ASN P 91 -76.50 -19.94 68.32
C ASN P 91 -76.94 -20.09 66.87
N ASP P 92 -76.54 -21.19 66.24
CA ASP P 92 -76.98 -21.48 64.89
C ASP P 92 -76.80 -22.97 64.64
N THR P 93 -76.96 -23.36 63.38
CA THR P 93 -76.98 -24.75 62.96
C THR P 93 -75.94 -25.00 61.88
N LEU P 94 -75.69 -26.28 61.65
CA LEU P 94 -74.75 -26.68 60.62
C LEU P 94 -75.31 -26.48 59.23
N GLY P 95 -76.63 -26.33 59.11
CA GLY P 95 -77.21 -25.95 57.84
C GLY P 95 -76.72 -24.62 57.34
N ARG P 96 -76.27 -23.73 58.22
CA ARG P 96 -75.65 -22.47 57.83
C ARG P 96 -74.15 -22.61 57.58
N PHE P 97 -73.65 -23.84 57.46
CA PHE P 97 -72.25 -24.10 57.18
C PHE P 97 -72.11 -24.97 55.95
N ASP P 98 -70.86 -25.12 55.49
CA ASP P 98 -70.52 -26.02 54.41
C ASP P 98 -69.05 -26.40 54.60
N TYR P 99 -68.84 -27.60 55.12
CA TYR P 99 -67.55 -28.10 55.57
C TYR P 99 -66.44 -27.95 54.55
N GLU P 100 -66.78 -28.00 53.27
CA GLU P 100 -65.77 -27.96 52.23
C GLU P 100 -65.24 -26.56 52.00
N GLN P 101 -65.97 -25.53 52.44
CA GLN P 101 -65.53 -24.16 52.28
C GLN P 101 -65.84 -23.30 53.50
N MET P 102 -66.12 -23.89 54.67
CA MET P 102 -66.49 -23.06 55.81
C MET P 102 -65.30 -22.38 56.47
N ARG P 103 -64.11 -22.43 55.87
CA ARG P 103 -63.00 -21.58 56.29
C ARG P 103 -62.26 -20.98 55.09
N THR P 104 -62.84 -21.06 53.88
CA THR P 104 -62.22 -20.54 52.67
C THR P 104 -62.68 -19.12 52.34
N ASP P 105 -63.96 -18.96 52.04
CA ASP P 105 -64.50 -17.72 51.53
C ASP P 105 -65.10 -16.96 52.69
N PRO P 106 -64.83 -15.66 52.87
CA PRO P 106 -65.46 -14.96 54.00
C PRO P 106 -66.96 -14.87 53.88
N ASP P 107 -67.49 -15.03 52.67
CA ASP P 107 -68.93 -15.16 52.51
C ASP P 107 -69.47 -16.38 53.24
N PHE P 108 -68.66 -17.43 53.37
CA PHE P 108 -69.10 -18.67 53.99
C PHE P 108 -68.90 -18.68 55.49
N MET P 109 -67.94 -17.93 56.00
CA MET P 109 -67.53 -18.04 57.39
C MET P 109 -68.55 -17.36 58.28
N ARG P 110 -69.40 -18.14 58.93
CA ARG P 110 -70.24 -17.60 59.97
C ARG P 110 -69.35 -17.19 61.13
N LYS P 111 -69.81 -16.21 61.89
CA LYS P 111 -68.99 -15.54 62.88
C LYS P 111 -69.78 -15.36 64.16
N THR P 112 -69.07 -14.91 65.20
CA THR P 112 -69.69 -14.67 66.48
C THR P 112 -70.70 -13.53 66.38
N ALA P 113 -71.47 -13.38 67.45
CA ALA P 113 -72.40 -12.28 67.62
C ALA P 113 -72.11 -11.45 68.87
N LYS P 114 -71.08 -11.80 69.64
CA LYS P 114 -70.72 -11.05 70.82
C LYS P 114 -69.23 -11.21 71.05
N SER P 115 -68.72 -10.47 72.02
CA SER P 115 -67.31 -10.48 72.38
C SER P 115 -67.11 -11.50 73.50
N LEU P 116 -65.86 -11.67 73.90
CA LEU P 116 -65.56 -12.63 74.95
C LEU P 116 -64.19 -12.36 75.52
N MET P 117 -64.05 -12.57 76.83
CA MET P 117 -62.82 -12.34 77.54
C MET P 117 -62.66 -13.41 78.60
N ILE P 118 -61.54 -14.11 78.56
CA ILE P 118 -61.29 -15.29 79.37
C ILE P 118 -60.10 -15.01 80.27
N ASP P 119 -60.27 -15.22 81.57
CA ASP P 119 -59.18 -15.01 82.51
C ASP P 119 -58.38 -16.30 82.64
N GLU P 120 -57.54 -16.39 83.66
CA GLU P 120 -56.65 -17.53 83.82
C GLU P 120 -57.39 -18.83 84.10
N ARG P 121 -58.65 -18.76 84.53
CA ARG P 121 -59.35 -19.92 85.08
C ARG P 121 -60.75 -20.11 84.55
N GLU P 122 -61.32 -19.15 83.83
CA GLU P 122 -62.69 -19.28 83.36
C GLU P 122 -62.80 -20.42 82.36
N ILE P 123 -64.03 -20.68 81.92
CA ILE P 123 -64.34 -21.83 81.08
C ILE P 123 -65.26 -21.42 79.95
N VAL P 124 -65.00 -21.98 78.78
CA VAL P 124 -65.93 -21.99 77.66
C VAL P 124 -66.41 -23.41 77.47
N LYS P 125 -67.68 -23.52 77.08
CA LYS P 125 -68.30 -24.80 76.81
C LYS P 125 -69.00 -24.74 75.47
N VAL P 126 -68.95 -25.88 74.78
CA VAL P 126 -69.71 -26.09 73.56
C VAL P 126 -70.89 -27.00 73.89
N PHE P 127 -72.07 -26.60 73.44
CA PHE P 127 -73.30 -27.31 73.65
C PHE P 127 -73.91 -27.66 72.30
N VAL P 128 -74.51 -28.85 72.23
CA VAL P 128 -74.87 -29.48 70.96
C VAL P 128 -76.22 -30.14 71.13
N ASP P 129 -77.23 -29.63 70.42
CA ASP P 129 -78.60 -30.13 70.51
C ASP P 129 -78.90 -30.83 69.20
N ILE P 130 -79.28 -32.11 69.30
CA ILE P 130 -79.45 -33.00 68.16
C ILE P 130 -80.80 -33.70 68.33
N PRO P 131 -81.50 -34.06 67.25
CA PRO P 131 -82.66 -34.95 67.37
C PRO P 131 -82.22 -36.41 67.57
N ALA P 132 -83.20 -37.30 67.52
CA ALA P 132 -82.97 -38.69 67.87
C ALA P 132 -82.11 -39.40 66.84
N GLY P 133 -82.32 -39.09 65.56
CA GLY P 133 -81.90 -40.01 64.51
C GLY P 133 -80.40 -40.12 64.35
N ALA P 134 -79.68 -39.03 64.51
CA ALA P 134 -78.27 -39.01 64.16
C ALA P 134 -77.47 -39.88 65.12
N ASN P 135 -76.25 -40.21 64.69
CA ASN P 135 -75.40 -41.17 65.39
C ASN P 135 -74.38 -40.42 66.23
N GLY P 136 -74.90 -39.64 67.18
CA GLY P 136 -74.08 -39.00 68.18
C GLY P 136 -73.02 -38.05 67.66
N TYR P 137 -71.85 -38.07 68.30
CA TYR P 137 -70.74 -37.18 67.95
C TYR P 137 -69.44 -37.86 68.32
N ASP P 138 -68.63 -38.18 67.32
CA ASP P 138 -67.33 -38.79 67.50
C ASP P 138 -66.26 -37.72 67.30
N ALA P 139 -65.60 -37.36 68.39
CA ALA P 139 -64.55 -36.35 68.29
C ALA P 139 -63.28 -36.88 67.65
N ASP P 140 -63.11 -38.19 67.61
CA ASP P 140 -61.93 -38.76 66.96
C ASP P 140 -61.91 -38.42 65.48
N LYS P 141 -63.01 -38.72 64.80
CA LYS P 141 -63.17 -38.43 63.39
C LYS P 141 -63.77 -37.04 63.15
N SER P 142 -63.69 -36.15 64.13
CA SER P 142 -64.15 -34.79 64.00
C SER P 142 -63.14 -33.85 64.62
N ARG P 143 -63.38 -32.56 64.51
CA ARG P 143 -62.49 -31.57 65.10
C ARG P 143 -63.21 -30.22 65.12
N LEU P 144 -62.51 -29.23 65.62
CA LEU P 144 -62.99 -27.87 65.63
C LEU P 144 -61.83 -26.93 65.31
N THR P 145 -62.19 -25.76 64.81
CA THR P 145 -61.22 -24.70 64.63
C THR P 145 -61.93 -23.37 64.87
N LEU P 146 -61.19 -22.41 65.40
CA LEU P 146 -61.76 -21.13 65.82
C LEU P 146 -60.73 -20.04 65.58
N GLY P 147 -60.99 -19.22 64.57
CA GLY P 147 -60.12 -18.12 64.19
C GLY P 147 -59.63 -18.20 62.76
N ASP P 148 -59.44 -17.03 62.13
CA ASP P 148 -58.79 -16.92 60.83
C ASP P 148 -57.67 -15.92 60.95
N ASP P 149 -56.47 -16.33 60.56
CA ASP P 149 -55.25 -15.61 60.90
C ASP P 149 -54.24 -15.63 59.76
N THR P 150 -54.68 -15.94 58.55
CA THR P 150 -53.81 -16.29 57.45
C THR P 150 -53.97 -15.39 56.25
N SER P 151 -55.17 -15.30 55.69
CA SER P 151 -55.37 -14.69 54.41
C SER P 151 -55.37 -13.17 54.56
N ASP P 152 -55.67 -12.48 53.47
CA ASP P 152 -55.95 -11.05 53.50
C ASP P 152 -57.38 -10.75 53.90
N PHE P 153 -58.13 -11.76 54.35
CA PHE P 153 -59.43 -11.60 54.96
C PHE P 153 -59.33 -12.05 56.41
N GLY P 154 -60.47 -12.02 57.11
CA GLY P 154 -60.57 -12.62 58.43
C GLY P 154 -60.08 -11.71 59.53
N LYS P 155 -60.39 -12.12 60.75
CA LYS P 155 -60.06 -11.38 61.96
C LYS P 155 -59.85 -12.37 63.09
N ALA P 156 -58.64 -12.39 63.63
CA ALA P 156 -58.18 -13.43 64.53
C ALA P 156 -58.35 -13.03 65.98
N VAL P 157 -58.15 -14.01 66.87
CA VAL P 157 -58.16 -13.74 68.29
C VAL P 157 -56.89 -13.00 68.65
N GLU P 158 -57.02 -12.02 69.54
CA GLU P 158 -55.89 -11.32 70.13
C GLU P 158 -55.55 -12.07 71.40
N ILE P 159 -54.52 -12.89 71.34
CA ILE P 159 -54.00 -13.58 72.49
C ILE P 159 -52.92 -12.71 73.08
N VAL P 160 -52.76 -12.75 74.40
CA VAL P 160 -51.89 -11.82 75.10
C VAL P 160 -51.36 -12.46 76.37
N ASP P 161 -50.24 -11.92 76.81
CA ASP P 161 -49.77 -12.06 78.19
C ASP P 161 -50.43 -10.95 79.00
N HIS P 162 -49.89 -10.65 80.17
CA HIS P 162 -50.45 -9.65 81.05
C HIS P 162 -49.83 -8.28 80.80
N ASP P 163 -50.69 -7.30 80.53
CA ASP P 163 -50.36 -5.89 80.58
C ASP P 163 -51.10 -5.25 81.75
N GLU P 164 -50.44 -4.33 82.44
CA GLU P 164 -50.79 -3.97 83.81
C GLU P 164 -52.17 -3.32 83.94
N LEU P 165 -52.32 -2.12 83.42
CA LEU P 165 -53.59 -1.42 83.58
C LEU P 165 -54.68 -2.07 82.76
N SER P 166 -54.29 -2.78 81.70
CA SER P 166 -55.23 -3.60 80.96
C SER P 166 -55.89 -4.62 81.90
N ASP P 167 -55.09 -5.29 82.74
CA ASP P 167 -55.69 -6.27 83.66
C ASP P 167 -56.49 -5.57 84.74
N ALA P 168 -55.96 -4.42 85.19
CA ALA P 168 -56.60 -3.62 86.22
C ALA P 168 -58.04 -3.31 85.84
N GLU P 169 -58.26 -2.96 84.58
CA GLU P 169 -59.61 -2.71 84.08
C GLU P 169 -60.29 -3.99 83.59
N THR P 170 -59.54 -5.04 83.29
CA THR P 170 -60.13 -6.30 82.87
C THR P 170 -61.00 -6.88 83.97
N ARG P 171 -60.53 -6.75 85.20
CA ARG P 171 -61.20 -7.42 86.30
C ARG P 171 -62.43 -6.65 86.81
N ALA P 172 -63.00 -5.74 86.02
CA ALA P 172 -64.26 -5.08 86.33
C ALA P 172 -65.47 -5.84 85.80
N VAL P 173 -65.36 -7.16 85.67
CA VAL P 173 -66.49 -7.95 85.22
C VAL P 173 -67.58 -7.94 86.27
N GLY Q 1 54.33 0.81 48.61
CA GLY Q 1 53.56 -0.41 48.46
C GLY Q 1 52.35 -0.43 49.37
N ASN Q 2 51.40 0.45 49.10
CA ASN Q 2 50.20 0.59 49.89
C ASN Q 2 49.00 0.05 49.14
N ILE Q 3 47.97 -0.31 49.90
CA ILE Q 3 46.74 -0.87 49.36
C ILE Q 3 45.66 0.19 49.23
N GLY Q 4 45.61 1.14 50.16
CA GLY Q 4 44.49 2.04 50.30
C GLY Q 4 43.46 1.49 51.26
N ASN Q 5 43.09 2.32 52.24
CA ASN Q 5 42.19 1.87 53.27
C ASN Q 5 40.80 1.63 52.70
N LEU Q 6 39.91 1.19 53.58
CA LEU Q 6 38.55 0.81 53.22
C LEU Q 6 37.56 1.42 54.19
N SER Q 7 36.34 1.61 53.70
CA SER Q 7 35.23 1.74 54.61
C SER Q 7 35.03 0.42 55.32
N ALA Q 8 34.30 0.48 56.43
CA ALA Q 8 33.80 -0.74 57.01
C ALA Q 8 32.79 -1.43 56.11
N GLU Q 9 32.15 -0.70 55.19
CA GLU Q 9 31.17 -1.27 54.28
C GLU Q 9 31.88 -2.13 53.27
N LYS Q 10 31.80 -3.43 53.47
CA LYS Q 10 32.26 -4.40 52.49
C LYS Q 10 31.08 -4.78 51.61
N GLN Q 11 31.23 -4.59 50.32
CA GLN Q 11 30.18 -4.81 49.35
C GLN Q 11 30.40 -6.17 48.70
N ILE Q 12 29.60 -7.16 49.11
CA ILE Q 12 29.82 -8.55 48.69
C ILE Q 12 28.54 -9.18 48.17
N SER Q 13 28.62 -10.49 47.94
CA SER Q 13 27.49 -11.35 47.64
C SER Q 13 27.44 -12.45 48.68
N VAL Q 14 26.42 -13.29 48.58
CA VAL Q 14 26.15 -14.34 49.55
C VAL Q 14 25.89 -15.63 48.81
N TYR Q 15 26.42 -16.73 49.35
CA TYR Q 15 26.32 -18.02 48.71
C TYR Q 15 26.51 -19.10 49.76
N ASP Q 16 26.15 -20.32 49.38
CA ASP Q 16 26.15 -21.45 50.31
C ASP Q 16 27.54 -21.74 50.84
N GLY Q 17 28.58 -21.48 50.06
CA GLY Q 17 29.91 -21.84 50.47
C GLY Q 17 30.46 -21.09 51.66
N GLN Q 18 29.85 -20.01 52.02
CA GLN Q 18 30.46 -19.19 53.06
C GLN Q 18 30.26 -19.83 54.42
N PRO Q 19 31.19 -19.62 55.36
CA PRO Q 19 31.12 -20.35 56.63
C PRO Q 19 30.24 -19.69 57.67
N PHE Q 20 29.04 -19.29 57.27
CA PHE Q 20 28.04 -18.85 58.22
C PHE Q 20 26.63 -19.17 57.72
N VAL Q 21 26.51 -20.14 56.81
CA VAL Q 21 25.25 -20.54 56.23
C VAL Q 21 25.26 -22.04 56.09
N ASP Q 22 24.09 -22.64 56.20
CA ASP Q 22 23.93 -24.07 56.14
C ASP Q 22 22.91 -24.42 55.07
N GLU Q 23 23.21 -25.48 54.34
CA GLU Q 23 22.31 -26.10 53.38
C GLU Q 23 21.69 -27.34 54.01
N GLN Q 24 20.67 -27.87 53.35
CA GLN Q 24 20.05 -29.08 53.83
C GLN Q 24 19.20 -29.68 52.73
N ASP Q 25 19.26 -30.99 52.58
CA ASP Q 25 18.43 -31.67 51.62
C ASP Q 25 16.98 -31.64 52.08
N VAL Q 26 16.08 -31.76 51.11
CA VAL Q 26 14.64 -31.56 51.33
C VAL Q 26 13.84 -32.75 50.81
N PRO Q 27 12.88 -33.27 51.55
CA PRO Q 27 11.94 -34.22 50.97
C PRO Q 27 10.96 -33.57 50.03
N ALA Q 28 9.93 -34.33 49.66
CA ALA Q 28 9.02 -33.94 48.60
C ALA Q 28 8.30 -32.63 48.91
N ASP Q 29 7.38 -32.65 49.87
CA ASP Q 29 6.29 -31.69 49.93
C ASP Q 29 6.13 -31.09 51.31
N ASP Q 30 7.23 -30.66 51.91
CA ASP Q 30 7.20 -29.84 53.13
C ASP Q 30 7.71 -28.44 52.79
N PRO Q 31 6.88 -27.39 52.83
CA PRO Q 31 7.44 -26.04 52.74
C PRO Q 31 8.21 -25.66 53.98
N ASN Q 32 7.85 -26.24 55.13
CA ASN Q 32 8.29 -25.71 56.40
C ASN Q 32 9.73 -26.03 56.71
N THR Q 33 10.30 -27.02 56.09
CA THR Q 33 11.67 -27.35 56.40
C THR Q 33 12.61 -26.30 55.82
N PRO Q 34 13.62 -25.87 56.57
CA PRO Q 34 14.51 -24.85 55.99
C PRO Q 34 15.58 -25.46 55.11
N ALA Q 35 15.54 -25.10 53.83
CA ALA Q 35 16.58 -25.53 52.91
C ALA Q 35 17.88 -24.83 53.25
N LEU Q 36 17.85 -23.52 53.30
CA LEU Q 36 18.99 -22.70 53.67
C LEU Q 36 18.78 -22.13 55.07
N THR Q 37 19.89 -21.74 55.67
CA THR Q 37 19.86 -21.20 57.02
C THR Q 37 21.08 -20.33 57.20
N ILE Q 38 20.93 -19.01 57.08
CA ILE Q 38 21.99 -18.08 57.46
C ILE Q 38 21.97 -17.98 58.98
N GLU Q 39 23.14 -17.71 59.56
CA GLU Q 39 23.20 -17.25 60.94
C GLU Q 39 24.01 -15.96 60.99
N GLY Q 40 23.79 -15.20 62.04
CA GLY Q 40 24.59 -14.03 62.28
C GLY Q 40 26.06 -14.39 62.39
N PRO Q 41 26.95 -13.53 61.90
CA PRO Q 41 28.38 -13.84 61.97
C PRO Q 41 29.03 -13.57 63.31
N ASP Q 42 28.27 -13.24 64.34
CA ASP Q 42 28.79 -13.01 65.69
C ASP Q 42 29.76 -11.83 65.71
N GLY Q 43 29.22 -10.66 65.38
CA GLY Q 43 29.89 -9.42 65.60
C GLY Q 43 29.71 -8.39 64.50
N TYR Q 44 29.34 -8.84 63.32
CA TYR Q 44 29.15 -7.98 62.17
C TYR Q 44 27.67 -7.88 61.82
N VAL Q 45 27.35 -6.85 61.06
CA VAL Q 45 26.00 -6.57 60.60
C VAL Q 45 25.99 -6.69 59.09
N ILE Q 46 24.93 -7.31 58.58
CA ILE Q 46 24.68 -7.44 57.15
C ILE Q 46 23.48 -6.57 56.82
N ALA Q 47 23.53 -5.95 55.65
CA ALA Q 47 22.47 -5.08 55.17
C ALA Q 47 22.21 -5.38 53.71
N VAL Q 48 20.99 -5.80 53.43
CA VAL Q 48 20.50 -6.03 52.09
C VAL Q 48 19.48 -4.95 51.82
N ASP Q 49 19.92 -3.87 51.17
CA ASP Q 49 18.99 -2.83 50.79
C ASP Q 49 18.04 -3.36 49.72
N ALA Q 50 17.04 -2.54 49.41
CA ALA Q 50 16.03 -2.93 48.45
C ALA Q 50 16.65 -3.14 47.06
N GLY Q 51 15.94 -3.88 46.23
CA GLY Q 51 16.36 -4.08 44.86
C GLY Q 51 17.63 -4.89 44.80
N THR Q 52 17.56 -6.14 45.24
CA THR Q 52 18.71 -7.01 45.38
C THR Q 52 18.45 -8.34 44.69
N PRO Q 53 19.27 -8.76 43.74
CA PRO Q 53 18.92 -9.95 42.95
C PRO Q 53 19.09 -11.24 43.72
N ILE Q 54 18.54 -12.30 43.13
CA ILE Q 54 18.72 -13.66 43.60
C ILE Q 54 19.05 -14.50 42.37
N ALA Q 55 19.75 -15.60 42.60
CA ALA Q 55 20.00 -16.59 41.57
C ALA Q 55 20.02 -17.95 42.25
N PRO Q 56 18.85 -18.55 42.45
CA PRO Q 56 18.74 -19.81 43.20
C PRO Q 56 18.87 -21.05 42.32
N GLU Q 57 20.11 -21.45 42.02
CA GLU Q 57 20.29 -22.54 41.09
C GLU Q 57 19.95 -23.84 41.80
N PHE Q 58 18.64 -24.12 41.91
CA PHE Q 58 18.14 -25.37 42.47
C PHE Q 58 17.94 -26.40 41.39
N ARG Q 59 18.43 -27.61 41.62
CA ARG Q 59 18.25 -28.73 40.73
C ARG Q 59 17.93 -29.96 41.57
N ASP Q 60 17.61 -31.05 40.88
CA ASP Q 60 17.40 -32.33 41.53
C ASP Q 60 18.74 -33.03 41.71
N SER Q 61 18.71 -34.25 42.22
CA SER Q 61 19.91 -35.06 42.23
C SER Q 61 20.41 -35.37 40.83
N ASN Q 62 19.49 -35.52 39.87
CA ASN Q 62 19.84 -35.84 38.51
C ASN Q 62 20.12 -34.60 37.66
N GLY Q 63 20.41 -33.47 38.29
CA GLY Q 63 20.85 -32.29 37.56
C GLY Q 63 19.75 -31.49 36.91
N ASN Q 64 18.53 -32.00 36.88
CA ASN Q 64 17.43 -31.29 36.26
C ASN Q 64 16.90 -30.22 37.21
N LYS Q 65 16.36 -29.18 36.60
CA LYS Q 65 15.67 -28.15 37.36
C LYS Q 65 14.43 -28.74 38.00
N LEU Q 66 14.04 -28.16 39.12
CA LEU Q 66 12.80 -28.55 39.76
C LEU Q 66 11.61 -28.11 38.94
N ASP Q 67 10.45 -28.53 39.36
CA ASP Q 67 9.23 -28.14 38.70
C ASP Q 67 9.02 -26.64 38.91
N PRO Q 68 8.62 -25.87 37.90
CA PRO Q 68 8.36 -24.45 38.14
C PRO Q 68 7.19 -24.20 39.04
N SER Q 69 6.33 -25.19 39.27
CA SER Q 69 5.24 -25.04 40.22
C SER Q 69 5.73 -24.70 41.62
N THR Q 70 6.94 -25.11 41.96
CA THR Q 70 7.47 -24.85 43.29
C THR Q 70 7.68 -23.35 43.49
N ARG Q 71 7.37 -22.90 44.70
CA ARG Q 71 7.52 -21.51 45.10
C ARG Q 71 8.64 -21.39 46.10
N VAL Q 72 9.46 -20.36 45.92
CA VAL Q 72 10.58 -20.06 46.79
C VAL Q 72 10.24 -18.85 47.62
N ILE Q 73 10.67 -18.88 48.88
CA ILE Q 73 10.34 -17.86 49.85
C ILE Q 73 11.60 -17.59 50.66
N VAL Q 74 11.86 -16.32 50.93
CA VAL Q 74 12.93 -15.88 51.81
C VAL Q 74 12.31 -15.13 52.96
N GLN Q 75 12.82 -15.34 54.17
CA GLN Q 75 12.14 -14.82 55.34
C GLN Q 75 13.10 -14.67 56.51
N LYS Q 76 12.95 -13.56 57.21
CA LYS Q 76 13.72 -13.26 58.39
C LYS Q 76 13.13 -13.98 59.60
N CYS Q 77 13.98 -14.22 60.59
CA CYS Q 77 13.57 -14.88 61.83
C CYS Q 77 14.24 -14.19 63.00
N ASP Q 78 13.86 -14.60 64.20
CA ASP Q 78 14.43 -14.07 65.41
C ASP Q 78 15.77 -14.73 65.67
N ARG Q 79 16.31 -14.56 66.88
CA ARG Q 79 17.55 -15.18 67.29
C ARG Q 79 17.35 -16.59 67.82
N GLN Q 80 16.20 -17.22 67.54
CA GLN Q 80 15.90 -18.57 67.93
C GLN Q 80 15.47 -19.46 66.78
N GLY Q 81 15.16 -18.88 65.61
CA GLY Q 81 14.84 -19.63 64.42
C GLY Q 81 13.39 -19.57 64.01
N ASN Q 82 12.67 -18.54 64.42
CA ASN Q 82 11.24 -18.44 64.29
C ASN Q 82 10.89 -17.23 63.44
N PRO Q 83 10.13 -17.37 62.34
CA PRO Q 83 9.89 -16.19 61.50
C PRO Q 83 9.02 -15.12 62.13
N LEU Q 84 8.89 -14.01 61.43
CA LEU Q 84 8.18 -12.83 61.89
C LEU Q 84 6.95 -12.50 61.07
N GLY Q 85 6.72 -13.18 59.95
CA GLY Q 85 5.61 -12.84 59.08
C GLY Q 85 5.95 -11.64 58.23
N ASP Q 86 6.10 -10.49 58.88
CA ASP Q 86 6.64 -9.34 58.21
C ASP Q 86 8.11 -9.55 57.92
N GLY Q 87 8.71 -8.61 57.22
CA GLY Q 87 10.10 -8.72 56.83
C GLY Q 87 10.37 -9.65 55.67
N ILE Q 88 9.33 -10.29 55.11
CA ILE Q 88 9.51 -11.09 53.92
C ILE Q 88 9.92 -10.20 52.76
N VAL Q 89 10.77 -10.76 51.89
CA VAL Q 89 11.35 -10.04 50.77
C VAL Q 89 10.98 -10.62 49.43
N PHE Q 90 10.60 -11.89 49.36
CA PHE Q 90 10.54 -12.61 48.10
C PHE Q 90 9.61 -13.79 48.27
N ASN Q 91 8.64 -13.92 47.38
CA ASN Q 91 7.81 -15.11 47.28
C ASN Q 91 7.43 -15.27 45.82
N ASP Q 92 8.09 -16.21 45.14
CA ASP Q 92 7.79 -16.42 43.74
C ASP Q 92 8.25 -17.82 43.35
N THR Q 93 8.16 -18.12 42.06
CA THR Q 93 8.39 -19.44 41.52
C THR Q 93 9.68 -19.47 40.71
N LEU Q 94 10.06 -20.69 40.37
CA LEU Q 94 11.23 -20.90 39.53
C LEU Q 94 10.92 -20.70 38.07
N GLY Q 95 9.65 -20.82 37.69
CA GLY Q 95 9.22 -20.56 36.33
C GLY Q 95 9.54 -19.16 35.88
N ARG Q 96 9.61 -18.23 36.84
CA ARG Q 96 10.05 -16.89 36.55
C ARG Q 96 11.49 -16.82 36.07
N PHE Q 97 12.31 -17.76 36.50
CA PHE Q 97 13.75 -17.62 36.39
C PHE Q 97 14.25 -18.21 35.08
N ASP Q 98 15.44 -17.78 34.70
CA ASP Q 98 16.18 -18.33 33.58
C ASP Q 98 17.55 -18.68 34.12
N TYR Q 99 17.69 -19.92 34.57
CA TYR Q 99 18.97 -20.45 35.04
C TYR Q 99 20.10 -20.25 34.04
N GLU Q 100 19.78 -20.20 32.75
CA GLU Q 100 20.82 -19.98 31.77
C GLU Q 100 21.42 -18.59 31.90
N GLN Q 101 20.60 -17.61 32.33
CA GLN Q 101 21.02 -16.22 32.34
C GLN Q 101 20.45 -15.41 33.49
N MET Q 102 19.92 -16.04 34.54
CA MET Q 102 19.22 -15.29 35.58
C MET Q 102 20.13 -14.32 36.31
N ARG Q 103 21.41 -14.65 36.45
CA ARG Q 103 22.36 -13.79 37.13
C ARG Q 103 23.19 -12.96 36.16
N THR Q 104 22.75 -12.87 34.90
CA THR Q 104 23.56 -12.28 33.84
C THR Q 104 22.99 -10.94 33.36
N ASP Q 105 21.79 -10.96 32.82
CA ASP Q 105 21.22 -9.86 32.08
C ASP Q 105 20.17 -9.18 32.93
N PRO Q 106 20.23 -7.86 33.17
CA PRO Q 106 19.28 -7.25 34.11
C PRO Q 106 17.82 -7.38 33.72
N ASP Q 107 17.55 -7.58 32.43
CA ASP Q 107 16.19 -7.75 31.97
C ASP Q 107 15.54 -8.95 32.64
N PHE Q 108 16.30 -10.03 32.82
CA PHE Q 108 15.79 -11.24 33.41
C PHE Q 108 15.98 -11.31 34.92
N MET Q 109 16.59 -10.31 35.52
CA MET Q 109 16.97 -10.41 36.92
C MET Q 109 15.74 -10.24 37.81
N ARG Q 110 15.79 -10.90 38.96
CA ARG Q 110 14.68 -10.94 39.91
C ARG Q 110 15.17 -10.44 41.25
N LYS Q 111 14.70 -9.26 41.64
CA LYS Q 111 15.19 -8.56 42.82
C LYS Q 111 14.17 -8.62 43.95
N THR Q 112 14.65 -8.31 45.14
CA THR Q 112 13.79 -8.28 46.32
C THR Q 112 12.81 -7.10 46.21
N ALA Q 113 11.96 -7.00 47.22
CA ALA Q 113 11.01 -5.91 47.38
C ALA Q 113 11.36 -5.00 48.52
N LYS Q 114 11.73 -5.56 49.67
CA LYS Q 114 11.93 -4.82 50.90
C LYS Q 114 13.40 -4.77 51.27
N SER Q 115 13.74 -3.77 52.06
CA SER Q 115 15.04 -3.71 52.68
C SER Q 115 15.12 -4.79 53.75
N LEU Q 116 16.32 -4.99 54.27
CA LEU Q 116 16.53 -6.06 55.22
C LEU Q 116 17.84 -5.83 55.94
N MET Q 117 17.92 -6.34 57.17
CA MET Q 117 19.01 -6.01 58.05
C MET Q 117 19.17 -7.08 59.10
N ILE Q 118 20.40 -7.25 59.57
CA ILE Q 118 20.84 -8.43 60.29
C ILE Q 118 21.80 -7.98 61.38
N ASP Q 119 21.54 -8.39 62.62
CA ASP Q 119 22.46 -8.18 63.72
C ASP Q 119 23.31 -9.43 63.92
N GLU Q 120 24.07 -9.44 65.01
CA GLU Q 120 25.13 -10.42 65.24
C GLU Q 120 24.60 -11.84 65.41
N ARG Q 121 23.30 -12.03 65.66
CA ARG Q 121 22.70 -13.36 65.78
C ARG Q 121 21.47 -13.52 64.93
N GLU Q 122 21.08 -12.54 64.13
CA GLU Q 122 19.86 -12.64 63.36
C GLU Q 122 19.98 -13.72 62.30
N ILE Q 123 18.82 -14.14 61.78
CA ILE Q 123 18.74 -15.29 60.90
C ILE Q 123 17.81 -14.97 59.74
N VAL Q 124 18.18 -15.48 58.57
CA VAL Q 124 17.29 -15.58 57.43
C VAL Q 124 17.23 -17.04 57.01
N LYS Q 125 16.08 -17.41 56.47
CA LYS Q 125 15.78 -18.76 56.08
C LYS Q 125 15.14 -18.75 54.70
N VAL Q 126 15.29 -19.88 54.02
CA VAL Q 126 14.67 -20.13 52.74
C VAL Q 126 13.69 -21.27 52.89
N PHE Q 127 12.51 -21.08 52.32
CA PHE Q 127 11.41 -22.02 52.40
C PHE Q 127 10.97 -22.33 50.98
N VAL Q 128 10.64 -23.61 50.75
CA VAL Q 128 10.42 -24.11 49.40
C VAL Q 128 9.17 -24.95 49.36
N ASP Q 129 8.10 -24.39 48.80
CA ASP Q 129 6.80 -25.05 48.76
C ASP Q 129 6.69 -25.84 47.45
N ILE Q 130 6.42 -27.13 47.57
CA ILE Q 130 6.58 -28.09 46.47
C ILE Q 130 5.34 -28.98 46.44
N PRO Q 131 4.91 -29.46 45.28
CA PRO Q 131 3.97 -30.59 45.24
C PRO Q 131 4.67 -31.91 45.56
N ALA Q 132 3.92 -33.01 45.36
CA ALA Q 132 4.45 -34.34 45.66
C ALA Q 132 5.32 -34.87 44.53
N GLY Q 133 5.01 -34.49 43.29
CA GLY Q 133 5.63 -35.14 42.15
C GLY Q 133 7.09 -34.76 41.92
N ALA Q 134 7.62 -33.85 42.72
CA ALA Q 134 8.99 -33.41 42.52
C ALA Q 134 9.97 -34.51 42.86
N ASN Q 135 11.21 -34.33 42.38
CA ASN Q 135 12.32 -35.21 42.72
C ASN Q 135 13.17 -34.54 43.79
N GLY Q 136 12.49 -34.10 44.83
CA GLY Q 136 13.16 -33.64 46.04
C GLY Q 136 14.07 -32.45 45.87
N TYR Q 137 15.28 -32.56 46.39
CA TYR Q 137 16.25 -31.46 46.40
C TYR Q 137 17.61 -32.07 46.65
N ASP Q 138 18.60 -31.65 45.87
CA ASP Q 138 19.99 -32.05 46.07
C ASP Q 138 20.79 -30.77 46.25
N ALA Q 139 21.25 -30.54 47.46
CA ALA Q 139 21.92 -29.29 47.77
C ALA Q 139 23.36 -29.29 47.30
N ASP Q 140 23.97 -30.46 47.19
CA ASP Q 140 25.36 -30.51 46.75
C ASP Q 140 25.47 -30.09 45.29
N LYS Q 141 24.54 -30.52 44.47
CA LYS Q 141 24.51 -30.19 43.06
C LYS Q 141 23.76 -28.90 42.77
N SER Q 142 23.34 -28.18 43.80
CA SER Q 142 22.64 -26.93 43.66
C SER Q 142 23.31 -25.89 44.54
N ARG Q 143 22.95 -24.63 44.31
CA ARG Q 143 23.56 -23.56 45.05
C ARG Q 143 22.69 -22.32 44.94
N LEU Q 144 23.21 -21.21 45.46
CA LEU Q 144 22.59 -19.92 45.30
C LEU Q 144 23.67 -18.88 45.12
N THR Q 145 23.32 -17.81 44.42
CA THR Q 145 24.14 -16.61 44.33
C THR Q 145 23.24 -15.43 44.61
N LEU Q 146 23.44 -14.79 45.75
CA LEU Q 146 22.62 -13.67 46.20
C LEU Q 146 23.42 -12.40 46.04
N GLY Q 147 22.90 -11.48 45.24
CA GLY Q 147 23.58 -10.24 45.00
C GLY Q 147 24.66 -10.38 43.95
N ASP Q 148 25.26 -9.25 43.62
CA ASP Q 148 26.37 -9.18 42.68
C ASP Q 148 27.42 -8.26 43.26
N ASP Q 149 28.67 -8.72 43.22
CA ASP Q 149 29.81 -7.97 43.70
C ASP Q 149 30.79 -7.64 42.59
N THR Q 150 30.38 -7.78 41.34
CA THR Q 150 31.26 -7.71 40.18
C THR Q 150 30.74 -6.75 39.12
N SER Q 151 29.44 -6.70 38.93
CA SER Q 151 28.86 -6.10 37.75
C SER Q 151 28.62 -4.61 37.95
N ASP Q 152 28.55 -3.92 36.83
CA ASP Q 152 27.97 -2.59 36.80
C ASP Q 152 26.44 -2.62 36.86
N PHE Q 153 25.84 -3.81 36.89
CA PHE Q 153 24.43 -4.01 37.11
C PHE Q 153 24.21 -4.63 38.47
N GLY Q 154 22.94 -4.76 38.83
CA GLY Q 154 22.57 -5.30 40.09
C GLY Q 154 23.07 -4.43 41.24
N LYS Q 155 23.10 -5.05 42.41
CA LYS Q 155 23.57 -4.39 43.62
C LYS Q 155 24.34 -5.41 44.44
N ALA Q 156 24.83 -4.97 45.57
CA ALA Q 156 25.67 -5.72 46.46
C ALA Q 156 24.96 -5.88 47.80
N VAL Q 157 25.70 -6.39 48.78
CA VAL Q 157 25.24 -6.50 50.14
C VAL Q 157 26.32 -5.91 51.03
N GLU Q 158 25.92 -5.02 51.94
CA GLU Q 158 26.87 -4.34 52.79
C GLU Q 158 27.11 -5.18 54.03
N ILE Q 159 28.35 -5.25 54.45
CA ILE Q 159 28.73 -5.86 55.72
C ILE Q 159 29.62 -4.88 56.47
N VAL Q 160 29.45 -4.83 57.78
CA VAL Q 160 30.19 -3.88 58.61
C VAL Q 160 30.45 -4.50 59.97
N ASP Q 161 31.53 -4.03 60.59
CA ASP Q 161 31.80 -4.29 61.99
C ASP Q 161 31.00 -3.29 62.81
N HIS Q 162 31.05 -3.41 64.13
CA HIS Q 162 30.31 -2.50 64.99
C HIS Q 162 31.04 -1.16 65.09
N ASP Q 163 30.41 -0.12 64.54
CA ASP Q 163 30.78 1.26 64.78
C ASP Q 163 29.63 1.95 65.52
N GLU Q 164 29.95 3.01 66.25
CA GLU Q 164 29.13 3.45 67.39
C GLU Q 164 27.74 3.89 66.96
N LEU Q 165 27.64 5.02 66.27
CA LEU Q 165 26.34 5.59 65.96
C LEU Q 165 25.65 4.81 64.86
N SER Q 166 26.44 4.24 63.95
CA SER Q 166 25.90 3.34 62.93
C SER Q 166 25.10 2.21 63.58
N ASP Q 167 25.68 1.57 64.60
CA ASP Q 167 24.96 0.48 65.26
C ASP Q 167 23.88 1.01 66.19
N ALA Q 168 24.10 2.21 66.75
CA ALA Q 168 23.08 2.87 67.56
C ALA Q 168 21.77 3.01 66.81
N GLU Q 169 21.86 3.42 65.54
CA GLU Q 169 20.66 3.54 64.71
C GLU Q 169 20.26 2.22 64.08
N THR Q 170 21.22 1.31 63.86
CA THR Q 170 20.90 0.06 63.20
C THR Q 170 20.13 -0.88 64.09
N ARG Q 171 20.31 -0.77 65.42
CA ARG Q 171 19.56 -1.60 66.36
C ARG Q 171 18.15 -1.06 66.64
N ALA Q 172 17.63 -0.16 65.81
CA ALA Q 172 16.36 0.50 66.06
C ALA Q 172 15.17 -0.23 65.46
N VAL Q 173 15.27 -1.55 65.30
CA VAL Q 173 14.14 -2.32 64.78
C VAL Q 173 13.03 -2.34 65.84
N GLY R 1 -3.82 12.49 -9.95
CA GLY R 1 -4.85 11.59 -10.42
C GLY R 1 -6.13 11.74 -9.62
N ASN R 2 -6.57 12.98 -9.49
CA ASN R 2 -7.76 13.28 -8.70
C ASN R 2 -9.00 12.72 -9.39
N ILE R 3 -10.08 12.67 -8.62
CA ILE R 3 -11.36 12.12 -9.08
C ILE R 3 -12.46 13.17 -9.06
N GLY R 4 -12.45 14.06 -8.08
CA GLY R 4 -13.52 15.01 -7.90
C GLY R 4 -14.51 14.50 -6.87
N ASN R 5 -14.55 15.16 -5.73
CA ASN R 5 -15.44 14.73 -4.66
C ASN R 5 -16.85 15.13 -4.99
N LEU R 6 -17.79 14.56 -4.24
CA LEU R 6 -19.21 14.79 -4.43
C LEU R 6 -19.85 15.21 -3.13
N SER R 7 -21.00 15.83 -3.27
CA SER R 7 -21.88 16.00 -2.13
C SER R 7 -22.55 14.67 -1.82
N ALA R 8 -23.37 14.68 -0.77
CA ALA R 8 -24.17 13.52 -0.48
C ALA R 8 -25.23 13.27 -1.53
N GLU R 9 -25.65 14.31 -2.27
CA GLU R 9 -26.82 14.21 -3.14
C GLU R 9 -26.48 13.37 -4.36
N LYS R 10 -26.63 12.06 -4.23
CA LYS R 10 -26.41 11.14 -5.34
C LYS R 10 -27.66 11.09 -6.20
N GLN R 11 -27.52 11.45 -7.47
CA GLN R 11 -28.59 11.39 -8.45
C GLN R 11 -28.53 10.04 -9.13
N ILE R 12 -29.50 9.17 -8.84
CA ILE R 12 -29.46 7.78 -9.30
C ILE R 12 -30.81 7.34 -9.86
N SER R 13 -30.91 6.05 -10.17
CA SER R 13 -32.12 5.41 -10.64
C SER R 13 -32.33 4.13 -9.84
N VAL R 14 -33.49 3.52 -10.05
CA VAL R 14 -33.99 2.43 -9.21
C VAL R 14 -34.66 1.39 -10.09
N TYR R 15 -34.51 0.14 -9.70
CA TYR R 15 -35.01 -0.99 -10.47
C TYR R 15 -34.96 -2.21 -9.56
N ASP R 16 -35.30 -3.38 -10.11
CA ASP R 16 -35.50 -4.55 -9.27
C ASP R 16 -34.18 -5.10 -8.74
N GLY R 17 -33.15 -5.10 -9.56
CA GLY R 17 -31.92 -5.79 -9.23
C GLY R 17 -31.15 -5.26 -8.05
N GLN R 18 -31.42 -4.10 -7.61
CA GLN R 18 -30.63 -3.55 -6.52
C GLN R 18 -30.99 -4.22 -5.19
N PRO R 19 -30.07 -4.26 -4.24
CA PRO R 19 -30.27 -5.07 -3.03
C PRO R 19 -31.00 -4.30 -1.93
N PHE R 20 -32.05 -3.59 -2.29
CA PHE R 20 -33.00 -3.07 -1.31
C PHE R 20 -34.41 -3.17 -1.84
N VAL R 21 -34.63 -4.05 -2.81
CA VAL R 21 -35.92 -4.26 -3.46
C VAL R 21 -36.10 -5.74 -3.68
N ASP R 22 -37.34 -6.20 -3.53
CA ASP R 22 -37.68 -7.59 -3.82
C ASP R 22 -38.96 -7.65 -4.63
N GLU R 23 -38.87 -8.34 -5.76
CA GLU R 23 -40.02 -8.66 -6.59
C GLU R 23 -40.75 -9.85 -5.99
N GLN R 24 -41.92 -10.13 -6.52
CA GLN R 24 -42.70 -11.27 -6.07
C GLN R 24 -43.68 -11.68 -7.15
N ASP R 25 -43.96 -12.96 -7.21
CA ASP R 25 -44.98 -13.46 -8.12
C ASP R 25 -46.35 -12.95 -7.69
N VAL R 26 -47.22 -12.74 -8.67
CA VAL R 26 -48.52 -12.13 -8.47
C VAL R 26 -49.57 -12.85 -9.29
N PRO R 27 -50.56 -13.51 -8.68
CA PRO R 27 -51.71 -13.97 -9.46
C PRO R 27 -52.60 -12.82 -9.88
N ALA R 28 -53.71 -13.14 -10.55
CA ALA R 28 -54.43 -12.17 -11.35
C ALA R 28 -55.72 -11.65 -10.70
N ASP R 29 -55.91 -11.85 -9.40
CA ASP R 29 -57.14 -11.40 -8.74
C ASP R 29 -56.86 -10.86 -7.34
N ASP R 30 -55.81 -10.03 -7.21
CA ASP R 30 -55.46 -9.43 -5.94
C ASP R 30 -54.81 -8.07 -6.13
N PRO R 31 -55.51 -6.96 -5.87
CA PRO R 31 -54.85 -5.65 -5.83
C PRO R 31 -54.16 -5.32 -4.52
N ASN R 32 -53.91 -6.32 -3.67
CA ASN R 32 -53.44 -6.10 -2.31
C ASN R 32 -52.16 -6.88 -1.99
N THR R 33 -51.49 -7.42 -2.99
CA THR R 33 -50.26 -8.16 -2.79
C THR R 33 -49.06 -7.22 -2.86
N PRO R 34 -48.05 -7.39 -2.02
CA PRO R 34 -46.83 -6.63 -2.28
C PRO R 34 -46.11 -7.20 -3.51
N ALA R 35 -46.52 -6.67 -4.66
CA ALA R 35 -45.81 -6.93 -5.90
C ALA R 35 -44.33 -6.68 -5.76
N LEU R 36 -43.97 -5.45 -5.42
CA LEU R 36 -42.62 -5.06 -5.07
C LEU R 36 -42.60 -4.60 -3.63
N THR R 37 -41.54 -4.94 -2.92
CA THR R 37 -41.25 -4.42 -1.59
C THR R 37 -39.96 -3.65 -1.72
N ILE R 38 -40.01 -2.35 -1.46
CA ILE R 38 -38.86 -1.46 -1.59
C ILE R 38 -38.58 -0.92 -0.20
N GLU R 39 -37.55 -1.49 0.41
CA GLU R 39 -37.19 -1.18 1.78
C GLU R 39 -36.03 -0.21 1.78
N GLY R 40 -35.98 0.62 2.80
CA GLY R 40 -34.90 1.55 2.96
C GLY R 40 -33.57 0.85 3.15
N PRO R 41 -32.49 1.62 3.05
CA PRO R 41 -31.15 1.06 3.14
C PRO R 41 -30.58 0.95 4.54
N ASP R 42 -31.29 1.45 5.54
CA ASP R 42 -30.85 1.43 6.93
C ASP R 42 -29.58 2.26 7.11
N GLY R 43 -29.72 3.55 6.84
CA GLY R 43 -28.71 4.53 7.18
C GLY R 43 -28.56 5.64 6.17
N TYR R 44 -28.96 5.38 4.93
CA TYR R 44 -29.14 6.41 3.93
C TYR R 44 -30.62 6.70 3.74
N VAL R 45 -30.90 7.78 3.01
CA VAL R 45 -32.24 8.31 2.85
C VAL R 45 -32.43 8.72 1.39
N ILE R 46 -33.65 8.49 0.91
CA ILE R 46 -34.04 8.70 -0.48
C ILE R 46 -35.04 9.84 -0.54
N ALA R 47 -35.05 10.55 -1.66
CA ALA R 47 -36.03 11.58 -1.95
C ALA R 47 -36.40 11.52 -3.42
N VAL R 48 -37.70 11.72 -3.69
CA VAL R 48 -38.25 11.78 -5.04
C VAL R 48 -39.14 13.00 -5.12
N ASP R 49 -38.89 13.83 -6.12
CA ASP R 49 -39.78 14.93 -6.44
C ASP R 49 -40.89 14.42 -7.33
N ALA R 50 -42.03 15.10 -7.26
CA ALA R 50 -43.10 14.81 -8.20
C ALA R 50 -42.65 15.14 -9.61
N GLY R 51 -43.26 14.48 -10.59
CA GLY R 51 -42.85 14.64 -11.96
C GLY R 51 -41.64 13.80 -12.32
N THR R 52 -41.61 12.56 -11.86
CA THR R 52 -40.52 11.62 -11.98
C THR R 52 -40.95 10.43 -12.81
N PRO R 53 -40.17 9.97 -13.79
CA PRO R 53 -40.70 8.97 -14.72
C PRO R 53 -40.76 7.58 -14.12
N ILE R 54 -41.58 6.75 -14.77
CA ILE R 54 -41.77 5.36 -14.44
C ILE R 54 -41.70 4.58 -15.74
N ALA R 55 -41.21 3.34 -15.65
CA ALA R 55 -41.18 2.43 -16.78
C ALA R 55 -41.49 1.04 -16.23
N PRO R 56 -42.78 0.66 -16.15
CA PRO R 56 -43.18 -0.60 -15.51
C PRO R 56 -43.27 -1.78 -16.47
N GLU R 57 -42.13 -2.32 -16.89
CA GLU R 57 -42.14 -3.29 -17.97
C GLU R 57 -42.67 -4.61 -17.44
N PHE R 58 -43.99 -4.70 -17.28
CA PHE R 58 -44.65 -5.89 -16.78
C PHE R 58 -45.16 -6.73 -17.93
N ARG R 59 -44.85 -8.02 -17.90
CA ARG R 59 -45.35 -8.98 -18.86
C ARG R 59 -45.77 -10.24 -18.09
N ASP R 60 -46.07 -11.30 -18.83
CA ASP R 60 -46.45 -12.58 -18.26
C ASP R 60 -45.30 -13.57 -18.37
N SER R 61 -45.56 -14.81 -17.94
CA SER R 61 -44.58 -15.88 -18.09
C SER R 61 -44.26 -16.16 -19.55
N ASN R 62 -45.23 -15.95 -20.44
CA ASN R 62 -45.02 -16.10 -21.87
C ASN R 62 -44.64 -14.78 -22.55
N GLY R 63 -44.24 -13.78 -21.76
CA GLY R 63 -43.65 -12.58 -22.30
C GLY R 63 -44.61 -11.55 -22.84
N ASN R 64 -45.87 -11.91 -23.03
CA ASN R 64 -46.83 -10.95 -23.53
C ASN R 64 -47.15 -9.91 -22.48
N LYS R 65 -47.36 -8.69 -22.92
CA LYS R 65 -47.84 -7.64 -22.02
C LYS R 65 -49.22 -8.00 -21.54
N LEU R 66 -49.52 -7.58 -20.32
CA LEU R 66 -50.77 -7.97 -19.70
C LEU R 66 -51.91 -7.11 -20.21
N ASP R 67 -53.12 -7.49 -19.83
CA ASP R 67 -54.33 -6.78 -20.21
C ASP R 67 -54.27 -5.33 -19.71
N PRO R 68 -54.36 -4.32 -20.59
CA PRO R 68 -54.29 -2.95 -20.09
C PRO R 68 -55.52 -2.50 -19.32
N SER R 69 -56.52 -3.35 -19.17
CA SER R 69 -57.55 -3.11 -18.17
C SER R 69 -56.96 -3.14 -16.77
N THR R 70 -55.82 -3.80 -16.59
CA THR R 70 -55.16 -3.83 -15.30
C THR R 70 -54.72 -2.44 -14.89
N ARG R 71 -54.84 -2.16 -13.60
CA ARG R 71 -54.40 -0.92 -12.98
C ARG R 71 -53.16 -1.20 -12.15
N VAL R 72 -52.39 -0.16 -11.94
CA VAL R 72 -51.19 -0.22 -11.13
C VAL R 72 -51.16 0.97 -10.20
N ILE R 73 -50.66 0.76 -8.99
CA ILE R 73 -50.53 1.79 -7.99
C ILE R 73 -49.18 1.62 -7.32
N VAL R 74 -48.54 2.74 -7.02
CA VAL R 74 -47.36 2.80 -6.17
C VAL R 74 -47.71 3.62 -4.95
N GLN R 75 -47.28 3.16 -3.78
CA GLN R 75 -47.78 3.75 -2.56
C GLN R 75 -46.82 3.53 -1.39
N LYS R 76 -46.81 4.49 -0.49
CA LYS R 76 -46.00 4.44 0.69
C LYS R 76 -46.70 3.64 1.79
N CYS R 77 -45.92 3.11 2.71
CA CYS R 77 -46.44 2.40 3.86
C CYS R 77 -45.65 2.85 5.09
N ASP R 78 -45.90 2.17 6.21
CA ASP R 78 -45.18 2.44 7.43
C ASP R 78 -43.92 1.58 7.47
N ARG R 79 -43.28 1.51 8.63
CA ARG R 79 -42.05 0.76 8.78
C ARG R 79 -42.27 -0.73 8.99
N GLN R 80 -43.51 -1.19 8.95
CA GLN R 80 -43.87 -2.59 9.15
C GLN R 80 -44.36 -3.26 7.89
N GLY R 81 -45.10 -2.52 7.06
CA GLY R 81 -45.71 -3.05 5.86
C GLY R 81 -47.21 -2.78 5.78
N ASN R 82 -47.65 -1.73 6.47
CA ASN R 82 -49.05 -1.34 6.51
C ASN R 82 -49.22 -0.07 5.68
N PRO R 83 -50.01 -0.05 4.61
CA PRO R 83 -50.10 1.18 3.81
C PRO R 83 -50.69 2.35 4.57
N LEU R 84 -50.07 3.50 4.37
CA LEU R 84 -50.50 4.74 4.98
C LEU R 84 -51.75 5.32 4.33
N GLY R 85 -52.15 4.82 3.17
CA GLY R 85 -53.32 5.33 2.50
C GLY R 85 -53.03 6.58 1.71
N ASP R 86 -52.70 7.65 2.43
CA ASP R 86 -52.30 8.89 1.79
C ASP R 86 -50.88 8.71 1.26
N GLY R 87 -50.32 9.77 0.68
CA GLY R 87 -48.98 9.69 0.15
C GLY R 87 -48.86 8.90 -1.12
N ILE R 88 -49.97 8.69 -1.83
CA ILE R 88 -49.91 7.99 -3.11
C ILE R 88 -49.24 8.88 -4.14
N VAL R 89 -48.51 8.26 -5.06
CA VAL R 89 -47.79 8.93 -6.13
C VAL R 89 -48.39 8.61 -7.49
N PHE R 90 -49.04 7.46 -7.60
CA PHE R 90 -49.44 6.94 -8.91
C PHE R 90 -50.69 6.10 -8.81
N ASN R 91 -51.51 6.21 -9.84
CA ASN R 91 -52.63 5.32 -10.07
C ASN R 91 -53.00 5.48 -11.53
N ASP R 92 -52.79 4.45 -12.33
CA ASP R 92 -53.21 4.49 -13.72
C ASP R 92 -53.20 3.07 -14.25
N THR R 93 -53.55 2.92 -15.51
CA THR R 93 -53.59 1.62 -16.18
C THR R 93 -52.39 1.48 -17.10
N LEU R 94 -52.13 0.22 -17.46
CA LEU R 94 -51.03 -0.09 -18.37
C LEU R 94 -51.33 0.36 -19.78
N GLY R 95 -52.59 0.58 -20.13
CA GLY R 95 -52.96 1.05 -21.43
C GLY R 95 -52.35 2.39 -21.81
N ARG R 96 -51.93 3.15 -20.81
CA ARG R 96 -51.25 4.41 -20.99
C ARG R 96 -49.75 4.25 -21.17
N PHE R 97 -49.27 3.03 -21.44
CA PHE R 97 -47.85 2.73 -21.50
C PHE R 97 -47.54 2.00 -22.80
N ASP R 98 -46.36 2.28 -23.34
CA ASP R 98 -45.93 1.78 -24.64
C ASP R 98 -44.53 1.23 -24.45
N TYR R 99 -44.46 -0.08 -24.20
CA TYR R 99 -43.22 -0.75 -23.87
C TYR R 99 -42.14 -0.57 -24.92
N GLU R 100 -42.53 -0.30 -26.16
CA GLU R 100 -41.54 -0.16 -27.21
C GLU R 100 -40.68 1.07 -26.98
N GLN R 101 -41.28 2.14 -26.46
CA GLN R 101 -40.53 3.38 -26.26
C GLN R 101 -40.97 4.16 -25.03
N MET R 102 -41.53 3.49 -24.02
CA MET R 102 -42.13 4.22 -22.90
C MET R 102 -41.10 4.97 -22.05
N ARG R 103 -39.83 4.58 -22.09
CA ARG R 103 -38.79 5.19 -21.25
C ARG R 103 -37.81 6.01 -22.08
N THR R 104 -38.18 6.40 -23.29
CA THR R 104 -37.30 7.14 -24.20
C THR R 104 -37.90 8.47 -24.62
N ASP R 105 -39.08 8.44 -25.19
CA ASP R 105 -39.73 9.66 -25.65
C ASP R 105 -40.32 10.37 -24.45
N PRO R 106 -40.05 11.66 -24.24
CA PRO R 106 -40.78 12.38 -23.18
C PRO R 106 -42.27 12.41 -23.42
N ASP R 107 -42.70 12.29 -24.67
CA ASP R 107 -44.12 12.32 -24.99
C ASP R 107 -44.81 11.00 -24.67
N PHE R 108 -44.07 10.01 -24.15
CA PHE R 108 -44.64 8.77 -23.64
C PHE R 108 -44.38 8.56 -22.16
N MET R 109 -43.59 9.41 -21.52
CA MET R 109 -43.19 9.18 -20.14
C MET R 109 -44.32 9.54 -19.19
N ARG R 110 -44.92 8.53 -18.57
CA ARG R 110 -45.82 8.75 -17.46
C ARG R 110 -45.01 8.99 -16.21
N LYS R 111 -45.34 10.08 -15.51
CA LYS R 111 -44.55 10.60 -14.42
C LYS R 111 -45.33 10.53 -13.12
N THR R 112 -44.70 11.02 -12.06
CA THR R 112 -45.30 11.07 -10.74
C THR R 112 -46.28 12.22 -10.63
N ALA R 113 -47.03 12.21 -9.53
CA ALA R 113 -48.02 13.23 -9.19
C ALA R 113 -47.63 14.04 -7.98
N LYS R 114 -47.24 13.37 -6.90
CA LYS R 114 -46.88 14.01 -5.65
C LYS R 114 -45.53 13.49 -5.20
N SER R 115 -44.80 14.34 -4.48
CA SER R 115 -43.44 14.03 -4.10
C SER R 115 -43.43 12.90 -3.07
N LEU R 116 -42.23 12.53 -2.64
CA LEU R 116 -42.10 11.37 -1.79
C LEU R 116 -40.74 11.39 -1.11
N MET R 117 -40.67 10.75 0.05
CA MET R 117 -39.47 10.70 0.86
C MET R 117 -39.47 9.39 1.63
N ILE R 118 -38.31 8.75 1.70
CA ILE R 118 -38.15 7.45 2.32
C ILE R 118 -36.98 7.52 3.29
N ASP R 119 -37.28 7.35 4.58
CA ASP R 119 -36.25 7.37 5.60
C ASP R 119 -35.54 6.00 5.63
N GLU R 120 -34.79 5.74 6.69
CA GLU R 120 -34.01 4.52 6.81
C GLU R 120 -34.87 3.26 6.88
N ARG R 121 -36.19 3.38 7.07
CA ARG R 121 -37.07 2.24 7.21
C ARG R 121 -38.32 2.33 6.38
N GLU R 122 -38.65 3.48 5.81
CA GLU R 122 -39.93 3.63 5.15
C GLU R 122 -40.01 2.73 3.92
N ILE R 123 -41.21 2.20 3.70
CA ILE R 123 -41.45 1.16 2.72
C ILE R 123 -42.27 1.76 1.59
N VAL R 124 -41.95 1.35 0.36
CA VAL R 124 -42.83 1.56 -0.78
C VAL R 124 -43.27 0.19 -1.28
N LYS R 125 -44.51 0.16 -1.78
CA LYS R 125 -45.10 -1.04 -2.33
C LYS R 125 -45.77 -0.71 -3.64
N VAL R 126 -45.96 -1.77 -4.42
CA VAL R 126 -46.66 -1.71 -5.70
C VAL R 126 -47.83 -2.65 -5.61
N PHE R 127 -48.95 -2.24 -6.19
CA PHE R 127 -50.19 -2.98 -6.17
C PHE R 127 -50.80 -2.98 -7.55
N VAL R 128 -51.40 -4.12 -7.92
CA VAL R 128 -51.77 -4.39 -9.30
C VAL R 128 -53.17 -4.97 -9.29
N ASP R 129 -54.12 -4.25 -9.87
CA ASP R 129 -55.53 -4.62 -9.84
C ASP R 129 -55.92 -5.17 -11.21
N ILE R 130 -56.27 -6.46 -11.24
CA ILE R 130 -56.22 -7.25 -12.46
C ILE R 130 -57.57 -7.95 -12.64
N PRO R 131 -58.03 -8.21 -13.87
CA PRO R 131 -59.19 -9.10 -14.06
C PRO R 131 -58.79 -10.57 -14.03
N ALA R 132 -59.79 -11.42 -14.23
CA ALA R 132 -59.64 -12.85 -13.95
C ALA R 132 -58.72 -13.54 -14.95
N GLY R 133 -58.56 -12.98 -16.14
CA GLY R 133 -58.10 -13.80 -17.25
C GLY R 133 -56.60 -13.78 -17.47
N ALA R 134 -55.99 -12.60 -17.43
CA ALA R 134 -54.74 -12.35 -18.14
C ALA R 134 -53.53 -12.95 -17.41
N ASN R 135 -53.52 -14.29 -17.35
CA ASN R 135 -52.33 -15.11 -17.20
C ASN R 135 -51.37 -14.71 -16.09
N GLY R 136 -51.88 -14.06 -15.05
CA GLY R 136 -51.04 -13.73 -13.92
C GLY R 136 -49.94 -12.73 -14.23
N TYR R 137 -48.75 -13.01 -13.72
CA TYR R 137 -47.66 -12.05 -13.75
C TYR R 137 -46.39 -12.77 -13.32
N ASP R 138 -45.32 -12.62 -14.08
CA ASP R 138 -43.99 -13.09 -13.70
C ASP R 138 -43.05 -11.90 -13.68
N ALA R 139 -42.39 -11.72 -12.55
CA ALA R 139 -41.42 -10.63 -12.42
C ALA R 139 -40.05 -11.04 -12.93
N ASP R 140 -39.78 -12.34 -13.02
CA ASP R 140 -38.47 -12.77 -13.50
C ASP R 140 -38.31 -12.44 -14.97
N LYS R 141 -39.41 -12.49 -15.72
CA LYS R 141 -39.43 -12.07 -17.12
C LYS R 141 -39.99 -10.67 -17.29
N SER R 142 -40.00 -9.88 -16.22
CA SER R 142 -40.42 -8.50 -16.27
C SER R 142 -39.48 -7.68 -15.43
N ARG R 143 -39.67 -6.37 -15.42
CA ARG R 143 -38.81 -5.51 -14.65
C ARG R 143 -39.46 -4.15 -14.51
N LEU R 144 -38.71 -3.23 -13.91
CA LEU R 144 -39.16 -1.87 -13.77
C LEU R 144 -37.95 -0.97 -13.72
N THR R 145 -38.10 0.22 -14.29
CA THR R 145 -37.09 1.27 -14.18
C THR R 145 -37.78 2.51 -13.66
N LEU R 146 -37.43 2.89 -12.44
CA LEU R 146 -38.00 4.03 -11.76
C LEU R 146 -37.00 5.17 -11.81
N GLY R 147 -37.43 6.30 -12.34
CA GLY R 147 -36.53 7.42 -12.49
C GLY R 147 -35.52 7.20 -13.59
N ASP R 148 -34.80 8.26 -13.94
CA ASP R 148 -33.84 8.22 -15.03
C ASP R 148 -32.67 9.12 -14.66
N ASP R 149 -31.47 8.56 -14.75
CA ASP R 149 -30.25 9.22 -14.31
C ASP R 149 -29.22 9.29 -15.41
N THR R 150 -29.68 9.31 -16.65
CA THR R 150 -28.84 9.27 -17.83
C THR R 150 -29.12 10.39 -18.79
N SER R 151 -30.37 10.81 -18.92
CA SER R 151 -30.78 11.84 -19.86
C SER R 151 -30.82 13.19 -19.20
N ASP R 152 -31.00 14.22 -20.02
CA ASP R 152 -31.52 15.49 -19.54
C ASP R 152 -33.02 15.44 -19.35
N PHE R 153 -33.69 14.44 -19.92
CA PHE R 153 -35.13 14.28 -19.78
C PHE R 153 -35.42 13.43 -18.56
N GLY R 154 -36.58 13.67 -17.97
CA GLY R 154 -36.90 13.05 -16.71
C GLY R 154 -36.05 13.64 -15.60
N LYS R 155 -36.03 12.92 -14.48
CA LYS R 155 -35.26 13.31 -13.31
C LYS R 155 -34.75 12.04 -12.65
N ALA R 156 -33.84 12.24 -11.70
CA ALA R 156 -33.23 11.16 -10.94
C ALA R 156 -33.68 11.24 -9.50
N VAL R 157 -33.45 10.16 -8.81
CA VAL R 157 -33.76 10.03 -7.40
C VAL R 157 -32.58 10.54 -6.61
N GLU R 158 -32.85 11.32 -5.56
CA GLU R 158 -31.80 11.85 -4.70
C GLU R 158 -31.60 10.87 -3.56
N ILE R 159 -30.34 10.58 -3.24
CA ILE R 159 -30.00 9.84 -2.04
C ILE R 159 -28.96 10.63 -1.26
N VAL R 160 -28.99 10.48 0.06
CA VAL R 160 -28.01 11.10 0.94
C VAL R 160 -27.70 10.15 2.09
N ASP R 161 -26.56 10.37 2.71
CA ASP R 161 -26.24 9.80 4.01
C ASP R 161 -26.81 10.73 5.08
N HIS R 162 -26.39 10.55 6.33
CA HIS R 162 -26.86 11.38 7.41
C HIS R 162 -26.07 12.67 7.50
N ASP R 163 -26.75 13.78 7.19
CA ASP R 163 -26.31 15.12 7.53
C ASP R 163 -27.36 15.75 8.45
N GLU R 164 -26.89 16.53 9.43
CA GLU R 164 -27.60 16.72 10.69
C GLU R 164 -28.96 17.38 10.56
N LEU R 165 -28.98 18.63 10.12
CA LEU R 165 -30.23 19.38 10.16
C LEU R 165 -31.16 18.91 9.05
N SER R 166 -30.57 18.48 7.93
CA SER R 166 -31.34 17.85 6.88
C SER R 166 -32.12 16.66 7.42
N ASP R 167 -31.48 15.82 8.24
CA ASP R 167 -32.19 14.69 8.82
C ASP R 167 -33.20 15.14 9.87
N ALA R 168 -32.84 16.17 10.63
CA ALA R 168 -33.72 16.70 11.65
C ALA R 168 -35.05 17.14 11.06
N GLU R 169 -35.00 17.72 9.87
CA GLU R 169 -36.22 18.15 9.18
C GLU R 169 -36.80 17.06 8.28
N THR R 170 -36.00 16.08 7.88
CA THR R 170 -36.52 14.93 7.15
C THR R 170 -37.40 14.07 8.05
N ARG R 171 -37.18 14.16 9.35
CA ARG R 171 -38.10 13.57 10.31
C ARG R 171 -39.48 14.32 10.39
N ALA R 172 -39.78 15.30 9.52
CA ALA R 172 -41.00 16.08 9.56
C ALA R 172 -42.14 15.48 8.76
N VAL R 173 -42.27 14.15 8.79
CA VAL R 173 -43.42 13.50 8.19
C VAL R 173 -44.70 13.99 8.88
N SER S 1 29.17 19.28 6.54
CA SER S 1 30.27 20.12 6.96
C SER S 1 31.59 19.54 6.47
N ALA S 2 32.70 20.14 6.92
CA ALA S 2 34.01 19.66 6.55
C ALA S 2 34.38 18.35 7.26
N GLU S 3 33.72 18.03 8.37
CA GLU S 3 34.01 16.83 9.13
C GLU S 3 33.32 15.64 8.50
N LYS S 4 34.09 14.57 8.27
CA LYS S 4 33.60 13.35 7.65
C LYS S 4 33.74 12.18 8.60
N GLN S 5 32.64 11.47 8.80
CA GLN S 5 32.52 10.42 9.80
C GLN S 5 32.65 9.08 9.08
N ILE S 6 33.79 8.41 9.27
CA ILE S 6 34.03 7.14 8.58
C ILE S 6 34.63 6.10 9.51
N SER S 7 34.97 4.95 8.93
CA SER S 7 35.73 3.88 9.53
C SER S 7 37.06 3.72 8.79
N VAL S 8 37.83 2.71 9.19
CA VAL S 8 39.15 2.46 8.66
C VAL S 8 39.38 0.97 8.60
N TYR S 9 40.06 0.52 7.56
CA TYR S 9 40.45 -0.88 7.44
C TYR S 9 41.77 -0.95 6.68
N ASP S 10 42.24 -2.17 6.46
CA ASP S 10 43.55 -2.40 5.89
C ASP S 10 43.63 -2.05 4.41
N GLY S 11 42.54 -2.21 3.68
CA GLY S 11 42.60 -2.15 2.24
C GLY S 11 42.52 -0.74 1.70
N GLN S 12 43.41 0.12 2.18
CA GLN S 12 43.37 1.55 1.93
C GLN S 12 44.78 2.08 1.75
N PRO S 13 44.98 3.05 0.82
CA PRO S 13 46.35 3.48 0.53
C PRO S 13 46.84 4.60 1.44
N PHE S 14 46.57 4.45 2.73
CA PHE S 14 47.28 5.19 3.77
C PHE S 14 47.70 4.22 4.87
N VAL S 15 47.71 2.93 4.57
CA VAL S 15 47.85 1.87 5.54
C VAL S 15 48.69 0.78 4.91
N ASP S 16 49.54 0.15 5.71
CA ASP S 16 50.44 -0.89 5.24
C ASP S 16 50.35 -2.09 6.17
N GLU S 17 50.33 -3.25 5.55
CA GLU S 17 50.41 -4.53 6.23
C GLU S 17 51.79 -5.12 6.04
N GLN S 18 52.15 -6.05 6.91
CA GLN S 18 53.44 -6.69 6.86
C GLN S 18 53.31 -8.01 7.62
N ASP S 19 53.31 -9.11 6.88
CA ASP S 19 53.22 -10.42 7.51
C ASP S 19 54.40 -10.61 8.46
N VAL S 20 54.14 -11.35 9.54
CA VAL S 20 54.93 -11.27 10.75
C VAL S 20 55.53 -12.63 11.08
N PRO S 21 56.74 -12.69 11.66
CA PRO S 21 57.22 -13.97 12.20
C PRO S 21 56.51 -14.38 13.48
N ALA S 22 57.08 -15.37 14.16
CA ALA S 22 56.45 -15.93 15.35
C ALA S 22 56.27 -14.88 16.44
N ASP S 23 57.36 -14.51 17.10
CA ASP S 23 57.31 -13.85 18.40
C ASP S 23 58.27 -12.66 18.44
N ASP S 24 58.27 -11.88 17.37
CA ASP S 24 59.06 -10.66 17.27
C ASP S 24 58.13 -9.46 17.47
N PRO S 25 57.90 -9.02 18.70
CA PRO S 25 56.92 -7.95 18.90
C PRO S 25 57.36 -6.62 18.36
N ASN S 26 58.66 -6.33 18.40
CA ASN S 26 59.17 -5.01 18.03
C ASN S 26 58.92 -4.68 16.57
N THR S 27 58.60 -5.67 15.75
CA THR S 27 58.32 -5.40 14.36
C THR S 27 56.99 -4.66 14.22
N PRO S 28 56.86 -3.70 13.32
CA PRO S 28 55.52 -3.20 13.03
C PRO S 28 54.69 -4.23 12.27
N ALA S 29 53.63 -4.69 12.93
CA ALA S 29 52.66 -5.52 12.27
C ALA S 29 51.98 -4.74 11.16
N LEU S 30 51.28 -3.69 11.55
CA LEU S 30 50.59 -2.78 10.65
C LEU S 30 51.18 -1.39 10.78
N THR S 31 50.71 -0.51 9.92
CA THR S 31 51.17 0.86 9.93
C THR S 31 50.08 1.72 9.31
N ILE S 32 49.86 2.89 9.91
CA ILE S 32 49.00 3.91 9.34
C ILE S 32 49.80 5.18 9.26
N GLU S 33 49.81 5.79 8.08
CA GLU S 33 50.52 7.03 7.84
C GLU S 33 49.49 8.09 7.48
N GLY S 34 49.91 9.34 7.59
CA GLY S 34 49.03 10.43 7.29
C GLY S 34 48.76 10.48 5.80
N PRO S 35 47.69 11.18 5.40
CA PRO S 35 47.34 11.25 3.98
C PRO S 35 47.88 12.48 3.26
N ASP S 36 48.65 13.34 3.92
CA ASP S 36 49.31 14.47 3.27
C ASP S 36 48.30 15.42 2.63
N GLY S 37 47.51 16.06 3.48
CA GLY S 37 46.51 16.99 3.02
C GLY S 37 45.27 16.99 3.87
N TYR S 38 45.01 15.87 4.55
CA TYR S 38 43.88 15.75 5.45
C TYR S 38 44.39 15.48 6.85
N VAL S 39 43.45 15.54 7.80
CA VAL S 39 43.73 15.42 9.22
C VAL S 39 42.66 14.53 9.83
N ILE S 40 43.09 13.63 10.69
CA ILE S 40 42.26 12.60 11.30
C ILE S 40 42.14 12.89 12.78
N ALA S 41 40.96 12.60 13.33
CA ALA S 41 40.72 12.73 14.77
C ALA S 41 39.91 11.53 15.23
N VAL S 42 40.42 10.90 16.28
CA VAL S 42 39.75 9.82 16.99
C VAL S 42 39.45 10.33 18.40
N ASP S 43 38.25 10.06 18.87
CA ASP S 43 37.88 10.24 20.26
C ASP S 43 37.98 8.91 20.97
N ALA S 44 38.24 8.95 22.27
CA ALA S 44 38.22 7.74 23.07
C ALA S 44 36.84 7.12 23.03
N GLY S 45 36.79 5.80 23.24
CA GLY S 45 35.53 5.11 23.26
C GLY S 45 35.14 4.66 21.88
N THR S 46 36.05 3.93 21.24
CA THR S 46 35.99 3.65 19.82
C THR S 46 36.38 2.21 19.55
N PRO S 47 35.59 1.44 18.83
CA PRO S 47 35.79 -0.01 18.81
C PRO S 47 36.96 -0.40 17.93
N ILE S 48 37.37 -1.66 18.08
CA ILE S 48 38.38 -2.27 17.25
C ILE S 48 37.88 -3.65 16.85
N ALA S 49 38.24 -4.07 15.64
CA ALA S 49 37.96 -5.40 15.13
C ALA S 49 39.23 -5.95 14.52
N PRO S 50 40.15 -6.45 15.34
CA PRO S 50 41.43 -6.92 14.80
C PRO S 50 41.35 -8.38 14.37
N GLU S 51 40.77 -8.61 13.19
CA GLU S 51 40.48 -9.96 12.76
C GLU S 51 41.77 -10.66 12.35
N PHE S 52 42.58 -11.03 13.35
CA PHE S 52 43.87 -11.65 13.10
C PHE S 52 43.75 -13.16 13.15
N ARG S 53 44.38 -13.83 12.19
CA ARG S 53 44.30 -15.27 12.02
C ARG S 53 45.66 -15.72 11.50
N ASP S 54 45.74 -17.00 11.14
CA ASP S 54 46.95 -17.60 10.61
C ASP S 54 46.86 -17.77 9.10
N SER S 55 47.90 -18.37 8.53
CA SER S 55 47.88 -18.73 7.13
C SER S 55 46.77 -19.72 6.81
N ASN S 56 46.45 -20.61 7.74
CA ASN S 56 45.44 -21.63 7.54
C ASN S 56 44.06 -21.18 8.03
N GLY S 57 43.83 -19.88 8.15
CA GLY S 57 42.53 -19.35 8.46
C GLY S 57 42.08 -19.50 9.90
N ASN S 58 42.84 -20.18 10.75
CA ASN S 58 42.46 -20.38 12.12
C ASN S 58 42.83 -19.17 12.96
N LYS S 59 42.14 -19.04 14.08
CA LYS S 59 42.42 -17.95 14.99
C LYS S 59 43.74 -18.18 15.72
N LEU S 60 44.37 -17.07 16.09
CA LEU S 60 45.64 -17.11 16.80
C LEU S 60 45.42 -17.58 18.23
N ASP S 61 46.49 -17.61 18.97
CA ASP S 61 46.40 -17.95 20.37
C ASP S 61 45.71 -16.83 21.13
N PRO S 62 44.79 -17.12 22.05
CA PRO S 62 44.16 -16.04 22.81
C PRO S 62 45.12 -15.26 23.65
N SER S 63 46.21 -15.87 24.09
CA SER S 63 47.13 -15.21 24.99
C SER S 63 48.05 -14.22 24.31
N THR S 64 47.85 -13.94 23.03
CA THR S 64 48.56 -12.88 22.35
C THR S 64 48.32 -11.55 23.04
N ARG S 65 49.27 -10.65 22.91
CA ARG S 65 49.14 -9.27 23.36
C ARG S 65 49.17 -8.36 22.14
N VAL S 66 48.25 -7.41 22.12
CA VAL S 66 48.08 -6.45 21.04
C VAL S 66 48.27 -5.06 21.59
N ILE S 67 48.87 -4.19 20.79
CA ILE S 67 49.01 -2.78 21.10
C ILE S 67 48.69 -2.00 19.85
N VAL S 68 47.97 -0.90 20.02
CA VAL S 68 47.98 0.22 19.10
C VAL S 68 48.74 1.34 19.78
N GLN S 69 49.67 1.95 19.07
CA GLN S 69 50.56 2.92 19.68
C GLN S 69 50.94 3.98 18.67
N LYS S 70 50.87 5.23 19.10
CA LYS S 70 51.33 6.32 18.26
C LYS S 70 52.84 6.31 18.20
N CYS S 71 53.37 6.79 17.08
CA CYS S 71 54.78 7.04 16.90
C CYS S 71 54.97 8.47 16.42
N ASP S 72 56.20 8.93 16.49
CA ASP S 72 56.56 10.22 15.93
C ASP S 72 56.50 10.15 14.40
N ARG S 73 56.76 11.29 13.76
CA ARG S 73 56.94 11.29 12.32
C ARG S 73 58.11 10.42 11.88
N GLN S 74 59.10 10.24 12.74
CA GLN S 74 60.24 9.39 12.42
C GLN S 74 59.84 7.93 12.31
N GLY S 75 58.77 7.52 12.98
CA GLY S 75 58.40 6.14 13.11
C GLY S 75 58.73 5.51 14.45
N ASN S 76 59.38 6.26 15.34
CA ASN S 76 59.74 5.71 16.63
C ASN S 76 58.58 5.87 17.61
N PRO S 77 58.30 4.92 18.50
CA PRO S 77 57.18 5.10 19.43
C PRO S 77 57.52 6.08 20.52
N LEU S 78 56.50 6.82 20.94
CA LEU S 78 56.64 7.79 22.01
C LEU S 78 56.64 7.16 23.39
N GLY S 79 56.37 5.87 23.50
CA GLY S 79 56.17 5.26 24.80
C GLY S 79 54.77 5.56 25.31
N ASP S 80 54.51 6.83 25.57
CA ASP S 80 53.20 7.28 26.00
C ASP S 80 52.27 7.33 24.80
N GLY S 81 51.07 7.84 25.01
CA GLY S 81 50.14 8.02 23.92
C GLY S 81 49.50 6.75 23.43
N ILE S 82 49.62 5.65 24.18
CA ILE S 82 48.95 4.43 23.79
C ILE S 82 47.44 4.60 23.95
N VAL S 83 46.71 3.99 23.02
CA VAL S 83 45.26 4.00 23.02
C VAL S 83 44.65 2.68 23.48
N PHE S 84 45.37 1.57 23.34
CA PHE S 84 44.78 0.26 23.55
C PHE S 84 45.88 -0.73 23.86
N ASN S 85 45.57 -1.65 24.76
CA ASN S 85 46.44 -2.80 24.99
C ASN S 85 45.61 -3.88 25.63
N ASP S 86 45.37 -4.96 24.91
CA ASP S 86 44.60 -6.08 25.43
C ASP S 86 44.93 -7.32 24.63
N THR S 87 44.28 -8.41 24.98
CA THR S 87 44.51 -9.70 24.37
C THR S 87 43.48 -9.95 23.27
N LEU S 88 43.86 -10.78 22.31
CA LEU S 88 42.92 -11.21 21.30
C LEU S 88 41.79 -11.99 21.91
N GLY S 89 42.10 -12.82 22.89
CA GLY S 89 41.14 -13.74 23.45
C GLY S 89 39.96 -13.07 24.11
N ARG S 90 40.14 -11.80 24.49
CA ARG S 90 39.03 -11.02 25.00
C ARG S 90 37.92 -10.89 24.00
N PHE S 91 38.22 -10.91 22.71
CA PHE S 91 37.24 -10.69 21.68
C PHE S 91 36.58 -12.00 21.27
N ASP S 92 35.56 -11.87 20.44
CA ASP S 92 34.83 -12.99 19.86
C ASP S 92 34.66 -12.68 18.38
N TYR S 93 35.52 -13.31 17.56
CA TYR S 93 35.58 -13.03 16.13
C TYR S 93 34.25 -13.19 15.43
N GLU S 94 33.38 -14.04 15.94
CA GLU S 94 32.09 -14.25 15.30
C GLU S 94 31.23 -13.00 15.39
N GLN S 95 31.40 -12.21 16.46
CA GLN S 95 30.53 -11.07 16.70
C GLN S 95 31.24 -9.87 17.30
N MET S 96 32.59 -9.84 17.32
CA MET S 96 33.29 -8.75 17.98
C MET S 96 33.05 -7.39 17.36
N ARG S 97 32.54 -7.34 16.12
CA ARG S 97 32.24 -6.08 15.46
C ARG S 97 30.74 -5.81 15.39
N THR S 98 29.92 -6.64 16.03
CA THR S 98 28.48 -6.63 15.82
C THR S 98 27.70 -6.13 17.03
N ASP S 99 27.80 -6.81 18.16
CA ASP S 99 27.06 -6.41 19.36
C ASP S 99 27.86 -5.36 20.13
N PRO S 100 27.27 -4.25 20.54
CA PRO S 100 28.04 -3.32 21.38
C PRO S 100 28.39 -3.90 22.73
N ASP S 101 27.56 -4.81 23.23
CA ASP S 101 27.86 -5.45 24.50
C ASP S 101 29.13 -6.30 24.42
N PHE S 102 29.52 -6.72 23.22
CA PHE S 102 30.77 -7.41 22.99
C PHE S 102 31.85 -6.52 22.38
N MET S 103 31.49 -5.32 21.93
CA MET S 103 32.49 -4.39 21.41
C MET S 103 33.49 -4.05 22.50
N ARG S 104 34.72 -3.78 22.08
CA ARG S 104 35.80 -3.35 22.97
C ARG S 104 36.42 -2.10 22.40
N LYS S 105 36.47 -1.06 23.21
CA LYS S 105 36.79 0.28 22.76
C LYS S 105 38.16 0.71 23.26
N THR S 106 38.60 1.86 22.78
CA THR S 106 39.84 2.46 23.21
C THR S 106 39.76 2.86 24.67
N ALA S 107 40.88 3.37 25.16
CA ALA S 107 40.95 4.06 26.45
C ALA S 107 41.41 5.49 26.33
N LYS S 108 41.63 6.00 25.12
CA LYS S 108 42.07 7.37 24.93
C LYS S 108 41.69 7.84 23.54
N SER S 109 41.67 9.15 23.40
CA SER S 109 41.45 9.78 22.12
C SER S 109 42.75 9.74 21.33
N LEU S 110 42.73 10.25 20.11
CA LEU S 110 43.93 10.27 19.31
C LEU S 110 43.72 11.21 18.13
N MET S 111 44.81 11.81 17.69
CA MET S 111 44.83 12.77 16.62
C MET S 111 46.01 12.47 15.72
N ILE S 112 45.78 12.44 14.41
CA ILE S 112 46.81 12.16 13.42
C ILE S 112 46.84 13.31 12.43
N ASP S 113 48.05 13.72 12.03
CA ASP S 113 48.27 14.80 11.09
C ASP S 113 48.94 14.25 9.83
N GLU S 114 49.40 15.16 8.98
CA GLU S 114 49.92 14.85 7.64
C GLU S 114 51.16 13.99 7.66
N ARG S 115 51.81 13.83 8.81
CA ARG S 115 53.06 13.07 8.91
C ARG S 115 53.09 12.10 10.07
N GLU S 116 52.14 12.14 10.99
CA GLU S 116 52.20 11.26 12.14
C GLU S 116 51.93 9.83 11.70
N ILE S 117 52.31 8.90 12.56
CA ILE S 117 52.19 7.48 12.29
C ILE S 117 51.55 6.80 13.48
N VAL S 118 50.68 5.85 13.19
CA VAL S 118 50.24 4.86 14.15
C VAL S 118 50.85 3.54 13.76
N LYS S 119 51.23 2.77 14.78
CA LYS S 119 51.75 1.44 14.59
C LYS S 119 50.93 0.47 15.42
N VAL S 120 50.97 -0.78 14.99
CA VAL S 120 50.30 -1.88 15.66
C VAL S 120 51.38 -2.88 15.99
N PHE S 121 51.54 -3.16 17.28
CA PHE S 121 52.55 -4.05 17.78
C PHE S 121 51.88 -5.29 18.36
N VAL S 122 52.50 -6.45 18.11
CA VAL S 122 51.87 -7.74 18.31
C VAL S 122 52.89 -8.68 18.94
N ASP S 123 52.65 -9.06 20.19
CA ASP S 123 53.55 -9.94 20.92
C ASP S 123 52.86 -11.29 21.01
N ILE S 124 53.45 -12.27 20.35
CA ILE S 124 52.89 -13.62 20.20
C ILE S 124 53.83 -14.60 20.89
N PRO S 125 53.34 -15.71 21.43
CA PRO S 125 54.25 -16.74 21.96
C PRO S 125 55.05 -17.42 20.87
N ALA S 126 55.84 -18.41 21.30
CA ALA S 126 56.76 -19.06 20.37
C ALA S 126 56.05 -20.03 19.43
N GLY S 127 55.14 -20.84 19.97
CA GLY S 127 54.69 -22.00 19.24
C GLY S 127 53.79 -21.69 18.06
N ALA S 128 53.14 -20.53 18.08
CA ALA S 128 52.08 -20.27 17.12
C ALA S 128 52.63 -20.06 15.72
N ASN S 129 51.71 -19.80 14.80
CA ASN S 129 52.00 -19.75 13.38
C ASN S 129 51.77 -18.35 12.86
N GLY S 130 52.80 -17.51 13.01
CA GLY S 130 52.93 -16.22 12.38
C GLY S 130 51.70 -15.31 12.38
N TYR S 131 51.57 -14.52 11.33
CA TYR S 131 50.35 -13.74 11.10
C TYR S 131 50.35 -13.29 9.65
N ASP S 132 49.35 -13.72 8.90
CA ASP S 132 49.20 -13.37 7.50
C ASP S 132 48.00 -12.43 7.37
N ALA S 133 48.30 -11.16 7.14
CA ALA S 133 47.26 -10.16 6.96
C ALA S 133 46.60 -10.23 5.59
N ASP S 134 46.93 -11.23 4.77
CA ASP S 134 46.15 -11.47 3.57
C ASP S 134 44.81 -12.06 3.92
N LYS S 135 44.81 -13.19 4.63
CA LYS S 135 43.58 -13.82 5.06
C LYS S 135 43.00 -13.17 6.30
N SER S 136 43.84 -12.55 7.11
CA SER S 136 43.38 -11.73 8.22
C SER S 136 43.17 -10.31 7.72
N ARG S 137 42.50 -9.52 8.55
CA ARG S 137 42.26 -8.14 8.21
C ARG S 137 41.97 -7.38 9.49
N LEU S 138 41.49 -6.15 9.33
CA LEU S 138 41.16 -5.30 10.45
C LEU S 138 40.12 -4.30 9.97
N THR S 139 39.23 -3.91 10.88
CA THR S 139 38.33 -2.80 10.65
C THR S 139 38.27 -2.02 11.94
N LEU S 140 38.46 -0.71 11.83
CA LEU S 140 38.53 0.18 12.98
C LEU S 140 37.41 1.20 12.89
N GLY S 141 36.53 1.19 13.87
CA GLY S 141 35.49 2.17 13.96
C GLY S 141 34.29 1.85 13.08
N ASP S 142 33.21 2.57 13.35
CA ASP S 142 31.96 2.39 12.63
C ASP S 142 31.19 3.70 12.65
N ASP S 143 30.44 3.93 11.57
CA ASP S 143 29.70 5.17 11.35
C ASP S 143 28.23 4.89 11.10
N THR S 144 27.75 3.77 11.62
CA THR S 144 26.45 3.22 11.28
C THR S 144 25.53 3.08 12.46
N SER S 145 26.04 2.58 13.57
CA SER S 145 25.25 2.50 14.79
C SER S 145 25.10 3.88 15.39
N ASP S 146 23.93 4.13 15.93
CA ASP S 146 23.80 5.17 16.94
C ASP S 146 24.73 4.93 18.11
N PHE S 147 24.95 3.66 18.46
CA PHE S 147 26.03 3.30 19.37
C PHE S 147 27.34 3.40 18.62
N GLY S 148 28.43 3.12 19.33
CA GLY S 148 29.70 3.18 18.71
C GLY S 148 30.08 4.62 18.38
N LYS S 149 31.15 4.75 17.62
CA LYS S 149 31.65 6.06 17.22
C LYS S 149 32.42 5.92 15.93
N ALA S 150 32.39 7.00 15.16
CA ALA S 150 33.07 7.08 13.90
C ALA S 150 34.44 7.67 14.12
N VAL S 151 35.09 8.08 13.03
CA VAL S 151 36.33 8.83 13.05
C VAL S 151 36.15 10.05 12.16
N GLU S 152 36.69 11.17 12.63
CA GLU S 152 36.50 12.44 11.95
C GLU S 152 37.68 12.67 11.02
N ILE S 153 37.40 13.12 9.81
CA ILE S 153 38.44 13.48 8.85
C ILE S 153 38.09 14.81 8.24
N VAL S 154 39.13 15.61 7.98
CA VAL S 154 38.95 16.97 7.48
C VAL S 154 40.08 17.31 6.53
N ASP S 155 39.80 18.27 5.66
CA ASP S 155 40.84 19.03 4.99
C ASP S 155 41.35 20.13 5.92
N HIS S 156 42.44 20.75 5.53
CA HIS S 156 43.02 21.80 6.36
C HIS S 156 42.09 23.01 6.42
N ASP S 157 41.48 23.20 7.59
CA ASP S 157 40.81 24.45 7.94
C ASP S 157 41.71 25.18 8.91
N GLU S 158 41.67 26.52 8.86
CA GLU S 158 42.72 27.35 9.44
C GLU S 158 42.88 27.16 10.94
N LEU S 159 41.81 27.45 11.68
CA LEU S 159 41.94 27.67 13.12
C LEU S 159 42.03 26.36 13.88
N SER S 160 41.21 25.37 13.50
CA SER S 160 41.27 24.08 14.17
C SER S 160 42.61 23.41 13.96
N ASP S 161 43.13 23.44 12.73
CA ASP S 161 44.45 22.85 12.46
C ASP S 161 45.55 23.67 13.13
N ALA S 162 45.34 24.99 13.26
CA ALA S 162 46.30 25.82 13.98
C ALA S 162 46.38 25.40 15.43
N GLU S 163 45.22 25.09 16.02
CA GLU S 163 45.20 24.52 17.36
C GLU S 163 45.90 23.17 17.36
N THR S 164 45.64 22.37 16.32
CA THR S 164 46.05 20.98 16.31
C THR S 164 47.56 20.83 16.22
N ARG S 165 48.23 21.78 15.57
CA ARG S 165 49.68 21.74 15.44
C ARG S 165 50.42 22.22 16.69
N ALA S 166 49.72 22.39 17.82
CA ALA S 166 50.35 22.68 19.10
C ALA S 166 50.81 21.43 19.85
N VAL S 167 50.89 20.29 19.18
CA VAL S 167 51.33 19.06 19.81
C VAL S 167 52.84 19.07 19.95
N GLY T 1 7.91 37.43 -61.44
CA GLY T 1 8.67 36.76 -62.47
C GLY T 1 9.97 37.48 -62.81
N ASN T 2 10.54 38.13 -61.81
CA ASN T 2 11.73 38.92 -62.04
C ASN T 2 12.95 38.03 -62.20
N ILE T 3 13.95 38.56 -62.91
CA ILE T 3 15.29 38.00 -62.95
C ILE T 3 16.29 38.86 -62.20
N GLY T 4 16.03 40.14 -62.02
CA GLY T 4 16.89 41.03 -61.28
C GLY T 4 17.88 41.76 -62.18
N ASN T 5 18.65 42.62 -61.54
CA ASN T 5 19.56 43.53 -62.22
C ASN T 5 20.99 43.19 -61.83
N LEU T 6 21.91 43.64 -62.67
CA LEU T 6 23.30 43.21 -62.65
C LEU T 6 24.22 44.39 -62.40
N SER T 7 25.52 44.14 -62.55
CA SER T 7 26.56 45.14 -62.39
C SER T 7 27.43 45.16 -63.64
N ALA T 8 28.44 46.01 -63.58
CA ALA T 8 29.39 46.18 -64.66
C ALA T 8 30.63 45.30 -64.47
N GLU T 9 31.19 45.29 -63.28
CA GLU T 9 32.43 44.55 -63.07
C GLU T 9 32.16 43.06 -63.01
N LYS T 10 31.92 42.45 -64.16
CA LYS T 10 31.73 41.01 -64.16
C LYS T 10 33.04 40.32 -63.82
N GLN T 11 32.92 39.20 -63.12
CA GLN T 11 34.05 38.49 -62.55
C GLN T 11 34.14 37.16 -63.28
N ILE T 12 35.32 36.87 -63.86
CA ILE T 12 35.49 35.70 -64.72
C ILE T 12 36.81 34.99 -64.42
N SER T 13 37.09 33.99 -65.23
CA SER T 13 38.40 33.44 -65.49
C SER T 13 38.63 33.42 -66.99
N VAL T 14 39.85 33.08 -67.39
CA VAL T 14 40.30 33.16 -68.77
C VAL T 14 41.02 31.87 -69.12
N TYR T 15 40.89 31.48 -70.38
CA TYR T 15 41.49 30.25 -70.86
C TYR T 15 41.69 30.38 -72.36
N ASP T 16 41.97 29.26 -73.02
CA ASP T 16 42.43 29.30 -74.41
C ASP T 16 41.26 29.44 -75.38
N GLY T 17 40.23 28.65 -75.19
CA GLY T 17 39.21 28.52 -76.20
C GLY T 17 38.27 29.69 -76.36
N GLN T 18 38.40 30.72 -75.53
CA GLN T 18 37.50 31.85 -75.68
C GLN T 18 37.76 32.59 -76.98
N PRO T 19 36.75 33.29 -77.52
CA PRO T 19 36.89 33.88 -78.85
C PRO T 19 37.45 35.29 -78.84
N PHE T 20 38.54 35.48 -78.11
CA PHE T 20 39.36 36.67 -78.22
C PHE T 20 40.83 36.29 -78.03
N VAL T 21 41.13 35.07 -78.41
CA VAL T 21 42.35 34.36 -78.04
C VAL T 21 42.79 33.58 -79.26
N ASP T 22 44.08 33.34 -79.35
CA ASP T 22 44.64 32.52 -80.41
C ASP T 22 45.68 31.61 -79.82
N GLU T 23 45.49 30.32 -80.03
CA GLU T 23 46.51 29.31 -79.78
C GLU T 23 47.36 29.17 -81.02
N GLN T 24 48.56 28.64 -80.85
CA GLN T 24 49.49 28.53 -81.97
C GLN T 24 50.59 27.56 -81.57
N ASP T 25 50.68 26.43 -82.26
CA ASP T 25 51.73 25.46 -81.99
C ASP T 25 53.09 26.09 -82.27
N VAL T 26 54.11 25.60 -81.57
CA VAL T 26 55.42 26.25 -81.53
C VAL T 26 56.52 25.25 -81.83
N PRO T 27 57.61 25.63 -82.51
CA PRO T 27 58.75 24.73 -82.61
C PRO T 27 59.62 24.73 -81.36
N ALA T 28 60.79 24.12 -81.50
CA ALA T 28 61.76 23.99 -80.42
C ALA T 28 62.01 25.30 -79.69
N ASP T 29 62.74 26.22 -80.31
CA ASP T 29 63.44 27.27 -79.57
C ASP T 29 63.29 28.63 -80.22
N ASP T 30 62.11 28.93 -80.74
CA ASP T 30 61.80 30.22 -81.32
C ASP T 30 60.97 31.03 -80.33
N PRO T 31 61.59 31.78 -79.43
CA PRO T 31 60.82 32.47 -78.40
C PRO T 31 59.96 33.58 -78.94
N ASN T 32 60.43 34.23 -80.00
CA ASN T 32 59.72 35.39 -80.54
C ASN T 32 58.35 35.04 -81.05
N THR T 33 58.13 33.83 -81.45
CA THR T 33 56.83 33.45 -81.93
C THR T 33 55.86 33.37 -80.77
N PRO T 34 54.62 33.85 -80.88
CA PRO T 34 53.73 33.82 -79.74
C PRO T 34 52.91 32.54 -79.70
N ALA T 35 52.97 31.90 -78.55
CA ALA T 35 52.16 30.71 -78.33
C ALA T 35 50.70 31.08 -78.21
N LEU T 36 50.40 31.88 -77.20
CA LEU T 36 49.06 32.34 -76.92
C LEU T 36 48.99 33.84 -77.07
N THR T 37 47.91 34.29 -77.69
CA THR T 37 47.74 35.67 -78.05
C THR T 37 46.34 36.09 -77.67
N ILE T 38 46.22 36.83 -76.58
CA ILE T 38 45.00 37.53 -76.24
C ILE T 38 45.01 38.83 -76.99
N GLU T 39 43.85 39.19 -77.53
CA GLU T 39 43.60 40.57 -77.90
C GLU T 39 42.40 41.04 -77.10
N GLY T 40 42.22 42.34 -77.09
CA GLY T 40 41.10 42.90 -76.44
C GLY T 40 39.85 42.52 -77.19
N PRO T 41 38.72 42.63 -76.52
CA PRO T 41 37.46 42.12 -77.05
C PRO T 41 36.72 43.08 -77.99
N ASP T 42 37.32 44.22 -78.32
CA ASP T 42 36.69 45.21 -79.18
C ASP T 42 35.44 45.78 -78.52
N GLY T 43 35.66 46.49 -77.42
CA GLY T 43 34.65 47.36 -76.85
C GLY T 43 34.59 47.33 -75.35
N TYR T 44 34.85 46.18 -74.76
CA TYR T 44 34.92 46.07 -73.32
C TYR T 44 36.33 46.42 -72.87
N VAL T 45 36.58 46.29 -71.58
CA VAL T 45 37.88 46.50 -70.96
C VAL T 45 38.10 45.39 -69.95
N ILE T 46 39.35 44.95 -69.87
CA ILE T 46 39.76 43.86 -69.00
C ILE T 46 40.63 44.45 -67.91
N ALA T 47 40.55 43.86 -66.72
CA ALA T 47 41.41 44.25 -65.62
C ALA T 47 41.79 43.01 -64.83
N VAL T 48 43.06 42.94 -64.48
CA VAL T 48 43.64 41.85 -63.75
C VAL T 48 44.36 42.46 -62.58
N ASP T 49 43.80 42.31 -61.39
CA ASP T 49 44.48 42.76 -60.21
C ASP T 49 45.75 41.95 -60.01
N ALA T 50 46.63 42.48 -59.18
CA ALA T 50 47.85 41.76 -58.85
C ALA T 50 47.55 40.69 -57.81
N GLY T 51 48.55 39.85 -57.58
CA GLY T 51 48.35 38.73 -56.69
C GLY T 51 47.36 37.76 -57.29
N THR T 52 47.55 37.40 -58.56
CA THR T 52 46.55 36.76 -59.38
C THR T 52 47.11 35.50 -60.02
N PRO T 53 46.40 34.39 -59.98
CA PRO T 53 47.04 33.12 -60.20
C PRO T 53 47.27 32.81 -61.66
N ILE T 54 47.96 31.71 -61.94
CA ILE T 54 48.05 31.16 -63.28
C ILE T 54 48.02 29.65 -63.14
N ALA T 55 47.40 29.00 -64.12
CA ALA T 55 47.29 27.55 -64.16
C ALA T 55 47.55 27.12 -65.60
N PRO T 56 48.81 27.11 -66.02
CA PRO T 56 49.13 26.71 -67.40
C PRO T 56 49.27 25.21 -67.57
N GLU T 57 48.41 24.64 -68.40
CA GLU T 57 48.38 23.20 -68.63
C GLU T 57 49.22 22.87 -69.85
N PHE T 58 50.52 23.15 -69.78
CA PHE T 58 51.40 23.03 -70.93
C PHE T 58 51.94 21.63 -71.03
N ARG T 59 51.87 21.06 -72.23
CA ARG T 59 52.31 19.69 -72.48
C ARG T 59 52.84 19.62 -73.90
N ASP T 60 53.18 18.42 -74.32
CA ASP T 60 53.74 18.13 -75.62
C ASP T 60 52.67 17.60 -76.56
N SER T 61 53.11 17.09 -77.71
CA SER T 61 52.24 16.32 -78.57
C SER T 61 51.94 14.95 -77.98
N ASN T 62 52.93 14.31 -77.37
CA ASN T 62 52.78 12.97 -76.85
C ASN T 62 52.30 12.94 -75.40
N GLY T 63 51.58 13.98 -74.97
CA GLY T 63 50.87 13.94 -73.72
C GLY T 63 51.70 14.26 -72.49
N ASN T 64 53.01 14.22 -72.61
CA ASN T 64 53.89 14.42 -71.47
C ASN T 64 54.19 15.89 -71.28
N LYS T 65 54.89 16.18 -70.21
CA LYS T 65 55.25 17.54 -69.88
C LYS T 65 56.41 17.99 -70.74
N LEU T 66 56.76 19.26 -70.57
CA LEU T 66 57.89 19.86 -71.22
C LEU T 66 59.09 19.84 -70.29
N ASP T 67 60.14 20.51 -70.68
CA ASP T 67 61.29 20.62 -69.84
C ASP T 67 60.96 21.52 -68.65
N PRO T 68 61.38 21.17 -67.44
CA PRO T 68 61.18 22.10 -66.32
C PRO T 68 62.00 23.37 -66.44
N SER T 69 63.07 23.35 -67.21
CA SER T 69 63.93 24.52 -67.36
C SER T 69 63.33 25.59 -68.24
N THR T 70 62.25 25.28 -68.94
CA THR T 70 61.59 26.23 -69.80
C THR T 70 61.20 27.46 -69.02
N ARG T 71 61.07 28.58 -69.73
CA ARG T 71 60.60 29.83 -69.17
C ARG T 71 59.30 30.22 -69.83
N VAL T 72 58.28 30.37 -69.03
CA VAL T 72 57.03 30.97 -69.44
C VAL T 72 57.14 32.45 -69.16
N ILE T 73 56.67 33.25 -70.10
CA ILE T 73 56.61 34.69 -69.93
C ILE T 73 55.25 35.14 -70.39
N VAL T 74 54.64 36.01 -69.61
CA VAL T 74 53.44 36.73 -69.98
C VAL T 74 53.86 38.18 -70.12
N GLN T 75 53.58 38.75 -71.27
CA GLN T 75 54.05 40.09 -71.60
C GLN T 75 52.96 40.87 -72.28
N LYS T 76 52.90 42.14 -71.95
CA LYS T 76 51.99 43.07 -72.57
C LYS T 76 52.61 43.54 -73.87
N CYS T 77 51.77 43.92 -74.83
CA CYS T 77 52.22 44.24 -76.16
C CYS T 77 51.62 45.56 -76.58
N ASP T 78 51.99 45.97 -77.78
CA ASP T 78 51.36 47.11 -78.41
C ASP T 78 50.04 46.65 -79.01
N ARG T 79 49.43 47.48 -79.83
CA ARG T 79 48.19 47.14 -80.50
C ARG T 79 48.44 46.50 -81.85
N GLN T 80 49.64 45.98 -82.08
CA GLN T 80 50.09 45.49 -83.37
C GLN T 80 50.65 44.09 -83.31
N GLY T 81 51.42 43.77 -82.28
CA GLY T 81 52.06 42.48 -82.13
C GLY T 81 53.48 42.54 -81.62
N ASN T 82 53.98 43.74 -81.33
CA ASN T 82 55.34 43.87 -80.87
C ASN T 82 55.41 43.70 -79.36
N PRO T 83 56.50 43.20 -78.79
CA PRO T 83 56.65 43.24 -77.34
C PRO T 83 56.93 44.66 -76.87
N LEU T 84 57.15 44.76 -75.57
CA LEU T 84 57.36 46.04 -74.92
C LEU T 84 58.44 46.02 -73.86
N GLY T 85 58.97 44.87 -73.50
CA GLY T 85 60.03 44.86 -72.51
C GLY T 85 59.51 45.19 -71.13
N ASP T 86 59.13 46.43 -70.94
CA ASP T 86 58.44 46.85 -69.74
C ASP T 86 57.05 46.22 -69.75
N GLY T 87 56.32 46.36 -68.65
CA GLY T 87 54.98 45.83 -68.60
C GLY T 87 54.89 44.33 -68.59
N ILE T 88 56.00 43.64 -68.34
CA ILE T 88 55.91 42.22 -68.07
C ILE T 88 55.34 41.99 -66.67
N VAL T 89 54.58 40.90 -66.57
CA VAL T 89 53.95 40.47 -65.33
C VAL T 89 54.56 39.20 -64.78
N PHE T 90 55.12 38.33 -65.60
CA PHE T 90 55.53 37.01 -65.19
C PHE T 90 56.73 36.57 -66.00
N ASN T 91 57.68 35.95 -65.31
CA ASN T 91 58.77 35.24 -65.95
C ASN T 91 59.21 34.18 -64.96
N ASP T 92 58.73 32.96 -65.15
CA ASP T 92 59.20 31.86 -64.34
C ASP T 92 59.00 30.56 -65.10
N THR T 93 59.35 29.48 -64.44
CA THR T 93 59.51 28.19 -65.07
C THR T 93 58.30 27.31 -64.80
N LEU T 94 58.43 26.06 -65.21
CA LEU T 94 57.38 25.06 -65.15
C LEU T 94 57.69 23.97 -64.14
N GLY T 95 58.96 23.77 -63.82
CA GLY T 95 59.32 22.82 -62.80
C GLY T 95 58.77 23.22 -61.46
N ARG T 96 58.54 24.51 -61.26
CA ARG T 96 57.86 25.01 -60.08
C ARG T 96 56.35 24.84 -60.14
N PHE T 97 55.80 24.33 -61.23
CA PHE T 97 54.36 24.30 -61.45
C PHE T 97 53.84 22.87 -61.38
N ASP T 98 52.59 22.73 -60.93
CA ASP T 98 51.95 21.43 -60.75
C ASP T 98 50.50 21.56 -61.21
N TYR T 99 50.07 20.61 -62.04
CA TYR T 99 48.87 20.83 -62.85
C TYR T 99 47.62 20.26 -62.20
N GLU T 100 47.76 19.32 -61.29
CA GLU T 100 46.61 18.54 -60.89
C GLU T 100 45.70 19.27 -59.91
N GLN T 101 46.16 20.41 -59.37
CA GLN T 101 45.28 21.25 -58.55
C GLN T 101 45.58 22.73 -58.72
N MET T 102 46.21 23.13 -59.82
CA MET T 102 46.65 24.51 -60.04
C MET T 102 45.53 25.54 -59.99
N ARG T 103 44.25 25.15 -60.04
CA ARG T 103 43.13 26.07 -59.91
C ARG T 103 42.28 25.80 -58.68
N THR T 104 42.65 24.81 -57.86
CA THR T 104 41.91 24.45 -56.67
C THR T 104 42.50 25.02 -55.39
N ASP T 105 43.74 24.65 -55.09
CA ASP T 105 44.37 25.05 -53.84
C ASP T 105 45.02 26.42 -54.01
N PRO T 106 44.62 27.44 -53.23
CA PRO T 106 45.32 28.72 -53.35
C PRO T 106 46.78 28.63 -52.98
N ASP T 107 47.14 27.67 -52.13
CA ASP T 107 48.54 27.49 -51.78
C ASP T 107 49.33 26.94 -52.95
N PHE T 108 48.67 26.29 -53.91
CA PHE T 108 49.28 25.90 -55.17
C PHE T 108 49.13 26.95 -56.23
N MET T 109 48.23 27.92 -56.05
CA MET T 109 48.06 29.00 -57.02
C MET T 109 49.29 29.88 -57.00
N ARG T 110 50.20 29.67 -57.94
CA ARG T 110 51.27 30.62 -58.16
C ARG T 110 50.71 31.85 -58.84
N LYS T 111 51.17 33.03 -58.43
CA LYS T 111 50.48 34.27 -58.71
C LYS T 111 51.39 35.32 -59.31
N THR T 112 50.74 36.40 -59.72
CA THR T 112 51.35 37.52 -60.40
C THR T 112 52.08 38.41 -59.40
N ALA T 113 52.63 39.50 -59.92
CA ALA T 113 53.24 40.55 -59.13
C ALA T 113 52.59 41.90 -59.38
N LYS T 114 52.43 42.27 -60.63
CA LYS T 114 51.89 43.56 -61.02
C LYS T 114 50.40 43.43 -61.33
N SER T 115 49.70 44.53 -61.18
CA SER T 115 48.36 44.67 -61.71
C SER T 115 48.44 44.88 -63.21
N LEU T 116 47.28 45.00 -63.84
CA LEU T 116 47.24 45.10 -65.29
C LEU T 116 45.84 45.52 -65.72
N MET T 117 45.78 46.36 -66.76
CA MET T 117 44.51 46.87 -67.26
C MET T 117 44.63 46.98 -68.78
N ILE T 118 43.73 46.30 -69.50
CA ILE T 118 43.80 46.14 -70.94
C ILE T 118 42.61 46.83 -71.59
N ASP T 119 42.88 47.59 -72.66
CA ASP T 119 41.86 48.35 -73.37
C ASP T 119 41.42 47.60 -74.63
N GLU T 120 40.71 48.32 -75.51
CA GLU T 120 39.89 47.72 -76.55
C GLU T 120 40.69 46.87 -77.52
N ARG T 121 41.76 47.43 -78.07
CA ARG T 121 42.50 46.81 -79.16
C ARG T 121 43.86 46.30 -78.74
N GLU T 122 44.18 46.33 -77.46
CA GLU T 122 45.52 45.97 -77.01
C GLU T 122 45.68 44.46 -77.04
N ILE T 123 46.92 44.01 -76.94
CA ILE T 123 47.29 42.61 -77.07
C ILE T 123 48.18 42.21 -75.91
N VAL T 124 47.97 41.00 -75.43
CA VAL T 124 48.87 40.33 -74.51
C VAL T 124 49.34 39.06 -75.17
N LYS T 125 50.60 38.72 -74.95
CA LYS T 125 51.19 37.53 -75.50
C LYS T 125 51.81 36.70 -74.40
N VAL T 126 51.88 35.40 -74.69
CA VAL T 126 52.66 34.45 -73.93
C VAL T 126 53.82 34.02 -74.80
N PHE T 127 54.97 33.86 -74.19
CA PHE T 127 56.17 33.43 -74.86
C PHE T 127 56.84 32.34 -74.06
N VAL T 128 57.54 31.49 -74.78
CA VAL T 128 58.07 30.25 -74.26
C VAL T 128 59.53 30.13 -74.69
N ASP T 129 60.45 30.30 -73.74
CA ASP T 129 61.87 30.20 -74.01
C ASP T 129 62.32 28.80 -73.62
N ILE T 130 62.88 28.08 -74.58
CA ILE T 130 63.02 26.63 -74.53
C ILE T 130 64.43 26.26 -74.95
N PRO T 131 64.92 25.11 -74.54
CA PRO T 131 66.06 24.50 -75.23
C PRO T 131 65.68 23.92 -76.59
N ALA T 132 66.64 23.25 -77.22
CA ALA T 132 66.48 22.71 -78.56
C ALA T 132 66.03 21.26 -78.61
N GLY T 133 66.08 20.54 -77.49
CA GLY T 133 65.78 19.11 -77.54
C GLY T 133 64.31 18.80 -77.41
N ALA T 134 63.52 19.76 -76.94
CA ALA T 134 62.15 19.49 -76.57
C ALA T 134 61.29 19.13 -77.77
N ASN T 135 60.04 18.78 -77.45
CA ASN T 135 59.06 18.33 -78.44
C ASN T 135 57.98 19.39 -78.69
N GLY T 136 58.24 20.61 -78.22
CA GLY T 136 57.48 21.75 -78.72
C GLY T 136 56.26 22.10 -77.92
N TYR T 137 55.14 22.26 -78.61
CA TYR T 137 53.90 22.72 -77.99
C TYR T 137 52.76 22.27 -78.88
N ASP T 138 51.91 21.39 -78.36
CA ASP T 138 50.69 20.97 -79.04
C ASP T 138 49.51 21.59 -78.32
N ALA T 139 49.03 22.69 -78.86
CA ALA T 139 48.08 23.52 -78.13
C ALA T 139 46.70 22.88 -78.07
N ASP T 140 46.43 21.94 -78.97
CA ASP T 140 45.19 21.17 -78.85
C ASP T 140 45.18 20.42 -77.53
N LYS T 141 46.33 19.89 -77.14
CA LYS T 141 46.44 19.04 -75.98
C LYS T 141 46.95 19.76 -74.75
N SER T 142 47.30 21.04 -74.88
CA SER T 142 47.65 21.87 -73.74
C SER T 142 46.66 23.01 -73.64
N ARG T 143 46.60 23.60 -72.46
CA ARG T 143 45.69 24.69 -72.24
C ARG T 143 46.19 25.54 -71.09
N LEU T 144 45.38 26.51 -70.74
CA LEU T 144 45.70 27.50 -69.74
C LEU T 144 44.45 27.85 -68.96
N THR T 145 44.67 28.28 -67.73
CA THR T 145 43.59 28.75 -66.88
C THR T 145 44.10 29.91 -66.06
N LEU T 146 43.21 30.86 -65.79
CA LEU T 146 43.60 32.14 -65.22
C LEU T 146 42.41 32.73 -64.48
N GLY T 147 42.42 32.59 -63.17
CA GLY T 147 41.35 33.12 -62.34
C GLY T 147 40.22 32.12 -62.14
N ASP T 148 39.20 32.60 -61.45
CA ASP T 148 38.00 31.83 -61.17
C ASP T 148 36.98 32.78 -60.58
N ASP T 149 35.71 32.55 -60.91
CA ASP T 149 34.63 33.45 -60.58
C ASP T 149 33.59 32.83 -59.65
N THR T 150 33.51 31.52 -59.62
CA THR T 150 32.53 30.83 -58.81
C THR T 150 32.93 30.75 -57.36
N SER T 151 34.21 30.61 -57.08
CA SER T 151 34.72 30.51 -55.73
C SER T 151 34.77 31.90 -55.10
N ASP T 152 35.54 32.01 -54.02
CA ASP T 152 35.87 33.27 -53.40
C ASP T 152 37.38 33.45 -53.29
N PHE T 153 38.14 32.74 -54.13
CA PHE T 153 39.55 32.49 -53.90
C PHE T 153 40.36 32.92 -55.11
N GLY T 154 41.68 32.93 -54.93
CA GLY T 154 42.56 33.58 -55.88
C GLY T 154 42.14 35.03 -56.03
N LYS T 155 41.87 35.44 -57.26
CA LYS T 155 41.06 36.62 -57.49
C LYS T 155 40.52 36.57 -58.91
N ALA T 156 39.21 36.65 -59.03
CA ALA T 156 38.58 36.66 -60.32
C ALA T 156 39.02 37.88 -61.12
N VAL T 157 38.78 37.84 -62.42
CA VAL T 157 39.24 38.87 -63.33
C VAL T 157 38.06 39.75 -63.70
N GLU T 158 38.31 41.04 -63.74
CA GLU T 158 37.26 42.03 -63.95
C GLU T 158 37.11 42.30 -65.43
N ILE T 159 35.87 42.40 -65.88
CA ILE T 159 35.56 42.90 -67.21
C ILE T 159 34.41 43.88 -67.11
N VAL T 160 34.46 44.90 -67.97
CA VAL T 160 33.45 45.96 -67.97
C VAL T 160 33.20 46.46 -69.38
N ASP T 161 32.03 47.06 -69.57
CA ASP T 161 31.80 48.04 -70.63
C ASP T 161 32.33 49.37 -70.11
N HIS T 162 31.98 50.47 -70.75
CA HIS T 162 32.69 51.71 -70.54
C HIS T 162 32.01 52.59 -69.52
N ASP T 163 32.78 53.00 -68.52
CA ASP T 163 32.41 54.02 -67.54
C ASP T 163 33.38 55.19 -67.67
N GLU T 164 32.84 56.41 -67.71
CA GLU T 164 33.33 57.49 -68.56
C GLU T 164 34.75 58.03 -68.39
N LEU T 165 35.03 58.77 -67.32
CA LEU T 165 36.27 59.51 -67.21
C LEU T 165 37.30 58.73 -66.45
N SER T 166 36.84 57.74 -65.71
CA SER T 166 37.68 56.59 -65.44
C SER T 166 38.26 56.03 -66.73
N ASP T 167 37.47 56.00 -67.81
CA ASP T 167 38.01 55.57 -69.10
C ASP T 167 38.97 56.61 -69.65
N ALA T 168 38.64 57.88 -69.45
CA ALA T 168 39.53 58.93 -69.93
C ALA T 168 40.90 58.83 -69.27
N GLU T 169 40.96 58.38 -68.02
CA GLU T 169 42.24 58.21 -67.34
C GLU T 169 42.87 56.87 -67.70
N THR T 170 42.04 55.84 -67.93
CA THR T 170 42.57 54.55 -68.33
C THR T 170 43.25 54.63 -69.66
N ARG T 171 42.75 55.48 -70.53
CA ARG T 171 43.34 55.71 -71.84
C ARG T 171 44.70 56.38 -71.76
N ALA T 172 45.12 56.82 -70.58
CA ALA T 172 46.47 57.32 -70.35
C ALA T 172 47.52 56.22 -70.27
N VAL T 173 47.15 54.97 -70.55
CA VAL T 173 48.13 53.92 -70.75
C VAL T 173 49.08 54.22 -71.89
N LYS T 174 48.65 55.04 -72.85
CA LYS T 174 49.49 55.48 -73.96
C LYS T 174 50.83 56.00 -73.48
N ALA T 175 51.87 55.64 -74.22
CA ALA T 175 53.22 55.93 -73.81
C ALA T 175 53.52 57.41 -73.84
N GLY U 1 39.99 16.48 -3.77
CA GLY U 1 39.05 15.65 -4.49
C GLY U 1 37.97 16.46 -5.16
N ASN U 2 38.35 17.61 -5.69
CA ASN U 2 37.40 18.56 -6.26
C ASN U 2 37.27 18.32 -7.74
N ILE U 3 36.21 18.90 -8.31
CA ILE U 3 35.89 18.77 -9.72
C ILE U 3 35.64 20.09 -10.41
N GLY U 4 35.23 21.12 -9.68
CA GLY U 4 34.88 22.39 -10.30
C GLY U 4 33.43 22.42 -10.69
N ASN U 5 32.69 23.38 -10.16
CA ASN U 5 31.29 23.51 -10.50
C ASN U 5 31.14 23.93 -11.95
N LEU U 6 29.93 23.78 -12.45
CA LEU U 6 29.63 23.92 -13.87
C LEU U 6 28.59 25.00 -14.08
N SER U 7 28.74 25.71 -15.19
CA SER U 7 27.64 26.49 -15.69
C SER U 7 26.52 25.56 -16.11
N ALA U 8 25.29 26.07 -16.07
CA ALA U 8 24.14 25.25 -16.40
C ALA U 8 24.17 24.81 -17.86
N GLU U 9 24.74 25.63 -18.73
CA GLU U 9 24.69 25.39 -20.16
C GLU U 9 25.79 24.40 -20.52
N LYS U 10 25.42 23.13 -20.64
CA LYS U 10 26.34 22.08 -21.02
C LYS U 10 26.41 21.98 -22.53
N GLN U 11 27.62 22.15 -23.05
CA GLN U 11 27.90 22.02 -24.48
C GLN U 11 28.20 20.56 -24.77
N ILE U 12 27.32 19.90 -25.53
CA ILE U 12 27.46 18.49 -25.86
C ILE U 12 27.19 18.28 -27.35
N SER U 13 27.16 17.00 -27.71
CA SER U 13 26.76 16.52 -29.02
C SER U 13 25.61 15.53 -28.86
N VAL U 14 25.19 14.95 -29.98
CA VAL U 14 24.09 14.00 -30.01
C VAL U 14 24.44 12.88 -30.96
N TYR U 15 24.02 11.67 -30.61
CA TYR U 15 24.27 10.50 -31.43
C TYR U 15 23.13 9.51 -31.22
N ASP U 16 23.18 8.41 -31.97
CA ASP U 16 22.02 7.55 -32.10
C ASP U 16 21.76 6.73 -30.84
N GLY U 17 22.80 6.31 -30.15
CA GLY U 17 22.67 5.36 -29.06
C GLY U 17 22.28 5.92 -27.72
N GLN U 18 21.64 7.10 -27.68
CA GLN U 18 21.34 7.77 -26.42
C GLN U 18 19.90 7.51 -26.00
N PRO U 19 19.60 7.55 -24.69
CA PRO U 19 18.26 7.15 -24.23
C PRO U 19 17.26 8.29 -24.24
N PHE U 20 17.28 9.10 -25.30
CA PHE U 20 16.20 10.03 -25.58
C PHE U 20 15.99 10.14 -27.09
N VAL U 21 16.44 9.12 -27.82
CA VAL U 21 16.47 9.12 -29.27
C VAL U 21 16.31 7.68 -29.72
N ASP U 22 15.57 7.48 -30.80
CA ASP U 22 15.24 6.16 -31.31
C ASP U 22 15.44 6.10 -32.81
N GLU U 23 15.89 4.94 -33.25
CA GLU U 23 16.09 4.61 -34.65
C GLU U 23 14.94 3.74 -35.14
N GLN U 24 14.80 3.68 -36.45
CA GLN U 24 13.85 2.75 -37.05
C GLN U 24 14.20 2.58 -38.52
N ASP U 25 14.47 1.35 -38.92
CA ASP U 25 14.77 1.08 -40.33
C ASP U 25 13.54 1.36 -41.17
N VAL U 26 13.77 1.98 -42.32
CA VAL U 26 12.69 2.42 -43.20
C VAL U 26 12.59 1.47 -44.38
N PRO U 27 11.43 1.29 -45.00
CA PRO U 27 11.38 0.60 -46.29
C PRO U 27 11.91 1.46 -47.41
N ALA U 28 11.66 1.01 -48.65
CA ALA U 28 12.24 1.62 -49.84
C ALA U 28 11.96 3.11 -49.92
N ASP U 29 10.70 3.50 -50.08
CA ASP U 29 10.34 4.85 -50.53
C ASP U 29 9.18 5.41 -49.71
N ASP U 30 9.26 5.28 -48.39
CA ASP U 30 8.30 5.87 -47.47
C ASP U 30 8.91 7.13 -46.85
N PRO U 31 8.53 8.34 -47.26
CA PRO U 31 9.05 9.53 -46.58
C PRO U 31 8.40 9.83 -45.25
N ASN U 32 7.09 9.62 -45.13
CA ASN U 32 6.39 10.00 -43.92
C ASN U 32 6.80 9.19 -42.70
N THR U 33 7.43 8.06 -42.89
CA THR U 33 7.94 7.31 -41.76
C THR U 33 9.12 8.06 -41.15
N PRO U 34 9.10 8.37 -39.85
CA PRO U 34 10.33 8.94 -39.27
C PRO U 34 11.37 7.86 -39.01
N ALA U 35 12.49 7.99 -39.72
CA ALA U 35 13.62 7.11 -39.50
C ALA U 35 14.13 7.27 -38.07
N LEU U 36 14.34 8.51 -37.67
CA LEU U 36 14.90 8.85 -36.38
C LEU U 36 13.97 9.79 -35.65
N THR U 37 13.84 9.55 -34.35
CA THR U 37 12.99 10.35 -33.48
C THR U 37 13.83 10.79 -32.29
N ILE U 38 13.63 12.02 -31.87
CA ILE U 38 14.23 12.57 -30.67
C ILE U 38 13.12 13.15 -29.83
N GLU U 39 13.22 12.94 -28.51
CA GLU U 39 12.23 13.49 -27.59
C GLU U 39 12.95 14.09 -26.40
N GLY U 40 12.28 15.03 -25.76
CA GLY U 40 12.84 15.69 -24.61
C GLY U 40 13.15 14.70 -23.48
N PRO U 41 14.18 14.98 -22.68
CA PRO U 41 14.63 14.01 -21.69
C PRO U 41 13.87 14.03 -20.37
N ASP U 42 12.75 14.74 -20.31
CA ASP U 42 11.92 14.79 -19.11
C ASP U 42 12.68 15.38 -17.93
N GLY U 43 12.95 16.68 -18.05
CA GLY U 43 13.42 17.47 -16.93
C GLY U 43 14.44 18.50 -17.35
N TYR U 44 15.16 18.24 -18.43
CA TYR U 44 16.12 19.16 -18.98
C TYR U 44 15.57 19.76 -20.26
N VAL U 45 16.29 20.74 -20.76
CA VAL U 45 15.91 21.48 -21.95
C VAL U 45 17.13 21.62 -22.84
N ILE U 46 16.91 21.39 -24.13
CA ILE U 46 17.95 21.43 -25.16
C ILE U 46 17.76 22.70 -25.96
N ALA U 47 18.89 23.27 -26.40
CA ALA U 47 18.90 24.43 -27.28
C ALA U 47 19.94 24.17 -28.34
N VAL U 48 19.48 24.05 -29.58
CA VAL U 48 20.35 24.06 -30.76
C VAL U 48 20.21 25.42 -31.41
N ASP U 49 21.35 25.95 -31.83
CA ASP U 49 21.41 27.17 -32.62
C ASP U 49 21.81 26.80 -34.03
N ALA U 50 21.61 27.75 -34.95
CA ALA U 50 21.92 27.51 -36.34
C ALA U 50 23.41 27.27 -36.54
N GLY U 51 23.76 26.86 -37.76
CA GLY U 51 25.13 26.51 -38.03
C GLY U 51 25.59 25.29 -37.28
N THR U 52 24.70 24.40 -37.00
CA THR U 52 24.99 23.17 -36.29
C THR U 52 25.29 22.07 -37.30
N PRO U 53 26.39 21.34 -37.16
CA PRO U 53 26.77 20.41 -38.23
C PRO U 53 26.02 19.09 -38.19
N ILE U 54 26.19 18.29 -39.24
CA ILE U 54 25.62 16.96 -39.31
C ILE U 54 26.66 16.04 -39.92
N ALA U 55 26.75 14.82 -39.37
CA ALA U 55 27.36 13.68 -40.03
C ALA U 55 26.28 12.61 -40.10
N PRO U 56 25.41 12.66 -41.13
CA PRO U 56 24.28 11.72 -41.20
C PRO U 56 24.60 10.46 -42.00
N GLU U 57 25.40 9.57 -41.40
CA GLU U 57 25.95 8.46 -42.16
C GLU U 57 24.87 7.41 -42.31
N PHE U 58 24.07 7.56 -43.36
CA PHE U 58 22.97 6.64 -43.67
C PHE U 58 23.44 5.63 -44.70
N ARG U 59 23.30 4.35 -44.36
CA ARG U 59 23.76 3.25 -45.20
C ARG U 59 22.70 2.15 -45.20
N ASP U 60 22.91 1.16 -46.06
CA ASP U 60 22.01 0.02 -46.17
C ASP U 60 22.46 -1.12 -45.26
N SER U 61 21.83 -2.27 -45.43
CA SER U 61 22.23 -3.45 -44.68
C SER U 61 23.63 -3.91 -45.07
N ASN U 62 23.94 -3.89 -46.36
CA ASN U 62 25.28 -4.17 -46.82
C ASN U 62 26.23 -3.01 -46.60
N GLY U 63 25.74 -1.87 -46.11
CA GLY U 63 26.57 -0.75 -45.76
C GLY U 63 26.92 0.17 -46.91
N ASN U 64 26.74 -0.30 -48.14
CA ASN U 64 27.09 0.50 -49.30
C ASN U 64 26.24 1.75 -49.33
N LYS U 65 26.82 2.83 -49.84
CA LYS U 65 26.15 4.12 -49.77
C LYS U 65 24.91 4.09 -50.63
N LEU U 66 23.94 4.91 -50.23
CA LEU U 66 22.62 4.84 -50.82
C LEU U 66 22.64 5.50 -52.19
N ASP U 67 21.47 5.64 -52.76
CA ASP U 67 21.35 6.46 -53.93
C ASP U 67 21.58 7.91 -53.50
N PRO U 68 22.56 8.61 -54.05
CA PRO U 68 22.83 9.97 -53.57
C PRO U 68 21.70 10.94 -53.84
N SER U 69 20.79 10.60 -54.75
CA SER U 69 19.62 11.42 -55.05
C SER U 69 18.62 11.48 -53.92
N THR U 70 18.78 10.66 -52.88
CA THR U 70 17.87 10.66 -51.75
C THR U 70 17.80 12.02 -51.09
N ARG U 71 16.61 12.35 -50.60
CA ARG U 71 16.36 13.59 -49.89
C ARG U 71 16.24 13.29 -48.40
N VAL U 72 16.78 14.20 -47.59
CA VAL U 72 16.64 14.15 -46.14
C VAL U 72 15.90 15.39 -45.69
N ILE U 73 15.08 15.23 -44.66
CA ILE U 73 14.36 16.33 -44.06
C ILE U 73 14.41 16.14 -42.56
N VAL U 74 14.57 17.25 -41.83
CA VAL U 74 14.62 17.27 -40.38
C VAL U 74 13.59 18.28 -39.93
N GLN U 75 12.77 17.91 -38.95
CA GLN U 75 11.65 18.77 -38.60
C GLN U 75 11.20 18.56 -37.16
N LYS U 76 10.95 19.67 -36.48
CA LYS U 76 10.26 19.65 -35.21
C LYS U 76 8.79 19.31 -35.44
N CYS U 77 8.20 18.63 -34.46
CA CYS U 77 6.79 18.25 -34.51
C CYS U 77 6.12 18.75 -33.24
N ASP U 78 4.85 18.41 -33.11
CA ASP U 78 4.08 18.72 -31.92
C ASP U 78 4.44 17.71 -30.83
N ARG U 79 3.70 17.75 -29.73
CA ARG U 79 3.85 16.77 -28.66
C ARG U 79 3.17 15.44 -28.99
N GLN U 80 2.56 15.31 -30.16
CA GLN U 80 1.79 14.14 -30.55
C GLN U 80 2.51 13.29 -31.57
N GLY U 81 3.18 13.92 -32.52
CA GLY U 81 3.87 13.25 -33.61
C GLY U 81 3.65 13.86 -34.97
N ASN U 82 2.91 14.94 -35.06
CA ASN U 82 2.53 15.54 -36.33
C ASN U 82 3.53 16.63 -36.69
N PRO U 83 4.20 16.59 -37.84
CA PRO U 83 5.11 17.68 -38.18
C PRO U 83 4.37 18.99 -38.39
N LEU U 84 5.14 20.07 -38.37
CA LEU U 84 4.59 21.42 -38.38
C LEU U 84 4.61 22.08 -39.75
N GLY U 85 5.53 21.68 -40.62
CA GLY U 85 5.81 22.47 -41.80
C GLY U 85 6.69 23.65 -41.45
N ASP U 86 6.18 24.55 -40.62
CA ASP U 86 7.01 25.56 -39.99
C ASP U 86 8.09 24.89 -39.16
N GLY U 87 9.16 25.63 -38.91
CA GLY U 87 10.20 25.17 -38.02
C GLY U 87 11.10 24.10 -38.59
N ILE U 88 11.11 23.90 -39.91
CA ILE U 88 12.09 23.04 -40.51
C ILE U 88 13.48 23.63 -40.28
N VAL U 89 14.46 22.76 -40.10
CA VAL U 89 15.83 23.15 -39.81
C VAL U 89 16.73 22.79 -40.97
N PHE U 90 16.40 21.73 -41.69
CA PHE U 90 17.31 21.15 -42.66
C PHE U 90 16.52 20.46 -43.75
N ASN U 91 17.05 20.54 -44.98
CA ASN U 91 16.56 19.74 -46.09
C ASN U 91 17.67 19.70 -47.12
N ASP U 92 18.25 18.52 -47.32
CA ASP U 92 19.32 18.38 -48.29
C ASP U 92 19.44 16.92 -48.69
N THR U 93 20.33 16.67 -49.64
CA THR U 93 20.54 15.36 -50.23
C THR U 93 21.65 14.62 -49.49
N LEU U 94 22.12 13.54 -50.11
CA LEU U 94 23.19 12.70 -49.61
C LEU U 94 24.48 12.95 -50.35
N GLY U 95 24.42 12.99 -51.68
CA GLY U 95 25.59 13.17 -52.50
C GLY U 95 26.21 14.54 -52.36
N ARG U 96 25.50 15.47 -51.72
CA ARG U 96 26.13 16.70 -51.25
C ARG U 96 27.10 16.43 -50.11
N PHE U 97 26.99 15.29 -49.44
CA PHE U 97 27.96 14.86 -48.44
C PHE U 97 28.99 13.95 -49.06
N ASP U 98 30.03 13.67 -48.29
CA ASP U 98 31.07 12.71 -48.67
C ASP U 98 31.45 12.02 -47.36
N TYR U 99 30.94 10.81 -47.19
CA TYR U 99 31.04 10.03 -45.97
C TYR U 99 32.47 9.86 -45.50
N GLU U 100 33.42 9.89 -46.43
CA GLU U 100 34.82 9.68 -46.07
C GLU U 100 35.33 10.79 -45.17
N GLN U 101 34.86 12.02 -45.39
CA GLN U 101 35.32 13.16 -44.63
C GLN U 101 34.24 14.20 -44.39
N MET U 102 32.97 13.79 -44.37
CA MET U 102 31.91 14.76 -44.22
C MET U 102 31.92 15.42 -42.84
N ARG U 103 32.47 14.74 -41.84
CA ARG U 103 32.60 15.27 -40.49
C ARG U 103 34.01 15.77 -40.18
N THR U 104 34.97 15.54 -41.08
CA THR U 104 36.37 15.83 -40.81
C THR U 104 36.78 17.25 -41.19
N ASP U 105 36.71 17.59 -42.46
CA ASP U 105 37.21 18.86 -42.96
C ASP U 105 36.09 19.88 -42.94
N PRO U 106 36.28 21.10 -42.40
CA PRO U 106 35.17 22.07 -42.39
C PRO U 106 34.68 22.46 -43.77
N ASP U 107 35.48 22.26 -44.81
CA ASP U 107 35.02 22.49 -46.17
C ASP U 107 33.98 21.47 -46.61
N PHE U 108 33.77 20.39 -45.84
CA PHE U 108 32.85 19.32 -46.19
C PHE U 108 31.68 19.20 -45.22
N MET U 109 31.58 20.08 -44.24
CA MET U 109 30.54 20.01 -43.21
C MET U 109 29.38 20.91 -43.61
N ARG U 110 28.26 20.29 -43.97
CA ARG U 110 27.01 21.04 -44.05
C ARG U 110 26.47 21.22 -42.65
N LYS U 111 25.55 22.17 -42.51
CA LYS U 111 25.05 22.55 -41.21
C LYS U 111 23.57 22.89 -41.31
N THR U 112 23.01 23.34 -40.20
CA THR U 112 21.63 23.74 -40.13
C THR U 112 21.44 25.09 -40.80
N ALA U 113 20.22 25.61 -40.70
CA ALA U 113 19.88 26.95 -41.14
C ALA U 113 19.12 27.75 -40.10
N LYS U 114 18.65 27.12 -39.03
CA LYS U 114 17.90 27.81 -37.99
C LYS U 114 18.27 27.24 -36.63
N SER U 115 17.79 27.91 -35.59
CA SER U 115 17.99 27.47 -34.22
C SER U 115 16.88 26.48 -33.87
N LEU U 116 16.87 26.02 -32.62
CA LEU U 116 15.85 25.07 -32.20
C LEU U 116 15.88 24.96 -30.69
N MET U 117 14.76 24.51 -30.13
CA MET U 117 14.59 24.38 -28.69
C MET U 117 13.70 23.18 -28.42
N ILE U 118 14.07 22.38 -27.42
CA ILE U 118 13.34 21.17 -27.05
C ILE U 118 13.03 21.26 -25.57
N ASP U 119 11.75 21.31 -25.24
CA ASP U 119 11.31 21.26 -23.85
C ASP U 119 11.36 19.82 -23.36
N GLU U 120 10.75 19.56 -22.21
CA GLU U 120 10.79 18.24 -21.59
C GLU U 120 10.14 17.16 -22.46
N ARG U 121 9.22 17.54 -23.35
CA ARG U 121 8.47 16.58 -24.15
C ARG U 121 8.50 16.87 -25.65
N GLU U 122 9.13 17.96 -26.08
CA GLU U 122 9.10 18.27 -27.50
C GLU U 122 9.86 17.23 -28.29
N ILE U 123 9.49 17.15 -29.57
CA ILE U 123 9.80 16.03 -30.42
C ILE U 123 10.34 16.54 -31.75
N VAL U 124 11.35 15.84 -32.24
CA VAL U 124 11.91 16.07 -33.56
C VAL U 124 11.92 14.75 -34.31
N LYS U 125 11.63 14.83 -35.60
CA LYS U 125 11.60 13.68 -36.48
C LYS U 125 12.50 13.93 -37.68
N VAL U 126 12.93 12.83 -38.28
CA VAL U 126 13.82 12.84 -39.42
C VAL U 126 13.20 11.95 -40.49
N PHE U 127 12.95 12.52 -41.65
CA PHE U 127 12.31 11.85 -42.77
C PHE U 127 13.27 11.71 -43.93
N VAL U 128 13.04 10.68 -44.74
CA VAL U 128 13.91 10.32 -45.85
C VAL U 128 13.06 9.99 -47.05
N ASP U 129 13.19 10.78 -48.13
CA ASP U 129 12.42 10.63 -49.34
C ASP U 129 13.30 10.00 -50.42
N ILE U 130 12.88 8.84 -50.92
CA ILE U 130 13.78 7.88 -51.52
C ILE U 130 13.12 7.31 -52.78
N PRO U 131 13.87 6.92 -53.82
CA PRO U 131 13.27 6.14 -54.90
C PRO U 131 13.08 4.68 -54.54
N ALA U 132 12.63 3.89 -55.50
CA ALA U 132 12.44 2.46 -55.34
C ALA U 132 13.73 1.66 -55.32
N GLY U 133 14.82 2.22 -55.81
CA GLY U 133 16.02 1.43 -56.01
C GLY U 133 16.86 1.25 -54.76
N ALA U 134 16.40 1.80 -53.64
CA ALA U 134 17.17 1.68 -52.41
C ALA U 134 17.24 0.22 -51.97
N ASN U 135 18.35 -0.12 -51.32
CA ASN U 135 18.48 -1.40 -50.65
C ASN U 135 18.08 -1.22 -49.19
N GLY U 136 16.94 -0.59 -48.96
CA GLY U 136 16.47 -0.36 -47.61
C GLY U 136 17.29 0.68 -46.89
N TYR U 137 17.23 0.64 -45.56
CA TYR U 137 17.93 1.60 -44.72
C TYR U 137 18.19 0.91 -43.39
N ASP U 138 19.42 0.47 -43.17
CA ASP U 138 19.80 -0.26 -41.97
C ASP U 138 20.39 0.70 -40.96
N ALA U 139 19.76 0.77 -39.78
CA ALA U 139 20.21 1.70 -38.75
C ALA U 139 21.38 1.15 -37.97
N ASP U 140 21.50 -0.18 -37.91
CA ASP U 140 22.59 -0.79 -37.16
C ASP U 140 23.93 -0.45 -37.83
N LYS U 141 24.00 -0.59 -39.14
CA LYS U 141 25.18 -0.20 -39.91
C LYS U 141 25.11 1.22 -40.41
N SER U 142 24.35 2.08 -39.72
CA SER U 142 24.30 3.50 -40.01
C SER U 142 24.28 4.23 -38.69
N ARG U 143 24.42 5.55 -38.76
CA ARG U 143 24.43 6.35 -37.55
C ARG U 143 24.29 7.81 -37.92
N LEU U 144 24.29 8.65 -36.89
CA LEU U 144 24.17 10.08 -37.06
C LEU U 144 25.01 10.77 -36.01
N THR U 145 25.50 11.94 -36.38
CA THR U 145 26.14 12.85 -35.45
C THR U 145 25.56 14.24 -35.63
N LEU U 146 25.22 14.85 -34.50
CA LEU U 146 24.77 16.23 -34.46
C LEU U 146 25.52 16.95 -33.36
N GLY U 147 25.90 18.19 -33.64
CA GLY U 147 26.64 18.99 -32.70
C GLY U 147 28.14 18.76 -32.82
N ASP U 148 28.89 19.63 -32.17
CA ASP U 148 30.35 19.51 -32.13
C ASP U 148 30.83 20.04 -30.80
N ASP U 149 31.28 19.14 -29.93
CA ASP U 149 31.69 19.44 -28.57
C ASP U 149 33.14 19.00 -28.33
N THR U 150 33.94 19.06 -29.38
CA THR U 150 35.29 18.52 -29.40
C THR U 150 36.32 19.50 -29.91
N SER U 151 35.92 20.44 -30.77
CA SER U 151 36.85 21.31 -31.47
C SER U 151 36.37 22.75 -31.48
N ASP U 152 37.22 23.64 -31.97
CA ASP U 152 36.85 25.02 -32.25
C ASP U 152 35.86 25.12 -33.40
N PHE U 153 35.79 24.11 -34.25
CA PHE U 153 34.92 24.14 -35.40
C PHE U 153 33.49 23.83 -34.98
N GLY U 154 32.55 24.26 -35.81
CA GLY U 154 31.16 23.99 -35.58
C GLY U 154 30.68 24.60 -34.28
N LYS U 155 29.67 23.96 -33.70
CA LYS U 155 29.17 24.35 -32.40
C LYS U 155 28.72 23.10 -31.67
N ALA U 156 28.36 23.29 -30.41
CA ALA U 156 27.78 22.26 -29.57
C ALA U 156 26.37 22.66 -29.22
N VAL U 157 25.62 21.69 -28.77
CA VAL U 157 24.25 21.89 -28.33
C VAL U 157 24.27 22.20 -26.85
N GLU U 158 23.48 23.19 -26.46
CA GLU U 158 23.41 23.61 -25.06
C GLU U 158 22.29 22.83 -24.39
N ILE U 159 22.55 22.40 -23.16
CA ILE U 159 21.55 21.73 -22.34
C ILE U 159 21.54 22.37 -20.96
N VAL U 160 20.35 22.46 -20.38
CA VAL U 160 20.17 23.02 -19.05
C VAL U 160 19.13 22.21 -18.30
N ASP U 161 19.16 22.32 -16.98
CA ASP U 161 18.07 21.90 -16.14
C ASP U 161 17.08 23.06 -16.02
N HIS U 162 16.00 22.85 -15.28
CA HIS U 162 14.97 23.87 -15.11
C HIS U 162 15.44 24.94 -14.14
N ASP U 163 15.55 26.17 -14.63
CA ASP U 163 15.76 27.35 -13.81
C ASP U 163 14.67 28.36 -14.15
N GLU U 164 14.35 29.23 -13.18
CA GLU U 164 13.05 29.89 -13.13
C GLU U 164 12.80 30.78 -14.35
N LEU U 165 13.58 31.85 -14.50
CA LEU U 165 13.25 32.84 -15.52
C LEU U 165 13.58 32.32 -16.90
N SER U 166 14.63 31.49 -16.98
CA SER U 166 14.97 30.81 -18.23
C SER U 166 13.80 29.99 -18.75
N ASP U 167 13.21 29.15 -17.91
CA ASP U 167 12.10 28.32 -18.39
C ASP U 167 10.84 29.14 -18.60
N ALA U 168 10.64 30.20 -17.81
CA ALA U 168 9.50 31.08 -18.01
C ALA U 168 9.54 31.70 -19.40
N GLU U 169 10.72 32.15 -19.83
CA GLU U 169 10.87 32.65 -21.18
C GLU U 169 10.81 31.52 -22.20
N THR U 170 11.29 30.32 -21.84
CA THR U 170 11.31 29.20 -22.77
C THR U 170 9.90 28.77 -23.18
N ARG U 171 8.95 28.86 -22.25
CA ARG U 171 7.60 28.38 -22.53
C ARG U 171 6.75 29.37 -23.33
N ALA U 172 7.36 30.34 -24.02
CA ALA U 172 6.65 31.27 -24.88
C ALA U 172 6.37 30.72 -26.28
N VAL U 173 6.51 29.42 -26.49
CA VAL U 173 6.25 28.84 -27.81
C VAL U 173 4.77 28.94 -28.13
N GLY V 1 78.33 49.00 -57.74
CA GLY V 1 77.83 47.65 -57.59
C GLY V 1 77.81 47.23 -56.14
N ASN V 2 77.01 47.92 -55.36
CA ASN V 2 77.01 47.73 -53.92
C ASN V 2 76.28 46.45 -53.56
N ILE V 3 76.51 46.00 -52.33
CA ILE V 3 75.86 44.81 -51.80
C ILE V 3 74.77 45.15 -50.80
N GLY V 4 74.95 46.24 -50.08
CA GLY V 4 74.03 46.58 -49.00
C GLY V 4 74.51 45.95 -47.71
N ASN V 5 74.46 46.73 -46.65
CA ASN V 5 74.84 46.29 -45.32
C ASN V 5 73.65 45.64 -44.64
N LEU V 6 73.83 45.31 -43.37
CA LEU V 6 72.90 44.49 -42.61
C LEU V 6 72.63 45.10 -41.24
N SER V 7 71.80 44.39 -40.48
CA SER V 7 71.56 44.68 -39.08
C SER V 7 72.36 43.69 -38.24
N ALA V 8 72.56 44.06 -36.98
CA ALA V 8 73.11 43.10 -36.04
C ALA V 8 72.19 41.90 -35.88
N GLU V 9 70.87 42.13 -35.92
CA GLU V 9 69.89 41.09 -35.66
C GLU V 9 69.80 40.15 -36.86
N LYS V 10 70.79 39.27 -36.95
CA LYS V 10 70.84 38.34 -38.06
C LYS V 10 69.73 37.31 -37.95
N GLN V 11 68.76 37.43 -38.85
CA GLN V 11 67.60 36.54 -38.85
C GLN V 11 67.99 35.25 -39.54
N ILE V 12 68.10 34.16 -38.78
CA ILE V 12 68.46 32.87 -39.37
C ILE V 12 67.69 31.74 -38.70
N SER V 13 67.97 30.53 -39.16
CA SER V 13 67.62 29.29 -38.51
C SER V 13 68.88 28.53 -38.15
N VAL V 14 68.69 27.44 -37.42
CA VAL V 14 69.75 26.67 -36.81
C VAL V 14 69.81 25.31 -37.49
N TYR V 15 70.96 24.66 -37.40
CA TYR V 15 71.09 23.28 -37.85
C TYR V 15 72.40 22.73 -37.28
N ASP V 16 72.73 21.51 -37.69
CA ASP V 16 73.75 20.73 -36.98
C ASP V 16 75.15 21.02 -37.49
N GLY V 17 75.31 21.22 -38.79
CA GLY V 17 76.62 21.47 -39.36
C GLY V 17 77.27 22.76 -38.89
N GLN V 18 76.50 23.66 -38.29
CA GLN V 18 77.01 24.91 -37.75
C GLN V 18 77.92 24.54 -36.58
N PRO V 19 79.26 24.68 -36.70
CA PRO V 19 80.12 24.14 -35.64
C PRO V 19 80.25 25.05 -34.43
N PHE V 20 79.11 25.29 -33.79
CA PHE V 20 79.02 25.84 -32.45
C PHE V 20 78.04 25.07 -31.59
N VAL V 21 77.38 24.06 -32.16
CA VAL V 21 76.77 22.99 -31.40
C VAL V 21 77.50 21.71 -31.76
N ASP V 22 77.69 20.86 -30.76
CA ASP V 22 78.17 19.50 -30.99
C ASP V 22 77.05 18.52 -30.74
N GLU V 23 76.92 17.58 -31.67
CA GLU V 23 75.98 16.48 -31.58
C GLU V 23 76.65 15.32 -30.89
N GLN V 24 75.88 14.54 -30.14
CA GLN V 24 76.39 13.40 -29.41
C GLN V 24 75.38 12.26 -29.45
N ASP V 25 75.81 11.12 -29.96
CA ASP V 25 74.97 9.93 -29.97
C ASP V 25 74.74 9.43 -28.55
N VAL V 26 73.54 8.93 -28.29
CA VAL V 26 73.04 8.74 -26.93
C VAL V 26 72.55 7.32 -26.72
N PRO V 27 72.58 6.79 -25.47
CA PRO V 27 71.80 5.58 -25.16
C PRO V 27 70.33 5.85 -24.94
N ALA V 28 69.63 4.80 -24.52
CA ALA V 28 68.19 4.81 -24.33
C ALA V 28 67.76 5.14 -22.91
N ASP V 29 68.69 5.43 -21.99
CA ASP V 29 68.33 5.79 -20.63
C ASP V 29 69.28 6.85 -20.08
N ASP V 30 69.76 7.74 -20.94
CA ASP V 30 70.70 8.80 -20.57
C ASP V 30 70.01 10.15 -20.65
N PRO V 31 69.16 10.52 -19.68
CA PRO V 31 68.40 11.76 -19.79
C PRO V 31 69.25 13.00 -19.66
N ASN V 32 70.36 12.92 -18.92
CA ASN V 32 71.10 14.10 -18.53
C ASN V 32 72.19 14.49 -19.52
N THR V 33 72.59 13.61 -20.40
CA THR V 33 73.59 14.00 -21.37
C THR V 33 72.98 14.98 -22.35
N PRO V 34 73.67 16.05 -22.70
CA PRO V 34 73.22 16.84 -23.86
C PRO V 34 73.48 16.08 -25.15
N ALA V 35 72.41 15.73 -25.85
CA ALA V 35 72.56 15.32 -27.25
C ALA V 35 73.16 16.46 -28.04
N LEU V 36 72.71 17.67 -27.74
CA LEU V 36 73.23 18.89 -28.32
C LEU V 36 73.90 19.68 -27.21
N THR V 37 75.19 19.97 -27.40
CA THR V 37 75.93 20.88 -26.53
C THR V 37 76.07 22.16 -27.33
N ILE V 38 75.28 23.19 -26.98
CA ILE V 38 75.15 24.39 -27.76
C ILE V 38 76.00 25.42 -27.06
N GLU V 39 77.27 25.53 -27.46
CA GLU V 39 78.18 26.42 -26.78
C GLU V 39 77.96 27.82 -27.34
N GLY V 40 78.29 28.83 -26.55
CA GLY V 40 78.22 30.16 -27.06
C GLY V 40 79.22 30.32 -28.17
N PRO V 41 78.91 31.14 -29.18
CA PRO V 41 79.70 31.14 -30.41
C PRO V 41 81.08 31.78 -30.27
N ASP V 42 81.43 32.33 -29.11
CA ASP V 42 82.71 33.01 -28.92
C ASP V 42 82.82 34.19 -29.89
N GLY V 43 81.92 35.14 -29.71
CA GLY V 43 81.87 36.35 -30.50
C GLY V 43 80.48 36.91 -30.74
N TYR V 44 79.44 36.18 -30.37
CA TYR V 44 78.07 36.62 -30.59
C TYR V 44 77.16 36.12 -29.47
N VAL V 45 75.99 36.74 -29.43
CA VAL V 45 74.92 36.44 -28.48
C VAL V 45 73.72 36.04 -29.30
N ILE V 46 72.87 35.21 -28.73
CA ILE V 46 71.69 34.67 -29.42
C ILE V 46 70.46 35.06 -28.63
N ALA V 47 69.36 35.32 -29.34
CA ALA V 47 68.10 35.70 -28.75
C ALA V 47 66.95 34.97 -29.45
N VAL V 48 65.99 34.52 -28.64
CA VAL V 48 64.77 33.86 -29.10
C VAL V 48 63.60 34.29 -28.22
N ASP V 49 62.42 34.41 -28.82
CA ASP V 49 61.18 34.72 -28.14
C ASP V 49 60.25 33.52 -28.16
N ALA V 50 59.28 33.53 -27.24
CA ALA V 50 58.12 32.65 -27.31
C ALA V 50 57.53 32.60 -28.70
N GLY V 51 56.99 31.44 -29.05
CA GLY V 51 56.35 31.24 -30.33
C GLY V 51 57.29 30.77 -31.40
N THR V 52 58.37 30.11 -31.01
CA THR V 52 59.44 29.74 -31.93
C THR V 52 59.34 28.26 -32.27
N PRO V 53 59.32 27.86 -33.54
CA PRO V 53 59.15 26.44 -33.85
C PRO V 53 60.39 25.63 -33.53
N ILE V 54 60.20 24.32 -33.53
CA ILE V 54 61.26 23.35 -33.39
C ILE V 54 61.05 22.27 -34.43
N ALA V 55 62.15 21.78 -34.99
CA ALA V 55 62.14 20.72 -35.99
C ALA V 55 62.98 19.56 -35.48
N PRO V 56 62.45 18.77 -34.55
CA PRO V 56 63.26 17.70 -33.96
C PRO V 56 63.34 16.47 -34.84
N GLU V 57 64.25 16.53 -35.81
CA GLU V 57 64.44 15.44 -36.76
C GLU V 57 65.37 14.38 -36.17
N PHE V 58 64.93 13.81 -35.07
CA PHE V 58 65.69 12.78 -34.38
C PHE V 58 65.30 11.43 -34.93
N ARG V 59 66.29 10.73 -35.51
CA ARG V 59 66.09 9.43 -36.11
C ARG V 59 67.17 8.48 -35.62
N ASP V 60 67.04 7.23 -36.00
CA ASP V 60 67.90 6.15 -35.54
C ASP V 60 68.93 5.82 -36.60
N SER V 61 69.67 4.74 -36.39
CA SER V 61 70.68 4.27 -37.32
C SER V 61 70.10 3.51 -38.51
N ASN V 62 68.77 3.49 -38.67
CA ASN V 62 68.11 3.02 -39.88
C ASN V 62 67.06 4.00 -40.36
N GLY V 63 67.09 5.24 -39.91
CA GLY V 63 66.17 6.26 -40.38
C GLY V 63 64.78 6.19 -39.81
N ASN V 64 64.51 5.24 -38.92
CA ASN V 64 63.21 5.16 -38.28
C ASN V 64 63.08 6.26 -37.24
N LYS V 65 61.89 6.81 -37.14
CA LYS V 65 61.61 7.77 -36.09
C LYS V 65 61.73 7.09 -34.75
N LEU V 66 62.21 7.83 -33.76
CA LEU V 66 62.40 7.28 -32.44
C LEU V 66 61.06 7.17 -31.73
N ASP V 67 61.11 6.74 -30.47
CA ASP V 67 59.89 6.40 -29.77
C ASP V 67 59.12 7.67 -29.44
N PRO V 68 57.83 7.74 -29.74
CA PRO V 68 57.09 8.97 -29.43
C PRO V 68 56.97 9.22 -27.95
N SER V 69 57.10 8.18 -27.13
CA SER V 69 57.08 8.35 -25.68
C SER V 69 58.30 9.07 -25.17
N THR V 70 59.35 9.21 -25.98
CA THR V 70 60.49 10.02 -25.61
C THR V 70 60.05 11.45 -25.34
N ARG V 71 60.73 12.08 -24.40
CA ARG V 71 60.54 13.49 -24.09
C ARG V 71 61.77 14.26 -24.52
N VAL V 72 61.56 15.53 -24.84
CA VAL V 72 62.62 16.42 -25.29
C VAL V 72 62.47 17.73 -24.56
N ILE V 73 63.59 18.24 -24.07
CA ILE V 73 63.65 19.45 -23.28
C ILE V 73 64.84 20.25 -23.80
N VAL V 74 64.73 21.57 -23.73
CA VAL V 74 65.84 22.45 -24.05
C VAL V 74 65.91 23.52 -22.99
N GLN V 75 67.11 23.83 -22.53
CA GLN V 75 67.27 24.66 -21.37
C GLN V 75 68.62 25.38 -21.40
N LYS V 76 68.61 26.59 -20.84
CA LYS V 76 69.79 27.39 -20.66
C LYS V 76 70.64 26.83 -19.53
N CYS V 77 71.95 26.98 -19.67
CA CYS V 77 72.91 26.41 -18.73
C CYS V 77 73.97 27.43 -18.35
N ASP V 78 74.89 27.03 -17.47
CA ASP V 78 75.97 27.90 -17.04
C ASP V 78 77.05 27.90 -18.12
N ARG V 79 78.24 28.36 -17.75
CA ARG V 79 79.39 28.36 -18.63
C ARG V 79 80.29 27.14 -18.42
N GLN V 80 80.18 26.45 -17.28
CA GLN V 80 81.05 25.35 -16.95
C GLN V 80 80.54 23.99 -17.44
N GLY V 81 79.35 23.94 -18.02
CA GLY V 81 78.82 22.71 -18.59
C GLY V 81 77.73 22.10 -17.73
N ASN V 82 76.93 22.97 -17.11
CA ASN V 82 75.98 22.59 -16.08
C ASN V 82 74.68 23.38 -16.20
N PRO V 83 73.50 22.74 -16.31
CA PRO V 83 72.25 23.52 -16.35
C PRO V 83 71.97 24.41 -15.17
N LEU V 84 70.79 25.06 -15.23
CA LEU V 84 70.42 26.13 -14.32
C LEU V 84 69.06 25.95 -13.65
N GLY V 85 68.33 24.88 -13.93
CA GLY V 85 67.01 24.71 -13.34
C GLY V 85 65.95 25.61 -13.93
N ASP V 86 66.14 26.91 -13.82
CA ASP V 86 65.31 27.84 -14.55
C ASP V 86 65.80 27.91 -15.99
N GLY V 87 65.14 28.71 -16.80
CA GLY V 87 65.55 28.90 -18.17
C GLY V 87 65.08 27.81 -19.09
N ILE V 88 63.89 27.28 -18.85
CA ILE V 88 63.29 26.25 -19.70
C ILE V 88 62.37 26.92 -20.69
N VAL V 89 62.28 26.35 -21.88
CA VAL V 89 61.42 26.84 -22.95
C VAL V 89 60.56 25.77 -23.56
N PHE V 90 60.95 24.50 -23.46
CA PHE V 90 60.28 23.41 -24.17
C PHE V 90 60.36 22.18 -23.30
N ASN V 91 59.24 21.46 -23.19
CA ASN V 91 59.25 20.14 -22.58
C ASN V 91 58.05 19.39 -23.16
N ASP V 92 58.31 18.53 -24.12
CA ASP V 92 57.25 17.75 -24.73
C ASP V 92 57.91 16.57 -25.42
N THR V 93 57.15 15.87 -26.26
CA THR V 93 57.51 14.57 -26.79
C THR V 93 57.71 14.63 -28.30
N LEU V 94 58.15 13.51 -28.84
CA LEU V 94 58.32 13.37 -30.28
C LEU V 94 57.02 12.99 -30.97
N GLY V 95 56.10 12.36 -30.25
CA GLY V 95 54.82 11.99 -30.83
C GLY V 95 53.97 13.17 -31.26
N ARG V 96 54.30 14.37 -30.81
CA ARG V 96 53.63 15.59 -31.22
C ARG V 96 54.28 16.22 -32.44
N PHE V 97 54.91 15.43 -33.30
CA PHE V 97 55.63 15.93 -34.47
C PHE V 97 55.49 14.97 -35.63
N ASP V 98 55.05 15.50 -36.77
CA ASP V 98 54.75 14.73 -37.96
C ASP V 98 55.84 15.04 -39.00
N TYR V 99 56.77 14.10 -39.14
CA TYR V 99 58.04 14.38 -39.81
C TYR V 99 57.89 14.83 -41.25
N GLU V 100 56.91 14.31 -41.98
CA GLU V 100 56.73 14.76 -43.35
C GLU V 100 56.16 16.16 -43.42
N GLN V 101 55.60 16.67 -42.32
CA GLN V 101 55.10 18.03 -42.30
C GLN V 101 55.36 18.74 -40.97
N MET V 102 56.26 18.24 -40.13
CA MET V 102 56.53 18.90 -38.86
C MET V 102 57.08 20.31 -39.05
N ARG V 103 57.90 20.53 -40.08
CA ARG V 103 58.50 21.83 -40.36
C ARG V 103 57.87 22.51 -41.57
N THR V 104 56.76 21.99 -42.09
CA THR V 104 56.12 22.51 -43.29
C THR V 104 54.84 23.26 -43.00
N ASP V 105 53.90 22.64 -42.31
CA ASP V 105 52.57 23.19 -42.09
C ASP V 105 52.49 23.86 -40.73
N PRO V 106 51.56 24.79 -40.53
CA PRO V 106 51.53 25.52 -39.25
C PRO V 106 51.12 24.64 -38.09
N ASP V 107 50.00 23.96 -38.22
CA ASP V 107 49.39 23.28 -37.09
C ASP V 107 50.15 22.05 -36.66
N PHE V 108 51.10 21.59 -37.46
CA PHE V 108 52.03 20.53 -37.07
C PHE V 108 53.37 21.10 -36.64
N MET V 109 53.35 22.29 -36.05
CA MET V 109 54.54 22.91 -35.46
C MET V 109 54.23 23.30 -34.03
N ARG V 110 55.00 22.76 -33.11
CA ARG V 110 54.93 23.15 -31.71
C ARG V 110 55.97 24.23 -31.47
N LYS V 111 55.71 25.06 -30.46
CA LYS V 111 56.45 26.28 -30.27
C LYS V 111 56.81 26.46 -28.81
N THR V 112 57.67 27.45 -28.56
CA THR V 112 58.24 27.73 -27.27
C THR V 112 57.19 28.36 -26.34
N ALA V 113 57.61 28.65 -25.12
CA ALA V 113 56.74 29.24 -24.12
C ALA V 113 57.40 30.30 -23.25
N LYS V 114 58.59 30.79 -23.61
CA LYS V 114 59.32 31.73 -22.77
C LYS V 114 60.28 32.54 -23.63
N SER V 115 60.97 33.47 -22.99
CA SER V 115 62.06 34.21 -23.64
C SER V 115 63.33 33.39 -23.54
N LEU V 116 64.37 33.83 -24.24
CA LEU V 116 65.62 33.11 -24.18
C LEU V 116 66.74 33.96 -24.73
N MET V 117 67.90 33.89 -24.06
CA MET V 117 69.09 34.62 -24.47
C MET V 117 70.33 33.84 -24.06
N ILE V 118 71.36 33.86 -24.90
CA ILE V 118 72.57 33.06 -24.70
C ILE V 118 73.80 33.88 -25.08
N ASP V 119 74.80 33.89 -24.18
CA ASP V 119 76.04 34.65 -24.40
C ASP V 119 77.16 33.77 -24.98
N GLU V 120 78.37 34.32 -25.02
CA GLU V 120 79.46 33.76 -25.82
C GLU V 120 80.11 32.55 -25.17
N ARG V 121 80.03 32.43 -23.84
CA ARG V 121 80.48 31.25 -23.11
C ARG V 121 79.35 30.55 -22.38
N GLU V 122 78.13 31.06 -22.44
CA GLU V 122 77.00 30.31 -21.93
C GLU V 122 76.82 29.04 -22.74
N ILE V 123 75.98 28.15 -22.21
CA ILE V 123 75.64 26.92 -22.90
C ILE V 123 74.14 26.73 -22.82
N VAL V 124 73.58 26.24 -23.92
CA VAL V 124 72.25 25.64 -23.92
C VAL V 124 72.44 24.15 -24.13
N LYS V 125 71.55 23.38 -23.52
CA LYS V 125 71.56 21.94 -23.68
C LYS V 125 70.17 21.46 -24.00
N VAL V 126 70.10 20.59 -25.00
CA VAL V 126 68.93 19.82 -25.33
C VAL V 126 69.10 18.45 -24.71
N PHE V 127 68.08 18.00 -24.01
CA PHE V 127 68.07 16.74 -23.31
C PHE V 127 66.91 15.90 -23.81
N VAL V 128 67.12 14.58 -23.79
CA VAL V 128 66.28 13.62 -24.47
C VAL V 128 66.05 12.47 -23.50
N ASP V 129 64.85 12.44 -22.92
CA ASP V 129 64.50 11.43 -21.93
C ASP V 129 63.87 10.25 -22.65
N ILE V 130 64.62 9.16 -22.76
CA ILE V 130 64.23 7.96 -23.50
C ILE V 130 63.93 6.86 -22.50
N PRO V 131 62.94 5.99 -22.74
CA PRO V 131 62.94 4.68 -22.08
C PRO V 131 63.89 3.72 -22.78
N ALA V 132 64.17 2.61 -22.10
CA ALA V 132 65.28 1.74 -22.49
C ALA V 132 65.02 1.02 -23.80
N GLY V 133 63.76 0.87 -24.19
CA GLY V 133 63.45 0.01 -25.32
C GLY V 133 63.96 0.53 -26.65
N ALA V 134 64.17 1.84 -26.75
CA ALA V 134 64.47 2.44 -28.04
C ALA V 134 65.87 2.05 -28.50
N ASN V 135 66.16 2.39 -29.77
CA ASN V 135 67.49 2.20 -30.34
C ASN V 135 68.31 3.49 -30.22
N GLY V 136 68.32 4.04 -29.01
CA GLY V 136 69.15 5.17 -28.66
C GLY V 136 68.96 6.40 -29.52
N TYR V 137 70.00 6.75 -30.29
CA TYR V 137 70.02 7.96 -31.09
C TYR V 137 71.17 7.86 -32.08
N ASP V 138 70.99 8.50 -33.23
CA ASP V 138 72.08 8.76 -34.16
C ASP V 138 71.94 10.18 -34.65
N ALA V 139 73.07 10.87 -34.78
CA ALA V 139 73.12 12.24 -35.27
C ALA V 139 73.53 12.31 -36.73
N ASP V 140 74.34 11.36 -37.18
CA ASP V 140 74.89 11.42 -38.53
C ASP V 140 73.80 11.35 -39.57
N LYS V 141 72.74 10.61 -39.28
CA LYS V 141 71.57 10.49 -40.13
C LYS V 141 70.45 11.43 -39.71
N SER V 142 70.73 12.39 -38.84
CA SER V 142 69.71 13.22 -38.22
C SER V 142 70.21 14.66 -38.14
N ARG V 143 69.31 15.53 -37.75
CA ARG V 143 69.60 16.96 -37.71
C ARG V 143 68.49 17.63 -36.89
N LEU V 144 68.53 18.96 -36.88
CA LEU V 144 67.50 19.76 -36.24
C LEU V 144 67.35 21.04 -37.02
N THR V 145 66.23 21.71 -36.81
CA THR V 145 66.07 23.08 -37.24
C THR V 145 65.25 23.82 -36.21
N LEU V 146 65.87 24.77 -35.53
CA LEU V 146 65.20 25.67 -34.62
C LEU V 146 64.91 26.96 -35.36
N GLY V 147 63.69 27.44 -35.27
CA GLY V 147 63.30 28.63 -35.96
C GLY V 147 63.16 28.38 -37.45
N ASP V 148 62.64 29.40 -38.14
CA ASP V 148 62.32 29.29 -39.55
C ASP V 148 62.55 30.65 -40.18
N ASP V 149 63.58 30.74 -41.02
CA ASP V 149 63.98 31.99 -41.66
C ASP V 149 63.54 32.04 -43.12
N THR V 150 62.50 31.29 -43.46
CA THR V 150 62.09 31.07 -44.85
C THR V 150 60.62 31.32 -45.11
N SER V 151 59.78 31.32 -44.09
CA SER V 151 58.34 31.33 -44.23
C SER V 151 57.75 32.59 -43.62
N ASP V 152 56.56 32.93 -44.08
CA ASP V 152 55.69 33.83 -43.33
C ASP V 152 55.26 33.22 -42.01
N PHE V 153 55.23 31.91 -41.91
CA PHE V 153 54.90 31.21 -40.68
C PHE V 153 56.15 31.09 -39.83
N GLY V 154 55.94 30.97 -38.54
CA GLY V 154 57.06 30.84 -37.63
C GLY V 154 57.85 32.13 -37.52
N LYS V 155 59.03 32.00 -36.90
CA LYS V 155 59.92 33.11 -36.66
C LYS V 155 61.34 32.61 -36.84
N ALA V 156 62.30 33.47 -36.53
CA ALA V 156 63.71 33.20 -36.72
C ALA V 156 64.47 33.53 -35.45
N VAL V 157 65.77 33.32 -35.52
CA VAL V 157 66.67 33.50 -34.41
C VAL V 157 67.43 34.79 -34.63
N GLU V 158 67.65 35.57 -33.56
CA GLU V 158 68.41 36.80 -33.64
C GLU V 158 69.78 36.59 -33.02
N ILE V 159 70.77 36.33 -33.87
CA ILE V 159 72.16 36.36 -33.44
C ILE V 159 72.62 37.79 -33.59
N VAL V 160 73.42 38.25 -32.63
CA VAL V 160 73.82 39.64 -32.50
C VAL V 160 75.26 39.69 -32.04
N ASP V 161 75.92 40.82 -32.32
CA ASP V 161 77.24 41.11 -31.79
C ASP V 161 77.09 41.90 -30.49
N HIS V 162 78.16 42.53 -30.06
CA HIS V 162 78.14 43.37 -28.86
C HIS V 162 77.63 44.76 -29.20
N ASP V 163 76.50 45.12 -28.61
CA ASP V 163 75.89 46.44 -28.75
C ASP V 163 75.69 47.00 -27.36
N GLU V 164 76.40 48.10 -27.06
CA GLU V 164 76.87 48.43 -25.72
C GLU V 164 75.80 48.40 -24.64
N LEU V 165 74.83 49.31 -24.71
CA LEU V 165 73.86 49.43 -23.63
C LEU V 165 72.92 48.25 -23.61
N SER V 166 72.51 47.80 -24.80
CA SER V 166 71.70 46.60 -24.90
C SER V 166 72.44 45.40 -24.33
N ASP V 167 73.73 45.27 -24.66
CA ASP V 167 74.49 44.13 -24.16
C ASP V 167 74.70 44.23 -22.65
N ALA V 168 74.80 45.46 -22.13
CA ALA V 168 74.93 45.64 -20.68
C ALA V 168 73.65 45.19 -19.98
N GLU V 169 72.51 45.69 -20.46
CA GLU V 169 71.23 45.26 -19.92
C GLU V 169 70.98 43.76 -20.13
N THR V 170 71.61 43.18 -21.14
CA THR V 170 71.49 41.76 -21.42
C THR V 170 72.29 40.93 -20.42
N ARG V 171 73.56 41.24 -20.25
CA ARG V 171 74.41 40.64 -19.22
C ARG V 171 73.92 40.95 -17.80
N ALA V 172 73.00 41.90 -17.64
CA ALA V 172 72.33 42.17 -16.39
C ALA V 172 71.12 41.27 -16.14
N VAL V 173 71.14 40.03 -16.63
CA VAL V 173 70.11 39.01 -16.40
C VAL V 173 69.66 38.96 -14.95
N GLY W 1 -19.40 4.64 7.67
CA GLY W 1 -18.43 3.97 6.84
C GLY W 1 -17.25 4.85 6.51
N ASN W 2 -16.58 5.33 7.53
CA ASN W 2 -15.47 6.26 7.38
C ASN W 2 -14.15 5.52 7.46
N ILE W 3 -13.14 6.12 6.82
CA ILE W 3 -11.81 5.54 6.67
C ILE W 3 -10.77 6.33 7.42
N GLY W 4 -10.92 7.65 7.46
CA GLY W 4 -9.95 8.52 8.08
C GLY W 4 -9.03 9.14 7.06
N ASN W 5 -9.22 10.43 6.81
CA ASN W 5 -8.36 11.13 5.88
C ASN W 5 -6.93 11.15 6.41
N LEU W 6 -6.01 11.47 5.50
CA LEU W 6 -4.61 11.17 5.69
C LEU W 6 -3.76 12.37 5.36
N SER W 7 -2.59 12.42 5.99
CA SER W 7 -1.57 13.35 5.58
C SER W 7 -0.88 12.84 4.34
N ALA W 8 -0.19 13.75 3.66
CA ALA W 8 0.52 13.35 2.45
C ALA W 8 1.73 12.50 2.77
N GLU W 9 2.31 12.67 3.97
CA GLU W 9 3.54 11.97 4.33
C GLU W 9 3.21 10.52 4.66
N LYS W 10 3.26 9.68 3.62
CA LYS W 10 3.09 8.25 3.81
C LYS W 10 4.39 7.66 4.33
N GLN W 11 4.30 6.99 5.47
CA GLN W 11 5.46 6.41 6.15
C GLN W 11 5.56 4.96 5.72
N ILE W 12 6.61 4.62 4.95
CA ILE W 12 6.74 3.28 4.39
C ILE W 12 8.17 2.79 4.49
N SER W 13 8.38 1.56 4.03
CA SER W 13 9.69 0.97 3.79
C SER W 13 9.79 0.55 2.35
N VAL W 14 11.01 0.24 1.93
CA VAL W 14 11.34 0.05 0.53
C VAL W 14 12.02 -1.29 0.36
N TYR W 15 11.68 -1.95 -0.74
CA TYR W 15 12.19 -3.28 -1.04
C TYR W 15 12.23 -3.47 -2.55
N ASP W 16 12.77 -4.61 -2.96
CA ASP W 16 13.10 -4.82 -4.37
C ASP W 16 11.85 -4.95 -5.22
N GLY W 17 10.84 -5.66 -4.71
CA GLY W 17 9.65 -5.97 -5.48
C GLY W 17 8.81 -4.78 -5.91
N GLN W 18 9.07 -3.61 -5.41
CA GLN W 18 8.22 -2.48 -5.73
C GLN W 18 8.49 -2.00 -7.14
N PRO W 19 7.49 -1.39 -7.80
CA PRO W 19 7.66 -1.07 -9.23
C PRO W 19 8.29 0.29 -9.49
N PHE W 20 9.34 0.60 -8.73
CA PHE W 20 10.20 1.74 -9.02
C PHE W 20 11.65 1.41 -8.70
N VAL W 21 11.97 0.12 -8.67
CA VAL W 21 13.24 -0.41 -8.22
C VAL W 21 13.54 -1.63 -9.07
N ASP W 22 14.81 -1.81 -9.40
CA ASP W 22 15.25 -2.90 -10.25
C ASP W 22 16.47 -3.56 -9.63
N GLU W 23 16.54 -4.88 -9.82
CA GLU W 23 17.63 -5.72 -9.37
C GLU W 23 18.46 -6.17 -10.55
N GLN W 24 19.61 -6.77 -10.24
CA GLN W 24 20.52 -7.25 -11.29
C GLN W 24 21.54 -8.17 -10.64
N ASP W 25 21.64 -9.40 -11.15
CA ASP W 25 22.69 -10.29 -10.69
C ASP W 25 24.04 -9.73 -11.09
N VAL W 26 25.03 -9.94 -10.24
CA VAL W 26 26.34 -9.28 -10.34
C VAL W 26 27.49 -10.27 -10.22
N PRO W 27 28.61 -10.06 -10.94
CA PRO W 27 29.83 -10.81 -10.63
C PRO W 27 30.55 -10.33 -9.38
N ALA W 28 31.77 -10.83 -9.21
CA ALA W 28 32.53 -10.63 -7.99
C ALA W 28 33.02 -9.20 -7.84
N ASP W 29 33.84 -8.74 -8.78
CA ASP W 29 34.82 -7.71 -8.49
C ASP W 29 34.61 -6.44 -9.30
N ASP W 30 33.37 -5.98 -9.38
CA ASP W 30 33.04 -4.65 -9.89
C ASP W 30 32.39 -3.86 -8.77
N PRO W 31 33.05 -2.83 -8.23
CA PRO W 31 32.37 -1.96 -7.26
C PRO W 31 31.48 -0.92 -7.90
N ASN W 32 31.27 -0.99 -9.21
CA ASN W 32 30.57 0.06 -9.95
C ASN W 32 29.27 -0.42 -10.55
N THR W 33 29.10 -1.71 -10.73
CA THR W 33 27.88 -2.22 -11.29
C THR W 33 26.71 -1.90 -10.34
N PRO W 34 25.65 -1.27 -10.83
CA PRO W 34 24.53 -1.10 -9.91
C PRO W 34 23.77 -2.41 -9.72
N ALA W 35 23.93 -2.98 -8.54
CA ALA W 35 23.14 -4.13 -8.16
C ALA W 35 21.67 -3.76 -8.12
N LEU W 36 21.35 -2.74 -7.32
CA LEU W 36 20.03 -2.19 -7.23
C LEU W 36 19.98 -0.84 -7.94
N THR W 37 18.78 -0.45 -8.34
CA THR W 37 18.58 0.81 -9.04
C THR W 37 17.20 1.31 -8.68
N ILE W 38 17.12 2.37 -7.88
CA ILE W 38 15.87 3.05 -7.60
C ILE W 38 15.74 4.17 -8.60
N GLU W 39 14.51 4.55 -8.91
CA GLU W 39 14.27 5.78 -9.65
C GLU W 39 13.11 6.51 -9.04
N GLY W 40 13.01 7.80 -9.39
CA GLY W 40 11.87 8.57 -9.01
C GLY W 40 10.61 7.96 -9.58
N PRO W 41 9.50 8.02 -8.85
CA PRO W 41 8.29 7.32 -9.30
C PRO W 41 7.44 8.14 -10.25
N ASP W 42 8.00 9.21 -10.81
CA ASP W 42 7.31 10.03 -11.79
C ASP W 42 6.11 10.75 -11.19
N GLY W 43 6.41 11.64 -10.25
CA GLY W 43 5.47 12.64 -9.78
C GLY W 43 5.50 12.86 -8.29
N TYR W 44 5.83 11.82 -7.54
CA TYR W 44 5.92 11.91 -6.09
C TYR W 44 7.34 12.27 -5.70
N VAL W 45 7.53 12.45 -4.39
CA VAL W 45 8.81 12.84 -3.81
C VAL W 45 9.04 11.98 -2.59
N ILE W 46 10.28 11.54 -2.43
CA ILE W 46 10.69 10.66 -1.35
C ILE W 46 11.69 11.40 -0.48
N ALA W 47 11.57 11.18 0.83
CA ALA W 47 12.48 11.75 1.80
C ALA W 47 12.85 10.66 2.80
N VAL W 48 14.14 10.34 2.85
CA VAL W 48 14.73 9.50 3.88
C VAL W 48 15.44 10.42 4.85
N ASP W 49 14.98 10.44 6.10
CA ASP W 49 15.67 11.18 7.12
C ASP W 49 16.99 10.49 7.43
N ALA W 50 17.97 11.27 7.82
CA ALA W 50 19.14 10.69 8.46
C ALA W 50 18.70 9.99 9.74
N GLY W 51 19.22 8.79 9.96
CA GLY W 51 18.83 8.00 11.10
C GLY W 51 17.84 6.94 10.67
N THR W 52 18.14 6.28 9.56
CA THR W 52 17.29 5.32 8.90
C THR W 52 18.03 3.99 8.82
N PRO W 53 17.36 2.86 9.10
CA PRO W 53 18.07 1.57 9.08
C PRO W 53 18.07 0.88 7.72
N ILE W 54 18.78 -0.25 7.66
CA ILE W 54 18.89 -1.06 6.46
C ILE W 54 18.90 -2.52 6.88
N ALA W 55 18.50 -3.38 5.97
CA ALA W 55 18.66 -4.81 6.08
C ALA W 55 18.99 -5.35 4.69
N PRO W 56 20.27 -5.38 4.29
CA PRO W 56 20.63 -5.83 2.93
C PRO W 56 20.88 -7.33 2.87
N GLU W 57 19.81 -8.10 2.87
CA GLU W 57 19.93 -9.55 3.05
C GLU W 57 20.48 -10.10 1.74
N PHE W 58 21.79 -10.03 1.61
CA PHE W 58 22.53 -10.40 0.42
C PHE W 58 23.13 -11.79 0.59
N ARG W 59 22.97 -12.62 -0.43
CA ARG W 59 23.41 -14.00 -0.42
C ARG W 59 23.92 -14.36 -1.81
N ASP W 60 24.26 -15.62 -1.99
CA ASP W 60 24.74 -16.15 -3.26
C ASP W 60 23.68 -17.02 -3.90
N SER W 61 24.05 -17.61 -5.04
CA SER W 61 23.14 -18.50 -5.74
C SER W 61 22.89 -19.78 -4.99
N ASN W 62 23.87 -20.27 -4.22
CA ASN W 62 23.67 -21.43 -3.37
C ASN W 62 23.10 -21.06 -2.02
N GLY W 63 22.55 -19.85 -1.87
CA GLY W 63 21.87 -19.48 -0.66
C GLY W 63 22.76 -19.04 0.47
N ASN W 64 24.05 -19.30 0.40
CA ASN W 64 24.94 -18.95 1.49
C ASN W 64 25.21 -17.46 1.50
N LYS W 65 25.83 -17.02 2.57
CA LYS W 65 26.13 -15.62 2.74
C LYS W 65 27.39 -15.27 1.98
N LEU W 66 27.53 -13.98 1.71
CA LEU W 66 28.69 -13.46 1.02
C LEU W 66 29.85 -13.33 2.00
N ASP W 67 30.97 -12.88 1.48
CA ASP W 67 32.12 -12.65 2.33
C ASP W 67 31.84 -11.46 3.22
N PRO W 68 32.06 -11.53 4.52
CA PRO W 68 31.76 -10.38 5.38
C PRO W 68 32.65 -9.19 5.11
N SER W 69 33.84 -9.41 4.56
CA SER W 69 34.72 -8.31 4.20
C SER W 69 34.25 -7.56 2.98
N THR W 70 33.23 -8.06 2.29
CA THR W 70 32.53 -7.28 1.27
C THR W 70 32.11 -5.94 1.84
N ARG W 71 32.17 -4.92 0.98
CA ARG W 71 31.70 -3.58 1.32
C ARG W 71 30.48 -3.23 0.49
N VAL W 72 29.43 -2.83 1.17
CA VAL W 72 28.23 -2.31 0.57
C VAL W 72 28.32 -0.79 0.55
N ILE W 73 27.82 -0.20 -0.52
CA ILE W 73 27.84 1.23 -0.70
C ILE W 73 26.48 1.65 -1.23
N VAL W 74 26.03 2.81 -0.80
CA VAL W 74 24.79 3.40 -1.27
C VAL W 74 25.08 4.83 -1.66
N GLN W 75 24.50 5.28 -2.75
CA GLN W 75 24.88 6.58 -3.27
C GLN W 75 23.79 7.16 -4.15
N LYS W 76 23.64 8.48 -4.06
CA LYS W 76 22.73 9.25 -4.87
C LYS W 76 23.39 9.55 -6.21
N CYS W 77 22.57 9.69 -7.24
CA CYS W 77 23.06 10.03 -8.57
C CYS W 77 22.09 10.99 -9.22
N ASP W 78 22.40 11.35 -10.47
CA ASP W 78 21.62 12.30 -11.23
C ASP W 78 20.48 11.58 -11.93
N ARG W 79 19.76 12.32 -12.79
CA ARG W 79 18.71 11.72 -13.59
C ARG W 79 19.24 10.83 -14.69
N GLN W 80 20.51 10.98 -15.06
CA GLN W 80 21.17 10.13 -16.03
C GLN W 80 21.93 8.96 -15.40
N GLY W 81 22.01 8.91 -14.08
CA GLY W 81 22.62 7.79 -13.39
C GLY W 81 24.06 8.02 -12.98
N ASN W 82 24.64 9.16 -13.32
CA ASN W 82 26.00 9.47 -12.96
C ASN W 82 26.05 9.84 -11.49
N PRO W 83 26.83 9.16 -10.64
CA PRO W 83 26.87 9.55 -9.24
C PRO W 83 27.45 10.94 -9.03
N LEU W 84 26.93 11.61 -8.02
CA LEU W 84 27.36 12.96 -7.67
C LEU W 84 28.61 12.97 -6.80
N GLY W 85 29.08 11.81 -6.37
CA GLY W 85 30.23 11.74 -5.49
C GLY W 85 29.83 12.01 -4.06
N ASP W 86 29.40 13.22 -3.79
CA ASP W 86 28.90 13.58 -2.47
C ASP W 86 27.51 12.96 -2.29
N GLY W 87 26.86 13.28 -1.19
CA GLY W 87 25.55 12.73 -0.93
C GLY W 87 25.58 11.24 -0.61
N ILE W 88 26.76 10.71 -0.28
CA ILE W 88 26.84 9.34 0.17
C ILE W 88 26.20 9.23 1.54
N VAL W 89 25.58 8.08 1.80
CA VAL W 89 24.90 7.79 3.04
C VAL W 89 25.58 6.64 3.78
N PHE W 90 26.24 5.75 3.05
CA PHE W 90 26.72 4.50 3.61
C PHE W 90 28.09 4.15 3.06
N ASN W 91 28.92 3.59 3.93
CA ASN W 91 30.11 2.88 3.50
C ASN W 91 30.49 1.95 4.65
N ASP W 92 30.10 0.70 4.54
CA ASP W 92 30.46 -0.30 5.54
C ASP W 92 30.29 -1.68 4.92
N THR W 93 30.37 -2.70 5.75
CA THR W 93 30.51 -4.08 5.32
C THR W 93 29.27 -4.87 5.70
N LEU W 94 29.33 -6.16 5.39
CA LEU W 94 28.27 -7.10 5.68
C LEU W 94 28.47 -7.76 7.03
N GLY W 95 29.72 -8.02 7.39
CA GLY W 95 30.04 -8.65 8.65
C GLY W 95 29.55 -7.87 9.85
N ARG W 96 29.38 -6.56 9.67
CA ARG W 96 28.75 -5.74 10.69
C ARG W 96 27.34 -6.20 11.00
N PHE W 97 26.63 -6.73 10.02
CA PHE W 97 25.25 -7.15 10.19
C PHE W 97 25.17 -8.53 10.80
N ASP W 98 23.94 -8.94 11.10
CA ASP W 98 23.63 -10.30 11.51
C ASP W 98 22.23 -10.58 10.97
N TYR W 99 22.19 -11.31 9.85
CA TYR W 99 20.95 -11.55 9.12
C TYR W 99 19.88 -12.22 9.97
N GLU W 100 20.28 -12.90 11.03
CA GLU W 100 19.30 -13.52 11.92
C GLU W 100 18.38 -12.48 12.52
N GLN W 101 18.93 -11.30 12.81
CA GLN W 101 18.22 -10.30 13.61
C GLN W 101 18.50 -8.86 13.20
N MET W 102 19.08 -8.62 12.02
CA MET W 102 19.56 -7.28 11.71
C MET W 102 18.45 -6.25 11.54
N ARG W 103 17.19 -6.68 11.44
CA ARG W 103 16.05 -5.78 11.34
C ARG W 103 15.08 -5.94 12.50
N THR W 104 15.57 -6.42 13.65
CA THR W 104 14.75 -6.65 14.82
C THR W 104 15.10 -5.75 15.99
N ASP W 105 16.32 -5.86 16.51
CA ASP W 105 16.72 -5.20 17.74
C ASP W 105 17.52 -3.94 17.43
N PRO W 106 17.24 -2.80 18.08
CA PRO W 106 17.96 -1.58 17.69
C PRO W 106 19.44 -1.61 18.00
N ASP W 107 19.87 -2.52 18.88
CA ASP W 107 21.29 -2.65 19.17
C ASP W 107 22.10 -3.06 17.96
N PHE W 108 21.46 -3.62 16.94
CA PHE W 108 22.11 -4.07 15.71
C PHE W 108 21.64 -3.33 14.48
N MET W 109 20.68 -2.42 14.61
CA MET W 109 20.14 -1.73 13.46
C MET W 109 21.16 -0.74 12.94
N ARG W 110 21.98 -1.18 12.00
CA ARG W 110 22.88 -0.27 11.31
C ARG W 110 22.04 0.74 10.55
N LYS W 111 22.46 2.01 10.58
CA LYS W 111 21.70 3.10 10.02
C LYS W 111 22.57 4.02 9.18
N THR W 112 21.90 4.96 8.53
CA THR W 112 22.53 5.93 7.67
C THR W 112 23.26 6.98 8.49
N ALA W 113 23.87 7.93 7.78
CA ALA W 113 24.56 9.07 8.35
C ALA W 113 23.87 10.38 8.03
N LYS W 114 23.54 10.60 6.76
CA LYS W 114 22.94 11.82 6.27
C LYS W 114 21.52 11.56 5.81
N SER W 115 20.84 12.64 5.49
CA SER W 115 19.48 12.58 4.99
C SER W 115 19.51 12.31 3.50
N LEU W 116 18.33 12.18 2.92
CA LEU W 116 18.21 11.98 1.49
C LEU W 116 16.86 12.48 1.01
N MET W 117 16.81 12.85 -0.26
CA MET W 117 15.66 13.56 -0.80
C MET W 117 15.65 13.36 -2.31
N ILE W 118 14.59 12.74 -2.80
CA ILE W 118 14.49 12.29 -4.18
C ILE W 118 13.38 13.06 -4.87
N ASP W 119 13.71 13.66 -6.01
CA ASP W 119 12.70 14.34 -6.81
C ASP W 119 12.01 13.30 -7.70
N GLU W 120 11.20 13.76 -8.64
CA GLU W 120 10.43 12.87 -9.48
C GLU W 120 11.28 12.01 -10.42
N ARG W 121 12.58 12.30 -10.57
CA ARG W 121 13.45 11.51 -11.43
C ARG W 121 14.79 11.17 -10.82
N GLU W 122 15.10 11.60 -9.60
CA GLU W 122 16.39 11.30 -9.05
C GLU W 122 16.52 9.81 -8.78
N ILE W 123 17.77 9.39 -8.63
CA ILE W 123 18.11 7.97 -8.61
C ILE W 123 19.05 7.70 -7.44
N VAL W 124 18.84 6.54 -6.84
CA VAL W 124 19.74 5.98 -5.85
C VAL W 124 20.25 4.65 -6.40
N LYS W 125 21.52 4.37 -6.11
CA LYS W 125 22.17 3.16 -6.55
C LYS W 125 22.87 2.53 -5.37
N VAL W 126 23.09 1.23 -5.51
CA VAL W 126 23.68 0.40 -4.48
C VAL W 126 24.76 -0.44 -5.14
N PHE W 127 25.94 -0.43 -4.54
CA PHE W 127 27.13 -1.01 -5.12
C PHE W 127 27.78 -1.95 -4.12
N VAL W 128 28.58 -2.85 -4.66
CA VAL W 128 29.09 -4.01 -3.95
C VAL W 128 30.53 -4.22 -4.36
N ASP W 129 31.44 -4.21 -3.38
CA ASP W 129 32.87 -4.39 -3.62
C ASP W 129 33.29 -5.67 -2.92
N ILE W 130 33.83 -6.62 -3.69
CA ILE W 130 34.17 -7.95 -3.20
C ILE W 130 35.49 -8.37 -3.82
N PRO W 131 36.23 -9.27 -3.18
CA PRO W 131 37.27 -10.00 -3.89
C PRO W 131 36.69 -11.04 -4.84
N ALA W 132 37.59 -11.78 -5.48
CA ALA W 132 37.23 -12.68 -6.56
C ALA W 132 36.60 -13.96 -6.06
N GLY W 133 37.00 -14.43 -4.87
CA GLY W 133 36.71 -15.80 -4.50
C GLY W 133 35.25 -16.07 -4.21
N ALA W 134 34.44 -15.03 -4.08
CA ALA W 134 33.07 -15.20 -3.63
C ALA W 134 32.23 -15.88 -4.69
N ASN W 135 31.03 -16.30 -4.29
CA ASN W 135 30.05 -16.87 -5.20
C ASN W 135 29.08 -15.78 -5.67
N GLY W 136 29.67 -14.67 -6.13
CA GLY W 136 28.94 -13.62 -6.79
C GLY W 136 27.74 -13.05 -6.04
N TYR W 137 26.76 -12.59 -6.81
CA TYR W 137 25.52 -12.02 -6.27
C TYR W 137 24.37 -12.72 -6.96
N ASP W 138 23.34 -13.06 -6.19
CA ASP W 138 22.10 -13.63 -6.72
C ASP W 138 20.97 -12.83 -6.09
N ALA W 139 20.53 -11.80 -6.80
CA ALA W 139 19.44 -10.96 -6.33
C ALA W 139 18.12 -11.72 -6.30
N ASP W 140 17.99 -12.77 -7.08
CA ASP W 140 16.72 -13.48 -7.16
C ASP W 140 16.39 -14.12 -5.83
N LYS W 141 17.41 -14.55 -5.09
CA LYS W 141 17.24 -15.11 -3.76
C LYS W 141 17.48 -14.10 -2.66
N SER W 142 18.28 -13.07 -2.92
CA SER W 142 18.58 -12.05 -1.95
C SER W 142 17.55 -10.94 -2.06
N ARG W 143 17.57 -10.06 -1.06
CA ARG W 143 16.63 -8.96 -1.02
C ARG W 143 17.18 -7.85 -0.14
N LEU W 144 16.35 -6.84 0.04
CA LEU W 144 16.68 -5.70 0.88
C LEU W 144 15.42 -5.20 1.54
N THR W 145 15.56 -4.75 2.79
CA THR W 145 14.47 -4.10 3.51
C THR W 145 15.02 -2.79 4.05
N LEU W 146 14.57 -1.69 3.48
CA LEU W 146 15.01 -0.36 3.85
C LEU W 146 13.99 0.25 4.78
N GLY W 147 14.43 0.63 5.97
CA GLY W 147 13.53 1.23 6.93
C GLY W 147 12.53 0.27 7.49
N ASP W 148 11.72 0.76 8.42
CA ASP W 148 10.60 0.02 8.96
C ASP W 148 9.39 0.93 8.99
N ASP W 149 8.22 0.34 8.78
CA ASP W 149 6.95 1.04 8.79
C ASP W 149 5.93 0.30 9.65
N THR W 150 6.41 -0.52 10.58
CA THR W 150 5.59 -1.43 11.35
C THR W 150 5.85 -1.37 12.83
N SER W 151 7.04 -0.98 13.25
CA SER W 151 7.50 -1.14 14.61
C SER W 151 7.41 0.17 15.38
N ASP W 152 7.48 0.05 16.70
CA ASP W 152 7.78 1.17 17.58
C ASP W 152 9.23 1.60 17.48
N PHE W 153 10.08 0.83 16.80
CA PHE W 153 11.48 1.12 16.61
C PHE W 153 11.71 1.64 15.20
N GLY W 154 12.92 2.12 14.99
CA GLY W 154 13.33 2.58 13.70
C GLY W 154 12.50 3.75 13.21
N LYS W 155 12.69 4.03 11.93
CA LYS W 155 11.96 5.06 11.23
C LYS W 155 11.54 4.53 9.87
N ALA W 156 10.82 5.36 9.15
CA ALA W 156 10.26 5.06 7.85
C ALA W 156 10.73 6.11 6.86
N VAL W 157 10.19 6.03 5.67
CA VAL W 157 10.46 6.99 4.61
C VAL W 157 9.17 7.68 4.26
N GLU W 158 9.28 8.96 3.95
CA GLU W 158 8.13 9.81 3.68
C GLU W 158 7.97 9.93 2.18
N ILE W 159 6.89 9.37 1.66
CA ILE W 159 6.43 9.67 0.31
C ILE W 159 5.42 10.79 0.40
N VAL W 160 5.47 11.68 -0.59
CA VAL W 160 4.51 12.77 -0.68
C VAL W 160 4.21 13.06 -2.14
N ASP W 161 3.03 13.60 -2.38
CA ASP W 161 2.69 14.22 -3.66
C ASP W 161 3.13 15.68 -3.62
N HIS W 162 2.69 16.47 -4.59
CA HIS W 162 3.18 17.82 -4.76
C HIS W 162 2.29 18.80 -4.00
N ASP W 163 2.85 19.38 -2.93
CA ASP W 163 2.34 20.58 -2.29
C ASP W 163 3.29 21.71 -2.64
N GLU W 164 2.72 22.90 -2.88
CA GLU W 164 3.36 23.91 -3.72
C GLU W 164 4.67 24.41 -3.14
N LEU W 165 4.61 25.13 -2.02
CA LEU W 165 5.81 25.76 -1.51
C LEU W 165 6.73 24.74 -0.84
N SER W 166 6.17 23.63 -0.39
CA SER W 166 6.98 22.50 0.03
C SER W 166 7.93 22.09 -1.10
N ASP W 167 7.39 21.88 -2.30
CA ASP W 167 8.25 21.52 -3.42
C ASP W 167 9.16 22.68 -3.82
N ALA W 168 8.65 23.91 -3.70
CA ALA W 168 9.42 25.09 -4.07
C ALA W 168 10.70 25.20 -3.24
N GLU W 169 10.58 24.98 -1.94
CA GLU W 169 11.75 25.02 -1.07
C GLU W 169 12.53 23.72 -1.13
N THR W 170 11.89 22.62 -1.51
CA THR W 170 12.59 21.34 -1.56
C THR W 170 13.54 21.27 -2.74
N ARG W 171 13.16 21.87 -3.85
CA ARG W 171 14.03 21.84 -5.04
C ARG W 171 15.25 22.75 -4.93
N ALA W 172 15.46 23.46 -3.81
CA ALA W 172 16.54 24.43 -3.68
C ALA W 172 17.86 23.80 -3.25
N VAL W 173 18.08 22.51 -3.47
CA VAL W 173 19.37 21.89 -3.22
C VAL W 173 20.45 22.55 -4.08
N SER X 1 4.11 0.51 54.91
CA SER X 1 2.70 0.71 54.60
C SER X 1 1.96 -0.61 54.60
N ALA X 2 0.63 -0.55 54.78
CA ALA X 2 -0.19 -1.74 54.75
C ALA X 2 -0.43 -2.29 53.35
N GLU X 3 0.07 -1.62 52.31
CA GLU X 3 -0.06 -2.12 50.94
C GLU X 3 0.89 -3.28 50.74
N LYS X 4 0.34 -4.45 50.45
CA LYS X 4 1.13 -5.62 50.10
C LYS X 4 1.17 -5.80 48.60
N GLN X 5 2.39 -5.99 48.08
CA GLN X 5 2.64 -6.23 46.67
C GLN X 5 2.80 -7.73 46.48
N ILE X 6 1.88 -8.35 45.76
CA ILE X 6 1.93 -9.79 45.53
C ILE X 6 1.61 -10.10 44.07
N SER X 7 1.52 -11.40 43.80
CA SER X 7 1.03 -11.99 42.58
C SER X 7 -0.14 -12.90 42.94
N VAL X 8 -0.66 -13.61 41.95
CA VAL X 8 -1.83 -14.45 42.11
C VAL X 8 -1.62 -15.73 41.32
N TYR X 9 -2.12 -16.84 41.86
CA TYR X 9 -2.09 -18.10 41.14
C TYR X 9 -3.24 -18.97 41.62
N ASP X 10 -3.36 -20.15 40.99
CA ASP X 10 -4.58 -20.94 41.10
C ASP X 10 -4.70 -21.60 42.46
N GLY X 11 -3.59 -21.94 43.09
CA GLY X 11 -3.63 -22.77 44.28
C GLY X 11 -4.00 -22.06 45.57
N GLN X 12 -4.41 -20.83 45.49
CA GLN X 12 -4.72 -20.02 46.63
C GLN X 12 -6.20 -20.16 46.99
N PRO X 13 -6.57 -20.01 48.26
CA PRO X 13 -7.94 -20.32 48.68
C PRO X 13 -8.91 -19.16 48.51
N PHE X 14 -8.86 -18.52 47.34
CA PHE X 14 -9.86 -17.53 46.97
C PHE X 14 -10.08 -17.51 45.46
N VAL X 15 -9.66 -18.58 44.78
CA VAL X 15 -9.66 -18.68 43.33
C VAL X 15 -9.92 -20.13 43.00
N ASP X 16 -11.03 -20.40 42.34
CA ASP X 16 -11.48 -21.75 42.07
C ASP X 16 -11.25 -22.09 40.61
N GLU X 17 -10.70 -23.27 40.39
CA GLU X 17 -10.48 -23.85 39.07
C GLU X 17 -11.67 -24.70 38.69
N GLN X 18 -11.75 -25.03 37.41
CA GLN X 18 -12.84 -25.83 36.90
C GLN X 18 -12.47 -26.38 35.53
N ASP X 19 -12.55 -27.69 35.37
CA ASP X 19 -12.33 -28.26 34.06
C ASP X 19 -13.46 -27.84 33.12
N VAL X 20 -13.14 -27.80 31.82
CA VAL X 20 -14.00 -27.21 30.81
C VAL X 20 -14.18 -28.16 29.64
N PRO X 21 -15.32 -28.12 28.91
CA PRO X 21 -15.36 -28.77 27.60
C PRO X 21 -14.65 -28.00 26.51
N ALA X 22 -14.86 -28.45 25.29
CA ALA X 22 -14.12 -27.97 24.15
C ALA X 22 -14.85 -26.93 23.31
N ASP X 23 -16.15 -26.68 23.56
CA ASP X 23 -16.88 -25.72 22.74
C ASP X 23 -17.91 -24.97 23.56
N ASP X 24 -17.51 -24.49 24.75
CA ASP X 24 -18.36 -23.64 25.59
C ASP X 24 -17.57 -22.43 26.08
N PRO X 25 -17.92 -21.20 25.68
CA PRO X 25 -17.23 -20.03 26.25
C PRO X 25 -17.82 -19.53 27.55
N ASN X 26 -19.12 -19.71 27.76
CA ASN X 26 -19.77 -19.09 28.91
C ASN X 26 -19.36 -19.69 30.24
N THR X 27 -18.71 -20.84 30.23
CA THR X 27 -18.42 -21.49 31.49
C THR X 27 -17.28 -20.76 32.21
N PRO X 28 -17.34 -20.65 33.54
CA PRO X 28 -16.18 -20.08 34.24
C PRO X 28 -15.08 -21.10 34.46
N ALA X 29 -13.96 -20.90 33.77
CA ALA X 29 -12.79 -21.72 34.01
C ALA X 29 -12.21 -21.40 35.38
N LEU X 30 -11.78 -20.16 35.55
CA LEU X 30 -11.23 -19.66 36.79
C LEU X 30 -12.14 -18.59 37.34
N THR X 31 -12.37 -18.63 38.65
CA THR X 31 -13.27 -17.71 39.32
C THR X 31 -12.61 -17.22 40.60
N ILE X 32 -12.29 -15.96 40.65
CA ILE X 32 -11.79 -15.32 41.84
C ILE X 32 -12.98 -14.83 42.63
N GLU X 33 -12.82 -14.77 43.95
CA GLU X 33 -13.77 -14.10 44.80
C GLU X 33 -13.02 -13.16 45.74
N GLY X 34 -13.74 -12.17 46.23
CA GLY X 34 -13.17 -11.28 47.21
C GLY X 34 -12.88 -12.07 48.48
N PRO X 35 -11.79 -11.73 49.17
CA PRO X 35 -11.37 -12.57 50.30
C PRO X 35 -12.10 -12.30 51.60
N ASP X 36 -13.12 -11.45 51.60
CA ASP X 36 -13.94 -11.20 52.78
C ASP X 36 -13.12 -10.57 53.91
N GLY X 37 -12.60 -9.39 53.62
CA GLY X 37 -11.89 -8.60 54.61
C GLY X 37 -10.76 -7.76 54.07
N TYR X 38 -10.31 -8.04 52.85
CA TYR X 38 -9.29 -7.26 52.18
C TYR X 38 -9.86 -6.65 50.92
N VAL X 39 -9.02 -5.85 50.26
CA VAL X 39 -9.34 -5.19 49.00
C VAL X 39 -8.12 -5.32 48.10
N ILE X 40 -8.39 -5.60 46.83
CA ILE X 40 -7.37 -5.83 45.81
C ILE X 40 -7.42 -4.66 44.84
N ALA X 41 -6.25 -4.33 44.28
CA ALA X 41 -6.16 -3.39 43.18
C ALA X 41 -5.16 -3.89 42.15
N VAL X 42 -5.60 -3.86 40.89
CA VAL X 42 -4.75 -4.07 39.73
C VAL X 42 -4.69 -2.76 38.95
N ASP X 43 -3.55 -2.51 38.34
CA ASP X 43 -3.33 -1.38 37.45
C ASP X 43 -3.09 -1.92 36.05
N ALA X 44 -3.23 -1.06 35.06
CA ALA X 44 -2.92 -1.42 33.70
C ALA X 44 -1.46 -1.77 33.55
N GLY X 45 -1.12 -2.41 32.44
CA GLY X 45 0.24 -2.89 32.24
C GLY X 45 0.57 -4.06 33.12
N THR X 46 -0.42 -4.80 33.56
CA THR X 46 -0.20 -5.93 34.43
C THR X 46 -0.04 -7.20 33.59
N PRO X 47 0.92 -8.08 33.87
CA PRO X 47 1.12 -9.26 33.03
C PRO X 47 0.16 -10.39 33.40
N ILE X 48 0.20 -11.43 32.56
CA ILE X 48 -0.53 -12.67 32.79
C ILE X 48 0.35 -13.81 32.32
N ALA X 49 0.14 -14.97 32.94
CA ALA X 49 0.86 -16.19 32.58
C ALA X 49 -0.11 -17.36 32.66
N PRO X 50 -0.98 -17.50 31.65
CA PRO X 50 -1.99 -18.57 31.63
C PRO X 50 -1.49 -19.85 30.97
N GLU X 51 -0.65 -20.60 31.68
CA GLU X 51 -0.05 -21.80 31.10
C GLU X 51 -1.12 -22.86 30.99
N PHE X 52 -1.89 -22.78 29.92
CA PHE X 52 -3.00 -23.69 29.68
C PHE X 52 -2.55 -24.88 28.84
N ARG X 53 -3.02 -26.05 29.22
CA ARG X 53 -2.60 -27.31 28.61
C ARG X 53 -3.75 -28.29 28.67
N ASP X 54 -3.56 -29.43 28.04
CA ASP X 54 -4.62 -30.41 27.86
C ASP X 54 -4.49 -31.52 28.89
N SER X 55 -5.34 -32.54 28.75
CA SER X 55 -5.29 -33.69 29.64
C SER X 55 -4.04 -34.53 29.45
N ASN X 56 -3.36 -34.40 28.31
CA ASN X 56 -2.09 -35.04 28.07
C ASN X 56 -0.90 -34.11 28.33
N GLY X 57 -1.15 -32.93 28.88
CA GLY X 57 -0.09 -31.99 29.13
C GLY X 57 0.38 -31.21 27.93
N ASN X 58 -0.15 -31.49 26.75
CA ASN X 58 0.16 -30.69 25.58
C ASN X 58 -0.57 -29.35 25.66
N LYS X 59 -0.07 -28.39 24.91
CA LYS X 59 -0.71 -27.09 24.87
C LYS X 59 -2.01 -27.16 24.08
N LEU X 60 -2.89 -26.21 24.36
CA LEU X 60 -4.16 -26.10 23.67
C LEU X 60 -3.95 -25.54 22.29
N ASP X 61 -5.03 -25.24 21.62
CA ASP X 61 -4.96 -24.68 20.29
C ASP X 61 -4.59 -23.21 20.39
N PRO X 62 -3.69 -22.71 19.53
CA PRO X 62 -3.37 -21.28 19.58
C PRO X 62 -4.54 -20.40 19.22
N SER X 63 -5.46 -20.89 18.40
CA SER X 63 -6.61 -20.10 18.01
C SER X 63 -7.62 -19.93 19.13
N THR X 64 -7.45 -20.65 20.23
CA THR X 64 -8.25 -20.45 21.42
C THR X 64 -8.27 -18.99 21.83
N ARG X 65 -9.45 -18.52 22.23
CA ARG X 65 -9.60 -17.19 22.80
C ARG X 65 -9.57 -17.31 24.31
N VAL X 66 -8.84 -16.40 24.95
CA VAL X 66 -8.87 -16.22 26.39
C VAL X 66 -9.47 -14.87 26.67
N ILE X 67 -10.32 -14.81 27.68
CA ILE X 67 -10.93 -13.56 28.12
C ILE X 67 -10.88 -13.54 29.62
N VAL X 68 -10.49 -12.40 30.17
CA VAL X 68 -10.63 -12.10 31.58
C VAL X 68 -11.66 -11.00 31.69
N GLN X 69 -12.52 -11.08 32.69
CA GLN X 69 -13.64 -10.17 32.74
C GLN X 69 -14.16 -10.08 34.17
N LYS X 70 -14.41 -8.85 34.59
CA LYS X 70 -15.02 -8.61 35.87
C LYS X 70 -16.50 -8.95 35.80
N CYS X 71 -17.03 -9.35 36.94
CA CYS X 71 -18.45 -9.64 37.09
C CYS X 71 -18.96 -8.87 38.31
N ASP X 72 -20.23 -9.05 38.57
CA ASP X 72 -20.87 -8.42 39.72
C ASP X 72 -20.70 -9.32 40.94
N ARG X 73 -21.44 -9.02 41.99
CA ARG X 73 -21.43 -9.83 43.19
C ARG X 73 -22.30 -11.07 43.08
N GLN X 74 -22.99 -11.26 41.96
CA GLN X 74 -23.85 -12.40 41.74
C GLN X 74 -23.15 -13.53 41.00
N GLY X 75 -21.99 -13.27 40.40
CA GLY X 75 -21.41 -14.17 39.43
C GLY X 75 -21.82 -13.89 38.00
N ASN X 76 -22.67 -12.89 37.77
CA ASN X 76 -23.11 -12.54 36.44
C ASN X 76 -22.13 -11.57 35.81
N PRO X 77 -21.61 -11.79 34.60
CA PRO X 77 -20.65 -10.81 34.06
C PRO X 77 -21.32 -9.49 33.72
N LEU X 78 -20.51 -8.61 33.13
CA LEU X 78 -20.84 -7.21 32.99
C LEU X 78 -20.72 -6.69 31.56
N GLY X 79 -20.18 -7.47 30.64
CA GLY X 79 -19.98 -6.99 29.28
C GLY X 79 -18.86 -5.98 29.22
N ASP X 80 -19.12 -4.80 29.76
CA ASP X 80 -18.08 -3.83 30.01
C ASP X 80 -17.16 -4.37 31.10
N GLY X 81 -15.97 -3.79 31.22
CA GLY X 81 -15.06 -4.15 32.27
C GLY X 81 -14.18 -5.31 31.94
N ILE X 82 -13.90 -5.51 30.66
CA ILE X 82 -12.92 -6.50 30.25
C ILE X 82 -11.53 -5.90 30.34
N VAL X 83 -10.58 -6.76 30.68
CA VAL X 83 -9.16 -6.40 30.72
C VAL X 83 -8.36 -7.10 29.65
N PHE X 84 -8.80 -8.26 29.19
CA PHE X 84 -8.04 -9.06 28.25
C PHE X 84 -8.98 -9.75 27.29
N ASN X 85 -8.63 -9.72 26.00
CA ASN X 85 -9.28 -10.56 25.02
C ASN X 85 -8.24 -10.85 23.95
N ASP X 86 -7.54 -11.97 24.09
CA ASP X 86 -6.56 -12.35 23.09
C ASP X 86 -6.35 -13.85 23.20
N THR X 87 -5.35 -14.35 22.48
CA THR X 87 -5.21 -15.77 22.19
C THR X 87 -3.98 -16.37 22.86
N LEU X 88 -4.03 -17.69 23.02
CA LEU X 88 -2.88 -18.42 23.52
C LEU X 88 -1.74 -18.45 22.53
N GLY X 89 -2.04 -18.28 21.25
CA GLY X 89 -1.02 -18.36 20.23
C GLY X 89 0.04 -17.29 20.34
N ARG X 90 -0.22 -16.23 21.09
CA ARG X 90 0.73 -15.14 21.27
C ARG X 90 1.72 -15.40 22.38
N PHE X 91 1.55 -16.44 23.18
CA PHE X 91 2.35 -16.67 24.38
C PHE X 91 3.33 -17.81 24.13
N ASP X 92 4.61 -17.49 24.12
CA ASP X 92 5.64 -18.53 24.14
C ASP X 92 5.75 -18.99 25.59
N TYR X 93 5.16 -20.16 25.85
CA TYR X 93 5.00 -20.64 27.21
C TYR X 93 6.34 -20.84 27.89
N GLU X 94 7.36 -21.22 27.13
CA GLU X 94 8.66 -21.46 27.70
C GLU X 94 9.28 -20.21 28.28
N GLN X 95 8.86 -19.03 27.81
CA GLN X 95 9.46 -17.79 28.26
C GLN X 95 8.45 -16.65 28.36
N MET X 96 7.17 -16.94 28.57
CA MET X 96 6.20 -15.87 28.69
C MET X 96 6.32 -15.16 30.03
N ARG X 97 6.49 -15.92 31.11
CA ARG X 97 6.57 -15.35 32.45
C ARG X 97 7.98 -15.01 32.85
N THR X 98 8.92 -15.00 31.91
CA THR X 98 10.32 -14.70 32.17
C THR X 98 10.76 -13.40 31.51
N ASP X 99 10.65 -13.32 30.19
CA ASP X 99 11.11 -12.13 29.48
C ASP X 99 10.02 -11.07 29.47
N PRO X 100 10.30 -9.84 29.91
CA PRO X 100 9.28 -8.80 29.75
C PRO X 100 8.99 -8.49 28.30
N ASP X 101 9.97 -8.73 27.43
CA ASP X 101 9.77 -8.46 26.02
C ASP X 101 8.71 -9.36 25.40
N PHE X 102 8.40 -10.49 26.03
CA PHE X 102 7.30 -11.34 25.64
C PHE X 102 6.16 -11.35 26.66
N MET X 103 6.30 -10.65 27.77
CA MET X 103 5.18 -10.51 28.68
C MET X 103 4.08 -9.72 28.00
N ARG X 104 2.93 -10.35 27.84
CA ARG X 104 1.73 -9.67 27.36
C ARG X 104 0.94 -9.17 28.55
N LYS X 105 0.52 -7.92 28.47
CA LYS X 105 0.04 -7.17 29.61
C LYS X 105 -1.43 -6.80 29.45
N THR X 106 -1.98 -6.22 30.51
CA THR X 106 -3.37 -5.80 30.53
C THR X 106 -3.52 -4.44 29.87
N ALA X 107 -4.77 -4.01 29.76
CA ALA X 107 -5.13 -2.70 29.25
C ALA X 107 -5.60 -1.74 30.33
N LYS X 108 -6.51 -2.21 31.18
CA LYS X 108 -7.17 -1.37 32.17
C LYS X 108 -6.67 -1.70 33.57
N SER X 109 -7.05 -0.84 34.51
CA SER X 109 -6.91 -1.09 35.92
C SER X 109 -8.13 -1.87 36.38
N LEU X 110 -8.18 -2.17 37.67
CA LEU X 110 -9.30 -2.92 38.22
C LEU X 110 -9.26 -2.86 39.72
N MET X 111 -10.42 -3.03 40.35
CA MET X 111 -10.53 -2.94 41.80
C MET X 111 -11.57 -3.94 42.28
N ILE X 112 -11.19 -4.74 43.28
CA ILE X 112 -12.05 -5.79 43.82
C ILE X 112 -12.31 -5.48 45.28
N ASP X 113 -13.58 -5.54 45.67
CA ASP X 113 -13.98 -5.40 47.07
C ASP X 113 -14.09 -6.77 47.71
N GLU X 114 -14.75 -6.81 48.86
CA GLU X 114 -14.85 -8.06 49.62
C GLU X 114 -15.74 -9.10 48.96
N ARG X 115 -16.61 -8.71 48.03
CA ARG X 115 -17.53 -9.63 47.38
C ARG X 115 -17.38 -9.72 45.88
N GLU X 116 -16.69 -8.80 45.24
CA GLU X 116 -16.67 -8.74 43.80
C GLU X 116 -15.94 -9.95 43.22
N ILE X 117 -16.23 -10.19 41.94
CA ILE X 117 -15.87 -11.43 41.26
C ILE X 117 -15.14 -11.08 39.98
N VAL X 118 -14.13 -11.86 39.69
CA VAL X 118 -13.44 -11.87 38.41
C VAL X 118 -13.53 -13.27 37.87
N LYS X 119 -13.68 -13.39 36.56
CA LYS X 119 -13.80 -14.68 35.92
C LYS X 119 -12.97 -14.70 34.65
N VAL X 120 -12.60 -15.91 34.26
CA VAL X 120 -11.84 -16.15 33.05
C VAL X 120 -12.58 -17.15 32.21
N PHE X 121 -12.84 -16.77 30.97
CA PHE X 121 -13.57 -17.58 30.00
C PHE X 121 -12.63 -17.96 28.87
N VAL X 122 -12.92 -19.11 28.26
CA VAL X 122 -12.07 -19.67 27.22
C VAL X 122 -12.98 -20.15 26.10
N ASP X 123 -12.68 -19.72 24.88
CA ASP X 123 -13.43 -20.10 23.69
C ASP X 123 -12.55 -21.00 22.84
N ILE X 124 -12.95 -22.26 22.73
CA ILE X 124 -12.19 -23.28 22.02
C ILE X 124 -13.05 -23.78 20.86
N PRO X 125 -12.47 -24.13 19.71
CA PRO X 125 -13.22 -24.86 18.69
C PRO X 125 -13.39 -26.32 19.09
N ALA X 126 -14.05 -27.07 18.19
CA ALA X 126 -14.60 -28.37 18.54
C ALA X 126 -13.51 -29.40 18.83
N GLY X 127 -12.48 -29.44 18.01
CA GLY X 127 -11.66 -30.64 17.93
C GLY X 127 -10.76 -30.85 19.14
N ALA X 128 -10.42 -29.78 19.84
CA ALA X 128 -9.36 -29.86 20.84
C ALA X 128 -9.78 -30.70 22.04
N ASN X 129 -8.78 -31.06 22.83
CA ASN X 129 -8.96 -31.94 23.98
C ASN X 129 -9.12 -31.08 25.23
N GLY X 130 -10.05 -30.13 25.17
CA GLY X 130 -10.55 -29.47 26.36
C GLY X 130 -9.54 -28.69 27.19
N TYR X 131 -9.62 -28.88 28.50
CA TYR X 131 -8.90 -28.08 29.48
C TYR X 131 -8.90 -28.85 30.79
N ASP X 132 -7.72 -29.16 31.29
CA ASP X 132 -7.57 -29.82 32.59
C ASP X 132 -6.61 -28.99 33.44
N ALA X 133 -7.19 -28.25 34.38
CA ALA X 133 -6.39 -27.38 35.23
C ALA X 133 -5.60 -28.14 36.29
N ASP X 134 -5.77 -29.46 36.37
CA ASP X 134 -4.93 -30.22 37.27
C ASP X 134 -3.47 -30.15 36.85
N LYS X 135 -3.21 -30.04 35.55
CA LYS X 135 -1.88 -29.83 35.02
C LYS X 135 -1.63 -28.40 34.61
N SER X 136 -2.65 -27.69 34.15
CA SER X 136 -2.52 -26.30 33.76
C SER X 136 -2.69 -25.42 34.98
N ARG X 137 -2.45 -24.14 34.78
CA ARG X 137 -2.48 -23.21 35.89
C ARG X 137 -2.49 -21.80 35.31
N LEU X 138 -2.38 -20.82 36.20
CA LEU X 138 -2.26 -19.43 35.83
C LEU X 138 -1.31 -18.76 36.80
N THR X 139 -0.69 -17.69 36.34
CA THR X 139 0.07 -16.81 37.22
C THR X 139 -0.15 -15.40 36.73
N LEU X 140 -0.27 -14.47 37.68
CA LEU X 140 -0.70 -13.11 37.42
C LEU X 140 0.15 -12.15 38.21
N GLY X 141 0.64 -11.12 37.53
CA GLY X 141 1.43 -10.11 38.19
C GLY X 141 2.83 -10.59 38.51
N ASP X 142 3.74 -9.63 38.64
CA ASP X 142 5.14 -9.89 38.89
C ASP X 142 5.62 -9.01 40.03
N ASP X 143 6.16 -9.63 41.08
CA ASP X 143 6.66 -8.91 42.24
C ASP X 143 8.14 -8.63 42.14
N THR X 144 8.84 -9.30 41.24
CA THR X 144 10.28 -9.44 41.34
C THR X 144 11.07 -8.48 40.48
N SER X 145 10.44 -7.83 39.51
CA SER X 145 11.12 -6.97 38.56
C SER X 145 10.73 -5.52 38.78
N ASP X 146 11.74 -4.66 38.66
CA ASP X 146 11.49 -3.27 38.32
C ASP X 146 10.67 -3.14 37.04
N PHE X 147 10.88 -4.04 36.08
CA PHE X 147 9.97 -4.17 34.97
C PHE X 147 8.68 -4.79 35.48
N GLY X 148 7.65 -4.71 34.65
CA GLY X 148 6.40 -5.30 35.02
C GLY X 148 5.79 -4.62 36.21
N LYS X 149 4.78 -5.28 36.77
CA LYS X 149 4.05 -4.75 37.91
C LYS X 149 3.49 -5.91 38.73
N ALA X 150 3.00 -5.56 39.90
CA ALA X 150 2.42 -6.48 40.85
C ALA X 150 1.01 -6.03 41.21
N VAL X 151 0.44 -6.69 42.19
CA VAL X 151 -0.93 -6.47 42.62
C VAL X 151 -0.92 -5.96 44.04
N GLU X 152 -1.75 -4.95 44.32
CA GLU X 152 -1.83 -4.34 45.63
C GLU X 152 -2.96 -4.98 46.41
N ILE X 153 -2.71 -5.24 47.69
CA ILE X 153 -3.70 -5.76 48.61
C ILE X 153 -3.63 -4.96 49.89
N VAL X 154 -4.80 -4.75 50.52
CA VAL X 154 -4.87 -4.03 51.78
C VAL X 154 -6.02 -4.58 52.61
N ASP X 155 -5.96 -4.30 53.91
CA ASP X 155 -7.14 -4.33 54.75
C ASP X 155 -7.90 -3.02 54.54
N HIS X 156 -8.86 -2.73 55.39
CA HIS X 156 -9.73 -1.57 55.20
C HIS X 156 -9.17 -0.35 55.91
N ASP X 157 -8.97 0.73 55.14
CA ASP X 157 -8.62 2.04 55.65
C ASP X 157 -9.70 3.01 55.19
N GLU X 158 -10.10 3.93 56.08
CA GLU X 158 -11.36 4.65 55.97
C GLU X 158 -11.51 5.43 54.66
N LEU X 159 -10.61 6.39 54.43
CA LEU X 159 -10.72 7.26 53.27
C LEU X 159 -10.64 6.47 51.98
N SER X 160 -9.63 5.62 51.86
CA SER X 160 -9.46 4.83 50.66
C SER X 160 -10.60 3.84 50.46
N ASP X 161 -11.13 3.29 51.54
CA ASP X 161 -12.23 2.34 51.42
C ASP X 161 -13.49 3.03 50.94
N ALA X 162 -13.82 4.17 51.54
CA ALA X 162 -15.02 4.90 51.13
C ALA X 162 -14.87 5.46 49.73
N GLU X 163 -13.63 5.72 49.30
CA GLU X 163 -13.42 6.19 47.94
C GLU X 163 -13.57 5.04 46.96
N THR X 164 -12.98 3.89 47.27
CA THR X 164 -13.06 2.73 46.41
C THR X 164 -14.47 2.17 46.33
N ARG X 165 -15.29 2.42 47.34
CA ARG X 165 -16.69 2.03 47.30
C ARG X 165 -17.54 2.83 46.31
N ALA X 166 -16.97 3.87 45.69
CA ALA X 166 -17.70 4.77 44.79
C ALA X 166 -17.51 4.40 43.33
N VAL X 167 -17.47 3.11 43.01
CA VAL X 167 -17.44 2.66 41.62
C VAL X 167 -18.66 3.16 40.87
N GLY Y 1 -76.06 17.00 -12.68
CA GLY Y 1 -76.29 16.98 -14.11
C GLY Y 1 -75.95 18.31 -14.76
N ASN Y 2 -74.71 18.73 -14.60
CA ASN Y 2 -74.20 19.97 -15.16
C ASN Y 2 -73.37 19.70 -16.40
N ILE Y 3 -73.28 20.73 -17.25
CA ILE Y 3 -72.53 20.68 -18.49
C ILE Y 3 -71.43 21.73 -18.49
N GLY Y 4 -71.67 22.84 -17.81
CA GLY Y 4 -70.74 23.95 -17.81
C GLY Y 4 -71.06 24.96 -18.89
N ASN Y 5 -70.67 26.21 -18.64
CA ASN Y 5 -70.93 27.29 -19.57
C ASN Y 5 -69.92 27.23 -20.71
N LEU Y 6 -70.38 27.62 -21.90
CA LEU Y 6 -69.57 27.62 -23.11
C LEU Y 6 -69.45 29.05 -23.62
N SER Y 7 -68.22 29.53 -23.72
CA SER Y 7 -67.97 30.87 -24.23
C SER Y 7 -68.18 30.90 -25.74
N ALA Y 8 -68.00 32.09 -26.32
CA ALA Y 8 -68.35 32.32 -27.71
C ALA Y 8 -67.55 31.44 -28.65
N GLU Y 9 -66.22 31.53 -28.59
CA GLU Y 9 -65.40 30.86 -29.59
C GLU Y 9 -65.42 29.36 -29.39
N LYS Y 10 -66.33 28.69 -30.08
CA LYS Y 10 -66.35 27.24 -30.15
C LYS Y 10 -65.23 26.77 -31.06
N GLN Y 11 -64.43 25.82 -30.57
CA GLN Y 11 -63.35 25.22 -31.33
C GLN Y 11 -63.85 23.91 -31.92
N ILE Y 12 -63.93 23.82 -33.24
CA ILE Y 12 -64.29 22.58 -33.93
C ILE Y 12 -63.31 22.32 -35.06
N SER Y 13 -63.61 21.28 -35.85
CA SER Y 13 -62.86 20.94 -37.03
C SER Y 13 -63.82 20.92 -38.21
N VAL Y 14 -63.56 21.77 -39.19
CA VAL Y 14 -64.37 21.78 -40.40
C VAL Y 14 -64.02 20.55 -41.21
N TYR Y 15 -65.02 19.93 -41.81
CA TYR Y 15 -64.79 18.82 -42.71
C TYR Y 15 -66.02 18.63 -43.58
N ASP Y 16 -65.94 17.63 -44.47
CA ASP Y 16 -66.96 17.47 -45.49
C ASP Y 16 -68.30 17.11 -44.89
N GLY Y 17 -68.32 16.20 -43.92
CA GLY Y 17 -69.52 15.83 -43.21
C GLY Y 17 -70.05 16.86 -42.23
N GLN Y 18 -70.31 18.08 -42.69
CA GLN Y 18 -70.97 19.11 -41.91
C GLN Y 18 -71.91 19.92 -42.79
N PRO Y 19 -72.98 20.49 -42.23
CA PRO Y 19 -74.00 21.13 -43.06
C PRO Y 19 -73.73 22.59 -43.37
N PHE Y 20 -72.47 22.94 -43.66
CA PHE Y 20 -72.16 24.28 -44.14
C PHE Y 20 -70.97 24.30 -45.12
N VAL Y 21 -70.48 23.13 -45.52
CA VAL Y 21 -69.50 23.00 -46.59
C VAL Y 21 -69.96 21.85 -47.48
N ASP Y 22 -70.00 22.11 -48.78
CA ASP Y 22 -70.49 21.15 -49.77
C ASP Y 22 -69.39 20.85 -50.76
N GLU Y 23 -69.32 19.58 -51.16
CA GLU Y 23 -68.37 19.08 -52.12
C GLU Y 23 -69.00 18.98 -53.51
N GLN Y 24 -68.16 18.71 -54.49
CA GLN Y 24 -68.61 18.51 -55.85
C GLN Y 24 -67.51 17.83 -56.65
N ASP Y 25 -67.85 16.74 -57.33
CA ASP Y 25 -66.88 16.07 -58.18
C ASP Y 25 -66.45 17.00 -59.31
N VAL Y 26 -65.24 16.78 -59.81
CA VAL Y 26 -64.53 17.76 -60.61
C VAL Y 26 -63.95 17.15 -61.88
N PRO Y 27 -63.79 17.92 -62.98
CA PRO Y 27 -62.92 17.47 -64.07
C PRO Y 27 -61.44 17.58 -63.77
N ALA Y 28 -60.64 17.38 -64.79
CA ALA Y 28 -59.20 17.41 -64.71
C ALA Y 28 -58.56 18.64 -65.35
N ASP Y 29 -59.35 19.53 -65.93
CA ASP Y 29 -58.78 20.81 -66.36
C ASP Y 29 -59.80 21.94 -66.24
N ASP Y 30 -60.73 21.83 -65.29
CA ASP Y 30 -61.75 22.85 -65.07
C ASP Y 30 -61.49 23.49 -63.70
N PRO Y 31 -60.44 24.29 -63.56
CA PRO Y 31 -60.13 24.85 -62.25
C PRO Y 31 -61.15 25.83 -61.74
N ASN Y 32 -61.79 26.60 -62.63
CA ASN Y 32 -62.75 27.59 -62.20
C ASN Y 32 -63.97 26.98 -61.55
N THR Y 33 -64.28 25.74 -61.87
CA THR Y 33 -65.30 25.08 -61.07
C THR Y 33 -64.76 24.83 -59.66
N PRO Y 34 -65.61 24.85 -58.65
CA PRO Y 34 -65.12 24.74 -57.28
C PRO Y 34 -65.10 23.29 -56.83
N ALA Y 35 -64.04 22.92 -56.12
CA ALA Y 35 -64.08 21.66 -55.39
C ALA Y 35 -65.09 21.75 -54.26
N LEU Y 36 -65.11 22.90 -53.59
CA LEU Y 36 -65.84 23.08 -52.35
C LEU Y 36 -66.56 24.42 -52.36
N THR Y 37 -67.69 24.46 -51.68
CA THR Y 37 -68.44 25.69 -51.43
C THR Y 37 -68.65 25.76 -49.93
N ILE Y 38 -68.13 26.82 -49.31
CA ILE Y 38 -68.02 26.91 -47.87
C ILE Y 38 -68.75 28.17 -47.45
N GLU Y 39 -69.99 28.02 -46.97
CA GLU Y 39 -70.87 29.16 -46.81
C GLU Y 39 -70.84 29.66 -45.38
N GLY Y 40 -71.20 30.93 -45.21
CA GLY Y 40 -71.54 31.41 -43.91
C GLY Y 40 -72.70 30.61 -43.37
N PRO Y 41 -72.62 30.09 -42.12
CA PRO Y 41 -73.70 29.23 -41.63
C PRO Y 41 -74.96 29.96 -41.18
N ASP Y 42 -75.09 31.24 -41.52
CA ASP Y 42 -76.35 31.95 -41.38
C ASP Y 42 -76.77 32.09 -39.92
N GLY Y 43 -75.94 32.80 -39.16
CA GLY Y 43 -76.19 33.05 -37.76
C GLY Y 43 -74.94 33.10 -36.89
N TYR Y 44 -73.80 32.78 -37.46
CA TYR Y 44 -72.51 32.82 -36.77
C TYR Y 44 -71.50 33.59 -37.59
N VAL Y 45 -70.35 33.82 -36.99
CA VAL Y 45 -69.15 34.25 -37.67
C VAL Y 45 -68.09 33.19 -37.43
N ILE Y 46 -67.25 33.00 -38.44
CA ILE Y 46 -66.22 31.97 -38.44
C ILE Y 46 -64.88 32.66 -38.61
N ALA Y 47 -63.89 32.19 -37.85
CA ALA Y 47 -62.52 32.63 -37.99
C ALA Y 47 -61.59 31.44 -38.14
N VAL Y 48 -60.63 31.60 -39.05
CA VAL Y 48 -59.53 30.67 -39.23
C VAL Y 48 -58.32 31.50 -39.60
N ASP Y 49 -57.17 31.10 -39.08
CA ASP Y 49 -55.93 31.86 -39.15
C ASP Y 49 -54.90 31.05 -39.89
N ALA Y 50 -53.71 31.65 -39.98
CA ALA Y 50 -52.53 30.92 -40.40
C ALA Y 50 -52.30 29.74 -39.48
N GLY Y 51 -51.65 28.72 -40.00
CA GLY Y 51 -51.37 27.53 -39.21
C GLY Y 51 -52.51 26.55 -39.08
N THR Y 52 -53.52 26.63 -39.96
CA THR Y 52 -54.69 25.78 -39.90
C THR Y 52 -54.57 24.64 -40.91
N PRO Y 53 -54.64 23.37 -40.51
CA PRO Y 53 -54.34 22.28 -41.43
C PRO Y 53 -55.53 21.82 -42.27
N ILE Y 54 -55.20 20.97 -43.24
CA ILE Y 54 -56.16 20.36 -44.15
C ILE Y 54 -55.80 18.88 -44.25
N ALA Y 55 -56.81 18.06 -44.49
CA ALA Y 55 -56.65 16.61 -44.69
C ALA Y 55 -57.30 16.26 -46.02
N PRO Y 56 -56.75 16.74 -47.12
CA PRO Y 56 -57.42 16.53 -48.41
C PRO Y 56 -57.33 15.08 -48.86
N GLU Y 57 -58.12 14.22 -48.23
CA GLU Y 57 -58.04 12.81 -48.55
C GLU Y 57 -58.77 12.65 -49.86
N PHE Y 58 -58.06 12.94 -50.94
CA PHE Y 58 -58.62 12.94 -52.28
C PHE Y 58 -58.17 11.65 -52.93
N ARG Y 59 -59.08 10.71 -53.02
CA ARG Y 59 -58.88 9.49 -53.79
C ARG Y 59 -59.69 9.54 -55.06
N ASP Y 60 -59.33 8.68 -56.01
CA ASP Y 60 -60.12 8.51 -57.22
C ASP Y 60 -61.33 7.65 -56.90
N SER Y 61 -62.04 7.25 -57.96
CA SER Y 61 -63.16 6.35 -57.78
C SER Y 61 -62.74 5.00 -57.21
N ASN Y 62 -61.61 4.46 -57.64
CA ASN Y 62 -61.12 3.18 -57.14
C ASN Y 62 -60.56 3.27 -55.73
N GLY Y 63 -60.15 4.46 -55.29
CA GLY Y 63 -59.38 4.63 -54.08
C GLY Y 63 -57.97 5.09 -54.33
N ASN Y 64 -57.49 4.97 -55.56
CA ASN Y 64 -56.15 5.42 -55.91
C ASN Y 64 -56.11 6.94 -55.93
N LYS Y 65 -54.97 7.49 -55.54
CA LYS Y 65 -54.89 8.92 -55.29
C LYS Y 65 -54.96 9.72 -56.59
N LEU Y 66 -55.36 10.97 -56.44
CA LEU Y 66 -55.33 11.96 -57.51
C LEU Y 66 -53.89 12.29 -57.92
N ASP Y 67 -53.75 13.15 -58.91
CA ASP Y 67 -52.43 13.48 -59.44
C ASP Y 67 -51.64 14.24 -58.38
N PRO Y 68 -50.34 13.99 -58.25
CA PRO Y 68 -49.56 14.81 -57.31
C PRO Y 68 -49.47 16.28 -57.69
N SER Y 69 -49.20 16.58 -58.96
CA SER Y 69 -48.77 17.92 -59.33
C SER Y 69 -49.90 18.94 -59.36
N THR Y 70 -51.14 18.49 -59.19
CA THR Y 70 -52.29 19.38 -59.15
C THR Y 70 -52.10 20.49 -58.13
N ARG Y 71 -52.27 21.73 -58.59
CA ARG Y 71 -52.23 22.86 -57.67
C ARG Y 71 -53.53 22.97 -56.92
N VAL Y 72 -53.44 23.50 -55.70
CA VAL Y 72 -54.55 23.56 -54.76
C VAL Y 72 -54.51 24.92 -54.09
N ILE Y 73 -55.58 25.70 -54.27
CA ILE Y 73 -55.63 27.08 -53.84
C ILE Y 73 -56.93 27.29 -53.08
N VAL Y 74 -56.89 28.21 -52.12
CA VAL Y 74 -58.04 28.59 -51.32
C VAL Y 74 -58.29 30.06 -51.58
N GLN Y 75 -59.55 30.47 -51.61
CA GLN Y 75 -59.86 31.86 -51.86
C GLN Y 75 -61.14 32.25 -51.14
N LYS Y 76 -61.18 33.51 -50.73
CA LYS Y 76 -62.41 34.15 -50.35
C LYS Y 76 -63.13 34.59 -51.62
N CYS Y 77 -64.46 34.55 -51.59
CA CYS Y 77 -65.28 35.03 -52.67
C CYS Y 77 -66.35 35.93 -52.09
N ASP Y 78 -67.09 36.58 -52.98
CA ASP Y 78 -68.18 37.44 -52.57
C ASP Y 78 -69.42 36.60 -52.27
N ARG Y 79 -70.52 37.27 -51.97
CA ARG Y 79 -71.77 36.59 -51.75
C ARG Y 79 -72.36 36.01 -53.03
N GLN Y 80 -71.82 36.37 -54.18
CA GLN Y 80 -72.12 35.70 -55.43
C GLN Y 80 -71.31 34.44 -55.65
N GLY Y 81 -70.13 34.35 -55.04
CA GLY Y 81 -69.26 33.22 -55.21
C GLY Y 81 -68.16 33.42 -56.22
N ASN Y 82 -67.73 34.66 -56.45
CA ASN Y 82 -66.62 34.98 -57.32
C ASN Y 82 -65.45 35.47 -56.50
N PRO Y 83 -64.19 35.18 -56.86
CA PRO Y 83 -63.08 35.61 -56.02
C PRO Y 83 -62.93 37.12 -55.98
N LEU Y 84 -61.89 37.54 -55.27
CA LEU Y 84 -61.59 38.94 -55.04
C LEU Y 84 -60.15 39.30 -55.38
N GLY Y 85 -59.41 38.41 -56.04
CA GLY Y 85 -58.01 38.66 -56.30
C GLY Y 85 -57.18 38.45 -55.06
N ASP Y 86 -57.38 39.31 -54.08
CA ASP Y 86 -56.88 39.07 -52.73
C ASP Y 86 -57.82 38.07 -52.05
N GLY Y 87 -57.64 37.88 -50.76
CA GLY Y 87 -58.46 36.93 -50.04
C GLY Y 87 -57.96 35.52 -50.25
N ILE Y 88 -56.64 35.38 -50.30
CA ILE Y 88 -55.97 34.10 -50.52
C ILE Y 88 -55.24 33.71 -49.25
N VAL Y 89 -55.24 32.42 -48.96
CA VAL Y 89 -54.63 31.88 -47.75
C VAL Y 89 -53.79 30.63 -48.00
N PHE Y 90 -53.86 30.02 -49.18
CA PHE Y 90 -53.27 28.71 -49.39
C PHE Y 90 -52.97 28.56 -50.86
N ASN Y 91 -51.80 27.97 -51.16
CA ASN Y 91 -51.41 27.76 -52.53
C ASN Y 91 -50.35 26.66 -52.53
N ASP Y 92 -50.76 25.43 -52.84
CA ASP Y 92 -49.85 24.29 -52.84
C ASP Y 92 -50.55 23.16 -53.58
N THR Y 93 -49.98 21.94 -53.49
CA THR Y 93 -50.35 20.83 -54.36
C THR Y 93 -50.69 19.55 -53.58
N LEU Y 94 -51.20 18.55 -54.31
CA LEU Y 94 -51.63 17.30 -53.70
C LEU Y 94 -50.44 16.44 -53.31
N GLY Y 95 -49.50 16.27 -54.23
CA GLY Y 95 -48.35 15.45 -53.96
C GLY Y 95 -47.47 15.98 -52.86
N ARG Y 96 -47.64 17.24 -52.48
CA ARG Y 96 -47.10 17.76 -51.23
C ARG Y 96 -47.73 17.12 -50.00
N PHE Y 97 -48.80 16.33 -50.12
CA PHE Y 97 -49.39 15.61 -49.01
C PHE Y 97 -48.92 14.17 -49.03
N ASP Y 98 -49.13 13.47 -47.93
CA ASP Y 98 -48.82 12.05 -47.79
C ASP Y 98 -50.00 11.40 -47.11
N TYR Y 99 -50.85 10.75 -47.92
CA TYR Y 99 -52.10 10.17 -47.46
C TYR Y 99 -51.92 9.20 -46.31
N GLU Y 100 -50.75 8.59 -46.21
CA GLU Y 100 -50.48 7.69 -45.10
C GLU Y 100 -50.55 8.43 -43.77
N GLN Y 101 -49.94 9.62 -43.71
CA GLN Y 101 -49.72 10.31 -42.45
C GLN Y 101 -49.84 11.82 -42.56
N MET Y 102 -50.65 12.31 -43.50
CA MET Y 102 -50.74 13.75 -43.70
C MET Y 102 -51.36 14.46 -42.51
N ARG Y 103 -52.29 13.82 -41.81
CA ARG Y 103 -52.97 14.39 -40.67
C ARG Y 103 -52.45 13.87 -39.35
N THR Y 104 -51.70 12.78 -39.36
CA THR Y 104 -51.24 12.15 -38.12
C THR Y 104 -50.27 13.05 -37.37
N ASP Y 105 -49.11 13.30 -37.95
CA ASP Y 105 -48.09 14.14 -37.35
C ASP Y 105 -48.25 15.56 -37.85
N PRO Y 106 -47.88 16.58 -37.08
CA PRO Y 106 -47.95 17.94 -37.63
C PRO Y 106 -46.92 18.18 -38.71
N ASP Y 107 -45.80 17.47 -38.64
CA ASP Y 107 -44.69 17.72 -39.55
C ASP Y 107 -45.01 17.30 -40.98
N PHE Y 108 -46.10 16.59 -41.22
CA PHE Y 108 -46.55 16.18 -42.54
C PHE Y 108 -47.84 16.88 -42.92
N MET Y 109 -48.06 18.09 -42.40
CA MET Y 109 -49.27 18.86 -42.64
C MET Y 109 -48.97 20.05 -43.54
N ARG Y 110 -50.00 20.47 -44.27
CA ARG Y 110 -50.00 21.72 -45.01
C ARG Y 110 -51.07 22.61 -44.42
N LYS Y 111 -50.76 23.90 -44.34
CA LYS Y 111 -51.54 24.82 -43.53
C LYS Y 111 -51.68 26.14 -44.27
N THR Y 112 -52.60 26.97 -43.79
CA THR Y 112 -52.98 28.20 -44.46
C THR Y 112 -51.92 29.29 -44.23
N ALA Y 113 -52.21 30.50 -44.71
CA ALA Y 113 -51.25 31.60 -44.73
C ALA Y 113 -51.62 32.76 -43.82
N LYS Y 114 -52.85 33.23 -43.90
CA LYS Y 114 -53.25 34.53 -43.38
C LYS Y 114 -54.40 34.41 -42.39
N SER Y 115 -54.74 35.54 -41.80
CA SER Y 115 -55.97 35.67 -41.03
C SER Y 115 -57.16 35.73 -41.97
N LEU Y 116 -58.30 35.28 -41.47
CA LEU Y 116 -59.50 35.30 -42.28
C LEU Y 116 -60.72 35.27 -41.37
N MET Y 117 -61.82 35.88 -41.84
CA MET Y 117 -62.98 36.16 -41.01
C MET Y 117 -64.22 36.19 -41.88
N ILE Y 118 -65.19 35.33 -41.57
CA ILE Y 118 -66.29 34.99 -42.45
C ILE Y 118 -67.60 35.38 -41.78
N ASP Y 119 -68.42 36.16 -42.48
CA ASP Y 119 -69.71 36.58 -41.97
C ASP Y 119 -70.78 35.53 -42.32
N GLU Y 120 -72.04 35.88 -42.08
CA GLU Y 120 -73.14 34.93 -42.23
C GLU Y 120 -73.42 34.57 -43.69
N ARG Y 121 -72.92 35.35 -44.64
CA ARG Y 121 -73.11 35.10 -46.06
C ARG Y 121 -71.81 34.94 -46.84
N GLU Y 122 -70.68 35.28 -46.24
CA GLU Y 122 -69.42 35.20 -46.96
C GLU Y 122 -69.09 33.76 -47.30
N ILE Y 123 -68.36 33.59 -48.39
CA ILE Y 123 -68.12 32.28 -48.99
C ILE Y 123 -66.62 32.10 -49.18
N VAL Y 124 -66.17 30.88 -48.91
CA VAL Y 124 -64.85 30.43 -49.29
C VAL Y 124 -65.02 29.38 -50.38
N LYS Y 125 -64.11 29.39 -51.33
CA LYS Y 125 -64.07 28.42 -52.41
C LYS Y 125 -62.66 27.90 -52.55
N VAL Y 126 -62.55 26.58 -52.62
CA VAL Y 126 -61.29 25.90 -52.85
C VAL Y 126 -61.24 25.50 -54.31
N PHE Y 127 -60.18 25.89 -54.99
CA PHE Y 127 -60.00 25.64 -56.41
C PHE Y 127 -58.78 24.77 -56.63
N VAL Y 128 -58.84 24.05 -57.74
CA VAL Y 128 -58.03 22.87 -57.98
C VAL Y 128 -57.63 22.85 -59.44
N ASP Y 129 -56.35 23.07 -59.72
CA ASP Y 129 -55.84 23.19 -61.09
C ASP Y 129 -55.10 21.89 -61.42
N ILE Y 130 -55.76 21.05 -62.20
CA ILE Y 130 -55.30 19.71 -62.53
C ILE Y 130 -54.79 19.71 -63.97
N PRO Y 131 -53.78 18.93 -64.32
CA PRO Y 131 -53.50 18.65 -65.74
C PRO Y 131 -54.17 17.36 -66.21
N ALA Y 132 -54.10 17.15 -67.52
CA ALA Y 132 -55.00 16.21 -68.21
C ALA Y 132 -54.87 14.78 -67.71
N GLY Y 133 -53.72 14.42 -67.17
CA GLY Y 133 -53.47 13.00 -66.90
C GLY Y 133 -54.28 12.46 -65.75
N ALA Y 134 -54.81 13.33 -64.90
CA ALA Y 134 -55.42 12.87 -63.66
C ALA Y 134 -56.84 12.35 -63.89
N ASN Y 135 -57.32 11.62 -62.90
CA ASN Y 135 -58.63 11.00 -62.94
C ASN Y 135 -59.58 11.81 -62.07
N GLY Y 136 -59.69 13.10 -62.39
CA GLY Y 136 -60.65 13.99 -61.77
C GLY Y 136 -60.59 14.06 -60.26
N TYR Y 137 -61.74 14.22 -59.62
CA TYR Y 137 -61.85 14.21 -58.16
C TYR Y 137 -63.19 13.59 -57.77
N ASP Y 138 -63.13 12.58 -56.92
CA ASP Y 138 -64.29 11.77 -56.53
C ASP Y 138 -64.58 12.03 -55.06
N ALA Y 139 -65.48 12.98 -54.80
CA ALA Y 139 -65.69 13.48 -53.45
C ALA Y 139 -66.24 12.42 -52.51
N ASP Y 140 -66.97 11.44 -53.05
CA ASP Y 140 -67.74 10.53 -52.19
C ASP Y 140 -66.81 9.68 -51.32
N LYS Y 141 -66.00 8.83 -51.95
CA LYS Y 141 -64.98 8.12 -51.20
C LYS Y 141 -63.97 9.07 -50.62
N SER Y 142 -63.72 10.18 -51.30
CA SER Y 142 -62.81 11.18 -50.79
C SER Y 142 -63.46 11.93 -49.65
N ARG Y 143 -62.72 12.90 -49.14
CA ARG Y 143 -63.14 13.67 -48.00
C ARG Y 143 -62.10 14.72 -47.71
N LEU Y 144 -62.45 15.65 -46.82
CA LEU Y 144 -61.52 16.68 -46.43
C LEU Y 144 -61.92 17.17 -45.06
N THR Y 145 -60.93 17.31 -44.20
CA THR Y 145 -61.02 18.12 -43.01
C THR Y 145 -60.29 19.42 -43.27
N LEU Y 146 -60.83 20.51 -42.74
CA LEU Y 146 -60.14 21.77 -42.63
C LEU Y 146 -60.01 22.02 -41.13
N GLY Y 147 -58.96 21.45 -40.54
CA GLY Y 147 -58.59 21.73 -39.17
C GLY Y 147 -58.55 20.48 -38.30
N ASP Y 148 -58.49 20.73 -37.00
CA ASP Y 148 -58.47 19.67 -36.00
C ASP Y 148 -58.93 20.28 -34.68
N ASP Y 149 -59.59 19.47 -33.86
CA ASP Y 149 -60.11 19.90 -32.58
C ASP Y 149 -59.86 18.84 -31.52
N THR Y 150 -58.72 18.15 -31.62
CA THR Y 150 -58.39 17.01 -30.79
C THR Y 150 -57.02 17.08 -30.17
N SER Y 151 -56.09 17.84 -30.74
CA SER Y 151 -54.71 17.88 -30.33
C SER Y 151 -54.39 19.21 -29.66
N ASP Y 152 -53.33 19.20 -28.87
CA ASP Y 152 -52.66 20.43 -28.50
C ASP Y 152 -51.88 21.02 -29.66
N PHE Y 153 -51.69 20.25 -30.74
CA PHE Y 153 -50.94 20.68 -31.91
C PHE Y 153 -51.91 21.16 -32.97
N GLY Y 154 -51.39 22.03 -33.83
CA GLY Y 154 -52.23 22.62 -34.83
C GLY Y 154 -53.20 23.59 -34.19
N LYS Y 155 -54.32 23.79 -34.87
CA LYS Y 155 -55.34 24.72 -34.42
C LYS Y 155 -56.68 24.18 -34.87
N ALA Y 156 -57.72 24.96 -34.62
CA ALA Y 156 -59.10 24.57 -34.84
C ALA Y 156 -59.84 25.71 -35.52
N VAL Y 157 -61.14 25.52 -35.69
CA VAL Y 157 -62.02 26.48 -36.33
C VAL Y 157 -62.78 27.22 -35.23
N GLU Y 158 -62.73 28.55 -35.25
CA GLU Y 158 -63.36 29.36 -34.23
C GLU Y 158 -64.73 29.80 -34.72
N ILE Y 159 -65.76 29.46 -33.96
CA ILE Y 159 -67.16 29.73 -34.28
C ILE Y 159 -67.68 30.65 -33.18
N VAL Y 160 -68.19 31.82 -33.55
CA VAL Y 160 -68.70 32.79 -32.60
C VAL Y 160 -70.13 33.15 -32.97
N ASP Y 161 -70.96 33.31 -31.96
CA ASP Y 161 -72.27 33.90 -32.11
C ASP Y 161 -72.11 35.41 -32.16
N HIS Y 162 -73.21 36.14 -32.04
CA HIS Y 162 -73.23 37.56 -32.28
C HIS Y 162 -73.03 38.35 -31.00
N ASP Y 163 -72.03 39.23 -31.00
CA ASP Y 163 -71.75 40.16 -29.93
C ASP Y 163 -71.50 41.53 -30.53
N GLU Y 164 -71.88 42.58 -29.78
CA GLU Y 164 -72.13 43.89 -30.38
C GLU Y 164 -70.86 44.52 -30.95
N LEU Y 165 -69.88 44.79 -30.09
CA LEU Y 165 -68.69 45.52 -30.52
C LEU Y 165 -67.88 44.68 -31.51
N SER Y 166 -67.79 43.38 -31.26
CA SER Y 166 -67.02 42.52 -32.14
C SER Y 166 -67.62 42.46 -33.53
N ASP Y 167 -68.95 42.33 -33.63
CA ASP Y 167 -69.60 42.35 -34.94
C ASP Y 167 -69.43 43.70 -35.61
N ALA Y 168 -69.61 44.79 -34.86
CA ALA Y 168 -69.54 46.12 -35.43
C ALA Y 168 -68.15 46.41 -35.99
N GLU Y 169 -67.12 45.87 -35.35
CA GLU Y 169 -65.75 46.07 -35.84
C GLU Y 169 -65.42 45.12 -36.99
N THR Y 170 -65.84 43.85 -36.88
CA THR Y 170 -65.47 42.87 -37.89
C THR Y 170 -66.26 43.06 -39.18
N ARG Y 171 -67.34 43.83 -39.16
CA ARG Y 171 -68.02 44.21 -40.39
C ARG Y 171 -67.38 45.43 -41.08
N ALA Y 172 -66.12 45.75 -40.75
CA ALA Y 172 -65.38 46.82 -41.41
C ALA Y 172 -64.64 46.36 -42.66
N VAL Y 173 -65.10 45.29 -43.30
CA VAL Y 173 -64.48 44.79 -44.53
C VAL Y 173 -64.53 45.85 -45.63
N SER Z 1 58.47 -4.58 114.57
CA SER Z 1 57.05 -4.60 114.89
C SER Z 1 56.44 -5.94 114.51
N ALA Z 2 55.11 -6.01 114.47
CA ALA Z 2 54.42 -7.28 114.26
C ALA Z 2 54.67 -7.86 112.87
N GLU Z 3 55.05 -7.02 111.90
CA GLU Z 3 55.19 -7.47 110.51
C GLU Z 3 56.43 -8.35 110.38
N LYS Z 4 56.28 -9.61 110.75
CA LYS Z 4 57.43 -10.49 110.72
C LYS Z 4 57.80 -10.88 109.30
N GLN Z 5 59.11 -10.93 109.06
CA GLN Z 5 59.69 -11.32 107.78
C GLN Z 5 60.00 -12.81 107.85
N ILE Z 6 59.34 -13.60 107.02
CA ILE Z 6 59.52 -15.05 107.02
C ILE Z 6 59.51 -15.57 105.59
N SER Z 7 59.65 -16.87 105.48
CA SER Z 7 59.29 -17.65 104.32
C SER Z 7 58.14 -18.56 104.70
N VAL Z 8 57.77 -19.44 103.77
CA VAL Z 8 56.78 -20.47 104.00
C VAL Z 8 57.36 -21.79 103.52
N TYR Z 9 56.92 -22.88 104.12
CA TYR Z 9 57.14 -24.19 103.54
C TYR Z 9 56.02 -25.12 103.97
N ASP Z 10 55.91 -26.21 103.22
CA ASP Z 10 54.82 -27.14 103.43
C ASP Z 10 54.91 -27.87 104.76
N GLY Z 11 56.08 -27.94 105.35
CA GLY Z 11 56.23 -28.58 106.65
C GLY Z 11 55.87 -27.66 107.80
N GLN Z 12 54.65 -27.12 107.77
CA GLN Z 12 54.15 -26.19 108.77
C GLN Z 12 52.66 -26.43 108.99
N PRO Z 13 52.14 -26.26 110.22
CA PRO Z 13 50.78 -26.69 110.54
C PRO Z 13 49.71 -25.62 110.28
N PHE Z 14 49.78 -25.00 109.11
CA PHE Z 14 48.70 -24.20 108.57
C PHE Z 14 48.52 -24.44 107.07
N VAL Z 15 49.18 -25.48 106.56
CA VAL Z 15 49.15 -25.89 105.18
C VAL Z 15 49.19 -27.41 105.18
N ASP Z 16 48.47 -28.03 104.24
CA ASP Z 16 48.42 -29.48 104.13
C ASP Z 16 48.63 -29.89 102.68
N GLU Z 17 49.22 -31.08 102.53
CA GLU Z 17 49.57 -31.67 101.26
C GLU Z 17 48.57 -32.76 100.88
N GLN Z 18 48.77 -33.35 99.71
CA GLN Z 18 47.90 -34.39 99.21
C GLN Z 18 48.55 -35.08 98.02
N ASP Z 19 48.56 -36.40 98.04
CA ASP Z 19 49.04 -37.15 96.88
C ASP Z 19 48.01 -37.07 95.76
N VAL Z 20 48.51 -37.09 94.52
CA VAL Z 20 47.75 -36.63 93.36
C VAL Z 20 47.74 -37.65 92.23
N PRO Z 21 46.70 -37.70 91.40
CA PRO Z 21 46.80 -38.37 90.10
C PRO Z 21 47.59 -37.55 89.09
N ALA Z 22 47.53 -37.99 87.85
CA ALA Z 22 48.25 -37.37 86.74
C ALA Z 22 47.32 -36.73 85.72
N ASP Z 23 46.03 -36.61 86.00
CA ASP Z 23 45.11 -35.96 85.07
C ASP Z 23 44.03 -35.16 85.80
N ASP Z 24 44.29 -34.74 87.03
CA ASP Z 24 43.30 -34.08 87.86
C ASP Z 24 43.60 -32.59 87.97
N PRO Z 25 42.81 -31.68 87.35
CA PRO Z 25 43.14 -30.26 87.44
C PRO Z 25 42.49 -29.54 88.59
N ASN Z 26 41.41 -30.10 89.16
CA ASN Z 26 40.60 -29.41 90.16
C ASN Z 26 40.92 -29.88 91.58
N THR Z 27 41.65 -30.94 91.73
CA THR Z 27 41.96 -31.37 93.08
C THR Z 27 42.99 -30.42 93.68
N PRO Z 28 42.84 -30.01 94.95
CA PRO Z 28 43.96 -29.31 95.57
C PRO Z 28 45.07 -30.26 96.01
N ALA Z 29 46.23 -30.06 95.41
CA ALA Z 29 47.45 -30.65 95.92
C ALA Z 29 47.69 -30.11 97.31
N LEU Z 30 47.62 -28.80 97.42
CA LEU Z 30 47.94 -28.06 98.64
C LEU Z 30 46.72 -27.28 99.09
N THR Z 31 46.55 -27.22 100.41
CA THR Z 31 45.47 -26.45 101.04
C THR Z 31 46.11 -25.58 102.09
N ILE Z 32 45.96 -24.27 101.95
CA ILE Z 32 46.58 -23.28 102.82
C ILE Z 32 45.49 -22.44 103.44
N GLU Z 33 45.53 -22.30 104.77
CA GLU Z 33 44.46 -21.58 105.45
C GLU Z 33 45.03 -20.80 106.62
N GLY Z 34 44.15 -20.01 107.23
CA GLY Z 34 44.55 -19.02 108.19
C GLY Z 34 45.28 -19.56 109.40
N PRO Z 35 45.82 -18.67 110.23
CA PRO Z 35 46.66 -19.08 111.34
C PRO Z 35 46.01 -19.14 112.71
N ASP Z 36 44.78 -18.63 112.85
CA ASP Z 36 44.10 -18.56 114.14
C ASP Z 36 44.84 -17.63 115.10
N GLY Z 37 44.84 -16.35 114.76
CA GLY Z 37 45.37 -15.30 115.60
C GLY Z 37 46.22 -14.28 114.87
N TYR Z 38 46.30 -14.39 113.55
CA TYR Z 38 47.17 -13.54 112.75
C TYR Z 38 46.58 -13.42 111.35
N VAL Z 39 47.25 -12.61 110.53
CA VAL Z 39 46.86 -12.35 109.16
C VAL Z 39 48.15 -12.26 108.36
N ILE Z 40 48.10 -12.80 107.14
CA ILE Z 40 49.23 -12.81 106.21
C ILE Z 40 48.91 -11.91 105.05
N ALA Z 41 49.95 -11.22 104.57
CA ALA Z 41 49.90 -10.52 103.30
C ALA Z 41 51.19 -10.80 102.55
N VAL Z 42 51.07 -10.79 101.23
CA VAL Z 42 52.10 -11.26 100.32
C VAL Z 42 52.21 -10.22 99.22
N ASP Z 43 53.26 -9.41 99.26
CA ASP Z 43 53.50 -8.47 98.18
C ASP Z 43 53.78 -9.22 96.89
N ALA Z 44 53.53 -8.56 95.76
CA ALA Z 44 53.74 -9.18 94.47
C ALA Z 44 55.22 -9.40 94.23
N GLY Z 45 55.51 -10.02 93.09
CA GLY Z 45 56.87 -10.14 92.62
C GLY Z 45 57.72 -11.02 93.52
N THR Z 46 57.17 -12.12 93.98
CA THR Z 46 57.69 -12.93 95.05
C THR Z 46 58.13 -14.29 94.52
N PRO Z 47 59.25 -14.85 94.98
CA PRO Z 47 59.70 -16.11 94.42
C PRO Z 47 58.81 -17.27 94.82
N ILE Z 48 58.95 -18.35 94.06
CA ILE Z 48 58.32 -19.62 94.34
C ILE Z 48 59.36 -20.70 94.11
N ALA Z 49 59.28 -21.74 94.92
CA ALA Z 49 60.17 -22.90 94.85
C ALA Z 49 59.33 -24.15 94.68
N PRO Z 50 58.69 -24.33 93.53
CA PRO Z 50 57.76 -25.45 93.36
C PRO Z 50 58.47 -26.79 93.14
N GLU Z 51 59.30 -27.18 94.09
CA GLU Z 51 60.21 -28.29 93.90
C GLU Z 51 59.46 -29.61 94.00
N PHE Z 52 58.97 -30.08 92.86
CA PHE Z 52 58.14 -31.28 92.78
C PHE Z 52 58.90 -32.38 92.05
N ARG Z 53 58.78 -33.60 92.56
CA ARG Z 53 59.37 -34.78 91.96
C ARG Z 53 58.31 -35.87 91.93
N ASP Z 54 58.66 -37.00 91.34
CA ASP Z 54 57.72 -38.11 91.20
C ASP Z 54 57.84 -39.05 92.40
N SER Z 55 57.17 -40.19 92.30
CA SER Z 55 57.30 -41.20 93.33
C SER Z 55 58.70 -41.72 93.45
N ASN Z 56 59.39 -41.91 92.34
CA ASN Z 56 60.76 -42.38 92.32
C ASN Z 56 61.79 -41.27 92.43
N GLY Z 57 61.36 -40.03 92.69
CA GLY Z 57 62.28 -38.94 92.92
C GLY Z 57 62.68 -38.18 91.68
N ASN Z 58 62.32 -38.66 90.51
CA ASN Z 58 62.56 -37.91 89.29
C ASN Z 58 61.64 -36.71 89.21
N LYS Z 59 62.00 -35.79 88.33
CA LYS Z 59 61.17 -34.63 88.09
C LYS Z 59 59.99 -34.99 87.20
N LEU Z 60 58.89 -34.27 87.40
CA LEU Z 60 57.67 -34.47 86.63
C LEU Z 60 57.86 -33.92 85.22
N ASP Z 61 56.80 -33.93 84.44
CA ASP Z 61 56.89 -33.46 83.07
C ASP Z 61 57.13 -31.96 83.07
N PRO Z 62 58.09 -31.45 82.28
CA PRO Z 62 58.30 -30.01 82.25
C PRO Z 62 57.15 -29.23 81.66
N SER Z 63 56.23 -29.89 80.95
CA SER Z 63 55.11 -29.21 80.33
C SER Z 63 53.89 -29.10 81.22
N THR Z 64 53.86 -29.88 82.30
CA THR Z 64 52.82 -29.81 83.31
C THR Z 64 52.58 -28.38 83.78
N ARG Z 65 51.33 -28.01 83.94
CA ARG Z 65 50.95 -26.67 84.39
C ARG Z 65 50.81 -26.66 85.90
N VAL Z 66 51.49 -25.71 86.53
CA VAL Z 66 51.30 -25.42 87.94
C VAL Z 66 50.49 -24.14 88.03
N ILE Z 67 49.52 -24.13 88.94
CA ILE Z 67 48.73 -22.94 89.21
C ILE Z 67 48.60 -22.80 90.71
N VAL Z 68 48.73 -21.58 91.19
CA VAL Z 68 48.38 -21.19 92.54
C VAL Z 68 47.20 -20.25 92.43
N GLN Z 69 46.24 -20.37 93.34
CA GLN Z 69 45.07 -19.54 93.21
C GLN Z 69 44.36 -19.46 94.55
N LYS Z 70 43.78 -18.31 94.81
CA LYS Z 70 42.96 -18.08 95.98
C LYS Z 70 41.56 -18.56 95.71
N CYS Z 71 40.88 -18.97 96.78
CA CYS Z 71 39.47 -19.29 96.74
C CYS Z 71 38.77 -18.52 97.84
N ASP Z 72 37.47 -18.74 97.96
CA ASP Z 72 36.69 -18.17 99.05
C ASP Z 72 36.94 -18.99 100.31
N ARG Z 73 36.10 -18.81 101.31
CA ARG Z 73 36.19 -19.56 102.54
C ARG Z 73 35.53 -20.94 102.47
N GLN Z 74 35.25 -21.42 101.26
CA GLN Z 74 34.67 -22.72 101.02
C GLN Z 74 35.47 -23.55 100.02
N GLY Z 75 36.60 -23.05 99.54
CA GLY Z 75 37.44 -23.78 98.61
C GLY Z 75 37.13 -23.53 97.15
N ASN Z 76 36.18 -22.66 96.85
CA ASN Z 76 35.70 -22.49 95.49
C ASN Z 76 36.47 -21.35 94.84
N PRO Z 77 37.21 -21.57 93.76
CA PRO Z 77 37.99 -20.47 93.18
C PRO Z 77 37.12 -19.34 92.67
N LEU Z 78 37.73 -18.17 92.63
CA LEU Z 78 37.06 -16.93 92.25
C LEU Z 78 37.14 -16.63 90.77
N GLY Z 79 38.09 -17.22 90.06
CA GLY Z 79 38.37 -16.82 88.68
C GLY Z 79 39.30 -15.65 88.67
N ASP Z 80 38.94 -14.58 89.34
CA ASP Z 80 39.85 -13.50 89.63
C ASP Z 80 40.85 -13.97 90.67
N GLY Z 81 41.91 -13.19 90.84
CA GLY Z 81 42.76 -13.37 91.99
C GLY Z 81 43.76 -14.49 91.86
N ILE Z 82 44.41 -14.58 90.72
CA ILE Z 82 45.47 -15.56 90.51
C ILE Z 82 46.80 -14.86 90.71
N VAL Z 83 47.74 -15.61 91.27
CA VAL Z 83 49.11 -15.15 91.47
C VAL Z 83 50.07 -15.73 90.46
N PHE Z 84 49.77 -16.90 89.90
CA PHE Z 84 50.76 -17.62 89.11
C PHE Z 84 50.04 -18.54 88.14
N ASN Z 85 50.54 -18.56 86.90
CA ASN Z 85 49.94 -19.37 85.85
C ASN Z 85 51.07 -19.66 84.86
N ASP Z 86 51.78 -20.75 85.09
CA ASP Z 86 52.95 -21.07 84.27
C ASP Z 86 53.29 -22.55 84.47
N THR Z 87 54.43 -22.94 83.91
CA THR Z 87 54.85 -24.33 83.84
C THR Z 87 55.95 -24.64 84.85
N LEU Z 88 56.14 -25.93 85.06
CA LEU Z 88 57.34 -26.39 85.74
C LEU Z 88 58.58 -26.11 84.91
N GLY Z 89 58.45 -26.16 83.59
CA GLY Z 89 59.57 -26.06 82.70
C GLY Z 89 60.32 -24.75 82.75
N ARG Z 90 59.76 -23.73 83.36
CA ARG Z 90 60.42 -22.45 83.45
C ARG Z 90 61.51 -22.42 84.50
N PHE Z 91 61.68 -23.47 85.28
CA PHE Z 91 62.51 -23.46 86.48
C PHE Z 91 63.74 -24.33 86.30
N ASP Z 92 64.56 -24.34 87.34
CA ASP Z 92 65.83 -25.06 87.34
C ASP Z 92 66.06 -25.52 88.77
N TYR Z 93 65.76 -26.79 89.01
CA TYR Z 93 65.70 -27.32 90.37
C TYR Z 93 67.01 -27.21 91.10
N GLU Z 94 68.12 -27.19 90.37
CA GLU Z 94 69.41 -27.04 91.02
C GLU Z 94 69.56 -25.66 91.64
N GLN Z 95 68.95 -24.65 91.04
CA GLN Z 95 69.24 -23.27 91.39
C GLN Z 95 68.05 -22.33 91.31
N MET Z 96 66.82 -22.86 91.19
CA MET Z 96 65.65 -21.98 91.09
C MET Z 96 65.49 -21.15 92.35
N ARG Z 97 65.80 -21.72 93.50
CA ARG Z 97 65.64 -21.02 94.77
C ARG Z 97 66.87 -20.22 95.14
N THR Z 98 67.91 -20.22 94.31
CA THR Z 98 69.18 -19.57 94.62
C THR Z 98 69.41 -18.33 93.78
N ASP Z 99 69.43 -18.46 92.48
CA ASP Z 99 69.78 -17.30 91.67
C ASP Z 99 68.60 -16.38 91.52
N PRO Z 100 68.72 -15.08 91.79
CA PRO Z 100 67.60 -14.18 91.51
C PRO Z 100 67.28 -14.09 90.03
N ASP Z 101 68.27 -14.35 89.19
CA ASP Z 101 68.03 -14.25 87.75
C ASP Z 101 67.21 -15.42 87.26
N PHE Z 102 67.38 -16.60 87.85
CA PHE Z 102 66.58 -17.77 87.54
C PHE Z 102 65.37 -17.91 88.45
N MET Z 103 65.15 -16.97 89.36
CA MET Z 103 63.88 -16.94 90.06
C MET Z 103 62.72 -16.77 89.09
N ARG Z 104 61.53 -17.08 89.58
CA ARG Z 104 60.29 -16.73 88.92
C ARG Z 104 59.34 -16.17 89.97
N LYS Z 105 58.62 -15.13 89.58
CA LYS Z 105 58.01 -14.22 90.53
C LYS Z 105 56.50 -14.16 90.32
N THR Z 106 55.85 -13.45 91.23
CA THR Z 106 54.40 -13.35 91.28
C THR Z 106 53.90 -12.19 90.43
N ALA Z 107 52.59 -12.18 90.21
CA ALA Z 107 51.95 -11.13 89.43
C ALA Z 107 51.40 -10.03 90.32
N LYS Z 108 50.40 -10.35 91.13
CA LYS Z 108 49.79 -9.44 92.08
C LYS Z 108 50.31 -9.75 93.47
N SER Z 109 50.05 -8.84 94.37
CA SER Z 109 50.20 -9.12 95.78
C SER Z 109 49.00 -9.93 96.24
N LEU Z 110 49.03 -10.35 97.49
CA LEU Z 110 47.95 -11.14 98.04
C LEU Z 110 47.83 -10.94 99.53
N MET Z 111 46.64 -11.27 100.04
CA MET Z 111 46.26 -10.96 101.41
C MET Z 111 45.39 -12.08 101.95
N ILE Z 112 45.76 -12.59 103.12
CA ILE Z 112 45.13 -13.75 103.73
C ILE Z 112 44.64 -13.37 105.11
N ASP Z 113 43.35 -13.53 105.34
CA ASP Z 113 42.79 -13.40 106.67
C ASP Z 113 42.81 -14.76 107.36
N GLU Z 114 42.14 -14.84 108.50
CA GLU Z 114 42.13 -16.09 109.26
C GLU Z 114 41.18 -17.13 108.71
N ARG Z 115 40.46 -16.84 107.61
CA ARG Z 115 39.53 -17.77 107.00
C ARG Z 115 39.79 -18.04 105.54
N GLU Z 116 40.52 -17.16 104.85
CA GLU Z 116 40.73 -17.28 103.42
C GLU Z 116 41.59 -18.49 103.11
N ILE Z 117 41.48 -18.95 101.88
CA ILE Z 117 41.96 -20.25 101.45
C ILE Z 117 42.74 -20.09 100.17
N VAL Z 118 43.86 -20.80 100.09
CA VAL Z 118 44.66 -20.84 98.87
C VAL Z 118 44.90 -22.29 98.52
N LYS Z 119 44.84 -22.57 97.22
CA LYS Z 119 44.97 -23.90 96.69
C LYS Z 119 45.93 -23.88 95.52
N VAL Z 120 46.73 -24.93 95.42
CA VAL Z 120 47.73 -25.10 94.37
C VAL Z 120 47.31 -26.31 93.56
N PHE Z 121 46.90 -26.05 92.33
CA PHE Z 121 46.44 -27.07 91.41
C PHE Z 121 47.53 -27.41 90.40
N VAL Z 122 47.46 -28.64 89.91
CA VAL Z 122 48.50 -29.25 89.10
C VAL Z 122 47.81 -29.94 87.94
N ASP Z 123 47.95 -29.36 86.74
CA ASP Z 123 47.35 -29.89 85.52
C ASP Z 123 48.41 -30.71 84.80
N ILE Z 124 48.24 -32.03 84.82
CA ILE Z 124 49.24 -32.98 84.36
C ILE Z 124 48.65 -33.73 83.18
N PRO Z 125 49.43 -34.11 82.17
CA PRO Z 125 48.90 -34.93 81.07
C PRO Z 125 48.92 -36.42 81.44
N ALA Z 126 48.54 -37.24 80.47
CA ALA Z 126 48.18 -38.63 80.73
C ALA Z 126 49.36 -39.43 81.29
N GLY Z 127 50.40 -39.61 80.51
CA GLY Z 127 51.42 -40.58 80.84
C GLY Z 127 52.45 -40.15 81.84
N ALA Z 128 52.03 -39.56 82.95
CA ALA Z 128 52.97 -39.03 83.93
C ALA Z 128 53.27 -40.06 85.01
N ASN Z 129 53.88 -39.59 86.08
CA ASN Z 129 54.15 -40.40 87.27
C ASN Z 129 53.69 -39.67 88.52
N GLY Z 130 52.60 -38.92 88.38
CA GLY Z 130 51.90 -38.35 89.51
C GLY Z 130 52.67 -37.41 90.40
N TYR Z 131 52.45 -37.54 91.70
CA TYR Z 131 52.94 -36.61 92.70
C TYR Z 131 53.34 -37.37 93.94
N ASP Z 132 54.36 -36.87 94.64
CA ASP Z 132 54.83 -37.41 95.90
C ASP Z 132 55.11 -36.23 96.82
N ALA Z 133 54.11 -35.83 97.59
CA ALA Z 133 54.30 -34.72 98.51
C ALA Z 133 55.18 -35.10 99.68
N ASP Z 134 55.24 -36.40 100.00
CA ASP Z 134 56.23 -36.87 100.95
C ASP Z 134 57.65 -36.64 100.45
N LYS Z 135 57.83 -36.59 99.12
CA LYS Z 135 59.12 -36.31 98.50
C LYS Z 135 59.19 -34.96 97.82
N SER Z 136 58.04 -34.32 97.55
CA SER Z 136 58.00 -32.97 97.00
C SER Z 136 57.90 -31.97 98.14
N ARG Z 137 58.26 -30.73 97.83
CA ARG Z 137 58.17 -29.68 98.81
C ARG Z 137 58.05 -28.35 98.09
N LEU Z 138 57.78 -27.31 98.88
CA LEU Z 138 57.57 -25.97 98.36
C LEU Z 138 58.26 -24.96 99.27
N THR Z 139 58.58 -23.81 98.70
CA THR Z 139 59.10 -22.69 99.48
C THR Z 139 58.71 -21.39 98.80
N LEU Z 140 58.45 -20.38 99.62
CA LEU Z 140 57.84 -19.14 99.21
C LEU Z 140 58.58 -17.97 99.82
N GLY Z 141 58.86 -16.95 99.01
CA GLY Z 141 59.49 -15.74 99.50
C GLY Z 141 60.90 -15.94 100.04
N ASP Z 142 61.48 -14.88 100.61
CA ASP Z 142 62.78 -14.97 101.23
C ASP Z 142 62.99 -13.81 102.19
N ASP Z 143 63.94 -14.00 103.09
CA ASP Z 143 64.25 -13.06 104.17
C ASP Z 143 65.74 -12.87 104.36
N THR Z 144 66.54 -13.24 103.37
CA THR Z 144 68.00 -13.29 103.49
C THR Z 144 68.72 -12.57 102.37
N SER Z 145 68.01 -12.07 101.36
CA SER Z 145 68.61 -11.45 100.18
C SER Z 145 68.46 -9.94 100.23
N ASP Z 146 69.51 -9.25 99.79
CA ASP Z 146 69.35 -7.87 99.39
C ASP Z 146 68.42 -7.76 98.20
N PHE Z 147 68.41 -8.76 97.34
CA PHE Z 147 67.35 -8.98 96.37
C PHE Z 147 66.15 -9.58 97.10
N GLY Z 148 65.16 -10.00 96.34
CA GLY Z 148 64.13 -10.85 96.87
C GLY Z 148 63.14 -10.11 97.75
N LYS Z 149 62.10 -10.85 98.14
CA LYS Z 149 61.02 -10.34 98.94
C LYS Z 149 60.65 -11.37 99.99
N ALA Z 150 60.03 -10.89 101.05
CA ALA Z 150 59.57 -11.67 102.18
C ALA Z 150 58.05 -11.71 102.17
N VAL Z 151 57.49 -12.20 103.25
CA VAL Z 151 56.05 -12.26 103.44
C VAL Z 151 55.71 -11.69 104.81
N GLU Z 152 54.69 -10.85 104.85
CA GLU Z 152 54.32 -10.15 106.07
C GLU Z 152 53.27 -10.97 106.80
N ILE Z 153 53.46 -11.14 108.09
CA ILE Z 153 52.47 -11.74 108.96
C ILE Z 153 52.39 -10.92 110.24
N VAL Z 154 51.17 -10.78 110.76
CA VAL Z 154 50.86 -9.79 111.78
C VAL Z 154 49.78 -10.29 112.71
N ASP Z 155 49.89 -9.89 113.97
CA ASP Z 155 48.74 -9.83 114.88
C ASP Z 155 47.75 -8.80 114.38
N HIS Z 156 46.54 -8.82 114.95
CA HIS Z 156 45.52 -7.86 114.59
C HIS Z 156 45.81 -6.51 115.25
N ASP Z 157 45.71 -5.46 114.44
CA ASP Z 157 45.68 -4.08 114.92
C ASP Z 157 44.43 -3.42 114.37
N GLU Z 158 43.99 -2.35 115.02
CA GLU Z 158 42.62 -1.87 114.86
C GLU Z 158 42.35 -1.34 113.46
N LEU Z 159 43.01 -0.26 113.11
CA LEU Z 159 42.85 0.31 111.77
C LEU Z 159 43.39 -0.65 110.72
N SER Z 160 44.43 -1.42 111.08
CA SER Z 160 44.90 -2.47 110.18
C SER Z 160 43.81 -3.51 109.94
N ASP Z 161 43.08 -3.88 110.99
CA ASP Z 161 41.99 -4.82 110.82
C ASP Z 161 40.91 -4.23 109.94
N ALA Z 162 40.63 -2.95 110.12
CA ALA Z 162 39.62 -2.27 109.31
C ALA Z 162 40.00 -2.28 107.84
N GLU Z 163 41.24 -1.88 107.52
CA GLU Z 163 41.65 -1.79 106.12
C GLU Z 163 41.93 -3.16 105.52
N THR Z 164 42.20 -4.17 106.36
CA THR Z 164 42.48 -5.51 105.88
C THR Z 164 41.23 -6.36 105.76
N ARG Z 165 40.11 -5.90 106.33
CA ARG Z 165 38.79 -6.45 106.03
C ARG Z 165 38.13 -5.74 104.84
N ALA Z 166 38.93 -5.18 103.93
CA ALA Z 166 38.45 -4.35 102.84
C ALA Z 166 38.13 -5.14 101.57
N VAL Z 167 38.09 -6.47 101.65
CA VAL Z 167 37.77 -7.27 100.46
C VAL Z 167 36.34 -7.02 100.02
N GLY AA 1 -36.03 45.97 -62.90
CA GLY AA 1 -35.23 44.77 -63.06
C GLY AA 1 -34.07 44.74 -62.10
N ASN AA 2 -34.37 44.47 -60.84
CA ASN AA 2 -33.37 44.44 -59.78
C ASN AA 2 -33.06 43.02 -59.37
N ILE AA 3 -31.89 42.87 -58.76
CA ILE AA 3 -31.41 41.59 -58.27
C ILE AA 3 -31.65 41.42 -56.78
N GLY AA 4 -31.73 42.52 -56.03
CA GLY AA 4 -31.69 42.46 -54.59
C GLY AA 4 -30.24 42.39 -54.16
N ASN AA 5 -29.84 43.31 -53.30
CA ASN AA 5 -28.49 43.31 -52.78
C ASN AA 5 -28.36 42.18 -51.78
N LEU AA 6 -27.34 41.35 -51.96
CA LEU AA 6 -27.17 40.11 -51.22
C LEU AA 6 -25.92 40.19 -50.39
N SER AA 7 -25.99 39.66 -49.18
CA SER AA 7 -24.80 39.51 -48.37
C SER AA 7 -23.84 38.57 -49.07
N ALA AA 8 -22.56 38.96 -49.09
CA ALA AA 8 -21.56 38.12 -49.72
C ALA AA 8 -21.25 36.87 -48.92
N GLU AA 9 -21.78 36.74 -47.71
CA GLU AA 9 -21.67 35.49 -46.95
C GLU AA 9 -22.70 34.52 -47.49
N LYS AA 10 -22.28 33.75 -48.49
CA LYS AA 10 -23.13 32.75 -49.09
C LYS AA 10 -23.15 31.49 -48.24
N GLN AA 11 -24.35 31.06 -47.87
CA GLN AA 11 -24.58 29.91 -47.01
C GLN AA 11 -24.82 28.70 -47.90
N ILE AA 12 -23.91 27.73 -47.89
CA ILE AA 12 -24.00 26.53 -48.71
C ILE AA 12 -23.69 25.29 -47.88
N SER AA 13 -23.58 24.16 -48.57
CA SER AA 13 -23.00 22.95 -48.03
C SER AA 13 -22.08 22.34 -49.09
N VAL AA 14 -21.30 21.34 -48.69
CA VAL AA 14 -20.11 20.93 -49.41
C VAL AA 14 -20.12 19.43 -49.62
N TYR AA 15 -19.57 19.02 -50.77
CA TYR AA 15 -19.61 17.63 -51.21
C TYR AA 15 -18.37 17.38 -52.07
N ASP AA 16 -18.27 16.17 -52.62
CA ASP AA 16 -17.04 15.71 -53.26
C ASP AA 16 -16.94 16.14 -54.71
N GLY AA 17 -18.06 16.24 -55.41
CA GLY AA 17 -18.04 16.54 -56.83
C GLY AA 17 -17.50 17.91 -57.19
N GLN AA 18 -17.36 18.80 -56.23
CA GLN AA 18 -16.95 20.15 -56.53
C GLN AA 18 -15.47 20.18 -56.92
N PRO AA 19 -15.07 21.13 -57.77
CA PRO AA 19 -13.69 21.10 -58.30
C PRO AA 19 -12.70 21.82 -57.41
N PHE AA 20 -12.81 21.64 -56.10
CA PHE AA 20 -11.78 22.04 -55.16
C PHE AA 20 -11.61 21.01 -54.05
N VAL AA 21 -12.10 19.79 -54.28
CA VAL AA 21 -12.06 18.72 -53.32
C VAL AA 21 -11.78 17.44 -54.07
N ASP AA 22 -10.68 16.79 -53.74
CA ASP AA 22 -10.23 15.59 -54.43
C ASP AA 22 -10.31 14.40 -53.49
N GLU AA 23 -10.57 13.24 -54.09
CA GLU AA 23 -10.75 11.99 -53.39
C GLU AA 23 -9.54 11.10 -53.62
N GLN AA 24 -9.52 9.97 -52.92
CA GLN AA 24 -8.38 9.08 -52.96
C GLN AA 24 -8.80 7.74 -52.41
N ASP AA 25 -8.75 6.70 -53.25
CA ASP AA 25 -9.07 5.36 -52.78
C ASP AA 25 -8.04 4.92 -51.77
N VAL AA 26 -8.52 4.41 -50.63
CA VAL AA 26 -7.68 4.19 -49.45
C VAL AA 26 -7.46 2.68 -49.32
N PRO AA 27 -6.25 2.22 -48.97
CA PRO AA 27 -6.12 0.81 -48.57
C PRO AA 27 -6.70 0.53 -47.20
N ALA AA 28 -6.37 -0.65 -46.66
CA ALA AA 28 -6.94 -1.12 -45.41
C ALA AA 28 -6.68 -0.16 -44.26
N ASP AA 29 -5.42 0.01 -43.86
CA ASP AA 29 -5.06 0.56 -42.55
C ASP AA 29 -3.98 1.62 -42.66
N ASP AA 30 -4.19 2.59 -43.56
CA ASP AA 30 -3.29 3.73 -43.70
C ASP AA 30 -3.95 4.98 -43.13
N PRO AA 31 -3.97 5.17 -41.81
CA PRO AA 31 -4.63 6.34 -41.22
C PRO AA 31 -3.97 7.66 -41.53
N ASN AA 32 -2.75 7.65 -42.06
CA ASN AA 32 -2.05 8.88 -42.41
C ASN AA 32 -2.29 9.30 -43.85
N THR AA 33 -2.82 8.42 -44.70
CA THR AA 33 -3.21 8.84 -46.04
C THR AA 33 -4.53 9.58 -45.96
N PRO AA 34 -4.65 10.79 -46.52
CA PRO AA 34 -5.95 11.46 -46.50
C PRO AA 34 -6.86 10.92 -47.57
N ALA AA 35 -8.06 10.52 -47.17
CA ALA AA 35 -9.04 10.07 -48.14
C ALA AA 35 -9.46 11.23 -49.02
N LEU AA 36 -9.80 12.34 -48.40
CA LEU AA 36 -10.25 13.54 -49.08
C LEU AA 36 -9.33 14.70 -48.77
N THR AA 37 -9.21 15.60 -49.74
CA THR AA 37 -8.35 16.77 -49.64
C THR AA 37 -9.15 17.94 -50.15
N ILE AA 38 -9.43 18.89 -49.25
CA ILE AA 38 -10.18 20.09 -49.58
C ILE AA 38 -9.17 21.22 -49.69
N GLU AA 39 -8.92 21.65 -50.92
CA GLU AA 39 -8.08 22.79 -51.20
C GLU AA 39 -8.98 24.01 -51.32
N GLY AA 40 -8.48 25.17 -50.91
CA GLY AA 40 -9.25 26.38 -51.03
C GLY AA 40 -9.53 26.72 -52.47
N PRO AA 41 -10.55 27.53 -52.71
CA PRO AA 41 -11.04 27.76 -54.08
C PRO AA 41 -10.19 28.71 -54.89
N ASP AA 42 -9.11 29.25 -54.33
CA ASP AA 42 -8.23 30.18 -55.04
C ASP AA 42 -9.00 31.43 -55.45
N GLY AA 43 -9.46 32.15 -54.42
CA GLY AA 43 -10.20 33.37 -54.62
C GLY AA 43 -11.24 33.73 -53.58
N TYR AA 44 -11.54 32.82 -52.66
CA TYR AA 44 -12.52 33.07 -51.61
C TYR AA 44 -12.01 32.58 -50.26
N VAL AA 45 -12.83 32.82 -49.26
CA VAL AA 45 -12.61 32.39 -47.88
C VAL AA 45 -13.84 31.61 -47.46
N ILE AA 46 -13.61 30.52 -46.74
CA ILE AA 46 -14.68 29.70 -46.18
C ILE AA 46 -14.66 29.89 -44.67
N ALA AA 47 -15.84 29.85 -44.09
CA ALA AA 47 -16.04 29.89 -42.65
C ALA AA 47 -17.03 28.81 -42.27
N VAL AA 48 -16.72 28.10 -41.19
CA VAL AA 48 -17.56 27.06 -40.63
C VAL AA 48 -17.70 27.40 -39.16
N ASP AA 49 -18.83 27.98 -38.79
CA ASP AA 49 -19.10 28.23 -37.39
C ASP AA 49 -19.23 26.90 -36.67
N ALA AA 50 -18.93 26.90 -35.38
CA ALA AA 50 -19.12 25.72 -34.57
C ALA AA 50 -20.60 25.36 -34.53
N GLY AA 51 -20.87 24.10 -34.20
CA GLY AA 51 -22.23 23.63 -34.18
C GLY AA 51 -22.72 23.49 -35.61
N THR AA 52 -22.08 22.57 -36.33
CA THR AA 52 -22.27 22.38 -37.74
C THR AA 52 -22.29 20.90 -38.08
N PRO AA 53 -23.22 20.44 -38.92
CA PRO AA 53 -23.38 18.99 -39.08
C PRO AA 53 -22.47 18.38 -40.13
N ILE AA 54 -22.43 17.05 -40.14
CA ILE AA 54 -21.68 16.28 -41.13
C ILE AA 54 -22.55 15.12 -41.54
N ALA AA 55 -22.38 14.65 -42.77
CA ALA AA 55 -22.95 13.39 -43.22
C ALA AA 55 -21.93 12.68 -44.08
N PRO AA 56 -21.05 11.86 -43.48
CA PRO AA 56 -20.01 11.17 -44.24
C PRO AA 56 -20.45 9.79 -44.70
N GLU AA 57 -21.24 9.75 -45.76
CA GLU AA 57 -21.86 8.49 -46.16
C GLU AA 57 -20.78 7.62 -46.81
N PHE AA 58 -20.14 6.80 -45.99
CA PHE AA 58 -19.03 5.96 -46.40
C PHE AA 58 -19.47 4.52 -46.57
N ARG AA 59 -19.04 3.90 -47.68
CA ARG AA 59 -19.26 2.49 -47.97
C ARG AA 59 -18.00 1.95 -48.60
N ASP AA 60 -18.01 0.66 -48.90
CA ASP AA 60 -16.90 -0.01 -49.57
C ASP AA 60 -17.16 -0.08 -51.07
N SER AA 61 -16.28 -0.79 -51.77
CA SER AA 61 -16.47 -1.00 -53.20
C SER AA 61 -17.69 -1.86 -53.47
N ASN AA 62 -17.92 -2.90 -52.68
CA ASN AA 62 -19.13 -3.69 -52.82
C ASN AA 62 -20.38 -2.95 -52.37
N GLY AA 63 -20.22 -1.83 -51.66
CA GLY AA 63 -21.31 -0.97 -51.30
C GLY AA 63 -21.75 -1.06 -49.85
N ASN AA 64 -21.31 -2.09 -49.15
CA ASN AA 64 -21.64 -2.17 -47.74
C ASN AA 64 -20.96 -1.05 -46.97
N LYS AA 65 -21.52 -0.74 -45.81
CA LYS AA 65 -20.92 0.24 -44.94
C LYS AA 65 -19.60 -0.28 -44.40
N LEU AA 66 -18.75 0.65 -44.00
CA LEU AA 66 -17.49 0.31 -43.35
C LEU AA 66 -17.77 -0.20 -41.95
N ASP AA 67 -16.69 -0.48 -41.24
CA ASP AA 67 -16.82 -0.94 -39.87
C ASP AA 67 -17.30 0.21 -38.99
N PRO AA 68 -18.22 -0.01 -38.05
CA PRO AA 68 -18.62 1.09 -37.17
C PRO AA 68 -17.49 1.55 -36.27
N SER AA 69 -16.58 0.65 -35.92
CA SER AA 69 -15.50 0.98 -35.00
C SER AA 69 -14.42 1.84 -35.65
N THR AA 70 -14.55 2.09 -36.95
CA THR AA 70 -13.72 3.05 -37.64
C THR AA 70 -13.70 4.38 -36.91
N ARG AA 71 -12.54 5.05 -36.93
CA ARG AA 71 -12.42 6.42 -36.47
C ARG AA 71 -12.34 7.33 -37.68
N VAL AA 72 -13.06 8.46 -37.59
CA VAL AA 72 -13.16 9.43 -38.65
C VAL AA 72 -12.81 10.78 -38.06
N ILE AA 73 -11.92 11.50 -38.73
CA ILE AA 73 -11.37 12.74 -38.23
C ILE AA 73 -11.33 13.76 -39.34
N VAL AA 74 -11.69 14.98 -39.01
CA VAL AA 74 -11.54 16.14 -39.86
C VAL AA 74 -10.45 16.99 -39.22
N GLN AA 75 -9.52 17.48 -40.03
CA GLN AA 75 -8.46 18.30 -39.48
C GLN AA 75 -7.96 19.31 -40.49
N LYS AA 76 -7.73 20.51 -40.00
CA LYS AA 76 -7.06 21.54 -40.76
C LYS AA 76 -5.58 21.23 -40.81
N CYS AA 77 -4.94 21.58 -41.91
CA CYS AA 77 -3.53 21.37 -42.12
C CYS AA 77 -2.89 22.70 -42.50
N ASP AA 78 -1.57 22.69 -42.68
CA ASP AA 78 -0.87 23.89 -43.10
C ASP AA 78 -1.10 24.12 -44.59
N ARG AA 79 -0.45 25.16 -45.11
CA ARG AA 79 -0.53 25.42 -46.54
C ARG AA 79 0.14 24.33 -47.36
N GLN AA 80 1.04 23.55 -46.77
CA GLN AA 80 1.56 22.36 -47.40
C GLN AA 80 0.60 21.19 -47.33
N GLY AA 81 -0.24 21.14 -46.31
CA GLY AA 81 -1.18 20.07 -46.14
C GLY AA 81 -0.76 18.99 -45.18
N ASN AA 82 0.02 19.34 -44.16
CA ASN AA 82 0.45 18.45 -43.09
C ASN AA 82 -0.32 18.77 -41.82
N PRO AA 83 -0.66 17.78 -40.99
CA PRO AA 83 -1.59 18.05 -39.89
C PRO AA 83 -0.96 18.94 -38.83
N LEU AA 84 -1.77 19.84 -38.30
CA LEU AA 84 -1.34 20.79 -37.29
C LEU AA 84 -1.35 20.23 -35.88
N GLY AA 85 -1.74 18.98 -35.70
CA GLY AA 85 -1.94 18.44 -34.37
C GLY AA 85 -3.21 18.99 -33.74
N ASP AA 86 -3.18 20.27 -33.41
CA ASP AA 86 -4.32 21.00 -32.90
C ASP AA 86 -5.16 21.51 -34.06
N GLY AA 87 -6.34 22.02 -33.74
CA GLY AA 87 -7.22 22.60 -34.72
C GLY AA 87 -8.25 21.63 -35.26
N ILE AA 88 -8.65 20.66 -34.46
CA ILE AA 88 -9.62 19.67 -34.90
C ILE AA 88 -11.02 20.20 -34.69
N VAL AA 89 -11.90 19.87 -35.63
CA VAL AA 89 -13.32 20.17 -35.53
C VAL AA 89 -14.16 18.95 -35.21
N PHE AA 90 -13.66 17.75 -35.48
CA PHE AA 90 -14.44 16.53 -35.32
C PHE AA 90 -13.51 15.39 -34.96
N ASN AA 91 -14.00 14.50 -34.11
CA ASN AA 91 -13.35 13.21 -33.92
C ASN AA 91 -14.40 12.26 -33.36
N ASP AA 92 -14.87 11.34 -34.19
CA ASP AA 92 -15.83 10.34 -33.74
C ASP AA 92 -15.84 9.20 -34.76
N THR AA 93 -16.83 8.32 -34.63
CA THR AA 93 -16.89 7.07 -35.37
C THR AA 93 -18.10 7.05 -36.30
N LEU AA 94 -18.19 5.96 -37.05
CA LEU AA 94 -19.25 5.81 -38.04
C LEU AA 94 -20.51 5.25 -37.41
N GLY AA 95 -20.36 4.41 -36.39
CA GLY AA 95 -21.50 3.87 -35.68
C GLY AA 95 -22.36 4.93 -35.04
N ARG AA 96 -21.76 6.08 -34.76
CA ARG AA 96 -22.48 7.24 -34.27
C ARG AA 96 -23.30 7.94 -35.35
N PHE AA 97 -23.27 7.46 -36.59
CA PHE AA 97 -23.91 8.10 -37.73
C PHE AA 97 -24.87 7.09 -38.34
N ASP AA 98 -26.15 7.20 -38.01
CA ASP AA 98 -27.16 6.39 -38.67
C ASP AA 98 -27.37 6.93 -40.07
N TYR AA 99 -26.87 6.17 -41.05
CA TYR AA 99 -26.83 6.63 -42.44
C TYR AA 99 -28.21 6.99 -42.99
N GLU AA 100 -29.26 6.40 -42.46
CA GLU AA 100 -30.59 6.58 -43.04
C GLU AA 100 -31.07 8.00 -42.81
N GLN AA 101 -30.77 8.56 -41.64
CA GLN AA 101 -31.31 9.84 -41.23
C GLN AA 101 -30.27 10.69 -40.50
N MET AA 102 -28.98 10.43 -40.71
CA MET AA 102 -27.95 11.26 -40.09
C MET AA 102 -27.99 12.70 -40.56
N ARG AA 103 -28.61 12.96 -41.71
CA ARG AA 103 -28.80 14.30 -42.26
C ARG AA 103 -30.26 14.73 -42.24
N THR AA 104 -31.15 13.96 -41.61
CA THR AA 104 -32.58 14.21 -41.62
C THR AA 104 -33.10 14.71 -40.28
N ASP AA 105 -32.91 13.93 -39.22
CA ASP AA 105 -33.41 14.31 -37.91
C ASP AA 105 -32.35 15.14 -37.20
N PRO AA 106 -32.66 16.35 -36.73
CA PRO AA 106 -31.74 17.01 -35.79
C PRO AA 106 -31.52 16.20 -34.53
N ASP AA 107 -32.50 15.39 -34.14
CA ASP AA 107 -32.34 14.52 -32.99
C ASP AA 107 -31.31 13.43 -33.20
N PHE AA 108 -30.87 13.20 -34.44
CA PHE AA 108 -29.82 12.24 -34.75
C PHE AA 108 -28.54 12.89 -35.26
N MET AA 109 -28.56 14.18 -35.57
CA MET AA 109 -27.42 14.79 -36.23
C MET AA 109 -26.21 14.85 -35.32
N ARG AA 110 -25.04 14.69 -35.93
CA ARG AA 110 -23.77 14.88 -35.27
C ARG AA 110 -23.18 16.20 -35.75
N LYS AA 111 -22.86 17.07 -34.80
CA LYS AA 111 -22.42 18.42 -35.11
C LYS AA 111 -20.96 18.61 -34.75
N THR AA 112 -20.41 19.69 -35.26
CA THR AA 112 -19.08 20.14 -34.93
C THR AA 112 -19.01 20.59 -33.48
N ALA AA 113 -17.79 20.88 -33.05
CA ALA AA 113 -17.51 21.45 -31.73
C ALA AA 113 -16.60 22.66 -31.78
N LYS AA 114 -16.27 23.14 -32.96
CA LYS AA 114 -15.32 24.23 -33.12
C LYS AA 114 -15.64 25.05 -34.35
N SER AA 115 -15.26 26.31 -34.28
CA SER AA 115 -15.28 27.17 -35.44
C SER AA 115 -14.09 26.82 -36.34
N LEU AA 116 -14.07 27.41 -37.52
CA LEU AA 116 -13.01 27.12 -38.47
C LEU AA 116 -13.04 28.19 -39.54
N MET AA 117 -11.91 28.35 -40.23
CA MET AA 117 -11.73 29.44 -41.18
C MET AA 117 -10.66 29.04 -42.17
N ILE AA 118 -11.03 29.02 -43.44
CA ILE AA 118 -10.17 28.57 -44.53
C ILE AA 118 -10.01 29.70 -45.53
N ASP AA 119 -8.77 30.01 -45.88
CA ASP AA 119 -8.47 31.05 -46.84
C ASP AA 119 -8.41 30.43 -48.23
N GLU AA 120 -7.88 31.19 -49.21
CA GLU AA 120 -7.79 30.72 -50.57
C GLU AA 120 -6.91 29.47 -50.72
N ARG AA 121 -6.02 29.23 -49.76
CA ARG AA 121 -5.01 28.18 -49.84
C ARG AA 121 -5.04 27.19 -48.71
N GLU AA 122 -5.71 27.47 -47.60
CA GLU AA 122 -5.64 26.57 -46.46
C GLU AA 122 -6.41 25.30 -46.77
N ILE AA 123 -5.97 24.21 -46.14
CA ILE AA 123 -6.30 22.86 -46.57
C ILE AA 123 -6.95 22.11 -45.42
N VAL AA 124 -7.95 21.30 -45.76
CA VAL AA 124 -8.55 20.38 -44.81
C VAL AA 124 -8.35 18.96 -45.33
N LYS AA 125 -8.19 18.04 -44.38
CA LYS AA 125 -8.00 16.64 -44.69
C LYS AA 125 -8.88 15.80 -43.80
N VAL AA 126 -9.52 14.82 -44.41
CA VAL AA 126 -10.38 13.85 -43.75
C VAL AA 126 -9.62 12.55 -43.66
N PHE AA 127 -9.26 12.18 -42.43
CA PHE AA 127 -8.51 10.97 -42.17
C PHE AA 127 -9.42 9.91 -41.58
N VAL AA 128 -9.09 8.66 -41.88
CA VAL AA 128 -9.88 7.50 -41.51
C VAL AA 128 -8.92 6.47 -40.96
N ASP AA 129 -9.14 6.05 -39.72
CA ASP AA 129 -8.36 5.01 -39.08
C ASP AA 129 -9.23 3.77 -39.04
N ILE AA 130 -8.73 2.70 -39.65
CA ILE AA 130 -9.48 1.49 -39.92
C ILE AA 130 -8.68 0.29 -39.41
N PRO AA 131 -9.32 -0.79 -38.99
CA PRO AA 131 -8.60 -2.05 -38.81
C PRO AA 131 -8.19 -2.65 -40.16
N ALA AA 132 -7.59 -3.82 -40.08
CA ALA AA 132 -7.02 -4.45 -41.26
C ALA AA 132 -8.08 -5.11 -42.13
N GLY AA 133 -9.14 -5.61 -41.52
CA GLY AA 133 -10.01 -6.54 -42.22
C GLY AA 133 -10.94 -5.87 -43.22
N ALA AA 134 -11.07 -4.54 -43.13
CA ALA AA 134 -12.14 -3.87 -43.84
C ALA AA 134 -11.92 -3.88 -45.34
N ASN AA 135 -12.97 -3.51 -46.07
CA ASN AA 135 -12.96 -3.47 -47.52
C ASN AA 135 -12.66 -2.04 -47.98
N GLY AA 136 -11.60 -1.48 -47.41
CA GLY AA 136 -11.06 -0.22 -47.87
C GLY AA 136 -12.01 0.96 -47.86
N TYR AA 137 -12.03 1.69 -48.97
CA TYR AA 137 -12.83 2.89 -49.12
C TYR AA 137 -12.95 3.17 -50.61
N ASP AA 138 -14.17 3.12 -51.12
CA ASP AA 138 -14.45 3.39 -52.52
C ASP AA 138 -15.18 4.73 -52.60
N ALA AA 139 -14.41 5.78 -52.87
CA ALA AA 139 -15.00 7.11 -52.99
C ALA AA 139 -15.93 7.22 -54.17
N ASP AA 140 -15.75 6.36 -55.17
CA ASP AA 140 -16.64 6.37 -56.33
C ASP AA 140 -18.05 5.96 -55.95
N LYS AA 141 -18.22 5.26 -54.83
CA LYS AA 141 -19.53 4.83 -54.34
C LYS AA 141 -19.84 5.37 -52.96
N SER AA 142 -19.06 6.32 -52.46
CA SER AA 142 -19.31 6.98 -51.19
C SER AA 142 -19.11 8.47 -51.34
N ARG AA 143 -19.62 9.23 -50.38
CA ARG AA 143 -19.59 10.67 -50.50
C ARG AA 143 -19.70 11.31 -49.13
N LEU AA 144 -19.78 12.63 -49.15
CA LEU AA 144 -19.86 13.45 -47.96
C LEU AA 144 -20.79 14.61 -48.25
N THR AA 145 -21.52 15.02 -47.22
CA THR AA 145 -22.37 16.21 -47.29
C THR AA 145 -22.11 16.97 -46.00
N LEU AA 146 -21.33 18.03 -46.09
CA LEU AA 146 -20.97 18.85 -44.94
C LEU AA 146 -21.91 20.05 -44.89
N GLY AA 147 -22.72 20.10 -43.86
CA GLY AA 147 -23.61 21.23 -43.65
C GLY AA 147 -24.94 21.05 -44.32
N ASP AA 148 -25.81 22.03 -44.08
CA ASP AA 148 -27.09 22.12 -44.73
C ASP AA 148 -27.37 23.56 -45.11
N ASP AA 149 -27.98 23.73 -46.28
CA ASP AA 149 -28.31 25.02 -46.84
C ASP AA 149 -29.74 25.01 -47.37
N THR AA 150 -30.55 24.11 -46.85
CA THR AA 150 -31.85 23.77 -47.43
C THR AA 150 -32.97 23.83 -46.44
N SER AA 151 -32.72 23.54 -45.17
CA SER AA 151 -33.72 23.35 -44.15
C SER AA 151 -33.63 24.45 -43.12
N ASP AA 152 -34.66 24.54 -42.31
CA ASP AA 152 -34.68 25.40 -41.15
C ASP AA 152 -34.04 24.75 -39.92
N PHE AA 153 -33.33 23.63 -40.11
CA PHE AA 153 -32.53 23.00 -39.09
C PHE AA 153 -31.06 23.07 -39.50
N GLY AA 154 -30.20 22.71 -38.56
CA GLY AA 154 -28.79 22.67 -38.80
C GLY AA 154 -28.24 24.05 -39.13
N LYS AA 155 -27.09 24.05 -39.78
CA LYS AA 155 -26.41 25.27 -40.17
C LYS AA 155 -25.72 25.01 -41.49
N ALA AA 156 -25.04 26.04 -41.99
CA ALA AA 156 -24.48 26.07 -43.31
C ALA AA 156 -23.02 26.48 -43.23
N VAL AA 157 -22.43 26.67 -44.39
CA VAL AA 157 -21.04 27.07 -44.56
C VAL AA 157 -21.02 28.41 -45.26
N GLU AA 158 -20.31 29.36 -44.67
CA GLU AA 158 -20.24 30.70 -45.22
C GLU AA 158 -19.06 30.77 -46.18
N ILE AA 159 -19.30 31.34 -47.35
CA ILE AA 159 -18.23 31.64 -48.30
C ILE AA 159 -18.31 33.11 -48.65
N VAL AA 160 -17.14 33.73 -48.80
CA VAL AA 160 -17.04 35.15 -49.08
C VAL AA 160 -15.89 35.40 -50.03
N ASP AA 161 -16.04 36.41 -50.86
CA ASP AA 161 -14.93 37.00 -51.57
C ASP AA 161 -14.23 37.96 -50.61
N HIS AA 162 -13.38 38.83 -51.14
CA HIS AA 162 -12.48 39.62 -50.33
C HIS AA 162 -13.08 40.98 -50.03
N ASP AA 163 -13.21 41.27 -48.74
CA ASP AA 163 -13.58 42.58 -48.22
C ASP AA 163 -12.46 43.05 -47.30
N GLU AA 164 -12.31 44.38 -47.17
CA GLU AA 164 -11.05 44.96 -46.71
C GLU AA 164 -10.67 44.59 -45.29
N LEU AA 165 -11.44 45.06 -44.32
CA LEU AA 165 -11.06 44.83 -42.93
C LEU AA 165 -11.24 43.36 -42.55
N SER AA 166 -12.17 42.68 -43.20
CA SER AA 166 -12.29 41.24 -43.01
C SER AA 166 -11.00 40.54 -43.40
N ASP AA 167 -10.42 40.90 -44.55
CA ASP AA 167 -9.13 40.31 -44.94
C ASP AA 167 -8.02 40.74 -43.99
N ALA AA 168 -8.07 41.99 -43.54
CA ALA AA 168 -7.06 42.52 -42.63
C ALA AA 168 -7.00 41.70 -41.35
N GLU AA 169 -8.16 41.34 -40.82
CA GLU AA 169 -8.22 40.48 -39.63
C GLU AA 169 -8.10 39.00 -39.95
N THR AA 170 -8.38 38.60 -41.19
CA THR AA 170 -8.25 37.20 -41.59
C THR AA 170 -6.81 36.78 -41.70
N ARG AA 171 -5.94 37.70 -42.09
CA ARG AA 171 -4.51 37.42 -42.13
C ARG AA 171 -3.84 37.56 -40.75
N ALA AA 172 -4.61 37.51 -39.66
CA ALA AA 172 -4.09 37.43 -38.30
C ALA AA 172 -3.87 36.00 -37.84
N VAL AA 173 -3.64 35.06 -38.76
CA VAL AA 173 -3.40 33.68 -38.42
C VAL AA 173 -2.13 33.54 -37.60
N GLU BA 1 46.94 91.90 -60.31
CA GLU BA 1 46.57 90.86 -61.27
C GLU BA 1 47.50 90.85 -62.48
N ARG BA 2 48.10 92.00 -62.79
CA ARG BA 2 49.00 92.09 -63.91
C ARG BA 2 50.33 91.37 -63.66
N LEU BA 3 50.61 90.98 -62.42
CA LEU BA 3 51.81 90.19 -62.15
C LEU BA 3 51.74 88.82 -62.80
N GLY BA 4 50.53 88.30 -63.03
CA GLY BA 4 50.40 87.09 -63.82
C GLY BA 4 50.92 87.26 -65.23
N ARG BA 5 50.55 88.36 -65.88
CA ARG BA 5 51.12 88.69 -67.18
C ARG BA 5 52.62 88.92 -67.08
N LEU BA 6 53.09 89.49 -65.98
CA LEU BA 6 54.51 89.73 -65.80
C LEU BA 6 55.29 88.42 -65.81
N VAL BA 7 54.89 87.46 -64.97
CA VAL BA 7 55.54 86.15 -64.98
C VAL BA 7 55.31 85.43 -66.30
N ASP BA 8 54.20 85.73 -66.98
CA ASP BA 8 53.91 85.11 -68.27
C ASP BA 8 54.71 85.72 -69.42
N VAL BA 9 55.39 86.85 -69.18
CA VAL BA 9 56.23 87.49 -70.20
C VAL BA 9 57.16 86.51 -70.88
N LEU BA 10 57.45 86.77 -72.15
CA LEU BA 10 58.02 85.77 -73.04
C LEU BA 10 59.54 85.87 -73.20
N GLU BA 11 60.18 86.86 -72.59
CA GLU BA 11 61.64 86.78 -72.50
C GLU BA 11 62.07 85.56 -71.71
N THR BA 12 61.27 85.18 -70.70
CA THR BA 12 61.49 84.00 -69.90
C THR BA 12 60.73 82.79 -70.43
N LYS BA 13 60.35 82.78 -71.71
CA LYS BA 13 59.56 81.69 -72.24
C LYS BA 13 59.70 81.63 -73.76
N GLU BA 14 60.22 80.51 -74.24
CA GLU BA 14 60.32 80.19 -75.66
C GLU BA 14 61.37 81.00 -76.40
N PHE BA 15 62.31 81.61 -75.66
CA PHE BA 15 63.50 82.16 -76.28
C PHE BA 15 64.27 81.02 -76.93
N GLY BA 16 64.59 81.18 -78.21
CA GLY BA 16 65.23 80.13 -78.99
C GLY BA 16 66.58 79.73 -78.38
N ASP BA 17 67.53 80.66 -78.36
CA ASP BA 17 68.77 80.43 -77.65
C ASP BA 17 68.52 80.52 -76.15
N THR BA 18 68.75 79.42 -75.45
CA THR BA 18 68.51 79.38 -74.01
C THR BA 18 69.48 80.31 -73.31
N THR BA 19 68.93 81.30 -72.60
CA THR BA 19 69.73 82.35 -71.97
C THR BA 19 70.15 81.88 -70.59
N VAL BA 20 71.45 81.77 -70.36
CA VAL BA 20 72.02 81.59 -69.02
C VAL BA 20 73.16 82.60 -68.87
N GLU BA 21 72.84 83.77 -68.31
CA GLU BA 21 73.80 84.84 -68.06
C GLU BA 21 74.59 85.18 -69.32
N ARG BA 22 73.87 85.62 -70.35
CA ARG BA 22 74.47 85.93 -71.64
C ARG BA 22 75.01 87.34 -71.60
N SER BA 23 76.33 87.46 -71.51
CA SER BA 23 76.96 88.74 -71.73
C SER BA 23 76.64 89.25 -73.12
N VAL BA 24 76.43 90.55 -73.23
CA VAL BA 24 76.13 91.14 -74.52
C VAL BA 24 77.31 91.00 -75.46
N THR BA 25 78.52 90.95 -74.90
CA THR BA 25 79.70 90.63 -75.70
C THR BA 25 79.53 89.29 -76.41
N GLN BA 26 79.10 88.30 -75.64
CA GLN BA 26 78.92 86.96 -76.21
C GLN BA 26 77.79 86.95 -77.22
N ASN BA 27 76.71 87.68 -76.94
CA ASN BA 27 75.61 87.77 -77.87
C ASN BA 27 76.05 88.39 -79.18
N ILE BA 28 76.87 89.43 -79.10
CA ILE BA 28 77.39 90.06 -80.30
C ILE BA 28 78.30 89.10 -81.04
N ASP BA 29 79.13 88.38 -80.28
CA ASP BA 29 80.15 87.54 -80.88
C ASP BA 29 79.53 86.39 -81.64
N ARG BA 30 78.37 85.90 -81.20
CA ARG BA 30 77.80 84.74 -81.86
C ARG BA 30 77.32 85.03 -83.27
N THR BA 31 77.17 86.30 -83.65
CA THR BA 31 76.63 86.69 -84.95
C THR BA 31 77.67 87.33 -85.86
N ARG BA 32 78.95 87.10 -85.60
CA ARG BA 32 79.99 87.64 -86.43
C ARG BA 32 80.26 86.70 -87.60
N THR BA 33 80.93 87.24 -88.61
CA THR BA 33 81.22 86.55 -89.86
C THR BA 33 82.63 86.82 -90.29
N ASP BA 34 83.55 86.91 -89.34
CA ASP BA 34 84.92 87.30 -89.57
C ASP BA 34 85.93 86.28 -89.09
N SER BA 35 85.67 85.62 -87.97
CA SER BA 35 86.61 84.68 -87.41
C SER BA 35 85.92 83.88 -86.31
N PRO BA 36 86.42 82.69 -86.01
CA PRO BA 36 85.65 81.75 -85.21
C PRO BA 36 85.84 81.87 -83.71
N ASN BA 37 85.16 82.82 -83.11
CA ASN BA 37 85.11 82.86 -81.67
C ASN BA 37 84.38 81.65 -81.14
N ASN BA 38 84.49 81.45 -79.84
CA ASN BA 38 83.95 80.24 -79.24
C ASN BA 38 82.42 80.20 -79.20
N GLU BA 39 81.74 81.26 -79.66
CA GLU BA 39 80.30 81.23 -79.90
C GLU BA 39 79.95 81.52 -81.35
N ASN BA 40 80.96 81.74 -82.21
CA ASN BA 40 80.70 81.85 -83.63
C ASN BA 40 80.04 80.61 -84.19
N GLN BA 41 80.36 79.47 -83.63
CA GLN BA 41 80.19 78.21 -84.31
C GLN BA 41 78.92 77.50 -83.85
N PRO BA 42 78.43 76.57 -84.66
CA PRO BA 42 77.34 75.72 -84.21
C PRO BA 42 77.89 74.48 -83.53
N ILE BA 43 76.97 73.60 -83.18
CA ILE BA 43 77.31 72.33 -82.57
C ILE BA 43 76.39 71.26 -83.12
N TYR BA 44 76.97 70.08 -83.35
CA TYR BA 44 76.24 68.98 -83.92
C TYR BA 44 76.97 67.69 -83.61
N PHE BA 45 76.58 66.61 -84.28
CA PHE BA 45 77.21 65.32 -84.08
C PHE BA 45 77.31 64.56 -85.39
N SER BA 46 78.45 63.91 -85.57
CA SER BA 46 78.66 62.95 -86.63
C SER BA 46 79.74 61.99 -86.18
N THR BA 47 80.12 61.10 -87.10
CA THR BA 47 81.04 60.02 -86.83
C THR BA 47 82.06 59.81 -87.92
N GLY BA 48 81.96 60.47 -89.06
CA GLY BA 48 82.75 60.13 -90.20
C GLY BA 48 84.20 60.47 -90.03
N PRO BA 49 84.98 60.32 -91.11
CA PRO BA 49 84.60 59.87 -92.44
C PRO BA 49 84.25 58.40 -92.52
N GLU BA 50 84.78 57.60 -91.61
CA GLU BA 50 84.66 56.17 -91.69
C GLU BA 50 83.36 55.73 -91.04
N ALA BA 51 82.75 54.72 -91.61
CA ALA BA 51 81.59 54.12 -91.00
C ALA BA 51 82.02 53.34 -89.76
N ILE BA 52 81.05 52.79 -89.07
CA ILE BA 52 81.28 52.00 -87.88
C ILE BA 52 81.46 50.56 -88.29
N ALA BA 53 82.24 49.83 -87.49
CA ALA BA 53 82.29 48.37 -87.56
C ALA BA 53 81.51 47.77 -86.39
N VAL BA 54 80.19 48.04 -86.39
CA VAL BA 54 79.27 47.35 -85.49
C VAL BA 54 79.40 45.86 -85.71
N GLU BA 55 79.18 45.09 -84.64
CA GLU BA 55 79.01 43.65 -84.75
C GLU BA 55 77.95 43.11 -83.82
N ASN BA 56 77.23 43.96 -83.09
CA ASN BA 56 76.19 43.45 -82.21
C ASN BA 56 75.04 42.96 -83.06
N THR BA 57 74.18 42.16 -82.45
CA THR BA 57 72.95 41.73 -83.09
C THR BA 57 71.72 41.80 -82.21
N GLU BA 58 71.88 41.73 -80.89
CA GLU BA 58 70.78 41.59 -79.97
C GLU BA 58 70.66 42.79 -79.06
N GLU BA 59 71.72 43.08 -78.32
CA GLU BA 59 71.66 44.07 -77.26
C GLU BA 59 71.93 45.44 -77.87
N TRP BA 60 71.03 46.36 -77.58
CA TRP BA 60 71.07 47.67 -78.21
C TRP BA 60 72.29 48.45 -77.76
N GLU BA 61 72.90 49.12 -78.72
CA GLU BA 61 74.05 49.96 -78.48
C GLU BA 61 73.63 51.41 -78.58
N ARG BA 62 74.13 52.22 -77.65
CA ARG BA 62 73.72 53.60 -77.52
C ARG BA 62 74.65 54.53 -78.25
N LEU BA 63 74.11 55.68 -78.62
CA LEU BA 63 74.89 56.81 -79.05
C LEU BA 63 74.27 58.07 -78.49
N ASP BA 64 75.11 59.02 -78.14
CA ASP BA 64 74.75 60.16 -77.34
C ASP BA 64 75.39 61.42 -77.88
N PHE BA 65 74.57 62.44 -78.08
CA PHE BA 65 75.05 63.74 -78.51
C PHE BA 65 75.38 64.58 -77.29
N GLY BA 66 75.58 65.86 -77.53
CA GLY BA 66 75.68 66.85 -76.48
C GLY BA 66 74.51 67.80 -76.47
N ILE BA 67 73.43 67.45 -77.16
CA ILE BA 67 72.35 68.39 -77.47
C ILE BA 67 70.98 67.79 -77.20
N VAL BA 68 69.97 68.54 -77.59
CA VAL BA 68 68.74 68.00 -78.13
C VAL BA 68 68.81 68.25 -79.62
N ALA BA 69 68.50 67.23 -80.40
CA ALA BA 69 68.54 67.30 -81.84
C ALA BA 69 67.16 67.57 -82.41
N GLU BA 70 67.14 68.03 -83.65
CA GLU BA 70 65.91 68.28 -84.38
C GLU BA 70 65.89 67.66 -85.75
N THR BA 71 67.00 67.14 -86.24
CA THR BA 71 66.91 66.36 -87.46
C THR BA 71 68.11 65.46 -87.58
N VAL BA 72 67.85 64.30 -88.16
CA VAL BA 72 68.81 63.23 -88.29
C VAL BA 72 68.89 62.80 -89.74
N ASN BA 73 70.07 62.31 -90.11
CA ASN BA 73 70.34 61.77 -91.42
C ASN BA 73 71.20 60.54 -91.22
N ILE BA 74 70.95 59.51 -92.00
CA ILE BA 74 71.69 58.27 -91.91
C ILE BA 74 72.06 57.82 -93.31
N ARG BA 75 73.25 57.23 -93.41
CA ARG BA 75 73.76 56.65 -94.64
C ARG BA 75 74.26 55.26 -94.30
N THR BA 76 73.64 54.25 -94.90
CA THR BA 76 73.83 52.87 -94.52
C THR BA 76 74.17 52.02 -95.73
N THR BA 77 74.82 50.89 -95.47
CA THR BA 77 75.05 49.88 -96.48
C THR BA 77 73.83 48.98 -96.69
N ASP BA 78 73.50 48.16 -95.69
CA ASP BA 78 72.54 47.08 -95.88
C ASP BA 78 71.30 47.16 -95.02
N ASP BA 79 71.43 47.10 -93.69
CA ASP BA 79 70.29 46.71 -92.85
C ASP BA 79 70.57 46.97 -91.38
N ILE BA 80 69.61 47.59 -90.70
CA ILE BA 80 69.73 47.87 -89.28
C ILE BA 80 68.35 48.08 -88.69
N ASP BA 81 68.28 48.02 -87.37
CA ASP BA 81 67.14 48.49 -86.60
C ASP BA 81 67.60 49.62 -85.70
N ILE BA 82 66.69 50.57 -85.53
CA ILE BA 82 66.98 51.91 -85.06
C ILE BA 82 65.89 52.26 -84.07
N ALA BA 83 66.24 53.03 -83.06
CA ALA BA 83 65.17 53.63 -82.30
C ALA BA 83 65.67 54.77 -81.44
N PHE BA 84 64.69 55.47 -80.89
CA PHE BA 84 64.87 56.42 -79.81
C PHE BA 84 64.14 55.90 -78.60
N ALA BA 85 64.81 55.96 -77.44
CA ALA BA 85 64.21 55.60 -76.16
C ALA BA 85 63.77 54.12 -76.12
N ASP BA 86 64.78 53.25 -76.12
CA ASP BA 86 64.56 51.80 -75.92
C ASP BA 86 65.51 51.35 -74.83
N PRO BA 87 65.44 50.05 -74.46
CA PRO BA 87 64.37 49.07 -74.60
C PRO BA 87 63.71 48.65 -73.32
N ASN BA 88 64.42 48.93 -72.23
CA ASN BA 88 63.89 48.82 -70.87
C ASN BA 88 62.50 49.41 -70.78
N LYS BA 89 62.31 50.58 -71.39
CA LYS BA 89 61.00 51.16 -71.47
C LYS BA 89 60.29 50.57 -72.67
N ASN BA 90 58.98 50.77 -72.70
CA ASN BA 90 58.15 50.24 -73.78
C ASN BA 90 58.21 51.20 -74.97
N GLY BA 91 59.42 51.37 -75.50
CA GLY BA 91 59.66 52.24 -76.62
C GLY BA 91 59.49 51.55 -77.95
N PRO BA 92 59.36 52.31 -79.03
CA PRO BA 92 59.18 51.70 -80.34
C PRO BA 92 60.48 51.41 -81.03
N VAL BA 93 60.38 51.00 -82.28
CA VAL BA 93 61.54 50.69 -83.09
C VAL BA 93 61.20 50.96 -84.53
N ILE BA 94 62.23 51.14 -85.35
CA ILE BA 94 62.11 51.26 -86.79
C ILE BA 94 63.14 50.32 -87.39
N ARG BA 95 62.81 49.76 -88.53
CA ARG BA 95 63.75 48.99 -89.33
C ARG BA 95 64.09 49.78 -90.57
N VAL BA 96 65.35 49.71 -90.96
CA VAL BA 96 65.87 50.41 -92.12
C VAL BA 96 66.72 49.41 -92.89
N ARG BA 97 66.68 49.51 -94.21
CA ARG BA 97 67.48 48.65 -95.04
C ARG BA 97 67.82 49.37 -96.32
N GLU BA 98 68.70 48.73 -97.10
CA GLU BA 98 69.17 49.31 -98.35
C GLU BA 98 68.01 49.50 -99.31
N GLY BA 99 68.19 50.45 -100.23
CA GLY BA 99 67.13 50.92 -101.08
C GLY BA 99 66.26 51.98 -100.45
N GLU BA 100 66.39 52.18 -99.14
CA GLU BA 100 65.76 53.24 -98.40
C GLU BA 100 66.76 54.28 -97.97
N SER BA 101 68.01 53.88 -97.79
CA SER BA 101 69.07 54.81 -97.55
C SER BA 101 69.20 55.75 -98.74
N PRO BA 102 69.64 57.00 -98.53
CA PRO BA 102 69.92 57.68 -97.27
C PRO BA 102 68.66 58.07 -96.57
N PHE BA 103 68.58 57.69 -95.31
CA PHE BA 103 67.43 57.98 -94.47
C PHE BA 103 67.56 59.37 -93.87
N THR BA 104 66.43 59.92 -93.48
CA THR BA 104 66.40 61.26 -92.90
C THR BA 104 65.07 61.48 -92.22
N ILE BA 105 65.11 62.18 -91.09
CA ILE BA 105 63.89 62.57 -90.40
C ILE BA 105 64.13 63.88 -89.68
N GLY BA 106 63.04 64.51 -89.27
CA GLY BA 106 63.09 65.81 -88.65
C GLY BA 106 62.88 66.91 -89.66
N GLY BA 107 61.69 67.48 -89.66
CA GLY BA 107 61.42 68.68 -90.39
C GLY BA 107 61.98 69.85 -89.62
N ASP BA 108 61.11 70.80 -89.35
CA ASP BA 108 61.24 71.63 -88.16
C ASP BA 108 60.01 71.24 -87.34
N ALA BA 109 59.79 69.94 -87.35
CA ALA BA 109 58.55 69.31 -87.01
C ALA BA 109 58.33 69.26 -85.50
N GLY BA 110 59.40 69.01 -84.75
CA GLY BA 110 59.37 69.11 -83.31
C GLY BA 110 59.98 67.94 -82.57
N ILE BA 111 60.86 67.17 -83.23
CA ILE BA 111 61.68 66.21 -82.51
C ILE BA 111 62.39 66.93 -81.38
N GLU BA 112 62.45 66.28 -80.24
CA GLU BA 112 63.47 66.55 -79.24
C GLU BA 112 64.13 65.21 -78.95
N SER BA 113 65.42 65.12 -79.19
CA SER BA 113 66.08 63.83 -79.16
C SER BA 113 67.53 64.01 -78.81
N ALA BA 114 68.02 63.12 -77.96
CA ALA BA 114 69.39 63.11 -77.49
C ALA BA 114 70.07 61.81 -77.80
N PHE BA 115 69.38 60.73 -77.56
CA PHE BA 115 69.96 59.41 -77.53
C PHE BA 115 69.41 58.62 -78.70
N ILE BA 116 70.24 57.75 -79.24
CA ILE BA 116 69.83 56.84 -80.30
C ILE BA 116 70.30 55.45 -79.91
N TRP BA 117 69.56 54.44 -80.34
CA TRP BA 117 69.92 53.06 -80.09
C TRP BA 117 69.88 52.26 -81.37
N LEU BA 118 70.88 51.40 -81.52
CA LEU BA 118 71.17 50.70 -82.74
C LEU BA 118 71.25 49.21 -82.47
N ARG BA 119 70.92 48.45 -83.51
CA ARG BA 119 70.94 47.01 -83.44
C ARG BA 119 71.06 46.48 -84.85
N GLN BA 120 71.92 45.49 -85.03
CA GLN BA 120 72.00 44.86 -86.35
C GLN BA 120 70.70 44.09 -86.51
N ALA BA 121 69.80 44.69 -87.25
CA ALA BA 121 68.72 43.95 -87.85
C ALA BA 121 69.27 42.71 -88.53
N GLU BA 122 68.61 41.59 -88.29
CA GLU BA 122 68.91 40.38 -89.04
C GLU BA 122 68.55 40.58 -90.50
N THR BA 123 68.82 39.55 -91.31
CA THR BA 123 68.65 39.58 -92.76
C THR BA 123 69.65 40.55 -93.40
N ALA BA 124 70.92 40.39 -93.04
CA ALA BA 124 72.00 41.05 -93.74
C ALA BA 124 73.34 40.54 -93.24
N SER BA 125 74.37 40.80 -94.02
CA SER BA 125 75.74 40.59 -93.58
C SER BA 125 76.14 41.67 -92.59
N ASN BA 126 77.36 41.60 -92.08
CA ASN BA 126 77.82 42.52 -91.05
C ASN BA 126 78.01 43.88 -91.70
N THR BA 127 76.96 44.68 -91.64
CA THR BA 127 76.80 45.80 -92.56
C THR BA 127 76.15 47.01 -91.88
N PRO BA 128 76.90 47.70 -91.02
CA PRO BA 128 76.44 48.96 -90.41
C PRO BA 128 76.82 50.23 -91.17
N GLY BA 129 76.55 51.41 -90.59
CA GLY BA 129 76.78 52.67 -91.29
C GLY BA 129 76.93 53.89 -90.36
N ILE BA 130 76.41 55.02 -90.93
CA ILE BA 130 76.88 56.37 -90.55
C ILE BA 130 75.69 57.23 -90.19
N GLN BA 131 75.88 58.07 -89.16
CA GLN BA 131 74.80 58.73 -88.44
C GLN BA 131 75.16 60.19 -88.24
N ILE BA 132 74.24 61.09 -88.60
CA ILE BA 132 74.53 62.51 -88.74
C ILE BA 132 73.36 63.31 -88.21
N ILE BA 133 73.67 64.53 -87.75
CA ILE BA 133 72.75 65.37 -87.01
C ILE BA 133 72.81 66.79 -87.51
N ALA BA 134 71.66 67.46 -87.42
CA ALA BA 134 71.66 68.89 -87.31
C ALA BA 134 70.62 69.29 -86.28
N PHE BA 135 70.94 70.33 -85.53
CA PHE BA 135 69.98 71.00 -84.68
C PHE BA 135 69.09 71.88 -85.54
N UNK CA 1 53.80 97.34 -56.05
CA UNK CA 1 52.53 97.97 -56.41
C UNK CA 1 51.63 98.12 -55.18
N UNK CA 2 51.63 97.10 -54.33
CA UNK CA 2 50.83 97.15 -53.11
C UNK CA 2 51.31 98.23 -52.16
N UNK CA 3 52.58 98.64 -52.27
CA UNK CA 3 53.06 99.78 -51.49
C UNK CA 3 52.19 101.00 -51.75
N UNK CA 4 52.02 101.36 -53.02
CA UNK CA 4 51.18 102.49 -53.37
C UNK CA 4 49.73 102.28 -52.94
N UNK CA 5 49.24 101.03 -53.02
CA UNK CA 5 47.87 100.75 -52.64
C UNK CA 5 47.63 101.05 -51.17
N UNK CA 6 48.44 100.43 -50.30
CA UNK CA 6 48.32 100.68 -48.87
C UNK CA 6 48.52 102.16 -48.55
N UNK CA 7 49.52 102.78 -49.17
CA UNK CA 7 49.80 104.18 -48.87
C UNK CA 7 48.64 105.09 -49.27
N UNK CA 8 48.04 104.83 -50.43
CA UNK CA 8 46.97 105.68 -50.92
C UNK CA 8 45.71 105.52 -50.08
N UNK CA 9 45.33 104.27 -49.80
CA UNK CA 9 44.17 104.07 -48.93
C UNK CA 9 44.39 104.68 -47.56
N UNK CA 10 45.63 104.57 -47.03
CA UNK CA 10 45.92 105.17 -45.74
C UNK CA 10 45.84 106.68 -45.80
N UNK CA 11 46.31 107.27 -46.89
CA UNK CA 11 46.23 108.73 -47.03
C UNK CA 11 44.78 109.19 -47.07
N UNK CA 12 43.93 108.47 -47.81
CA UNK CA 12 42.52 108.84 -47.90
C UNK CA 12 41.83 108.70 -46.54
N UNK CA 13 42.04 107.57 -45.86
CA UNK CA 13 41.45 107.40 -44.55
C UNK CA 13 42.01 108.39 -43.54
N UNK CA 14 43.26 108.83 -43.73
CA UNK CA 14 43.85 109.81 -42.82
C UNK CA 14 43.23 111.18 -43.03
N UNK CA 15 42.99 111.56 -44.28
CA UNK CA 15 42.25 112.79 -44.54
C UNK CA 15 40.84 112.71 -43.96
N UNK CA 16 40.18 111.55 -44.09
CA UNK CA 16 38.86 111.40 -43.51
C UNK CA 16 38.88 111.50 -41.99
N UNK CA 17 39.90 110.93 -41.36
CA UNK CA 17 40.02 111.04 -39.91
C UNK CA 17 40.35 112.47 -39.47
N UNK CA 18 41.11 113.20 -40.29
CA UNK CA 18 41.35 114.61 -40.00
C UNK CA 18 40.04 115.41 -40.10
N UNK CA 19 39.21 115.09 -41.08
CA UNK CA 19 37.89 115.70 -41.15
C UNK CA 19 37.04 115.33 -39.94
N UNK CA 20 37.18 114.09 -39.45
CA UNK CA 20 36.47 113.68 -38.24
C UNK CA 20 36.94 114.49 -37.04
N UNK CA 21 38.24 114.76 -36.95
CA UNK CA 21 38.76 115.62 -35.89
C UNK CA 21 38.21 117.04 -36.02
N UNK CA 22 38.14 117.55 -37.24
CA UNK CA 22 37.59 118.89 -37.47
C UNK CA 22 36.15 118.96 -36.99
N UNK CA 23 35.30 118.03 -37.44
CA UNK CA 23 33.91 117.97 -36.98
C UNK CA 23 33.82 117.69 -35.49
N UNK CA 24 34.86 117.12 -34.90
CA UNK CA 24 34.89 116.92 -33.45
C UNK CA 24 35.13 118.25 -32.74
N UNK DA 1 50.22 36.89 -46.24
CA UNK DA 1 49.04 37.13 -45.42
C UNK DA 1 49.03 36.23 -44.19
N UNK DA 2 49.65 35.05 -44.29
CA UNK DA 2 49.59 34.09 -43.20
C UNK DA 2 50.31 34.57 -41.95
N UNK DA 3 51.10 35.64 -42.05
CA UNK DA 3 51.63 36.26 -40.85
C UNK DA 3 50.50 36.81 -40.00
N UNK DA 4 49.54 37.48 -40.63
CA UNK DA 4 48.34 37.88 -39.93
C UNK DA 4 47.60 36.65 -39.40
N UNK DA 5 47.73 35.53 -40.11
CA UNK DA 5 47.12 34.31 -39.65
C UNK DA 5 47.71 33.87 -38.32
N UNK DA 6 49.03 33.81 -38.24
CA UNK DA 6 49.67 33.43 -36.99
C UNK DA 6 49.37 34.44 -35.89
N UNK DA 7 49.07 35.68 -36.25
CA UNK DA 7 48.62 36.62 -35.24
C UNK DA 7 47.25 36.23 -34.74
N UNK DA 8 46.39 35.82 -35.67
CA UNK DA 8 45.12 35.24 -35.27
C UNK DA 8 45.36 33.96 -34.46
N UNK DA 9 46.49 33.30 -34.69
CA UNK DA 9 46.87 32.18 -33.86
C UNK DA 9 47.18 32.67 -32.45
N UNK DA 10 47.72 33.88 -32.35
CA UNK DA 10 47.85 34.50 -31.05
C UNK DA 10 46.48 34.71 -30.44
N UNK DA 11 45.45 34.84 -31.28
CA UNK DA 11 44.09 34.66 -30.78
C UNK DA 11 43.77 33.18 -30.53
N UNK DA 12 43.65 32.38 -31.60
CA UNK DA 12 43.18 30.99 -31.51
C UNK DA 12 43.03 30.40 -32.91
N UNK DA 13 42.69 29.11 -32.98
CA UNK DA 13 42.02 28.48 -34.14
C UNK DA 13 42.76 28.65 -35.47
N UNK DA 14 43.90 27.97 -35.59
CA UNK DA 14 44.96 28.35 -36.54
C UNK DA 14 44.51 28.44 -38.01
N UNK DA 15 43.52 27.65 -38.41
CA UNK DA 15 43.06 27.73 -39.80
C UNK DA 15 41.88 28.69 -39.94
N UNK DA 16 41.19 28.94 -38.83
CA UNK DA 16 40.27 30.08 -38.76
C UNK DA 16 40.98 31.39 -39.07
N UNK DA 17 42.30 31.44 -38.87
CA UNK DA 17 43.07 32.60 -39.29
C UNK DA 17 42.99 32.80 -40.79
N UNK DA 18 43.36 31.78 -41.57
CA UNK DA 18 43.35 31.93 -43.01
C UNK DA 18 41.95 32.23 -43.49
N UNK DA 19 40.95 31.59 -42.87
CA UNK DA 19 39.58 31.82 -43.27
C UNK DA 19 39.15 33.26 -43.03
N UNK DA 20 39.15 33.69 -41.76
CA UNK DA 20 38.65 35.01 -41.42
C UNK DA 20 39.54 36.11 -41.98
N UNK DA 21 40.74 35.77 -42.45
CA UNK DA 21 41.66 36.80 -42.88
C UNK DA 21 41.62 36.96 -44.37
N UNK DA 22 41.94 35.89 -45.09
CA UNK DA 22 41.89 35.96 -46.54
C UNK DA 22 40.46 36.15 -47.02
N UNK DA 23 39.48 35.78 -46.20
CA UNK DA 23 38.10 35.99 -46.57
C UNK DA 23 37.72 37.45 -46.38
N UNK DA 24 37.85 37.95 -45.17
CA UNK DA 24 37.51 39.32 -44.87
C UNK DA 24 38.67 40.23 -45.25
N UNK DA 25 38.62 41.47 -44.78
CA UNK DA 25 39.63 42.47 -45.11
C UNK DA 25 40.81 42.42 -44.16
N UNK DA 26 42.01 42.38 -44.75
CA UNK DA 26 43.24 42.50 -43.98
C UNK DA 26 43.26 43.79 -43.18
N UNK DA 27 42.57 44.82 -43.66
CA UNK DA 27 42.58 46.10 -42.96
C UNK DA 27 41.86 45.98 -41.63
N UNK DA 28 40.65 45.45 -41.68
CA UNK DA 28 39.97 45.10 -40.45
C UNK DA 28 40.76 44.07 -39.66
N UNK DA 29 41.58 43.26 -40.34
CA UNK DA 29 42.38 42.24 -39.67
C UNK DA 29 43.38 42.88 -38.72
N UNK DA 30 44.16 43.82 -39.23
CA UNK DA 30 45.09 44.54 -38.39
C UNK DA 30 44.35 45.27 -37.28
N UNK DA 31 43.17 45.80 -37.59
CA UNK DA 31 42.38 46.48 -36.56
C UNK DA 31 42.06 45.51 -35.44
N UNK DA 32 41.76 44.28 -35.80
CA UNK DA 32 41.38 43.29 -34.81
C UNK DA 32 42.58 42.89 -33.97
N UNK DA 33 43.73 42.73 -34.60
CA UNK DA 33 44.90 42.29 -33.86
C UNK DA 33 45.28 43.33 -32.82
N UNK DA 34 45.17 44.61 -33.20
CA UNK DA 34 45.49 45.66 -32.23
C UNK DA 34 44.40 45.77 -31.16
N UNK DA 35 43.15 45.48 -31.54
CA UNK DA 35 42.08 45.51 -30.57
C UNK DA 35 42.17 44.32 -29.63
N UNK DA 36 42.95 43.32 -30.01
CA UNK DA 36 43.36 42.31 -29.05
C UNK DA 36 44.50 42.81 -28.18
N UNK DA 37 45.43 43.55 -28.77
CA UNK DA 37 46.61 43.99 -28.04
C UNK DA 37 46.26 44.85 -26.84
N UNK DA 38 45.46 45.90 -27.06
CA UNK DA 38 45.12 46.79 -25.96
C UNK DA 38 43.69 46.57 -25.49
N UNK DA 39 43.30 45.31 -25.34
CA UNK DA 39 41.98 44.85 -25.79
C UNK DA 39 40.82 45.52 -25.05
N UNK DA 40 40.35 44.99 -23.92
CA UNK DA 40 38.95 45.28 -23.59
C UNK DA 40 38.37 44.48 -22.42
N UNK DA 41 37.08 44.72 -22.19
CA UNK DA 41 36.18 43.71 -21.66
C UNK DA 41 35.25 43.20 -22.75
N UNK DA 42 34.60 42.08 -22.49
CA UNK DA 42 33.68 41.44 -23.43
C UNK DA 42 32.35 41.14 -22.74
N UNK DA 43 31.35 40.75 -23.53
CA UNK DA 43 29.97 40.71 -23.03
C UNK DA 43 29.07 39.97 -24.01
N UNK DA 44 27.77 40.10 -23.76
CA UNK DA 44 26.68 39.53 -24.54
C UNK DA 44 26.40 40.35 -25.81
N UNK DA 45 25.18 40.24 -26.34
CA UNK DA 45 24.70 41.00 -27.50
C UNK DA 45 25.36 40.57 -28.81
N UNK DA 46 25.03 39.35 -29.23
CA UNK DA 46 25.41 38.85 -30.54
C UNK DA 46 24.46 39.37 -31.60
N UNK DA 47 24.62 38.85 -32.82
CA UNK DA 47 23.92 39.40 -33.96
C UNK DA 47 22.97 38.37 -34.57
N UNK DA 48 21.73 38.79 -34.80
CA UNK DA 48 20.76 37.93 -35.44
C UNK DA 48 21.01 37.88 -36.93
N UNK DA 49 21.59 36.78 -37.37
CA UNK DA 49 21.90 36.53 -38.76
C UNK DA 49 20.64 36.14 -39.51
N UNK DA 50 20.82 35.50 -40.68
CA UNK DA 50 19.72 35.04 -41.50
C UNK DA 50 18.96 36.23 -42.07
N UNK DA 51 19.72 37.22 -42.53
CA UNK DA 51 19.19 38.43 -43.13
C UNK DA 51 20.30 39.08 -43.95
N UNK DA 52 20.11 40.34 -44.30
CA UNK DA 52 21.06 41.07 -45.13
C UNK DA 52 21.76 42.18 -44.33
N UNK DA 53 23.04 41.96 -44.06
CA UNK DA 53 24.02 43.04 -43.82
C UNK DA 53 23.97 43.65 -42.42
N UNK DA 54 22.97 43.26 -41.61
CA UNK DA 54 23.08 43.14 -40.14
C UNK DA 54 23.77 44.31 -39.45
N UNK DA 55 23.12 45.48 -39.41
CA UNK DA 55 23.80 46.69 -38.90
C UNK DA 55 24.18 46.56 -37.43
N UNK DA 56 23.17 46.52 -36.54
CA UNK DA 56 23.15 45.73 -35.29
C UNK DA 56 24.51 45.58 -34.62
N UNK DA 57 25.13 46.70 -34.26
CA UNK DA 57 26.55 46.69 -33.95
C UNK DA 57 26.87 45.83 -32.73
N UNK DA 58 26.61 46.34 -31.52
CA UNK DA 58 26.80 45.59 -30.28
C UNK DA 58 28.20 45.01 -30.04
N UNK DA 59 29.19 45.38 -30.85
CA UNK DA 59 30.48 44.73 -30.89
C UNK DA 59 31.49 45.71 -31.49
N UNK DA 60 32.65 45.19 -31.91
CA UNK DA 60 33.80 46.07 -32.17
C UNK DA 60 34.11 46.22 -33.65
N UNK DA 61 33.77 47.39 -34.20
CA UNK DA 61 34.45 47.97 -35.35
C UNK DA 61 34.57 47.12 -36.61
N UNK DA 62 33.84 46.01 -36.72
CA UNK DA 62 33.93 45.19 -37.92
C UNK DA 62 32.66 44.37 -38.10
N UNK DA 63 31.98 44.57 -39.23
CA UNK DA 63 30.98 43.65 -39.72
C UNK DA 63 31.06 43.44 -41.23
N UNK DA 64 31.82 44.27 -41.92
CA UNK DA 64 31.59 44.49 -43.35
C UNK DA 64 32.08 43.32 -44.18
N UNK DA 65 33.37 43.09 -44.16
CA UNK DA 65 33.90 41.81 -44.62
C UNK DA 65 33.52 40.68 -43.67
N UNK DA 66 33.03 41.00 -42.46
CA UNK DA 66 32.36 39.99 -41.67
C UNK DA 66 31.07 39.55 -42.34
N UNK DA 67 30.46 40.46 -43.10
CA UNK DA 67 29.20 40.16 -43.79
C UNK DA 67 29.37 39.27 -45.02
N UNK DA 68 30.57 38.77 -45.33
CA UNK DA 68 30.69 37.73 -46.34
C UNK DA 68 30.01 36.43 -45.92
N UNK DA 69 29.78 36.23 -44.62
CA UNK DA 69 29.17 35.01 -44.07
C UNK DA 69 28.89 35.23 -42.58
N UNK DA 70 28.54 34.17 -41.86
CA UNK DA 70 28.14 34.33 -40.47
C UNK DA 70 29.04 33.58 -39.49
N UNK DA 71 29.26 32.29 -39.71
CA UNK DA 71 29.70 31.42 -38.62
C UNK DA 71 31.18 31.58 -38.29
N UNK DA 72 32.05 31.53 -39.30
CA UNK DA 72 33.49 31.61 -39.06
C UNK DA 72 33.86 32.92 -38.41
N UNK DA 73 33.36 34.02 -38.95
CA UNK DA 73 33.56 35.32 -38.33
C UNK DA 73 32.81 35.39 -37.00
N UNK DA 74 31.81 34.55 -36.79
CA UNK DA 74 31.19 34.47 -35.48
C UNK DA 74 32.20 33.96 -34.47
N UNK DA 75 32.94 32.91 -34.84
CA UNK DA 75 34.05 32.45 -34.02
C UNK DA 75 35.08 33.55 -33.85
N UNK DA 76 35.33 34.26 -34.95
CA UNK DA 76 36.26 35.38 -34.94
C UNK DA 76 35.85 36.44 -33.92
N UNK DA 77 34.59 36.82 -33.92
CA UNK DA 77 34.11 37.84 -33.00
C UNK DA 77 34.06 37.28 -31.59
N UNK DA 78 33.71 35.99 -31.47
CA UNK DA 78 33.69 35.31 -30.18
C UNK DA 78 35.05 35.31 -29.52
N UNK DA 79 36.12 35.48 -30.31
CA UNK DA 79 37.41 35.79 -29.71
C UNK DA 79 37.34 37.03 -28.81
N UNK DA 80 36.47 37.97 -29.12
CA UNK DA 80 36.36 39.18 -28.32
C UNK DA 80 35.84 38.86 -26.94
#